data_2RGZ
#
_entry.id   2RGZ
#
_cell.length_a   74.977
_cell.length_b   85.094
_cell.length_c   97.846
_cell.angle_alpha   90.0
_cell.angle_beta   90.0
_cell.angle_gamma   90.0
#
_symmetry.space_group_name_H-M   'P 21 21 21'
#
loop_
_entity.id
_entity.type
_entity.pdbx_description
1 polymer 'Heme oxygenase 2'
2 non-polymer 'PROTOPORPHYRIN IX CONTAINING FE'
3 water water
#
_entity_poly.entity_id   1
_entity_poly.type   'polypeptide(L)'
_entity_poly.pdbx_seq_one_letter_code
;MSAEVETSEGVDESEKKNSGALEKENQMRMADLSELLKEGTKEAHDRAENTQFVKDFLKGNIKKELFKLATTALYFTYSA
LEEEMERNKDHPAFAPLYFPMELHRKEALTKDMEYFFGENWEEQVQAPKAAQKYVERIHYIGQNEPELLVAHAYTRYMGD
LSGGQVLKKVAQRALKLPSTGEGTQFYLFENVDNAQQFKQLYRARMNALDLNMKTKERIVEEANKAFEYNMQIFNELDQA
GSTLARETLEDGFPVHDGKGDMRK
;
_entity_poly.pdbx_strand_id   A,B
#
loop_
_chem_comp.id
_chem_comp.type
_chem_comp.name
_chem_comp.formula
HEM non-polymer 'PROTOPORPHYRIN IX CONTAINING FE' 'C34 H32 Fe N4 O4'
#
# COMPACT_ATOMS: atom_id res chain seq x y z
N ARG A 29 32.18 5.12 -2.88
CA ARG A 29 31.49 4.28 -3.90
C ARG A 29 29.99 4.18 -3.62
N MET A 30 29.57 4.67 -2.46
CA MET A 30 28.17 4.63 -2.08
C MET A 30 27.42 5.71 -2.83
N ALA A 31 28.00 6.14 -3.95
CA ALA A 31 27.43 7.17 -4.81
C ALA A 31 27.00 6.52 -6.12
N ASP A 32 27.20 5.21 -6.23
CA ASP A 32 26.84 4.49 -7.43
C ASP A 32 25.33 4.26 -7.45
N LEU A 33 24.75 4.36 -8.65
CA LEU A 33 23.32 4.18 -8.83
C LEU A 33 22.78 2.96 -8.07
N SER A 34 23.51 1.85 -8.12
CA SER A 34 23.10 0.63 -7.45
C SER A 34 23.16 0.76 -5.93
N GLU A 35 24.08 1.60 -5.44
CA GLU A 35 24.21 1.83 -4.01
C GLU A 35 23.04 2.73 -3.58
N LEU A 36 22.87 3.82 -4.30
CA LEU A 36 21.80 4.77 -4.04
C LEU A 36 20.45 4.06 -3.95
N LEU A 37 20.14 3.24 -4.97
CA LEU A 37 18.90 2.49 -5.04
C LEU A 37 18.66 1.55 -3.85
N LYS A 38 19.72 0.89 -3.38
CA LYS A 38 19.59 -0.04 -2.28
C LYS A 38 19.23 0.68 -0.99
N GLU A 39 19.99 1.74 -0.69
CA GLU A 39 19.70 2.53 0.51
C GLU A 39 18.39 3.28 0.28
N GLY A 40 18.20 3.73 -0.96
CA GLY A 40 17.00 4.46 -1.32
C GLY A 40 15.66 3.74 -1.31
N THR A 41 15.67 2.40 -1.36
CA THR A 41 14.43 1.64 -1.36
C THR A 41 14.33 0.65 -0.19
N LYS A 42 15.19 0.82 0.81
CA LYS A 42 15.21 -0.05 1.98
C LYS A 42 13.86 -0.14 2.67
N GLU A 43 13.30 1.02 3.03
CA GLU A 43 12.02 1.06 3.72
C GLU A 43 10.95 0.36 2.90
N ALA A 44 10.93 0.59 1.59
CA ALA A 44 9.93 -0.06 0.75
C ALA A 44 10.16 -1.59 0.72
N HIS A 45 11.41 -2.01 0.76
CA HIS A 45 11.68 -3.44 0.73
C HIS A 45 11.19 -4.11 2.00
N ASP A 46 11.34 -3.42 3.14
CA ASP A 46 10.88 -4.00 4.39
C ASP A 46 9.37 -4.21 4.31
N ARG A 47 8.64 -3.20 3.83
CA ARG A 47 7.19 -3.32 3.72
C ARG A 47 6.79 -4.54 2.88
N ALA A 48 7.56 -4.79 1.82
CA ALA A 48 7.34 -5.90 0.91
C ALA A 48 7.52 -7.27 1.58
N GLU A 49 8.62 -7.42 2.31
CA GLU A 49 8.92 -8.66 3.01
C GLU A 49 7.85 -9.01 4.04
N ASN A 50 7.28 -7.99 4.67
CA ASN A 50 6.27 -8.19 5.70
C ASN A 50 4.81 -8.07 5.28
N THR A 51 4.56 -7.80 4.02
CA THR A 51 3.18 -7.68 3.60
C THR A 51 2.52 -9.05 3.77
N GLN A 52 1.33 -9.08 4.36
CA GLN A 52 0.63 -10.33 4.65
C GLN A 52 0.52 -11.34 3.50
N PHE A 53 0.37 -10.87 2.27
CA PHE A 53 0.27 -11.80 1.16
C PHE A 53 1.58 -12.55 0.97
N VAL A 54 2.69 -11.84 1.14
CA VAL A 54 4.01 -12.45 0.97
C VAL A 54 4.33 -13.45 2.07
N LYS A 55 4.04 -13.08 3.33
CA LYS A 55 4.30 -13.96 4.45
C LYS A 55 3.41 -15.21 4.35
N ASP A 56 2.14 -15.01 3.98
CA ASP A 56 1.22 -16.14 3.88
C ASP A 56 1.60 -17.02 2.71
N PHE A 57 2.28 -16.43 1.73
CA PHE A 57 2.71 -17.22 0.59
C PHE A 57 3.87 -18.12 1.04
N LEU A 58 4.92 -17.49 1.54
CA LEU A 58 6.10 -18.20 2.00
C LEU A 58 5.76 -19.35 2.95
N LYS A 59 4.69 -19.22 3.72
CA LYS A 59 4.30 -20.29 4.64
C LYS A 59 3.52 -21.39 3.92
N GLY A 60 3.16 -21.13 2.67
CA GLY A 60 2.41 -22.10 1.88
C GLY A 60 0.93 -22.01 2.16
N ASN A 61 0.44 -20.82 2.48
CA ASN A 61 -0.98 -20.64 2.79
C ASN A 61 -1.82 -20.31 1.55
N ILE A 62 -1.18 -19.86 0.48
CA ILE A 62 -1.92 -19.51 -0.72
C ILE A 62 -2.19 -20.73 -1.61
N LYS A 63 -3.47 -20.93 -1.91
CA LYS A 63 -3.91 -22.06 -2.71
C LYS A 63 -3.73 -21.84 -4.21
N LYS A 64 -4.32 -22.70 -5.03
CA LYS A 64 -4.15 -22.61 -6.47
C LYS A 64 -4.82 -21.45 -7.21
N GLU A 65 -6.06 -21.12 -6.87
CA GLU A 65 -6.69 -20.01 -7.57
C GLU A 65 -5.98 -18.68 -7.34
N LEU A 66 -5.47 -18.47 -6.14
CA LEU A 66 -4.76 -17.22 -5.87
C LEU A 66 -3.36 -17.29 -6.48
N PHE A 67 -2.94 -18.49 -6.88
CA PHE A 67 -1.64 -18.64 -7.50
C PHE A 67 -1.79 -18.39 -9.00
N LYS A 68 -2.91 -18.84 -9.56
CA LYS A 68 -3.19 -18.65 -10.97
C LYS A 68 -3.35 -17.16 -11.28
N LEU A 69 -3.85 -16.41 -10.30
CA LEU A 69 -4.02 -14.97 -10.47
C LEU A 69 -2.69 -14.24 -10.22
N ALA A 70 -1.92 -14.74 -9.26
CA ALA A 70 -0.62 -14.16 -8.97
C ALA A 70 0.19 -14.19 -10.28
N THR A 71 0.23 -15.36 -10.91
CA THR A 71 0.94 -15.52 -12.18
C THR A 71 0.32 -14.56 -13.21
N THR A 72 -1.00 -14.62 -13.38
CA THR A 72 -1.67 -13.73 -14.34
C THR A 72 -1.15 -12.31 -14.20
N ALA A 73 -1.13 -11.81 -12.96
CA ALA A 73 -0.65 -10.46 -12.71
C ALA A 73 0.80 -10.36 -13.18
N LEU A 74 1.64 -11.29 -12.70
CA LEU A 74 3.04 -11.32 -13.07
C LEU A 74 3.19 -11.19 -14.59
N TYR A 75 2.45 -12.00 -15.34
CA TYR A 75 2.49 -11.99 -16.81
C TYR A 75 2.43 -10.57 -17.36
N PHE A 76 1.26 -9.94 -17.23
CA PHE A 76 1.07 -8.57 -17.71
C PHE A 76 2.30 -7.68 -17.49
N THR A 77 2.46 -7.20 -16.26
CA THR A 77 3.58 -6.34 -15.92
C THR A 77 4.91 -6.76 -16.56
N TYR A 78 5.20 -8.07 -16.64
CA TYR A 78 6.45 -8.52 -17.25
C TYR A 78 6.37 -8.50 -18.78
N SER A 79 5.20 -8.79 -19.32
CA SER A 79 5.03 -8.78 -20.78
C SER A 79 5.13 -7.32 -21.22
N ALA A 80 4.42 -6.47 -20.49
CA ALA A 80 4.41 -5.06 -20.76
C ALA A 80 5.80 -4.49 -20.57
N LEU A 81 6.41 -4.86 -19.46
CA LEU A 81 7.75 -4.36 -19.13
C LEU A 81 8.77 -4.79 -20.16
N GLU A 82 8.60 -6.00 -20.68
CA GLU A 82 9.53 -6.51 -21.67
C GLU A 82 9.30 -5.92 -23.07
N GLU A 83 8.05 -5.53 -23.37
CA GLU A 83 7.76 -4.93 -24.65
C GLU A 83 8.34 -3.52 -24.62
N GLU A 84 8.27 -2.89 -23.46
CA GLU A 84 8.79 -1.54 -23.27
C GLU A 84 10.30 -1.53 -23.28
N MET A 85 10.92 -2.58 -22.72
CA MET A 85 12.38 -2.64 -22.73
C MET A 85 12.79 -3.03 -24.14
N GLU A 86 11.90 -3.77 -24.80
CA GLU A 86 12.13 -4.22 -26.17
C GLU A 86 12.09 -2.98 -27.06
N ARG A 87 11.48 -1.93 -26.56
CA ARG A 87 11.37 -0.68 -27.32
C ARG A 87 12.65 0.13 -27.24
N ASN A 88 13.17 0.32 -26.02
CA ASN A 88 14.38 1.10 -25.83
C ASN A 88 15.63 0.22 -25.83
N LYS A 89 15.54 -0.98 -26.41
CA LYS A 89 16.68 -1.91 -26.46
C LYS A 89 18.00 -1.26 -26.87
N ASP A 90 17.92 -0.09 -27.51
CA ASP A 90 19.12 0.61 -27.94
C ASP A 90 19.25 2.04 -27.45
N HIS A 91 18.55 2.38 -26.37
CA HIS A 91 18.61 3.73 -25.81
C HIS A 91 19.85 3.90 -24.91
N PRO A 92 20.55 5.05 -25.04
CA PRO A 92 21.75 5.32 -24.24
C PRO A 92 21.56 5.13 -22.74
N ALA A 93 20.38 5.44 -22.24
CA ALA A 93 20.09 5.33 -20.81
C ALA A 93 19.53 3.97 -20.37
N PHE A 94 19.54 3.00 -21.26
CA PHE A 94 19.03 1.68 -20.92
C PHE A 94 19.72 0.57 -21.69
N ALA A 95 20.36 0.92 -22.81
CA ALA A 95 21.04 -0.05 -23.68
C ALA A 95 21.64 -1.29 -23.02
N PRO A 96 22.58 -1.11 -22.08
CA PRO A 96 23.19 -2.26 -21.42
C PRO A 96 22.20 -3.12 -20.63
N LEU A 97 21.32 -2.48 -19.87
CA LEU A 97 20.35 -3.21 -19.04
C LEU A 97 19.54 -4.18 -19.86
N TYR A 98 19.46 -3.93 -21.16
CA TYR A 98 18.72 -4.80 -22.06
C TYR A 98 19.37 -6.16 -21.93
N PHE A 99 18.57 -7.20 -21.70
CA PHE A 99 19.10 -8.56 -21.53
C PHE A 99 18.09 -9.63 -21.89
N PRO A 100 17.40 -9.50 -23.02
CA PRO A 100 16.40 -10.51 -23.41
C PRO A 100 16.81 -11.98 -23.30
N MET A 101 18.10 -12.27 -23.45
CA MET A 101 18.60 -13.65 -23.38
C MET A 101 18.60 -14.19 -21.96
N GLU A 102 19.18 -13.42 -21.04
CA GLU A 102 19.29 -13.84 -19.66
C GLU A 102 18.10 -13.58 -18.72
N LEU A 103 17.39 -12.48 -18.92
CA LEU A 103 16.28 -12.15 -18.03
C LEU A 103 14.82 -12.36 -18.42
N HIS A 104 14.36 -11.73 -19.49
CA HIS A 104 12.95 -11.83 -19.89
C HIS A 104 12.20 -13.07 -19.39
N ARG A 105 11.03 -12.84 -18.81
CA ARG A 105 10.22 -13.91 -18.23
C ARG A 105 8.99 -14.32 -19.03
N LYS A 106 8.58 -13.50 -20.00
CA LYS A 106 7.38 -13.81 -20.78
C LYS A 106 7.32 -15.20 -21.39
N GLU A 107 8.45 -15.72 -21.86
CA GLU A 107 8.49 -17.05 -22.46
C GLU A 107 8.28 -18.09 -21.36
N ALA A 108 8.61 -17.69 -20.12
CA ALA A 108 8.45 -18.56 -18.95
C ALA A 108 7.02 -18.51 -18.41
N LEU A 109 6.52 -17.29 -18.17
CA LEU A 109 5.19 -17.14 -17.65
C LEU A 109 4.22 -17.86 -18.61
N THR A 110 4.37 -17.58 -19.90
CA THR A 110 3.50 -18.20 -20.88
C THR A 110 3.42 -19.71 -20.68
N LYS A 111 4.56 -20.38 -20.59
CA LYS A 111 4.52 -21.82 -20.38
C LYS A 111 3.86 -22.15 -19.03
N ASP A 112 3.94 -21.22 -18.08
CA ASP A 112 3.32 -21.43 -16.78
C ASP A 112 1.81 -21.23 -16.86
N MET A 113 1.38 -20.28 -17.70
CA MET A 113 -0.04 -20.02 -17.90
C MET A 113 -0.65 -21.19 -18.65
N GLU A 114 0.18 -21.92 -19.40
CA GLU A 114 -0.25 -23.08 -20.17
C GLU A 114 -0.51 -24.26 -19.25
N TYR A 115 0.30 -24.38 -18.20
CA TYR A 115 0.18 -25.47 -17.25
C TYR A 115 -1.08 -25.41 -16.38
N PHE A 116 -1.35 -24.26 -15.75
CA PHE A 116 -2.51 -24.11 -14.89
C PHE A 116 -3.84 -23.94 -15.60
N PHE A 117 -3.90 -22.99 -16.53
CA PHE A 117 -5.13 -22.73 -17.26
C PHE A 117 -5.27 -23.59 -18.51
N GLY A 118 -4.16 -23.93 -19.13
CA GLY A 118 -4.19 -24.71 -20.36
C GLY A 118 -4.08 -23.80 -21.57
N GLU A 119 -3.88 -24.38 -22.76
CA GLU A 119 -3.75 -23.59 -23.99
C GLU A 119 -4.82 -22.52 -24.16
N ASN A 120 -5.97 -22.77 -23.56
CA ASN A 120 -7.11 -21.87 -23.60
C ASN A 120 -6.88 -20.64 -22.71
N TRP A 121 -5.93 -20.77 -21.78
CA TRP A 121 -5.62 -19.72 -20.83
C TRP A 121 -5.89 -18.29 -21.30
N GLU A 122 -5.44 -17.99 -22.51
CA GLU A 122 -5.60 -16.65 -23.08
C GLU A 122 -7.03 -16.11 -22.98
N GLU A 123 -7.99 -16.91 -23.40
CA GLU A 123 -9.38 -16.48 -23.38
C GLU A 123 -10.01 -16.50 -21.99
N GLN A 124 -9.21 -16.27 -20.96
CA GLN A 124 -9.73 -16.30 -19.59
C GLN A 124 -9.17 -15.18 -18.69
N VAL A 125 -7.92 -14.83 -18.92
CA VAL A 125 -7.20 -13.81 -18.17
C VAL A 125 -8.01 -12.60 -17.67
N GLN A 126 -7.54 -11.99 -16.58
CA GLN A 126 -8.12 -10.78 -15.99
C GLN A 126 -7.14 -10.26 -14.92
N ALA A 127 -6.56 -9.09 -15.19
CA ALA A 127 -5.59 -8.50 -14.28
C ALA A 127 -6.15 -7.76 -13.06
N PRO A 128 -5.43 -7.81 -11.94
CA PRO A 128 -5.84 -7.14 -10.71
C PRO A 128 -5.79 -5.66 -11.05
N LYS A 129 -6.85 -4.92 -10.71
CA LYS A 129 -6.91 -3.49 -11.01
C LYS A 129 -5.54 -2.82 -10.82
N ALA A 130 -4.82 -3.23 -9.79
CA ALA A 130 -3.50 -2.69 -9.47
C ALA A 130 -2.47 -3.08 -10.52
N ALA A 131 -2.59 -4.30 -11.04
CA ALA A 131 -1.68 -4.76 -12.07
C ALA A 131 -1.84 -3.83 -13.27
N GLN A 132 -3.09 -3.44 -13.51
CA GLN A 132 -3.42 -2.55 -14.61
C GLN A 132 -2.66 -1.23 -14.46
N LYS A 133 -2.76 -0.61 -13.28
CA LYS A 133 -2.09 0.65 -13.03
C LYS A 133 -0.60 0.46 -13.24
N TYR A 134 -0.09 -0.64 -12.72
CA TYR A 134 1.32 -1.00 -12.82
C TYR A 134 1.75 -0.94 -14.29
N VAL A 135 1.04 -1.67 -15.14
CA VAL A 135 1.34 -1.69 -16.57
C VAL A 135 1.28 -0.31 -17.22
N GLU A 136 0.18 0.42 -17.00
CA GLU A 136 0.01 1.74 -17.57
C GLU A 136 1.22 2.61 -17.23
N ARG A 137 1.73 2.45 -16.03
CA ARG A 137 2.89 3.21 -15.61
C ARG A 137 4.14 2.70 -16.33
N ILE A 138 4.16 1.41 -16.66
CA ILE A 138 5.28 0.84 -17.37
C ILE A 138 5.27 1.35 -18.81
N HIS A 139 4.12 1.82 -19.26
CA HIS A 139 3.97 2.35 -20.61
C HIS A 139 4.28 3.84 -20.61
N TYR A 140 3.84 4.56 -19.58
CA TYR A 140 4.09 5.98 -19.48
C TYR A 140 5.58 6.19 -19.57
N ILE A 141 6.30 5.58 -18.63
CA ILE A 141 7.76 5.69 -18.59
C ILE A 141 8.30 5.20 -19.94
N GLY A 142 7.44 4.48 -20.65
CA GLY A 142 7.77 3.93 -21.95
C GLY A 142 8.08 4.92 -23.05
N GLN A 143 7.76 6.20 -22.83
CA GLN A 143 8.04 7.22 -23.83
C GLN A 143 8.09 8.61 -23.22
N ASN A 144 8.00 8.72 -21.90
CA ASN A 144 8.01 10.04 -21.27
C ASN A 144 9.23 10.30 -20.38
N GLU A 145 9.59 9.33 -19.54
CA GLU A 145 10.77 9.47 -18.68
C GLU A 145 11.69 8.24 -18.87
N PRO A 146 11.92 7.83 -20.13
CA PRO A 146 12.76 6.67 -20.46
C PRO A 146 14.02 6.43 -19.64
N GLU A 147 14.62 7.49 -19.11
CA GLU A 147 15.83 7.32 -18.31
C GLU A 147 15.49 6.76 -16.93
N LEU A 148 14.22 6.42 -16.72
CA LEU A 148 13.75 5.87 -15.44
C LEU A 148 13.25 4.43 -15.61
N LEU A 149 13.42 3.88 -16.81
CA LEU A 149 12.96 2.51 -17.08
C LEU A 149 13.73 1.49 -16.24
N VAL A 150 15.01 1.77 -16.00
CA VAL A 150 15.87 0.91 -15.21
C VAL A 150 15.28 0.71 -13.80
N ALA A 151 14.47 1.65 -13.35
CA ALA A 151 13.84 1.57 -12.04
C ALA A 151 12.82 0.43 -12.01
N HIS A 152 12.29 0.08 -13.17
CA HIS A 152 11.30 -0.99 -13.22
C HIS A 152 11.92 -2.36 -13.51
N ALA A 153 13.05 -2.34 -14.19
CA ALA A 153 13.78 -3.55 -14.50
C ALA A 153 14.45 -4.00 -13.20
N TYR A 154 15.08 -3.03 -12.53
CA TYR A 154 15.76 -3.22 -11.26
C TYR A 154 14.86 -3.88 -10.21
N THR A 155 13.82 -3.17 -9.82
CA THR A 155 12.87 -3.64 -8.81
C THR A 155 12.35 -5.06 -9.06
N ARG A 156 11.90 -5.33 -10.28
CA ARG A 156 11.36 -6.63 -10.61
C ARG A 156 12.39 -7.75 -10.83
N TYR A 157 13.29 -7.57 -11.80
CA TYR A 157 14.27 -8.61 -12.09
C TYR A 157 15.25 -8.93 -10.98
N MET A 158 15.88 -7.91 -10.40
CA MET A 158 16.84 -8.12 -9.31
C MET A 158 16.19 -8.89 -8.16
N GLY A 159 14.96 -8.54 -7.80
CA GLY A 159 14.29 -9.27 -6.74
C GLY A 159 14.15 -10.72 -7.18
N ASP A 160 13.79 -10.92 -8.45
CA ASP A 160 13.62 -12.26 -9.01
C ASP A 160 14.88 -13.11 -8.89
N LEU A 161 16.04 -12.46 -9.00
CA LEU A 161 17.31 -13.16 -8.91
C LEU A 161 17.78 -13.42 -7.47
N SER A 162 17.14 -12.77 -6.49
CA SER A 162 17.52 -12.91 -5.08
C SER A 162 16.88 -14.09 -4.33
N GLY A 163 15.59 -14.33 -4.57
CA GLY A 163 14.92 -15.41 -3.87
C GLY A 163 13.99 -16.27 -4.69
N GLY A 164 14.12 -16.22 -6.01
CA GLY A 164 13.27 -17.02 -6.87
C GLY A 164 13.40 -18.51 -6.57
N GLN A 165 14.62 -18.94 -6.25
CA GLN A 165 14.88 -20.35 -5.96
C GLN A 165 14.04 -20.84 -4.79
N VAL A 166 13.93 -20.01 -3.76
CA VAL A 166 13.14 -20.36 -2.59
C VAL A 166 11.65 -20.39 -2.97
N LEU A 167 11.16 -19.34 -3.60
CA LEU A 167 9.74 -19.27 -3.99
C LEU A 167 9.29 -20.48 -4.82
N LYS A 168 10.19 -20.94 -5.68
CA LYS A 168 9.92 -22.08 -6.54
C LYS A 168 9.59 -23.30 -5.66
N LYS A 169 10.44 -23.54 -4.67
CA LYS A 169 10.27 -24.67 -3.76
C LYS A 169 9.01 -24.56 -2.91
N VAL A 170 8.67 -23.35 -2.48
CA VAL A 170 7.46 -23.17 -1.69
C VAL A 170 6.25 -23.48 -2.55
N ALA A 171 6.22 -22.90 -3.74
CA ALA A 171 5.12 -23.11 -4.67
C ALA A 171 4.87 -24.59 -4.99
N GLN A 172 5.95 -25.33 -5.29
CA GLN A 172 5.82 -26.75 -5.64
C GLN A 172 5.25 -27.61 -4.51
N ARG A 173 5.70 -27.33 -3.30
CA ARG A 173 5.25 -28.09 -2.13
C ARG A 173 3.80 -27.82 -1.74
N ALA A 174 3.38 -26.56 -1.80
CA ALA A 174 2.01 -26.20 -1.42
C ALA A 174 0.97 -26.62 -2.45
N LEU A 175 1.37 -26.61 -3.71
CA LEU A 175 0.45 -26.95 -4.79
C LEU A 175 0.72 -28.34 -5.34
N LYS A 176 1.66 -29.04 -4.71
CA LYS A 176 2.02 -30.37 -5.14
C LYS A 176 2.43 -30.28 -6.61
N LEU A 177 3.43 -29.46 -6.90
CA LEU A 177 3.89 -29.30 -8.28
C LEU A 177 5.14 -30.14 -8.58
N PRO A 178 5.27 -30.59 -9.84
CA PRO A 178 6.43 -31.40 -10.22
C PRO A 178 7.74 -30.66 -9.97
N SER A 179 8.79 -31.43 -9.67
CA SER A 179 10.11 -30.87 -9.43
C SER A 179 10.74 -30.52 -10.78
N THR A 180 10.15 -31.06 -11.84
CA THR A 180 10.62 -30.84 -13.20
C THR A 180 10.29 -29.44 -13.74
N GLY A 181 9.77 -28.58 -12.87
CA GLY A 181 9.46 -27.21 -13.26
C GLY A 181 8.06 -26.83 -13.71
N GLU A 182 7.23 -27.81 -14.03
CA GLU A 182 5.86 -27.57 -14.48
C GLU A 182 5.15 -26.56 -13.57
N GLY A 183 4.60 -25.50 -14.16
CA GLY A 183 3.89 -24.49 -13.40
C GLY A 183 4.79 -23.45 -12.76
N THR A 184 6.09 -23.72 -12.74
CA THR A 184 7.03 -22.78 -12.13
C THR A 184 8.19 -22.43 -13.02
N GLN A 185 8.05 -22.67 -14.32
CA GLN A 185 9.13 -22.36 -15.26
C GLN A 185 9.47 -20.88 -15.20
N PHE A 186 8.73 -20.12 -14.40
CA PHE A 186 8.95 -18.69 -14.25
C PHE A 186 10.01 -18.34 -13.20
N TYR A 187 10.01 -19.10 -12.12
CA TYR A 187 10.93 -18.89 -11.00
C TYR A 187 12.34 -19.40 -11.28
N LEU A 188 12.60 -19.80 -12.52
CA LEU A 188 13.90 -20.31 -12.92
C LEU A 188 14.45 -19.64 -14.18
N PHE A 189 15.67 -19.08 -14.06
CA PHE A 189 16.36 -18.43 -15.16
C PHE A 189 17.30 -19.43 -15.85
N GLU A 190 16.77 -20.16 -16.84
CA GLU A 190 17.51 -21.17 -17.58
C GLU A 190 18.88 -20.71 -18.13
N ASN A 191 18.94 -19.48 -18.60
CA ASN A 191 20.16 -18.92 -19.16
C ASN A 191 21.11 -18.31 -18.14
N VAL A 192 20.66 -18.17 -16.91
CA VAL A 192 21.52 -17.63 -15.86
C VAL A 192 21.96 -18.84 -15.04
N ASP A 193 23.26 -18.93 -14.83
CA ASP A 193 23.85 -20.04 -14.09
C ASP A 193 24.44 -19.63 -12.74
N ASN A 194 24.40 -18.33 -12.42
CA ASN A 194 24.91 -17.82 -11.15
C ASN A 194 24.29 -16.46 -10.81
N ALA A 195 23.11 -16.48 -10.21
CA ALA A 195 22.39 -15.26 -9.83
C ALA A 195 23.25 -14.24 -9.08
N GLN A 196 23.81 -14.65 -7.96
CA GLN A 196 24.63 -13.75 -7.14
C GLN A 196 25.49 -12.82 -8.01
N GLN A 197 26.60 -13.34 -8.52
CA GLN A 197 27.53 -12.59 -9.37
C GLN A 197 26.85 -11.95 -10.59
N PHE A 198 25.76 -12.56 -11.05
CA PHE A 198 25.03 -12.04 -12.19
C PHE A 198 24.52 -10.63 -11.85
N LYS A 199 23.86 -10.49 -10.70
CA LYS A 199 23.36 -9.18 -10.31
C LYS A 199 24.49 -8.14 -10.21
N GLN A 200 25.71 -8.61 -9.96
CA GLN A 200 26.84 -7.70 -9.86
C GLN A 200 27.11 -7.11 -11.24
N LEU A 201 27.11 -7.98 -12.25
CA LEU A 201 27.30 -7.55 -13.61
C LEU A 201 26.27 -6.43 -13.87
N TYR A 202 25.05 -6.66 -13.38
CA TYR A 202 23.94 -5.69 -13.50
C TYR A 202 24.26 -4.37 -12.76
N ARG A 203 24.76 -4.48 -11.53
CA ARG A 203 25.09 -3.29 -10.76
C ARG A 203 26.25 -2.53 -11.40
N ALA A 204 27.23 -3.29 -11.90
CA ALA A 204 28.39 -2.69 -12.54
C ALA A 204 27.93 -1.89 -13.76
N ARG A 205 26.90 -2.40 -14.45
CA ARG A 205 26.37 -1.73 -15.61
C ARG A 205 25.43 -0.57 -15.29
N MET A 206 24.58 -0.75 -14.29
CA MET A 206 23.66 0.32 -13.92
C MET A 206 24.48 1.57 -13.64
N ASN A 207 25.57 1.40 -12.89
CA ASN A 207 26.43 2.53 -12.56
C ASN A 207 27.16 3.10 -13.79
N ALA A 208 27.59 2.22 -14.69
CA ALA A 208 28.30 2.64 -15.89
C ALA A 208 27.48 3.59 -16.75
N LEU A 209 26.16 3.42 -16.78
CA LEU A 209 25.32 4.28 -17.57
C LEU A 209 25.71 5.75 -17.39
N ASP A 210 25.49 6.55 -18.43
CA ASP A 210 25.81 7.98 -18.39
C ASP A 210 24.60 8.68 -17.80
N LEU A 211 24.67 9.00 -16.50
CA LEU A 211 23.57 9.65 -15.81
C LEU A 211 24.01 10.72 -14.83
N ASN A 212 23.24 11.81 -14.76
CA ASN A 212 23.55 12.90 -13.85
C ASN A 212 22.86 12.61 -12.52
N MET A 213 23.42 13.14 -11.43
CA MET A 213 22.86 12.90 -10.11
C MET A 213 21.39 13.31 -9.97
N LYS A 214 20.99 14.37 -10.67
CA LYS A 214 19.62 14.86 -10.61
C LYS A 214 18.65 13.74 -11.00
N THR A 215 18.93 13.08 -12.11
CA THR A 215 18.10 11.98 -12.63
C THR A 215 18.15 10.72 -11.75
N LYS A 216 19.34 10.35 -11.31
CA LYS A 216 19.47 9.18 -10.44
C LYS A 216 18.43 9.25 -9.32
N GLU A 217 18.37 10.40 -8.64
CA GLU A 217 17.42 10.56 -7.56
C GLU A 217 16.02 10.26 -8.09
N ARG A 218 15.76 10.64 -9.34
CA ARG A 218 14.44 10.38 -9.95
C ARG A 218 14.29 8.88 -10.22
N ILE A 219 15.40 8.21 -10.47
CA ILE A 219 15.38 6.77 -10.69
C ILE A 219 15.08 6.07 -9.36
N VAL A 220 15.83 6.42 -8.33
CA VAL A 220 15.60 5.82 -7.01
C VAL A 220 14.15 6.05 -6.59
N GLU A 221 13.68 7.28 -6.75
CA GLU A 221 12.30 7.63 -6.42
C GLU A 221 11.32 6.82 -7.27
N GLU A 222 11.75 6.43 -8.46
CA GLU A 222 10.89 5.66 -9.33
C GLU A 222 10.86 4.17 -8.91
N ALA A 223 11.99 3.66 -8.39
CA ALA A 223 12.06 2.27 -7.95
C ALA A 223 11.10 2.11 -6.78
N ASN A 224 11.09 3.10 -5.89
CA ASN A 224 10.20 3.12 -4.72
C ASN A 224 8.75 3.11 -5.16
N LYS A 225 8.42 3.90 -6.18
CA LYS A 225 7.05 3.92 -6.69
C LYS A 225 6.72 2.49 -7.16
N ALA A 226 7.64 1.89 -7.89
CA ALA A 226 7.49 0.53 -8.41
C ALA A 226 7.16 -0.48 -7.31
N PHE A 227 7.89 -0.42 -6.18
CA PHE A 227 7.60 -1.34 -5.09
C PHE A 227 6.12 -1.16 -4.69
N GLU A 228 5.67 0.08 -4.62
CA GLU A 228 4.29 0.34 -4.24
C GLU A 228 3.30 -0.24 -5.25
N TYR A 229 3.72 -0.31 -6.51
CA TYR A 229 2.85 -0.89 -7.51
C TYR A 229 2.69 -2.37 -7.15
N ASN A 230 3.79 -2.97 -6.69
CA ASN A 230 3.78 -4.36 -6.27
C ASN A 230 3.05 -4.47 -4.93
N MET A 231 3.20 -3.44 -4.10
CA MET A 231 2.51 -3.45 -2.83
C MET A 231 1.02 -3.48 -3.12
N GLN A 232 0.58 -2.72 -4.12
CA GLN A 232 -0.84 -2.70 -4.42
C GLN A 232 -1.35 -4.01 -4.96
N ILE A 233 -0.52 -4.73 -5.71
CA ILE A 233 -0.97 -6.00 -6.25
C ILE A 233 -1.07 -7.00 -5.09
N PHE A 234 -0.07 -6.98 -4.20
CA PHE A 234 -0.04 -7.86 -3.05
C PHE A 234 -1.24 -7.59 -2.14
N ASN A 235 -1.63 -6.32 -2.06
CA ASN A 235 -2.76 -5.89 -1.25
C ASN A 235 -4.08 -6.40 -1.85
N GLU A 236 -4.20 -6.34 -3.18
CA GLU A 236 -5.43 -6.79 -3.82
C GLU A 236 -5.55 -8.33 -3.79
N LEU A 237 -4.41 -9.01 -3.90
CA LEU A 237 -4.38 -10.47 -3.88
C LEU A 237 -4.80 -11.03 -2.50
N ASP A 238 -4.42 -10.33 -1.43
CA ASP A 238 -4.76 -10.74 -0.07
C ASP A 238 -6.28 -10.73 0.12
N GLN A 239 -6.92 -9.58 -0.16
CA GLN A 239 -8.36 -9.46 -0.03
C GLN A 239 -9.05 -10.58 -0.83
N ALA A 240 -8.44 -10.97 -1.94
CA ALA A 240 -8.98 -12.03 -2.78
C ALA A 240 -9.25 -13.28 -1.96
N GLY A 241 -8.62 -13.37 -0.79
CA GLY A 241 -8.82 -14.52 0.07
C GLY A 241 -10.22 -14.48 0.65
N SER A 242 -10.44 -13.49 1.51
CA SER A 242 -11.74 -13.31 2.17
C SER A 242 -12.27 -14.58 2.80
N MET B 30 -9.50 25.09 -12.02
CA MET B 30 -10.94 24.86 -12.25
C MET B 30 -11.76 25.05 -10.98
N ALA B 31 -11.29 24.51 -9.85
CA ALA B 31 -12.01 24.62 -8.59
C ALA B 31 -11.19 24.34 -7.30
N ASP B 32 -11.77 24.70 -6.16
CA ASP B 32 -11.15 24.51 -4.85
C ASP B 32 -11.01 23.02 -4.52
N LEU B 33 -9.84 22.63 -4.00
CA LEU B 33 -9.59 21.23 -3.65
C LEU B 33 -10.54 20.76 -2.54
N SER B 34 -10.89 21.67 -1.64
CA SER B 34 -11.78 21.33 -0.55
C SER B 34 -13.12 20.78 -1.00
N GLU B 35 -13.51 21.09 -2.24
CA GLU B 35 -14.78 20.61 -2.77
C GLU B 35 -14.59 19.42 -3.70
N LEU B 36 -13.46 19.38 -4.40
CA LEU B 36 -13.17 18.26 -5.28
C LEU B 36 -13.14 16.96 -4.47
N LEU B 37 -12.67 17.06 -3.23
CA LEU B 37 -12.60 15.87 -2.38
C LEU B 37 -13.99 15.36 -2.06
N LYS B 38 -14.83 16.22 -1.49
CA LYS B 38 -16.20 15.87 -1.13
C LYS B 38 -16.98 15.36 -2.34
N GLU B 39 -17.03 16.19 -3.39
CA GLU B 39 -17.73 15.82 -4.62
C GLU B 39 -17.10 14.54 -5.17
N GLY B 40 -15.77 14.53 -5.24
CA GLY B 40 -15.06 13.40 -5.78
C GLY B 40 -15.15 12.07 -5.04
N THR B 41 -15.22 12.12 -3.72
CA THR B 41 -15.30 10.90 -2.93
C THR B 41 -16.74 10.49 -2.66
N LYS B 42 -17.66 11.20 -3.32
CA LYS B 42 -19.10 10.97 -3.21
C LYS B 42 -19.46 9.54 -2.80
N GLU B 43 -19.15 8.59 -3.67
CA GLU B 43 -19.45 7.18 -3.42
C GLU B 43 -18.76 6.64 -2.17
N ALA B 44 -17.62 7.22 -1.81
CA ALA B 44 -16.90 6.76 -0.64
C ALA B 44 -17.67 7.07 0.65
N HIS B 45 -17.96 8.35 0.88
CA HIS B 45 -18.71 8.72 2.08
C HIS B 45 -20.17 8.38 1.85
N ASP B 46 -20.48 7.90 0.65
CA ASP B 46 -21.84 7.50 0.29
C ASP B 46 -21.93 6.03 0.67
N ARG B 47 -20.88 5.28 0.36
CA ARG B 47 -20.85 3.86 0.68
C ARG B 47 -20.17 3.66 2.03
N ALA B 48 -20.23 4.70 2.86
CA ALA B 48 -19.63 4.68 4.17
C ALA B 48 -20.65 4.75 5.32
N GLU B 49 -21.60 5.68 5.26
CA GLU B 49 -22.61 5.79 6.31
C GLU B 49 -23.40 4.48 6.35
N ASN B 50 -23.14 3.62 5.38
CA ASN B 50 -23.83 2.34 5.27
C ASN B 50 -22.90 1.14 5.32
N THR B 51 -22.39 0.85 6.51
CA THR B 51 -21.50 -0.27 6.73
C THR B 51 -21.84 -0.92 8.06
N GLN B 52 -22.38 -2.13 8.00
CA GLN B 52 -22.79 -2.91 9.17
C GLN B 52 -22.16 -2.48 10.48
N PHE B 53 -20.84 -2.38 10.50
CA PHE B 53 -20.14 -1.98 11.71
C PHE B 53 -20.58 -0.59 12.18
N VAL B 54 -20.80 0.30 11.21
CA VAL B 54 -21.22 1.68 11.48
C VAL B 54 -22.65 1.76 11.99
N LYS B 55 -23.59 1.17 11.26
CA LYS B 55 -24.99 1.16 11.65
C LYS B 55 -25.09 0.56 13.05
N ASP B 56 -24.31 -0.50 13.26
CA ASP B 56 -24.24 -1.21 14.53
C ASP B 56 -23.49 -0.38 15.56
N PHE B 57 -23.05 0.82 15.18
CA PHE B 57 -22.31 1.67 16.11
C PHE B 57 -23.08 2.94 16.51
N LEU B 58 -23.46 3.74 15.53
CA LEU B 58 -24.19 4.98 15.80
C LEU B 58 -25.24 4.78 16.88
N LYS B 59 -25.74 3.55 16.98
CA LYS B 59 -26.74 3.20 17.98
C LYS B 59 -26.12 2.76 19.30
N GLY B 60 -25.81 1.47 19.43
CA GLY B 60 -25.22 1.01 20.68
C GLY B 60 -24.93 -0.48 20.80
N ASN B 61 -25.12 -1.24 19.73
CA ASN B 61 -24.86 -2.67 19.78
C ASN B 61 -23.47 -3.04 19.25
N ILE B 62 -22.51 -3.13 20.16
CA ILE B 62 -21.13 -3.50 19.82
C ILE B 62 -20.54 -4.15 21.07
N LYS B 63 -19.75 -5.21 20.90
CA LYS B 63 -19.16 -5.92 22.03
C LYS B 63 -17.76 -5.48 22.43
N LYS B 64 -17.68 -4.81 23.57
CA LYS B 64 -16.43 -4.30 24.14
C LYS B 64 -15.14 -4.81 23.50
N GLU B 65 -14.96 -6.13 23.49
CA GLU B 65 -13.75 -6.70 22.92
C GLU B 65 -13.56 -6.39 21.43
N LEU B 66 -14.65 -5.99 20.78
CA LEU B 66 -14.59 -5.63 19.36
C LEU B 66 -14.18 -4.17 19.29
N PHE B 67 -14.83 -3.36 20.13
CA PHE B 67 -14.53 -1.94 20.21
C PHE B 67 -13.04 -1.80 20.48
N LYS B 68 -12.47 -2.82 21.13
CA LYS B 68 -11.05 -2.86 21.44
C LYS B 68 -10.23 -3.15 20.19
N LEU B 69 -10.82 -3.91 19.27
CA LEU B 69 -10.14 -4.23 18.03
C LEU B 69 -10.05 -2.93 17.25
N ALA B 70 -11.19 -2.26 17.14
CA ALA B 70 -11.29 -0.99 16.43
C ALA B 70 -10.29 0.02 16.97
N THR B 71 -10.34 0.25 18.28
CA THR B 71 -9.43 1.19 18.93
C THR B 71 -7.97 0.84 18.59
N THR B 72 -7.70 -0.45 18.46
CA THR B 72 -6.35 -0.90 18.13
C THR B 72 -6.01 -0.49 16.71
N ALA B 73 -6.99 -0.63 15.82
CA ALA B 73 -6.80 -0.27 14.44
C ALA B 73 -6.44 1.22 14.40
N LEU B 74 -7.21 2.02 15.15
CA LEU B 74 -7.00 3.46 15.20
C LEU B 74 -5.60 3.84 15.67
N TYR B 75 -5.12 3.17 16.72
CA TYR B 75 -3.80 3.44 17.27
C TYR B 75 -2.68 3.30 16.25
N PHE B 76 -2.73 2.22 15.49
CA PHE B 76 -1.71 1.96 14.48
C PHE B 76 -1.86 2.83 13.26
N THR B 77 -3.11 3.07 12.85
CA THR B 77 -3.38 3.92 11.71
C THR B 77 -2.90 5.35 12.01
N TYR B 78 -3.30 5.90 13.15
CA TYR B 78 -2.91 7.27 13.49
C TYR B 78 -1.44 7.46 13.83
N SER B 79 -0.82 6.44 14.40
CA SER B 79 0.58 6.55 14.75
C SER B 79 1.38 6.71 13.48
N ALA B 80 0.96 6.01 12.44
CA ALA B 80 1.65 6.05 11.17
C ALA B 80 1.41 7.39 10.48
N LEU B 81 0.13 7.78 10.38
CA LEU B 81 -0.25 9.00 9.74
C LEU B 81 0.40 10.20 10.41
N GLU B 82 0.45 10.16 11.74
CA GLU B 82 1.05 11.25 12.49
C GLU B 82 2.55 11.35 12.32
N GLU B 83 3.24 10.23 12.22
CA GLU B 83 4.69 10.31 12.03
C GLU B 83 5.00 10.92 10.66
N GLU B 84 4.28 10.44 9.64
CA GLU B 84 4.49 10.94 8.29
C GLU B 84 4.27 12.46 8.15
N MET B 85 3.31 13.00 8.89
CA MET B 85 3.06 14.45 8.84
C MET B 85 4.19 15.14 9.57
N GLU B 86 4.66 14.52 10.64
CA GLU B 86 5.77 15.09 11.39
C GLU B 86 6.97 15.17 10.43
N ARG B 87 7.17 14.12 9.65
CA ARG B 87 8.25 14.05 8.70
C ARG B 87 8.12 15.13 7.63
N ASN B 88 6.90 15.34 7.14
CA ASN B 88 6.63 16.33 6.10
C ASN B 88 6.19 17.71 6.60
N LYS B 89 6.33 17.96 7.90
CA LYS B 89 5.91 19.24 8.47
C LYS B 89 6.42 20.47 7.70
N ASP B 90 7.67 20.45 7.26
CA ASP B 90 8.24 21.59 6.52
C ASP B 90 8.11 21.45 5.01
N HIS B 91 7.38 20.44 4.55
CA HIS B 91 7.20 20.21 3.13
C HIS B 91 6.14 21.20 2.61
N PRO B 92 6.52 22.08 1.68
CA PRO B 92 5.60 23.08 1.11
C PRO B 92 4.24 22.54 0.69
N ALA B 93 4.18 21.24 0.42
CA ALA B 93 2.92 20.66 0.00
C ALA B 93 2.11 20.10 1.17
N PHE B 94 2.64 20.22 2.39
CA PHE B 94 1.91 19.72 3.54
C PHE B 94 1.93 20.63 4.77
N ALA B 95 2.97 21.43 4.92
CA ALA B 95 3.14 22.33 6.07
C ALA B 95 1.87 23.03 6.58
N PRO B 96 1.04 23.57 5.67
CA PRO B 96 -0.19 24.27 6.07
C PRO B 96 -1.22 23.40 6.79
N LEU B 97 -1.04 22.08 6.73
CA LEU B 97 -2.01 21.18 7.34
C LEU B 97 -1.50 20.46 8.56
N TYR B 98 -0.39 20.94 9.11
CA TYR B 98 0.22 20.34 10.30
C TYR B 98 -0.35 20.96 11.58
N PHE B 99 -1.18 20.19 12.28
CA PHE B 99 -1.81 20.62 13.52
C PHE B 99 -1.62 19.56 14.60
N PRO B 100 -0.39 19.40 15.11
CA PRO B 100 -0.15 18.39 16.15
C PRO B 100 -0.96 18.54 17.43
N MET B 101 -0.89 19.72 18.06
CA MET B 101 -1.61 19.98 19.31
C MET B 101 -3.12 20.12 19.20
N GLU B 102 -3.69 20.04 18.01
CA GLU B 102 -5.13 20.21 17.87
C GLU B 102 -5.81 18.99 17.25
N LEU B 103 -5.13 18.34 16.32
CA LEU B 103 -5.73 17.21 15.64
C LEU B 103 -5.23 15.83 16.03
N HIS B 104 -3.96 15.72 16.41
CA HIS B 104 -3.39 14.42 16.74
C HIS B 104 -4.15 13.56 17.73
N ARG B 105 -4.10 12.24 17.52
CA ARG B 105 -4.82 11.32 18.39
C ARG B 105 -3.95 10.26 19.07
N LYS B 106 -2.67 10.16 18.69
CA LYS B 106 -1.83 9.13 19.29
C LYS B 106 -1.92 9.13 20.81
N GLU B 107 -1.31 10.12 21.46
CA GLU B 107 -1.33 10.25 22.92
C GLU B 107 -2.66 9.77 23.51
N ALA B 108 -3.75 10.33 22.97
CA ALA B 108 -5.08 9.96 23.44
C ALA B 108 -5.34 8.46 23.28
N LEU B 109 -5.29 7.97 22.05
CA LEU B 109 -5.51 6.55 21.79
C LEU B 109 -4.64 5.64 22.66
N THR B 110 -3.38 6.02 22.81
CA THR B 110 -2.45 5.25 23.62
C THR B 110 -3.07 5.04 25.01
N LYS B 111 -3.97 5.95 25.38
CA LYS B 111 -4.67 5.87 26.66
C LYS B 111 -5.97 5.09 26.56
N ASP B 112 -6.69 5.22 25.45
CA ASP B 112 -7.95 4.48 25.30
C ASP B 112 -7.65 3.00 25.13
N MET B 113 -6.36 2.67 25.03
CA MET B 113 -5.94 1.28 24.89
C MET B 113 -5.42 0.82 26.25
N GLU B 114 -5.29 1.78 27.17
CA GLU B 114 -4.83 1.47 28.52
C GLU B 114 -6.04 0.87 29.22
N TYR B 115 -7.10 1.68 29.28
CA TYR B 115 -8.33 1.29 29.92
C TYR B 115 -8.85 -0.07 29.44
N PHE B 116 -8.78 -0.32 28.13
CA PHE B 116 -9.27 -1.57 27.60
C PHE B 116 -8.32 -2.75 27.75
N PHE B 117 -7.24 -2.73 26.98
CA PHE B 117 -6.25 -3.82 27.02
C PHE B 117 -5.39 -3.84 28.28
N GLY B 118 -5.52 -2.82 29.12
CA GLY B 118 -4.73 -2.78 30.34
C GLY B 118 -3.53 -1.85 30.33
N GLU B 119 -2.37 -2.39 30.72
CA GLU B 119 -1.13 -1.60 30.76
C GLU B 119 -0.11 -2.12 29.77
N ASN B 120 0.41 -3.33 30.01
CA ASN B 120 1.39 -3.91 29.11
C ASN B 120 0.81 -4.42 27.78
N TRP B 121 -0.25 -3.77 27.32
CA TRP B 121 -0.93 -4.15 26.09
C TRP B 121 -0.10 -3.95 24.83
N GLU B 122 0.89 -3.06 24.89
CA GLU B 122 1.75 -2.75 23.76
C GLU B 122 2.49 -3.95 23.20
N GLU B 123 2.93 -4.81 24.12
CA GLU B 123 3.68 -6.00 23.74
C GLU B 123 2.75 -7.15 23.32
N GLN B 124 1.46 -7.00 23.56
CA GLN B 124 0.54 -8.07 23.20
C GLN B 124 -0.28 -7.83 21.94
N VAL B 125 -0.84 -6.61 21.81
CA VAL B 125 -1.66 -6.27 20.65
C VAL B 125 -0.89 -6.05 19.35
N GLN B 126 -1.36 -6.67 18.28
CA GLN B 126 -0.72 -6.49 16.98
C GLN B 126 -1.67 -5.71 16.07
N ALA B 127 -1.10 -4.96 15.14
CA ALA B 127 -1.88 -4.18 14.22
C ALA B 127 -2.69 -5.15 13.36
N PRO B 128 -4.03 -5.05 13.41
CA PRO B 128 -4.84 -5.95 12.60
C PRO B 128 -4.49 -5.80 11.12
N LYS B 129 -4.70 -6.86 10.36
CA LYS B 129 -4.36 -6.89 8.94
C LYS B 129 -4.96 -5.83 8.00
N ALA B 130 -6.23 -5.48 8.18
CA ALA B 130 -6.84 -4.49 7.31
C ALA B 130 -6.27 -3.11 7.66
N ALA B 131 -5.68 -3.02 8.84
CA ALA B 131 -5.08 -1.79 9.31
C ALA B 131 -3.61 -1.74 8.92
N GLN B 132 -2.96 -2.89 8.90
CA GLN B 132 -1.55 -2.96 8.54
C GLN B 132 -1.37 -2.56 7.09
N LYS B 133 -2.39 -2.83 6.28
CA LYS B 133 -2.37 -2.47 4.88
C LYS B 133 -2.41 -0.96 4.79
N TYR B 134 -3.49 -0.38 5.30
CA TYR B 134 -3.71 1.07 5.32
C TYR B 134 -2.48 1.74 5.90
N VAL B 135 -1.90 1.12 6.92
CA VAL B 135 -0.69 1.63 7.54
C VAL B 135 0.51 1.64 6.58
N GLU B 136 1.00 0.46 6.21
CA GLU B 136 2.15 0.37 5.30
C GLU B 136 2.06 1.43 4.20
N ARG B 137 0.84 1.69 3.74
CA ARG B 137 0.58 2.67 2.68
C ARG B 137 0.90 4.10 3.11
N ILE B 138 0.46 4.46 4.31
CA ILE B 138 0.67 5.79 4.84
C ILE B 138 2.16 6.11 4.96
N HIS B 139 2.98 5.08 5.19
CA HIS B 139 4.42 5.30 5.29
C HIS B 139 5.01 5.47 3.87
N TYR B 140 4.35 4.84 2.90
CA TYR B 140 4.79 4.98 1.51
C TYR B 140 4.61 6.47 1.11
N ILE B 141 3.34 6.89 1.07
CA ILE B 141 2.98 8.25 0.70
C ILE B 141 3.86 9.34 1.34
N GLY B 142 3.91 9.34 2.66
CA GLY B 142 4.70 10.32 3.37
C GLY B 142 6.14 10.32 2.93
N GLN B 143 6.64 9.14 2.58
CA GLN B 143 8.04 8.97 2.17
C GLN B 143 8.29 9.18 0.68
N ASN B 144 7.33 8.86 -0.17
CA ASN B 144 7.51 8.98 -1.61
C ASN B 144 6.61 9.94 -2.39
N GLU B 145 5.33 10.04 -2.01
CA GLU B 145 4.41 10.94 -2.70
C GLU B 145 3.73 11.84 -1.66
N PRO B 146 4.51 12.72 -1.02
CA PRO B 146 4.01 13.65 0.00
C PRO B 146 2.84 14.55 -0.41
N GLU B 147 2.79 14.96 -1.68
CA GLU B 147 1.70 15.83 -2.11
C GLU B 147 0.35 15.16 -1.95
N LEU B 148 0.36 13.88 -1.58
CA LEU B 148 -0.90 13.16 -1.41
C LEU B 148 -1.23 12.93 0.06
N LEU B 149 -0.29 13.27 0.94
CA LEU B 149 -0.51 13.08 2.36
C LEU B 149 -1.76 13.81 2.82
N VAL B 150 -2.10 14.89 2.12
CA VAL B 150 -3.28 15.67 2.45
C VAL B 150 -4.54 14.82 2.31
N ALA B 151 -4.56 13.94 1.31
CA ALA B 151 -5.74 13.09 1.12
C ALA B 151 -6.04 12.24 2.36
N HIS B 152 -5.00 11.65 2.96
CA HIS B 152 -5.20 10.83 4.14
C HIS B 152 -5.57 11.66 5.38
N ALA B 153 -5.03 12.86 5.46
CA ALA B 153 -5.32 13.76 6.57
C ALA B 153 -6.80 14.19 6.54
N TYR B 154 -7.26 14.54 5.35
CA TYR B 154 -8.63 14.96 5.14
C TYR B 154 -9.58 13.79 5.34
N THR B 155 -9.12 12.59 5.05
CA THR B 155 -9.97 11.40 5.19
C THR B 155 -10.27 11.02 6.65
N ARG B 156 -9.30 11.17 7.53
CA ARG B 156 -9.50 10.83 8.92
C ARG B 156 -9.88 12.00 9.82
N TYR B 157 -8.95 12.94 9.98
CA TYR B 157 -9.17 14.10 10.84
C TYR B 157 -10.39 14.94 10.49
N MET B 158 -10.47 15.43 9.26
CA MET B 158 -11.63 16.23 8.87
C MET B 158 -12.89 15.42 9.16
N GLY B 159 -12.70 14.11 9.35
CA GLY B 159 -13.81 13.23 9.66
C GLY B 159 -14.03 13.11 11.16
N ASP B 160 -12.94 12.93 11.90
CA ASP B 160 -13.04 12.80 13.34
C ASP B 160 -13.81 13.99 13.93
N LEU B 161 -13.40 15.20 13.53
CA LEU B 161 -14.03 16.43 14.01
C LEU B 161 -15.53 16.53 13.82
N SER B 162 -16.05 15.86 12.79
CA SER B 162 -17.49 15.91 12.53
C SER B 162 -18.29 14.85 13.30
N GLY B 163 -18.98 15.28 14.35
CA GLY B 163 -19.79 14.40 15.16
C GLY B 163 -19.05 13.45 16.09
N GLY B 164 -17.90 13.89 16.59
CA GLY B 164 -17.12 13.05 17.48
C GLY B 164 -17.64 12.88 18.89
N GLN B 165 -18.00 14.00 19.53
CA GLN B 165 -18.49 13.96 20.91
C GLN B 165 -19.53 12.86 21.11
N VAL B 166 -20.47 12.77 20.18
CA VAL B 166 -21.53 11.77 20.25
C VAL B 166 -20.97 10.35 20.36
N LEU B 167 -20.05 10.00 19.47
CA LEU B 167 -19.45 8.66 19.48
C LEU B 167 -19.00 8.23 20.87
N LYS B 168 -18.26 9.10 21.56
CA LYS B 168 -17.79 8.81 22.91
C LYS B 168 -18.98 8.36 23.75
N LYS B 169 -19.80 9.33 24.15
CA LYS B 169 -21.01 9.08 24.93
C LYS B 169 -21.75 7.81 24.46
N VAL B 170 -22.02 7.73 23.17
CA VAL B 170 -22.72 6.59 22.60
C VAL B 170 -22.06 5.26 22.97
N ALA B 171 -20.74 5.21 22.89
CA ALA B 171 -19.98 3.99 23.21
C ALA B 171 -19.88 3.80 24.72
N GLN B 172 -20.01 4.89 25.46
CA GLN B 172 -19.92 4.86 26.92
C GLN B 172 -21.11 4.16 27.55
N ARG B 173 -22.31 4.55 27.14
CA ARG B 173 -23.53 3.95 27.67
C ARG B 173 -23.72 2.52 27.16
N ALA B 174 -23.29 2.28 25.92
CA ALA B 174 -23.41 0.96 25.32
C ALA B 174 -22.41 -0.04 25.89
N LEU B 175 -21.27 0.46 26.38
CA LEU B 175 -20.24 -0.40 26.93
C LEU B 175 -20.03 -0.20 28.44
N LYS B 176 -20.99 0.46 29.08
CA LYS B 176 -20.92 0.74 30.51
C LYS B 176 -19.58 1.40 30.84
N LEU B 177 -19.28 2.49 30.12
CA LEU B 177 -18.04 3.22 30.32
C LEU B 177 -18.30 4.61 30.89
N PRO B 178 -17.31 5.17 31.61
CA PRO B 178 -17.45 6.50 32.20
C PRO B 178 -17.91 7.56 31.21
N SER B 179 -19.10 8.11 31.47
CA SER B 179 -19.69 9.13 30.62
C SER B 179 -18.68 10.23 30.32
N THR B 180 -17.93 10.64 31.33
CA THR B 180 -16.91 11.67 31.19
C THR B 180 -16.11 11.46 29.90
N GLY B 181 -15.75 10.21 29.64
CA GLY B 181 -14.98 9.87 28.46
C GLY B 181 -13.83 8.95 28.78
N GLU B 182 -13.59 8.71 30.06
CA GLU B 182 -12.51 7.83 30.51
C GLU B 182 -12.40 6.60 29.60
N GLY B 183 -11.19 6.36 29.10
CA GLY B 183 -10.95 5.21 28.23
C GLY B 183 -11.20 5.46 26.76
N THR B 184 -11.81 6.60 26.43
CA THR B 184 -12.11 6.93 25.02
C THR B 184 -11.81 8.40 24.68
N GLN B 185 -10.73 8.94 25.22
CA GLN B 185 -10.37 10.32 24.94
C GLN B 185 -10.10 10.57 23.47
N PHE B 186 -10.26 9.53 22.65
CA PHE B 186 -10.04 9.63 21.23
C PHE B 186 -11.04 10.56 20.55
N TYR B 187 -12.31 10.48 20.93
CA TYR B 187 -13.34 11.30 20.32
C TYR B 187 -13.43 12.74 20.85
N LEU B 188 -12.46 13.12 21.68
CA LEU B 188 -12.47 14.47 22.23
C LEU B 188 -11.16 15.20 22.03
N PHE B 189 -11.23 16.32 21.30
CA PHE B 189 -10.04 17.13 21.03
C PHE B 189 -9.99 18.27 22.05
N GLU B 190 -9.38 18.00 23.20
CA GLU B 190 -9.30 19.03 24.24
C GLU B 190 -8.38 20.20 23.90
N ASN B 191 -8.18 20.46 22.61
CA ASN B 191 -7.34 21.55 22.16
C ASN B 191 -7.91 22.34 20.98
N VAL B 192 -9.14 22.04 20.62
CA VAL B 192 -9.81 22.75 19.54
C VAL B 192 -11.10 23.37 20.09
N ASP B 193 -11.23 24.68 19.96
CA ASP B 193 -12.44 25.34 20.44
C ASP B 193 -13.63 24.92 19.58
N ASN B 194 -13.96 25.70 18.55
CA ASN B 194 -15.09 25.34 17.68
C ASN B 194 -14.66 24.41 16.54
N ALA B 195 -15.37 23.29 16.43
CA ALA B 195 -15.06 22.30 15.40
C ALA B 195 -15.37 22.79 13.97
N GLN B 196 -16.58 23.28 13.76
CA GLN B 196 -16.98 23.76 12.44
C GLN B 196 -16.05 24.88 11.99
N GLN B 197 -15.60 25.69 12.95
CA GLN B 197 -14.71 26.79 12.65
C GLN B 197 -13.32 26.29 12.27
N PHE B 198 -12.84 25.26 12.96
CA PHE B 198 -11.53 24.69 12.67
C PHE B 198 -11.51 24.03 11.28
N LYS B 199 -12.51 23.19 11.02
CA LYS B 199 -12.58 22.54 9.74
C LYS B 199 -12.70 23.57 8.61
N GLN B 200 -13.55 24.59 8.80
CA GLN B 200 -13.68 25.61 7.76
C GLN B 200 -12.30 26.23 7.55
N LEU B 201 -11.54 26.31 8.64
CA LEU B 201 -10.20 26.84 8.58
C LEU B 201 -9.40 25.90 7.66
N TYR B 202 -9.42 24.60 8.01
CA TYR B 202 -8.71 23.56 7.27
C TYR B 202 -8.98 23.62 5.75
N ARG B 203 -10.24 23.74 5.36
CA ARG B 203 -10.57 23.81 3.94
C ARG B 203 -9.80 24.95 3.25
N ALA B 204 -9.72 26.10 3.91
CA ALA B 204 -9.02 27.23 3.34
C ALA B 204 -7.51 26.96 3.22
N ARG B 205 -6.97 26.17 4.14
CA ARG B 205 -5.55 25.85 4.08
C ARG B 205 -5.23 24.92 2.89
N MET B 206 -6.06 23.90 2.69
CA MET B 206 -5.85 22.97 1.59
C MET B 206 -5.94 23.66 0.23
N ASN B 207 -6.88 24.61 0.12
CA ASN B 207 -7.11 25.33 -1.13
C ASN B 207 -5.96 26.26 -1.48
N ALA B 208 -5.27 26.74 -0.45
CA ALA B 208 -4.14 27.64 -0.69
C ALA B 208 -2.98 26.85 -1.28
N LEU B 209 -3.06 25.51 -1.25
CA LEU B 209 -2.00 24.68 -1.79
C LEU B 209 -1.92 24.76 -3.32
N ASP B 210 -0.72 24.98 -3.85
CA ASP B 210 -0.50 25.08 -5.29
C ASP B 210 0.07 23.74 -5.81
N LEU B 211 -0.59 23.16 -6.82
CA LEU B 211 -0.15 21.88 -7.40
C LEU B 211 -0.66 21.80 -8.85
N ASN B 212 -0.56 20.62 -9.46
CA ASN B 212 -1.05 20.41 -10.85
C ASN B 212 -2.56 20.23 -10.80
N MET B 213 -3.16 19.75 -11.89
CA MET B 213 -4.61 19.56 -11.92
C MET B 213 -4.97 18.11 -11.58
N LYS B 214 -4.36 17.18 -12.29
CA LYS B 214 -4.59 15.76 -12.04
C LYS B 214 -4.06 15.52 -10.62
N THR B 215 -3.31 16.49 -10.13
CA THR B 215 -2.76 16.39 -8.78
C THR B 215 -3.93 16.40 -7.82
N LYS B 216 -4.92 17.26 -8.06
CA LYS B 216 -6.09 17.31 -7.22
C LYS B 216 -6.89 16.02 -7.48
N GLU B 217 -7.00 15.65 -8.76
CA GLU B 217 -7.71 14.44 -9.17
C GLU B 217 -7.09 13.23 -8.49
N ARG B 218 -5.76 13.23 -8.41
CA ARG B 218 -5.01 12.16 -7.78
C ARG B 218 -5.31 12.19 -6.28
N ILE B 219 -5.16 13.36 -5.67
CA ILE B 219 -5.45 13.51 -4.25
C ILE B 219 -6.83 12.93 -3.93
N VAL B 220 -7.82 13.27 -4.73
CA VAL B 220 -9.17 12.75 -4.54
C VAL B 220 -9.21 11.23 -4.78
N GLU B 221 -8.48 10.76 -5.79
CA GLU B 221 -8.45 9.33 -6.11
C GLU B 221 -8.13 8.53 -4.85
N GLU B 222 -7.07 8.97 -4.16
CA GLU B 222 -6.60 8.33 -2.93
C GLU B 222 -7.51 8.56 -1.72
N ALA B 223 -8.26 9.66 -1.69
CA ALA B 223 -9.15 9.88 -0.56
C ALA B 223 -10.16 8.74 -0.64
N ASN B 224 -10.53 8.38 -1.87
CA ASN B 224 -11.46 7.28 -2.11
C ASN B 224 -10.72 5.99 -1.76
N LYS B 225 -9.46 5.91 -2.19
CA LYS B 225 -8.64 4.74 -1.90
C LYS B 225 -8.52 4.62 -0.38
N ALA B 226 -8.39 5.75 0.30
CA ALA B 226 -8.27 5.76 1.74
C ALA B 226 -9.58 5.27 2.38
N PHE B 227 -10.72 5.69 1.84
CA PHE B 227 -11.99 5.24 2.38
C PHE B 227 -12.06 3.72 2.33
N GLU B 228 -11.89 3.15 1.14
CA GLU B 228 -11.95 1.70 0.98
C GLU B 228 -11.08 1.04 2.05
N TYR B 229 -9.92 1.61 2.30
CA TYR B 229 -9.04 1.06 3.30
C TYR B 229 -9.78 0.94 4.63
N ASN B 230 -10.61 1.93 4.92
CA ASN B 230 -11.39 1.93 6.15
C ASN B 230 -12.47 0.86 6.06
N MET B 231 -13.11 0.79 4.91
CA MET B 231 -14.14 -0.20 4.65
C MET B 231 -13.58 -1.56 5.02
N GLN B 232 -12.49 -1.96 4.35
CA GLN B 232 -11.86 -3.24 4.64
C GLN B 232 -11.69 -3.39 6.14
N ILE B 233 -11.31 -2.31 6.81
CA ILE B 233 -11.13 -2.35 8.27
C ILE B 233 -12.45 -2.52 9.02
N PHE B 234 -13.52 -1.91 8.52
CA PHE B 234 -14.81 -2.02 9.21
C PHE B 234 -15.33 -3.44 9.31
N ASN B 235 -15.79 -3.97 8.18
CA ASN B 235 -16.33 -5.33 8.16
C ASN B 235 -15.30 -6.35 8.62
N GLU B 236 -14.02 -5.99 8.57
CA GLU B 236 -12.97 -6.89 9.01
C GLU B 236 -13.27 -7.08 10.50
N LEU B 237 -13.83 -6.03 11.11
CA LEU B 237 -14.20 -6.05 12.53
C LEU B 237 -15.58 -6.67 12.68
N ASP B 238 -16.46 -6.35 11.73
CA ASP B 238 -17.82 -6.88 11.75
C ASP B 238 -17.78 -8.40 11.80
N GLN B 239 -17.05 -8.99 10.86
CA GLN B 239 -16.91 -10.44 10.79
C GLN B 239 -16.19 -10.94 12.04
N ALA B 240 -15.30 -10.12 12.59
CA ALA B 240 -14.56 -10.49 13.79
C ALA B 240 -15.49 -10.52 14.99
N GLY B 241 -16.43 -9.56 15.03
CA GLY B 241 -17.37 -9.47 16.12
C GLY B 241 -18.39 -10.60 16.07
N SER B 242 -18.62 -11.12 14.87
CA SER B 242 -19.56 -12.23 14.69
C SER B 242 -18.90 -13.50 15.17
N THR B 243 -17.60 -13.62 14.90
CA THR B 243 -16.83 -14.78 15.32
C THR B 243 -16.80 -14.78 16.84
N LEU B 244 -17.31 -13.70 17.43
CA LEU B 244 -17.38 -13.52 18.87
C LEU B 244 -18.81 -13.81 19.32
N ALA B 245 -19.74 -13.75 18.36
CA ALA B 245 -21.15 -14.00 18.62
C ALA B 245 -21.51 -15.43 18.23
N ARG B 246 -21.06 -15.85 17.05
CA ARG B 246 -21.31 -17.19 16.54
C ARG B 246 -20.96 -18.21 17.61
N GLU B 247 -20.24 -17.74 18.62
CA GLU B 247 -19.83 -18.58 19.74
C GLU B 247 -20.65 -18.21 20.97
N THR B 248 -21.57 -19.10 21.35
CA THR B 248 -22.45 -18.90 22.50
C THR B 248 -23.51 -20.00 22.55
CHA HEM C . 17.17 -8.11 -2.88
CHB HEM C . 14.93 -10.73 0.44
CHC HEM C . 10.70 -9.50 -1.48
CHD HEM C . 12.96 -6.65 -4.62
C1A HEM C . 16.91 -8.93 -1.80
C2A HEM C . 17.95 -9.45 -0.94
C3A HEM C . 17.32 -10.22 -0.02
C4A HEM C . 15.90 -10.11 -0.31
CMA HEM C . 17.97 -10.96 1.12
CAA HEM C . 19.40 -8.99 -0.90
CBA HEM C . 20.28 -9.63 -1.94
CGA HEM C . 21.48 -8.79 -2.32
O1A HEM C . 22.45 -9.35 -2.91
O2A HEM C . 21.45 -7.56 -2.06
C1B HEM C . 13.57 -10.62 0.20
C2B HEM C . 12.56 -11.30 0.99
C3B HEM C . 11.36 -10.97 0.43
C4B HEM C . 11.66 -10.09 -0.68
CMB HEM C . 12.81 -12.17 2.22
CAB HEM C . 10.09 -11.37 0.85
CBB HEM C . 9.85 -12.14 2.05
C1C HEM C . 10.95 -8.62 -2.51
C2C HEM C . 9.92 -7.95 -3.27
C3C HEM C . 10.56 -7.10 -4.13
C4C HEM C . 11.97 -7.29 -3.91
CMC HEM C . 8.42 -8.11 -3.06
CAC HEM C . 9.96 -6.17 -4.98
CBC HEM C . 8.74 -6.44 -5.70
C1D HEM C . 14.31 -6.82 -4.44
C2D HEM C . 15.34 -6.11 -5.18
C3D HEM C . 16.51 -6.56 -4.70
C4D HEM C . 16.21 -7.52 -3.68
CMD HEM C . 15.15 -4.99 -6.19
CAD HEM C . 17.90 -6.11 -5.12
CBD HEM C . 18.47 -5.03 -4.21
CGD HEM C . 19.87 -4.65 -4.63
O1D HEM C . 20.76 -5.51 -4.55
O2D HEM C . 20.07 -3.48 -5.06
NA HEM C . 15.65 -9.32 -1.40
NB HEM C . 13.01 -9.87 -0.81
NC HEM C . 12.21 -8.20 -2.90
ND HEM C . 14.86 -7.68 -3.50
FE HEM C . 13.93 -8.72 -2.12
CHA HEM D . -18.12 14.76 7.52
CHB HEM D . -21.46 11.81 9.28
CHC HEM D . -18.44 8.09 8.71
CHD HEM D . -15.11 11.05 6.89
C1A HEM D . -19.30 14.27 7.99
C2A HEM D . -20.47 15.09 8.31
C3A HEM D . -21.41 14.24 8.76
C4A HEM D . -20.82 12.92 8.78
CMA HEM D . -22.86 14.60 9.11
CAA HEM D . -20.54 16.61 8.34
CBA HEM D . -20.44 17.27 6.95
CGA HEM D . -19.58 18.54 6.94
O1A HEM D . -18.37 18.45 7.24
O2A HEM D . -20.12 19.64 6.63
C1B HEM D . -20.90 10.54 9.31
C2B HEM D . -21.57 9.39 9.90
C3B HEM D . -20.69 8.36 9.80
C4B HEM D . -19.53 8.86 9.08
CMB HEM D . -22.97 9.34 10.49
CAB HEM D . -20.83 7.11 10.38
CBB HEM D . -20.03 6.73 11.53
C1C HEM D . -17.30 8.57 8.11
C2C HEM D . -16.21 7.72 7.65
C3C HEM D . -15.27 8.55 7.14
C4C HEM D . -15.78 9.90 7.31
CMC HEM D . -16.12 6.20 7.73
CAC HEM D . -14.13 8.15 6.46
CBC HEM D . -12.82 8.14 7.08
C1D HEM D . -15.62 12.33 6.94
C2D HEM D . -14.95 13.51 6.41
C3D HEM D . -15.78 14.57 6.63
C4D HEM D . -16.98 14.02 7.28
CMD HEM D . -13.67 13.53 5.59
CAD HEM D . -15.55 16.02 6.19
CBD HEM D . -16.44 16.43 5.03
CGD HEM D . -16.27 17.89 4.59
O1D HEM D . -15.36 18.16 3.79
O2D HEM D . -17.04 18.75 5.07
NA HEM D . -19.52 12.93 8.28
NB HEM D . -19.65 10.21 8.82
NC HEM D . -17.04 9.90 7.88
ND HEM D . -16.88 12.65 7.45
FE HEM D . -18.32 11.40 7.96
N ARG A 29 34.74 8.35 -6.95
CA ARG A 29 33.34 7.85 -6.97
C ARG A 29 32.56 8.13 -5.68
N MET A 30 31.61 9.04 -5.77
CA MET A 30 30.78 9.39 -4.64
C MET A 30 29.91 8.20 -4.21
N ALA A 31 28.90 7.91 -5.02
CA ALA A 31 27.96 6.82 -4.76
C ALA A 31 27.50 6.16 -6.06
N ASP A 32 27.40 4.84 -6.07
CA ASP A 32 26.97 4.13 -7.26
C ASP A 32 25.45 4.05 -7.33
N LEU A 33 24.92 4.19 -8.54
CA LEU A 33 23.47 4.13 -8.74
C LEU A 33 22.86 2.90 -8.04
N SER A 34 23.58 1.78 -8.09
CA SER A 34 23.11 0.55 -7.47
C SER A 34 23.09 0.65 -5.96
N GLU A 35 23.98 1.50 -5.40
CA GLU A 35 24.01 1.68 -3.95
C GLU A 35 22.88 2.63 -3.58
N LEU A 36 22.81 3.75 -4.30
CA LEU A 36 21.76 4.75 -4.07
C LEU A 36 20.39 4.09 -4.02
N LEU A 37 20.13 3.18 -4.97
CA LEU A 37 18.87 2.47 -5.06
C LEU A 37 18.64 1.53 -3.87
N LYS A 38 19.69 0.86 -3.41
CA LYS A 38 19.58 -0.06 -2.30
C LYS A 38 19.24 0.69 -1.01
N GLU A 39 20.02 1.71 -0.70
CA GLU A 39 19.75 2.51 0.48
C GLU A 39 18.43 3.27 0.26
N GLY A 40 18.24 3.71 -0.97
CA GLY A 40 17.04 4.45 -1.32
C GLY A 40 15.71 3.71 -1.30
N THR A 41 15.74 2.39 -1.30
CA THR A 41 14.49 1.61 -1.28
C THR A 41 14.35 0.65 -0.09
N LYS A 42 15.17 0.86 0.94
CA LYS A 42 15.14 0.04 2.15
C LYS A 42 13.76 0.01 2.81
N GLU A 43 13.16 1.18 3.01
CA GLU A 43 11.84 1.26 3.62
C GLU A 43 10.85 0.42 2.84
N ALA A 44 10.82 0.60 1.52
CA ALA A 44 9.88 -0.15 0.69
C ALA A 44 10.17 -1.66 0.68
N HIS A 45 11.44 -2.04 0.78
CA HIS A 45 11.78 -3.46 0.75
C HIS A 45 11.26 -4.13 2.03
N ASP A 46 11.39 -3.43 3.15
CA ASP A 46 10.90 -3.99 4.40
C ASP A 46 9.40 -4.20 4.32
N ARG A 47 8.68 -3.19 3.81
CA ARG A 47 7.23 -3.28 3.70
C ARG A 47 6.83 -4.50 2.86
N ALA A 48 7.59 -4.76 1.79
CA ALA A 48 7.35 -5.86 0.88
C ALA A 48 7.46 -7.24 1.54
N GLU A 49 8.54 -7.43 2.31
CA GLU A 49 8.75 -8.70 3.00
C GLU A 49 7.67 -9.02 4.02
N ASN A 50 7.18 -7.99 4.70
CA ASN A 50 6.17 -8.17 5.74
C ASN A 50 4.72 -8.07 5.31
N THR A 51 4.46 -7.78 4.05
CA THR A 51 3.07 -7.68 3.64
C THR A 51 2.44 -9.07 3.81
N GLN A 52 1.24 -9.11 4.38
CA GLN A 52 0.56 -10.38 4.65
C GLN A 52 0.48 -11.38 3.50
N PHE A 53 0.33 -10.89 2.27
CA PHE A 53 0.26 -11.82 1.15
C PHE A 53 1.57 -12.55 0.97
N VAL A 54 2.69 -11.85 1.12
CA VAL A 54 4.00 -12.44 0.96
C VAL A 54 4.30 -13.45 2.07
N LYS A 55 4.00 -13.07 3.30
CA LYS A 55 4.24 -13.94 4.44
C LYS A 55 3.37 -15.20 4.32
N ASP A 56 2.12 -15.02 3.88
CA ASP A 56 1.23 -16.15 3.74
C ASP A 56 1.64 -17.04 2.60
N PHE A 57 2.23 -16.43 1.57
CA PHE A 57 2.68 -17.24 0.45
C PHE A 57 3.81 -18.14 0.97
N LEU A 58 4.85 -17.50 1.50
CA LEU A 58 5.99 -18.21 2.04
C LEU A 58 5.61 -19.32 3.02
N LYS A 59 4.48 -19.19 3.71
CA LYS A 59 4.07 -20.23 4.64
C LYS A 59 3.21 -21.32 3.99
N GLY A 60 2.56 -20.98 2.87
CA GLY A 60 1.74 -21.95 2.17
C GLY A 60 0.26 -21.66 2.27
N ASN A 61 -0.06 -20.42 2.63
CA ASN A 61 -1.46 -20.01 2.77
C ASN A 61 -2.15 -19.89 1.41
N ILE A 62 -1.47 -19.30 0.43
CA ILE A 62 -2.07 -19.16 -0.88
C ILE A 62 -2.12 -20.47 -1.64
N LYS A 63 -3.29 -20.76 -2.20
CA LYS A 63 -3.50 -21.99 -2.95
C LYS A 63 -3.73 -21.81 -4.45
N LYS A 64 -4.15 -22.89 -5.09
CA LYS A 64 -4.36 -22.94 -6.54
C LYS A 64 -4.90 -21.70 -7.25
N GLU A 65 -6.22 -21.54 -7.30
CA GLU A 65 -6.78 -20.37 -7.99
C GLU A 65 -6.08 -19.05 -7.65
N LEU A 66 -5.71 -18.88 -6.39
CA LEU A 66 -5.04 -17.65 -6.00
C LEU A 66 -3.63 -17.58 -6.57
N PHE A 67 -3.04 -18.74 -6.84
CA PHE A 67 -1.71 -18.77 -7.43
C PHE A 67 -1.85 -18.39 -8.91
N LYS A 68 -2.95 -18.86 -9.51
CA LYS A 68 -3.23 -18.56 -10.91
C LYS A 68 -3.39 -17.05 -11.06
N LEU A 69 -4.11 -16.44 -10.13
CA LEU A 69 -4.32 -14.98 -10.15
C LEU A 69 -2.99 -14.27 -9.96
N ALA A 70 -2.11 -14.86 -9.17
CA ALA A 70 -0.79 -14.27 -8.93
C ALA A 70 0.04 -14.35 -10.22
N THR A 71 0.03 -15.51 -10.87
CA THR A 71 0.76 -15.70 -12.11
C THR A 71 0.20 -14.77 -13.20
N THR A 72 -1.12 -14.60 -13.21
CA THR A 72 -1.75 -13.71 -14.19
C THR A 72 -1.17 -12.30 -14.10
N ALA A 73 -1.19 -11.75 -12.90
CA ALA A 73 -0.64 -10.42 -12.68
C ALA A 73 0.79 -10.39 -13.18
N LEU A 74 1.55 -11.42 -12.81
CA LEU A 74 2.95 -11.54 -13.20
C LEU A 74 3.10 -11.46 -14.74
N TYR A 75 2.24 -12.18 -15.46
CA TYR A 75 2.29 -12.21 -16.92
C TYR A 75 2.10 -10.84 -17.57
N PHE A 76 0.99 -10.18 -17.27
CA PHE A 76 0.71 -8.86 -17.83
C PHE A 76 1.76 -7.82 -17.43
N THR A 77 2.12 -7.79 -16.15
CA THR A 77 3.11 -6.85 -15.68
C THR A 77 4.40 -6.94 -16.48
N TYR A 78 4.97 -8.13 -16.61
CA TYR A 78 6.20 -8.25 -17.37
C TYR A 78 5.96 -7.85 -18.82
N SER A 79 4.89 -8.38 -19.42
CA SER A 79 4.59 -8.05 -20.81
C SER A 79 4.83 -6.57 -21.08
N ALA A 80 4.38 -5.72 -20.17
CA ALA A 80 4.56 -4.28 -20.35
C ALA A 80 6.03 -3.89 -20.23
N LEU A 81 6.71 -4.52 -19.27
CA LEU A 81 8.11 -4.22 -19.04
C LEU A 81 8.99 -4.73 -20.16
N GLU A 82 8.79 -6.00 -20.55
CA GLU A 82 9.60 -6.59 -21.61
C GLU A 82 9.24 -6.04 -22.99
N GLU A 83 8.23 -5.17 -23.03
CA GLU A 83 7.80 -4.55 -24.28
C GLU A 83 8.54 -3.22 -24.42
N GLU A 84 8.63 -2.49 -23.32
CA GLU A 84 9.30 -1.19 -23.29
C GLU A 84 10.82 -1.30 -23.33
N MET A 85 11.39 -2.18 -22.49
CA MET A 85 12.83 -2.35 -22.47
C MET A 85 13.35 -2.59 -23.88
N GLU A 86 12.54 -3.29 -24.68
CA GLU A 86 12.87 -3.61 -26.06
C GLU A 86 12.80 -2.30 -26.85
N ARG A 87 11.66 -1.65 -26.77
CA ARG A 87 11.47 -0.39 -27.47
C ARG A 87 12.66 0.54 -27.23
N ASN A 88 13.35 0.35 -26.10
CA ASN A 88 14.50 1.17 -25.77
C ASN A 88 15.82 0.39 -25.70
N LYS A 89 15.84 -0.80 -26.32
CA LYS A 89 17.05 -1.65 -26.30
C LYS A 89 18.31 -0.92 -26.74
N ASP A 90 18.13 0.24 -27.37
CA ASP A 90 19.28 1.02 -27.82
C ASP A 90 19.44 2.37 -27.12
N HIS A 91 18.50 2.74 -26.27
CA HIS A 91 18.62 4.02 -25.56
C HIS A 91 19.88 4.09 -24.69
N PRO A 92 20.63 5.19 -24.79
CA PRO A 92 21.86 5.39 -24.02
C PRO A 92 21.71 5.21 -22.52
N ALA A 93 20.51 5.49 -22.02
CA ALA A 93 20.23 5.39 -20.60
C ALA A 93 19.53 4.08 -20.21
N PHE A 94 19.83 3.01 -20.94
CA PHE A 94 19.24 1.73 -20.66
C PHE A 94 19.82 0.59 -21.49
N ALA A 95 20.44 0.93 -22.62
CA ALA A 95 21.00 -0.07 -23.54
C ALA A 95 21.67 -1.31 -22.93
N PRO A 96 22.64 -1.12 -22.03
CA PRO A 96 23.33 -2.24 -21.40
C PRO A 96 22.46 -3.17 -20.55
N LEU A 97 21.24 -2.74 -20.23
CA LEU A 97 20.35 -3.55 -19.42
C LEU A 97 19.32 -4.30 -20.26
N TYR A 98 19.66 -4.56 -21.51
CA TYR A 98 18.74 -5.27 -22.40
C TYR A 98 19.13 -6.73 -22.58
N PHE A 99 18.65 -7.57 -21.67
CA PHE A 99 18.96 -9.00 -21.69
C PHE A 99 17.72 -9.82 -22.04
N PRO A 100 17.03 -9.45 -23.12
CA PRO A 100 15.82 -10.19 -23.51
C PRO A 100 15.98 -11.69 -23.58
N MET A 101 17.20 -12.13 -23.89
CA MET A 101 17.51 -13.55 -24.05
C MET A 101 17.85 -14.27 -22.73
N GLU A 102 18.38 -13.51 -21.77
CA GLU A 102 18.76 -14.07 -20.47
C GLU A 102 17.79 -13.78 -19.31
N LEU A 103 17.18 -12.58 -19.29
CA LEU A 103 16.29 -12.22 -18.20
C LEU A 103 14.78 -12.25 -18.44
N HIS A 104 14.35 -12.07 -19.68
CA HIS A 104 12.92 -12.06 -19.93
C HIS A 104 12.17 -13.30 -19.44
N ARG A 105 11.03 -13.06 -18.79
CA ARG A 105 10.22 -14.14 -18.24
C ARG A 105 8.95 -14.43 -19.01
N LYS A 106 8.61 -13.58 -19.98
CA LYS A 106 7.36 -13.78 -20.73
C LYS A 106 7.20 -15.17 -21.36
N GLU A 107 8.30 -15.72 -21.87
CA GLU A 107 8.26 -17.06 -22.48
C GLU A 107 8.13 -18.09 -21.37
N ALA A 108 8.50 -17.70 -20.16
CA ALA A 108 8.41 -18.57 -18.99
C ALA A 108 6.99 -18.57 -18.42
N LEU A 109 6.45 -17.37 -18.20
CA LEU A 109 5.11 -17.25 -17.67
C LEU A 109 4.16 -17.96 -18.62
N THR A 110 4.24 -17.62 -19.91
CA THR A 110 3.36 -18.22 -20.90
C THR A 110 3.25 -19.73 -20.70
N LYS A 111 4.38 -20.41 -20.57
CA LYS A 111 4.32 -21.85 -20.37
C LYS A 111 3.62 -22.16 -19.04
N ASP A 112 3.87 -21.32 -18.03
CA ASP A 112 3.23 -21.51 -16.72
C ASP A 112 1.72 -21.30 -16.81
N MET A 113 1.30 -20.34 -17.64
CA MET A 113 -0.12 -20.06 -17.82
C MET A 113 -0.80 -21.28 -18.45
N GLU A 114 -0.15 -21.88 -19.44
CA GLU A 114 -0.70 -23.06 -20.12
C GLU A 114 -0.85 -24.22 -19.15
N TYR A 115 0.15 -24.40 -18.28
CA TYR A 115 0.12 -25.48 -17.31
C TYR A 115 -1.10 -25.40 -16.38
N PHE A 116 -1.47 -24.20 -15.94
CA PHE A 116 -2.61 -24.03 -15.03
C PHE A 116 -3.97 -23.83 -15.71
N PHE A 117 -4.01 -22.95 -16.70
CA PHE A 117 -5.26 -22.66 -17.39
C PHE A 117 -5.46 -23.50 -18.66
N GLY A 118 -4.36 -23.94 -19.26
CA GLY A 118 -4.45 -24.71 -20.50
C GLY A 118 -4.22 -23.83 -21.73
N GLU A 119 -4.18 -24.45 -22.91
CA GLU A 119 -3.94 -23.75 -24.17
C GLU A 119 -4.86 -22.55 -24.46
N ASN A 120 -6.10 -22.63 -24.03
CA ASN A 120 -7.06 -21.55 -24.23
C ASN A 120 -7.01 -20.56 -23.06
N TRP A 121 -5.89 -20.57 -22.34
CA TRP A 121 -5.73 -19.72 -21.18
C TRP A 121 -6.01 -18.25 -21.48
N GLU A 122 -5.65 -17.84 -22.69
CA GLU A 122 -5.84 -16.47 -23.12
C GLU A 122 -7.29 -15.99 -23.00
N GLU A 123 -8.23 -16.79 -23.48
CA GLU A 123 -9.63 -16.41 -23.42
C GLU A 123 -10.27 -16.72 -22.07
N GLN A 124 -9.46 -16.76 -21.02
CA GLN A 124 -9.98 -17.05 -19.68
C GLN A 124 -9.49 -16.07 -18.63
N VAL A 125 -8.51 -15.26 -18.99
CA VAL A 125 -7.88 -14.34 -18.05
C VAL A 125 -8.07 -12.84 -18.23
N GLN A 126 -8.01 -12.11 -17.12
CA GLN A 126 -8.11 -10.66 -17.13
C GLN A 126 -7.26 -10.07 -15.99
N ALA A 127 -6.44 -9.07 -16.32
CA ALA A 127 -5.56 -8.45 -15.35
C ALA A 127 -6.29 -7.87 -14.14
N PRO A 128 -5.72 -8.04 -12.94
CA PRO A 128 -6.31 -7.54 -11.69
C PRO A 128 -6.22 -6.01 -11.71
N LYS A 129 -7.21 -5.34 -11.14
CA LYS A 129 -7.22 -3.87 -11.12
C LYS A 129 -5.83 -3.24 -10.92
N ALA A 130 -5.13 -3.67 -9.86
CA ALA A 130 -3.81 -3.12 -9.54
C ALA A 130 -2.73 -3.51 -10.55
N ALA A 131 -2.90 -4.69 -11.15
CA ALA A 131 -1.97 -5.15 -12.16
C ALA A 131 -2.20 -4.30 -13.41
N GLN A 132 -3.47 -4.07 -13.71
CA GLN A 132 -3.86 -3.28 -14.86
C GLN A 132 -3.19 -1.91 -14.78
N LYS A 133 -3.08 -1.36 -13.57
CA LYS A 133 -2.46 -0.05 -13.40
C LYS A 133 -0.97 -0.15 -13.59
N TYR A 134 -0.40 -1.26 -13.11
CA TYR A 134 1.02 -1.51 -13.22
C TYR A 134 1.40 -1.59 -14.71
N VAL A 135 0.52 -2.17 -15.51
CA VAL A 135 0.79 -2.26 -16.94
C VAL A 135 0.74 -0.87 -17.57
N GLU A 136 0.03 0.03 -16.91
CA GLU A 136 -0.13 1.41 -17.37
C GLU A 136 1.12 2.25 -17.13
N ARG A 137 1.53 2.35 -15.87
CA ARG A 137 2.71 3.13 -15.53
C ARG A 137 3.93 2.64 -16.32
N ILE A 138 4.01 1.33 -16.54
CA ILE A 138 5.13 0.79 -17.27
C ILE A 138 5.08 1.38 -18.69
N HIS A 139 4.01 1.08 -19.42
CA HIS A 139 3.84 1.61 -20.77
C HIS A 139 4.06 3.11 -20.81
N TYR A 140 3.55 3.81 -19.79
CA TYR A 140 3.71 5.25 -19.73
C TYR A 140 5.19 5.58 -19.62
N ILE A 141 5.83 5.01 -18.60
CA ILE A 141 7.25 5.24 -18.37
C ILE A 141 8.10 4.97 -19.60
N GLY A 142 7.74 3.93 -20.34
CA GLY A 142 8.50 3.58 -21.54
C GLY A 142 8.06 4.40 -22.74
N GLN A 143 6.86 4.96 -22.66
CA GLN A 143 6.35 5.75 -23.76
C GLN A 143 6.51 7.25 -23.56
N ASN A 144 7.14 7.65 -22.47
CA ASN A 144 7.32 9.09 -22.24
C ASN A 144 8.53 9.48 -21.44
N GLU A 145 9.16 8.50 -20.78
CA GLU A 145 10.36 8.73 -19.97
C GLU A 145 11.20 7.45 -19.91
N PRO A 146 11.58 6.92 -21.08
CA PRO A 146 12.38 5.70 -21.21
C PRO A 146 13.66 5.60 -20.37
N GLU A 147 14.24 6.74 -19.99
CA GLU A 147 15.48 6.73 -19.21
C GLU A 147 15.32 6.18 -17.79
N LEU A 148 14.10 6.18 -17.28
CA LEU A 148 13.83 5.69 -15.93
C LEU A 148 13.34 4.24 -15.96
N LEU A 149 13.38 3.63 -17.14
CA LEU A 149 12.95 2.25 -17.29
C LEU A 149 13.90 1.31 -16.53
N VAL A 150 15.07 1.82 -16.18
CA VAL A 150 16.07 1.06 -15.44
C VAL A 150 15.58 0.81 -14.02
N ALA A 151 14.81 1.77 -13.48
CA ALA A 151 14.26 1.66 -12.14
C ALA A 151 13.40 0.41 -12.04
N HIS A 152 12.35 0.36 -12.87
CA HIS A 152 11.44 -0.78 -12.88
C HIS A 152 12.21 -2.09 -13.08
N ALA A 153 12.99 -2.15 -14.14
CA ALA A 153 13.80 -3.31 -14.49
C ALA A 153 14.51 -3.78 -13.21
N TYR A 154 15.06 -2.81 -12.48
CA TYR A 154 15.74 -3.06 -11.22
C TYR A 154 14.76 -3.78 -10.31
N THR A 155 13.86 -3.01 -9.70
CA THR A 155 12.86 -3.52 -8.78
C THR A 155 12.39 -4.95 -9.10
N ARG A 156 12.35 -5.31 -10.38
CA ARG A 156 11.91 -6.64 -10.77
C ARG A 156 13.03 -7.69 -10.78
N TYR A 157 13.64 -7.86 -11.95
CA TYR A 157 14.67 -8.86 -12.16
C TYR A 157 15.72 -8.87 -11.04
N MET A 158 15.91 -7.72 -10.41
CA MET A 158 16.87 -7.62 -9.32
C MET A 158 16.35 -8.31 -8.06
N GLY A 159 15.03 -8.43 -7.94
CA GLY A 159 14.46 -9.12 -6.80
C GLY A 159 14.27 -10.58 -7.14
N ASP A 160 14.03 -10.86 -8.42
CA ASP A 160 13.81 -12.21 -8.94
C ASP A 160 15.03 -13.12 -8.92
N LEU A 161 16.19 -12.57 -9.23
CA LEU A 161 17.42 -13.36 -9.22
C LEU A 161 17.78 -13.61 -7.74
N SER A 162 16.77 -13.66 -6.88
CA SER A 162 17.01 -13.87 -5.46
C SER A 162 15.97 -14.72 -4.73
N GLY A 163 14.71 -14.60 -5.12
CA GLY A 163 13.65 -15.37 -4.48
C GLY A 163 13.43 -16.74 -5.10
N GLY A 164 13.81 -16.85 -6.37
CA GLY A 164 13.65 -18.09 -7.11
C GLY A 164 13.63 -19.37 -6.33
N GLN A 165 14.77 -19.76 -5.75
CA GLN A 165 14.88 -21.01 -4.98
C GLN A 165 13.71 -21.23 -4.03
N VAL A 166 13.57 -20.31 -3.08
CA VAL A 166 12.51 -20.39 -2.09
C VAL A 166 11.10 -20.39 -2.73
N LEU A 167 10.69 -19.28 -3.32
CA LEU A 167 9.37 -19.18 -3.94
C LEU A 167 9.08 -20.41 -4.79
N LYS A 168 10.07 -20.79 -5.59
CA LYS A 168 9.98 -21.94 -6.48
C LYS A 168 9.64 -23.19 -5.64
N LYS A 169 10.47 -23.46 -4.64
CA LYS A 169 10.27 -24.62 -3.78
C LYS A 169 9.00 -24.51 -2.93
N VAL A 170 8.70 -23.32 -2.46
CA VAL A 170 7.49 -23.14 -1.67
C VAL A 170 6.28 -23.42 -2.53
N ALA A 171 6.29 -22.86 -3.74
CA ALA A 171 5.19 -23.06 -4.68
C ALA A 171 4.93 -24.55 -5.00
N GLN A 172 6.00 -25.29 -5.30
CA GLN A 172 5.86 -26.70 -5.65
C GLN A 172 5.32 -27.56 -4.51
N ARG A 173 5.76 -27.26 -3.29
CA ARG A 173 5.35 -27.99 -2.11
C ARG A 173 3.89 -27.74 -1.71
N ALA A 174 3.43 -26.50 -1.82
CA ALA A 174 2.07 -26.17 -1.44
C ALA A 174 1.02 -26.61 -2.45
N LEU A 175 1.39 -26.56 -3.72
CA LEU A 175 0.47 -26.93 -4.79
C LEU A 175 0.75 -28.33 -5.31
N LYS A 176 1.69 -29.01 -4.67
CA LYS A 176 2.06 -30.35 -5.09
C LYS A 176 2.47 -30.27 -6.55
N LEU A 177 3.49 -29.47 -6.85
CA LEU A 177 3.96 -29.32 -8.22
C LEU A 177 5.21 -30.15 -8.49
N PRO A 178 5.38 -30.61 -9.73
CA PRO A 178 6.55 -31.42 -10.12
C PRO A 178 7.86 -30.68 -9.85
N SER A 179 8.91 -31.44 -9.56
CA SER A 179 10.23 -30.89 -9.32
C SER A 179 10.84 -30.52 -10.67
N THR A 180 10.36 -31.21 -11.71
CA THR A 180 10.82 -30.97 -13.07
C THR A 180 10.52 -29.54 -13.52
N GLY A 181 9.91 -28.77 -12.63
CA GLY A 181 9.62 -27.38 -12.88
C GLY A 181 8.35 -26.94 -13.59
N GLU A 182 7.37 -27.83 -13.72
CA GLU A 182 6.12 -27.50 -14.39
C GLU A 182 5.31 -26.54 -13.52
N GLY A 183 4.75 -25.50 -14.13
CA GLY A 183 3.96 -24.53 -13.40
C GLY A 183 4.81 -23.46 -12.75
N THR A 184 6.11 -23.70 -12.69
CA THR A 184 7.00 -22.74 -12.08
C THR A 184 8.17 -22.40 -12.96
N GLN A 185 8.04 -22.65 -14.26
CA GLN A 185 9.12 -22.35 -15.20
C GLN A 185 9.45 -20.86 -15.16
N PHE A 186 8.71 -20.11 -14.37
CA PHE A 186 8.94 -18.67 -14.24
C PHE A 186 10.00 -18.32 -13.19
N TYR A 187 9.98 -19.05 -12.08
CA TYR A 187 10.90 -18.83 -10.97
C TYR A 187 12.30 -19.33 -11.23
N LEU A 188 12.60 -19.64 -12.49
CA LEU A 188 13.92 -20.15 -12.87
C LEU A 188 14.53 -19.46 -14.09
N PHE A 189 15.77 -19.01 -13.93
CA PHE A 189 16.53 -18.36 -15.00
C PHE A 189 17.46 -19.41 -15.60
N GLU A 190 16.96 -20.09 -16.63
CA GLU A 190 17.68 -21.17 -17.31
C GLU A 190 18.92 -20.75 -18.10
N ASN A 191 19.17 -19.45 -18.22
CA ASN A 191 20.32 -18.98 -18.99
C ASN A 191 21.31 -18.17 -18.17
N VAL A 192 20.99 -17.88 -16.92
CA VAL A 192 21.89 -17.14 -16.05
C VAL A 192 22.72 -18.23 -15.37
N ASP A 193 23.99 -18.33 -15.74
CA ASP A 193 24.84 -19.35 -15.15
C ASP A 193 25.52 -18.90 -13.86
N ASN A 194 25.08 -17.76 -13.33
CA ASN A 194 25.59 -17.23 -12.07
C ASN A 194 24.71 -16.07 -11.59
N ALA A 195 23.52 -16.42 -11.09
CA ALA A 195 22.56 -15.42 -10.60
C ALA A 195 23.18 -14.39 -9.67
N GLN A 196 23.70 -14.85 -8.53
CA GLN A 196 24.30 -13.93 -7.58
C GLN A 196 25.36 -13.04 -8.27
N GLN A 197 26.18 -13.65 -9.14
CA GLN A 197 27.20 -12.91 -9.88
C GLN A 197 26.61 -12.05 -11.01
N PHE A 198 25.43 -12.45 -11.49
CA PHE A 198 24.76 -11.70 -12.54
C PHE A 198 24.28 -10.36 -11.99
N LYS A 199 23.85 -10.36 -10.73
CA LYS A 199 23.40 -9.10 -10.15
C LYS A 199 24.62 -8.19 -10.00
N GLN A 200 25.80 -8.80 -9.91
CA GLN A 200 27.05 -8.06 -9.80
C GLN A 200 27.31 -7.39 -11.14
N LEU A 201 27.20 -8.16 -12.22
CA LEU A 201 27.39 -7.63 -13.56
C LEU A 201 26.37 -6.50 -13.79
N TYR A 202 25.11 -6.79 -13.49
CA TYR A 202 24.02 -5.83 -13.64
C TYR A 202 24.26 -4.51 -12.86
N ARG A 203 24.69 -4.63 -11.60
CA ARG A 203 24.96 -3.44 -10.79
C ARG A 203 26.01 -2.57 -11.47
N ALA A 204 27.07 -3.21 -11.94
CA ALA A 204 28.15 -2.49 -12.60
C ALA A 204 27.58 -1.76 -13.81
N ARG A 205 26.81 -2.47 -14.63
CA ARG A 205 26.23 -1.85 -15.81
C ARG A 205 25.34 -0.66 -15.44
N MET A 206 24.65 -0.76 -14.30
CA MET A 206 23.80 0.35 -13.87
C MET A 206 24.67 1.53 -13.48
N ASN A 207 25.87 1.25 -12.97
CA ASN A 207 26.77 2.33 -12.57
C ASN A 207 27.51 2.91 -13.77
N ALA A 208 27.70 2.10 -14.79
CA ALA A 208 28.41 2.55 -15.98
C ALA A 208 27.60 3.60 -16.75
N LEU A 209 26.28 3.60 -16.57
CA LEU A 209 25.44 4.57 -17.25
C LEU A 209 25.81 5.99 -16.81
N ASP A 210 26.07 6.86 -17.79
CA ASP A 210 26.43 8.25 -17.53
C ASP A 210 25.18 8.98 -17.00
N LEU A 211 25.16 9.27 -15.71
CA LEU A 211 24.01 9.93 -15.09
C LEU A 211 24.38 10.96 -14.01
N ASN A 212 23.61 12.03 -13.94
CA ASN A 212 23.84 13.07 -12.92
C ASN A 212 22.93 12.76 -11.75
N MET A 213 23.01 13.54 -10.68
CA MET A 213 22.18 13.26 -9.51
C MET A 213 20.68 13.41 -9.71
N LYS A 214 20.26 14.35 -10.55
CA LYS A 214 18.84 14.54 -10.79
C LYS A 214 18.21 13.37 -11.54
N THR A 215 19.03 12.63 -12.30
CA THR A 215 18.56 11.48 -13.05
C THR A 215 18.60 10.25 -12.18
N LYS A 216 19.32 10.36 -11.06
CA LYS A 216 19.44 9.27 -10.12
C LYS A 216 18.27 9.32 -9.15
N GLU A 217 17.94 10.52 -8.69
CA GLU A 217 16.84 10.67 -7.77
C GLU A 217 15.52 10.48 -8.51
N ARG A 218 15.56 10.52 -9.84
CA ARG A 218 14.35 10.31 -10.64
C ARG A 218 14.14 8.80 -10.77
N ILE A 219 15.24 8.06 -10.83
CA ILE A 219 15.21 6.62 -10.91
C ILE A 219 14.85 6.02 -9.53
N VAL A 220 15.59 6.42 -8.50
CA VAL A 220 15.31 5.91 -7.17
C VAL A 220 13.84 6.16 -6.78
N GLU A 221 13.30 7.29 -7.23
CA GLU A 221 11.91 7.64 -6.92
C GLU A 221 10.93 6.76 -7.70
N GLU A 222 11.36 6.33 -8.88
CA GLU A 222 10.49 5.47 -9.67
C GLU A 222 10.59 4.03 -9.14
N ALA A 223 11.76 3.66 -8.61
CA ALA A 223 11.96 2.32 -8.05
C ALA A 223 11.05 2.16 -6.83
N ASN A 224 11.07 3.16 -5.95
CA ASN A 224 10.23 3.16 -4.76
C ASN A 224 8.76 3.15 -5.16
N LYS A 225 8.42 3.90 -6.20
CA LYS A 225 7.04 3.92 -6.69
C LYS A 225 6.71 2.50 -7.13
N ALA A 226 7.61 1.90 -7.90
CA ALA A 226 7.45 0.54 -8.41
C ALA A 226 7.13 -0.47 -7.30
N PHE A 227 7.86 -0.42 -6.19
CA PHE A 227 7.58 -1.33 -5.10
C PHE A 227 6.11 -1.16 -4.69
N GLU A 228 5.65 0.07 -4.65
CA GLU A 228 4.27 0.34 -4.25
C GLU A 228 3.29 -0.26 -5.26
N TYR A 229 3.70 -0.32 -6.52
CA TYR A 229 2.83 -0.91 -7.51
C TYR A 229 2.67 -2.39 -7.15
N ASN A 230 3.77 -2.99 -6.70
CA ASN A 230 3.77 -4.38 -6.26
C ASN A 230 3.05 -4.48 -4.93
N MET A 231 3.21 -3.46 -4.10
CA MET A 231 2.52 -3.47 -2.82
C MET A 231 1.03 -3.48 -3.11
N GLN A 232 0.61 -2.72 -4.12
CA GLN A 232 -0.82 -2.69 -4.40
C GLN A 232 -1.35 -4.00 -4.98
N ILE A 233 -0.51 -4.72 -5.71
CA ILE A 233 -0.96 -5.98 -6.26
C ILE A 233 -1.10 -6.98 -5.12
N PHE A 234 -0.14 -6.97 -4.21
CA PHE A 234 -0.17 -7.86 -3.05
C PHE A 234 -1.43 -7.62 -2.24
N ASN A 235 -1.77 -6.34 -2.08
CA ASN A 235 -2.96 -5.94 -1.33
C ASN A 235 -4.22 -6.50 -2.01
N GLU A 236 -4.26 -6.39 -3.34
CA GLU A 236 -5.41 -6.89 -4.10
C GLU A 236 -5.56 -8.41 -3.98
N LEU A 237 -4.53 -9.14 -4.39
CA LEU A 237 -4.54 -10.59 -4.33
C LEU A 237 -5.04 -11.11 -2.98
N ASP A 238 -4.65 -10.44 -1.90
CA ASP A 238 -5.08 -10.83 -0.56
C ASP A 238 -6.57 -10.51 -0.39
N GLN A 239 -7.02 -9.37 -0.91
CA GLN A 239 -8.43 -9.00 -0.82
C GLN A 239 -9.28 -10.14 -1.38
N ALA A 240 -8.73 -10.86 -2.35
CA ALA A 240 -9.42 -11.99 -2.98
C ALA A 240 -9.49 -13.18 -2.03
N GLY A 241 -9.04 -12.99 -0.79
CA GLY A 241 -9.07 -14.07 0.17
C GLY A 241 -10.47 -14.22 0.75
N SER A 242 -10.80 -13.33 1.68
CA SER A 242 -12.10 -13.34 2.33
C SER A 242 -12.49 -14.70 2.87
N MET B 30 -10.52 25.05 -11.40
CA MET B 30 -11.62 26.04 -11.20
C MET B 30 -12.28 25.92 -9.81
N ALA B 31 -12.31 24.70 -9.28
CA ALA B 31 -12.92 24.45 -7.97
C ALA B 31 -11.91 24.32 -6.83
N ASP B 32 -12.36 24.68 -5.63
CA ASP B 32 -11.51 24.59 -4.43
C ASP B 32 -11.22 23.10 -4.19
N LEU B 33 -9.97 22.77 -3.87
CA LEU B 33 -9.60 21.37 -3.64
C LEU B 33 -10.53 20.67 -2.65
N SER B 34 -10.94 21.40 -1.62
CA SER B 34 -11.82 20.83 -0.60
C SER B 34 -13.17 20.39 -1.19
N GLU B 35 -13.47 20.87 -2.39
CA GLU B 35 -14.71 20.55 -3.07
C GLU B 35 -14.58 19.39 -4.05
N LEU B 36 -13.40 19.24 -4.61
CA LEU B 36 -13.17 18.13 -5.52
C LEU B 36 -13.18 16.85 -4.68
N LEU B 37 -12.76 16.98 -3.42
CA LEU B 37 -12.73 15.84 -2.51
C LEU B 37 -14.14 15.35 -2.14
N LYS B 38 -14.93 16.23 -1.52
CA LYS B 38 -16.31 15.88 -1.12
C LYS B 38 -17.09 15.31 -2.30
N GLU B 39 -17.12 16.09 -3.38
CA GLU B 39 -17.82 15.70 -4.61
C GLU B 39 -17.32 14.34 -5.07
N GLY B 40 -16.01 14.14 -5.02
CA GLY B 40 -15.43 12.90 -5.46
C GLY B 40 -15.40 11.76 -4.46
N THR B 41 -15.76 12.05 -3.21
CA THR B 41 -15.77 11.02 -2.18
C THR B 41 -17.18 10.86 -1.61
N LYS B 42 -18.14 11.51 -2.27
CA LYS B 42 -19.55 11.47 -1.86
C LYS B 42 -20.04 10.05 -1.69
N GLU B 43 -19.91 9.23 -2.73
CA GLU B 43 -20.36 7.85 -2.68
C GLU B 43 -19.60 7.05 -1.62
N ALA B 44 -18.29 7.24 -1.57
CA ALA B 44 -17.47 6.51 -0.62
C ALA B 44 -17.91 6.76 0.82
N HIS B 45 -18.10 8.03 1.19
CA HIS B 45 -18.51 8.34 2.56
C HIS B 45 -19.80 7.60 2.86
N ASP B 46 -20.73 7.63 1.91
CA ASP B 46 -22.01 6.96 2.08
C ASP B 46 -21.80 5.46 2.32
N ARG B 47 -20.97 4.82 1.48
CA ARG B 47 -20.72 3.39 1.63
C ARG B 47 -20.15 3.02 3.00
N ALA B 48 -19.28 3.88 3.53
CA ALA B 48 -18.68 3.63 4.84
C ALA B 48 -19.74 3.83 5.93
N GLU B 49 -20.58 4.84 5.73
CA GLU B 49 -21.65 5.17 6.67
C GLU B 49 -22.76 4.12 6.59
N ASN B 50 -22.65 3.21 5.63
CA ASN B 50 -23.66 2.17 5.46
C ASN B 50 -23.12 0.74 5.55
N THR B 51 -22.26 0.49 6.53
CA THR B 51 -21.71 -0.85 6.73
C THR B 51 -22.31 -1.49 7.98
N GLN B 52 -22.02 -2.77 8.20
CA GLN B 52 -22.56 -3.48 9.35
C GLN B 52 -21.99 -2.90 10.64
N PHE B 53 -20.67 -2.76 10.66
CA PHE B 53 -20.01 -2.22 11.85
C PHE B 53 -20.58 -0.86 12.21
N VAL B 54 -20.82 -0.04 11.20
CA VAL B 54 -21.36 1.31 11.40
C VAL B 54 -22.80 1.28 11.88
N LYS B 55 -23.62 0.42 11.28
CA LYS B 55 -25.01 0.30 11.66
C LYS B 55 -25.09 -0.19 13.11
N ASP B 56 -24.39 -1.28 13.39
CA ASP B 56 -24.34 -1.87 14.72
C ASP B 56 -23.84 -0.84 15.72
N PHE B 57 -22.90 0.00 15.30
CA PHE B 57 -22.33 1.01 16.18
C PHE B 57 -23.34 2.10 16.53
N LEU B 58 -23.75 2.86 15.52
CA LEU B 58 -24.71 3.95 15.70
C LEU B 58 -25.99 3.50 16.38
N LYS B 59 -26.36 2.24 16.19
CA LYS B 59 -27.56 1.70 16.81
C LYS B 59 -27.25 1.12 18.18
N GLY B 60 -26.13 1.56 18.76
CA GLY B 60 -25.73 1.12 20.09
C GLY B 60 -25.41 -0.34 20.30
N ASN B 61 -26.21 -1.24 19.73
CA ASN B 61 -25.94 -2.66 19.91
C ASN B 61 -24.75 -3.14 19.09
N ILE B 62 -23.55 -2.78 19.56
CA ILE B 62 -22.29 -3.15 18.94
C ILE B 62 -21.38 -3.62 20.08
N LYS B 63 -21.10 -4.91 20.12
CA LYS B 63 -20.28 -5.49 21.18
C LYS B 63 -18.91 -4.87 21.45
N LYS B 64 -18.55 -4.84 22.73
CA LYS B 64 -17.28 -4.29 23.19
C LYS B 64 -16.08 -5.02 22.61
N GLU B 65 -16.19 -6.33 22.46
CA GLU B 65 -15.07 -7.08 21.91
C GLU B 65 -14.68 -6.53 20.55
N LEU B 66 -15.68 -6.08 19.79
CA LEU B 66 -15.41 -5.53 18.47
C LEU B 66 -14.96 -4.08 18.61
N PHE B 67 -15.33 -3.47 19.73
CA PHE B 67 -14.94 -2.10 20.03
C PHE B 67 -13.45 -2.10 20.36
N LYS B 68 -13.02 -3.19 20.99
CA LYS B 68 -11.64 -3.36 21.41
C LYS B 68 -10.71 -3.60 20.22
N LEU B 69 -11.28 -4.06 19.11
CA LEU B 69 -10.51 -4.29 17.90
C LEU B 69 -10.36 -2.96 17.19
N ALA B 70 -11.50 -2.27 17.03
CA ALA B 70 -11.54 -0.97 16.37
C ALA B 70 -10.52 -0.01 16.98
N THR B 71 -10.57 0.15 18.30
CA THR B 71 -9.66 1.05 19.00
C THR B 71 -8.22 0.74 18.61
N THR B 72 -7.91 -0.54 18.49
CA THR B 72 -6.56 -0.97 18.11
C THR B 72 -6.33 -0.54 16.66
N ALA B 73 -7.33 -0.77 15.83
CA ALA B 73 -7.26 -0.40 14.43
C ALA B 73 -6.95 1.10 14.37
N LEU B 74 -7.72 1.88 15.13
CA LEU B 74 -7.53 3.32 15.18
C LEU B 74 -6.13 3.73 15.62
N TYR B 75 -5.68 3.16 16.74
CA TYR B 75 -4.36 3.47 17.29
C TYR B 75 -3.28 3.42 16.24
N PHE B 76 -3.11 2.24 15.64
CA PHE B 76 -2.10 2.05 14.61
C PHE B 76 -2.25 2.94 13.40
N THR B 77 -3.50 3.20 13.00
CA THR B 77 -3.77 4.09 11.87
C THR B 77 -3.12 5.46 12.11
N TYR B 78 -3.67 6.19 13.08
CA TYR B 78 -3.19 7.53 13.38
C TYR B 78 -1.75 7.64 13.83
N SER B 79 -1.21 6.56 14.38
CA SER B 79 0.17 6.62 14.83
C SER B 79 1.05 6.73 13.59
N ALA B 80 0.64 6.05 12.53
CA ALA B 80 1.40 6.05 11.29
C ALA B 80 1.21 7.40 10.58
N LEU B 81 -0.05 7.82 10.47
CA LEU B 81 -0.38 9.06 9.82
C LEU B 81 0.36 10.22 10.46
N GLU B 82 0.46 10.18 11.79
CA GLU B 82 1.15 11.24 12.51
C GLU B 82 2.66 11.10 12.47
N GLU B 83 3.16 9.92 12.14
CA GLU B 83 4.60 9.76 12.02
C GLU B 83 4.98 10.50 10.75
N GLU B 84 4.26 10.19 9.67
CA GLU B 84 4.52 10.81 8.38
C GLU B 84 4.21 12.33 8.36
N MET B 85 3.23 12.77 9.14
CA MET B 85 2.91 14.20 9.16
C MET B 85 4.02 14.97 9.87
N GLU B 86 4.65 14.34 10.85
CA GLU B 86 5.76 14.99 11.54
C GLU B 86 6.94 15.07 10.56
N ARG B 87 7.11 14.00 9.79
CA ARG B 87 8.19 13.95 8.83
C ARG B 87 8.02 15.08 7.82
N ASN B 88 6.77 15.47 7.58
CA ASN B 88 6.47 16.52 6.61
C ASN B 88 5.88 17.81 7.17
N LYS B 89 5.96 18.02 8.48
CA LYS B 89 5.41 19.24 9.08
C LYS B 89 5.94 20.52 8.42
N ASP B 90 7.11 20.42 7.78
CA ASP B 90 7.71 21.58 7.13
C ASP B 90 7.93 21.40 5.64
N HIS B 91 7.03 20.68 4.99
CA HIS B 91 7.14 20.45 3.55
C HIS B 91 6.11 21.39 2.89
N PRO B 92 6.56 22.20 1.92
CA PRO B 92 5.66 23.13 1.22
C PRO B 92 4.35 22.52 0.74
N ALA B 93 4.36 21.20 0.54
CA ALA B 93 3.17 20.54 0.07
C ALA B 93 2.29 20.01 1.20
N PHE B 94 2.74 20.15 2.45
CA PHE B 94 1.94 19.68 3.57
C PHE B 94 1.96 20.57 4.81
N ALA B 95 3.03 21.36 4.96
CA ALA B 95 3.20 22.26 6.11
C ALA B 95 1.92 23.00 6.54
N PRO B 96 1.15 23.52 5.58
CA PRO B 96 -0.10 24.23 5.91
C PRO B 96 -1.13 23.41 6.66
N LEU B 97 -0.94 22.10 6.69
CA LEU B 97 -1.92 21.23 7.35
C LEU B 97 -1.40 20.51 8.57
N TYR B 98 -0.23 20.91 9.04
CA TYR B 98 0.37 20.30 10.21
C TYR B 98 -0.07 21.02 11.48
N PHE B 99 -1.05 20.44 12.15
CA PHE B 99 -1.62 20.97 13.39
C PHE B 99 -1.56 19.90 14.48
N PRO B 100 -0.35 19.56 14.95
CA PRO B 100 -0.21 18.52 15.98
C PRO B 100 -1.04 18.76 17.25
N MET B 101 -1.26 20.02 17.60
CA MET B 101 -2.03 20.34 18.80
C MET B 101 -3.53 20.06 18.75
N GLU B 102 -4.20 20.50 17.70
CA GLU B 102 -5.64 20.28 17.62
C GLU B 102 -6.01 18.93 17.03
N LEU B 103 -5.09 18.34 16.27
CA LEU B 103 -5.42 17.11 15.61
C LEU B 103 -4.82 15.80 16.08
N HIS B 104 -3.52 15.75 16.29
CA HIS B 104 -2.88 14.50 16.67
C HIS B 104 -3.59 13.68 17.74
N ARG B 105 -4.02 12.49 17.35
CA ARG B 105 -4.74 11.59 18.24
C ARG B 105 -3.86 10.53 18.89
N LYS B 106 -2.60 10.43 18.50
CA LYS B 106 -1.74 9.39 19.06
C LYS B 106 -1.76 9.34 20.58
N GLU B 107 -2.18 10.43 21.22
CA GLU B 107 -2.23 10.48 22.69
C GLU B 107 -3.53 9.90 23.23
N ALA B 108 -4.65 10.51 22.85
CA ALA B 108 -5.95 10.03 23.31
C ALA B 108 -6.02 8.51 23.20
N LEU B 109 -5.64 7.99 22.02
CA LEU B 109 -5.65 6.55 21.77
C LEU B 109 -4.69 5.81 22.70
N THR B 110 -3.49 6.35 22.90
CA THR B 110 -2.51 5.74 23.78
C THR B 110 -3.11 5.62 25.17
N LYS B 111 -3.79 6.68 25.62
CA LYS B 111 -4.42 6.66 26.93
C LYS B 111 -5.44 5.54 26.97
N ASP B 112 -6.09 5.31 25.82
CA ASP B 112 -7.10 4.26 25.73
C ASP B 112 -6.48 2.86 25.71
N MET B 113 -5.29 2.73 25.12
CA MET B 113 -4.59 1.44 25.06
C MET B 113 -4.09 1.04 26.45
N GLU B 114 -3.85 2.05 27.29
CA GLU B 114 -3.41 1.80 28.67
C GLU B 114 -4.64 1.36 29.48
N TYR B 115 -5.79 1.98 29.21
CA TYR B 115 -7.04 1.66 29.91
C TYR B 115 -7.68 0.34 29.46
N PHE B 116 -7.21 -0.22 28.35
CA PHE B 116 -7.77 -1.47 27.88
C PHE B 116 -6.72 -2.58 27.77
N PHE B 117 -5.45 -2.25 28.00
CA PHE B 117 -4.41 -3.26 27.87
C PHE B 117 -3.32 -3.28 28.95
N GLY B 118 -3.13 -2.16 29.63
CA GLY B 118 -2.12 -2.12 30.67
C GLY B 118 -0.96 -1.17 30.43
N GLU B 119 0.18 -1.48 31.04
CA GLU B 119 1.35 -0.65 30.91
C GLU B 119 2.31 -1.11 29.80
N ASN B 120 2.45 -2.43 29.64
CA ASN B 120 3.32 -3.00 28.62
C ASN B 120 2.51 -3.55 27.47
N TRP B 121 1.47 -2.82 27.08
CA TRP B 121 0.61 -3.24 26.00
C TRP B 121 1.32 -3.24 24.65
N GLU B 122 2.21 -2.29 24.45
CA GLU B 122 2.94 -2.15 23.19
C GLU B 122 3.48 -3.48 22.65
N GLU B 123 4.18 -4.23 23.50
CA GLU B 123 4.75 -5.51 23.08
C GLU B 123 3.73 -6.63 23.01
N GLN B 124 2.48 -6.33 23.36
CA GLN B 124 1.42 -7.34 23.38
C GLN B 124 0.47 -7.29 22.19
N VAL B 125 -0.39 -6.27 22.15
CA VAL B 125 -1.40 -6.11 21.10
C VAL B 125 -0.90 -6.18 19.66
N GLN B 126 -1.85 -6.32 18.73
CA GLN B 126 -1.47 -6.40 17.33
C GLN B 126 -2.43 -5.61 16.44
N ALA B 127 -1.96 -5.28 15.25
CA ALA B 127 -2.75 -4.53 14.30
C ALA B 127 -3.50 -5.46 13.36
N PRO B 128 -4.83 -5.28 13.24
CA PRO B 128 -5.61 -6.14 12.35
C PRO B 128 -5.10 -6.01 10.91
N LYS B 129 -5.25 -7.06 10.12
CA LYS B 129 -4.79 -7.08 8.74
C LYS B 129 -5.22 -5.91 7.84
N ALA B 130 -6.46 -5.48 7.96
CA ALA B 130 -6.96 -4.39 7.12
C ALA B 130 -6.38 -3.05 7.58
N ALA B 131 -5.73 -3.06 8.74
CA ALA B 131 -5.13 -1.86 9.27
C ALA B 131 -3.64 -1.78 8.90
N GLN B 132 -2.95 -2.91 8.92
CA GLN B 132 -1.54 -2.95 8.57
C GLN B 132 -1.34 -2.55 7.12
N LYS B 133 -2.35 -2.82 6.30
CA LYS B 133 -2.30 -2.47 4.89
C LYS B 133 -2.35 -0.95 4.78
N TYR B 134 -3.39 -0.36 5.35
CA TYR B 134 -3.59 1.09 5.34
C TYR B 134 -2.38 1.77 5.94
N VAL B 135 -1.79 1.13 6.96
CA VAL B 135 -0.60 1.65 7.59
C VAL B 135 0.59 1.63 6.64
N GLU B 136 1.05 0.45 6.26
CA GLU B 136 2.20 0.34 5.34
C GLU B 136 2.11 1.40 4.23
N ARG B 137 0.88 1.66 3.80
CA ARG B 137 0.60 2.64 2.73
C ARG B 137 0.93 4.07 3.14
N ILE B 138 0.47 4.45 4.33
CA ILE B 138 0.68 5.79 4.84
C ILE B 138 2.17 6.10 4.97
N HIS B 139 2.99 5.08 5.21
CA HIS B 139 4.44 5.31 5.31
C HIS B 139 5.03 5.48 3.91
N TYR B 140 4.38 4.86 2.91
CA TYR B 140 4.83 5.01 1.54
C TYR B 140 4.63 6.48 1.14
N ILE B 141 3.36 6.90 1.09
CA ILE B 141 3.00 8.26 0.73
C ILE B 141 3.86 9.35 1.37
N GLY B 142 3.91 9.34 2.69
CA GLY B 142 4.68 10.32 3.41
C GLY B 142 6.15 10.34 3.00
N GLN B 143 6.69 9.15 2.76
CA GLN B 143 8.09 9.01 2.38
C GLN B 143 8.38 9.23 0.90
N ASN B 144 7.43 8.91 0.04
CA ASN B 144 7.64 9.04 -1.41
C ASN B 144 6.77 10.03 -2.18
N GLU B 145 5.50 10.15 -1.84
CA GLU B 145 4.60 11.08 -2.52
C GLU B 145 3.83 11.92 -1.51
N PRO B 146 4.55 12.80 -0.79
CA PRO B 146 4.00 13.69 0.24
C PRO B 146 2.84 14.60 -0.21
N GLU B 147 2.83 14.99 -1.48
CA GLU B 147 1.77 15.87 -1.95
C GLU B 147 0.41 15.19 -1.86
N LEU B 148 0.39 13.91 -1.51
CA LEU B 148 -0.87 13.19 -1.40
C LEU B 148 -1.27 12.94 0.04
N LEU B 149 -0.37 13.22 0.98
CA LEU B 149 -0.67 13.02 2.39
C LEU B 149 -1.96 13.72 2.77
N VAL B 150 -2.17 14.91 2.21
CA VAL B 150 -3.37 15.68 2.49
C VAL B 150 -4.61 14.83 2.31
N ALA B 151 -4.60 13.94 1.32
CA ALA B 151 -5.76 13.08 1.11
C ALA B 151 -6.06 12.21 2.34
N HIS B 152 -5.01 11.65 2.94
CA HIS B 152 -5.19 10.82 4.12
C HIS B 152 -5.49 11.65 5.37
N ALA B 153 -4.80 12.77 5.52
CA ALA B 153 -5.01 13.64 6.67
C ALA B 153 -6.41 14.28 6.64
N TYR B 154 -6.82 14.73 5.45
CA TYR B 154 -8.12 15.35 5.31
C TYR B 154 -9.18 14.34 5.70
N THR B 155 -9.36 13.33 4.86
CA THR B 155 -10.34 12.26 5.06
C THR B 155 -10.50 11.77 6.50
N ARG B 156 -9.39 11.60 7.21
CA ARG B 156 -9.44 11.10 8.57
C ARG B 156 -9.77 12.12 9.65
N TYR B 157 -8.89 13.10 9.85
CA TYR B 157 -9.09 14.10 10.91
C TYR B 157 -10.46 14.77 10.83
N MET B 158 -10.87 15.23 9.65
CA MET B 158 -12.17 15.87 9.54
C MET B 158 -13.27 14.95 10.09
N GLY B 159 -13.16 13.66 9.79
CA GLY B 159 -14.15 12.73 10.29
C GLY B 159 -14.15 12.76 11.81
N ASP B 160 -12.96 12.69 12.38
CA ASP B 160 -12.81 12.72 13.82
C ASP B 160 -13.55 13.92 14.39
N LEU B 161 -13.32 15.09 13.79
CA LEU B 161 -13.96 16.33 14.23
C LEU B 161 -15.48 16.29 14.19
N SER B 162 -16.03 16.10 13.00
CA SER B 162 -17.46 16.05 12.80
C SER B 162 -18.20 15.01 13.66
N GLY B 163 -17.89 13.74 13.44
CA GLY B 163 -18.54 12.68 14.19
C GLY B 163 -18.20 12.57 15.66
N GLY B 164 -17.15 13.28 16.08
CA GLY B 164 -16.74 13.23 17.46
C GLY B 164 -17.90 13.37 18.44
N GLN B 165 -18.51 14.56 18.46
CA GLN B 165 -19.62 14.84 19.34
C GLN B 165 -20.67 13.72 19.42
N VAL B 166 -20.95 13.06 18.29
CA VAL B 166 -21.96 12.00 18.28
C VAL B 166 -21.47 10.63 18.79
N LEU B 167 -20.74 9.91 17.95
CA LEU B 167 -20.22 8.58 18.31
C LEU B 167 -19.73 8.52 19.75
N LYS B 168 -19.34 9.67 20.30
CA LYS B 168 -18.86 9.71 21.67
C LYS B 168 -20.00 9.37 22.63
N LYS B 169 -21.19 9.89 22.33
CA LYS B 169 -22.38 9.66 23.14
C LYS B 169 -22.79 8.18 23.13
N VAL B 170 -22.64 7.53 21.99
CA VAL B 170 -23.01 6.12 21.87
C VAL B 170 -22.03 5.22 22.64
N ALA B 171 -20.74 5.45 22.45
CA ALA B 171 -19.71 4.65 23.11
C ALA B 171 -19.80 4.64 24.63
N GLN B 172 -19.72 5.82 25.25
CA GLN B 172 -19.78 5.91 26.71
C GLN B 172 -21.08 5.29 27.22
N ARG B 173 -21.98 4.96 26.30
CA ARG B 173 -23.26 4.34 26.67
C ARG B 173 -23.22 2.83 26.47
N ALA B 174 -23.20 2.42 25.20
CA ALA B 174 -23.17 1.01 24.84
C ALA B 174 -22.24 0.19 25.71
N LEU B 175 -21.08 0.75 26.03
CA LEU B 175 -20.11 0.04 26.87
C LEU B 175 -20.02 0.64 28.26
N LYS B 176 -20.75 1.73 28.47
CA LYS B 176 -20.77 2.44 29.75
C LYS B 176 -19.36 2.60 30.28
N LEU B 177 -18.72 3.72 29.92
CA LEU B 177 -17.36 4.02 30.35
C LEU B 177 -17.33 5.23 31.29
N PRO B 178 -16.21 5.42 32.02
CA PRO B 178 -16.06 6.54 32.94
C PRO B 178 -16.32 7.90 32.27
N SER B 179 -17.39 8.57 32.69
CA SER B 179 -17.75 9.86 32.13
C SER B 179 -16.58 10.83 32.19
N THR B 180 -15.55 10.46 32.93
CA THR B 180 -14.39 11.33 33.06
C THR B 180 -13.45 11.27 31.85
N GLY B 181 -13.70 10.31 30.95
CA GLY B 181 -12.88 10.22 29.76
C GLY B 181 -12.38 8.88 29.27
N GLU B 182 -11.52 8.23 30.05
CA GLU B 182 -10.93 6.94 29.68
C GLU B 182 -11.86 6.04 28.86
N GLY B 183 -11.35 5.55 27.75
CA GLY B 183 -12.14 4.68 26.89
C GLY B 183 -12.62 5.36 25.60
N THR B 184 -12.94 6.64 25.66
CA THR B 184 -13.39 7.38 24.49
C THR B 184 -12.54 8.62 24.21
N GLN B 185 -11.40 8.72 24.90
CA GLN B 185 -10.50 9.85 24.75
C GLN B 185 -10.29 10.19 23.28
N PHE B 186 -10.29 9.16 22.44
CA PHE B 186 -10.11 9.36 21.01
C PHE B 186 -11.03 10.46 20.48
N TYR B 187 -12.32 10.35 20.77
CA TYR B 187 -13.31 11.32 20.30
C TYR B 187 -13.28 12.68 20.98
N LEU B 188 -12.31 12.90 21.86
CA LEU B 188 -12.22 14.17 22.57
C LEU B 188 -11.01 15.01 22.24
N PHE B 189 -11.23 16.07 21.46
CA PHE B 189 -10.16 16.99 21.08
C PHE B 189 -10.08 18.09 22.13
N GLU B 190 -9.58 17.76 23.31
CA GLU B 190 -9.47 18.75 24.37
C GLU B 190 -8.55 19.93 24.06
N ASN B 191 -8.34 20.18 22.77
CA ASN B 191 -7.48 21.28 22.34
C ASN B 191 -8.04 22.05 21.14
N VAL B 192 -9.28 21.77 20.77
CA VAL B 192 -9.94 22.47 19.67
C VAL B 192 -11.10 23.25 20.28
N ASP B 193 -11.07 24.57 20.15
CA ASP B 193 -12.13 25.39 20.70
C ASP B 193 -13.47 25.21 20.00
N ASN B 194 -13.46 25.23 18.67
CA ASN B 194 -14.67 25.07 17.86
C ASN B 194 -14.37 24.26 16.59
N ALA B 195 -14.84 23.01 16.57
CA ALA B 195 -14.62 22.12 15.44
C ALA B 195 -15.06 22.69 14.07
N GLN B 196 -16.27 23.23 14.04
CA GLN B 196 -16.84 23.79 12.81
C GLN B 196 -15.95 24.88 12.20
N GLN B 197 -15.62 25.87 13.01
CA GLN B 197 -14.77 26.96 12.54
C GLN B 197 -13.40 26.42 12.14
N PHE B 198 -12.93 25.39 12.85
CA PHE B 198 -11.64 24.79 12.55
C PHE B 198 -11.67 24.17 11.16
N LYS B 199 -12.69 23.35 10.90
CA LYS B 199 -12.84 22.72 9.60
C LYS B 199 -12.82 23.78 8.51
N GLN B 200 -13.47 24.91 8.75
CA GLN B 200 -13.50 26.00 7.77
C GLN B 200 -12.07 26.49 7.55
N LEU B 201 -11.33 26.61 8.64
CA LEU B 201 -9.94 27.05 8.54
C LEU B 201 -9.20 26.03 7.69
N TYR B 202 -9.30 24.76 8.10
CA TYR B 202 -8.65 23.63 7.43
C TYR B 202 -8.95 23.61 5.93
N ARG B 203 -10.22 23.80 5.55
CA ARG B 203 -10.59 23.81 4.14
C ARG B 203 -9.86 24.92 3.38
N ALA B 204 -9.79 26.10 3.96
CA ALA B 204 -9.12 27.23 3.32
C ALA B 204 -7.61 27.03 3.18
N ARG B 205 -6.98 26.41 4.17
CA ARG B 205 -5.55 26.19 4.09
C ARG B 205 -5.19 25.17 3.00
N MET B 206 -5.99 24.11 2.91
CA MET B 206 -5.77 23.07 1.89
C MET B 206 -6.01 23.64 0.50
N ASN B 207 -6.95 24.59 0.40
CA ASN B 207 -7.27 25.19 -0.89
C ASN B 207 -6.19 26.14 -1.37
N ALA B 208 -5.38 26.64 -0.45
CA ALA B 208 -4.30 27.54 -0.82
C ALA B 208 -3.05 26.79 -1.29
N LEU B 209 -3.07 25.46 -1.20
CA LEU B 209 -1.91 24.68 -1.64
C LEU B 209 -1.70 24.88 -3.14
N ASP B 210 -0.46 25.19 -3.52
CA ASP B 210 -0.14 25.40 -4.93
C ASP B 210 0.15 24.04 -5.58
N LEU B 211 -0.72 23.62 -6.50
CA LEU B 211 -0.57 22.33 -7.18
C LEU B 211 -1.15 22.38 -8.60
N ASN B 212 -0.77 21.42 -9.44
CA ASN B 212 -1.27 21.32 -10.81
C ASN B 212 -2.65 20.67 -10.78
N MET B 213 -3.04 20.04 -11.88
CA MET B 213 -4.32 19.36 -11.93
C MET B 213 -4.06 17.88 -11.89
N LYS B 214 -2.84 17.50 -12.25
CA LYS B 214 -2.44 16.10 -12.22
C LYS B 214 -2.45 15.70 -10.74
N THR B 215 -1.79 16.52 -9.93
CA THR B 215 -1.69 16.30 -8.50
C THR B 215 -3.08 16.34 -7.86
N LYS B 216 -3.93 17.24 -8.33
CA LYS B 216 -5.27 17.35 -7.80
C LYS B 216 -6.04 16.05 -8.03
N GLU B 217 -5.98 15.54 -9.27
CA GLU B 217 -6.69 14.31 -9.63
C GLU B 217 -6.22 13.12 -8.79
N ARG B 218 -4.93 13.12 -8.49
CA ARG B 218 -4.34 12.06 -7.68
C ARG B 218 -4.84 12.19 -6.25
N ILE B 219 -4.70 13.38 -5.65
CA ILE B 219 -5.16 13.59 -4.29
C ILE B 219 -6.58 13.05 -4.12
N VAL B 220 -7.49 13.46 -4.99
CA VAL B 220 -8.87 12.97 -4.92
C VAL B 220 -8.90 11.45 -5.03
N GLU B 221 -8.10 10.90 -5.96
CA GLU B 221 -8.04 9.47 -6.17
C GLU B 221 -7.43 8.77 -4.96
N GLU B 222 -6.52 9.45 -4.28
CA GLU B 222 -5.88 8.88 -3.10
C GLU B 222 -6.80 8.88 -1.89
N ALA B 223 -7.78 9.78 -1.87
CA ALA B 223 -8.75 9.86 -0.78
C ALA B 223 -9.78 8.75 -0.92
N ASN B 224 -10.28 8.56 -2.13
CA ASN B 224 -11.26 7.51 -2.38
C ASN B 224 -10.60 6.19 -1.99
N LYS B 225 -9.33 6.05 -2.35
CA LYS B 225 -8.57 4.86 -2.00
C LYS B 225 -8.60 4.75 -0.48
N ALA B 226 -8.23 5.83 0.21
CA ALA B 226 -8.22 5.84 1.66
C ALA B 226 -9.54 5.30 2.22
N PHE B 227 -10.66 5.76 1.66
CA PHE B 227 -11.96 5.27 2.13
C PHE B 227 -12.03 3.77 1.95
N GLU B 228 -11.68 3.28 0.77
CA GLU B 228 -11.72 1.87 0.49
C GLU B 228 -10.91 1.12 1.55
N TYR B 229 -9.79 1.71 1.97
CA TYR B 229 -8.99 1.08 3.00
C TYR B 229 -9.79 1.02 4.28
N ASN B 230 -10.66 2.01 4.48
CA ASN B 230 -11.50 2.06 5.68
C ASN B 230 -12.57 0.98 5.64
N MET B 231 -13.07 0.69 4.44
CA MET B 231 -14.07 -0.34 4.24
C MET B 231 -13.43 -1.65 4.68
N GLN B 232 -12.31 -1.99 4.06
CA GLN B 232 -11.58 -3.21 4.39
C GLN B 232 -11.48 -3.37 5.91
N ILE B 233 -11.18 -2.28 6.60
CA ILE B 233 -11.08 -2.32 8.06
C ILE B 233 -12.47 -2.57 8.66
N PHE B 234 -13.50 -1.91 8.15
CA PHE B 234 -14.83 -2.12 8.69
C PHE B 234 -15.27 -3.55 8.44
N ASN B 235 -15.40 -3.95 7.18
CA ASN B 235 -15.83 -5.31 6.90
C ASN B 235 -14.91 -6.36 7.52
N GLU B 236 -13.81 -5.92 8.12
CA GLU B 236 -12.91 -6.86 8.79
C GLU B 236 -13.45 -7.05 10.20
N LEU B 237 -14.14 -6.03 10.71
CA LEU B 237 -14.71 -6.07 12.05
C LEU B 237 -16.12 -6.64 11.97
N ASP B 238 -16.77 -6.48 10.83
CA ASP B 238 -18.11 -6.99 10.61
C ASP B 238 -18.09 -8.50 10.65
N GLN B 239 -17.28 -9.11 9.79
CA GLN B 239 -17.17 -10.56 9.76
C GLN B 239 -16.60 -11.05 11.08
N ALA B 240 -15.89 -10.18 11.79
CA ALA B 240 -15.32 -10.57 13.07
C ALA B 240 -16.47 -10.61 14.08
N GLY B 241 -17.40 -9.68 13.93
CA GLY B 241 -18.54 -9.62 14.82
C GLY B 241 -19.33 -10.93 14.78
N SER B 242 -19.15 -11.65 13.69
CA SER B 242 -19.82 -12.93 13.50
C SER B 242 -19.16 -13.96 14.40
N THR B 243 -17.83 -14.01 14.34
CA THR B 243 -17.06 -14.94 15.14
C THR B 243 -17.30 -14.66 16.62
N LEU B 244 -17.47 -13.38 16.95
CA LEU B 244 -17.71 -12.96 18.33
C LEU B 244 -19.02 -13.55 18.85
N ALA B 245 -20.09 -13.34 18.09
CA ALA B 245 -21.40 -13.84 18.45
C ALA B 245 -21.40 -15.37 18.41
N ARG B 246 -20.46 -15.92 17.64
CA ARG B 246 -20.33 -17.37 17.50
C ARG B 246 -19.62 -17.93 18.73
N GLU B 247 -18.68 -17.17 19.27
CA GLU B 247 -17.91 -17.58 20.44
C GLU B 247 -18.69 -17.39 21.74
N THR B 248 -19.72 -16.54 21.71
CA THR B 248 -20.51 -16.28 22.91
C THR B 248 -21.99 -16.59 22.68
CHA HEM C . 17.47 -8.16 -2.89
CHB HEM C . 15.13 -10.71 0.43
CHC HEM C . 10.95 -9.46 -1.56
CHD HEM C . 13.27 -6.57 -4.60
C1A HEM C . 17.20 -8.99 -1.83
C2A HEM C . 18.23 -9.57 -0.97
C3A HEM C . 17.56 -10.26 -0.03
C4A HEM C . 16.13 -10.12 -0.30
CMA HEM C . 18.18 -10.96 1.17
CAA HEM C . 19.73 -9.24 -1.00
CBA HEM C . 20.63 -10.48 -1.02
CGA HEM C . 22.12 -10.15 -1.27
O1A HEM C . 22.47 -9.65 -2.36
O2A HEM C . 22.95 -10.43 -0.38
C1B HEM C . 13.78 -10.58 0.18
C2B HEM C . 12.75 -11.30 0.92
C3B HEM C . 11.56 -10.96 0.34
C4B HEM C . 11.89 -10.05 -0.73
CMB HEM C . 12.97 -12.23 2.12
CAB HEM C . 10.29 -11.36 0.72
CBB HEM C . 10.00 -12.11 1.93
C1C HEM C . 11.23 -8.56 -2.57
C2C HEM C . 10.21 -7.90 -3.35
C3C HEM C . 10.87 -7.05 -4.19
C4C HEM C . 12.28 -7.21 -3.91
CMC HEM C . 8.70 -8.05 -3.17
CAC HEM C . 10.31 -6.12 -5.06
CBC HEM C . 9.07 -6.36 -5.77
C1D HEM C . 14.62 -6.76 -4.41
C2D HEM C . 15.66 -6.03 -5.11
C3D HEM C . 16.83 -6.51 -4.66
C4D HEM C . 16.51 -7.52 -3.66
CMD HEM C . 15.47 -4.88 -6.08
CAD HEM C . 18.23 -6.02 -5.00
CBD HEM C . 18.66 -4.81 -4.17
CGD HEM C . 20.09 -4.40 -4.48
O1D HEM C . 21.00 -5.18 -4.14
O2D HEM C . 20.29 -3.30 -5.06
NA HEM C . 15.92 -9.31 -1.40
NB HEM C . 13.25 -9.81 -0.82
NC HEM C . 12.50 -8.13 -2.91
ND HEM C . 15.15 -7.65 -3.50
FE HEM C . 14.20 -8.61 -2.07
CHA HEM D . -18.04 14.44 8.13
CHB HEM D . -21.22 11.18 9.67
CHC HEM D . -18.07 7.66 8.70
CHD HEM D . -14.92 10.94 7.12
C1A HEM D . -19.20 13.86 8.61
C2A HEM D . -20.39 14.60 9.04
C3A HEM D . -21.27 13.68 9.43
C4A HEM D . -20.63 12.38 9.31
CMA HEM D . -22.70 13.94 9.87
CAA HEM D . -20.51 16.11 9.27
CBA HEM D . -20.53 16.96 7.99
CGA HEM D . -19.43 18.02 7.98
O1A HEM D . -19.42 18.87 7.05
O2A HEM D . -18.58 18.02 8.90
C1B HEM D . -20.63 9.94 9.54
C2B HEM D . -21.26 8.71 9.99
C3B HEM D . -20.36 7.71 9.73
C4B HEM D . -19.22 8.34 9.11
CMB HEM D . -22.66 8.53 10.55
CAB HEM D . -20.50 6.39 10.12
CBB HEM D . -19.66 5.82 11.16
C1C HEM D . -16.94 8.24 8.20
C2C HEM D . -15.77 7.50 7.72
C3C HEM D . -14.90 8.42 7.25
C4C HEM D . -15.50 9.72 7.48
CMC HEM D . -15.53 5.99 7.83
CAC HEM D . -13.73 8.13 6.54
CBC HEM D . -12.43 8.53 7.03
C1D HEM D . -15.49 12.18 7.26
C2D HEM D . -14.88 13.42 6.85
C3D HEM D . -15.73 14.42 7.19
C4D HEM D . -16.89 13.78 7.77
CMD HEM D . -13.61 13.57 6.01
CAD HEM D . -15.53 15.93 6.91
CBD HEM D . -16.47 16.47 5.83
CGD HEM D . -16.26 17.97 5.52
O1D HEM D . -15.21 18.32 4.96
O2D HEM D . -17.16 18.78 5.84
NA HEM D . -19.35 12.49 8.79
NB HEM D . -19.37 9.71 9.01
NC HEM D . -16.76 9.61 8.04
ND HEM D . -16.74 12.39 7.82
FE HEM D . -18.09 11.04 8.33
N ARG A 29 31.02 3.74 -2.27
CA ARG A 29 29.73 3.20 -1.76
C ARG A 29 28.58 4.18 -1.93
N MET A 30 28.51 5.16 -1.05
CA MET A 30 27.47 6.17 -1.12
C MET A 30 27.64 7.11 -2.31
N ALA A 31 27.51 6.56 -3.53
CA ALA A 31 27.63 7.34 -4.77
C ALA A 31 27.27 6.48 -5.96
N ASP A 32 27.24 5.16 -5.77
CA ASP A 32 26.91 4.23 -6.84
C ASP A 32 25.40 4.13 -6.99
N LEU A 33 24.94 4.18 -8.23
CA LEU A 33 23.51 4.08 -8.50
C LEU A 33 22.92 2.80 -7.88
N SER A 34 23.77 1.80 -7.71
CA SER A 34 23.35 0.52 -7.13
C SER A 34 23.06 0.70 -5.64
N GLU A 35 23.81 1.59 -5.00
CA GLU A 35 23.61 1.88 -3.58
C GLU A 35 22.42 2.81 -3.39
N LEU A 36 22.39 3.90 -4.17
CA LEU A 36 21.30 4.86 -4.09
C LEU A 36 19.96 4.14 -4.19
N LEU A 37 19.91 3.07 -4.98
CA LEU A 37 18.70 2.29 -5.14
C LEU A 37 18.49 1.36 -3.94
N LYS A 38 19.58 0.79 -3.43
CA LYS A 38 19.50 -0.12 -2.28
C LYS A 38 19.15 0.63 -1.01
N GLU A 39 19.93 1.67 -0.71
CA GLU A 39 19.67 2.46 0.49
C GLU A 39 18.37 3.23 0.26
N GLY A 40 18.17 3.68 -0.97
CA GLY A 40 16.97 4.43 -1.32
C GLY A 40 15.63 3.71 -1.29
N THR A 41 15.64 2.37 -1.35
CA THR A 41 14.39 1.61 -1.34
C THR A 41 14.30 0.61 -0.18
N LYS A 42 15.15 0.80 0.83
CA LYS A 42 15.18 -0.06 2.01
C LYS A 42 13.81 -0.21 2.67
N GLU A 43 13.22 0.92 3.08
CA GLU A 43 11.91 0.90 3.73
C GLU A 43 10.88 0.20 2.87
N ALA A 44 10.89 0.50 1.56
CA ALA A 44 9.93 -0.15 0.70
C ALA A 44 10.17 -1.67 0.65
N HIS A 45 11.42 -2.10 0.72
CA HIS A 45 11.70 -3.53 0.69
C HIS A 45 11.21 -4.19 1.97
N ASP A 46 11.39 -3.49 3.10
CA ASP A 46 10.93 -4.04 4.36
C ASP A 46 9.42 -4.22 4.31
N ARG A 47 8.71 -3.21 3.80
CA ARG A 47 7.26 -3.30 3.71
C ARG A 47 6.84 -4.51 2.87
N ALA A 48 7.60 -4.78 1.82
CA ALA A 48 7.35 -5.90 0.90
C ALA A 48 7.53 -7.27 1.59
N GLU A 49 8.64 -7.42 2.31
CA GLU A 49 8.95 -8.65 3.00
C GLU A 49 7.87 -9.01 4.04
N ASN A 50 7.32 -7.99 4.68
CA ASN A 50 6.31 -8.20 5.71
C ASN A 50 4.86 -8.07 5.29
N THR A 51 4.61 -7.81 4.01
CA THR A 51 3.24 -7.68 3.58
C THR A 51 2.55 -9.04 3.75
N GLN A 52 1.37 -9.05 4.35
CA GLN A 52 0.66 -10.30 4.63
C GLN A 52 0.54 -11.32 3.50
N PHE A 53 0.40 -10.84 2.27
CA PHE A 53 0.29 -11.79 1.16
C PHE A 53 1.60 -12.53 0.97
N VAL A 54 2.71 -11.84 1.14
CA VAL A 54 4.02 -12.45 0.98
C VAL A 54 4.31 -13.47 2.08
N LYS A 55 3.93 -13.12 3.31
CA LYS A 55 4.14 -14.00 4.45
C LYS A 55 3.26 -15.25 4.34
N ASP A 56 1.99 -15.06 3.96
CA ASP A 56 1.09 -16.19 3.84
C ASP A 56 1.48 -17.06 2.68
N PHE A 57 2.12 -16.47 1.68
CA PHE A 57 2.57 -17.26 0.55
C PHE A 57 3.73 -18.12 1.03
N LEU A 58 4.71 -17.46 1.61
CA LEU A 58 5.89 -18.14 2.12
C LEU A 58 5.53 -19.26 3.10
N LYS A 59 4.31 -19.27 3.62
CA LYS A 59 3.93 -20.36 4.52
C LYS A 59 3.29 -21.52 3.76
N GLY A 60 2.80 -21.24 2.57
CA GLY A 60 2.17 -22.25 1.75
C GLY A 60 0.66 -22.21 1.92
N ASN A 61 0.15 -21.11 2.44
CA ASN A 61 -1.29 -20.96 2.64
C ASN A 61 -2.04 -20.66 1.35
N ILE A 62 -1.42 -19.88 0.48
CA ILE A 62 -2.03 -19.51 -0.78
C ILE A 62 -2.31 -20.73 -1.64
N LYS A 63 -3.59 -20.96 -1.92
CA LYS A 63 -4.02 -22.10 -2.72
C LYS A 63 -3.81 -21.91 -4.22
N LYS A 64 -4.33 -22.85 -5.02
CA LYS A 64 -4.14 -22.81 -6.45
C LYS A 64 -4.84 -21.71 -7.25
N GLU A 65 -5.97 -21.21 -6.75
CA GLU A 65 -6.64 -20.14 -7.49
C GLU A 65 -5.97 -18.78 -7.33
N LEU A 66 -5.45 -18.52 -6.12
CA LEU A 66 -4.78 -17.25 -5.92
C LEU A 66 -3.40 -17.31 -6.56
N PHE A 67 -2.92 -18.52 -6.85
CA PHE A 67 -1.62 -18.66 -7.49
C PHE A 67 -1.83 -18.41 -8.99
N LYS A 68 -2.89 -18.98 -9.54
CA LYS A 68 -3.21 -18.81 -10.95
C LYS A 68 -3.50 -17.33 -11.21
N LEU A 69 -4.02 -16.65 -10.20
CA LEU A 69 -4.34 -15.21 -10.30
C LEU A 69 -3.03 -14.42 -10.23
N ALA A 70 -2.21 -14.75 -9.24
CA ALA A 70 -0.92 -14.10 -9.04
C ALA A 70 -0.05 -14.23 -10.31
N THR A 71 -0.07 -15.42 -10.91
CA THR A 71 0.69 -15.66 -12.13
C THR A 71 0.18 -14.72 -13.24
N THR A 72 -1.13 -14.62 -13.39
CA THR A 72 -1.70 -13.73 -14.40
C THR A 72 -1.16 -12.32 -14.23
N ALA A 73 -1.20 -11.83 -13.00
CA ALA A 73 -0.69 -10.48 -12.74
C ALA A 73 0.75 -10.43 -13.20
N LEU A 74 1.52 -11.45 -12.84
CA LEU A 74 2.92 -11.54 -13.22
C LEU A 74 3.07 -11.47 -14.75
N TYR A 75 2.22 -12.20 -15.47
CA TYR A 75 2.27 -12.23 -16.93
C TYR A 75 2.07 -10.86 -17.57
N PHE A 76 0.98 -10.18 -17.23
CA PHE A 76 0.70 -8.86 -17.78
C PHE A 76 1.76 -7.82 -17.39
N THR A 77 2.13 -7.78 -16.12
CA THR A 77 3.13 -6.84 -15.68
C THR A 77 4.41 -7.01 -16.49
N TYR A 78 4.87 -8.25 -16.65
CA TYR A 78 6.08 -8.45 -17.42
C TYR A 78 5.80 -8.18 -18.89
N SER A 79 4.76 -8.79 -19.44
CA SER A 79 4.41 -8.58 -20.85
C SER A 79 4.66 -7.10 -21.20
N ALA A 80 4.20 -6.21 -20.33
CA ALA A 80 4.40 -4.79 -20.56
C ALA A 80 5.88 -4.46 -20.47
N LEU A 81 6.52 -4.97 -19.42
CA LEU A 81 7.94 -4.72 -19.18
C LEU A 81 8.72 -5.03 -20.44
N GLU A 82 8.30 -6.07 -21.15
CA GLU A 82 9.00 -6.46 -22.37
C GLU A 82 8.82 -5.50 -23.56
N GLU A 83 7.58 -5.13 -23.90
CA GLU A 83 7.39 -4.22 -25.01
C GLU A 83 8.29 -3.01 -24.77
N GLU A 84 8.17 -2.43 -23.59
CA GLU A 84 8.95 -1.26 -23.22
C GLU A 84 10.42 -1.56 -23.05
N MET A 85 10.79 -2.84 -23.03
CA MET A 85 12.19 -3.21 -22.90
C MET A 85 12.89 -3.09 -24.25
N GLU A 86 12.34 -3.76 -25.26
CA GLU A 86 12.91 -3.75 -26.60
C GLU A 86 12.85 -2.34 -27.19
N ARG A 87 11.70 -1.70 -27.05
CA ARG A 87 11.52 -0.35 -27.59
C ARG A 87 12.74 0.52 -27.30
N ASN A 88 13.23 0.47 -26.06
CA ASN A 88 14.39 1.28 -25.68
C ASN A 88 15.68 0.46 -25.66
N LYS A 89 15.67 -0.73 -26.25
CA LYS A 89 16.84 -1.62 -26.26
C LYS A 89 18.14 -0.91 -26.65
N ASP A 90 18.02 0.16 -27.43
CA ASP A 90 19.23 0.87 -27.83
C ASP A 90 19.37 2.25 -27.21
N HIS A 91 18.41 2.64 -26.37
CA HIS A 91 18.48 3.94 -25.72
C HIS A 91 19.74 4.03 -24.84
N PRO A 92 20.51 5.12 -25.01
CA PRO A 92 21.74 5.30 -24.23
C PRO A 92 21.54 5.13 -22.73
N ALA A 93 20.31 5.30 -22.26
CA ALA A 93 20.00 5.19 -20.85
C ALA A 93 19.49 3.83 -20.38
N PHE A 94 19.30 2.88 -21.31
CA PHE A 94 18.82 1.57 -20.93
C PHE A 94 19.47 0.42 -21.67
N ALA A 95 19.92 0.68 -22.90
CA ALA A 95 20.51 -0.34 -23.76
C ALA A 95 21.37 -1.42 -23.07
N PRO A 96 22.32 -1.03 -22.20
CA PRO A 96 23.17 -1.99 -21.52
C PRO A 96 22.44 -3.01 -20.63
N LEU A 97 21.21 -2.72 -20.27
CA LEU A 97 20.45 -3.63 -19.40
C LEU A 97 19.57 -4.60 -20.16
N TYR A 98 19.65 -4.58 -21.49
CA TYR A 98 18.83 -5.44 -22.31
C TYR A 98 19.31 -6.89 -22.35
N PHE A 99 18.57 -7.76 -21.65
CA PHE A 99 18.93 -9.18 -21.59
C PHE A 99 17.75 -10.08 -21.92
N PRO A 100 17.29 -10.06 -23.17
CA PRO A 100 16.15 -10.92 -23.49
C PRO A 100 16.42 -12.41 -23.29
N MET A 101 17.68 -12.81 -23.43
CA MET A 101 18.07 -14.22 -23.29
C MET A 101 18.28 -14.66 -21.84
N GLU A 102 18.79 -13.76 -21.00
CA GLU A 102 19.05 -14.09 -19.61
C GLU A 102 17.90 -13.84 -18.61
N LEU A 103 17.22 -12.70 -18.75
CA LEU A 103 16.16 -12.35 -17.81
C LEU A 103 14.69 -12.54 -18.19
N HIS A 104 14.28 -12.04 -19.35
CA HIS A 104 12.90 -12.12 -19.78
C HIS A 104 12.08 -13.33 -19.32
N ARG A 105 10.89 -13.05 -18.80
CA ARG A 105 10.01 -14.07 -18.26
C ARG A 105 8.78 -14.37 -19.10
N LYS A 106 8.49 -13.51 -20.08
CA LYS A 106 7.31 -13.65 -20.93
C LYS A 106 6.96 -15.07 -21.39
N GLU A 107 7.95 -15.84 -21.84
CA GLU A 107 7.70 -17.21 -22.31
C GLU A 107 7.46 -18.18 -21.17
N ALA A 108 8.31 -18.10 -20.14
CA ALA A 108 8.18 -18.94 -18.95
C ALA A 108 6.78 -18.73 -18.41
N LEU A 109 6.40 -17.45 -18.32
CA LEU A 109 5.09 -17.07 -17.84
C LEU A 109 4.04 -17.66 -18.75
N THR A 110 4.38 -17.82 -20.03
CA THR A 110 3.45 -18.39 -20.98
C THR A 110 3.24 -19.88 -20.67
N LYS A 111 4.35 -20.58 -20.45
CA LYS A 111 4.27 -22.00 -20.14
C LYS A 111 3.38 -22.21 -18.90
N ASP A 112 3.67 -21.46 -17.83
CA ASP A 112 2.93 -21.56 -16.58
C ASP A 112 1.45 -21.29 -16.77
N MET A 113 1.13 -20.22 -17.50
CA MET A 113 -0.25 -19.87 -17.77
C MET A 113 -0.92 -20.95 -18.59
N GLU A 114 -0.13 -21.90 -19.07
CA GLU A 114 -0.62 -23.00 -19.88
C GLU A 114 -0.82 -24.23 -19.01
N TYR A 115 0.11 -24.46 -18.11
CA TYR A 115 0.04 -25.60 -17.21
C TYR A 115 -1.20 -25.50 -16.30
N PHE A 116 -1.53 -24.29 -15.85
CA PHE A 116 -2.68 -24.11 -14.96
C PHE A 116 -4.02 -23.87 -15.66
N PHE A 117 -4.02 -23.02 -16.68
CA PHE A 117 -5.24 -22.71 -17.40
C PHE A 117 -5.46 -23.52 -18.68
N GLY A 118 -4.38 -24.03 -19.28
CA GLY A 118 -4.51 -24.78 -20.52
C GLY A 118 -4.23 -23.90 -21.74
N GLU A 119 -4.24 -24.49 -22.93
CA GLU A 119 -3.95 -23.76 -24.17
C GLU A 119 -4.87 -22.56 -24.47
N ASN A 120 -6.12 -22.65 -24.05
CA ASN A 120 -7.08 -21.56 -24.26
C ASN A 120 -7.03 -20.60 -23.08
N TRP A 121 -5.88 -20.56 -22.40
CA TRP A 121 -5.71 -19.72 -21.22
C TRP A 121 -6.00 -18.24 -21.48
N GLU A 122 -5.55 -17.75 -22.62
CA GLU A 122 -5.74 -16.35 -22.97
C GLU A 122 -7.22 -15.94 -22.94
N GLU A 123 -8.10 -16.85 -23.36
CA GLU A 123 -9.52 -16.54 -23.36
C GLU A 123 -10.19 -16.93 -22.04
N GLN A 124 -9.39 -17.28 -21.04
CA GLN A 124 -9.92 -17.66 -19.73
C GLN A 124 -9.52 -16.68 -18.64
N VAL A 125 -8.83 -15.60 -19.01
CA VAL A 125 -8.35 -14.66 -18.00
C VAL A 125 -8.22 -13.22 -18.50
N GLN A 126 -8.11 -12.29 -17.57
CA GLN A 126 -7.95 -10.86 -17.87
C GLN A 126 -6.96 -10.23 -16.87
N ALA A 127 -6.58 -8.99 -17.12
CA ALA A 127 -5.62 -8.30 -16.25
C ALA A 127 -6.26 -7.73 -14.99
N PRO A 128 -5.88 -8.25 -13.80
CA PRO A 128 -6.43 -7.77 -12.53
C PRO A 128 -6.29 -6.26 -12.42
N LYS A 129 -7.23 -5.63 -11.71
CA LYS A 129 -7.22 -4.17 -11.55
C LYS A 129 -5.87 -3.56 -11.16
N ALA A 130 -5.28 -4.03 -10.07
CA ALA A 130 -4.01 -3.49 -9.57
C ALA A 130 -2.85 -3.63 -10.54
N ALA A 131 -2.93 -4.64 -11.41
CA ALA A 131 -1.89 -4.88 -12.40
C ALA A 131 -1.96 -3.91 -13.58
N GLN A 132 -3.10 -3.23 -13.73
CA GLN A 132 -3.25 -2.27 -14.81
C GLN A 132 -2.46 -1.01 -14.52
N LYS A 133 -2.43 -0.58 -13.26
CA LYS A 133 -1.68 0.62 -12.94
C LYS A 133 -0.19 0.27 -12.96
N TYR A 134 0.09 -1.00 -13.24
CA TYR A 134 1.45 -1.48 -13.33
C TYR A 134 1.74 -1.68 -14.82
N VAL A 135 0.80 -2.28 -15.54
CA VAL A 135 0.97 -2.50 -16.97
C VAL A 135 0.93 -1.16 -17.70
N GLU A 136 0.07 -0.27 -17.22
CA GLU A 136 -0.08 1.06 -17.81
C GLU A 136 1.18 1.90 -17.58
N ARG A 137 1.46 2.19 -16.30
CA ARG A 137 2.62 2.99 -15.93
C ARG A 137 3.89 2.50 -16.63
N ILE A 138 3.99 1.18 -16.84
CA ILE A 138 5.15 0.63 -17.52
C ILE A 138 5.10 1.03 -19.00
N HIS A 139 3.89 1.01 -19.57
CA HIS A 139 3.73 1.40 -20.96
C HIS A 139 4.03 2.89 -21.10
N TYR A 140 3.66 3.65 -20.08
CA TYR A 140 3.89 5.09 -20.08
C TYR A 140 5.38 5.36 -20.00
N ILE A 141 5.98 4.94 -18.88
CA ILE A 141 7.40 5.14 -18.64
C ILE A 141 8.30 4.84 -19.83
N GLY A 142 8.05 3.73 -20.51
CA GLY A 142 8.87 3.36 -21.64
C GLY A 142 8.58 4.16 -22.90
N GLN A 143 7.42 4.79 -22.95
CA GLN A 143 7.04 5.57 -24.12
C GLN A 143 7.14 7.07 -23.87
N ASN A 144 7.59 7.48 -22.70
CA ASN A 144 7.66 8.91 -22.43
C ASN A 144 8.80 9.37 -21.53
N GLU A 145 9.44 8.42 -20.86
CA GLU A 145 10.56 8.69 -19.96
C GLU A 145 11.44 7.44 -19.85
N PRO A 146 12.04 7.03 -20.99
CA PRO A 146 12.90 5.86 -21.08
C PRO A 146 14.06 5.79 -20.09
N GLU A 147 14.54 6.95 -19.63
CA GLU A 147 15.65 6.96 -18.68
C GLU A 147 15.31 6.45 -17.29
N LEU A 148 14.03 6.20 -17.02
CA LEU A 148 13.61 5.69 -15.71
C LEU A 148 13.19 4.23 -15.81
N LEU A 149 13.33 3.64 -16.99
CA LEU A 149 12.95 2.25 -17.21
C LEU A 149 13.79 1.31 -16.35
N VAL A 150 15.05 1.69 -16.13
CA VAL A 150 15.97 0.90 -15.32
C VAL A 150 15.43 0.69 -13.90
N ALA A 151 14.63 1.65 -13.42
CA ALA A 151 14.03 1.56 -12.10
C ALA A 151 13.10 0.36 -12.02
N HIS A 152 12.27 0.18 -13.05
CA HIS A 152 11.33 -0.92 -13.07
C HIS A 152 11.99 -2.29 -13.28
N ALA A 153 12.99 -2.33 -14.16
CA ALA A 153 13.72 -3.56 -14.41
C ALA A 153 14.42 -3.95 -13.12
N TYR A 154 15.10 -2.97 -12.52
CA TYR A 154 15.81 -3.13 -11.26
C TYR A 154 14.92 -3.73 -10.18
N THR A 155 13.66 -3.30 -10.17
CA THR A 155 12.72 -3.76 -9.17
C THR A 155 12.06 -5.10 -9.53
N ARG A 156 12.04 -5.44 -10.81
CA ARG A 156 11.43 -6.68 -11.20
C ARG A 156 12.35 -7.86 -11.45
N TYR A 157 13.60 -7.63 -11.85
CA TYR A 157 14.50 -8.75 -12.08
C TYR A 157 15.43 -9.05 -10.92
N MET A 158 16.07 -8.02 -10.36
CA MET A 158 16.99 -8.20 -9.23
C MET A 158 16.31 -8.96 -8.09
N GLY A 159 15.04 -8.67 -7.84
CA GLY A 159 14.33 -9.41 -6.80
C GLY A 159 14.17 -10.85 -7.26
N ASP A 160 13.85 -11.02 -8.54
CA ASP A 160 13.66 -12.36 -9.11
C ASP A 160 14.91 -13.22 -9.01
N LEU A 161 16.06 -12.64 -9.32
CA LEU A 161 17.33 -13.36 -9.24
C LEU A 161 17.62 -13.71 -7.76
N SER A 162 16.71 -13.32 -6.88
CA SER A 162 16.86 -13.56 -5.46
C SER A 162 15.74 -14.40 -4.84
N GLY A 163 14.49 -14.03 -5.13
CA GLY A 163 13.36 -14.77 -4.60
C GLY A 163 13.34 -16.22 -5.05
N GLY A 164 13.92 -16.47 -6.22
CA GLY A 164 13.98 -17.78 -6.81
C GLY A 164 13.83 -19.02 -5.95
N GLN A 165 14.98 -19.56 -5.50
CA GLN A 165 15.02 -20.79 -4.69
C GLN A 165 13.81 -21.01 -3.78
N VAL A 166 13.57 -20.07 -2.88
CA VAL A 166 12.43 -20.21 -1.98
C VAL A 166 11.11 -20.25 -2.77
N LEU A 167 10.59 -19.09 -3.15
CA LEU A 167 9.33 -19.01 -3.91
C LEU A 167 9.14 -20.26 -4.77
N LYS A 168 10.16 -20.58 -5.54
CA LYS A 168 10.16 -21.73 -6.43
C LYS A 168 9.83 -22.99 -5.61
N LYS A 169 10.67 -23.30 -4.62
CA LYS A 169 10.46 -24.47 -3.79
C LYS A 169 9.18 -24.37 -2.95
N VAL A 170 8.90 -23.17 -2.45
CA VAL A 170 7.68 -23.00 -1.66
C VAL A 170 6.47 -23.20 -2.55
N ALA A 171 6.54 -22.71 -3.78
CA ALA A 171 5.45 -22.88 -4.72
C ALA A 171 5.17 -24.38 -4.90
N GLN A 172 6.23 -25.16 -5.09
CA GLN A 172 6.07 -26.60 -5.29
C GLN A 172 5.67 -27.31 -3.99
N ARG A 173 6.07 -26.73 -2.86
CA ARG A 173 5.75 -27.30 -1.55
C ARG A 173 4.31 -26.99 -1.09
N ALA A 174 3.63 -26.08 -1.77
CA ALA A 174 2.26 -25.74 -1.39
C ALA A 174 1.22 -26.29 -2.36
N LEU A 175 1.54 -26.23 -3.64
CA LEU A 175 0.61 -26.68 -4.67
C LEU A 175 0.86 -28.11 -5.12
N LYS A 176 1.83 -28.76 -4.49
CA LYS A 176 2.17 -30.13 -4.83
C LYS A 176 2.44 -30.15 -6.32
N LEU A 177 3.39 -29.34 -6.78
CA LEU A 177 3.72 -29.28 -8.20
C LEU A 177 4.88 -30.21 -8.56
N PRO A 178 4.96 -30.62 -9.83
CA PRO A 178 6.03 -31.50 -10.27
C PRO A 178 7.41 -30.93 -9.91
N SER A 179 8.38 -31.82 -9.75
CA SER A 179 9.74 -31.43 -9.44
C SER A 179 10.43 -31.08 -10.76
N THR A 180 9.89 -31.63 -11.84
CA THR A 180 10.43 -31.40 -13.17
C THR A 180 10.40 -29.91 -13.49
N GLY A 181 9.45 -29.18 -12.88
CA GLY A 181 9.38 -27.75 -13.09
C GLY A 181 8.15 -27.09 -13.72
N GLU A 182 7.09 -27.85 -13.97
CA GLU A 182 5.88 -27.29 -14.56
C GLU A 182 5.29 -26.20 -13.67
N GLY A 183 4.66 -25.20 -14.29
CA GLY A 183 4.07 -24.11 -13.53
C GLY A 183 5.04 -23.33 -12.65
N THR A 184 6.30 -23.26 -13.06
CA THR A 184 7.30 -22.55 -12.27
C THR A 184 8.49 -21.96 -13.01
N GLN A 185 8.51 -22.09 -14.34
CA GLN A 185 9.62 -21.57 -15.12
C GLN A 185 9.97 -20.14 -14.70
N PHE A 186 8.96 -19.32 -14.46
CA PHE A 186 9.20 -17.94 -14.04
C PHE A 186 10.27 -17.79 -12.98
N TYR A 187 10.30 -18.75 -12.07
CA TYR A 187 11.22 -18.75 -10.94
C TYR A 187 12.59 -19.33 -11.26
N LEU A 188 12.72 -19.90 -12.46
CA LEU A 188 13.96 -20.51 -12.92
C LEU A 188 14.61 -19.74 -14.05
N PHE A 189 15.86 -19.34 -13.84
CA PHE A 189 16.62 -18.63 -14.86
C PHE A 189 17.67 -19.60 -15.40
N GLU A 190 17.23 -20.40 -16.38
CA GLU A 190 18.04 -21.42 -17.04
C GLU A 190 19.11 -20.88 -17.99
N ASN A 191 19.44 -19.61 -17.88
CA ASN A 191 20.44 -19.03 -18.78
C ASN A 191 21.35 -18.05 -18.06
N VAL A 192 21.36 -18.13 -16.74
CA VAL A 192 22.21 -17.28 -15.90
C VAL A 192 23.08 -18.27 -15.14
N ASP A 193 24.38 -18.26 -15.40
CA ASP A 193 25.27 -19.20 -14.72
C ASP A 193 25.07 -19.12 -13.21
N ASN A 194 25.10 -17.91 -12.67
CA ASN A 194 24.94 -17.73 -11.23
C ASN A 194 24.34 -16.37 -10.86
N ALA A 195 23.16 -16.39 -10.26
CA ALA A 195 22.46 -15.17 -9.85
C ALA A 195 23.38 -14.18 -9.14
N GLN A 196 24.09 -14.66 -8.11
CA GLN A 196 25.00 -13.79 -7.37
C GLN A 196 25.85 -12.97 -8.35
N GLN A 197 26.50 -13.65 -9.29
CA GLN A 197 27.35 -13.01 -10.28
C GLN A 197 26.62 -12.13 -11.31
N PHE A 198 25.58 -12.67 -11.93
CA PHE A 198 24.85 -11.88 -12.92
C PHE A 198 24.26 -10.66 -12.21
N LYS A 199 24.05 -10.79 -10.91
CA LYS A 199 23.50 -9.69 -10.15
C LYS A 199 24.52 -8.55 -10.09
N GLN A 200 25.78 -8.87 -9.81
CA GLN A 200 26.81 -7.83 -9.76
C GLN A 200 27.04 -7.23 -11.15
N LEU A 201 27.09 -8.11 -12.16
CA LEU A 201 27.27 -7.68 -13.53
C LEU A 201 26.22 -6.62 -13.85
N TYR A 202 24.95 -6.96 -13.60
CA TYR A 202 23.82 -6.06 -13.82
C TYR A 202 24.02 -4.75 -13.05
N ARG A 203 24.27 -4.86 -11.75
CA ARG A 203 24.49 -3.68 -10.93
C ARG A 203 25.50 -2.79 -11.66
N ALA A 204 26.69 -3.34 -11.90
CA ALA A 204 27.78 -2.63 -12.55
C ALA A 204 27.35 -1.97 -13.87
N ARG A 205 26.74 -2.74 -14.76
CA ARG A 205 26.32 -2.18 -16.02
C ARG A 205 25.30 -1.07 -15.78
N MET A 206 24.88 -0.96 -14.53
CA MET A 206 23.93 0.06 -14.12
C MET A 206 24.66 1.11 -13.29
N ASN A 207 25.86 0.78 -12.84
CA ASN A 207 26.65 1.69 -12.04
C ASN A 207 27.58 2.61 -12.82
N ALA A 208 27.27 2.80 -14.11
CA ALA A 208 28.04 3.66 -14.99
C ALA A 208 27.02 4.44 -15.83
N LEU A 209 26.65 5.65 -15.41
CA LEU A 209 25.66 6.41 -16.16
C LEU A 209 25.78 7.93 -16.05
N ASP A 210 25.39 8.62 -17.13
CA ASP A 210 25.42 10.08 -17.15
C ASP A 210 24.14 10.52 -16.43
N LEU A 211 24.10 10.20 -15.14
CA LEU A 211 22.95 10.55 -14.33
C LEU A 211 23.42 11.20 -13.05
N ASN A 212 23.48 12.52 -13.00
CA ASN A 212 23.91 13.18 -11.77
C ASN A 212 22.91 12.70 -10.73
N MET A 213 23.08 13.07 -9.47
CA MET A 213 22.14 12.60 -8.45
C MET A 213 20.70 12.91 -8.86
N LYS A 214 20.53 14.00 -9.59
CA LYS A 214 19.20 14.40 -10.06
C LYS A 214 18.49 13.23 -10.73
N THR A 215 18.98 12.89 -11.91
CA THR A 215 18.43 11.79 -12.72
C THR A 215 18.47 10.47 -11.96
N LYS A 216 19.32 10.41 -10.94
CA LYS A 216 19.43 9.23 -10.12
C LYS A 216 18.47 9.32 -8.94
N GLU A 217 17.75 10.43 -8.85
CA GLU A 217 16.80 10.59 -7.76
C GLU A 217 15.44 10.16 -8.30
N ARG A 218 15.11 10.62 -9.50
CA ARG A 218 13.84 10.26 -10.13
C ARG A 218 13.81 8.75 -10.37
N ILE A 219 14.99 8.18 -10.58
CA ILE A 219 15.13 6.75 -10.77
C ILE A 219 14.75 6.07 -9.44
N VAL A 220 15.07 6.72 -8.34
CA VAL A 220 14.74 6.15 -7.05
C VAL A 220 13.26 6.39 -6.72
N GLU A 221 12.68 7.43 -7.32
CA GLU A 221 11.27 7.76 -7.10
C GLU A 221 10.37 6.80 -7.89
N GLU A 222 10.83 6.36 -9.06
CA GLU A 222 10.04 5.43 -9.84
C GLU A 222 10.27 4.02 -9.25
N ALA A 223 11.46 3.81 -8.69
CA ALA A 223 11.83 2.54 -8.06
C ALA A 223 10.91 2.24 -6.88
N ASN A 224 10.74 3.23 -6.00
CA ASN A 224 9.88 3.12 -4.83
C ASN A 224 8.41 2.93 -5.22
N LYS A 225 7.92 3.73 -6.17
CA LYS A 225 6.54 3.58 -6.63
C LYS A 225 6.39 2.16 -7.19
N ALA A 226 7.41 1.72 -7.92
CA ALA A 226 7.43 0.37 -8.49
C ALA A 226 7.15 -0.66 -7.39
N PHE A 227 7.72 -0.44 -6.21
CA PHE A 227 7.50 -1.33 -5.07
C PHE A 227 6.01 -1.22 -4.69
N GLU A 228 5.52 0.01 -4.56
CA GLU A 228 4.13 0.24 -4.17
C GLU A 228 3.12 -0.39 -5.14
N TYR A 229 3.42 -0.33 -6.44
CA TYR A 229 2.53 -0.93 -7.41
C TYR A 229 2.42 -2.41 -7.05
N ASN A 230 3.56 -2.99 -6.62
CA ASN A 230 3.59 -4.39 -6.22
C ASN A 230 2.78 -4.58 -4.94
N MET A 231 2.94 -3.66 -4.00
CA MET A 231 2.19 -3.73 -2.76
C MET A 231 0.71 -3.76 -3.13
N GLN A 232 0.29 -2.87 -4.02
CA GLN A 232 -1.11 -2.83 -4.37
C GLN A 232 -1.60 -4.12 -5.00
N ILE A 233 -0.73 -4.82 -5.71
CA ILE A 233 -1.14 -6.07 -6.31
C ILE A 233 -1.22 -7.11 -5.20
N PHE A 234 -0.26 -7.07 -4.28
CA PHE A 234 -0.22 -7.99 -3.16
C PHE A 234 -1.52 -7.86 -2.37
N ASN A 235 -1.95 -6.63 -2.17
CA ASN A 235 -3.19 -6.37 -1.45
C ASN A 235 -4.38 -6.97 -2.19
N GLU A 236 -4.38 -6.89 -3.52
CA GLU A 236 -5.47 -7.45 -4.33
C GLU A 236 -5.39 -8.97 -4.30
N LEU A 237 -4.26 -9.48 -3.81
CA LEU A 237 -4.06 -10.91 -3.70
C LEU A 237 -4.28 -11.35 -2.25
N ASP A 238 -3.95 -10.47 -1.30
CA ASP A 238 -4.11 -10.76 0.12
C ASP A 238 -5.55 -11.10 0.42
N GLN A 239 -6.42 -10.73 -0.51
CA GLN A 239 -7.86 -10.98 -0.41
C GLN A 239 -8.15 -12.48 -0.32
N ALA A 240 -7.65 -13.22 -1.31
CA ALA A 240 -7.86 -14.66 -1.38
C ALA A 240 -6.64 -15.45 -0.95
N GLY A 241 -5.82 -14.88 -0.08
CA GLY A 241 -4.62 -15.57 0.36
C GLY A 241 -4.60 -15.90 1.84
N SER A 242 -4.84 -17.17 2.17
CA SER A 242 -4.86 -17.63 3.56
C SER A 242 -6.10 -17.10 4.29
N MET B 30 -10.48 24.69 -12.76
CA MET B 30 -11.89 24.19 -12.74
C MET B 30 -12.59 24.47 -11.41
N ALA B 31 -12.13 23.82 -10.35
CA ALA B 31 -12.68 23.99 -9.01
C ALA B 31 -11.59 23.90 -7.93
N ASP B 32 -11.97 24.17 -6.69
CA ASP B 32 -11.02 24.13 -5.57
C ASP B 32 -10.88 22.70 -5.01
N LEU B 33 -9.77 22.45 -4.32
CA LEU B 33 -9.50 21.13 -3.76
C LEU B 33 -10.50 20.77 -2.66
N SER B 34 -10.81 21.71 -1.77
CA SER B 34 -11.77 21.43 -0.72
C SER B 34 -13.09 21.05 -1.39
N GLU B 35 -13.37 21.70 -2.50
CA GLU B 35 -14.58 21.46 -3.28
C GLU B 35 -14.46 20.08 -3.91
N LEU B 36 -13.29 19.79 -4.47
CA LEU B 36 -13.03 18.49 -5.10
C LEU B 36 -12.83 17.37 -4.07
N LEU B 37 -13.10 17.63 -2.80
CA LEU B 37 -12.95 16.60 -1.79
C LEU B 37 -14.28 16.16 -1.19
N LYS B 38 -14.99 17.09 -0.58
CA LYS B 38 -16.28 16.77 0.04
C LYS B 38 -17.15 15.93 -0.88
N GLU B 39 -17.13 16.26 -2.17
CA GLU B 39 -17.91 15.55 -3.19
C GLU B 39 -17.13 14.41 -3.84
N GLY B 40 -15.93 14.71 -4.31
CA GLY B 40 -15.11 13.72 -4.97
C GLY B 40 -15.07 12.36 -4.30
N THR B 41 -15.46 12.30 -3.04
CA THR B 41 -15.45 11.03 -2.30
C THR B 41 -16.86 10.53 -1.98
N LYS B 42 -17.81 11.00 -2.79
CA LYS B 42 -19.23 10.66 -2.68
C LYS B 42 -19.45 9.18 -2.38
N GLU B 43 -19.36 8.35 -3.41
CA GLU B 43 -19.56 6.92 -3.27
C GLU B 43 -18.76 6.31 -2.13
N ALA B 44 -17.60 6.89 -1.82
CA ALA B 44 -16.79 6.35 -0.75
C ALA B 44 -17.59 6.43 0.56
N HIS B 45 -18.30 7.53 0.74
CA HIS B 45 -19.13 7.71 1.93
C HIS B 45 -20.12 6.56 2.00
N ASP B 46 -20.65 6.24 0.82
CA ASP B 46 -21.64 5.19 0.65
C ASP B 46 -21.30 3.88 1.34
N ARG B 47 -20.49 3.04 0.66
CA ARG B 47 -20.09 1.75 1.21
C ARG B 47 -19.92 1.80 2.71
N ALA B 48 -19.40 2.93 3.19
CA ALA B 48 -19.15 3.15 4.60
C ALA B 48 -20.40 3.01 5.50
N GLU B 49 -21.58 3.26 4.95
CA GLU B 49 -22.81 3.16 5.74
C GLU B 49 -23.16 1.70 6.01
N ASN B 50 -23.26 0.95 4.93
CA ASN B 50 -23.59 -0.47 4.99
C ASN B 50 -22.48 -1.29 5.63
N THR B 51 -21.45 -0.63 6.13
CA THR B 51 -20.36 -1.36 6.77
C THR B 51 -20.85 -1.88 8.12
N GLN B 52 -21.38 -3.10 8.09
CA GLN B 52 -21.95 -3.80 9.24
C GLN B 52 -21.47 -3.31 10.59
N PHE B 53 -20.19 -3.03 10.70
CA PHE B 53 -19.63 -2.53 11.95
C PHE B 53 -20.38 -1.27 12.38
N VAL B 54 -20.56 -0.35 11.44
CA VAL B 54 -21.26 0.90 11.71
C VAL B 54 -22.77 0.65 11.62
N LYS B 55 -23.14 -0.49 11.05
CA LYS B 55 -24.53 -0.86 10.92
C LYS B 55 -25.01 -1.53 12.20
N ASP B 56 -24.05 -1.88 13.06
CA ASP B 56 -24.35 -2.52 14.34
C ASP B 56 -23.99 -1.59 15.48
N PHE B 57 -22.82 -0.96 15.38
CA PHE B 57 -22.36 -0.04 16.42
C PHE B 57 -23.31 1.14 16.55
N LEU B 58 -23.66 1.74 15.41
CA LEU B 58 -24.54 2.90 15.38
C LEU B 58 -26.02 2.54 15.60
N LYS B 59 -26.54 1.65 14.77
CA LYS B 59 -27.93 1.23 14.90
C LYS B 59 -28.40 1.20 16.35
N GLY B 60 -27.64 0.53 17.23
CA GLY B 60 -28.03 0.47 18.61
C GLY B 60 -27.33 -0.53 19.52
N ASN B 61 -26.22 -1.11 19.08
CA ASN B 61 -25.51 -2.09 19.92
C ASN B 61 -24.01 -2.25 19.64
N ILE B 62 -23.26 -2.63 20.68
CA ILE B 62 -21.82 -2.89 20.60
C ILE B 62 -21.34 -3.32 21.99
N LYS B 63 -20.70 -4.48 22.07
CA LYS B 63 -20.22 -4.98 23.36
C LYS B 63 -18.80 -4.51 23.70
N LYS B 64 -17.98 -5.44 24.15
CA LYS B 64 -16.61 -5.13 24.54
C LYS B 64 -15.57 -5.36 23.45
N GLU B 65 -14.99 -6.55 23.44
CA GLU B 65 -13.94 -6.91 22.50
C GLU B 65 -14.06 -6.32 21.09
N LEU B 66 -15.25 -5.87 20.72
CA LEU B 66 -15.44 -5.27 19.41
C LEU B 66 -14.78 -3.89 19.38
N PHE B 67 -15.27 -3.02 20.24
CA PHE B 67 -14.75 -1.67 20.36
C PHE B 67 -13.25 -1.70 20.64
N LYS B 68 -12.82 -2.74 21.35
CA LYS B 68 -11.42 -2.93 21.69
C LYS B 68 -10.62 -3.45 20.49
N LEU B 69 -11.32 -4.06 19.54
CA LEU B 69 -10.66 -4.57 18.34
C LEU B 69 -10.50 -3.37 17.42
N ALA B 70 -11.52 -2.52 17.40
CA ALA B 70 -11.51 -1.32 16.56
C ALA B 70 -10.51 -0.28 17.09
N THR B 71 -10.48 -0.09 18.41
CA THR B 71 -9.57 0.89 19.00
C THR B 71 -8.13 0.59 18.59
N THR B 72 -7.79 -0.69 18.49
CA THR B 72 -6.45 -1.07 18.08
C THR B 72 -6.22 -0.61 16.65
N ALA B 73 -7.24 -0.81 15.83
CA ALA B 73 -7.16 -0.41 14.43
C ALA B 73 -6.86 1.09 14.40
N LEU B 74 -7.65 1.87 15.13
CA LEU B 74 -7.46 3.31 15.18
C LEU B 74 -6.07 3.72 15.63
N TYR B 75 -5.61 3.14 16.73
CA TYR B 75 -4.30 3.46 17.29
C TYR B 75 -3.21 3.45 16.23
N PHE B 76 -2.91 2.26 15.73
CA PHE B 76 -1.88 2.08 14.71
C PHE B 76 -2.06 2.98 13.50
N THR B 77 -3.31 3.16 13.08
CA THR B 77 -3.61 4.04 11.95
C THR B 77 -2.97 5.40 12.18
N TYR B 78 -3.37 6.06 13.27
CA TYR B 78 -2.86 7.40 13.56
C TYR B 78 -1.39 7.50 13.87
N SER B 79 -0.83 6.45 14.48
CA SER B 79 0.59 6.49 14.79
C SER B 79 1.33 6.66 13.48
N ALA B 80 0.85 5.97 12.46
CA ALA B 80 1.48 6.01 11.16
C ALA B 80 1.16 7.35 10.47
N LEU B 81 -0.12 7.65 10.34
CA LEU B 81 -0.56 8.86 9.70
C LEU B 81 0.07 10.08 10.36
N GLU B 82 0.09 10.06 11.69
CA GLU B 82 0.66 11.17 12.45
C GLU B 82 2.17 11.07 12.62
N GLU B 83 2.76 9.96 12.22
CA GLU B 83 4.21 9.82 12.31
C GLU B 83 4.76 10.52 11.08
N GLU B 84 4.13 10.23 9.95
CA GLU B 84 4.52 10.80 8.67
C GLU B 84 4.29 12.31 8.56
N MET B 85 3.37 12.85 9.35
CA MET B 85 3.12 14.30 9.30
C MET B 85 4.25 15.00 10.04
N GLU B 86 4.90 14.29 10.95
CA GLU B 86 6.03 14.90 11.66
C GLU B 86 7.15 15.03 10.62
N ARG B 87 7.30 14.00 9.80
CA ARG B 87 8.32 14.00 8.77
C ARG B 87 8.08 15.13 7.77
N ASN B 88 6.80 15.46 7.55
CA ASN B 88 6.45 16.49 6.60
C ASN B 88 5.89 17.79 7.17
N LYS B 89 5.97 17.99 8.48
CA LYS B 89 5.44 19.20 9.10
C LYS B 89 5.97 20.49 8.46
N ASP B 90 7.13 20.41 7.80
CA ASP B 90 7.72 21.58 7.17
C ASP B 90 7.95 21.41 5.67
N HIS B 91 7.06 20.71 5.00
CA HIS B 91 7.18 20.48 3.57
C HIS B 91 6.13 21.39 2.91
N PRO B 92 6.55 22.15 1.88
CA PRO B 92 5.61 23.05 1.19
C PRO B 92 4.34 22.37 0.75
N ALA B 93 4.42 21.06 0.51
CA ALA B 93 3.25 20.34 0.07
C ALA B 93 2.49 19.70 1.23
N PHE B 94 2.67 20.25 2.44
CA PHE B 94 1.95 19.73 3.59
C PHE B 94 1.87 20.62 4.82
N ALA B 95 2.88 21.45 5.03
CA ALA B 95 2.98 22.34 6.19
C ALA B 95 1.68 23.03 6.67
N PRO B 96 0.93 23.66 5.75
CA PRO B 96 -0.32 24.34 6.13
C PRO B 96 -1.35 23.43 6.77
N LEU B 97 -1.09 22.13 6.80
CA LEU B 97 -2.04 21.18 7.35
C LEU B 97 -1.51 20.45 8.56
N TYR B 98 -0.35 20.87 9.05
CA TYR B 98 0.27 20.24 10.20
C TYR B 98 -0.11 20.92 11.52
N PHE B 99 -1.21 20.49 12.11
CA PHE B 99 -1.72 21.02 13.36
C PHE B 99 -1.60 19.97 14.47
N PRO B 100 -0.36 19.63 14.88
CA PRO B 100 -0.20 18.61 15.93
C PRO B 100 -0.82 18.96 17.28
N MET B 101 -1.07 20.24 17.53
CA MET B 101 -1.63 20.65 18.81
C MET B 101 -3.07 20.20 19.10
N GLU B 102 -3.95 20.27 18.10
CA GLU B 102 -5.36 19.91 18.28
C GLU B 102 -5.82 18.72 17.45
N LEU B 103 -4.97 18.27 16.54
CA LEU B 103 -5.35 17.16 15.67
C LEU B 103 -4.83 15.79 16.07
N HIS B 104 -3.55 15.69 16.40
CA HIS B 104 -2.98 14.40 16.72
C HIS B 104 -3.71 13.61 17.79
N ARG B 105 -3.87 12.31 17.55
CA ARG B 105 -4.59 11.44 18.48
C ARG B 105 -3.71 10.36 19.11
N LYS B 106 -2.44 10.27 18.73
CA LYS B 106 -1.59 9.23 19.28
C LYS B 106 -1.60 9.23 20.81
N GLU B 107 -1.10 10.28 21.43
CA GLU B 107 -1.06 10.40 22.90
C GLU B 107 -2.36 9.88 23.49
N ALA B 108 -3.48 10.39 22.98
CA ALA B 108 -4.78 9.97 23.46
C ALA B 108 -4.97 8.46 23.24
N LEU B 109 -4.57 7.99 22.05
CA LEU B 109 -4.72 6.58 21.74
C LEU B 109 -3.75 5.64 22.49
N THR B 110 -2.71 6.20 23.08
CA THR B 110 -1.78 5.39 23.85
C THR B 110 -2.46 5.14 25.21
N LYS B 111 -3.21 6.13 25.70
CA LYS B 111 -3.92 6.01 26.97
C LYS B 111 -5.16 5.13 26.86
N ASP B 112 -5.89 5.27 25.76
CA ASP B 112 -7.08 4.48 25.54
C ASP B 112 -6.77 2.98 25.50
N MET B 113 -5.53 2.64 25.19
CA MET B 113 -5.10 1.24 25.15
C MET B 113 -5.19 0.65 26.56
N GLU B 114 -4.36 1.17 27.47
CA GLU B 114 -4.35 0.71 28.85
C GLU B 114 -5.77 0.51 29.38
N TYR B 115 -6.54 1.59 29.39
CA TYR B 115 -7.93 1.55 29.88
C TYR B 115 -8.66 0.26 29.51
N PHE B 116 -8.38 -0.26 28.32
CA PHE B 116 -9.02 -1.48 27.89
C PHE B 116 -8.08 -2.69 27.91
N PHE B 117 -6.77 -2.43 28.00
CA PHE B 117 -5.77 -3.50 28.00
C PHE B 117 -4.95 -3.61 29.28
N GLY B 118 -3.63 -3.40 29.16
CA GLY B 118 -2.77 -3.51 30.32
C GLY B 118 -1.61 -2.54 30.39
N GLU B 119 -0.67 -2.80 31.28
CA GLU B 119 0.49 -1.93 31.45
C GLU B 119 1.61 -2.28 30.49
N ASN B 120 1.46 -3.36 29.73
CA ASN B 120 2.47 -3.77 28.77
C ASN B 120 1.86 -4.22 27.43
N TRP B 121 0.91 -3.43 26.94
CA TRP B 121 0.22 -3.75 25.70
C TRP B 121 1.09 -3.61 24.45
N GLU B 122 1.91 -2.57 24.42
CA GLU B 122 2.76 -2.32 23.24
C GLU B 122 3.52 -3.56 22.79
N GLU B 123 4.19 -4.22 23.73
CA GLU B 123 4.97 -5.40 23.39
C GLU B 123 4.10 -6.63 23.10
N GLN B 124 2.82 -6.57 23.47
CA GLN B 124 1.91 -7.67 23.28
C GLN B 124 0.89 -7.52 22.15
N VAL B 125 0.55 -6.29 21.80
CA VAL B 125 -0.44 -6.08 20.74
C VAL B 125 0.13 -5.82 19.35
N GLN B 126 -0.40 -6.54 18.35
CA GLN B 126 0.03 -6.37 16.97
C GLN B 126 -1.03 -5.58 16.21
N ALA B 127 -0.61 -4.93 15.14
CA ALA B 127 -1.53 -4.15 14.33
C ALA B 127 -2.36 -5.12 13.50
N PRO B 128 -3.70 -4.99 13.55
CA PRO B 128 -4.55 -5.89 12.76
C PRO B 128 -4.25 -5.75 11.26
N LYS B 129 -4.48 -6.83 10.52
CA LYS B 129 -4.19 -6.87 9.10
C LYS B 129 -4.85 -5.86 8.16
N ALA B 130 -6.14 -5.60 8.32
CA ALA B 130 -6.80 -4.63 7.45
C ALA B 130 -6.20 -3.27 7.72
N ALA B 131 -5.95 -2.99 9.00
CA ALA B 131 -5.36 -1.72 9.38
C ALA B 131 -3.95 -1.72 8.82
N GLN B 132 -3.34 -2.89 8.82
CA GLN B 132 -1.98 -3.06 8.33
C GLN B 132 -1.90 -2.71 6.83
N LYS B 133 -3.05 -2.55 6.19
CA LYS B 133 -3.11 -2.21 4.77
C LYS B 133 -2.95 -0.70 4.58
N TYR B 134 -3.85 0.08 5.18
CA TYR B 134 -3.81 1.54 5.09
C TYR B 134 -2.46 2.00 5.62
N VAL B 135 -2.02 1.39 6.71
CA VAL B 135 -0.71 1.73 7.29
C VAL B 135 0.39 1.66 6.23
N GLU B 136 0.36 0.64 5.37
CA GLU B 136 1.37 0.52 4.32
C GLU B 136 1.21 1.67 3.33
N ARG B 137 -0.04 1.99 3.02
CA ARG B 137 -0.32 3.05 2.07
C ARG B 137 0.12 4.38 2.65
N ILE B 138 -0.30 4.66 3.88
CA ILE B 138 0.05 5.89 4.56
C ILE B 138 1.54 6.13 4.50
N HIS B 139 2.31 5.25 5.14
CA HIS B 139 3.76 5.38 5.13
C HIS B 139 4.24 5.69 3.72
N TYR B 140 4.05 4.74 2.81
CA TYR B 140 4.47 4.95 1.42
C TYR B 140 4.22 6.41 1.00
N ILE B 141 2.96 6.81 1.02
CA ILE B 141 2.54 8.16 0.65
C ILE B 141 3.17 9.26 1.51
N GLY B 142 3.49 8.90 2.74
CA GLY B 142 4.08 9.88 3.63
C GLY B 142 5.56 10.04 3.45
N GLN B 143 6.21 9.03 2.86
CA GLN B 143 7.66 9.05 2.67
C GLN B 143 8.18 9.28 1.26
N ASN B 144 7.33 9.04 0.27
CA ASN B 144 7.75 9.18 -1.12
C ASN B 144 6.96 10.19 -1.95
N GLU B 145 5.73 10.49 -1.55
CA GLU B 145 4.91 11.46 -2.28
C GLU B 145 4.03 12.27 -1.32
N PRO B 146 4.66 13.08 -0.46
CA PRO B 146 4.02 13.94 0.54
C PRO B 146 2.96 14.91 -0.01
N GLU B 147 3.03 15.23 -1.31
CA GLU B 147 2.04 16.13 -1.88
C GLU B 147 0.67 15.48 -1.85
N LEU B 148 0.63 14.17 -1.62
CA LEU B 148 -0.65 13.46 -1.58
C LEU B 148 -1.00 13.01 -0.17
N LEU B 149 -0.22 13.48 0.81
CA LEU B 149 -0.47 13.10 2.19
C LEU B 149 -1.71 13.80 2.71
N VAL B 150 -2.11 14.88 2.03
CA VAL B 150 -3.29 15.65 2.41
C VAL B 150 -4.55 14.80 2.29
N ALA B 151 -4.60 13.92 1.30
CA ALA B 151 -5.79 13.08 1.13
C ALA B 151 -6.06 12.22 2.36
N HIS B 152 -5.02 11.64 2.96
CA HIS B 152 -5.19 10.82 4.13
C HIS B 152 -5.57 11.64 5.38
N ALA B 153 -5.05 12.86 5.47
CA ALA B 153 -5.36 13.72 6.60
C ALA B 153 -6.83 14.13 6.55
N TYR B 154 -7.30 14.47 5.35
CA TYR B 154 -8.68 14.85 5.12
C TYR B 154 -9.57 13.65 5.37
N THR B 155 -9.05 12.46 5.11
CA THR B 155 -9.81 11.24 5.29
C THR B 155 -10.15 10.95 6.76
N ARG B 156 -9.22 11.25 7.65
CA ARG B 156 -9.47 11.00 9.05
C ARG B 156 -9.96 12.20 9.83
N TYR B 157 -9.24 13.31 9.73
CA TYR B 157 -9.57 14.52 10.48
C TYR B 157 -10.80 15.32 10.05
N MET B 158 -11.07 15.42 8.76
CA MET B 158 -12.26 16.17 8.33
C MET B 158 -13.50 15.44 8.82
N GLY B 159 -13.38 14.13 9.00
CA GLY B 159 -14.50 13.34 9.49
C GLY B 159 -14.48 13.21 11.01
N ASP B 160 -13.28 13.10 11.57
CA ASP B 160 -13.12 12.98 13.02
C ASP B 160 -13.61 14.19 13.80
N LEU B 161 -13.53 15.37 13.18
CA LEU B 161 -13.98 16.60 13.82
C LEU B 161 -15.45 16.83 13.53
N SER B 162 -15.95 16.17 12.50
CA SER B 162 -17.35 16.34 12.13
C SER B 162 -18.26 15.31 12.81
N GLY B 163 -18.12 15.16 14.13
CA GLY B 163 -18.97 14.22 14.85
C GLY B 163 -18.32 13.42 15.97
N GLY B 164 -17.31 13.98 16.61
CA GLY B 164 -16.65 13.28 17.69
C GLY B 164 -17.52 13.01 18.91
N GLN B 165 -18.23 14.03 19.38
CA GLN B 165 -19.08 13.90 20.56
C GLN B 165 -20.12 12.80 20.40
N VAL B 166 -20.64 12.65 19.18
CA VAL B 166 -21.65 11.64 18.88
C VAL B 166 -21.20 10.25 19.32
N LEU B 167 -20.22 9.70 18.61
CA LEU B 167 -19.70 8.36 18.91
C LEU B 167 -19.36 8.11 20.38
N LYS B 168 -18.68 9.05 21.04
CA LYS B 168 -18.33 8.87 22.44
C LYS B 168 -19.60 8.79 23.29
N LYS B 169 -20.68 9.37 22.79
CA LYS B 169 -21.96 9.36 23.49
C LYS B 169 -22.58 7.97 23.39
N VAL B 170 -22.31 7.29 22.27
CA VAL B 170 -22.82 5.94 22.06
C VAL B 170 -21.93 4.91 22.75
N ALA B 171 -20.61 5.12 22.63
CA ALA B 171 -19.62 4.21 23.22
C ALA B 171 -19.69 4.08 24.74
N GLN B 172 -19.41 5.17 25.46
CA GLN B 172 -19.44 5.13 26.92
C GLN B 172 -20.77 4.56 27.40
N ARG B 173 -21.82 4.78 26.61
CA ARG B 173 -23.14 4.27 26.95
C ARG B 173 -23.18 2.75 26.94
N ALA B 174 -22.62 2.17 25.89
CA ALA B 174 -22.60 0.71 25.73
C ALA B 174 -21.49 0.04 26.53
N LEU B 175 -20.59 0.82 27.12
CA LEU B 175 -19.48 0.26 27.89
C LEU B 175 -19.47 0.68 29.36
N LYS B 176 -20.18 1.77 29.69
CA LYS B 176 -20.25 2.27 31.06
C LYS B 176 -18.90 2.74 31.60
N LEU B 177 -18.28 3.67 30.89
CA LEU B 177 -16.97 4.23 31.25
C LEU B 177 -17.07 5.54 32.05
N PRO B 178 -15.95 6.02 32.60
CA PRO B 178 -15.85 7.26 33.38
C PRO B 178 -15.99 8.49 32.49
N SER B 179 -17.17 9.10 32.50
CA SER B 179 -17.44 10.26 31.68
C SER B 179 -16.65 11.51 32.09
N THR B 180 -16.08 11.48 33.29
CA THR B 180 -15.32 12.60 33.83
C THR B 180 -14.13 13.09 32.96
N GLY B 181 -13.63 12.22 32.10
CA GLY B 181 -12.52 12.61 31.25
C GLY B 181 -11.45 11.56 31.12
N GLU B 182 -11.81 10.30 31.34
CA GLU B 182 -10.85 9.20 31.21
C GLU B 182 -11.53 7.94 30.67
N GLY B 183 -10.88 7.30 29.71
CA GLY B 183 -11.43 6.10 29.13
C GLY B 183 -11.19 6.00 27.63
N THR B 184 -11.75 6.97 26.91
CA THR B 184 -11.65 7.04 25.45
C THR B 184 -11.31 8.48 25.03
N GLN B 185 -10.23 9.01 25.59
CA GLN B 185 -9.81 10.38 25.29
C GLN B 185 -9.64 10.67 23.82
N PHE B 186 -9.76 9.64 22.99
CA PHE B 186 -9.63 9.77 21.55
C PHE B 186 -10.76 10.53 20.85
N TYR B 187 -11.99 10.05 21.05
CA TYR B 187 -13.18 10.63 20.43
C TYR B 187 -13.50 12.08 20.79
N LEU B 188 -12.58 12.75 21.46
CA LEU B 188 -12.79 14.15 21.85
C LEU B 188 -11.50 14.94 21.75
N PHE B 189 -11.49 15.96 20.90
CA PHE B 189 -10.31 16.79 20.70
C PHE B 189 -10.27 17.89 21.76
N GLU B 190 -9.55 17.63 22.84
CA GLU B 190 -9.45 18.57 23.94
C GLU B 190 -9.12 19.99 23.48
N ASN B 191 -8.19 20.12 22.54
CA ASN B 191 -7.80 21.42 22.04
C ASN B 191 -8.63 21.96 20.89
N VAL B 192 -9.84 21.44 20.76
CA VAL B 192 -10.74 21.90 19.72
C VAL B 192 -12.11 22.20 20.34
N ASP B 193 -12.41 23.49 20.43
CA ASP B 193 -13.65 24.01 21.00
C ASP B 193 -14.81 24.01 20.02
N ASN B 194 -14.49 24.05 18.74
CA ASN B 194 -15.51 24.04 17.69
C ASN B 194 -14.90 23.40 16.44
N ALA B 195 -15.13 22.10 16.29
CA ALA B 195 -14.62 21.34 15.15
C ALA B 195 -15.05 21.95 13.81
N GLN B 196 -16.30 22.36 13.75
CA GLN B 196 -16.85 22.95 12.54
C GLN B 196 -16.14 24.27 12.31
N GLN B 197 -15.58 24.83 13.37
CA GLN B 197 -14.84 26.08 13.27
C GLN B 197 -13.44 25.78 12.77
N PHE B 198 -12.92 24.61 13.11
CA PHE B 198 -11.59 24.25 12.65
C PHE B 198 -11.65 23.70 11.23
N LYS B 199 -12.79 23.15 10.83
CA LYS B 199 -12.92 22.64 9.48
C LYS B 199 -12.75 23.81 8.51
N GLN B 200 -13.42 24.93 8.78
CA GLN B 200 -13.31 26.10 7.91
C GLN B 200 -11.85 26.52 7.77
N LEU B 201 -11.14 26.52 8.89
CA LEU B 201 -9.73 26.89 8.85
C LEU B 201 -8.99 25.89 7.95
N TYR B 202 -9.27 24.59 8.17
CA TYR B 202 -8.65 23.50 7.41
C TYR B 202 -8.85 23.62 5.90
N ARG B 203 -10.11 23.71 5.46
CA ARG B 203 -10.41 23.82 4.03
C ARG B 203 -9.62 24.94 3.36
N ALA B 204 -9.55 26.10 4.01
CA ALA B 204 -8.82 27.22 3.46
C ALA B 204 -7.32 26.88 3.41
N ARG B 205 -6.87 26.06 4.36
CA ARG B 205 -5.47 25.67 4.39
C ARG B 205 -5.14 24.79 3.17
N MET B 206 -6.06 23.89 2.80
CA MET B 206 -5.85 23.02 1.65
C MET B 206 -5.90 23.77 0.31
N ASN B 207 -6.88 24.67 0.20
CA ASN B 207 -7.06 25.44 -1.03
C ASN B 207 -5.88 26.33 -1.33
N ALA B 208 -5.17 26.72 -0.29
CA ALA B 208 -4.01 27.56 -0.46
C ALA B 208 -2.78 26.72 -0.82
N LEU B 209 -2.98 25.46 -1.20
CA LEU B 209 -1.84 24.62 -1.57
C LEU B 209 -1.44 25.01 -2.99
N ASP B 210 -0.28 24.52 -3.44
CA ASP B 210 0.19 24.82 -4.78
C ASP B 210 0.60 23.52 -5.46
N LEU B 211 -0.22 23.08 -6.42
CA LEU B 211 0.03 21.83 -7.15
C LEU B 211 -0.59 21.91 -8.55
N ASN B 212 -0.42 20.84 -9.33
CA ASN B 212 -0.98 20.74 -10.69
C ASN B 212 -2.42 20.24 -10.61
N MET B 213 -3.05 20.07 -11.77
CA MET B 213 -4.41 19.55 -11.74
C MET B 213 -4.28 18.05 -11.80
N LYS B 214 -3.09 17.60 -12.19
CA LYS B 214 -2.79 16.18 -12.26
C LYS B 214 -2.69 15.72 -10.80
N THR B 215 -1.94 16.48 -10.02
CA THR B 215 -1.75 16.18 -8.61
C THR B 215 -3.08 16.25 -7.87
N LYS B 216 -3.95 17.16 -8.29
CA LYS B 216 -5.26 17.32 -7.66
C LYS B 216 -6.12 16.07 -7.91
N GLU B 217 -6.15 15.59 -9.15
CA GLU B 217 -6.93 14.39 -9.51
C GLU B 217 -6.44 13.16 -8.76
N ARG B 218 -5.15 13.16 -8.44
CA ARG B 218 -4.55 12.06 -7.71
C ARG B 218 -5.01 12.16 -6.26
N ILE B 219 -4.87 13.34 -5.66
CA ILE B 219 -5.28 13.53 -4.29
C ILE B 219 -6.70 12.99 -4.07
N VAL B 220 -7.62 13.36 -4.95
CA VAL B 220 -9.00 12.86 -4.86
C VAL B 220 -9.04 11.34 -4.96
N GLU B 221 -8.38 10.78 -5.97
CA GLU B 221 -8.35 9.33 -6.17
C GLU B 221 -7.69 8.67 -4.97
N GLU B 222 -6.61 9.28 -4.49
CA GLU B 222 -5.86 8.76 -3.36
C GLU B 222 -6.67 8.78 -2.08
N ALA B 223 -7.62 9.72 -1.98
CA ALA B 223 -8.48 9.83 -0.82
C ALA B 223 -9.52 8.72 -0.87
N ASN B 224 -9.98 8.41 -2.08
CA ASN B 224 -10.96 7.36 -2.25
C ASN B 224 -10.34 6.06 -1.73
N LYS B 225 -9.09 5.81 -2.12
CA LYS B 225 -8.42 4.62 -1.65
C LYS B 225 -8.46 4.60 -0.13
N ALA B 226 -8.20 5.75 0.50
CA ALA B 226 -8.22 5.86 1.95
C ALA B 226 -9.53 5.31 2.52
N PHE B 227 -10.63 5.51 1.79
CA PHE B 227 -11.94 5.01 2.22
C PHE B 227 -12.01 3.51 1.94
N GLU B 228 -11.52 3.11 0.77
CA GLU B 228 -11.55 1.71 0.40
C GLU B 228 -10.58 0.98 1.34
N TYR B 229 -10.21 1.69 2.40
CA TYR B 229 -9.32 1.16 3.41
C TYR B 229 -10.06 1.01 4.74
N ASN B 230 -10.69 2.09 5.20
CA ASN B 230 -11.44 2.03 6.45
C ASN B 230 -12.64 1.11 6.25
N MET B 231 -13.39 1.38 5.18
CA MET B 231 -14.57 0.60 4.81
C MET B 231 -14.23 -0.89 4.70
N GLN B 232 -12.94 -1.20 4.66
CA GLN B 232 -12.45 -2.57 4.57
C GLN B 232 -12.00 -2.98 5.97
N ILE B 233 -11.42 -2.04 6.71
CA ILE B 233 -10.95 -2.30 8.08
C ILE B 233 -12.09 -2.75 8.98
N PHE B 234 -13.30 -2.22 8.73
CA PHE B 234 -14.45 -2.58 9.54
C PHE B 234 -14.90 -3.99 9.20
N ASN B 235 -14.24 -4.59 8.23
CA ASN B 235 -14.61 -5.92 7.79
C ASN B 235 -13.61 -7.00 8.18
N GLU B 236 -12.82 -6.76 9.22
CA GLU B 236 -11.87 -7.74 9.70
C GLU B 236 -12.63 -8.55 10.76
N LEU B 237 -13.80 -8.04 11.12
CA LEU B 237 -14.67 -8.67 12.12
C LEU B 237 -15.60 -9.72 11.53
N ASP B 238 -15.38 -10.05 10.26
CA ASP B 238 -16.21 -11.04 9.57
C ASP B 238 -15.40 -12.29 9.22
N GLN B 239 -14.12 -12.10 8.94
CA GLN B 239 -13.21 -13.20 8.59
C GLN B 239 -12.77 -13.93 9.85
N ALA B 240 -13.31 -13.47 10.97
CA ALA B 240 -13.03 -14.01 12.28
C ALA B 240 -13.91 -13.25 13.25
N GLY B 241 -14.92 -13.92 13.78
CA GLY B 241 -15.84 -13.29 14.70
C GLY B 241 -17.25 -13.82 14.50
N SER B 242 -17.43 -14.63 13.47
CA SER B 242 -18.74 -15.21 13.18
C SER B 242 -18.79 -16.66 13.58
N THR B 243 -17.86 -17.06 14.46
CA THR B 243 -17.78 -18.43 14.95
C THR B 243 -18.20 -18.43 16.42
N LEU B 244 -18.07 -17.27 17.04
CA LEU B 244 -18.41 -17.07 18.44
C LEU B 244 -19.86 -17.45 18.73
N ALA B 245 -20.69 -17.40 17.69
CA ALA B 245 -22.10 -17.74 17.84
C ALA B 245 -22.28 -19.21 18.21
N ARG B 246 -21.19 -19.98 18.13
CA ARG B 246 -21.21 -21.40 18.45
C ARG B 246 -20.17 -21.68 19.54
N GLU B 247 -19.89 -20.66 20.35
CA GLU B 247 -18.90 -20.76 21.41
C GLU B 247 -19.39 -19.99 22.63
N THR B 248 -20.58 -19.39 22.53
CA THR B 248 -21.17 -18.61 23.62
C THR B 248 -22.67 -18.38 23.43
CHA HEM C . 17.10 -8.00 -3.55
CHB HEM C . 15.78 -10.84 0.05
CHC HEM C . 11.17 -10.11 -1.05
CHD HEM C . 12.49 -6.95 -4.45
C1A HEM C . 17.13 -8.91 -2.53
C2A HEM C . 18.36 -9.42 -1.95
C3A HEM C . 17.99 -10.21 -0.92
C4A HEM C . 16.53 -10.14 -0.85
CMA HEM C . 18.91 -10.98 0.00
CAA HEM C . 19.79 -9.04 -2.31
CBA HEM C . 20.54 -10.11 -3.14
CGA HEM C . 22.06 -9.98 -3.07
O1A HEM C . 22.72 -10.10 -4.11
O2A HEM C . 22.61 -9.76 -1.96
C1B HEM C . 14.41 -10.88 0.07
C2B HEM C . 13.64 -11.72 0.98
C3B HEM C . 12.35 -11.57 0.62
C4B HEM C . 12.32 -10.60 -0.47
CMB HEM C . 14.18 -12.58 2.11
CAB HEM C . 11.27 -12.28 1.12
CBB HEM C . 10.96 -12.29 2.53
C1C HEM C . 11.13 -9.16 -2.07
C2C HEM C . 9.90 -8.64 -2.64
C3C HEM C . 10.26 -7.76 -3.61
C4C HEM C . 11.73 -7.72 -3.60
CMC HEM C . 8.50 -9.01 -2.20
CAC HEM C . 9.41 -6.96 -4.40
CBC HEM C . 8.01 -7.30 -4.66
C1D HEM C . 13.88 -6.96 -4.49
C2D HEM C . 14.69 -6.12 -5.35
C3D HEM C . 15.96 -6.36 -5.03
C4D HEM C . 15.95 -7.42 -4.06
CMD HEM C . 14.23 -5.14 -6.40
CAD HEM C . 17.13 -5.48 -5.38
CBD HEM C . 17.58 -4.59 -4.22
CGD HEM C . 18.90 -5.05 -3.65
O1D HEM C . 19.85 -5.21 -4.44
O2D HEM C . 19.00 -5.23 -2.42
NA HEM C . 16.00 -9.35 -1.84
NB HEM C . 13.60 -10.19 -0.81
NC HEM C . 12.25 -8.58 -2.65
ND HEM C . 14.68 -7.75 -3.67
FE HEM C . 14.12 -8.85 -2.15
CHA HEM D . -21.54 13.22 6.15
CHB HEM D . -25.58 10.72 5.78
CHC HEM D . -23.32 6.83 7.36
CHD HEM D . -19.24 9.34 7.73
C1A HEM D . -22.84 12.87 5.86
C2A HEM D . -23.87 13.80 5.44
C3A HEM D . -25.01 13.08 5.34
C4A HEM D . -24.67 11.72 5.68
CMA HEM D . -26.40 13.62 5.02
CAA HEM D . -23.78 15.31 5.28
CBA HEM D . -22.55 15.80 4.51
CGA HEM D . -21.40 16.20 5.41
O1A HEM D . -20.35 16.63 4.87
O2A HEM D . -21.53 16.10 6.64
C1B HEM D . -25.33 9.46 6.24
C2B HEM D . -26.34 8.43 6.35
C3B HEM D . -25.72 7.35 6.89
C4B HEM D . -24.32 7.70 7.01
CMB HEM D . -27.76 8.48 5.80
CAB HEM D . -26.35 6.22 7.37
CBB HEM D . -27.49 6.30 8.27
C1C HEM D . -21.97 7.14 7.47
C2C HEM D . -20.96 6.23 7.96
C3C HEM D . -19.81 6.94 8.08
C4C HEM D . -20.12 8.29 7.66
CMC HEM D . -21.17 4.76 8.28
CAC HEM D . -18.57 6.45 8.52
CBC HEM D . -18.07 6.74 9.86
C1D HEM D . -19.53 10.64 7.40
C2D HEM D . -18.59 11.74 7.51
C3D HEM D . -19.21 12.84 7.01
C4D HEM D . -20.56 12.40 6.64
CMD HEM D . -17.25 11.70 8.22
CAD HEM D . -18.59 14.25 6.82
CBD HEM D . -17.56 14.30 5.69
CGD HEM D . -16.67 15.55 5.69
O1D HEM D . -16.04 15.86 6.72
O2D HEM D . -16.57 16.21 4.63
NA HEM D . -23.34 11.59 6.01
NB HEM D . -24.10 9.01 6.66
NC HEM D . -21.45 8.40 7.27
ND HEM D . -20.75 11.06 6.91
FE HEM D . -22.42 10.03 6.79
N ARG A 29 33.03 6.39 -2.65
CA ARG A 29 33.25 5.18 -3.48
C ARG A 29 31.92 4.46 -3.73
N MET A 30 30.84 5.07 -3.23
CA MET A 30 29.50 4.52 -3.36
C MET A 30 28.66 5.24 -4.38
N ALA A 31 29.24 6.25 -5.03
CA ALA A 31 28.54 7.03 -6.05
C ALA A 31 27.72 6.14 -7.00
N ASP A 32 27.94 4.84 -6.92
CA ASP A 32 27.24 3.87 -7.76
C ASP A 32 25.73 4.04 -7.69
N LEU A 33 25.09 4.09 -8.85
CA LEU A 33 23.63 4.23 -8.91
C LEU A 33 22.95 3.13 -8.09
N SER A 34 23.43 1.89 -8.23
CA SER A 34 22.87 0.76 -7.52
C SER A 34 23.02 0.90 -6.02
N GLU A 35 23.79 1.91 -5.60
CA GLU A 35 24.01 2.19 -4.18
C GLU A 35 22.87 3.06 -3.65
N LEU A 36 22.39 3.97 -4.50
CA LEU A 36 21.29 4.85 -4.11
C LEU A 36 19.96 4.07 -4.12
N LEU A 37 19.89 3.04 -4.96
CA LEU A 37 18.69 2.22 -5.09
C LEU A 37 18.42 1.34 -3.85
N LYS A 38 19.40 0.51 -3.49
CA LYS A 38 19.24 -0.38 -2.35
C LYS A 38 18.97 0.42 -1.08
N GLU A 39 19.57 1.60 -0.98
CA GLU A 39 19.35 2.45 0.19
C GLU A 39 17.94 3.07 0.11
N GLY A 40 17.67 3.75 -0.98
CA GLY A 40 16.39 4.41 -1.18
C GLY A 40 15.15 3.51 -1.13
N THR A 41 15.30 2.24 -1.49
CA THR A 41 14.16 1.35 -1.49
C THR A 41 14.17 0.39 -0.30
N LYS A 42 15.12 0.60 0.61
CA LYS A 42 15.27 -0.24 1.80
C LYS A 42 13.98 -0.36 2.58
N GLU A 43 13.47 0.77 3.06
CA GLU A 43 12.23 0.77 3.82
C GLU A 43 11.06 0.25 3.00
N ALA A 44 11.16 0.38 1.68
CA ALA A 44 10.09 -0.15 0.84
C ALA A 44 10.20 -1.69 0.71
N HIS A 45 11.40 -2.21 0.45
CA HIS A 45 11.59 -3.66 0.34
C HIS A 45 11.27 -4.30 1.68
N ASP A 46 11.78 -3.70 2.74
CA ASP A 46 11.54 -4.24 4.06
C ASP A 46 10.06 -4.14 4.41
N ARG A 47 9.36 -3.26 3.70
CA ARG A 47 7.92 -3.10 3.93
C ARG A 47 7.23 -4.21 3.11
N ALA A 48 7.87 -4.59 2.01
CA ALA A 48 7.38 -5.63 1.10
C ALA A 48 7.51 -7.04 1.66
N GLU A 49 8.47 -7.22 2.56
CA GLU A 49 8.70 -8.52 3.18
C GLU A 49 7.65 -8.93 4.21
N ASN A 50 6.82 -7.99 4.65
CA ASN A 50 5.82 -8.31 5.68
C ASN A 50 4.33 -8.23 5.38
N THR A 51 3.93 -7.89 4.16
CA THR A 51 2.50 -7.82 3.90
C THR A 51 1.85 -9.21 4.01
N GLN A 52 0.54 -9.25 4.17
CA GLN A 52 -0.20 -10.50 4.32
C GLN A 52 0.08 -11.52 3.22
N PHE A 53 -0.13 -11.11 1.98
CA PHE A 53 0.10 -12.03 0.87
C PHE A 53 1.50 -12.61 0.98
N VAL A 54 2.46 -11.79 1.41
CA VAL A 54 3.82 -12.27 1.59
C VAL A 54 3.70 -13.48 2.52
N LYS A 55 3.50 -13.20 3.80
CA LYS A 55 3.34 -14.23 4.81
C LYS A 55 2.32 -15.31 4.40
N ASP A 56 1.56 -15.05 3.34
CA ASP A 56 0.58 -16.00 2.85
C ASP A 56 1.29 -17.07 2.03
N PHE A 57 1.91 -16.65 0.93
CA PHE A 57 2.63 -17.57 0.06
C PHE A 57 3.76 -18.32 0.79
N LEU A 58 4.42 -17.62 1.71
CA LEU A 58 5.52 -18.19 2.44
C LEU A 58 5.09 -19.26 3.45
N LYS A 59 3.86 -19.19 3.94
CA LYS A 59 3.42 -20.22 4.88
C LYS A 59 3.04 -21.47 4.07
N GLY A 60 2.52 -21.26 2.87
CA GLY A 60 2.13 -22.36 2.01
C GLY A 60 0.62 -22.47 1.96
N ASN A 61 -0.05 -21.45 2.50
CA ASN A 61 -1.51 -21.40 2.55
C ASN A 61 -2.11 -20.98 1.21
N ILE A 62 -1.25 -20.69 0.25
CA ILE A 62 -1.70 -20.27 -1.07
C ILE A 62 -2.27 -21.46 -1.86
N LYS A 63 -3.51 -21.31 -2.32
CA LYS A 63 -4.20 -22.36 -3.08
C LYS A 63 -4.21 -22.12 -4.59
N LYS A 64 -4.15 -23.20 -5.34
CA LYS A 64 -4.09 -23.14 -6.81
C LYS A 64 -4.71 -21.91 -7.47
N GLU A 65 -6.04 -21.79 -7.43
CA GLU A 65 -6.69 -20.66 -8.05
C GLU A 65 -6.04 -19.31 -7.71
N LEU A 66 -5.76 -19.07 -6.44
CA LEU A 66 -5.14 -17.81 -6.04
C LEU A 66 -3.74 -17.69 -6.63
N PHE A 67 -3.07 -18.83 -6.81
CA PHE A 67 -1.74 -18.81 -7.39
C PHE A 67 -1.89 -18.43 -8.88
N LYS A 68 -2.97 -18.92 -9.48
CA LYS A 68 -3.26 -18.63 -10.87
C LYS A 68 -3.49 -17.13 -11.05
N LEU A 69 -4.10 -16.50 -10.06
CA LEU A 69 -4.37 -15.06 -10.09
C LEU A 69 -3.04 -14.31 -10.02
N ALA A 70 -2.16 -14.78 -9.14
CA ALA A 70 -0.84 -14.19 -8.97
C ALA A 70 -0.01 -14.32 -10.26
N THR A 71 -0.04 -15.49 -10.87
CA THR A 71 0.70 -15.73 -12.11
C THR A 71 0.15 -14.80 -13.21
N THR A 72 -1.18 -14.62 -13.23
CA THR A 72 -1.80 -13.75 -14.21
C THR A 72 -1.22 -12.34 -14.11
N ALA A 73 -1.23 -11.80 -12.90
CA ALA A 73 -0.69 -10.47 -12.69
C ALA A 73 0.77 -10.46 -13.16
N LEU A 74 1.49 -11.52 -12.83
CA LEU A 74 2.88 -11.64 -13.22
C LEU A 74 3.05 -11.62 -14.75
N TYR A 75 2.17 -12.31 -15.48
CA TYR A 75 2.25 -12.35 -16.94
C TYR A 75 2.04 -10.99 -17.61
N PHE A 76 0.93 -10.32 -17.28
CA PHE A 76 0.64 -9.01 -17.85
C PHE A 76 1.68 -7.98 -17.48
N THR A 77 2.13 -8.02 -16.24
CA THR A 77 3.14 -7.07 -15.77
C THR A 77 4.45 -7.18 -16.54
N TYR A 78 5.00 -8.39 -16.65
CA TYR A 78 6.26 -8.55 -17.36
C TYR A 78 6.10 -8.32 -18.85
N SER A 79 4.84 -8.26 -19.30
CA SER A 79 4.58 -8.02 -20.72
C SER A 79 4.78 -6.54 -21.03
N ALA A 80 4.45 -5.68 -20.08
CA ALA A 80 4.59 -4.25 -20.28
C ALA A 80 6.05 -3.83 -20.14
N LEU A 81 6.72 -4.45 -19.17
CA LEU A 81 8.11 -4.12 -18.92
C LEU A 81 9.02 -4.61 -20.04
N GLU A 82 8.87 -5.87 -20.42
CA GLU A 82 9.70 -6.43 -21.48
C GLU A 82 9.40 -5.81 -22.85
N GLU A 83 8.22 -5.19 -22.96
CA GLU A 83 7.80 -4.54 -24.19
C GLU A 83 8.54 -3.19 -24.28
N GLU A 84 8.44 -2.40 -23.22
CA GLU A 84 9.10 -1.10 -23.19
C GLU A 84 10.61 -1.23 -23.29
N MET A 85 11.21 -2.04 -22.42
CA MET A 85 12.66 -2.24 -22.45
C MET A 85 13.08 -2.54 -23.88
N GLU A 86 12.21 -3.26 -24.58
CA GLU A 86 12.45 -3.62 -25.97
C GLU A 86 12.46 -2.35 -26.81
N ARG A 87 11.40 -1.56 -26.68
CA ARG A 87 11.29 -0.31 -27.42
C ARG A 87 12.57 0.51 -27.24
N ASN A 88 13.15 0.47 -26.04
CA ASN A 88 14.37 1.21 -25.75
C ASN A 88 15.61 0.31 -25.79
N LYS A 89 15.48 -0.87 -26.38
CA LYS A 89 16.60 -1.82 -26.46
C LYS A 89 17.94 -1.19 -26.85
N ASP A 90 17.89 -0.06 -27.52
CA ASP A 90 19.12 0.62 -27.92
C ASP A 90 19.27 2.04 -27.39
N HIS A 91 18.45 2.39 -26.41
CA HIS A 91 18.53 3.73 -25.82
C HIS A 91 19.77 3.89 -24.93
N PRO A 92 20.50 5.00 -25.09
CA PRO A 92 21.71 5.26 -24.31
C PRO A 92 21.52 5.09 -22.81
N ALA A 93 20.31 5.34 -22.33
CA ALA A 93 20.01 5.25 -20.91
C ALA A 93 19.50 3.89 -20.43
N PHE A 94 19.31 2.95 -21.34
CA PHE A 94 18.84 1.63 -20.95
C PHE A 94 19.52 0.47 -21.66
N ALA A 95 19.86 0.67 -22.93
CA ALA A 95 20.47 -0.37 -23.76
C ALA A 95 21.36 -1.41 -23.05
N PRO A 96 22.26 -0.96 -22.17
CA PRO A 96 23.14 -1.90 -21.46
C PRO A 96 22.43 -2.95 -20.60
N LEU A 97 21.14 -2.74 -20.33
CA LEU A 97 20.40 -3.69 -19.50
C LEU A 97 19.43 -4.57 -20.27
N TYR A 98 19.56 -4.58 -21.60
CA TYR A 98 18.67 -5.37 -22.43
C TYR A 98 19.09 -6.83 -22.56
N PHE A 99 18.62 -7.65 -21.61
CA PHE A 99 18.97 -9.06 -21.59
C PHE A 99 17.81 -9.98 -21.96
N PRO A 100 17.36 -9.93 -23.22
CA PRO A 100 16.25 -10.81 -23.59
C PRO A 100 16.52 -12.29 -23.34
N MET A 101 17.77 -12.71 -23.51
CA MET A 101 18.09 -14.13 -23.32
C MET A 101 18.34 -14.51 -21.85
N GLU A 102 18.88 -13.58 -21.06
CA GLU A 102 19.15 -13.85 -19.65
C GLU A 102 17.99 -13.62 -18.67
N LEU A 103 17.35 -12.46 -18.77
CA LEU A 103 16.28 -12.12 -17.83
C LEU A 103 14.80 -12.21 -18.20
N HIS A 104 14.45 -12.05 -19.48
CA HIS A 104 13.04 -12.07 -19.86
C HIS A 104 12.19 -13.26 -19.40
N ARG A 105 10.94 -12.96 -19.02
CA ARG A 105 10.02 -13.97 -18.53
C ARG A 105 8.71 -14.04 -19.32
N LYS A 106 8.47 -13.07 -20.20
CA LYS A 106 7.21 -13.02 -20.96
C LYS A 106 6.71 -14.36 -21.51
N GLU A 107 7.62 -15.28 -21.84
CA GLU A 107 7.23 -16.61 -22.36
C GLU A 107 7.06 -17.66 -21.25
N ALA A 108 7.98 -17.63 -20.29
CA ALA A 108 7.97 -18.57 -19.16
C ALA A 108 6.61 -18.65 -18.47
N LEU A 109 6.01 -17.48 -18.27
CA LEU A 109 4.71 -17.40 -17.63
C LEU A 109 3.68 -18.05 -18.55
N THR A 110 3.84 -17.85 -19.86
CA THR A 110 2.91 -18.45 -20.82
C THR A 110 2.84 -19.95 -20.57
N LYS A 111 4.00 -20.56 -20.35
CA LYS A 111 4.07 -21.99 -20.08
C LYS A 111 3.18 -22.33 -18.88
N ASP A 112 3.35 -21.58 -17.78
CA ASP A 112 2.57 -21.80 -16.56
C ASP A 112 1.10 -21.65 -16.87
N MET A 113 0.79 -20.63 -17.66
CA MET A 113 -0.58 -20.37 -18.07
C MET A 113 -1.03 -21.55 -18.93
N GLU A 114 -0.08 -22.27 -19.53
CA GLU A 114 -0.38 -23.42 -20.35
C GLU A 114 -0.76 -24.54 -19.41
N TYR A 115 0.04 -24.70 -18.36
CA TYR A 115 -0.17 -25.73 -17.36
C TYR A 115 -1.37 -25.50 -16.44
N PHE A 116 -1.56 -24.28 -15.95
CA PHE A 116 -2.66 -24.00 -15.03
C PHE A 116 -4.04 -23.76 -15.67
N PHE A 117 -4.13 -22.81 -16.58
CA PHE A 117 -5.40 -22.48 -17.20
C PHE A 117 -5.85 -23.42 -18.32
N GLY A 118 -4.94 -23.74 -19.23
CA GLY A 118 -5.28 -24.61 -20.37
C GLY A 118 -4.81 -24.00 -21.69
N GLU A 119 -5.38 -24.47 -22.80
CA GLU A 119 -4.99 -23.97 -24.13
C GLU A 119 -5.41 -22.52 -24.44
N ASN A 120 -6.71 -22.24 -24.38
CA ASN A 120 -7.19 -20.89 -24.65
C ASN A 120 -7.25 -20.06 -23.36
N TRP A 121 -6.16 -20.12 -22.60
CA TRP A 121 -6.08 -19.43 -21.34
C TRP A 121 -6.18 -17.92 -21.47
N GLU A 122 -6.18 -17.44 -22.71
CA GLU A 122 -6.25 -16.01 -22.98
C GLU A 122 -7.58 -15.36 -22.56
N GLU A 123 -8.67 -15.77 -23.17
CA GLU A 123 -9.97 -15.22 -22.83
C GLU A 123 -10.42 -15.68 -21.45
N GLN A 124 -9.74 -16.69 -20.91
CA GLN A 124 -10.07 -17.22 -19.59
C GLN A 124 -9.58 -16.26 -18.52
N VAL A 125 -8.59 -15.47 -18.90
CA VAL A 125 -7.93 -14.55 -17.99
C VAL A 125 -8.20 -13.06 -18.14
N GLN A 126 -8.15 -12.35 -17.02
CA GLN A 126 -8.31 -10.90 -17.01
C GLN A 126 -7.44 -10.32 -15.89
N ALA A 127 -6.48 -9.49 -16.28
CA ALA A 127 -5.55 -8.86 -15.36
C ALA A 127 -6.26 -8.25 -14.16
N PRO A 128 -5.61 -8.30 -12.97
CA PRO A 128 -6.15 -7.74 -11.73
C PRO A 128 -6.09 -6.22 -11.82
N LYS A 129 -7.00 -5.54 -11.12
CA LYS A 129 -7.04 -4.08 -11.13
C LYS A 129 -5.66 -3.42 -11.07
N ALA A 130 -4.91 -3.67 -10.00
CA ALA A 130 -3.60 -3.06 -9.83
C ALA A 130 -2.56 -3.52 -10.86
N ALA A 131 -2.81 -4.68 -11.46
CA ALA A 131 -1.91 -5.21 -12.47
C ALA A 131 -1.99 -4.34 -13.71
N GLN A 132 -3.21 -4.08 -14.17
CA GLN A 132 -3.41 -3.24 -15.33
C GLN A 132 -2.87 -1.85 -14.97
N LYS A 133 -3.17 -1.39 -13.76
CA LYS A 133 -2.70 -0.07 -13.31
C LYS A 133 -1.19 -0.05 -13.42
N TYR A 134 -0.57 -1.16 -13.03
CA TYR A 134 0.88 -1.31 -13.06
C TYR A 134 1.36 -1.31 -14.51
N VAL A 135 0.70 -2.09 -15.36
CA VAL A 135 1.04 -2.18 -16.77
C VAL A 135 0.97 -0.83 -17.51
N GLU A 136 -0.07 -0.08 -17.23
CA GLU A 136 -0.24 1.23 -17.87
C GLU A 136 0.97 2.11 -17.56
N ARG A 137 1.30 2.23 -16.28
CA ARG A 137 2.45 3.05 -15.91
C ARG A 137 3.72 2.56 -16.57
N ILE A 138 3.83 1.24 -16.73
CA ILE A 138 5.01 0.69 -17.36
C ILE A 138 5.08 1.28 -18.78
N HIS A 139 4.11 0.91 -19.62
CA HIS A 139 4.05 1.42 -20.99
C HIS A 139 4.25 2.92 -20.97
N TYR A 140 3.63 3.56 -19.98
CA TYR A 140 3.73 5.00 -19.83
C TYR A 140 5.15 5.44 -19.61
N ILE A 141 5.82 4.81 -18.66
CA ILE A 141 7.21 5.15 -18.35
C ILE A 141 8.12 4.96 -19.55
N GLY A 142 7.84 3.93 -20.33
CA GLY A 142 8.66 3.65 -21.50
C GLY A 142 8.19 4.45 -22.72
N GLN A 143 6.98 4.98 -22.63
CA GLN A 143 6.43 5.74 -23.72
C GLN A 143 6.57 7.24 -23.52
N ASN A 144 7.20 7.66 -22.42
CA ASN A 144 7.35 9.09 -22.19
C ASN A 144 8.55 9.52 -21.37
N GLU A 145 9.21 8.57 -20.71
CA GLU A 145 10.39 8.85 -19.88
C GLU A 145 11.30 7.63 -19.76
N PRO A 146 11.99 7.27 -20.87
CA PRO A 146 12.89 6.12 -20.90
C PRO A 146 14.01 6.11 -19.85
N GLU A 147 14.31 7.27 -19.28
CA GLU A 147 15.36 7.36 -18.27
C GLU A 147 14.96 6.68 -16.95
N LEU A 148 13.66 6.39 -16.77
CA LEU A 148 13.19 5.75 -15.53
C LEU A 148 12.86 4.27 -15.72
N LEU A 149 13.12 3.74 -16.92
CA LEU A 149 12.84 2.34 -17.22
C LEU A 149 13.82 1.42 -16.50
N VAL A 150 15.02 1.94 -16.22
CA VAL A 150 16.06 1.19 -15.54
C VAL A 150 15.62 0.90 -14.10
N ALA A 151 14.81 1.81 -13.54
CA ALA A 151 14.30 1.66 -12.19
C ALA A 151 13.43 0.40 -12.09
N HIS A 152 12.37 0.35 -12.88
CA HIS A 152 11.46 -0.79 -12.88
C HIS A 152 12.20 -2.10 -13.05
N ALA A 153 12.93 -2.23 -14.16
CA ALA A 153 13.71 -3.41 -14.48
C ALA A 153 14.40 -3.88 -13.20
N TYR A 154 15.00 -2.92 -12.48
CA TYR A 154 15.66 -3.17 -11.21
C TYR A 154 14.65 -3.87 -10.31
N THR A 155 13.87 -3.08 -9.58
CA THR A 155 12.84 -3.57 -8.66
C THR A 155 12.35 -4.99 -8.96
N ARG A 156 12.05 -5.26 -10.22
CA ARG A 156 11.55 -6.57 -10.61
C ARG A 156 12.61 -7.65 -10.80
N TYR A 157 13.31 -7.62 -11.93
CA TYR A 157 14.31 -8.65 -12.21
C TYR A 157 15.33 -8.75 -11.11
N MET A 158 15.73 -7.60 -10.58
CA MET A 158 16.72 -7.56 -9.51
C MET A 158 16.24 -8.24 -8.23
N GLY A 159 14.93 -8.46 -8.12
CA GLY A 159 14.39 -9.14 -6.95
C GLY A 159 14.18 -10.61 -7.28
N ASP A 160 13.85 -10.89 -8.54
CA ASP A 160 13.59 -12.25 -9.00
C ASP A 160 14.79 -13.19 -8.95
N LEU A 161 15.96 -12.66 -9.27
CA LEU A 161 17.20 -13.45 -9.26
C LEU A 161 17.62 -13.79 -7.82
N SER A 162 16.83 -13.34 -6.84
CA SER A 162 17.14 -13.54 -5.43
C SER A 162 16.25 -14.52 -4.66
N GLY A 163 14.98 -14.62 -5.03
CA GLY A 163 14.09 -15.51 -4.32
C GLY A 163 13.58 -16.71 -5.10
N GLY A 164 13.78 -16.68 -6.41
CA GLY A 164 13.33 -17.77 -7.27
C GLY A 164 13.46 -19.16 -6.72
N GLN A 165 14.68 -19.59 -6.41
CA GLN A 165 14.94 -20.94 -5.88
C GLN A 165 13.99 -21.26 -4.74
N VAL A 166 13.92 -20.35 -3.77
CA VAL A 166 13.05 -20.51 -2.61
C VAL A 166 11.59 -20.49 -3.05
N LEU A 167 11.10 -19.37 -3.57
CA LEU A 167 9.70 -19.26 -4.00
C LEU A 167 9.28 -20.47 -4.83
N LYS A 168 10.20 -20.97 -5.63
CA LYS A 168 9.95 -22.13 -6.48
C LYS A 168 9.64 -23.34 -5.58
N LYS A 169 10.53 -23.59 -4.62
CA LYS A 169 10.36 -24.71 -3.70
C LYS A 169 9.11 -24.57 -2.84
N VAL A 170 8.78 -23.35 -2.45
CA VAL A 170 7.58 -23.16 -1.65
C VAL A 170 6.37 -23.41 -2.52
N ALA A 171 6.38 -22.88 -3.73
CA ALA A 171 5.28 -23.07 -4.67
C ALA A 171 5.03 -24.56 -4.97
N GLN A 172 6.09 -25.33 -5.24
CA GLN A 172 5.94 -26.75 -5.57
C GLN A 172 5.33 -27.58 -4.44
N ARG A 173 5.78 -27.30 -3.22
CA ARG A 173 5.30 -28.02 -2.04
C ARG A 173 3.85 -27.76 -1.68
N ALA A 174 3.41 -26.50 -1.77
CA ALA A 174 2.04 -26.15 -1.42
C ALA A 174 1.00 -26.60 -2.43
N LEU A 175 1.37 -26.55 -3.70
CA LEU A 175 0.45 -26.91 -4.76
C LEU A 175 0.67 -28.32 -5.28
N LYS A 176 1.67 -28.98 -4.70
CA LYS A 176 2.01 -30.34 -5.12
C LYS A 176 2.10 -30.34 -6.64
N LEU A 177 3.01 -29.52 -7.17
CA LEU A 177 3.22 -29.39 -8.62
C LEU A 177 4.28 -30.35 -9.17
N PRO A 178 4.43 -30.42 -10.49
CA PRO A 178 5.43 -31.31 -11.09
C PRO A 178 6.83 -30.93 -10.62
N SER A 179 7.66 -31.94 -10.39
CA SER A 179 9.02 -31.72 -9.93
C SER A 179 9.90 -31.30 -11.10
N THR A 180 9.30 -31.24 -12.29
CA THR A 180 10.05 -30.85 -13.48
C THR A 180 9.85 -29.39 -13.89
N GLY A 181 9.34 -28.59 -12.96
CA GLY A 181 9.14 -27.18 -13.21
C GLY A 181 7.82 -26.69 -13.79
N GLU A 182 6.94 -27.63 -14.17
CA GLU A 182 5.64 -27.27 -14.75
C GLU A 182 4.86 -26.35 -13.82
N GLY A 183 4.65 -25.10 -14.26
CA GLY A 183 3.90 -24.17 -13.46
C GLY A 183 4.74 -23.16 -12.69
N THR A 184 6.04 -23.42 -12.57
CA THR A 184 6.89 -22.50 -11.83
C THR A 184 8.19 -22.18 -12.55
N GLN A 185 8.17 -22.12 -13.88
CA GLN A 185 9.38 -21.80 -14.61
C GLN A 185 9.75 -20.32 -14.52
N PHE A 186 8.80 -19.51 -14.10
CA PHE A 186 9.05 -18.07 -13.94
C PHE A 186 10.18 -17.84 -12.94
N TYR A 187 10.34 -18.79 -12.03
CA TYR A 187 11.35 -18.69 -10.97
C TYR A 187 12.69 -19.32 -11.30
N LEU A 188 12.80 -19.90 -12.49
CA LEU A 188 14.03 -20.54 -12.96
C LEU A 188 14.68 -19.76 -14.09
N PHE A 189 15.91 -19.32 -13.87
CA PHE A 189 16.66 -18.58 -14.89
C PHE A 189 17.74 -19.52 -15.48
N GLU A 190 17.36 -20.21 -16.55
CA GLU A 190 18.21 -21.18 -17.25
C GLU A 190 19.41 -20.59 -17.99
N ASN A 191 19.46 -19.27 -18.09
CA ASN A 191 20.56 -18.63 -18.79
C ASN A 191 21.38 -17.70 -17.92
N VAL A 192 21.60 -18.12 -16.68
CA VAL A 192 22.39 -17.37 -15.74
C VAL A 192 23.20 -18.41 -14.98
N ASP A 193 24.50 -18.49 -15.26
CA ASP A 193 25.34 -19.47 -14.60
C ASP A 193 25.06 -19.40 -13.10
N ASN A 194 25.15 -18.20 -12.54
CA ASN A 194 24.91 -18.02 -11.12
C ASN A 194 24.21 -16.69 -10.82
N ALA A 195 22.95 -16.78 -10.39
CA ALA A 195 22.17 -15.57 -10.06
C ALA A 195 23.02 -14.51 -9.36
N GLN A 196 23.83 -14.94 -8.41
CA GLN A 196 24.67 -13.99 -7.68
C GLN A 196 25.73 -13.34 -8.58
N GLN A 197 26.22 -14.06 -9.59
CA GLN A 197 27.21 -13.50 -10.50
C GLN A 197 26.56 -12.52 -11.48
N PHE A 198 25.50 -12.97 -12.16
CA PHE A 198 24.84 -12.09 -13.11
C PHE A 198 24.30 -10.88 -12.37
N LYS A 199 23.83 -11.11 -11.14
CA LYS A 199 23.30 -10.01 -10.37
C LYS A 199 24.43 -8.99 -10.31
N GLN A 200 25.56 -9.41 -9.77
CA GLN A 200 26.71 -8.52 -9.63
C GLN A 200 27.22 -7.97 -10.97
N LEU A 201 26.76 -8.53 -12.08
CA LEU A 201 27.16 -8.03 -13.38
C LEU A 201 26.23 -6.89 -13.76
N TYR A 202 24.97 -7.03 -13.35
CA TYR A 202 23.92 -6.04 -13.62
C TYR A 202 24.17 -4.69 -12.91
N ARG A 203 24.55 -4.74 -11.63
CA ARG A 203 24.81 -3.52 -10.90
C ARG A 203 25.79 -2.63 -11.65
N ALA A 204 26.89 -3.23 -12.08
CA ALA A 204 27.92 -2.51 -12.80
C ALA A 204 27.34 -1.82 -14.04
N ARG A 205 26.48 -2.52 -14.76
CA ARG A 205 25.86 -1.96 -15.94
C ARG A 205 25.13 -0.67 -15.62
N MET A 206 24.48 -0.63 -14.46
CA MET A 206 23.76 0.58 -14.05
C MET A 206 24.76 1.63 -13.64
N ASN A 207 25.81 1.24 -12.93
CA ASN A 207 26.82 2.21 -12.52
C ASN A 207 27.50 2.75 -13.76
N ALA A 208 27.64 1.89 -14.77
CA ALA A 208 28.26 2.31 -16.01
C ALA A 208 27.39 3.45 -16.55
N LEU A 209 26.14 3.48 -16.11
CA LEU A 209 25.24 4.54 -16.53
C LEU A 209 25.56 5.77 -15.66
N ASP A 210 26.42 6.63 -16.22
CA ASP A 210 26.85 7.87 -15.59
C ASP A 210 25.71 8.87 -15.66
N LEU A 211 25.32 9.40 -14.51
CA LEU A 211 24.21 10.34 -14.47
C LEU A 211 24.39 11.35 -13.34
N ASN A 212 23.64 12.45 -13.39
CA ASN A 212 23.71 13.46 -12.34
C ASN A 212 22.72 13.02 -11.28
N MET A 213 22.92 13.44 -10.04
CA MET A 213 22.05 13.02 -8.95
C MET A 213 20.56 13.37 -9.12
N LYS A 214 20.29 14.56 -9.64
CA LYS A 214 18.92 15.03 -9.83
C LYS A 214 18.09 13.99 -10.58
N THR A 215 18.70 13.39 -11.59
CA THR A 215 18.05 12.37 -12.43
C THR A 215 18.47 10.98 -11.97
N LYS A 216 19.03 10.92 -10.77
CA LYS A 216 19.46 9.65 -10.21
C LYS A 216 18.45 9.32 -9.12
N GLU A 217 18.08 10.32 -8.32
CA GLU A 217 17.13 10.08 -7.27
C GLU A 217 15.78 9.71 -7.87
N ARG A 218 15.38 10.40 -8.94
CA ARG A 218 14.10 10.09 -9.58
C ARG A 218 14.02 8.58 -9.84
N ILE A 219 15.06 8.02 -10.44
CA ILE A 219 15.10 6.59 -10.69
C ILE A 219 14.73 5.86 -9.39
N VAL A 220 15.11 6.43 -8.26
CA VAL A 220 14.81 5.83 -6.98
C VAL A 220 13.30 5.99 -6.67
N GLU A 221 12.70 7.03 -7.24
CA GLU A 221 11.28 7.32 -7.04
C GLU A 221 10.41 6.36 -7.83
N GLU A 222 10.68 6.24 -9.13
CA GLU A 222 9.90 5.33 -9.95
C GLU A 222 10.15 3.94 -9.34
N ALA A 223 11.33 3.78 -8.72
CA ALA A 223 11.71 2.53 -8.06
C ALA A 223 10.73 2.24 -6.94
N ASN A 224 10.52 3.24 -6.08
CA ASN A 224 9.57 3.12 -4.97
C ASN A 224 8.16 2.98 -5.52
N LYS A 225 7.88 3.63 -6.64
CA LYS A 225 6.57 3.52 -7.28
C LYS A 225 6.44 2.06 -7.75
N ALA A 226 7.53 1.54 -8.30
CA ALA A 226 7.59 0.17 -8.78
C ALA A 226 7.25 -0.80 -7.63
N PHE A 227 7.76 -0.53 -6.43
CA PHE A 227 7.47 -1.38 -5.28
C PHE A 227 6.00 -1.23 -4.83
N GLU A 228 5.52 0.01 -4.74
CA GLU A 228 4.15 0.23 -4.29
C GLU A 228 3.09 -0.41 -5.19
N TYR A 229 3.32 -0.38 -6.51
CA TYR A 229 2.37 -1.00 -7.42
C TYR A 229 2.32 -2.48 -7.02
N ASN A 230 3.50 -3.02 -6.67
CA ASN A 230 3.59 -4.42 -6.24
C ASN A 230 2.80 -4.58 -4.95
N MET A 231 2.99 -3.64 -4.03
CA MET A 231 2.26 -3.70 -2.78
C MET A 231 0.77 -3.69 -3.12
N GLN A 232 0.37 -2.82 -4.05
CA GLN A 232 -1.04 -2.76 -4.38
C GLN A 232 -1.58 -4.06 -4.97
N ILE A 233 -0.71 -4.80 -5.65
CA ILE A 233 -1.15 -6.06 -6.22
C ILE A 233 -1.21 -7.07 -5.08
N PHE A 234 -0.23 -7.00 -4.19
CA PHE A 234 -0.17 -7.90 -3.03
C PHE A 234 -1.30 -7.61 -2.06
N ASN A 235 -1.52 -6.34 -1.76
CA ASN A 235 -2.56 -5.89 -0.84
C ASN A 235 -3.93 -6.32 -1.33
N GLU A 236 -4.11 -6.45 -2.63
CA GLU A 236 -5.42 -6.84 -3.13
C GLU A 236 -5.55 -8.36 -3.34
N LEU A 237 -4.42 -9.04 -3.57
CA LEU A 237 -4.43 -10.48 -3.76
C LEU A 237 -4.96 -11.21 -2.51
N ASP A 238 -4.75 -10.60 -1.34
CA ASP A 238 -5.22 -11.16 -0.06
C ASP A 238 -6.73 -11.01 0.12
N GLN A 239 -7.27 -9.86 -0.29
CA GLN A 239 -8.70 -9.57 -0.17
C GLN A 239 -9.65 -10.75 -0.43
N ALA A 240 -9.12 -11.81 -1.03
CA ALA A 240 -9.90 -12.99 -1.32
C ALA A 240 -10.09 -13.81 -0.05
N GLY A 241 -10.66 -15.00 -0.20
CA GLY A 241 -10.87 -15.86 0.95
C GLY A 241 -11.97 -15.40 1.89
N SER A 242 -11.80 -14.23 2.50
CA SER A 242 -12.79 -13.69 3.42
C SER A 242 -13.20 -14.77 4.42
N MET B 30 -12.05 20.82 -11.83
CA MET B 30 -12.11 22.27 -12.20
C MET B 30 -12.65 23.14 -11.07
N ALA B 31 -12.30 22.81 -9.83
CA ALA B 31 -12.80 23.59 -8.70
C ALA B 31 -11.88 23.53 -7.48
N ASP B 32 -12.44 23.85 -6.32
CA ASP B 32 -11.68 23.80 -5.07
C ASP B 32 -11.42 22.36 -4.67
N LEU B 33 -10.27 22.11 -4.06
CA LEU B 33 -9.89 20.77 -3.64
C LEU B 33 -10.85 20.33 -2.52
N SER B 34 -11.09 21.23 -1.58
CA SER B 34 -11.99 20.95 -0.47
C SER B 34 -13.31 20.36 -0.95
N GLU B 35 -13.80 20.89 -2.07
CA GLU B 35 -15.06 20.44 -2.63
C GLU B 35 -14.83 19.47 -3.78
N LEU B 36 -13.60 19.39 -4.25
CA LEU B 36 -13.24 18.47 -5.33
C LEU B 36 -13.07 17.08 -4.70
N LEU B 37 -12.62 17.04 -3.44
CA LEU B 37 -12.44 15.77 -2.77
C LEU B 37 -13.81 15.29 -2.30
N LYS B 38 -14.57 16.22 -1.72
CA LYS B 38 -15.92 15.97 -1.22
C LYS B 38 -16.84 15.41 -2.31
N GLU B 39 -17.03 16.21 -3.37
CA GLU B 39 -17.89 15.80 -4.48
C GLU B 39 -17.40 14.47 -5.06
N GLY B 40 -16.10 14.21 -4.93
CA GLY B 40 -15.55 12.98 -5.48
C GLY B 40 -15.33 11.82 -4.53
N THR B 41 -15.81 11.95 -3.29
CA THR B 41 -15.65 10.87 -2.32
C THR B 41 -16.95 10.54 -1.61
N LYS B 42 -18.06 10.92 -2.26
CA LYS B 42 -19.40 10.71 -1.72
C LYS B 42 -19.68 9.28 -1.25
N GLU B 43 -19.16 8.29 -1.97
CA GLU B 43 -19.38 6.90 -1.59
C GLU B 43 -19.04 6.68 -0.13
N ALA B 44 -18.28 7.62 0.42
CA ALA B 44 -17.86 7.59 1.82
C ALA B 44 -19.00 7.13 2.72
N HIS B 45 -19.83 8.07 3.13
CA HIS B 45 -20.97 7.79 3.99
C HIS B 45 -21.99 6.90 3.26
N ASP B 46 -21.72 6.62 2.00
CA ASP B 46 -22.58 5.73 1.23
C ASP B 46 -22.44 4.39 1.92
N ARG B 47 -21.28 3.79 1.73
CA ARG B 47 -20.94 2.49 2.30
C ARG B 47 -20.49 2.66 3.75
N ALA B 48 -19.30 3.20 3.92
CA ALA B 48 -18.72 3.43 5.24
C ALA B 48 -19.75 3.75 6.33
N GLU B 49 -20.47 4.87 6.17
CA GLU B 49 -21.47 5.30 7.15
C GLU B 49 -22.57 4.27 7.33
N ASN B 50 -22.80 3.46 6.30
CA ASN B 50 -23.83 2.43 6.34
C ASN B 50 -23.30 1.10 6.86
N THR B 51 -22.08 0.74 6.48
CA THR B 51 -21.46 -0.52 6.91
C THR B 51 -21.94 -1.00 8.28
N GLN B 52 -22.46 -2.22 8.29
CA GLN B 52 -22.99 -2.86 9.50
C GLN B 52 -22.31 -2.43 10.78
N PHE B 53 -20.98 -2.44 10.78
CA PHE B 53 -20.23 -2.03 11.95
C PHE B 53 -20.70 -0.69 12.47
N VAL B 54 -20.89 0.26 11.56
CA VAL B 54 -21.35 1.61 11.90
C VAL B 54 -22.75 1.57 12.50
N LYS B 55 -23.76 1.38 11.66
CA LYS B 55 -25.16 1.31 12.10
C LYS B 55 -25.25 0.64 13.47
N ASP B 56 -24.65 -0.55 13.55
CA ASP B 56 -24.62 -1.35 14.77
C ASP B 56 -23.94 -0.57 15.90
N PHE B 57 -22.83 0.08 15.57
CA PHE B 57 -22.06 0.86 16.55
C PHE B 57 -22.93 1.83 17.35
N LEU B 58 -23.57 2.77 16.64
CA LEU B 58 -24.43 3.78 17.25
C LEU B 58 -25.59 3.12 18.01
N LYS B 59 -26.14 2.06 17.44
CA LYS B 59 -27.24 1.36 18.11
C LYS B 59 -26.71 0.56 19.28
N GLY B 60 -25.44 0.79 19.60
CA GLY B 60 -24.80 0.10 20.71
C GLY B 60 -24.77 -1.41 20.58
N ASN B 61 -23.93 -1.91 19.67
CA ASN B 61 -23.83 -3.35 19.46
C ASN B 61 -22.38 -3.82 19.50
N ILE B 62 -21.46 -2.88 19.37
CA ILE B 62 -20.05 -3.17 19.43
C ILE B 62 -19.61 -2.93 20.86
N LYS B 63 -19.77 -3.97 21.68
CA LYS B 63 -19.41 -3.92 23.09
C LYS B 63 -17.91 -4.07 23.30
N LYS B 64 -17.54 -4.73 24.40
CA LYS B 64 -16.14 -4.94 24.76
C LYS B 64 -15.41 -5.92 23.85
N GLU B 65 -15.74 -5.95 22.58
CA GLU B 65 -15.07 -6.86 21.67
C GLU B 65 -14.59 -6.22 20.38
N LEU B 66 -15.52 -5.83 19.52
CA LEU B 66 -15.14 -5.19 18.27
C LEU B 66 -14.56 -3.82 18.58
N PHE B 67 -15.06 -3.23 19.67
CA PHE B 67 -14.60 -1.93 20.11
C PHE B 67 -13.11 -1.99 20.46
N LYS B 68 -12.74 -3.05 21.17
CA LYS B 68 -11.37 -3.26 21.60
C LYS B 68 -10.45 -3.55 20.41
N LEU B 69 -11.08 -3.91 19.29
CA LEU B 69 -10.33 -4.18 18.06
C LEU B 69 -10.20 -2.87 17.30
N ALA B 70 -11.35 -2.23 17.06
CA ALA B 70 -11.41 -0.96 16.35
C ALA B 70 -10.41 0.03 16.94
N THR B 71 -10.48 0.21 18.25
CA THR B 71 -9.60 1.14 18.96
C THR B 71 -8.14 0.82 18.62
N THR B 72 -7.84 -0.46 18.49
CA THR B 72 -6.49 -0.89 18.17
C THR B 72 -6.17 -0.48 16.73
N ALA B 73 -7.15 -0.67 15.85
CA ALA B 73 -6.98 -0.32 14.46
C ALA B 73 -6.63 1.17 14.40
N LEU B 74 -7.38 1.97 15.16
CA LEU B 74 -7.16 3.41 15.20
C LEU B 74 -5.75 3.80 15.64
N TYR B 75 -5.27 3.15 16.71
CA TYR B 75 -3.96 3.43 17.26
C TYR B 75 -2.81 3.36 16.27
N PHE B 76 -2.68 2.21 15.61
CA PHE B 76 -1.61 2.01 14.64
C PHE B 76 -1.81 2.87 13.41
N THR B 77 -3.07 3.06 13.03
CA THR B 77 -3.40 3.90 11.88
C THR B 77 -2.90 5.33 12.13
N TYR B 78 -3.31 5.92 13.25
CA TYR B 78 -2.90 7.30 13.53
C TYR B 78 -1.44 7.46 13.90
N SER B 79 -0.81 6.39 14.33
CA SER B 79 0.59 6.46 14.69
C SER B 79 1.38 6.66 13.39
N ALA B 80 0.92 5.99 12.34
CA ALA B 80 1.57 6.08 11.06
C ALA B 80 1.34 7.47 10.43
N LEU B 81 0.08 7.88 10.44
CA LEU B 81 -0.30 9.17 9.89
C LEU B 81 0.45 10.30 10.55
N GLU B 82 0.44 10.31 11.88
CA GLU B 82 1.12 11.34 12.63
C GLU B 82 2.63 11.29 12.53
N GLU B 83 3.19 10.14 12.15
CA GLU B 83 4.64 10.10 11.99
C GLU B 83 4.90 10.63 10.59
N GLU B 84 4.07 10.21 9.65
CA GLU B 84 4.22 10.66 8.27
C GLU B 84 3.92 12.16 8.14
N MET B 85 2.83 12.63 8.75
CA MET B 85 2.50 14.05 8.68
C MET B 85 3.72 14.83 9.15
N GLU B 86 4.06 14.65 10.42
CA GLU B 86 5.19 15.30 11.07
C GLU B 86 6.44 15.31 10.17
N ARG B 87 6.77 14.14 9.63
CA ARG B 87 7.94 13.98 8.76
C ARG B 87 7.98 15.08 7.69
N ASN B 88 6.82 15.38 7.12
CA ASN B 88 6.71 16.38 6.07
C ASN B 88 6.19 17.73 6.54
N LYS B 89 6.32 18.01 7.84
CA LYS B 89 5.83 19.27 8.40
C LYS B 89 6.38 20.51 7.69
N ASP B 90 7.61 20.45 7.19
CA ASP B 90 8.21 21.59 6.50
C ASP B 90 8.09 21.50 4.98
N HIS B 91 7.42 20.45 4.50
CA HIS B 91 7.23 20.26 3.07
C HIS B 91 6.16 21.23 2.58
N PRO B 92 6.54 22.15 1.66
CA PRO B 92 5.59 23.14 1.12
C PRO B 92 4.23 22.59 0.72
N ALA B 93 4.15 21.27 0.53
CA ALA B 93 2.88 20.70 0.14
C ALA B 93 2.04 20.17 1.30
N PHE B 94 2.61 20.18 2.51
CA PHE B 94 1.85 19.70 3.65
C PHE B 94 1.90 20.61 4.88
N ALA B 95 2.94 21.41 4.99
CA ALA B 95 3.13 22.32 6.11
C ALA B 95 1.87 23.06 6.60
N PRO B 96 1.06 23.59 5.68
CA PRO B 96 -0.17 24.32 6.05
C PRO B 96 -1.21 23.45 6.75
N LEU B 97 -1.01 22.14 6.75
CA LEU B 97 -1.99 21.24 7.35
C LEU B 97 -1.46 20.49 8.57
N TYR B 98 -0.29 20.91 9.04
CA TYR B 98 0.34 20.30 10.20
C TYR B 98 -0.19 20.93 11.50
N PHE B 99 -1.06 20.20 12.19
CA PHE B 99 -1.66 20.64 13.44
C PHE B 99 -1.35 19.64 14.56
N PRO B 100 -0.06 19.47 14.91
CA PRO B 100 0.26 18.51 15.98
C PRO B 100 -0.58 18.64 17.25
N MET B 101 -0.43 19.75 17.95
CA MET B 101 -1.18 20.00 19.20
C MET B 101 -2.69 20.18 19.04
N GLU B 102 -3.18 20.47 17.84
CA GLU B 102 -4.62 20.66 17.64
C GLU B 102 -5.37 19.39 17.29
N LEU B 103 -4.83 18.59 16.36
CA LEU B 103 -5.51 17.39 15.91
C LEU B 103 -4.95 16.02 16.24
N HIS B 104 -3.65 15.91 16.49
CA HIS B 104 -3.08 14.59 16.75
C HIS B 104 -3.79 13.73 17.76
N ARG B 105 -4.01 12.47 17.41
CA ARG B 105 -4.73 11.54 18.28
C ARG B 105 -3.86 10.47 18.95
N LYS B 106 -2.58 10.38 18.60
CA LYS B 106 -1.75 9.33 19.20
C LYS B 106 -1.81 9.31 20.72
N GLU B 107 -1.48 10.42 21.37
CA GLU B 107 -1.51 10.50 22.83
C GLU B 107 -2.84 10.00 23.38
N ALA B 108 -3.93 10.52 22.84
CA ALA B 108 -5.26 10.12 23.29
C ALA B 108 -5.45 8.60 23.20
N LEU B 109 -5.44 8.06 21.97
CA LEU B 109 -5.62 6.63 21.77
C LEU B 109 -4.73 5.80 22.69
N THR B 110 -3.48 6.22 22.84
CA THR B 110 -2.53 5.54 23.71
C THR B 110 -3.16 5.38 25.09
N LYS B 111 -3.91 6.39 25.52
CA LYS B 111 -4.58 6.36 26.81
C LYS B 111 -5.70 5.33 26.81
N ASP B 112 -6.52 5.35 25.76
CA ASP B 112 -7.64 4.40 25.68
C ASP B 112 -7.09 2.97 25.59
N MET B 113 -5.85 2.84 25.13
CA MET B 113 -5.19 1.54 25.03
C MET B 113 -4.60 1.16 26.39
N GLU B 114 -4.35 2.18 27.22
CA GLU B 114 -3.81 1.94 28.56
C GLU B 114 -4.97 1.42 29.42
N TYR B 115 -6.15 2.01 29.25
CA TYR B 115 -7.33 1.62 29.99
C TYR B 115 -7.94 0.28 29.56
N PHE B 116 -7.69 -0.12 28.33
CA PHE B 116 -8.24 -1.39 27.86
C PHE B 116 -7.25 -2.55 27.85
N PHE B 117 -5.96 -2.26 27.83
CA PHE B 117 -4.97 -3.33 27.78
C PHE B 117 -3.74 -3.15 28.68
N GLY B 118 -3.86 -2.28 29.68
CA GLY B 118 -2.74 -2.05 30.58
C GLY B 118 -1.75 -1.02 30.07
N GLU B 119 -0.57 -0.99 30.69
CA GLU B 119 0.46 -0.03 30.34
C GLU B 119 1.59 -0.62 29.48
N ASN B 120 1.45 -1.91 29.15
CA ASN B 120 2.45 -2.64 28.36
C ASN B 120 1.81 -3.40 27.20
N TRP B 121 0.65 -2.94 26.75
CA TRP B 121 -0.09 -3.58 25.66
C TRP B 121 0.64 -3.65 24.32
N GLU B 122 1.42 -2.62 24.01
CA GLU B 122 2.12 -2.52 22.74
C GLU B 122 3.01 -3.71 22.41
N GLU B 123 3.94 -4.00 23.30
CA GLU B 123 4.87 -5.10 23.13
C GLU B 123 4.19 -6.43 22.86
N GLN B 124 2.88 -6.49 23.15
CA GLN B 124 2.10 -7.70 22.98
C GLN B 124 0.99 -7.63 21.93
N VAL B 125 0.70 -6.44 21.43
CA VAL B 125 -0.36 -6.27 20.42
C VAL B 125 0.20 -6.12 19.00
N GLN B 126 -0.37 -6.85 18.05
CA GLN B 126 0.05 -6.77 16.65
C GLN B 126 -0.97 -6.02 15.82
N ALA B 127 -0.54 -4.93 15.18
CA ALA B 127 -1.43 -4.16 14.35
C ALA B 127 -2.27 -5.13 13.52
N PRO B 128 -3.60 -5.00 13.59
CA PRO B 128 -4.48 -5.89 12.84
C PRO B 128 -4.24 -5.83 11.32
N LYS B 129 -4.44 -6.98 10.68
CA LYS B 129 -4.25 -7.14 9.24
C LYS B 129 -4.73 -6.02 8.31
N ALA B 130 -6.03 -5.72 8.34
CA ALA B 130 -6.55 -4.67 7.48
C ALA B 130 -5.85 -3.34 7.78
N ALA B 131 -5.76 -3.00 9.06
CA ALA B 131 -5.12 -1.77 9.46
C ALA B 131 -3.66 -1.74 8.98
N GLN B 132 -3.02 -2.90 8.98
CA GLN B 132 -1.62 -2.99 8.54
C GLN B 132 -1.50 -2.62 7.07
N LYS B 133 -2.59 -2.83 6.32
CA LYS B 133 -2.62 -2.49 4.92
C LYS B 133 -2.66 -0.97 4.79
N TYR B 134 -3.65 -0.38 5.45
CA TYR B 134 -3.84 1.07 5.45
C TYR B 134 -2.55 1.73 5.90
N VAL B 135 -1.99 1.23 7.00
CA VAL B 135 -0.73 1.76 7.51
C VAL B 135 0.37 1.68 6.45
N GLU B 136 0.39 0.60 5.68
CA GLU B 136 1.39 0.44 4.64
C GLU B 136 1.29 1.55 3.58
N ARG B 137 0.07 1.91 3.19
CA ARG B 137 -0.09 2.95 2.19
C ARG B 137 0.36 4.30 2.75
N ILE B 138 0.10 4.50 4.04
CA ILE B 138 0.45 5.74 4.71
C ILE B 138 1.96 5.98 4.72
N HIS B 139 2.73 4.96 5.08
CA HIS B 139 4.19 5.11 5.10
C HIS B 139 4.76 5.30 3.69
N TYR B 140 4.13 4.70 2.69
CA TYR B 140 4.58 4.89 1.32
C TYR B 140 4.40 6.37 0.92
N ILE B 141 3.16 6.85 1.04
CA ILE B 141 2.83 8.22 0.69
C ILE B 141 3.65 9.27 1.46
N GLY B 142 3.70 9.13 2.77
CA GLY B 142 4.44 10.07 3.59
C GLY B 142 5.92 10.10 3.29
N GLN B 143 6.47 8.95 2.91
CA GLN B 143 7.90 8.85 2.62
C GLN B 143 8.29 9.15 1.18
N ASN B 144 7.42 8.84 0.23
CA ASN B 144 7.72 9.04 -1.18
C ASN B 144 6.95 10.12 -1.91
N GLU B 145 5.61 10.09 -1.85
CA GLU B 145 4.78 11.09 -2.53
C GLU B 145 3.99 11.91 -1.50
N PRO B 146 4.67 12.82 -0.80
CA PRO B 146 4.08 13.69 0.23
C PRO B 146 2.92 14.58 -0.21
N GLU B 147 2.89 14.98 -1.48
CA GLU B 147 1.82 15.84 -1.95
C GLU B 147 0.45 15.18 -1.85
N LEU B 148 0.43 13.90 -1.53
CA LEU B 148 -0.85 13.19 -1.40
C LEU B 148 -1.23 12.95 0.05
N LEU B 149 -0.33 13.26 0.97
CA LEU B 149 -0.60 13.05 2.38
C LEU B 149 -1.87 13.76 2.80
N VAL B 150 -2.13 14.91 2.18
CA VAL B 150 -3.32 15.68 2.49
C VAL B 150 -4.58 14.82 2.31
N ALA B 151 -4.57 13.93 1.32
CA ALA B 151 -5.72 13.07 1.10
C ALA B 151 -6.02 12.18 2.31
N HIS B 152 -4.98 11.71 2.99
CA HIS B 152 -5.17 10.86 4.14
C HIS B 152 -5.58 11.65 5.40
N ALA B 153 -4.99 12.84 5.58
CA ALA B 153 -5.32 13.67 6.72
C ALA B 153 -6.79 14.12 6.63
N TYR B 154 -7.23 14.41 5.41
CA TYR B 154 -8.60 14.83 5.14
C TYR B 154 -9.60 13.72 5.45
N THR B 155 -9.22 12.48 5.15
CA THR B 155 -10.11 11.35 5.39
C THR B 155 -10.18 11.01 6.89
N ARG B 156 -9.13 11.38 7.61
CA ARG B 156 -9.10 11.12 9.04
C ARG B 156 -9.71 12.23 9.88
N TYR B 157 -8.95 13.31 10.03
CA TYR B 157 -9.37 14.44 10.85
C TYR B 157 -10.61 15.18 10.36
N MET B 158 -10.68 15.49 9.07
CA MET B 158 -11.85 16.17 8.54
C MET B 158 -13.07 15.29 8.75
N GLY B 159 -12.84 14.09 9.25
CA GLY B 159 -13.91 13.15 9.51
C GLY B 159 -14.27 13.08 10.99
N ASP B 160 -13.23 13.05 11.84
CA ASP B 160 -13.43 12.98 13.28
C ASP B 160 -13.34 14.35 13.96
N LEU B 161 -13.32 15.42 13.16
CA LEU B 161 -13.20 16.78 13.71
C LEU B 161 -14.57 17.39 13.96
N SER B 162 -15.59 16.56 14.08
CA SER B 162 -16.93 17.10 14.30
C SER B 162 -17.89 16.29 15.17
N GLY B 163 -18.09 15.01 14.85
CA GLY B 163 -19.02 14.19 15.61
C GLY B 163 -18.45 13.16 16.57
N GLY B 164 -17.16 13.27 16.87
CA GLY B 164 -16.55 12.32 17.78
C GLY B 164 -17.21 12.39 19.15
N GLN B 165 -17.60 13.60 19.55
CA GLN B 165 -18.23 13.85 20.83
C GLN B 165 -19.29 12.79 21.18
N VAL B 166 -20.33 12.73 20.36
CA VAL B 166 -21.43 11.79 20.56
C VAL B 166 -20.99 10.33 20.67
N LEU B 167 -20.07 9.92 19.82
CA LEU B 167 -19.60 8.53 19.84
C LEU B 167 -19.02 8.14 21.19
N LYS B 168 -18.29 9.06 21.82
CA LYS B 168 -17.69 8.80 23.12
C LYS B 168 -18.71 8.20 24.08
N LYS B 169 -19.68 9.01 24.50
CA LYS B 169 -20.72 8.56 25.42
C LYS B 169 -21.30 7.21 25.01
N VAL B 170 -21.38 6.98 23.71
CA VAL B 170 -21.92 5.71 23.22
C VAL B 170 -21.16 4.58 23.90
N ALA B 171 -19.90 4.40 23.50
CA ALA B 171 -19.05 3.36 24.06
C ALA B 171 -19.03 3.41 25.59
N GLN B 172 -18.64 4.56 26.14
CA GLN B 172 -18.57 4.76 27.57
C GLN B 172 -19.75 4.07 28.26
N ARG B 173 -20.96 4.39 27.80
CA ARG B 173 -22.20 3.84 28.35
C ARG B 173 -22.36 2.36 28.03
N ALA B 174 -22.36 2.05 26.73
CA ALA B 174 -22.52 0.67 26.29
C ALA B 174 -21.37 -0.23 26.72
N LEU B 175 -20.49 0.28 27.58
CA LEU B 175 -19.35 -0.49 28.06
C LEU B 175 -19.08 -0.27 29.55
N LYS B 176 -19.82 0.66 30.15
CA LYS B 176 -19.71 1.01 31.57
C LYS B 176 -18.39 1.73 31.86
N LEU B 177 -17.60 1.92 30.81
CA LEU B 177 -16.30 2.57 30.89
C LEU B 177 -16.34 3.88 31.68
N PRO B 178 -15.28 4.16 32.44
CA PRO B 178 -15.18 5.37 33.26
C PRO B 178 -15.89 6.56 32.64
N SER B 179 -16.99 6.98 33.26
CA SER B 179 -17.77 8.11 32.74
C SER B 179 -16.92 9.36 32.53
N THR B 180 -15.67 9.33 32.98
CA THR B 180 -14.80 10.49 32.83
C THR B 180 -14.02 10.55 31.52
N GLY B 181 -14.51 9.85 30.50
CA GLY B 181 -13.89 9.88 29.19
C GLY B 181 -12.87 8.79 28.89
N GLU B 182 -12.24 8.27 29.93
CA GLU B 182 -11.23 7.23 29.77
C GLU B 182 -11.72 6.07 28.91
N GLY B 183 -10.86 5.62 28.00
CA GLY B 183 -11.21 4.52 27.12
C GLY B 183 -11.81 4.98 25.81
N THR B 184 -12.04 6.29 25.70
CA THR B 184 -12.60 6.89 24.49
C THR B 184 -12.11 8.33 24.31
N GLN B 185 -11.02 8.69 24.99
CA GLN B 185 -10.47 10.04 24.90
C GLN B 185 -10.20 10.40 23.44
N PHE B 186 -10.25 9.39 22.58
CA PHE B 186 -10.01 9.57 21.16
C PHE B 186 -11.01 10.51 20.49
N TYR B 187 -12.27 10.47 20.93
CA TYR B 187 -13.32 11.29 20.34
C TYR B 187 -13.43 12.74 20.84
N LEU B 188 -12.48 13.17 21.67
CA LEU B 188 -12.53 14.52 22.19
C LEU B 188 -11.33 15.37 21.85
N PHE B 189 -11.56 16.45 21.12
CA PHE B 189 -10.48 17.35 20.72
C PHE B 189 -10.30 18.46 21.75
N GLU B 190 -9.60 18.12 22.83
CA GLU B 190 -9.33 19.03 23.94
C GLU B 190 -8.85 20.43 23.52
N ASN B 191 -7.93 20.47 22.56
CA ASN B 191 -7.38 21.73 22.09
C ASN B 191 -8.07 22.36 20.89
N VAL B 192 -9.27 21.87 20.58
CA VAL B 192 -10.05 22.45 19.50
C VAL B 192 -11.22 23.15 20.17
N ASP B 193 -11.18 24.48 20.17
CA ASP B 193 -12.22 25.27 20.79
C ASP B 193 -13.56 25.24 20.06
N ASN B 194 -13.51 25.34 18.73
CA ASN B 194 -14.71 25.32 17.89
C ASN B 194 -14.46 24.46 16.64
N ALA B 195 -14.85 23.19 16.73
CA ALA B 195 -14.68 22.24 15.64
C ALA B 195 -15.01 22.77 14.24
N GLN B 196 -16.29 23.03 13.99
CA GLN B 196 -16.75 23.53 12.70
C GLN B 196 -15.97 24.74 12.22
N GLN B 197 -15.63 25.62 13.15
CA GLN B 197 -14.88 26.82 12.79
C GLN B 197 -13.48 26.39 12.36
N PHE B 198 -12.96 25.33 12.99
CA PHE B 198 -11.64 24.82 12.64
C PHE B 198 -11.68 24.20 11.24
N LYS B 199 -12.78 23.50 10.95
CA LYS B 199 -12.96 22.88 9.66
C LYS B 199 -12.93 23.94 8.55
N GLN B 200 -13.49 25.11 8.80
CA GLN B 200 -13.48 26.16 7.78
C GLN B 200 -12.02 26.59 7.55
N LEU B 201 -11.27 26.65 8.63
CA LEU B 201 -9.87 27.02 8.55
C LEU B 201 -9.13 25.99 7.69
N TYR B 202 -9.26 24.72 8.08
CA TYR B 202 -8.62 23.60 7.39
C TYR B 202 -8.86 23.63 5.87
N ARG B 203 -10.12 23.75 5.45
CA ARG B 203 -10.43 23.81 4.02
C ARG B 203 -9.73 24.98 3.32
N ALA B 204 -9.54 26.08 4.04
CA ALA B 204 -8.90 27.25 3.45
C ALA B 204 -7.39 27.05 3.21
N ARG B 205 -6.66 26.65 4.23
CA ARG B 205 -5.23 26.43 4.06
C ARG B 205 -5.08 25.27 3.08
N MET B 206 -6.01 24.32 3.14
CA MET B 206 -6.02 23.19 2.23
C MET B 206 -6.21 23.71 0.82
N ASN B 207 -7.27 24.50 0.63
CA ASN B 207 -7.58 25.06 -0.67
C ASN B 207 -6.52 26.01 -1.19
N ALA B 208 -5.66 26.50 -0.29
CA ALA B 208 -4.60 27.40 -0.71
C ALA B 208 -3.39 26.65 -1.26
N LEU B 209 -3.30 25.35 -0.99
CA LEU B 209 -2.19 24.56 -1.49
C LEU B 209 -2.12 24.66 -3.00
N ASP B 210 -0.94 24.97 -3.52
CA ASP B 210 -0.72 25.09 -4.95
C ASP B 210 -0.74 23.70 -5.58
N LEU B 211 -1.89 23.36 -6.13
CA LEU B 211 -2.09 22.06 -6.75
C LEU B 211 -2.57 22.18 -8.19
N ASN B 212 -1.91 21.44 -9.08
CA ASN B 212 -2.26 21.40 -10.48
C ASN B 212 -3.34 20.34 -10.58
N MET B 213 -4.42 20.63 -11.31
CA MET B 213 -5.54 19.72 -11.46
C MET B 213 -5.10 18.26 -11.50
N LYS B 214 -3.97 17.99 -12.13
CA LYS B 214 -3.47 16.63 -12.21
C LYS B 214 -3.24 16.08 -10.79
N THR B 215 -2.33 16.74 -10.07
CA THR B 215 -2.03 16.31 -8.70
C THR B 215 -3.31 16.27 -7.88
N LYS B 216 -4.30 17.07 -8.25
CA LYS B 216 -5.55 17.08 -7.52
C LYS B 216 -6.37 15.82 -7.84
N GLU B 217 -6.20 15.30 -9.05
CA GLU B 217 -6.91 14.09 -9.49
C GLU B 217 -6.42 12.91 -8.65
N ARG B 218 -5.17 13.01 -8.24
CA ARG B 218 -4.53 11.98 -7.42
C ARG B 218 -5.08 12.12 -6.00
N ILE B 219 -4.91 13.31 -5.43
CA ILE B 219 -5.38 13.56 -4.08
C ILE B 219 -6.79 12.99 -3.90
N VAL B 220 -7.68 13.29 -4.84
CA VAL B 220 -9.04 12.76 -4.77
C VAL B 220 -9.02 11.24 -4.99
N GLU B 221 -8.12 10.77 -5.86
CA GLU B 221 -8.02 9.33 -6.14
C GLU B 221 -7.70 8.56 -4.84
N GLU B 222 -6.72 9.07 -4.09
CA GLU B 222 -6.29 8.45 -2.85
C GLU B 222 -7.29 8.63 -1.69
N ALA B 223 -8.08 9.69 -1.70
CA ALA B 223 -9.06 9.88 -0.63
C ALA B 223 -10.08 8.75 -0.73
N ASN B 224 -10.58 8.51 -1.95
CA ASN B 224 -11.55 7.43 -2.16
C ASN B 224 -10.83 6.12 -1.84
N LYS B 225 -9.57 6.04 -2.23
CA LYS B 225 -8.78 4.85 -1.96
C LYS B 225 -8.71 4.70 -0.45
N ALA B 226 -8.42 5.80 0.24
CA ALA B 226 -8.34 5.79 1.70
C ALA B 226 -9.66 5.32 2.32
N PHE B 227 -10.79 5.79 1.78
CA PHE B 227 -12.09 5.37 2.30
C PHE B 227 -12.18 3.85 2.28
N GLU B 228 -11.91 3.25 1.12
CA GLU B 228 -11.97 1.80 0.97
C GLU B 228 -11.12 1.13 2.05
N TYR B 229 -9.94 1.68 2.30
CA TYR B 229 -9.07 1.12 3.30
C TYR B 229 -9.82 0.99 4.62
N ASN B 230 -10.65 1.97 4.92
CA ASN B 230 -11.43 1.96 6.15
C ASN B 230 -12.49 0.86 6.07
N MET B 231 -13.11 0.75 4.90
CA MET B 231 -14.12 -0.27 4.65
C MET B 231 -13.56 -1.62 5.09
N GLN B 232 -12.48 -2.06 4.44
CA GLN B 232 -11.87 -3.33 4.79
C GLN B 232 -11.64 -3.44 6.28
N ILE B 233 -11.16 -2.36 6.90
CA ILE B 233 -10.91 -2.36 8.33
C ILE B 233 -12.19 -2.66 9.11
N PHE B 234 -13.33 -2.19 8.60
CA PHE B 234 -14.60 -2.43 9.27
C PHE B 234 -15.01 -3.88 9.06
N ASN B 235 -14.37 -4.55 8.10
CA ASN B 235 -14.69 -5.94 7.81
C ASN B 235 -13.92 -6.87 8.72
N GLU B 236 -12.61 -6.67 8.81
CA GLU B 236 -11.79 -7.51 9.68
C GLU B 236 -12.41 -7.58 11.07
N LEU B 237 -12.80 -6.43 11.61
CA LEU B 237 -13.40 -6.38 12.93
C LEU B 237 -14.84 -6.87 12.87
N ASP B 238 -15.42 -6.87 11.68
CA ASP B 238 -16.79 -7.34 11.48
C ASP B 238 -16.79 -8.86 11.57
N GLN B 239 -15.95 -9.50 10.76
CA GLN B 239 -15.84 -10.95 10.78
C GLN B 239 -15.44 -11.36 12.19
N ALA B 240 -14.62 -10.52 12.83
CA ALA B 240 -14.17 -10.80 14.18
C ALA B 240 -15.37 -11.02 15.08
N GLY B 241 -16.51 -10.46 14.67
CA GLY B 241 -17.72 -10.59 15.44
C GLY B 241 -18.39 -11.94 15.26
N SER B 242 -17.72 -12.84 14.56
CA SER B 242 -18.25 -14.18 14.32
C SER B 242 -17.70 -15.17 15.34
N THR B 243 -17.10 -14.64 16.39
CA THR B 243 -16.53 -15.46 17.46
C THR B 243 -16.40 -14.58 18.71
N LEU B 244 -17.48 -13.89 19.03
CA LEU B 244 -17.56 -12.99 20.17
C LEU B 244 -18.54 -13.56 21.19
N ALA B 245 -19.83 -13.45 20.90
CA ALA B 245 -20.86 -13.95 21.80
C ALA B 245 -21.15 -15.42 21.53
N ARG B 246 -20.91 -15.87 20.31
CA ARG B 246 -21.16 -17.25 19.92
C ARG B 246 -20.36 -18.23 20.77
N GLU B 247 -19.51 -17.71 21.66
CA GLU B 247 -18.71 -18.57 22.52
C GLU B 247 -19.51 -19.08 23.71
N THR B 248 -19.29 -18.48 24.88
CA THR B 248 -19.98 -18.89 26.10
C THR B 248 -21.44 -18.48 26.11
CHA HEM C . 16.88 -8.82 -3.15
CHB HEM C . 14.20 -11.68 -0.40
CHC HEM C . 10.24 -9.47 -1.98
CHD HEM C . 12.95 -6.62 -4.72
C1A HEM C . 16.48 -9.80 -2.25
C2A HEM C . 17.41 -10.69 -1.59
C3A HEM C . 16.66 -11.53 -0.85
C4A HEM C . 15.27 -11.11 -1.05
CMA HEM C . 17.16 -12.69 -0.01
CAA HEM C . 18.95 -10.62 -1.63
CBA HEM C . 19.56 -11.32 -2.85
CGA HEM C . 21.09 -11.12 -2.96
O1A HEM C . 21.81 -11.43 -1.98
O2A HEM C . 21.57 -10.66 -4.01
C1B HEM C . 12.88 -11.26 -0.51
C2B HEM C . 11.76 -11.83 0.22
C3B HEM C . 10.64 -11.25 -0.26
C4B HEM C . 11.09 -10.27 -1.23
CMB HEM C . 11.84 -12.79 1.41
CAB HEM C . 9.33 -11.69 -0.03
CBB HEM C . 8.30 -10.85 0.53
C1C HEM C . 10.64 -8.54 -2.92
C2C HEM C . 9.73 -7.73 -3.70
C3C HEM C . 10.51 -6.90 -4.45
C4C HEM C . 11.88 -7.23 -4.14
CMC HEM C . 8.21 -7.82 -3.73
CAC HEM C . 10.07 -5.92 -5.33
CBC HEM C . 9.15 -6.23 -6.40
C1D HEM C . 14.26 -6.93 -4.49
C2D HEM C . 15.38 -6.25 -5.11
C3D HEM C . 16.49 -6.89 -4.68
C4D HEM C . 16.03 -7.95 -3.80
CMD HEM C . 15.34 -5.02 -6.00
CAD HEM C . 17.92 -6.48 -4.93
CBD HEM C . 18.56 -5.81 -3.73
CGD HEM C . 19.96 -5.29 -4.02
O1D HEM C . 20.87 -6.11 -4.27
O2D HEM C . 20.12 -4.06 -4.01
NA HEM C . 15.18 -10.04 -1.90
NB HEM C . 12.47 -10.27 -1.37
NC HEM C . 11.96 -8.24 -3.20
ND HEM C . 14.67 -7.95 -3.66
FE HEM C . 13.59 -9.05 -2.44
CHA HEM D . -18.16 14.43 8.08
CHB HEM D . -20.69 11.91 11.21
CHC HEM D . -18.34 7.92 10.00
CHD HEM D . -15.74 10.47 6.87
C1A HEM D . -19.19 14.05 8.91
C2A HEM D . -20.16 14.97 9.53
C3A HEM D . -20.92 14.20 10.33
C4A HEM D . -20.38 12.87 10.29
CMA HEM D . -22.09 14.67 11.16
CAA HEM D . -20.17 16.50 9.53
CBA HEM D . -20.08 17.17 8.16
CGA HEM D . -18.74 17.85 7.92
O1A HEM D . -18.54 18.46 6.85
O2A HEM D . -17.86 17.78 8.83
C1B HEM D . -20.11 10.68 11.29
C2B HEM D . -20.48 9.70 12.28
C3B HEM D . -19.84 8.55 11.94
C4B HEM D . -19.07 8.85 10.73
CMB HEM D . -21.32 9.97 13.53
CAB HEM D . -19.89 7.32 12.59
CBB HEM D . -21.12 6.80 13.19
C1C HEM D . -17.58 8.24 8.88
C2C HEM D . -16.77 7.28 8.16
C3C HEM D . -16.01 8.00 7.29
C4C HEM D . -16.36 9.39 7.49
CMC HEM D . -16.79 5.77 8.30
CAC HEM D . -15.12 7.49 6.36
CBC HEM D . -13.69 7.61 6.51
C1D HEM D . -16.08 11.80 7.04
C2D HEM D . -15.42 12.90 6.36
C3D HEM D . -16.11 14.02 6.68
C4D HEM D . -17.20 13.60 7.57
CMD HEM D . -14.21 12.82 5.43
CAD HEM D . -15.85 15.45 6.13
CBD HEM D . -17.05 16.01 5.36
CGD HEM D . -16.69 17.17 4.43
O1D HEM D . -16.11 16.91 3.36
O2D HEM D . -17.00 18.33 4.78
NA HEM D . -19.36 12.76 9.37
NB HEM D . -19.21 10.18 10.37
NC HEM D . -17.37 9.52 8.43
ND HEM D . -17.16 12.23 7.78
FE HEM D . -18.39 11.13 8.83
N ARG A 29 31.29 5.78 -3.53
CA ARG A 29 30.33 4.78 -4.07
C ARG A 29 28.90 5.16 -3.70
N MET A 30 28.73 6.35 -3.13
CA MET A 30 27.43 6.85 -2.71
C MET A 30 26.69 7.45 -3.92
N ALA A 31 27.45 7.99 -4.86
CA ALA A 31 26.88 8.58 -6.06
C ALA A 31 26.46 7.50 -7.07
N ASP A 32 27.01 6.30 -6.92
CA ASP A 32 26.68 5.18 -7.81
C ASP A 32 25.23 4.73 -7.66
N LEU A 33 24.58 4.54 -8.81
CA LEU A 33 23.17 4.15 -8.88
C LEU A 33 22.84 2.83 -8.14
N SER A 34 23.85 2.00 -7.90
CA SER A 34 23.65 0.73 -7.21
C SER A 34 23.30 0.93 -5.75
N GLU A 35 24.08 1.75 -5.07
CA GLU A 35 23.86 2.04 -3.66
C GLU A 35 22.63 2.94 -3.49
N LEU A 36 22.48 3.91 -4.40
CA LEU A 36 21.34 4.82 -4.35
C LEU A 36 20.00 4.08 -4.36
N LEU A 37 19.91 3.03 -5.18
CA LEU A 37 18.69 2.25 -5.28
C LEU A 37 18.47 1.37 -4.04
N LYS A 38 19.49 0.60 -3.67
CA LYS A 38 19.40 -0.29 -2.51
C LYS A 38 19.27 0.50 -1.23
N GLU A 39 20.20 1.42 -1.01
CA GLU A 39 20.17 2.23 0.19
C GLU A 39 19.23 3.42 -0.04
N GLY A 40 18.21 3.17 -0.84
CA GLY A 40 17.24 4.20 -1.16
C GLY A 40 15.83 3.63 -1.27
N THR A 41 15.71 2.31 -1.19
CA THR A 41 14.41 1.64 -1.26
C THR A 41 14.23 0.63 -0.12
N LYS A 42 15.03 0.79 0.93
CA LYS A 42 14.99 -0.05 2.12
C LYS A 42 13.58 -0.10 2.72
N GLU A 43 13.00 1.08 2.90
CA GLU A 43 11.65 1.21 3.46
C GLU A 43 10.70 0.32 2.70
N ALA A 44 10.65 0.49 1.38
CA ALA A 44 9.75 -0.31 0.57
C ALA A 44 10.08 -1.80 0.58
N HIS A 45 11.36 -2.15 0.68
CA HIS A 45 11.70 -3.56 0.69
C HIS A 45 11.18 -4.21 1.98
N ASP A 46 11.31 -3.49 3.09
CA ASP A 46 10.81 -4.03 4.35
C ASP A 46 9.31 -4.25 4.29
N ARG A 47 8.57 -3.24 3.81
CA ARG A 47 7.11 -3.36 3.72
C ARG A 47 6.71 -4.56 2.87
N ALA A 48 7.47 -4.79 1.79
CA ALA A 48 7.25 -5.89 0.86
C ALA A 48 7.33 -7.28 1.50
N GLU A 49 8.41 -7.51 2.27
CA GLU A 49 8.59 -8.79 2.92
C GLU A 49 7.53 -9.08 3.99
N ASN A 50 7.11 -8.04 4.69
CA ASN A 50 6.13 -8.19 5.76
C ASN A 50 4.67 -8.09 5.36
N THR A 51 4.39 -7.79 4.11
CA THR A 51 2.99 -7.69 3.71
C THR A 51 2.34 -9.07 3.85
N GLN A 52 1.09 -9.09 4.33
CA GLN A 52 0.38 -10.35 4.56
C GLN A 52 0.39 -11.37 3.43
N PHE A 53 0.23 -10.92 2.19
CA PHE A 53 0.21 -11.86 1.08
C PHE A 53 1.55 -12.57 0.97
N VAL A 54 2.64 -11.83 1.18
CA VAL A 54 3.98 -12.41 1.10
C VAL A 54 4.18 -13.48 2.15
N LYS A 55 3.72 -13.20 3.36
CA LYS A 55 3.84 -14.13 4.48
C LYS A 55 3.06 -15.43 4.20
N ASP A 56 1.81 -15.30 3.78
CA ASP A 56 1.01 -16.47 3.51
C ASP A 56 1.65 -17.25 2.39
N PHE A 57 2.28 -16.54 1.46
CA PHE A 57 2.95 -17.22 0.35
C PHE A 57 4.06 -18.11 0.91
N LEU A 58 5.13 -17.45 1.37
CA LEU A 58 6.28 -18.13 1.93
C LEU A 58 5.95 -19.29 2.89
N LYS A 59 4.96 -19.10 3.75
CA LYS A 59 4.59 -20.15 4.69
C LYS A 59 3.74 -21.24 4.03
N GLY A 60 3.75 -21.27 2.70
CA GLY A 60 2.98 -22.25 1.95
C GLY A 60 1.48 -22.11 2.15
N ASN A 61 1.05 -20.92 2.57
CA ASN A 61 -0.36 -20.66 2.81
C ASN A 61 -1.13 -20.13 1.61
N ILE A 62 -0.63 -20.37 0.40
CA ILE A 62 -1.33 -19.91 -0.79
C ILE A 62 -1.92 -21.08 -1.57
N LYS A 63 -3.17 -20.92 -1.98
CA LYS A 63 -3.94 -21.93 -2.70
C LYS A 63 -3.84 -21.87 -4.21
N LYS A 64 -4.56 -22.77 -4.87
CA LYS A 64 -4.56 -22.89 -6.33
C LYS A 64 -5.08 -21.69 -7.14
N GLU A 65 -6.26 -21.19 -6.82
CA GLU A 65 -6.81 -20.07 -7.56
C GLU A 65 -6.03 -18.76 -7.35
N LEU A 66 -5.54 -18.55 -6.14
CA LEU A 66 -4.79 -17.33 -5.88
C LEU A 66 -3.38 -17.40 -6.48
N PHE A 67 -2.94 -18.60 -6.84
CA PHE A 67 -1.62 -18.74 -7.45
C PHE A 67 -1.74 -18.41 -8.94
N LYS A 68 -2.90 -18.71 -9.52
CA LYS A 68 -3.14 -18.43 -10.92
C LYS A 68 -3.13 -16.93 -11.13
N LEU A 69 -3.93 -16.21 -10.35
CA LEU A 69 -4.00 -14.75 -10.45
C LEU A 69 -2.62 -14.13 -10.20
N ALA A 70 -1.87 -14.71 -9.28
CA ALA A 70 -0.54 -14.22 -8.98
C ALA A 70 0.24 -14.27 -10.30
N THR A 71 0.28 -15.45 -10.92
CA THR A 71 0.95 -15.64 -12.19
C THR A 71 0.31 -14.71 -13.24
N THR A 72 -1.02 -14.73 -13.33
CA THR A 72 -1.71 -13.87 -14.29
C THR A 72 -1.19 -12.44 -14.16
N ALA A 73 -1.12 -11.94 -12.93
CA ALA A 73 -0.63 -10.59 -12.71
C ALA A 73 0.78 -10.49 -13.29
N LEU A 74 1.54 -11.58 -13.21
CA LEU A 74 2.90 -11.59 -13.74
C LEU A 74 2.94 -11.56 -15.27
N TYR A 75 2.23 -12.49 -15.91
CA TYR A 75 2.20 -12.59 -17.37
C TYR A 75 2.00 -11.23 -18.01
N PHE A 76 1.02 -10.48 -17.54
CA PHE A 76 0.75 -9.15 -18.07
C PHE A 76 1.77 -8.11 -17.66
N THR A 77 2.28 -8.24 -16.44
CA THR A 77 3.27 -7.30 -15.94
C THR A 77 4.63 -7.41 -16.64
N TYR A 78 5.20 -8.60 -16.68
CA TYR A 78 6.51 -8.76 -17.32
C TYR A 78 6.42 -8.65 -18.84
N SER A 79 5.21 -8.75 -19.38
CA SER A 79 5.03 -8.62 -20.82
C SER A 79 5.14 -7.14 -21.18
N ALA A 80 4.49 -6.32 -20.38
CA ALA A 80 4.51 -4.88 -20.60
C ALA A 80 5.91 -4.33 -20.41
N LEU A 81 6.56 -4.75 -19.33
CA LEU A 81 7.90 -4.27 -19.04
C LEU A 81 8.89 -4.72 -20.11
N GLU A 82 8.76 -5.97 -20.53
CA GLU A 82 9.66 -6.49 -21.54
C GLU A 82 9.39 -5.89 -22.92
N GLU A 83 8.37 -5.05 -22.98
CA GLU A 83 7.99 -4.38 -24.21
C GLU A 83 8.77 -3.05 -24.32
N GLU A 84 8.79 -2.29 -23.22
CA GLU A 84 9.50 -1.02 -23.16
C GLU A 84 11.00 -1.21 -23.22
N MET A 85 11.52 -2.15 -22.46
CA MET A 85 12.96 -2.39 -22.46
C MET A 85 13.40 -2.61 -23.91
N GLU A 86 12.48 -3.16 -24.71
CA GLU A 86 12.73 -3.40 -26.12
C GLU A 86 12.69 -2.08 -26.87
N ARG A 87 11.50 -1.49 -26.95
CA ARG A 87 11.33 -0.21 -27.65
C ARG A 87 12.40 0.78 -27.21
N ASN A 88 12.80 0.72 -25.94
CA ASN A 88 13.80 1.65 -25.41
C ASN A 88 15.18 1.04 -25.41
N LYS A 89 15.32 -0.15 -25.98
CA LYS A 89 16.60 -0.87 -26.03
C LYS A 89 17.76 -0.04 -26.57
N ASP A 90 17.44 0.88 -27.48
CA ASP A 90 18.45 1.74 -28.08
C ASP A 90 18.77 2.98 -27.23
N HIS A 91 17.86 3.36 -26.32
CA HIS A 91 18.09 4.54 -25.47
C HIS A 91 19.37 4.40 -24.63
N PRO A 92 20.37 5.26 -24.90
CA PRO A 92 21.65 5.24 -24.19
C PRO A 92 21.58 5.06 -22.68
N ALA A 93 20.46 5.45 -22.09
CA ALA A 93 20.28 5.35 -20.64
C ALA A 93 19.58 4.06 -20.22
N PHE A 94 19.85 2.97 -20.95
CA PHE A 94 19.24 1.70 -20.63
C PHE A 94 19.74 0.54 -21.48
N ALA A 95 20.26 0.84 -22.66
CA ALA A 95 20.73 -0.18 -23.60
C ALA A 95 21.46 -1.41 -23.03
N PRO A 96 22.49 -1.20 -22.20
CA PRO A 96 23.23 -2.32 -21.63
C PRO A 96 22.46 -3.25 -20.69
N LEU A 97 21.19 -2.93 -20.43
CA LEU A 97 20.39 -3.78 -19.54
C LEU A 97 19.41 -4.66 -20.28
N TYR A 98 19.56 -4.77 -21.59
CA TYR A 98 18.64 -5.57 -22.39
C TYR A 98 19.03 -7.04 -22.52
N PHE A 99 18.52 -7.85 -21.60
CA PHE A 99 18.84 -9.28 -21.59
C PHE A 99 17.66 -10.19 -21.91
N PRO A 100 17.33 -10.34 -23.21
CA PRO A 100 16.21 -11.22 -23.53
C PRO A 100 16.44 -12.71 -23.31
N MET A 101 17.66 -13.18 -23.55
CA MET A 101 18.01 -14.59 -23.38
C MET A 101 18.21 -14.95 -21.91
N GLU A 102 18.69 -13.99 -21.12
CA GLU A 102 18.95 -14.24 -19.71
C GLU A 102 17.82 -13.91 -18.71
N LEU A 103 17.17 -12.75 -18.87
CA LEU A 103 16.13 -12.35 -17.93
C LEU A 103 14.65 -12.50 -18.32
N HIS A 104 14.26 -11.98 -19.48
CA HIS A 104 12.86 -12.01 -19.89
C HIS A 104 12.05 -13.21 -19.39
N ARG A 105 10.87 -12.90 -18.85
CA ARG A 105 9.99 -13.89 -18.28
C ARG A 105 8.73 -14.23 -19.08
N LYS A 106 8.31 -13.33 -19.98
CA LYS A 106 7.08 -13.54 -20.76
C LYS A 106 6.77 -14.96 -21.24
N GLU A 107 7.75 -15.61 -21.90
CA GLU A 107 7.54 -16.96 -22.40
C GLU A 107 7.39 -17.95 -21.25
N ALA A 108 8.19 -17.75 -20.21
CA ALA A 108 8.15 -18.61 -19.03
C ALA A 108 6.75 -18.61 -18.41
N LEU A 109 6.22 -17.43 -18.18
CA LEU A 109 4.88 -17.32 -17.62
C LEU A 109 3.93 -18.01 -18.59
N THR A 110 4.12 -17.74 -19.88
CA THR A 110 3.27 -18.33 -20.90
C THR A 110 3.13 -19.83 -20.68
N LYS A 111 4.26 -20.52 -20.52
CA LYS A 111 4.19 -21.95 -20.29
C LYS A 111 3.42 -22.25 -19.00
N ASP A 112 3.64 -21.44 -17.97
CA ASP A 112 2.96 -21.62 -16.70
C ASP A 112 1.45 -21.45 -16.86
N MET A 113 1.06 -20.49 -17.68
CA MET A 113 -0.35 -20.24 -17.94
C MET A 113 -0.92 -21.46 -18.67
N GLU A 114 -0.23 -21.90 -19.73
CA GLU A 114 -0.66 -23.08 -20.50
C GLU A 114 -0.85 -24.26 -19.57
N TYR A 115 0.04 -24.36 -18.59
CA TYR A 115 0.01 -25.44 -17.62
C TYR A 115 -1.14 -25.32 -16.61
N PHE A 116 -1.47 -24.11 -16.19
CA PHE A 116 -2.55 -23.93 -15.21
C PHE A 116 -3.95 -23.75 -15.76
N PHE A 117 -4.12 -22.81 -16.69
CA PHE A 117 -5.44 -22.53 -17.24
C PHE A 117 -5.90 -23.49 -18.34
N GLY A 118 -4.99 -23.90 -19.22
CA GLY A 118 -5.35 -24.80 -20.31
C GLY A 118 -4.87 -24.32 -21.68
N GLU A 119 -5.55 -24.71 -22.75
CA GLU A 119 -5.14 -24.33 -24.10
C GLU A 119 -5.39 -22.86 -24.47
N ASN A 120 -6.65 -22.43 -24.41
CA ASN A 120 -6.97 -21.04 -24.73
C ASN A 120 -7.13 -20.21 -23.45
N TRP A 121 -6.09 -20.24 -22.64
CA TRP A 121 -6.09 -19.53 -21.37
C TRP A 121 -6.19 -18.01 -21.47
N GLU A 122 -6.08 -17.49 -22.68
CA GLU A 122 -6.13 -16.04 -22.88
C GLU A 122 -7.53 -15.45 -22.61
N GLU A 123 -8.56 -16.04 -23.19
CA GLU A 123 -9.90 -15.53 -22.97
C GLU A 123 -10.40 -15.97 -21.60
N GLN A 124 -9.64 -16.82 -20.92
CA GLN A 124 -10.01 -17.31 -19.59
C GLN A 124 -9.45 -16.38 -18.53
N VAL A 125 -8.59 -15.47 -18.96
CA VAL A 125 -7.90 -14.57 -18.04
C VAL A 125 -8.26 -13.10 -18.01
N GLN A 126 -8.21 -12.53 -16.81
CA GLN A 126 -8.46 -11.10 -16.58
C GLN A 126 -7.69 -10.69 -15.32
N ALA A 127 -6.47 -10.22 -15.53
CA ALA A 127 -5.58 -9.78 -14.46
C ALA A 127 -6.29 -8.85 -13.49
N PRO A 128 -5.68 -8.61 -12.32
CA PRO A 128 -6.19 -7.75 -11.24
C PRO A 128 -6.27 -6.30 -11.67
N LYS A 129 -7.19 -5.54 -11.07
CA LYS A 129 -7.30 -4.13 -11.42
C LYS A 129 -5.94 -3.46 -11.22
N ALA A 130 -5.25 -3.76 -10.11
CA ALA A 130 -3.95 -3.17 -9.79
C ALA A 130 -2.82 -3.58 -10.72
N ALA A 131 -3.00 -4.70 -11.41
CA ALA A 131 -2.00 -5.18 -12.35
C ALA A 131 -2.03 -4.33 -13.62
N GLN A 132 -3.24 -4.06 -14.12
CA GLN A 132 -3.40 -3.26 -15.32
C GLN A 132 -2.71 -1.91 -15.06
N LYS A 133 -3.01 -1.30 -13.92
CA LYS A 133 -2.44 -0.01 -13.54
C LYS A 133 -0.93 -0.05 -13.67
N TYR A 134 -0.33 -1.05 -13.02
CA TYR A 134 1.11 -1.23 -13.04
C TYR A 134 1.62 -1.14 -14.47
N VAL A 135 0.99 -1.90 -15.37
CA VAL A 135 1.37 -1.89 -16.77
C VAL A 135 1.31 -0.49 -17.40
N GLU A 136 0.20 0.21 -17.16
CA GLU A 136 0.01 1.55 -17.70
C GLU A 136 1.13 2.49 -17.25
N ARG A 137 1.51 2.39 -15.98
CA ARG A 137 2.56 3.23 -15.45
C ARG A 137 3.91 2.85 -16.08
N ILE A 138 4.09 1.58 -16.39
CA ILE A 138 5.34 1.15 -16.99
C ILE A 138 5.53 1.93 -18.29
N HIS A 139 4.79 1.55 -19.33
CA HIS A 139 4.86 2.24 -20.62
C HIS A 139 4.97 3.74 -20.43
N TYR A 140 4.17 4.27 -19.53
CA TYR A 140 4.15 5.69 -19.21
C TYR A 140 5.57 6.19 -18.98
N ILE A 141 6.45 5.27 -18.56
CA ILE A 141 7.85 5.60 -18.32
C ILE A 141 8.70 5.24 -19.52
N GLY A 142 8.42 4.08 -20.12
CA GLY A 142 9.16 3.65 -21.28
C GLY A 142 8.85 4.50 -22.51
N GLN A 143 7.88 5.40 -22.36
CA GLN A 143 7.49 6.27 -23.46
C GLN A 143 7.89 7.73 -23.27
N ASN A 144 7.68 8.26 -22.08
CA ASN A 144 7.97 9.67 -21.85
C ASN A 144 9.20 9.96 -21.00
N GLU A 145 9.54 9.02 -20.11
CA GLU A 145 10.69 9.17 -19.22
C GLU A 145 11.58 7.93 -19.29
N PRO A 146 12.03 7.57 -20.51
CA PRO A 146 12.88 6.40 -20.72
C PRO A 146 14.07 6.27 -19.78
N GLU A 147 14.49 7.37 -19.17
CA GLU A 147 15.62 7.33 -18.26
C GLU A 147 15.23 6.77 -16.88
N LEU A 148 13.96 6.37 -16.73
CA LEU A 148 13.46 5.81 -15.47
C LEU A 148 13.05 4.34 -15.64
N LEU A 149 13.21 3.82 -16.87
CA LEU A 149 12.84 2.43 -17.14
C LEU A 149 13.77 1.46 -16.41
N VAL A 150 15.01 1.89 -16.21
CA VAL A 150 16.01 1.09 -15.51
C VAL A 150 15.55 0.80 -14.09
N ALA A 151 14.75 1.72 -13.54
CA ALA A 151 14.23 1.59 -12.18
C ALA A 151 13.35 0.35 -12.09
N HIS A 152 12.32 0.29 -12.91
CA HIS A 152 11.41 -0.84 -12.93
C HIS A 152 12.13 -2.17 -13.04
N ALA A 153 12.92 -2.33 -14.10
CA ALA A 153 13.70 -3.54 -14.33
C ALA A 153 14.42 -3.92 -13.05
N TYR A 154 15.15 -2.96 -12.48
CA TYR A 154 15.88 -3.13 -11.23
C TYR A 154 14.97 -3.62 -10.11
N THR A 155 13.79 -3.02 -10.02
CA THR A 155 12.84 -3.35 -8.98
C THR A 155 12.40 -4.82 -8.99
N ARG A 156 12.15 -5.35 -10.17
CA ARG A 156 11.70 -6.72 -10.26
C ARG A 156 12.75 -7.80 -10.52
N TYR A 157 13.42 -7.72 -11.66
CA TYR A 157 14.40 -8.72 -12.02
C TYR A 157 15.40 -9.00 -10.91
N MET A 158 15.96 -7.94 -10.32
CA MET A 158 16.92 -8.09 -9.23
C MET A 158 16.27 -8.83 -8.07
N GLY A 159 15.00 -8.56 -7.81
CA GLY A 159 14.32 -9.27 -6.75
C GLY A 159 14.18 -10.72 -7.18
N ASP A 160 13.82 -10.93 -8.45
CA ASP A 160 13.65 -12.26 -9.00
C ASP A 160 14.92 -13.09 -8.90
N LEU A 161 16.08 -12.45 -8.99
CA LEU A 161 17.34 -13.15 -8.90
C LEU A 161 17.82 -13.40 -7.45
N SER A 162 17.31 -12.62 -6.50
CA SER A 162 17.69 -12.73 -5.08
C SER A 162 17.09 -13.92 -4.33
N GLY A 163 15.84 -14.25 -4.60
CA GLY A 163 15.21 -15.35 -3.90
C GLY A 163 14.17 -16.15 -4.68
N GLY A 164 14.29 -16.13 -6.00
CA GLY A 164 13.35 -16.86 -6.83
C GLY A 164 13.46 -18.36 -6.59
N GLN A 165 14.67 -18.82 -6.31
CA GLN A 165 14.91 -20.25 -6.08
C GLN A 165 14.03 -20.76 -4.95
N VAL A 166 14.02 -20.02 -3.85
CA VAL A 166 13.22 -20.37 -2.68
C VAL A 166 11.74 -20.42 -3.06
N LEU A 167 11.23 -19.34 -3.67
CA LEU A 167 9.81 -19.28 -4.06
C LEU A 167 9.32 -20.49 -4.86
N LYS A 168 10.19 -21.00 -5.73
CA LYS A 168 9.85 -22.15 -6.56
C LYS A 168 9.52 -23.34 -5.65
N LYS A 169 10.39 -23.58 -4.67
CA LYS A 169 10.24 -24.69 -3.75
C LYS A 169 8.99 -24.58 -2.89
N VAL A 170 8.63 -23.35 -2.50
CA VAL A 170 7.43 -23.18 -1.71
C VAL A 170 6.21 -23.49 -2.57
N ALA A 171 6.19 -22.90 -3.76
CA ALA A 171 5.10 -23.11 -4.71
C ALA A 171 4.85 -24.60 -5.01
N GLN A 172 5.90 -25.33 -5.36
CA GLN A 172 5.77 -26.75 -5.70
C GLN A 172 5.27 -27.58 -4.54
N ARG A 173 5.74 -27.25 -3.34
CA ARG A 173 5.38 -27.94 -2.12
C ARG A 173 3.93 -27.72 -1.68
N ALA A 174 3.43 -26.50 -1.84
CA ALA A 174 2.06 -26.19 -1.42
C ALA A 174 1.00 -26.61 -2.43
N LEU A 175 1.40 -26.69 -3.69
CA LEU A 175 0.46 -27.03 -4.75
C LEU A 175 0.75 -28.40 -5.35
N LYS A 176 1.77 -29.07 -4.83
CA LYS A 176 2.15 -30.38 -5.33
C LYS A 176 2.35 -30.25 -6.83
N LEU A 177 3.41 -29.56 -7.23
CA LEU A 177 3.71 -29.38 -8.65
C LEU A 177 4.85 -30.28 -9.10
N PRO A 178 4.92 -30.58 -10.41
CA PRO A 178 5.99 -31.44 -10.92
C PRO A 178 7.36 -30.97 -10.46
N SER A 179 8.27 -31.93 -10.30
CA SER A 179 9.63 -31.65 -9.86
C SER A 179 10.49 -31.18 -11.02
N THR A 180 10.17 -31.66 -12.22
CA THR A 180 10.91 -31.29 -13.42
C THR A 180 10.88 -29.77 -13.58
N GLY A 181 9.79 -29.14 -13.12
CA GLY A 181 9.67 -27.70 -13.18
C GLY A 181 8.44 -27.03 -13.77
N GLU A 182 7.44 -27.80 -14.16
CA GLU A 182 6.22 -27.22 -14.74
C GLU A 182 5.47 -26.38 -13.72
N GLY A 183 4.83 -25.31 -14.19
CA GLY A 183 4.08 -24.43 -13.31
C GLY A 183 4.91 -23.37 -12.62
N THR A 184 6.23 -23.54 -12.63
CA THR A 184 7.10 -22.57 -11.98
C THR A 184 8.29 -22.15 -12.81
N GLN A 185 8.18 -22.30 -14.12
CA GLN A 185 9.27 -21.93 -15.02
C GLN A 185 9.66 -20.48 -14.73
N PHE A 186 8.68 -19.62 -14.49
CA PHE A 186 8.95 -18.21 -14.19
C PHE A 186 10.04 -18.02 -13.13
N TYR A 187 9.98 -18.85 -12.10
CA TYR A 187 10.90 -18.81 -10.98
C TYR A 187 12.30 -19.33 -11.32
N LEU A 188 12.51 -19.64 -12.60
CA LEU A 188 13.79 -20.17 -13.05
C LEU A 188 14.29 -19.52 -14.34
N PHE A 189 15.48 -18.93 -14.25
CA PHE A 189 16.14 -18.28 -15.39
C PHE A 189 17.04 -19.32 -16.09
N GLU A 190 16.43 -20.12 -16.96
CA GLU A 190 17.11 -21.18 -17.70
C GLU A 190 18.18 -20.72 -18.70
N ASN A 191 19.15 -19.97 -18.17
CA ASN A 191 20.27 -19.42 -18.94
C ASN A 191 21.30 -18.65 -18.12
N VAL A 192 21.04 -18.50 -16.82
CA VAL A 192 22.00 -17.80 -15.98
C VAL A 192 22.72 -18.84 -15.13
N ASP A 193 24.04 -18.87 -15.23
CA ASP A 193 24.85 -19.83 -14.48
C ASP A 193 24.84 -19.56 -12.99
N ASN A 194 25.06 -18.31 -12.61
CA ASN A 194 25.08 -17.94 -11.20
C ASN A 194 24.30 -16.65 -10.92
N ALA A 195 23.03 -16.81 -10.53
CA ALA A 195 22.17 -15.65 -10.23
C ALA A 195 22.89 -14.56 -9.43
N GLN A 196 23.49 -14.96 -8.31
CA GLN A 196 24.18 -13.99 -7.47
C GLN A 196 25.25 -13.21 -8.26
N GLN A 197 25.79 -13.84 -9.31
CA GLN A 197 26.83 -13.20 -10.14
C GLN A 197 26.27 -12.22 -11.18
N PHE A 198 25.09 -12.53 -11.73
CA PHE A 198 24.49 -11.66 -12.72
C PHE A 198 24.05 -10.34 -12.10
N LYS A 199 23.50 -10.38 -10.88
CA LYS A 199 23.09 -9.15 -10.23
C LYS A 199 24.32 -8.28 -10.04
N GLN A 200 25.46 -8.94 -9.84
CA GLN A 200 26.71 -8.22 -9.65
C GLN A 200 27.22 -7.60 -10.95
N LEU A 201 27.08 -8.31 -12.07
CA LEU A 201 27.52 -7.75 -13.34
C LEU A 201 26.49 -6.67 -13.72
N TYR A 202 25.25 -6.92 -13.32
CA TYR A 202 24.14 -6.02 -13.56
C TYR A 202 24.32 -4.67 -12.83
N ARG A 203 24.77 -4.72 -11.58
CA ARG A 203 24.99 -3.50 -10.82
C ARG A 203 26.11 -2.69 -11.46
N ALA A 204 27.11 -3.40 -11.98
CA ALA A 204 28.23 -2.74 -12.62
C ALA A 204 27.73 -1.92 -13.82
N ARG A 205 26.79 -2.47 -14.56
CA ARG A 205 26.25 -1.77 -15.71
C ARG A 205 25.39 -0.56 -15.31
N MET A 206 24.73 -0.64 -14.17
CA MET A 206 23.91 0.47 -13.71
C MET A 206 24.81 1.59 -13.21
N ASN A 207 26.00 1.24 -12.74
CA ASN A 207 26.92 2.28 -12.27
C ASN A 207 27.69 2.88 -13.45
N ALA A 208 27.59 2.26 -14.62
CA ALA A 208 28.30 2.76 -15.80
C ALA A 208 27.47 3.74 -16.63
N LEU A 209 26.15 3.57 -16.64
CA LEU A 209 25.31 4.47 -17.41
C LEU A 209 25.71 5.93 -17.17
N ASP A 210 25.52 6.77 -18.18
CA ASP A 210 25.84 8.19 -18.11
C ASP A 210 24.68 8.92 -17.45
N LEU A 211 24.81 9.23 -16.15
CA LEU A 211 23.75 9.89 -15.41
C LEU A 211 24.27 10.85 -14.33
N ASN A 212 23.53 11.93 -14.09
CA ASN A 212 23.91 12.88 -13.05
C ASN A 212 22.99 12.69 -11.86
N MET A 213 23.37 13.24 -10.72
CA MET A 213 22.59 13.08 -9.49
C MET A 213 21.11 13.47 -9.55
N LYS A 214 20.79 14.54 -10.27
CA LYS A 214 19.42 15.01 -10.38
C LYS A 214 18.51 13.89 -10.89
N THR A 215 18.97 13.23 -11.95
CA THR A 215 18.24 12.14 -12.61
C THR A 215 18.19 10.86 -11.78
N LYS A 216 19.34 10.38 -11.34
CA LYS A 216 19.38 9.18 -10.52
C LYS A 216 18.35 9.27 -9.39
N GLU A 217 18.28 10.42 -8.73
CA GLU A 217 17.33 10.60 -7.65
C GLU A 217 15.93 10.33 -8.17
N ARG A 218 15.70 10.63 -9.45
CA ARG A 218 14.39 10.39 -10.05
C ARG A 218 14.19 8.89 -10.31
N ILE A 219 15.30 8.19 -10.57
CA ILE A 219 15.25 6.77 -10.80
C ILE A 219 14.83 6.08 -9.49
N VAL A 220 15.20 6.67 -8.35
CA VAL A 220 14.83 6.08 -7.08
C VAL A 220 13.32 6.29 -6.82
N GLU A 221 12.73 7.26 -7.51
CA GLU A 221 11.30 7.56 -7.35
C GLU A 221 10.44 6.50 -8.04
N GLU A 222 10.73 6.24 -9.31
CA GLU A 222 9.96 5.25 -10.02
C GLU A 222 10.27 3.88 -9.38
N ALA A 223 11.48 3.75 -8.83
CA ALA A 223 11.92 2.53 -8.16
C ALA A 223 11.08 2.29 -6.91
N ASN A 224 11.00 3.31 -6.05
CA ASN A 224 10.22 3.25 -4.82
C ASN A 224 8.73 3.13 -5.10
N LYS A 225 8.24 3.84 -6.12
CA LYS A 225 6.84 3.75 -6.48
C LYS A 225 6.60 2.33 -7.01
N ALA A 226 7.56 1.84 -7.79
CA ALA A 226 7.50 0.49 -8.37
C ALA A 226 7.15 -0.56 -7.30
N PHE A 227 7.77 -0.45 -6.13
CA PHE A 227 7.47 -1.40 -5.06
C PHE A 227 5.98 -1.26 -4.67
N GLU A 228 5.46 -0.04 -4.73
CA GLU A 228 4.07 0.19 -4.35
C GLU A 228 3.04 -0.56 -5.21
N TYR A 229 3.28 -0.63 -6.53
CA TYR A 229 2.36 -1.37 -7.38
C TYR A 229 2.36 -2.81 -6.88
N ASN A 230 3.54 -3.30 -6.50
CA ASN A 230 3.66 -4.65 -5.96
C ASN A 230 2.90 -4.69 -4.66
N MET A 231 3.02 -3.62 -3.88
CA MET A 231 2.28 -3.56 -2.63
C MET A 231 0.81 -3.59 -3.01
N GLN A 232 0.43 -2.77 -3.99
CA GLN A 232 -0.98 -2.74 -4.37
C GLN A 232 -1.47 -4.04 -4.97
N ILE A 233 -0.60 -4.74 -5.68
CA ILE A 233 -1.01 -6.01 -6.27
C ILE A 233 -1.15 -7.01 -5.13
N PHE A 234 -0.18 -7.01 -4.21
CA PHE A 234 -0.21 -7.91 -3.07
C PHE A 234 -1.46 -7.66 -2.25
N ASN A 235 -1.78 -6.37 -2.04
CA ASN A 235 -2.95 -5.99 -1.28
C ASN A 235 -4.22 -6.55 -1.94
N GLU A 236 -4.28 -6.50 -3.26
CA GLU A 236 -5.44 -7.01 -3.99
C GLU A 236 -5.53 -8.53 -3.85
N LEU A 237 -4.42 -9.22 -4.13
CA LEU A 237 -4.35 -10.67 -4.05
C LEU A 237 -4.86 -11.28 -2.74
N ASP A 238 -4.38 -10.78 -1.60
CA ASP A 238 -4.84 -11.32 -0.31
C ASP A 238 -6.36 -11.07 -0.21
N GLN A 239 -6.83 -9.96 -0.77
CA GLN A 239 -8.25 -9.64 -0.75
C GLN A 239 -8.92 -10.17 -2.04
N ALA A 240 -8.57 -11.41 -2.40
CA ALA A 240 -9.13 -12.06 -3.60
C ALA A 240 -10.23 -13.03 -3.19
N GLY A 241 -10.50 -13.11 -1.89
CA GLY A 241 -11.53 -14.00 -1.39
C GLY A 241 -12.40 -13.34 -0.33
N SER A 242 -11.74 -12.82 0.71
CA SER A 242 -12.41 -12.13 1.82
C SER A 242 -13.16 -13.08 2.76
N MET B 30 -10.81 24.70 -11.78
CA MET B 30 -11.57 25.90 -11.34
C MET B 30 -12.22 25.81 -9.95
N ALA B 31 -12.26 24.61 -9.38
CA ALA B 31 -12.87 24.41 -8.07
C ALA B 31 -11.89 24.29 -6.90
N ASP B 32 -12.36 24.63 -5.71
CA ASP B 32 -11.55 24.53 -4.49
C ASP B 32 -11.27 23.05 -4.22
N LEU B 33 -10.06 22.73 -3.79
CA LEU B 33 -9.70 21.34 -3.51
C LEU B 33 -10.65 20.73 -2.47
N SER B 34 -11.06 21.54 -1.50
CA SER B 34 -11.97 21.08 -0.46
C SER B 34 -13.29 20.58 -1.04
N GLU B 35 -13.78 21.28 -2.06
CA GLU B 35 -15.04 20.90 -2.70
C GLU B 35 -14.82 19.68 -3.58
N LEU B 36 -13.66 19.59 -4.20
CA LEU B 36 -13.37 18.44 -5.05
C LEU B 36 -13.20 17.18 -4.19
N LEU B 37 -12.90 17.36 -2.91
CA LEU B 37 -12.74 16.23 -2.01
C LEU B 37 -14.08 15.81 -1.40
N LYS B 38 -14.75 16.75 -0.75
CA LYS B 38 -16.04 16.49 -0.12
C LYS B 38 -17.01 15.70 -1.00
N GLU B 39 -17.05 16.06 -2.29
CA GLU B 39 -17.92 15.40 -3.26
C GLU B 39 -17.20 14.25 -3.98
N GLY B 40 -16.01 14.54 -4.51
CA GLY B 40 -15.26 13.55 -5.24
C GLY B 40 -15.17 12.18 -4.61
N THR B 41 -15.54 12.08 -3.34
CA THR B 41 -15.46 10.80 -2.62
C THR B 41 -16.84 10.31 -2.18
N LYS B 42 -17.89 10.81 -2.84
CA LYS B 42 -19.28 10.46 -2.53
C LYS B 42 -19.55 8.96 -2.64
N GLU B 43 -19.60 8.46 -3.87
CA GLU B 43 -19.88 7.04 -4.11
C GLU B 43 -19.08 6.18 -3.13
N ALA B 44 -17.90 6.68 -2.74
CA ALA B 44 -17.03 5.95 -1.83
C ALA B 44 -17.37 6.30 -0.39
N HIS B 45 -17.82 7.52 -0.17
CA HIS B 45 -18.19 7.96 1.18
C HIS B 45 -19.48 7.26 1.58
N ASP B 46 -20.48 7.34 0.71
CA ASP B 46 -21.76 6.68 0.98
C ASP B 46 -21.54 5.23 1.35
N ARG B 47 -20.60 4.57 0.69
CA ARG B 47 -20.35 3.16 0.98
C ARG B 47 -19.92 2.96 2.42
N ALA B 48 -19.52 4.05 3.07
CA ALA B 48 -19.09 3.99 4.46
C ALA B 48 -20.24 4.30 5.43
N GLU B 49 -21.15 5.18 5.02
CA GLU B 49 -22.29 5.52 5.86
C GLU B 49 -23.22 4.31 5.95
N ASN B 50 -22.86 3.26 5.22
CA ASN B 50 -23.68 2.05 5.20
C ASN B 50 -22.85 0.77 5.19
N THR B 51 -22.47 0.33 6.39
CA THR B 51 -21.71 -0.89 6.55
C THR B 51 -22.21 -1.62 7.81
N GLN B 52 -21.95 -2.92 7.90
CA GLN B 52 -22.41 -3.68 9.05
C GLN B 52 -21.86 -3.11 10.35
N PHE B 53 -20.56 -2.86 10.38
CA PHE B 53 -19.96 -2.31 11.58
C PHE B 53 -20.53 -0.94 11.94
N VAL B 54 -20.72 -0.09 10.93
CA VAL B 54 -21.25 1.25 11.13
C VAL B 54 -22.76 1.22 11.38
N LYS B 55 -23.41 0.13 10.99
CA LYS B 55 -24.84 0.00 11.19
C LYS B 55 -25.12 -0.54 12.59
N ASP B 56 -24.30 -1.48 13.02
CA ASP B 56 -24.46 -2.08 14.34
C ASP B 56 -23.95 -1.11 15.41
N PHE B 57 -22.87 -0.40 15.11
CA PHE B 57 -22.29 0.54 16.06
C PHE B 57 -23.32 1.57 16.51
N LEU B 58 -23.80 2.37 15.57
CA LEU B 58 -24.80 3.40 15.85
C LEU B 58 -26.03 2.85 16.55
N LYS B 59 -26.45 1.65 16.16
CA LYS B 59 -27.61 1.03 16.79
C LYS B 59 -27.22 0.49 18.17
N GLY B 60 -26.18 1.08 18.75
CA GLY B 60 -25.71 0.69 20.06
C GLY B 60 -25.15 -0.70 20.20
N ASN B 61 -24.14 -1.01 19.41
CA ASN B 61 -23.52 -2.34 19.46
C ASN B 61 -22.00 -2.27 19.49
N ILE B 62 -21.39 -3.26 20.16
CA ILE B 62 -19.94 -3.38 20.30
C ILE B 62 -19.59 -4.05 21.63
N LYS B 63 -18.69 -5.04 21.60
CA LYS B 63 -18.29 -5.74 22.82
C LYS B 63 -16.85 -5.49 23.27
N LYS B 64 -16.70 -5.30 24.58
CA LYS B 64 -15.42 -5.02 25.24
C LYS B 64 -14.12 -5.51 24.57
N GLU B 65 -14.19 -6.53 23.74
CA GLU B 65 -12.98 -7.01 23.08
C GLU B 65 -12.90 -6.69 21.59
N LEU B 66 -14.01 -6.22 21.03
CA LEU B 66 -14.07 -5.84 19.62
C LEU B 66 -13.87 -4.33 19.62
N PHE B 67 -13.55 -3.82 20.81
CA PHE B 67 -13.33 -2.41 21.04
C PHE B 67 -11.83 -2.19 21.16
N LYS B 68 -11.18 -3.13 21.83
CA LYS B 68 -9.74 -3.06 22.03
C LYS B 68 -9.02 -3.22 20.70
N LEU B 69 -9.26 -4.34 20.04
CA LEU B 69 -8.64 -4.64 18.76
C LEU B 69 -8.97 -3.51 17.79
N ALA B 70 -10.23 -3.11 17.76
CA ALA B 70 -10.68 -2.04 16.88
C ALA B 70 -9.95 -0.75 17.23
N THR B 71 -9.83 -0.47 18.53
CA THR B 71 -9.14 0.74 18.96
C THR B 71 -7.66 0.59 18.63
N THR B 72 -7.20 -0.66 18.54
CA THR B 72 -5.82 -0.96 18.22
C THR B 72 -5.52 -0.54 16.79
N ALA B 73 -6.55 -0.57 15.95
CA ALA B 73 -6.41 -0.20 14.56
C ALA B 73 -6.08 1.30 14.48
N LEU B 74 -6.87 2.08 15.22
CA LEU B 74 -6.71 3.53 15.25
C LEU B 74 -5.33 3.97 15.71
N TYR B 75 -4.83 3.36 16.77
CA TYR B 75 -3.52 3.71 17.32
C TYR B 75 -2.39 3.41 16.36
N PHE B 76 -2.49 2.30 15.65
CA PHE B 76 -1.48 1.91 14.68
C PHE B 76 -1.63 2.79 13.44
N THR B 77 -2.87 2.94 13.00
CA THR B 77 -3.17 3.77 11.84
C THR B 77 -2.77 5.22 12.09
N TYR B 78 -3.11 5.77 13.26
CA TYR B 78 -2.77 7.17 13.54
C TYR B 78 -1.31 7.40 13.87
N SER B 79 -0.65 6.38 14.38
CA SER B 79 0.76 6.51 14.73
C SER B 79 1.54 6.72 13.43
N ALA B 80 1.09 6.05 12.38
CA ALA B 80 1.75 6.14 11.09
C ALA B 80 1.42 7.48 10.42
N LEU B 81 0.13 7.81 10.38
CA LEU B 81 -0.33 9.03 9.76
C LEU B 81 0.35 10.24 10.37
N GLU B 82 0.32 10.32 11.69
CA GLU B 82 0.95 11.43 12.39
C GLU B 82 2.46 11.42 12.23
N GLU B 83 3.09 10.24 12.28
CA GLU B 83 4.52 10.19 12.10
C GLU B 83 4.85 10.81 10.74
N GLU B 84 4.12 10.37 9.72
CA GLU B 84 4.32 10.88 8.37
C GLU B 84 4.03 12.38 8.28
N MET B 85 3.07 12.87 9.07
CA MET B 85 2.75 14.30 9.04
C MET B 85 3.93 15.10 9.57
N GLU B 86 4.41 14.76 10.76
CA GLU B 86 5.54 15.45 11.37
C GLU B 86 6.74 15.41 10.41
N ARG B 87 6.95 14.24 9.80
CA ARG B 87 8.04 14.05 8.86
C ARG B 87 8.02 15.11 7.77
N ASN B 88 6.84 15.40 7.24
CA ASN B 88 6.68 16.37 6.17
C ASN B 88 6.18 17.74 6.64
N LYS B 89 6.28 18.02 7.93
CA LYS B 89 5.79 19.28 8.48
C LYS B 89 6.35 20.52 7.75
N ASP B 90 7.58 20.43 7.24
CA ASP B 90 8.18 21.56 6.52
C ASP B 90 8.07 21.45 5.01
N HIS B 91 7.36 20.43 4.53
CA HIS B 91 7.17 20.23 3.10
C HIS B 91 6.12 21.22 2.59
N PRO B 92 6.49 22.08 1.64
CA PRO B 92 5.56 23.07 1.08
C PRO B 92 4.19 22.53 0.71
N ALA B 93 4.09 21.23 0.51
CA ALA B 93 2.81 20.66 0.15
C ALA B 93 2.00 20.15 1.34
N PHE B 94 2.61 20.12 2.53
CA PHE B 94 1.88 19.66 3.69
C PHE B 94 1.96 20.58 4.90
N ALA B 95 3.02 21.39 4.96
CA ALA B 95 3.24 22.31 6.06
C ALA B 95 1.98 23.04 6.55
N PRO B 96 1.13 23.51 5.62
CA PRO B 96 -0.10 24.22 6.02
C PRO B 96 -1.07 23.39 6.85
N LEU B 97 -1.11 22.08 6.59
CA LEU B 97 -2.03 21.18 7.28
C LEU B 97 -1.45 20.48 8.48
N TYR B 98 -0.28 20.94 8.92
CA TYR B 98 0.43 20.36 10.06
C TYR B 98 0.01 21.06 11.35
N PHE B 99 -0.96 20.47 12.04
CA PHE B 99 -1.50 21.00 13.29
C PHE B 99 -1.25 20.03 14.45
N PRO B 100 0.02 19.69 14.74
CA PRO B 100 0.29 18.76 15.83
C PRO B 100 -0.37 19.11 17.16
N MET B 101 -0.14 20.32 17.64
CA MET B 101 -0.70 20.76 18.91
C MET B 101 -2.22 20.63 19.00
N GLU B 102 -2.93 20.94 17.92
CA GLU B 102 -4.40 20.88 17.89
C GLU B 102 -5.04 19.54 17.54
N LEU B 103 -4.56 18.91 16.47
CA LEU B 103 -5.15 17.66 15.97
C LEU B 103 -4.58 16.30 16.33
N HIS B 104 -3.26 16.17 16.43
CA HIS B 104 -2.69 14.85 16.69
C HIS B 104 -3.43 14.01 17.72
N ARG B 105 -3.93 12.88 17.23
CA ARG B 105 -4.72 11.93 18.04
C ARG B 105 -3.93 10.80 18.70
N LYS B 106 -2.60 10.84 18.69
CA LYS B 106 -1.87 9.74 19.29
C LYS B 106 -2.07 9.57 20.80
N GLU B 107 -1.80 10.61 21.59
CA GLU B 107 -1.95 10.51 23.05
C GLU B 107 -3.28 9.89 23.46
N ALA B 108 -4.38 10.48 22.99
CA ALA B 108 -5.70 9.97 23.34
C ALA B 108 -5.71 8.45 23.15
N LEU B 109 -5.23 8.00 22.00
CA LEU B 109 -5.20 6.57 21.70
C LEU B 109 -4.18 5.80 22.56
N THR B 110 -3.13 6.47 23.00
CA THR B 110 -2.13 5.84 23.84
C THR B 110 -2.74 5.69 25.23
N LYS B 111 -3.49 6.71 25.67
CA LYS B 111 -4.14 6.65 26.98
C LYS B 111 -5.11 5.47 26.96
N ASP B 112 -5.87 5.38 25.88
CA ASP B 112 -6.84 4.31 25.71
C ASP B 112 -6.24 2.91 25.74
N MET B 113 -5.07 2.74 25.11
CA MET B 113 -4.38 1.44 25.07
C MET B 113 -3.88 1.07 26.47
N GLU B 114 -3.48 2.07 27.24
CA GLU B 114 -3.01 1.85 28.61
C GLU B 114 -4.22 1.38 29.45
N TYR B 115 -5.35 2.07 29.29
CA TYR B 115 -6.55 1.73 30.04
C TYR B 115 -7.08 0.32 29.74
N PHE B 116 -7.12 -0.05 28.47
CA PHE B 116 -7.60 -1.37 28.09
C PHE B 116 -6.51 -2.46 28.06
N PHE B 117 -5.25 -2.05 28.01
CA PHE B 117 -4.15 -3.01 27.95
C PHE B 117 -3.15 -2.93 29.09
N GLY B 118 -2.89 -1.72 29.57
CA GLY B 118 -1.96 -1.54 30.67
C GLY B 118 -0.52 -1.19 30.31
N GLU B 119 0.28 -0.98 31.35
CA GLU B 119 1.69 -0.63 31.26
C GLU B 119 2.39 -0.91 29.91
N ASN B 120 2.96 -2.10 29.79
CA ASN B 120 3.67 -2.52 28.58
C ASN B 120 2.73 -3.21 27.60
N TRP B 121 1.80 -2.44 27.06
CA TRP B 121 0.80 -2.95 26.12
C TRP B 121 1.37 -3.32 24.74
N GLU B 122 2.28 -2.50 24.22
CA GLU B 122 2.85 -2.74 22.89
C GLU B 122 3.79 -3.93 22.83
N GLU B 123 4.27 -4.39 23.99
CA GLU B 123 5.18 -5.52 24.03
C GLU B 123 4.62 -6.69 23.22
N GLN B 124 3.31 -6.90 23.32
CA GLN B 124 2.67 -8.00 22.61
C GLN B 124 1.32 -7.66 21.98
N VAL B 125 1.36 -7.08 20.78
CA VAL B 125 0.15 -6.68 20.04
C VAL B 125 0.45 -6.61 18.54
N GLN B 126 -0.30 -7.35 17.73
CA GLN B 126 -0.09 -7.34 16.27
C GLN B 126 -1.18 -6.61 15.51
N ALA B 127 -0.91 -5.34 15.16
CA ALA B 127 -1.86 -4.52 14.43
C ALA B 127 -2.72 -5.38 13.52
N PRO B 128 -4.04 -5.16 13.52
CA PRO B 128 -4.92 -5.95 12.65
C PRO B 128 -4.53 -5.82 11.17
N LYS B 129 -4.87 -6.84 10.40
CA LYS B 129 -4.53 -6.89 8.98
C LYS B 129 -5.04 -5.80 8.03
N ALA B 130 -6.31 -5.42 8.15
CA ALA B 130 -6.84 -4.39 7.27
C ALA B 130 -6.28 -3.03 7.67
N ALA B 131 -5.60 -2.99 8.81
CA ALA B 131 -5.00 -1.76 9.30
C ALA B 131 -3.50 -1.72 9.00
N GLN B 132 -2.87 -2.89 8.91
CA GLN B 132 -1.45 -2.95 8.62
C GLN B 132 -1.20 -2.51 7.18
N LYS B 133 -2.13 -2.86 6.31
CA LYS B 133 -2.03 -2.48 4.91
C LYS B 133 -2.11 -0.97 4.85
N TYR B 134 -3.04 -0.42 5.63
CA TYR B 134 -3.27 1.02 5.71
C TYR B 134 -1.99 1.73 6.08
N VAL B 135 -1.34 1.23 7.12
CA VAL B 135 -0.08 1.77 7.59
C VAL B 135 1.06 1.65 6.58
N GLU B 136 1.35 0.44 6.11
CA GLU B 136 2.44 0.26 5.14
C GLU B 136 2.28 1.29 4.00
N ARG B 137 1.04 1.69 3.75
CA ARG B 137 0.71 2.65 2.70
C ARG B 137 1.00 4.09 3.15
N ILE B 138 0.60 4.40 4.36
CA ILE B 138 0.79 5.73 4.93
C ILE B 138 2.27 6.09 4.99
N HIS B 139 3.13 5.09 5.12
CA HIS B 139 4.58 5.34 5.16
C HIS B 139 5.15 5.44 3.74
N TYR B 140 4.48 4.84 2.77
CA TYR B 140 4.91 4.94 1.39
C TYR B 140 4.64 6.39 0.92
N ILE B 141 3.39 6.83 1.08
CA ILE B 141 2.99 8.18 0.67
C ILE B 141 3.85 9.28 1.30
N GLY B 142 3.91 9.27 2.64
CA GLY B 142 4.68 10.27 3.35
C GLY B 142 6.15 10.30 2.99
N GLN B 143 6.75 9.11 2.89
CA GLN B 143 8.17 8.97 2.58
C GLN B 143 8.54 9.26 1.13
N ASN B 144 7.65 8.90 0.19
CA ASN B 144 7.90 9.10 -1.23
C ASN B 144 7.15 10.27 -1.84
N GLU B 145 5.86 10.10 -2.11
CA GLU B 145 5.03 11.18 -2.68
C GLU B 145 4.18 11.81 -1.59
N PRO B 146 4.74 12.80 -0.87
CA PRO B 146 4.04 13.51 0.22
C PRO B 146 2.89 14.42 -0.20
N GLU B 147 2.91 14.91 -1.44
CA GLU B 147 1.84 15.80 -1.88
C GLU B 147 0.47 15.16 -1.82
N LEU B 148 0.41 13.89 -1.48
CA LEU B 148 -0.87 13.19 -1.40
C LEU B 148 -1.31 12.96 0.04
N LEU B 149 -0.40 13.19 0.98
CA LEU B 149 -0.73 13.00 2.40
C LEU B 149 -2.02 13.70 2.76
N VAL B 150 -2.19 14.91 2.22
CA VAL B 150 -3.39 15.69 2.47
C VAL B 150 -4.64 14.83 2.30
N ALA B 151 -4.62 13.93 1.32
CA ALA B 151 -5.79 13.06 1.12
C ALA B 151 -6.07 12.20 2.35
N HIS B 152 -5.01 11.66 2.96
CA HIS B 152 -5.18 10.83 4.13
C HIS B 152 -5.50 11.66 5.39
N ALA B 153 -4.80 12.77 5.56
CA ALA B 153 -5.02 13.65 6.70
C ALA B 153 -6.44 14.25 6.63
N TYR B 154 -6.82 14.68 5.43
CA TYR B 154 -8.13 15.27 5.21
C TYR B 154 -9.19 14.26 5.63
N THR B 155 -9.31 13.20 4.84
CA THR B 155 -10.27 12.12 5.06
C THR B 155 -10.46 11.69 6.52
N ARG B 156 -9.35 11.52 7.23
CA ARG B 156 -9.40 11.07 8.62
C ARG B 156 -9.81 12.12 9.64
N TYR B 157 -9.03 13.18 9.76
CA TYR B 157 -9.30 14.23 10.74
C TYR B 157 -10.58 15.00 10.49
N MET B 158 -10.79 15.46 9.25
CA MET B 158 -12.01 16.20 8.94
C MET B 158 -13.21 15.36 9.35
N GLY B 159 -13.03 14.03 9.31
CA GLY B 159 -14.10 13.12 9.70
C GLY B 159 -14.19 13.04 11.22
N ASP B 160 -13.04 12.88 11.88
CA ASP B 160 -13.01 12.79 13.33
C ASP B 160 -13.79 13.97 13.92
N LEU B 161 -13.29 15.18 13.67
CA LEU B 161 -13.92 16.40 14.17
C LEU B 161 -15.43 16.35 14.06
N SER B 162 -15.93 16.07 12.86
CA SER B 162 -17.36 15.99 12.64
C SER B 162 -17.88 14.57 12.90
N GLY B 163 -18.20 14.28 14.16
CA GLY B 163 -18.70 12.96 14.50
C GLY B 163 -18.41 12.46 15.92
N GLY B 164 -17.16 12.56 16.33
CA GLY B 164 -16.77 12.10 17.66
C GLY B 164 -17.78 12.32 18.77
N GLN B 165 -18.51 13.41 18.69
CA GLN B 165 -19.51 13.75 19.70
C GLN B 165 -20.56 12.65 19.84
N VAL B 166 -21.15 12.25 18.73
CA VAL B 166 -22.16 11.20 18.70
C VAL B 166 -21.56 9.87 19.14
N LEU B 167 -20.65 9.34 18.34
CA LEU B 167 -19.99 8.06 18.62
C LEU B 167 -19.50 7.93 20.06
N LYS B 168 -18.72 8.90 20.51
CA LYS B 168 -18.19 8.89 21.87
C LYS B 168 -19.30 8.67 22.89
N LYS B 169 -20.51 9.09 22.52
CA LYS B 169 -21.66 8.98 23.39
C LYS B 169 -22.36 7.64 23.21
N VAL B 170 -22.78 7.33 21.99
CA VAL B 170 -23.48 6.09 21.70
C VAL B 170 -22.77 4.84 22.26
N ALA B 171 -21.45 4.91 22.36
CA ALA B 171 -20.67 3.78 22.87
C ALA B 171 -20.26 3.93 24.33
N GLN B 172 -20.23 5.17 24.81
CA GLN B 172 -19.83 5.45 26.20
C GLN B 172 -20.66 4.64 27.18
N ARG B 173 -21.99 4.70 27.02
CA ARG B 173 -22.90 3.98 27.90
C ARG B 173 -23.19 2.58 27.39
N ALA B 174 -22.85 2.33 26.14
CA ALA B 174 -23.07 1.02 25.54
C ALA B 174 -22.05 0.01 26.06
N LEU B 175 -21.02 0.50 26.73
CA LEU B 175 -19.96 -0.36 27.26
C LEU B 175 -19.66 -0.03 28.73
N LYS B 176 -20.42 0.92 29.28
CA LYS B 176 -20.23 1.37 30.66
C LYS B 176 -18.78 1.76 30.84
N LEU B 177 -18.38 2.83 30.15
CA LEU B 177 -17.01 3.33 30.21
C LEU B 177 -16.87 4.47 31.23
N PRO B 178 -15.76 4.49 31.97
CA PRO B 178 -15.51 5.53 32.99
C PRO B 178 -16.00 6.90 32.54
N SER B 179 -17.15 7.30 33.08
CA SER B 179 -17.77 8.59 32.74
C SER B 179 -16.80 9.76 32.64
N THR B 180 -15.59 9.61 33.16
CA THR B 180 -14.61 10.69 33.10
C THR B 180 -13.74 10.67 31.84
N GLY B 181 -14.14 9.88 30.85
CA GLY B 181 -13.40 9.82 29.61
C GLY B 181 -12.86 8.46 29.22
N GLU B 182 -12.04 7.89 30.10
CA GLU B 182 -11.43 6.57 29.88
C GLU B 182 -12.17 5.77 28.81
N GLY B 183 -11.46 5.37 27.76
CA GLY B 183 -12.07 4.59 26.70
C GLY B 183 -12.59 5.35 25.49
N THR B 184 -12.79 6.66 25.61
CA THR B 184 -13.28 7.44 24.47
C THR B 184 -12.48 8.72 24.26
N GLN B 185 -11.35 8.84 24.95
CA GLN B 185 -10.51 10.03 24.83
C GLN B 185 -10.19 10.34 23.38
N PHE B 186 -10.28 9.31 22.54
CA PHE B 186 -10.02 9.49 21.12
C PHE B 186 -10.94 10.54 20.52
N TYR B 187 -12.22 10.48 20.85
CA TYR B 187 -13.22 11.41 20.32
C TYR B 187 -13.25 12.80 20.95
N LEU B 188 -12.24 13.12 21.77
CA LEU B 188 -12.20 14.42 22.42
C LEU B 188 -11.08 15.34 21.95
N PHE B 189 -11.45 16.37 21.20
CA PHE B 189 -10.46 17.33 20.71
C PHE B 189 -10.28 18.46 21.72
N GLU B 190 -9.56 18.14 22.79
CA GLU B 190 -9.28 19.06 23.88
C GLU B 190 -8.82 20.45 23.42
N ASN B 191 -7.90 20.47 22.47
CA ASN B 191 -7.34 21.71 21.93
C ASN B 191 -8.17 22.32 20.81
N VAL B 192 -9.36 21.77 20.59
CA VAL B 192 -10.26 22.29 19.57
C VAL B 192 -11.58 22.60 20.28
N ASP B 193 -11.95 23.87 20.28
CA ASP B 193 -13.17 24.33 20.94
C ASP B 193 -14.36 24.53 19.99
N ASN B 194 -14.07 24.83 18.73
CA ASN B 194 -15.13 25.05 17.74
C ASN B 194 -14.81 24.25 16.46
N ALA B 195 -15.34 23.03 16.40
CA ALA B 195 -15.13 22.13 15.28
C ALA B 195 -15.43 22.72 13.90
N GLN B 196 -16.57 23.39 13.78
CA GLN B 196 -16.95 23.97 12.51
C GLN B 196 -15.97 25.08 12.11
N GLN B 197 -15.50 25.84 13.09
CA GLN B 197 -14.57 26.91 12.81
C GLN B 197 -13.24 26.31 12.31
N PHE B 198 -12.83 25.21 12.92
CA PHE B 198 -11.58 24.57 12.50
C PHE B 198 -11.69 24.00 11.09
N LYS B 199 -12.84 23.41 10.77
CA LYS B 199 -13.02 22.87 9.44
C LYS B 199 -12.83 24.00 8.44
N GLN B 200 -13.29 25.19 8.80
CA GLN B 200 -13.14 26.37 7.93
C GLN B 200 -11.66 26.69 7.73
N LEU B 201 -10.94 26.76 8.85
CA LEU B 201 -9.52 27.05 8.80
C LEU B 201 -8.79 26.00 7.95
N TYR B 202 -9.05 24.73 8.25
CA TYR B 202 -8.42 23.61 7.53
C TYR B 202 -8.75 23.64 6.04
N ARG B 203 -10.01 23.86 5.69
CA ARG B 203 -10.42 23.92 4.28
C ARG B 203 -9.71 25.02 3.50
N ALA B 204 -9.62 26.21 4.08
CA ALA B 204 -8.97 27.32 3.41
C ALA B 204 -7.48 27.01 3.23
N ARG B 205 -6.95 26.18 4.12
CA ARG B 205 -5.55 25.80 4.04
C ARG B 205 -5.33 24.80 2.89
N MET B 206 -6.14 23.74 2.87
CA MET B 206 -6.03 22.73 1.82
C MET B 206 -6.26 23.38 0.45
N ASN B 207 -7.15 24.38 0.42
CA ASN B 207 -7.46 25.07 -0.83
C ASN B 207 -6.36 26.01 -1.29
N ALA B 208 -5.54 26.47 -0.36
CA ALA B 208 -4.44 27.36 -0.72
C ALA B 208 -3.21 26.58 -1.19
N LEU B 209 -3.18 25.27 -0.94
CA LEU B 209 -2.03 24.47 -1.36
C LEU B 209 -1.89 24.62 -2.86
N ASP B 210 -0.65 24.69 -3.34
CA ASP B 210 -0.36 24.83 -4.76
C ASP B 210 -0.20 23.44 -5.41
N LEU B 211 -1.00 23.17 -6.44
CA LEU B 211 -0.95 21.88 -7.11
C LEU B 211 -1.29 21.95 -8.60
N ASN B 212 -0.84 20.94 -9.36
CA ASN B 212 -1.12 20.84 -10.80
C ASN B 212 -2.56 20.42 -10.91
N MET B 213 -3.05 20.25 -12.14
CA MET B 213 -4.41 19.81 -12.30
C MET B 213 -4.34 18.31 -12.12
N LYS B 214 -3.19 17.74 -12.45
CA LYS B 214 -2.96 16.31 -12.31
C LYS B 214 -2.82 16.02 -10.81
N THR B 215 -2.17 16.94 -10.10
CA THR B 215 -1.96 16.82 -8.67
C THR B 215 -3.28 16.66 -7.93
N LYS B 216 -4.13 17.68 -7.97
CA LYS B 216 -5.40 17.61 -7.29
C LYS B 216 -6.16 16.35 -7.70
N GLU B 217 -6.03 15.98 -8.97
CA GLU B 217 -6.68 14.79 -9.52
C GLU B 217 -6.26 13.53 -8.76
N ARG B 218 -4.95 13.42 -8.52
CA ARG B 218 -4.42 12.29 -7.81
C ARG B 218 -4.86 12.34 -6.35
N ILE B 219 -4.72 13.50 -5.72
CA ILE B 219 -5.12 13.66 -4.33
C ILE B 219 -6.54 13.12 -4.14
N VAL B 220 -7.48 13.56 -4.98
CA VAL B 220 -8.85 13.06 -4.88
C VAL B 220 -8.85 11.53 -4.97
N GLU B 221 -8.00 10.98 -5.82
CA GLU B 221 -7.90 9.54 -5.99
C GLU B 221 -7.27 8.85 -4.77
N GLU B 222 -6.36 9.54 -4.11
CA GLU B 222 -5.72 8.96 -2.94
C GLU B 222 -6.70 8.90 -1.78
N ALA B 223 -7.70 9.78 -1.79
CA ALA B 223 -8.71 9.81 -0.73
C ALA B 223 -9.67 8.64 -0.92
N ASN B 224 -10.09 8.41 -2.16
CA ASN B 224 -10.98 7.29 -2.46
C ASN B 224 -10.25 6.01 -2.09
N LYS B 225 -8.93 6.02 -2.28
CA LYS B 225 -8.10 4.88 -1.95
C LYS B 225 -8.16 4.68 -0.44
N ALA B 226 -8.11 5.79 0.30
CA ALA B 226 -8.17 5.75 1.74
C ALA B 226 -9.51 5.14 2.15
N PHE B 227 -10.50 5.25 1.26
CA PHE B 227 -11.82 4.69 1.54
C PHE B 227 -11.90 3.24 1.08
N GLU B 228 -10.79 2.72 0.56
CA GLU B 228 -10.79 1.34 0.14
C GLU B 228 -10.01 0.53 1.18
N TYR B 229 -9.28 1.23 2.03
CA TYR B 229 -8.52 0.57 3.08
C TYR B 229 -9.37 0.60 4.34
N ASN B 230 -10.11 1.70 4.50
CA ASN B 230 -10.97 1.89 5.66
C ASN B 230 -12.25 1.11 5.39
N MET B 231 -12.56 0.98 4.10
CA MET B 231 -13.74 0.25 3.65
C MET B 231 -13.57 -1.20 4.11
N GLN B 232 -12.36 -1.72 4.00
CA GLN B 232 -12.05 -3.08 4.40
C GLN B 232 -12.06 -3.20 5.92
N ILE B 233 -11.49 -2.21 6.61
CA ILE B 233 -11.46 -2.25 8.06
C ILE B 233 -12.86 -2.43 8.64
N PHE B 234 -13.87 -1.78 8.06
CA PHE B 234 -15.22 -1.94 8.60
C PHE B 234 -15.76 -3.33 8.35
N ASN B 235 -15.51 -3.88 7.17
CA ASN B 235 -16.00 -5.22 6.89
C ASN B 235 -15.03 -6.28 7.42
N GLU B 236 -14.13 -5.86 8.31
CA GLU B 236 -13.19 -6.79 8.92
C GLU B 236 -13.57 -6.91 10.39
N LEU B 237 -14.17 -5.85 10.93
CA LEU B 237 -14.60 -5.82 12.33
C LEU B 237 -15.91 -6.59 12.48
N ASP B 238 -16.70 -6.61 11.41
CA ASP B 238 -17.97 -7.33 11.42
C ASP B 238 -17.73 -8.81 11.64
N GLN B 239 -16.91 -9.40 10.78
CA GLN B 239 -16.58 -10.81 10.88
C GLN B 239 -15.70 -11.08 12.10
N ALA B 240 -15.30 -10.04 12.80
CA ALA B 240 -14.47 -10.21 13.98
C ALA B 240 -15.39 -10.46 15.17
N GLY B 241 -16.31 -9.52 15.42
CA GLY B 241 -17.25 -9.64 16.50
C GLY B 241 -18.29 -10.70 16.17
N SER B 242 -18.25 -11.16 14.92
CA SER B 242 -19.15 -12.19 14.43
C SER B 242 -18.71 -13.55 14.96
N THR B 243 -17.47 -13.93 14.64
CA THR B 243 -16.92 -15.20 15.07
C THR B 243 -16.64 -15.21 16.57
N LEU B 244 -17.40 -14.37 17.28
CA LEU B 244 -17.30 -14.23 18.73
C LEU B 244 -18.71 -14.42 19.27
N ALA B 245 -19.63 -14.67 18.34
CA ALA B 245 -21.04 -14.89 18.67
C ALA B 245 -21.47 -16.22 18.07
N ARG B 246 -20.87 -16.55 16.93
CA ARG B 246 -21.16 -17.80 16.21
C ARG B 246 -20.76 -19.00 17.06
N GLU B 247 -19.46 -19.15 17.28
CA GLU B 247 -18.94 -20.26 18.06
C GLU B 247 -19.58 -20.30 19.46
N THR B 248 -20.16 -19.18 19.86
CA THR B 248 -20.83 -19.06 21.15
C THR B 248 -21.32 -17.62 21.35
CHA HEM C . 17.29 -7.92 -2.98
CHB HEM C . 15.42 -10.82 0.30
CHC HEM C . 11.02 -9.80 -1.28
CHD HEM C . 12.89 -6.76 -4.53
C1A HEM C . 17.15 -8.76 -1.90
C2A HEM C . 18.27 -9.24 -1.12
C3A HEM C . 17.74 -10.08 -0.20
C4A HEM C . 16.30 -10.06 -0.42
CMA HEM C . 18.50 -10.77 0.91
CAA HEM C . 19.67 -8.66 -1.13
CBA HEM C . 20.67 -9.47 -1.94
CGA HEM C . 21.91 -8.67 -2.29
O1A HEM C . 22.88 -9.30 -2.80
O2A HEM C . 21.92 -7.44 -2.06
C1B HEM C . 14.07 -10.84 0.10
C2B HEM C . 13.17 -11.66 0.90
C3B HEM C . 11.92 -11.37 0.46
C4B HEM C . 12.07 -10.38 -0.60
CMB HEM C . 13.57 -12.63 2.00
CAB HEM C . 10.72 -11.88 0.96
CBB HEM C . 10.59 -12.36 2.31
C1C HEM C . 11.14 -8.85 -2.29
C2C HEM C . 10.02 -8.22 -2.97
C3C HEM C . 10.54 -7.34 -3.87
C4C HEM C . 11.99 -7.45 -3.74
CMC HEM C . 8.55 -8.45 -2.63
CAC HEM C . 9.85 -6.45 -4.70
CBC HEM C . 8.46 -6.64 -5.07
C1D HEM C . 14.27 -6.87 -4.42
C2D HEM C . 15.22 -6.09 -5.21
C3D HEM C . 16.44 -6.42 -4.76
C4D HEM C . 16.25 -7.40 -3.73
CMD HEM C . 14.91 -5.03 -6.26
CAD HEM C . 17.77 -5.86 -5.21
CBD HEM C . 18.31 -4.79 -4.27
CGD HEM C . 19.70 -4.37 -4.67
O1D HEM C . 20.61 -5.22 -4.55
O2D HEM C . 19.90 -3.21 -5.11
NA HEM C . 15.94 -9.25 -1.45
NB HEM C . 13.40 -10.07 -0.81
NC HEM C . 12.35 -8.36 -2.75
ND HEM C . 14.92 -7.67 -3.51
FE HEM C . 14.14 -8.75 -2.07
CHA HEM D . -18.15 14.74 6.01
CHB HEM D . -21.72 12.05 7.64
CHC HEM D . -18.88 8.19 7.59
CHD HEM D . -15.27 10.88 5.85
C1A HEM D . -19.37 14.33 6.48
C2A HEM D . -20.46 15.23 6.76
C3A HEM D . -21.46 14.47 7.23
C4A HEM D . -20.99 13.11 7.19
CMA HEM D . -22.75 14.97 7.87
CAA HEM D . -20.44 16.75 6.65
CBA HEM D . -21.06 17.29 5.37
CGA HEM D . -20.89 18.81 5.24
O1A HEM D . -19.77 19.26 4.93
O2A HEM D . -21.89 19.53 5.47
C1B HEM D . -21.27 10.76 7.74
C2B HEM D . -22.02 9.73 8.40
C3B HEM D . -21.21 8.62 8.42
C4B HEM D . -19.98 9.01 7.75
CMB HEM D . -23.37 9.89 9.09
CAB HEM D . -21.51 7.39 9.00
CBB HEM D . -22.20 7.27 10.29
C1C HEM D . -17.66 8.57 7.05
C2C HEM D . -16.53 7.67 6.93
C3C HEM D . -15.50 8.43 6.48
C4C HEM D . -16.02 9.79 6.30
CMC HEM D . -16.48 6.19 7.26
CAC HEM D . -14.21 7.97 6.24
CBC HEM D . -13.08 8.40 7.05
C1D HEM D . -15.75 12.17 5.68
C2D HEM D . -14.95 13.31 5.23
C3D HEM D . -15.78 14.40 5.29
C4D HEM D . -17.07 13.92 5.76
CMD HEM D . -13.53 13.28 4.68
CAD HEM D . -15.38 15.87 5.03
CBD HEM D . -16.29 16.59 4.02
CGD HEM D . -15.94 18.06 3.85
O1D HEM D . -15.03 18.38 3.05
O2D HEM D . -16.58 18.89 4.52
NA HEM D . -19.69 13.03 6.75
NB HEM D . -20.01 10.33 7.36
NC HEM D . -17.36 9.85 6.65
ND HEM D . -17.06 12.55 5.98
FE HEM D . -18.54 11.43 6.62
N ARG A 29 32.48 5.15 -5.37
CA ARG A 29 31.22 4.50 -4.92
C ARG A 29 30.37 5.46 -4.10
N MET A 30 30.89 6.67 -3.87
CA MET A 30 30.17 7.68 -3.08
C MET A 30 29.05 8.37 -3.86
N ALA A 31 28.38 7.61 -4.74
CA ALA A 31 27.29 8.16 -5.53
C ALA A 31 26.79 7.19 -6.60
N ASP A 32 27.21 5.92 -6.51
CA ASP A 32 26.80 4.90 -7.48
C ASP A 32 25.32 4.56 -7.39
N LEU A 33 24.68 4.51 -8.56
CA LEU A 33 23.27 4.20 -8.68
C LEU A 33 22.84 2.92 -7.95
N SER A 34 23.74 1.94 -7.89
CA SER A 34 23.46 0.67 -7.23
C SER A 34 23.15 0.85 -5.75
N GLU A 35 23.93 1.69 -5.08
CA GLU A 35 23.73 1.96 -3.66
C GLU A 35 22.54 2.88 -3.45
N LEU A 36 22.49 3.96 -4.23
CA LEU A 36 21.38 4.92 -4.13
C LEU A 36 20.03 4.19 -4.17
N LEU A 37 19.96 3.13 -4.97
CA LEU A 37 18.75 2.35 -5.10
C LEU A 37 18.55 1.42 -3.90
N LYS A 38 19.64 0.87 -3.37
CA LYS A 38 19.55 -0.04 -2.23
C LYS A 38 19.20 0.72 -0.96
N GLU A 39 19.97 1.75 -0.65
CA GLU A 39 19.68 2.56 0.54
C GLU A 39 18.37 3.31 0.26
N GLY A 40 18.17 3.71 -0.99
CA GLY A 40 16.98 4.44 -1.38
C GLY A 40 15.64 3.72 -1.33
N THR A 41 15.64 2.39 -1.41
CA THR A 41 14.40 1.63 -1.38
C THR A 41 14.30 0.65 -0.21
N LYS A 42 15.16 0.85 0.79
CA LYS A 42 15.21 -0.01 1.97
C LYS A 42 13.85 -0.09 2.68
N GLU A 43 13.29 1.05 3.04
CA GLU A 43 12.01 1.08 3.73
C GLU A 43 10.95 0.38 2.91
N ALA A 44 10.93 0.61 1.60
CA ALA A 44 9.94 -0.05 0.77
C ALA A 44 10.15 -1.57 0.74
N HIS A 45 11.41 -2.00 0.76
CA HIS A 45 11.67 -3.43 0.73
C HIS A 45 11.17 -4.10 2.00
N ASP A 46 11.32 -3.41 3.14
CA ASP A 46 10.85 -3.99 4.39
C ASP A 46 9.35 -4.21 4.31
N ARG A 47 8.61 -3.21 3.82
CA ARG A 47 7.16 -3.33 3.73
C ARG A 47 6.77 -4.55 2.89
N ALA A 48 7.55 -4.80 1.82
CA ALA A 48 7.33 -5.91 0.90
C ALA A 48 7.52 -7.27 1.58
N GLU A 49 8.62 -7.42 2.31
CA GLU A 49 8.93 -8.66 3.02
C GLU A 49 7.84 -9.01 4.04
N ASN A 50 7.29 -7.98 4.67
CA ASN A 50 6.27 -8.19 5.70
C ASN A 50 4.82 -8.07 5.29
N THR A 51 4.56 -7.79 4.02
CA THR A 51 3.18 -7.67 3.60
C THR A 51 2.52 -9.05 3.77
N GLN A 52 1.33 -9.08 4.36
CA GLN A 52 0.63 -10.33 4.64
C GLN A 52 0.52 -11.34 3.50
N PHE A 53 0.38 -10.86 2.26
CA PHE A 53 0.28 -11.80 1.16
C PHE A 53 1.59 -12.54 0.97
N VAL A 54 2.71 -11.83 1.12
CA VAL A 54 4.01 -12.43 0.95
C VAL A 54 4.33 -13.43 2.05
N LYS A 55 4.10 -13.03 3.31
CA LYS A 55 4.36 -13.91 4.44
C LYS A 55 3.51 -15.17 4.31
N ASP A 56 2.22 -15.00 4.02
CA ASP A 56 1.33 -16.15 3.89
C ASP A 56 1.74 -17.00 2.72
N PHE A 57 2.37 -16.37 1.73
CA PHE A 57 2.83 -17.14 0.58
C PHE A 57 3.99 -18.04 1.05
N LEU A 58 5.09 -17.41 1.44
CA LEU A 58 6.27 -18.11 1.89
C LEU A 58 5.98 -19.29 2.82
N LYS A 59 4.95 -19.18 3.65
CA LYS A 59 4.61 -20.27 4.56
C LYS A 59 3.70 -21.31 3.90
N GLY A 60 3.55 -21.21 2.57
CA GLY A 60 2.70 -22.13 1.84
C GLY A 60 1.25 -22.00 2.27
N ASN A 61 0.79 -20.76 2.49
CA ASN A 61 -0.59 -20.54 2.92
C ASN A 61 -1.47 -19.94 1.83
N ILE A 62 -1.14 -20.20 0.57
CA ILE A 62 -1.91 -19.71 -0.56
C ILE A 62 -2.22 -20.84 -1.53
N LYS A 63 -3.51 -21.05 -1.79
CA LYS A 63 -3.96 -22.12 -2.68
C LYS A 63 -3.70 -21.88 -4.16
N LYS A 64 -4.36 -22.66 -5.02
CA LYS A 64 -4.12 -22.52 -6.46
C LYS A 64 -4.86 -21.39 -7.17
N GLU A 65 -6.16 -21.24 -6.93
CA GLU A 65 -6.87 -20.16 -7.62
C GLU A 65 -6.15 -18.82 -7.40
N LEU A 66 -5.59 -18.61 -6.22
CA LEU A 66 -4.88 -17.37 -5.97
C LEU A 66 -3.47 -17.41 -6.57
N PHE A 67 -2.97 -18.60 -6.86
CA PHE A 67 -1.66 -18.72 -7.46
C PHE A 67 -1.82 -18.48 -8.97
N LYS A 68 -2.89 -19.04 -9.53
CA LYS A 68 -3.17 -18.87 -10.95
C LYS A 68 -3.49 -17.41 -11.23
N LEU A 69 -3.96 -16.70 -10.21
CA LEU A 69 -4.27 -15.27 -10.33
C LEU A 69 -2.97 -14.48 -10.24
N ALA A 70 -2.14 -14.83 -9.27
CA ALA A 70 -0.85 -14.17 -9.08
C ALA A 70 0.03 -14.30 -10.32
N THR A 71 0.03 -15.49 -10.93
CA THR A 71 0.82 -15.73 -12.14
C THR A 71 0.32 -14.81 -13.27
N THR A 72 -0.97 -14.51 -13.28
CA THR A 72 -1.53 -13.63 -14.30
C THR A 72 -0.93 -12.23 -14.19
N ALA A 73 -1.05 -11.65 -13.01
CA ALA A 73 -0.52 -10.32 -12.76
C ALA A 73 0.92 -10.25 -13.26
N LEU A 74 1.71 -11.24 -12.89
CA LEU A 74 3.11 -11.33 -13.31
C LEU A 74 3.21 -11.18 -14.84
N TYR A 75 2.49 -12.05 -15.55
CA TYR A 75 2.48 -12.04 -17.02
C TYR A 75 2.22 -10.65 -17.60
N PHE A 76 1.01 -10.15 -17.42
CA PHE A 76 0.66 -8.82 -17.93
C PHE A 76 1.67 -7.77 -17.50
N THR A 77 2.21 -7.94 -16.29
CA THR A 77 3.20 -6.99 -15.80
C THR A 77 4.52 -7.14 -16.57
N TYR A 78 4.98 -8.39 -16.75
CA TYR A 78 6.23 -8.59 -17.47
C TYR A 78 6.08 -8.38 -18.97
N SER A 79 4.86 -8.52 -19.48
CA SER A 79 4.62 -8.31 -20.91
C SER A 79 4.87 -6.84 -21.21
N ALA A 80 4.32 -5.97 -20.37
CA ALA A 80 4.49 -4.53 -20.55
C ALA A 80 5.94 -4.10 -20.39
N LEU A 81 6.58 -4.64 -19.36
CA LEU A 81 7.96 -4.30 -19.06
C LEU A 81 8.91 -4.77 -20.16
N GLU A 82 8.72 -6.01 -20.59
CA GLU A 82 9.57 -6.56 -21.64
C GLU A 82 9.22 -5.96 -23.00
N GLU A 83 8.21 -5.10 -23.01
CA GLU A 83 7.78 -4.43 -24.23
C GLU A 83 8.51 -3.09 -24.31
N GLU A 84 8.46 -2.31 -23.24
CA GLU A 84 9.14 -1.02 -23.20
C GLU A 84 10.64 -1.16 -23.29
N MET A 85 11.21 -2.03 -22.46
CA MET A 85 12.66 -2.25 -22.50
C MET A 85 13.05 -2.60 -23.92
N GLU A 86 12.13 -3.29 -24.59
CA GLU A 86 12.34 -3.71 -25.96
C GLU A 86 11.88 -2.62 -26.92
N ARG A 87 11.42 -1.51 -26.36
CA ARG A 87 10.97 -0.37 -27.15
C ARG A 87 11.87 0.80 -26.84
N ASN A 88 12.79 0.60 -25.88
CA ASN A 88 13.70 1.67 -25.51
C ASN A 88 15.13 1.17 -25.43
N LYS A 89 15.37 0.00 -26.04
CA LYS A 89 16.70 -0.61 -26.04
C LYS A 89 17.85 0.27 -26.51
N ASP A 90 17.51 1.37 -27.17
CA ASP A 90 18.49 2.29 -27.69
C ASP A 90 18.77 3.50 -26.77
N HIS A 91 17.92 3.73 -25.76
CA HIS A 91 18.13 4.86 -24.86
C HIS A 91 19.48 4.78 -24.13
N PRO A 92 20.03 5.93 -23.73
CA PRO A 92 21.31 5.96 -23.03
C PRO A 92 21.31 5.41 -21.60
N ALA A 93 20.48 5.99 -20.75
CA ALA A 93 20.42 5.57 -19.36
C ALA A 93 19.85 4.16 -19.23
N PHE A 94 19.78 3.45 -20.36
CA PHE A 94 19.24 2.10 -20.37
C PHE A 94 20.04 1.08 -21.16
N ALA A 95 20.51 1.46 -22.35
CA ALA A 95 21.27 0.57 -23.23
C ALA A 95 22.11 -0.54 -22.58
N PRO A 96 22.93 -0.19 -21.58
CA PRO A 96 23.77 -1.19 -20.92
C PRO A 96 22.95 -2.27 -20.22
N LEU A 97 21.77 -1.89 -19.75
CA LEU A 97 20.90 -2.82 -19.03
C LEU A 97 19.91 -3.55 -19.89
N TYR A 98 20.27 -3.79 -21.13
CA TYR A 98 19.42 -4.52 -22.05
C TYR A 98 19.87 -5.97 -21.95
N PHE A 99 18.97 -6.85 -21.53
CA PHE A 99 19.29 -8.27 -21.35
C PHE A 99 18.10 -9.16 -21.64
N PRO A 100 17.64 -9.20 -22.90
CA PRO A 100 16.50 -10.04 -23.26
C PRO A 100 16.62 -11.54 -23.01
N MET A 101 17.08 -12.25 -24.03
CA MET A 101 17.23 -13.71 -24.01
C MET A 101 17.70 -14.38 -22.71
N GLU A 102 18.22 -13.59 -21.78
CA GLU A 102 18.70 -14.11 -20.51
C GLU A 102 17.75 -13.83 -19.33
N LEU A 103 17.05 -12.70 -19.36
CA LEU A 103 16.13 -12.35 -18.27
C LEU A 103 14.64 -12.43 -18.53
N HIS A 104 14.21 -12.06 -19.73
CA HIS A 104 12.77 -12.06 -20.01
C HIS A 104 12.01 -13.28 -19.49
N ARG A 105 10.85 -13.02 -18.88
CA ARG A 105 10.03 -14.07 -18.30
C ARG A 105 8.75 -14.40 -19.05
N LYS A 106 8.40 -13.61 -20.08
CA LYS A 106 7.15 -13.86 -20.80
C LYS A 106 6.92 -15.28 -21.32
N GLU A 107 7.91 -15.82 -22.03
CA GLU A 107 7.78 -17.17 -22.57
C GLU A 107 7.69 -18.18 -21.44
N ALA A 108 8.40 -17.90 -20.35
CA ALA A 108 8.37 -18.77 -19.17
C ALA A 108 6.96 -18.71 -18.54
N LEU A 109 6.41 -17.50 -18.51
CA LEU A 109 5.09 -17.29 -17.94
C LEU A 109 4.02 -17.91 -18.82
N THR A 110 4.09 -17.67 -20.12
CA THR A 110 3.09 -18.24 -21.03
C THR A 110 2.98 -19.73 -20.77
N LYS A 111 4.13 -20.37 -20.55
CA LYS A 111 4.13 -21.80 -20.28
C LYS A 111 3.32 -22.09 -19.01
N ASP A 112 3.62 -21.34 -17.95
CA ASP A 112 2.92 -21.53 -16.67
C ASP A 112 1.43 -21.31 -16.84
N MET A 113 1.06 -20.27 -17.58
CA MET A 113 -0.33 -19.97 -17.85
C MET A 113 -0.95 -21.17 -18.55
N GLU A 114 -0.35 -21.59 -19.66
CA GLU A 114 -0.83 -22.74 -20.43
C GLU A 114 -0.98 -23.98 -19.55
N TYR A 115 -0.05 -24.19 -18.64
CA TYR A 115 -0.13 -25.35 -17.76
C TYR A 115 -1.30 -25.26 -16.77
N PHE A 116 -1.53 -24.07 -16.19
CA PHE A 116 -2.61 -23.91 -15.23
C PHE A 116 -4.01 -23.74 -15.82
N PHE A 117 -4.12 -22.93 -16.86
CA PHE A 117 -5.41 -22.69 -17.49
C PHE A 117 -5.58 -23.42 -18.82
N GLY A 118 -4.80 -24.47 -19.05
CA GLY A 118 -4.92 -25.19 -20.31
C GLY A 118 -4.58 -24.30 -21.50
N GLU A 119 -4.99 -24.70 -22.69
CA GLU A 119 -4.67 -23.88 -23.87
C GLU A 119 -5.58 -22.67 -24.09
N ASN A 120 -6.86 -22.82 -23.76
CA ASN A 120 -7.81 -21.71 -23.92
C ASN A 120 -7.56 -20.67 -22.83
N TRP A 121 -6.40 -20.77 -22.19
CA TRP A 121 -6.01 -19.88 -21.11
C TRP A 121 -6.05 -18.41 -21.51
N GLU A 122 -5.54 -18.12 -22.69
CA GLU A 122 -5.49 -16.74 -23.17
C GLU A 122 -6.88 -16.08 -23.08
N GLU A 123 -7.89 -16.79 -23.54
CA GLU A 123 -9.24 -16.26 -23.53
C GLU A 123 -9.96 -16.52 -22.21
N GLN A 124 -9.24 -16.41 -21.09
CA GLN A 124 -9.82 -16.67 -19.78
C GLN A 124 -9.48 -15.67 -18.69
N VAL A 125 -8.58 -14.74 -18.98
CA VAL A 125 -8.13 -13.77 -17.98
C VAL A 125 -7.84 -12.38 -18.53
N GLN A 126 -7.63 -11.43 -17.62
CA GLN A 126 -7.31 -10.05 -17.98
C GLN A 126 -6.38 -9.40 -16.94
N ALA A 127 -5.70 -8.32 -17.32
CA ALA A 127 -4.79 -7.65 -16.40
C ALA A 127 -5.50 -7.42 -15.09
N PRO A 128 -4.91 -7.88 -13.96
CA PRO A 128 -5.52 -7.72 -12.63
C PRO A 128 -5.83 -6.27 -12.32
N LYS A 129 -6.80 -6.06 -11.44
CA LYS A 129 -7.20 -4.71 -11.06
C LYS A 129 -5.99 -3.78 -10.83
N ALA A 130 -5.21 -4.04 -9.78
CA ALA A 130 -4.04 -3.22 -9.44
C ALA A 130 -2.85 -3.47 -10.32
N ALA A 131 -2.82 -4.65 -10.95
CA ALA A 131 -1.73 -4.99 -11.83
C ALA A 131 -1.85 -4.12 -13.07
N GLN A 132 -3.02 -4.19 -13.70
CA GLN A 132 -3.31 -3.43 -14.89
C GLN A 132 -2.91 -1.96 -14.73
N LYS A 133 -3.07 -1.41 -13.53
CA LYS A 133 -2.67 -0.03 -13.30
C LYS A 133 -1.17 0.08 -13.27
N TYR A 134 -0.51 -1.02 -12.87
CA TYR A 134 0.93 -1.07 -12.80
C TYR A 134 1.45 -0.90 -14.23
N VAL A 135 0.78 -1.57 -15.17
CA VAL A 135 1.13 -1.51 -16.59
C VAL A 135 1.20 -0.11 -17.22
N GLU A 136 0.14 0.69 -17.05
CA GLU A 136 0.09 2.04 -17.61
C GLU A 136 1.37 2.79 -17.26
N ARG A 137 1.82 2.61 -16.03
CA ARG A 137 3.03 3.27 -15.60
C ARG A 137 4.24 2.71 -16.35
N ILE A 138 4.19 1.41 -16.66
CA ILE A 138 5.28 0.79 -17.38
C ILE A 138 5.33 1.30 -18.83
N HIS A 139 4.15 1.51 -19.43
CA HIS A 139 4.08 2.02 -20.78
C HIS A 139 4.38 3.51 -20.83
N TYR A 140 3.82 4.26 -19.87
CA TYR A 140 4.05 5.69 -19.81
C TYR A 140 5.54 5.97 -19.82
N ILE A 141 6.22 5.43 -18.82
CA ILE A 141 7.67 5.60 -18.69
C ILE A 141 8.37 5.13 -19.95
N GLY A 142 7.66 4.32 -20.74
CA GLY A 142 8.20 3.78 -21.97
C GLY A 142 8.50 4.72 -23.12
N GLN A 143 7.54 5.56 -23.49
CA GLN A 143 7.73 6.48 -24.59
C GLN A 143 7.97 7.90 -24.08
N ASN A 144 7.42 8.21 -22.91
CA ASN A 144 7.53 9.56 -22.35
C ASN A 144 8.73 9.87 -21.48
N GLU A 145 9.23 8.87 -20.77
CA GLU A 145 10.42 9.05 -19.90
C GLU A 145 11.21 7.73 -19.83
N PRO A 146 11.42 7.10 -20.99
CA PRO A 146 12.15 5.82 -21.08
C PRO A 146 13.49 5.76 -20.34
N GLU A 147 14.04 6.92 -19.97
CA GLU A 147 15.32 6.94 -19.26
C GLU A 147 15.25 6.32 -17.86
N LEU A 148 14.04 6.21 -17.32
CA LEU A 148 13.83 5.66 -15.98
C LEU A 148 13.33 4.22 -16.01
N LEU A 149 13.31 3.61 -17.19
CA LEU A 149 12.84 2.24 -17.33
C LEU A 149 13.65 1.28 -16.46
N VAL A 150 14.90 1.66 -16.18
CA VAL A 150 15.77 0.85 -15.34
C VAL A 150 15.20 0.66 -13.93
N ALA A 151 14.45 1.66 -13.46
CA ALA A 151 13.84 1.59 -12.13
C ALA A 151 12.82 0.46 -12.07
N HIS A 152 12.27 0.07 -13.21
CA HIS A 152 11.29 -0.99 -13.23
C HIS A 152 11.91 -2.36 -13.50
N ALA A 153 13.06 -2.35 -14.17
CA ALA A 153 13.78 -3.58 -14.46
C ALA A 153 14.47 -3.99 -13.15
N TYR A 154 15.14 -3.02 -12.53
CA TYR A 154 15.85 -3.20 -11.26
C TYR A 154 14.93 -3.70 -10.16
N THR A 155 13.68 -3.26 -10.17
CA THR A 155 12.74 -3.66 -9.14
C THR A 155 12.27 -5.11 -9.25
N ARG A 156 11.86 -5.52 -10.43
CA ARG A 156 11.39 -6.88 -10.62
C ARG A 156 12.49 -7.93 -10.75
N TYR A 157 13.31 -7.80 -11.80
CA TYR A 157 14.37 -8.76 -12.07
C TYR A 157 15.35 -8.99 -10.93
N MET A 158 15.95 -7.93 -10.39
CA MET A 158 16.89 -8.06 -9.29
C MET A 158 16.23 -8.80 -8.12
N GLY A 159 14.97 -8.51 -7.85
CA GLY A 159 14.28 -9.22 -6.79
C GLY A 159 14.15 -10.67 -7.23
N ASP A 160 13.79 -10.86 -8.50
CA ASP A 160 13.62 -12.19 -9.08
C ASP A 160 14.86 -13.06 -8.91
N LEU A 161 16.03 -12.47 -9.08
CA LEU A 161 17.29 -13.19 -8.94
C LEU A 161 17.59 -13.45 -7.45
N SER A 162 17.62 -12.39 -6.65
CA SER A 162 17.90 -12.43 -5.22
C SER A 162 17.27 -13.57 -4.43
N GLY A 163 16.21 -14.17 -4.96
CA GLY A 163 15.58 -15.26 -4.24
C GLY A 163 14.37 -15.89 -4.90
N GLY A 164 14.56 -16.33 -6.14
CA GLY A 164 13.45 -16.95 -6.87
C GLY A 164 13.34 -18.44 -6.61
N GLN A 165 14.47 -19.10 -6.38
CA GLN A 165 14.46 -20.55 -6.14
C GLN A 165 13.77 -20.93 -4.84
N VAL A 166 13.87 -20.09 -3.81
CA VAL A 166 13.22 -20.37 -2.55
C VAL A 166 11.71 -20.30 -2.76
N LEU A 167 11.28 -19.61 -3.82
CA LEU A 167 9.84 -19.49 -4.09
C LEU A 167 9.24 -20.67 -4.86
N LYS A 168 10.04 -21.30 -5.73
CA LYS A 168 9.55 -22.43 -6.50
C LYS A 168 9.27 -23.60 -5.53
N LYS A 169 10.19 -23.79 -4.59
CA LYS A 169 10.09 -24.85 -3.60
C LYS A 169 8.86 -24.71 -2.71
N VAL A 170 8.38 -23.49 -2.53
CA VAL A 170 7.18 -23.27 -1.72
C VAL A 170 5.94 -23.66 -2.50
N ALA A 171 5.74 -22.98 -3.61
CA ALA A 171 4.60 -23.24 -4.48
C ALA A 171 4.55 -24.73 -4.88
N GLN A 172 5.75 -25.31 -5.08
CA GLN A 172 5.89 -26.70 -5.47
C GLN A 172 5.23 -27.68 -4.50
N ARG A 173 5.54 -27.52 -3.22
CA ARG A 173 4.99 -28.37 -2.17
C ARG A 173 3.53 -28.05 -1.84
N ALA A 174 3.21 -26.77 -1.68
CA ALA A 174 1.86 -26.36 -1.33
C ALA A 174 0.83 -26.69 -2.40
N LEU A 175 1.22 -26.53 -3.66
CA LEU A 175 0.31 -26.77 -4.77
C LEU A 175 0.57 -28.10 -5.44
N LYS A 176 1.61 -28.80 -4.97
CA LYS A 176 1.99 -30.08 -5.54
C LYS A 176 2.05 -29.92 -7.07
N LEU A 177 3.16 -29.40 -7.57
CA LEU A 177 3.32 -29.19 -9.01
C LEU A 177 4.23 -30.20 -9.72
N PRO A 178 4.25 -30.16 -11.06
CA PRO A 178 5.06 -31.04 -11.90
C PRO A 178 6.55 -31.02 -11.56
N SER A 179 7.15 -32.20 -11.47
CA SER A 179 8.57 -32.32 -11.15
C SER A 179 9.43 -32.05 -12.38
N THR A 180 8.94 -31.17 -13.25
CA THR A 180 9.66 -30.80 -14.46
C THR A 180 9.72 -29.28 -14.57
N GLY A 181 9.19 -28.62 -13.53
CA GLY A 181 9.19 -27.18 -13.48
C GLY A 181 7.94 -26.53 -14.05
N GLU A 182 7.11 -27.31 -14.71
CA GLU A 182 5.88 -26.81 -15.32
C GLU A 182 5.00 -26.21 -14.23
N GLY A 183 4.86 -24.88 -14.25
CA GLY A 183 4.05 -24.21 -13.25
C GLY A 183 4.86 -23.18 -12.48
N THR A 184 6.18 -23.32 -12.48
CA THR A 184 7.04 -22.38 -11.77
C THR A 184 8.27 -22.04 -12.56
N GLN A 185 8.19 -22.17 -13.89
CA GLN A 185 9.33 -21.86 -14.75
C GLN A 185 9.72 -20.39 -14.63
N PHE A 186 8.81 -19.56 -14.13
CA PHE A 186 9.09 -18.13 -13.95
C PHE A 186 10.23 -17.90 -12.96
N TYR A 187 10.37 -18.83 -12.03
CA TYR A 187 11.38 -18.74 -10.98
C TYR A 187 12.73 -19.35 -11.37
N LEU A 188 12.78 -19.96 -12.55
CA LEU A 188 13.99 -20.59 -13.06
C LEU A 188 14.53 -19.83 -14.27
N PHE A 189 15.71 -19.23 -14.11
CA PHE A 189 16.37 -18.48 -15.18
C PHE A 189 17.35 -19.41 -15.93
N GLU A 190 16.81 -20.19 -16.87
CA GLU A 190 17.57 -21.14 -17.67
C GLU A 190 18.95 -20.66 -18.14
N ASN A 191 19.02 -19.39 -18.50
CA ASN A 191 20.27 -18.80 -18.99
C ASN A 191 21.07 -18.06 -17.92
N VAL A 192 20.91 -18.48 -16.68
CA VAL A 192 21.68 -17.88 -15.60
C VAL A 192 22.12 -19.05 -14.73
N ASP A 193 23.44 -19.17 -14.58
CA ASP A 193 24.05 -20.24 -13.81
C ASP A 193 24.48 -19.81 -12.40
N ASN A 194 24.39 -18.52 -12.11
CA ASN A 194 24.77 -17.99 -10.80
C ASN A 194 24.21 -16.58 -10.59
N ALA A 195 23.04 -16.50 -9.96
CA ALA A 195 22.38 -15.22 -9.70
C ALA A 195 23.32 -14.12 -9.20
N GLN A 196 24.16 -14.44 -8.21
CA GLN A 196 25.07 -13.41 -7.69
C GLN A 196 26.01 -12.86 -8.76
N GLN A 197 26.37 -13.67 -9.75
CA GLN A 197 27.25 -13.19 -10.82
C GLN A 197 26.52 -12.14 -11.66
N PHE A 198 25.32 -12.48 -12.12
CA PHE A 198 24.56 -11.56 -12.95
C PHE A 198 24.14 -10.30 -12.17
N LYS A 199 23.83 -10.46 -10.89
CA LYS A 199 23.44 -9.30 -10.10
C LYS A 199 24.64 -8.38 -9.93
N GLN A 200 25.83 -8.97 -9.91
CA GLN A 200 27.07 -8.22 -9.78
C GLN A 200 27.36 -7.54 -11.12
N LEU A 201 27.16 -8.27 -12.21
CA LEU A 201 27.38 -7.72 -13.54
C LEU A 201 26.36 -6.61 -13.78
N TYR A 202 25.11 -6.88 -13.40
CA TYR A 202 24.01 -5.93 -13.54
C TYR A 202 24.28 -4.60 -12.80
N ARG A 203 24.76 -4.71 -11.56
CA ARG A 203 25.06 -3.52 -10.78
C ARG A 203 26.17 -2.70 -11.43
N ALA A 204 27.19 -3.40 -11.92
CA ALA A 204 28.32 -2.73 -12.55
C ALA A 204 27.82 -1.91 -13.74
N ARG A 205 26.88 -2.46 -14.49
CA ARG A 205 26.32 -1.77 -15.63
C ARG A 205 25.42 -0.62 -15.21
N MET A 206 24.73 -0.79 -14.08
CA MET A 206 23.86 0.25 -13.58
C MET A 206 24.71 1.43 -13.14
N ASN A 207 25.96 1.16 -12.77
CA ASN A 207 26.85 2.24 -12.36
C ASN A 207 27.63 2.83 -13.54
N ALA A 208 27.69 2.08 -14.64
CA ALA A 208 28.42 2.55 -15.81
C ALA A 208 27.61 3.55 -16.63
N LEU A 209 26.33 3.65 -16.34
CA LEU A 209 25.47 4.59 -17.06
C LEU A 209 25.90 6.03 -16.76
N ASP A 210 26.20 6.80 -17.81
CA ASP A 210 26.59 8.19 -17.65
C ASP A 210 25.28 8.95 -17.41
N LEU A 211 24.91 9.08 -16.14
CA LEU A 211 23.67 9.73 -15.76
C LEU A 211 23.84 10.97 -14.88
N ASN A 212 23.04 12.00 -15.14
CA ASN A 212 23.13 13.20 -14.34
C ASN A 212 22.45 12.94 -13.00
N MET A 213 22.81 13.74 -11.99
CA MET A 213 22.26 13.58 -10.66
C MET A 213 20.73 13.53 -10.61
N LYS A 214 20.07 14.39 -11.37
CA LYS A 214 18.62 14.40 -11.40
C LYS A 214 18.07 13.03 -11.78
N THR A 215 18.52 12.50 -12.92
CA THR A 215 18.10 11.19 -13.38
C THR A 215 18.24 10.12 -12.29
N LYS A 216 19.41 10.04 -11.68
CA LYS A 216 19.62 9.07 -10.62
C LYS A 216 18.54 9.20 -9.53
N GLU A 217 18.34 10.41 -9.00
CA GLU A 217 17.33 10.57 -7.97
C GLU A 217 15.95 10.40 -8.60
N ARG A 218 15.89 10.44 -9.93
CA ARG A 218 14.62 10.26 -10.65
C ARG A 218 14.33 8.75 -10.77
N ILE A 219 15.39 7.96 -10.80
CA ILE A 219 15.26 6.51 -10.87
C ILE A 219 14.90 5.94 -9.49
N VAL A 220 15.53 6.47 -8.45
CA VAL A 220 15.22 5.99 -7.10
C VAL A 220 13.79 6.39 -6.73
N GLU A 221 13.33 7.50 -7.30
CA GLU A 221 11.98 8.03 -7.06
C GLU A 221 10.94 7.19 -7.78
N GLU A 222 11.37 6.49 -8.83
CA GLU A 222 10.46 5.63 -9.58
C GLU A 222 10.57 4.20 -9.03
N ALA A 223 11.75 3.87 -8.49
CA ALA A 223 11.99 2.55 -7.91
C ALA A 223 10.97 2.27 -6.82
N ASN A 224 10.73 3.27 -5.97
CA ASN A 224 9.77 3.17 -4.89
C ASN A 224 8.34 3.05 -5.43
N LYS A 225 8.12 3.64 -6.60
CA LYS A 225 6.80 3.57 -7.25
C LYS A 225 6.59 2.12 -7.70
N ALA A 226 7.61 1.54 -8.32
CA ALA A 226 7.58 0.16 -8.79
C ALA A 226 7.28 -0.77 -7.60
N PHE A 227 7.89 -0.51 -6.44
CA PHE A 227 7.63 -1.32 -5.26
C PHE A 227 6.17 -1.14 -4.83
N GLU A 228 5.73 0.10 -4.73
CA GLU A 228 4.36 0.36 -4.31
C GLU A 228 3.35 -0.21 -5.30
N TYR A 229 3.74 -0.30 -6.56
CA TYR A 229 2.83 -0.87 -7.55
C TYR A 229 2.69 -2.35 -7.18
N ASN A 230 3.79 -2.95 -6.71
CA ASN A 230 3.78 -4.34 -6.28
C ASN A 230 3.06 -4.43 -4.94
N MET A 231 3.24 -3.41 -4.12
CA MET A 231 2.56 -3.40 -2.83
C MET A 231 1.07 -3.44 -3.10
N GLN A 232 0.62 -2.67 -4.08
CA GLN A 232 -0.81 -2.64 -4.35
C GLN A 232 -1.33 -3.94 -4.93
N ILE A 233 -0.48 -4.68 -5.62
CA ILE A 233 -0.93 -5.94 -6.19
C ILE A 233 -1.03 -6.95 -5.04
N PHE A 234 -0.07 -6.91 -4.14
CA PHE A 234 -0.03 -7.80 -2.98
C PHE A 234 -1.23 -7.62 -2.06
N ASN A 235 -1.56 -6.36 -1.76
CA ASN A 235 -2.68 -6.05 -0.89
C ASN A 235 -3.97 -6.41 -1.63
N GLU A 236 -3.95 -6.24 -2.95
CA GLU A 236 -5.13 -6.56 -3.74
C GLU A 236 -5.29 -8.09 -3.82
N LEU A 237 -4.19 -8.81 -3.57
CA LEU A 237 -4.21 -10.28 -3.59
C LEU A 237 -4.51 -10.83 -2.19
N ASP A 238 -4.18 -10.05 -1.16
CA ASP A 238 -4.42 -10.44 0.24
C ASP A 238 -5.87 -10.15 0.64
N GLN A 239 -6.60 -9.46 -0.22
CA GLN A 239 -8.00 -9.16 0.06
C GLN A 239 -8.86 -10.38 -0.27
N ALA A 240 -8.20 -11.53 -0.43
CA ALA A 240 -8.92 -12.77 -0.75
C ALA A 240 -8.24 -14.01 -0.17
N GLY A 241 -9.00 -14.79 0.59
CA GLY A 241 -8.47 -16.01 1.17
C GLY A 241 -9.57 -16.96 1.59
N SER A 242 -9.66 -17.20 2.90
CA SER A 242 -10.68 -18.08 3.47
C SER A 242 -10.71 -19.49 2.85
N MET B 30 -10.61 25.06 -11.71
CA MET B 30 -12.02 25.52 -11.51
C MET B 30 -12.44 25.69 -10.03
N ALA B 31 -12.48 24.60 -9.28
CA ALA B 31 -12.90 24.66 -7.88
C ALA B 31 -11.80 24.43 -6.83
N ASP B 32 -12.13 24.76 -5.59
CA ASP B 32 -11.21 24.59 -4.47
C ASP B 32 -11.00 23.10 -4.21
N LEU B 33 -9.81 22.73 -3.75
CA LEU B 33 -9.51 21.32 -3.49
C LEU B 33 -10.53 20.70 -2.54
N SER B 34 -11.00 21.48 -1.57
CA SER B 34 -11.99 20.99 -0.63
C SER B 34 -13.26 20.51 -1.33
N GLU B 35 -13.74 21.31 -2.29
CA GLU B 35 -14.94 20.96 -3.03
C GLU B 35 -14.68 19.78 -3.96
N LEU B 36 -13.53 19.78 -4.63
CA LEU B 36 -13.19 18.69 -5.53
C LEU B 36 -13.06 17.38 -4.73
N LEU B 37 -13.01 17.49 -3.41
CA LEU B 37 -12.90 16.32 -2.57
C LEU B 37 -14.25 15.69 -2.24
N LYS B 38 -15.21 16.49 -1.80
CA LYS B 38 -16.54 15.99 -1.48
C LYS B 38 -17.13 15.24 -2.68
N GLU B 39 -17.19 15.94 -3.82
CA GLU B 39 -17.71 15.35 -5.04
C GLU B 39 -16.74 14.23 -5.40
N GLY B 40 -15.48 14.42 -5.03
CA GLY B 40 -14.46 13.44 -5.34
C GLY B 40 -14.45 12.17 -4.50
N THR B 41 -15.33 12.10 -3.52
CA THR B 41 -15.38 10.91 -2.67
C THR B 41 -16.79 10.58 -2.21
N LYS B 42 -17.76 11.38 -2.68
CA LYS B 42 -19.16 11.21 -2.33
C LYS B 42 -19.65 9.77 -2.54
N GLU B 43 -19.53 9.29 -3.78
CA GLU B 43 -19.96 7.94 -4.11
C GLU B 43 -19.23 6.95 -3.21
N ALA B 44 -18.02 7.31 -2.80
CA ALA B 44 -17.20 6.45 -1.96
C ALA B 44 -17.33 6.73 -0.48
N HIS B 45 -17.94 7.86 -0.13
CA HIS B 45 -18.11 8.23 1.27
C HIS B 45 -19.45 7.72 1.79
N ASP B 46 -20.53 8.26 1.25
CA ASP B 46 -21.86 7.83 1.66
C ASP B 46 -21.93 6.32 1.46
N ARG B 47 -20.98 5.78 0.70
CA ARG B 47 -20.93 4.34 0.45
C ARG B 47 -20.39 3.63 1.70
N ALA B 48 -19.97 4.43 2.67
CA ALA B 48 -19.46 3.93 3.94
C ALA B 48 -20.56 4.13 4.98
N GLU B 49 -21.79 3.84 4.58
CA GLU B 49 -22.94 3.99 5.46
C GLU B 49 -23.92 2.85 5.27
N ASN B 50 -23.41 1.70 4.82
CA ASN B 50 -24.26 0.54 4.59
C ASN B 50 -23.57 -0.80 4.83
N THR B 51 -22.27 -0.76 5.10
CA THR B 51 -21.53 -2.00 5.34
C THR B 51 -22.07 -2.67 6.60
N GLN B 52 -21.63 -3.90 6.85
CA GLN B 52 -22.09 -4.64 8.02
C GLN B 52 -21.76 -3.88 9.30
N PHE B 53 -20.50 -3.95 9.74
CA PHE B 53 -20.08 -3.23 10.94
C PHE B 53 -20.57 -1.79 10.90
N VAL B 54 -20.82 -1.29 9.69
CA VAL B 54 -21.30 0.07 9.50
C VAL B 54 -22.70 0.23 10.10
N LYS B 55 -23.50 -0.83 10.03
CA LYS B 55 -24.85 -0.79 10.57
C LYS B 55 -24.95 -1.50 11.92
N ASP B 56 -23.80 -1.85 12.49
CA ASP B 56 -23.76 -2.53 13.78
C ASP B 56 -23.56 -1.53 14.91
N PHE B 57 -22.46 -0.78 14.85
CA PHE B 57 -22.13 0.21 15.86
C PHE B 57 -23.31 1.12 16.19
N LEU B 58 -23.94 1.66 15.15
CA LEU B 58 -25.06 2.57 15.33
C LEU B 58 -26.30 1.99 16.01
N LYS B 59 -26.65 0.75 15.66
CA LYS B 59 -27.81 0.11 16.29
C LYS B 59 -27.50 -0.13 17.77
N GLY B 60 -26.26 0.13 18.16
CA GLY B 60 -25.86 -0.04 19.54
C GLY B 60 -25.28 -1.39 19.91
N ASN B 61 -25.15 -2.28 18.92
CA ASN B 61 -24.61 -3.61 19.19
C ASN B 61 -23.08 -3.62 19.24
N ILE B 62 -22.52 -3.02 20.29
CA ILE B 62 -21.08 -2.95 20.48
C ILE B 62 -20.69 -3.65 21.78
N LYS B 63 -19.60 -4.41 21.75
CA LYS B 63 -19.11 -5.13 22.93
C LYS B 63 -17.64 -4.86 23.19
N LYS B 64 -17.26 -4.90 24.47
CA LYS B 64 -15.90 -4.65 24.90
C LYS B 64 -14.81 -5.00 23.87
N GLU B 65 -14.49 -6.28 23.77
CA GLU B 65 -13.45 -6.73 22.86
C GLU B 65 -13.65 -6.33 21.40
N LEU B 66 -14.86 -5.89 21.04
CA LEU B 66 -15.12 -5.45 19.67
C LEU B 66 -14.58 -4.03 19.52
N PHE B 67 -15.10 -3.14 20.36
CA PHE B 67 -14.69 -1.74 20.37
C PHE B 67 -13.19 -1.68 20.58
N LYS B 68 -12.65 -2.69 21.24
CA LYS B 68 -11.21 -2.77 21.52
C LYS B 68 -10.42 -3.14 20.27
N LEU B 69 -11.13 -3.68 19.27
CA LEU B 69 -10.49 -4.04 18.02
C LEU B 69 -10.36 -2.76 17.21
N ALA B 70 -11.44 -1.99 17.20
CA ALA B 70 -11.48 -0.73 16.48
C ALA B 70 -10.45 0.24 17.04
N THR B 71 -10.44 0.40 18.37
CA THR B 71 -9.49 1.29 19.01
C THR B 71 -8.07 0.89 18.60
N THR B 72 -7.84 -0.40 18.46
CA THR B 72 -6.53 -0.91 18.07
C THR B 72 -6.29 -0.50 16.62
N ALA B 73 -7.30 -0.72 15.79
CA ALA B 73 -7.21 -0.36 14.39
C ALA B 73 -6.87 1.14 14.33
N LEU B 74 -7.58 1.92 15.13
CA LEU B 74 -7.36 3.37 15.18
C LEU B 74 -5.95 3.76 15.62
N TYR B 75 -5.49 3.16 16.72
CA TYR B 75 -4.17 3.44 17.28
C TYR B 75 -3.06 3.35 16.26
N PHE B 76 -2.98 2.22 15.57
CA PHE B 76 -1.96 2.00 14.56
C PHE B 76 -2.10 2.89 13.35
N THR B 77 -3.34 3.18 12.96
CA THR B 77 -3.61 4.05 11.84
C THR B 77 -2.98 5.43 12.11
N TYR B 78 -3.41 6.07 13.19
CA TYR B 78 -2.91 7.40 13.51
C TYR B 78 -1.44 7.52 13.85
N SER B 79 -0.89 6.48 14.47
CA SER B 79 0.52 6.54 14.82
C SER B 79 1.30 6.70 13.52
N ALA B 80 0.86 6.01 12.50
CA ALA B 80 1.52 6.06 11.20
C ALA B 80 1.17 7.38 10.51
N LEU B 81 -0.12 7.66 10.42
CA LEU B 81 -0.60 8.86 9.76
C LEU B 81 0.05 10.10 10.35
N GLU B 82 0.13 10.17 11.67
CA GLU B 82 0.73 11.31 12.34
C GLU B 82 2.25 11.27 12.32
N GLU B 83 2.83 10.08 12.19
CA GLU B 83 4.28 9.98 12.10
C GLU B 83 4.71 10.51 10.73
N GLU B 84 3.96 10.12 9.70
CA GLU B 84 4.28 10.56 8.35
C GLU B 84 4.15 12.07 8.18
N MET B 85 3.17 12.68 8.85
CA MET B 85 3.00 14.13 8.74
C MET B 85 4.08 14.81 9.55
N GLU B 86 4.90 14.00 10.23
CA GLU B 86 6.00 14.52 11.01
C GLU B 86 7.16 14.76 10.03
N ARG B 87 7.36 13.79 9.17
CA ARG B 87 8.43 13.86 8.18
C ARG B 87 8.31 15.14 7.36
N ASN B 88 7.07 15.46 6.97
CA ASN B 88 6.77 16.64 6.17
C ASN B 88 6.41 17.87 7.02
N LYS B 89 7.33 18.35 7.86
CA LYS B 89 7.00 19.52 8.68
C LYS B 89 7.35 20.82 7.99
N ASP B 90 8.34 20.77 7.10
CA ASP B 90 8.80 21.95 6.37
C ASP B 90 8.42 21.83 4.90
N HIS B 91 7.87 20.67 4.55
CA HIS B 91 7.46 20.36 3.19
C HIS B 91 6.36 21.32 2.70
N PRO B 92 6.71 22.28 1.84
CA PRO B 92 5.72 23.24 1.33
C PRO B 92 4.44 22.62 0.80
N ALA B 93 4.47 21.31 0.53
CA ALA B 93 3.29 20.65 0.01
C ALA B 93 2.38 20.13 1.12
N PHE B 94 2.86 20.19 2.36
CA PHE B 94 2.05 19.74 3.47
C PHE B 94 2.15 20.62 4.71
N ALA B 95 3.24 21.38 4.82
CA ALA B 95 3.47 22.25 5.97
C ALA B 95 2.24 23.05 6.41
N PRO B 96 1.39 23.50 5.47
CA PRO B 96 0.19 24.28 5.79
C PRO B 96 -0.86 23.54 6.61
N LEU B 97 -0.93 22.22 6.44
CA LEU B 97 -1.94 21.40 7.13
C LEU B 97 -1.40 20.66 8.33
N TYR B 98 -0.12 20.83 8.59
CA TYR B 98 0.53 20.16 9.70
C TYR B 98 0.28 20.89 11.02
N PHE B 99 -0.65 20.36 11.81
CA PHE B 99 -1.02 20.93 13.11
C PHE B 99 -0.38 20.09 14.23
N PRO B 100 0.94 19.85 14.18
CA PRO B 100 1.61 19.04 15.22
C PRO B 100 1.05 19.11 16.63
N MET B 101 0.91 20.33 17.13
CA MET B 101 0.39 20.59 18.48
C MET B 101 -1.06 21.09 18.48
N GLU B 102 -1.92 20.49 17.65
CA GLU B 102 -3.34 20.83 17.57
C GLU B 102 -4.31 19.64 17.63
N LEU B 103 -4.14 18.66 16.71
CA LEU B 103 -5.02 17.48 16.62
C LEU B 103 -4.39 16.09 16.62
N HIS B 104 -3.10 15.96 16.92
CA HIS B 104 -2.50 14.64 16.84
C HIS B 104 -3.06 13.52 17.73
N ARG B 105 -4.16 12.94 17.27
CA ARG B 105 -4.87 11.86 17.98
C ARG B 105 -4.03 10.74 18.59
N LYS B 106 -2.72 10.73 18.41
CA LYS B 106 -1.93 9.64 18.97
C LYS B 106 -1.93 9.56 20.49
N GLU B 107 -2.40 10.61 21.15
CA GLU B 107 -2.44 10.62 22.61
C GLU B 107 -3.68 9.92 23.15
N ALA B 108 -4.84 10.50 22.85
CA ALA B 108 -6.11 9.94 23.29
C ALA B 108 -6.17 8.42 23.21
N LEU B 109 -5.91 7.88 22.01
CA LEU B 109 -5.93 6.44 21.77
C LEU B 109 -5.01 5.67 22.72
N THR B 110 -3.73 6.08 22.76
CA THR B 110 -2.75 5.45 23.62
C THR B 110 -3.31 5.29 25.04
N LYS B 111 -4.08 6.28 25.48
CA LYS B 111 -4.68 6.22 26.80
C LYS B 111 -5.77 5.16 26.81
N ASP B 112 -6.58 5.13 25.75
CA ASP B 112 -7.65 4.15 25.68
C ASP B 112 -7.08 2.72 25.57
N MET B 113 -6.03 2.56 24.77
CA MET B 113 -5.38 1.25 24.59
C MET B 113 -4.69 0.82 25.89
N GLU B 114 -3.92 1.73 26.48
CA GLU B 114 -3.22 1.47 27.73
C GLU B 114 -4.27 1.24 28.83
N TYR B 115 -5.53 1.51 28.49
CA TYR B 115 -6.65 1.36 29.41
C TYR B 115 -7.66 0.27 29.00
N PHE B 116 -7.40 -0.42 27.90
CA PHE B 116 -8.31 -1.49 27.50
C PHE B 116 -7.65 -2.87 27.50
N PHE B 117 -6.40 -2.94 27.05
CA PHE B 117 -5.66 -4.19 26.95
C PHE B 117 -4.64 -4.48 28.06
N GLY B 118 -4.52 -3.56 29.02
CA GLY B 118 -3.59 -3.79 30.11
C GLY B 118 -2.45 -2.78 30.19
N GLU B 119 -1.23 -3.26 30.44
CA GLU B 119 -0.09 -2.36 30.53
C GLU B 119 0.68 -2.34 29.22
N ASN B 120 1.71 -3.17 29.09
CA ASN B 120 2.50 -3.22 27.86
C ASN B 120 1.66 -3.93 26.80
N TRP B 121 0.50 -3.36 26.48
CA TRP B 121 -0.40 -3.93 25.49
C TRP B 121 0.23 -4.03 24.11
N GLU B 122 1.13 -3.08 23.82
CA GLU B 122 1.80 -3.01 22.52
C GLU B 122 2.74 -4.18 22.34
N GLU B 123 2.88 -4.98 23.39
CA GLU B 123 3.74 -6.15 23.38
C GLU B 123 2.91 -7.42 23.29
N GLN B 124 1.72 -7.40 23.89
CA GLN B 124 0.87 -8.59 23.91
C GLN B 124 -0.04 -8.81 22.70
N VAL B 125 0.02 -7.93 21.71
CA VAL B 125 -0.84 -8.06 20.55
C VAL B 125 -0.19 -7.60 19.24
N GLN B 126 -1.04 -7.33 18.25
CA GLN B 126 -0.59 -6.85 16.94
C GLN B 126 -1.63 -5.90 16.37
N ALA B 127 -1.70 -5.81 15.05
CA ALA B 127 -2.65 -4.94 14.39
C ALA B 127 -3.48 -5.72 13.39
N PRO B 128 -4.79 -5.42 13.31
CA PRO B 128 -5.65 -6.14 12.36
C PRO B 128 -5.13 -6.00 10.94
N LYS B 129 -5.29 -7.06 10.14
CA LYS B 129 -4.80 -7.07 8.77
C LYS B 129 -5.23 -5.90 7.86
N ALA B 130 -6.49 -5.48 7.98
CA ALA B 130 -6.97 -4.40 7.13
C ALA B 130 -6.40 -3.05 7.58
N ALA B 131 -5.78 -3.05 8.76
CA ALA B 131 -5.17 -1.84 9.29
C ALA B 131 -3.71 -1.76 8.88
N GLN B 132 -3.00 -2.88 9.00
CA GLN B 132 -1.59 -2.92 8.64
C GLN B 132 -1.40 -2.54 7.18
N LYS B 133 -2.44 -2.77 6.38
CA LYS B 133 -2.41 -2.41 4.97
C LYS B 133 -2.41 -0.89 4.86
N TYR B 134 -3.41 -0.27 5.50
CA TYR B 134 -3.56 1.18 5.49
C TYR B 134 -2.29 1.84 5.96
N VAL B 135 -1.69 1.28 7.01
CA VAL B 135 -0.44 1.79 7.54
C VAL B 135 0.66 1.76 6.47
N GLU B 136 0.68 0.72 5.64
CA GLU B 136 1.69 0.63 4.59
C GLU B 136 1.42 1.67 3.51
N ARG B 137 0.15 1.96 3.26
CA ARG B 137 -0.21 2.92 2.24
C ARG B 137 -0.01 4.33 2.80
N ILE B 138 0.38 4.40 4.07
CA ILE B 138 0.60 5.67 4.75
C ILE B 138 2.07 6.00 4.84
N HIS B 139 2.88 5.08 5.38
CA HIS B 139 4.32 5.34 5.48
C HIS B 139 4.91 5.51 4.08
N TYR B 140 4.30 4.83 3.11
CA TYR B 140 4.74 4.96 1.73
C TYR B 140 4.53 6.44 1.32
N ILE B 141 3.27 6.83 1.20
CA ILE B 141 2.92 8.20 0.81
C ILE B 141 3.73 9.27 1.53
N GLY B 142 3.88 9.12 2.84
CA GLY B 142 4.64 10.09 3.61
C GLY B 142 6.10 10.09 3.22
N GLN B 143 6.54 9.01 2.60
CA GLN B 143 7.93 8.89 2.20
C GLN B 143 8.21 9.13 0.72
N ASN B 144 7.25 8.81 -0.15
CA ASN B 144 7.46 8.96 -1.58
C ASN B 144 6.56 9.94 -2.36
N GLU B 145 5.31 10.12 -1.92
CA GLU B 145 4.40 11.04 -2.59
C GLU B 145 3.75 11.95 -1.56
N PRO B 146 4.55 12.78 -0.88
CA PRO B 146 4.10 13.72 0.15
C PRO B 146 2.98 14.67 -0.29
N GLU B 147 3.00 15.08 -1.56
CA GLU B 147 1.98 15.99 -2.04
C GLU B 147 0.60 15.36 -1.94
N LEU B 148 0.55 14.07 -1.66
CA LEU B 148 -0.74 13.38 -1.54
C LEU B 148 -1.00 12.98 -0.10
N LEU B 149 -0.15 13.44 0.81
CA LEU B 149 -0.31 13.12 2.22
C LEU B 149 -1.51 13.85 2.78
N VAL B 150 -2.02 14.82 2.01
CA VAL B 150 -3.18 15.60 2.41
C VAL B 150 -4.45 14.76 2.30
N ALA B 151 -4.52 13.92 1.28
CA ALA B 151 -5.71 13.07 1.11
C ALA B 151 -6.00 12.19 2.33
N HIS B 152 -4.95 11.71 2.99
CA HIS B 152 -5.14 10.87 4.16
C HIS B 152 -5.52 11.66 5.40
N ALA B 153 -4.96 12.85 5.56
CA ALA B 153 -5.26 13.70 6.70
C ALA B 153 -6.73 14.20 6.62
N TYR B 154 -7.14 14.55 5.41
CA TYR B 154 -8.48 15.03 5.15
C TYR B 154 -9.51 13.96 5.53
N THR B 155 -9.39 12.81 4.88
CA THR B 155 -10.30 11.68 5.11
C THR B 155 -10.39 11.27 6.58
N ARG B 156 -9.29 11.47 7.31
CA ARG B 156 -9.26 11.10 8.71
C ARG B 156 -9.68 12.16 9.72
N TYR B 157 -8.85 13.18 9.90
CA TYR B 157 -9.14 14.23 10.88
C TYR B 157 -10.53 14.81 10.74
N MET B 158 -11.02 14.95 9.51
CA MET B 158 -12.36 15.47 9.33
C MET B 158 -13.44 14.59 9.98
N GLY B 159 -13.36 13.29 9.75
CA GLY B 159 -14.33 12.41 10.37
C GLY B 159 -14.23 12.63 11.87
N ASP B 160 -12.99 12.76 12.34
CA ASP B 160 -12.74 12.99 13.75
C ASP B 160 -13.45 14.25 14.25
N LEU B 161 -13.49 15.28 13.40
CA LEU B 161 -14.13 16.55 13.76
C LEU B 161 -15.57 16.61 13.23
N SER B 162 -16.01 15.56 12.55
CA SER B 162 -17.37 15.53 12.02
C SER B 162 -18.16 14.36 12.62
N GLY B 163 -17.73 13.15 12.31
CA GLY B 163 -18.42 11.97 12.83
C GLY B 163 -17.91 11.46 14.17
N GLY B 164 -17.79 12.35 15.14
CA GLY B 164 -17.32 11.93 16.44
C GLY B 164 -18.25 12.36 17.56
N GLN B 165 -18.58 13.65 17.55
CA GLN B 165 -19.47 14.21 18.55
C GLN B 165 -20.68 13.31 18.73
N VAL B 166 -21.00 12.55 17.68
CA VAL B 166 -22.13 11.62 17.70
C VAL B 166 -21.73 10.20 18.09
N LEU B 167 -20.98 9.53 17.21
CA LEU B 167 -20.55 8.16 17.46
C LEU B 167 -20.35 7.84 18.94
N LYS B 168 -19.38 8.52 19.55
CA LYS B 168 -19.07 8.32 20.96
C LYS B 168 -20.35 8.30 21.79
N LYS B 169 -21.30 9.17 21.46
CA LYS B 169 -22.58 9.26 22.17
C LYS B 169 -23.21 7.89 22.34
N VAL B 170 -22.79 6.93 21.52
CA VAL B 170 -23.32 5.58 21.60
C VAL B 170 -22.38 4.70 22.42
N ALA B 171 -21.16 4.53 21.93
CA ALA B 171 -20.17 3.71 22.61
C ALA B 171 -20.09 4.11 24.09
N GLN B 172 -19.96 5.41 24.34
CA GLN B 172 -19.88 5.92 25.70
C GLN B 172 -21.16 5.60 26.45
N ARG B 173 -22.25 5.47 25.70
CA ARG B 173 -23.55 5.15 26.29
C ARG B 173 -23.72 3.67 26.59
N ALA B 174 -23.41 2.81 25.63
CA ALA B 174 -23.55 1.37 25.82
C ALA B 174 -22.21 0.63 25.86
N LEU B 175 -21.54 0.69 27.02
CA LEU B 175 -20.25 0.03 27.24
C LEU B 175 -19.82 0.15 28.70
N LYS B 176 -20.49 1.05 29.42
CA LYS B 176 -20.18 1.31 30.83
C LYS B 176 -18.75 1.79 30.95
N LEU B 177 -18.48 2.95 30.35
CA LEU B 177 -17.13 3.53 30.36
C LEU B 177 -17.02 4.72 31.33
N PRO B 178 -15.88 4.83 32.04
CA PRO B 178 -15.66 5.93 32.99
C PRO B 178 -16.08 7.27 32.41
N SER B 179 -17.22 7.77 32.85
CA SER B 179 -17.73 9.04 32.36
C SER B 179 -16.69 10.16 32.33
N THR B 180 -15.55 9.92 32.95
CA THR B 180 -14.50 10.92 32.96
C THR B 180 -13.69 10.89 31.65
N GLY B 181 -14.14 10.05 30.72
CA GLY B 181 -13.49 9.98 29.42
C GLY B 181 -12.48 8.85 29.20
N GLU B 182 -12.05 8.20 30.27
CA GLU B 182 -11.07 7.13 30.15
C GLU B 182 -11.57 6.07 29.17
N GLY B 183 -10.71 5.69 28.22
CA GLY B 183 -11.07 4.68 27.25
C GLY B 183 -11.79 5.19 26.00
N THR B 184 -11.93 6.52 25.91
CA THR B 184 -12.59 7.14 24.76
C THR B 184 -12.06 8.54 24.48
N GLN B 185 -10.93 8.91 25.09
CA GLN B 185 -10.36 10.23 24.86
C GLN B 185 -10.16 10.50 23.39
N PHE B 186 -10.19 9.44 22.59
CA PHE B 186 -10.01 9.57 21.15
C PHE B 186 -11.00 10.57 20.54
N TYR B 187 -12.25 10.53 20.98
CA TYR B 187 -13.29 11.41 20.46
C TYR B 187 -13.28 12.86 20.96
N LEU B 188 -12.27 13.23 21.76
CA LEU B 188 -12.19 14.60 22.27
C LEU B 188 -11.31 15.47 21.41
N PHE B 189 -11.38 16.78 21.65
CA PHE B 189 -10.57 17.76 20.94
C PHE B 189 -10.47 19.05 21.76
N GLU B 190 -9.69 18.97 22.83
CA GLU B 190 -9.46 20.08 23.76
C GLU B 190 -8.57 21.20 23.20
N ASN B 191 -8.66 21.42 21.89
CA ASN B 191 -7.86 22.45 21.26
C ASN B 191 -8.54 22.95 20.00
N VAL B 192 -9.84 23.22 20.12
CA VAL B 192 -10.66 23.70 19.01
C VAL B 192 -11.93 24.40 19.53
N ASP B 193 -11.97 25.73 19.49
CA ASP B 193 -13.13 26.48 19.96
C ASP B 193 -14.38 25.74 19.50
N ASN B 194 -14.66 25.81 18.21
CA ASN B 194 -15.81 25.12 17.63
C ASN B 194 -15.37 24.22 16.48
N ALA B 195 -16.10 23.14 16.26
CA ALA B 195 -15.79 22.22 15.19
C ALA B 195 -15.79 22.91 13.82
N GLN B 196 -16.97 23.34 13.37
CA GLN B 196 -17.06 24.00 12.08
C GLN B 196 -15.99 25.08 11.98
N GLN B 197 -15.58 25.61 13.12
CA GLN B 197 -14.55 26.64 13.15
C GLN B 197 -13.23 26.10 12.63
N PHE B 198 -12.76 25.01 13.21
CA PHE B 198 -11.50 24.43 12.76
C PHE B 198 -11.70 23.77 11.41
N LYS B 199 -12.91 23.29 11.18
CA LYS B 199 -13.25 22.68 9.91
C LYS B 199 -13.12 23.77 8.85
N GLN B 200 -13.90 24.85 8.98
CA GLN B 200 -13.85 25.96 8.03
C GLN B 200 -12.41 26.39 7.83
N LEU B 201 -11.65 26.36 8.91
CA LEU B 201 -10.26 26.71 8.82
C LEU B 201 -9.61 25.71 7.87
N TYR B 202 -9.60 24.44 8.25
CA TYR B 202 -9.01 23.35 7.47
C TYR B 202 -9.27 23.44 5.97
N ARG B 203 -10.53 23.63 5.57
CA ARG B 203 -10.85 23.71 4.16
C ARG B 203 -9.98 24.79 3.47
N ALA B 204 -9.91 25.97 4.06
CA ALA B 204 -9.11 27.05 3.49
C ALA B 204 -7.63 26.67 3.51
N ARG B 205 -7.28 25.69 4.34
CA ARG B 205 -5.90 25.24 4.42
C ARG B 205 -5.49 24.38 3.21
N MET B 206 -6.41 23.60 2.65
CA MET B 206 -6.09 22.78 1.49
C MET B 206 -6.13 23.57 0.17
N ASN B 207 -7.08 24.50 0.08
CA ASN B 207 -7.26 25.29 -1.13
C ASN B 207 -6.09 26.20 -1.44
N ALA B 208 -5.40 26.65 -0.40
CA ALA B 208 -4.25 27.52 -0.61
C ALA B 208 -3.00 26.76 -1.05
N LEU B 209 -3.00 25.43 -0.87
CA LEU B 209 -1.84 24.64 -1.26
C LEU B 209 -1.53 24.99 -2.71
N ASP B 210 -0.26 25.27 -3.00
CA ASP B 210 0.12 25.62 -4.36
C ASP B 210 0.27 24.34 -5.18
N LEU B 211 -0.86 23.72 -5.47
CA LEU B 211 -0.90 22.48 -6.23
C LEU B 211 -0.86 22.66 -7.73
N ASN B 212 -0.28 21.67 -8.41
CA ASN B 212 -0.15 21.67 -9.86
C ASN B 212 -1.49 21.32 -10.52
N MET B 213 -1.50 20.28 -11.35
CA MET B 213 -2.73 19.87 -12.02
C MET B 213 -2.95 18.37 -11.98
N LYS B 214 -1.87 17.61 -12.10
CA LYS B 214 -1.95 16.15 -12.07
C LYS B 214 -2.06 15.74 -10.60
N THR B 215 -1.40 16.51 -9.75
CA THR B 215 -1.39 16.25 -8.33
C THR B 215 -2.78 16.38 -7.71
N LYS B 216 -3.47 17.49 -7.97
CA LYS B 216 -4.81 17.65 -7.43
C LYS B 216 -5.65 16.47 -7.86
N GLU B 217 -5.46 16.06 -9.12
CA GLU B 217 -6.19 14.94 -9.69
C GLU B 217 -5.91 13.65 -8.93
N ARG B 218 -4.62 13.41 -8.67
CA ARG B 218 -4.21 12.21 -7.95
C ARG B 218 -4.69 12.25 -6.50
N ILE B 219 -4.60 13.42 -5.86
CA ILE B 219 -5.05 13.55 -4.48
C ILE B 219 -6.47 12.99 -4.36
N VAL B 220 -7.29 13.24 -5.36
CA VAL B 220 -8.66 12.72 -5.35
C VAL B 220 -8.67 11.18 -5.30
N GLU B 221 -7.73 10.56 -6.01
CA GLU B 221 -7.64 9.10 -6.03
C GLU B 221 -7.09 8.54 -4.71
N GLU B 222 -6.27 9.31 -4.01
CA GLU B 222 -5.71 8.84 -2.75
C GLU B 222 -6.77 8.83 -1.64
N ALA B 223 -7.71 9.77 -1.69
CA ALA B 223 -8.77 9.83 -0.68
C ALA B 223 -9.74 8.68 -0.90
N ASN B 224 -10.07 8.41 -2.16
CA ASN B 224 -10.97 7.31 -2.48
C ASN B 224 -10.28 5.99 -2.10
N LYS B 225 -8.97 5.95 -2.31
CA LYS B 225 -8.21 4.76 -1.97
C LYS B 225 -8.15 4.68 -0.45
N ALA B 226 -8.21 5.84 0.20
CA ALA B 226 -8.18 5.90 1.65
C ALA B 226 -9.48 5.34 2.22
N PHE B 227 -10.62 5.78 1.69
CA PHE B 227 -11.90 5.26 2.17
C PHE B 227 -11.86 3.74 1.99
N GLU B 228 -11.21 3.30 0.93
CA GLU B 228 -11.12 1.88 0.65
C GLU B 228 -10.48 1.14 1.82
N TYR B 229 -9.34 1.64 2.28
CA TYR B 229 -8.70 1.00 3.41
C TYR B 229 -9.67 1.01 4.57
N ASN B 230 -10.55 2.00 4.60
CA ASN B 230 -11.53 2.12 5.66
C ASN B 230 -12.63 1.08 5.48
N MET B 231 -12.92 0.77 4.23
CA MET B 231 -13.92 -0.24 3.90
C MET B 231 -13.45 -1.57 4.46
N GLN B 232 -12.28 -2.03 4.02
CA GLN B 232 -11.75 -3.30 4.49
C GLN B 232 -11.74 -3.37 6.01
N ILE B 233 -11.22 -2.33 6.66
CA ILE B 233 -11.19 -2.32 8.12
C ILE B 233 -12.59 -2.52 8.69
N PHE B 234 -13.59 -1.86 8.13
CA PHE B 234 -14.94 -2.03 8.65
C PHE B 234 -15.42 -3.44 8.42
N ASN B 235 -15.42 -3.90 7.16
CA ASN B 235 -15.88 -5.26 6.90
C ASN B 235 -14.94 -6.31 7.50
N GLU B 236 -13.95 -5.86 8.27
CA GLU B 236 -13.04 -6.78 8.92
C GLU B 236 -13.48 -6.87 10.39
N LEU B 237 -14.07 -5.78 10.88
CA LEU B 237 -14.56 -5.73 12.26
C LEU B 237 -15.83 -6.56 12.36
N ASP B 238 -16.54 -6.68 11.25
CA ASP B 238 -17.78 -7.46 11.20
C ASP B 238 -17.43 -8.94 11.31
N GLN B 239 -16.43 -9.36 10.56
CA GLN B 239 -15.98 -10.73 10.58
C GLN B 239 -15.64 -11.10 12.01
N ALA B 240 -14.89 -10.23 12.67
CA ALA B 240 -14.52 -10.47 14.06
C ALA B 240 -15.80 -10.43 14.88
N GLY B 241 -16.81 -9.74 14.34
CA GLY B 241 -18.10 -9.63 15.01
C GLY B 241 -18.96 -10.86 14.82
N SER B 242 -18.78 -11.54 13.70
CA SER B 242 -19.55 -12.74 13.41
C SER B 242 -19.13 -13.83 14.39
N THR B 243 -17.82 -13.99 14.57
CA THR B 243 -17.31 -14.98 15.49
C THR B 243 -17.79 -14.61 16.90
N LEU B 244 -17.88 -13.31 17.16
CA LEU B 244 -18.34 -12.80 18.45
C LEU B 244 -19.69 -13.41 18.76
N ALA B 245 -20.38 -13.85 17.70
CA ALA B 245 -21.69 -14.46 17.82
C ALA B 245 -21.63 -15.95 17.50
N ARG B 246 -21.01 -16.28 16.36
CA ARG B 246 -20.88 -17.66 15.90
C ARG B 246 -19.98 -18.50 16.79
N GLU B 247 -20.37 -18.68 18.05
CA GLU B 247 -19.58 -19.49 18.97
C GLU B 247 -20.22 -19.56 20.34
N THR B 248 -21.05 -18.54 20.65
CA THR B 248 -21.74 -18.49 21.92
C THR B 248 -23.09 -19.20 21.82
CHA HEM C . 17.11 -8.03 -2.77
CHB HEM C . 14.77 -10.75 0.39
CHC HEM C . 10.60 -9.46 -1.59
CHD HEM C . 12.96 -6.61 -4.65
C1A HEM C . 16.83 -8.87 -1.71
C2A HEM C . 17.84 -9.40 -0.83
C3A HEM C . 17.18 -10.22 0.03
C4A HEM C . 15.78 -10.13 -0.31
CMA HEM C . 17.80 -11.01 1.16
CAA HEM C . 19.29 -8.94 -0.73
CBA HEM C . 20.18 -9.50 -1.81
CGA HEM C . 21.40 -8.62 -2.09
O1A HEM C . 22.42 -9.15 -2.60
O2A HEM C . 21.34 -7.39 -1.81
C1B HEM C . 13.42 -10.63 0.14
C2B HEM C . 12.39 -11.30 0.89
C3B HEM C . 11.20 -10.95 0.32
C4B HEM C . 11.53 -10.06 -0.78
CMB HEM C . 12.59 -12.21 2.10
CAB HEM C . 9.91 -11.33 0.71
CBB HEM C . 9.63 -11.91 2.00
C1C HEM C . 10.88 -8.57 -2.61
C2C HEM C . 9.88 -7.88 -3.38
C3C HEM C . 10.55 -7.03 -4.20
C4C HEM C . 11.96 -7.23 -3.96
CMC HEM C . 8.37 -8.06 -3.28
CAC HEM C . 9.98 -6.07 -5.03
CBC HEM C . 9.52 -6.39 -6.36
C1D HEM C . 14.30 -6.79 -4.45
C2D HEM C . 15.35 -6.07 -5.15
C3D HEM C . 16.51 -6.49 -4.62
C4D HEM C . 16.18 -7.46 -3.61
CMD HEM C . 15.18 -4.96 -6.17
CAD HEM C . 17.90 -6.02 -4.98
CBD HEM C . 18.36 -4.83 -4.13
CGD HEM C . 19.75 -4.39 -4.52
O1D HEM C . 20.69 -5.18 -4.30
O2D HEM C . 19.91 -3.25 -5.06
NA HEM C . 15.56 -9.29 -1.38
NB HEM C . 12.90 -9.86 -0.88
NC HEM C . 12.16 -8.17 -2.96
ND HEM C . 14.83 -7.65 -3.50
FE HEM C . 13.87 -8.72 -2.16
CHA HEM D . -18.28 14.71 6.55
CHB HEM D . -21.78 11.72 7.84
CHC HEM D . -18.80 7.99 7.42
CHD HEM D . -15.18 11.00 6.29
C1A HEM D . -19.50 14.21 6.90
C2A HEM D . -20.71 15.01 7.11
C3A HEM D . -21.66 14.16 7.54
C4A HEM D . -21.08 12.84 7.52
CMA HEM D . -23.03 14.53 8.08
CAA HEM D . -20.90 16.49 6.82
CBA HEM D . -21.12 16.78 5.33
CGA HEM D . -21.19 18.26 5.00
O1A HEM D . -21.25 18.60 3.81
O2A HEM D . -21.18 19.10 5.93
C1B HEM D . -21.27 10.45 7.83
C2B HEM D . -22.01 9.31 8.28
C3B HEM D . -21.19 8.23 8.14
C4B HEM D . -19.92 8.76 7.63
CMB HEM D . -23.36 9.34 9.00
CAB HEM D . -21.50 6.91 8.43
CBB HEM D . -21.77 6.46 9.79
C1C HEM D . -17.55 8.48 7.06
C2C HEM D . -16.38 7.65 6.85
C3C HEM D . -15.36 8.49 6.59
C4C HEM D . -15.91 9.84 6.60
CMC HEM D . -16.32 6.12 6.92
CAC HEM D . -14.06 8.10 6.30
CBC HEM D . -13.00 8.21 7.29
C1D HEM D . -15.71 12.28 6.24
C2D HEM D . -14.98 13.47 5.82
C3D HEM D . -15.85 14.52 5.93
C4D HEM D . -17.12 13.97 6.37
CMD HEM D . -13.58 13.51 5.20
CAD HEM D . -15.55 15.99 5.60
CBD HEM D . -16.35 16.51 4.40
CGD HEM D . -16.17 17.99 4.15
O1D HEM D . -15.25 18.37 3.40
O2D HEM D . -16.95 18.77 4.74
NA HEM D . -19.75 12.87 7.14
NB HEM D . -19.98 10.12 7.45
NC HEM D . -17.26 9.82 6.89
ND HEM D . -17.04 12.59 6.55
FE HEM D . -18.50 11.34 6.96
N ARG A 29 31.07 5.80 -4.29
CA ARG A 29 30.36 4.51 -4.05
C ARG A 29 29.05 4.74 -3.30
N MET A 30 29.08 5.65 -2.32
CA MET A 30 27.88 5.96 -1.54
C MET A 30 26.92 6.80 -2.36
N ALA A 31 27.27 7.00 -3.63
CA ALA A 31 26.46 7.79 -4.55
C ALA A 31 26.21 7.04 -5.85
N ASP A 32 26.78 5.84 -5.98
CA ASP A 32 26.59 5.03 -7.18
C ASP A 32 25.12 4.62 -7.28
N LEU A 33 24.60 4.61 -8.50
CA LEU A 33 23.20 4.26 -8.74
C LEU A 33 22.74 2.99 -8.02
N SER A 34 23.51 1.91 -8.16
CA SER A 34 23.15 0.64 -7.53
C SER A 34 23.10 0.74 -6.02
N GLU A 35 23.96 1.59 -5.45
CA GLU A 35 23.96 1.76 -3.99
C GLU A 35 22.79 2.68 -3.62
N LEU A 36 22.66 3.79 -4.34
CA LEU A 36 21.58 4.74 -4.09
C LEU A 36 20.24 4.01 -4.01
N LEU A 37 19.99 3.12 -4.98
CA LEU A 37 18.75 2.35 -5.03
C LEU A 37 18.59 1.39 -3.83
N LYS A 38 19.66 0.65 -3.53
CA LYS A 38 19.64 -0.32 -2.43
C LYS A 38 19.21 0.34 -1.13
N GLU A 39 19.84 1.44 -0.76
CA GLU A 39 19.47 2.12 0.46
C GLU A 39 18.15 2.85 0.24
N GLY A 40 18.10 3.64 -0.81
CA GLY A 40 16.92 4.41 -1.16
C GLY A 40 15.59 3.69 -1.20
N THR A 41 15.60 2.36 -1.29
CA THR A 41 14.35 1.60 -1.33
C THR A 41 14.25 0.59 -0.18
N LYS A 42 15.10 0.76 0.83
CA LYS A 42 15.12 -0.12 1.99
C LYS A 42 13.77 -0.16 2.70
N GLU A 43 13.23 1.02 3.03
CA GLU A 43 11.94 1.10 3.71
C GLU A 43 10.90 0.36 2.89
N ALA A 44 10.88 0.59 1.58
CA ALA A 44 9.90 -0.08 0.74
C ALA A 44 10.13 -1.60 0.72
N HIS A 45 11.39 -2.02 0.75
CA HIS A 45 11.67 -3.44 0.72
C HIS A 45 11.18 -4.11 2.01
N ASP A 46 11.32 -3.43 3.13
CA ASP A 46 10.84 -4.00 4.39
C ASP A 46 9.34 -4.22 4.32
N ARG A 47 8.61 -3.22 3.83
CA ARG A 47 7.15 -3.34 3.73
C ARG A 47 6.77 -4.56 2.90
N ALA A 48 7.53 -4.80 1.84
CA ALA A 48 7.31 -5.92 0.93
C ALA A 48 7.53 -7.28 1.60
N GLU A 49 8.64 -7.41 2.33
CA GLU A 49 8.97 -8.65 3.03
C GLU A 49 7.90 -9.04 4.05
N ASN A 50 7.27 -8.04 4.66
CA ASN A 50 6.27 -8.31 5.68
C ASN A 50 4.81 -8.10 5.33
N THR A 51 4.50 -7.99 4.04
CA THR A 51 3.11 -7.80 3.68
C THR A 51 2.35 -9.13 3.72
N GLN A 52 1.10 -9.09 4.19
CA GLN A 52 0.25 -10.29 4.33
C GLN A 52 0.40 -11.36 3.26
N PHE A 53 0.30 -10.96 1.99
CA PHE A 53 0.40 -11.92 0.92
C PHE A 53 1.76 -12.60 0.90
N VAL A 54 2.83 -11.82 1.05
CA VAL A 54 4.18 -12.37 1.07
C VAL A 54 4.32 -13.45 2.12
N LYS A 55 3.75 -13.19 3.29
CA LYS A 55 3.81 -14.12 4.41
C LYS A 55 2.98 -15.40 4.17
N ASP A 56 1.78 -15.26 3.62
CA ASP A 56 0.98 -16.46 3.38
C ASP A 56 1.68 -17.26 2.31
N PHE A 57 2.40 -16.56 1.42
CA PHE A 57 3.12 -17.24 0.36
C PHE A 57 4.21 -18.14 0.98
N LEU A 58 4.98 -17.57 1.90
CA LEU A 58 6.05 -18.29 2.56
C LEU A 58 5.58 -19.43 3.45
N LYS A 59 4.71 -19.15 4.41
CA LYS A 59 4.18 -20.17 5.31
C LYS A 59 3.86 -21.47 4.57
N GLY A 60 3.77 -21.33 3.24
CA GLY A 60 3.48 -22.45 2.37
C GLY A 60 2.04 -22.41 1.88
N ASN A 61 1.25 -21.51 2.43
CA ASN A 61 -0.15 -21.42 2.05
C ASN A 61 -0.43 -20.80 0.67
N ILE A 62 -1.10 -21.58 -0.16
CA ILE A 62 -1.49 -21.18 -1.50
C ILE A 62 -2.48 -22.23 -2.01
N LYS A 63 -3.29 -21.84 -3.00
CA LYS A 63 -4.30 -22.73 -3.57
C LYS A 63 -4.44 -22.42 -5.06
N LYS A 64 -3.87 -23.29 -5.89
CA LYS A 64 -3.86 -23.13 -7.35
C LYS A 64 -4.57 -21.90 -7.89
N GLU A 65 -5.89 -21.97 -8.04
CA GLU A 65 -6.66 -20.87 -8.57
C GLU A 65 -6.13 -19.51 -8.11
N LEU A 66 -6.00 -19.34 -6.79
CA LEU A 66 -5.50 -18.09 -6.24
C LEU A 66 -4.09 -17.80 -6.74
N PHE A 67 -3.26 -18.84 -6.75
CA PHE A 67 -1.90 -18.68 -7.24
C PHE A 67 -1.94 -18.11 -8.66
N LYS A 68 -2.89 -18.61 -9.45
CA LYS A 68 -3.03 -18.13 -10.82
C LYS A 68 -2.94 -16.62 -10.80
N LEU A 69 -3.87 -15.98 -10.09
CA LEU A 69 -3.92 -14.52 -9.96
C LEU A 69 -2.51 -13.94 -9.85
N ALA A 70 -1.66 -14.63 -9.11
CA ALA A 70 -0.29 -14.19 -8.93
C ALA A 70 0.40 -14.20 -10.31
N THR A 71 0.47 -15.38 -10.91
CA THR A 71 1.08 -15.55 -12.23
C THR A 71 0.41 -14.59 -13.24
N THR A 72 -0.91 -14.65 -13.36
CA THR A 72 -1.62 -13.76 -14.28
C THR A 72 -1.07 -12.33 -14.17
N ALA A 73 -1.10 -11.79 -12.96
CA ALA A 73 -0.60 -10.44 -12.72
C ALA A 73 0.84 -10.36 -13.23
N LEU A 74 1.65 -11.34 -12.85
CA LEU A 74 3.05 -11.39 -13.28
C LEU A 74 3.15 -11.26 -14.81
N TYR A 75 2.42 -12.11 -15.53
CA TYR A 75 2.43 -12.09 -16.99
C TYR A 75 2.19 -10.71 -17.59
N PHE A 76 0.98 -10.19 -17.40
CA PHE A 76 0.64 -8.86 -17.91
C PHE A 76 1.66 -7.81 -17.48
N THR A 77 2.16 -7.96 -16.26
CA THR A 77 3.15 -7.02 -15.76
C THR A 77 4.46 -7.16 -16.54
N TYR A 78 4.95 -8.39 -16.71
CA TYR A 78 6.20 -8.56 -17.43
C TYR A 78 6.04 -8.31 -18.92
N SER A 79 4.84 -8.57 -19.45
CA SER A 79 4.61 -8.32 -20.87
C SER A 79 4.91 -6.86 -21.16
N ALA A 80 4.31 -5.97 -20.38
CA ALA A 80 4.53 -4.54 -20.55
C ALA A 80 6.00 -4.18 -20.41
N LEU A 81 6.62 -4.77 -19.39
CA LEU A 81 8.03 -4.53 -19.09
C LEU A 81 8.93 -4.90 -20.26
N GLU A 82 8.77 -6.12 -20.76
CA GLU A 82 9.59 -6.61 -21.85
C GLU A 82 9.32 -5.91 -23.19
N GLU A 83 8.08 -5.50 -23.42
CA GLU A 83 7.76 -4.82 -24.66
C GLU A 83 8.37 -3.42 -24.64
N GLU A 84 8.31 -2.79 -23.47
CA GLU A 84 8.85 -1.45 -23.30
C GLU A 84 10.38 -1.44 -23.32
N MET A 85 11.00 -2.32 -22.54
CA MET A 85 12.46 -2.37 -22.50
C MET A 85 12.98 -2.64 -23.91
N GLU A 86 12.28 -3.53 -24.61
CA GLU A 86 12.65 -3.90 -25.96
C GLU A 86 12.50 -2.68 -26.85
N ARG A 87 11.48 -1.87 -26.58
CA ARG A 87 11.25 -0.67 -27.35
C ARG A 87 12.45 0.26 -27.22
N ASN A 88 12.92 0.43 -26.00
CA ASN A 88 14.05 1.32 -25.74
C ASN A 88 15.37 0.55 -25.74
N LYS A 89 15.37 -0.62 -26.38
CA LYS A 89 16.56 -1.47 -26.44
C LYS A 89 17.85 -0.78 -26.86
N ASP A 90 17.74 0.36 -27.52
CA ASP A 90 18.94 1.08 -27.94
C ASP A 90 19.19 2.41 -27.23
N HIS A 91 18.28 2.80 -26.34
CA HIS A 91 18.45 4.06 -25.61
C HIS A 91 19.73 4.10 -24.76
N PRO A 92 20.49 5.19 -24.84
CA PRO A 92 21.74 5.34 -24.09
C PRO A 92 21.58 5.16 -22.58
N ALA A 93 20.39 5.47 -22.08
CA ALA A 93 20.12 5.37 -20.65
C ALA A 93 19.64 4.00 -20.18
N PHE A 94 19.42 3.08 -21.12
CA PHE A 94 18.96 1.75 -20.78
C PHE A 94 19.70 0.66 -21.54
N ALA A 95 20.32 1.03 -22.65
CA ALA A 95 21.05 0.11 -23.52
C ALA A 95 21.68 -1.15 -22.90
N PRO A 96 22.60 -0.98 -21.94
CA PRO A 96 23.24 -2.13 -21.30
C PRO A 96 22.31 -3.06 -20.52
N LEU A 97 21.32 -2.48 -19.85
CA LEU A 97 20.40 -3.28 -19.03
C LEU A 97 19.58 -4.21 -19.89
N TYR A 98 19.59 -3.97 -21.19
CA TYR A 98 18.87 -4.80 -22.14
C TYR A 98 19.48 -6.19 -22.08
N PHE A 99 18.64 -7.18 -21.75
CA PHE A 99 19.11 -8.57 -21.64
C PHE A 99 18.01 -9.56 -22.01
N PRO A 100 17.19 -9.22 -23.00
CA PRO A 100 16.09 -10.10 -23.42
C PRO A 100 16.34 -11.60 -23.46
N MET A 101 17.59 -12.01 -23.66
CA MET A 101 17.94 -13.42 -23.74
C MET A 101 18.19 -14.06 -22.36
N GLU A 102 18.87 -13.35 -21.48
CA GLU A 102 19.18 -13.86 -20.15
C GLU A 102 18.14 -13.57 -19.05
N LEU A 103 17.35 -12.51 -19.19
CA LEU A 103 16.37 -12.16 -18.17
C LEU A 103 14.88 -12.24 -18.45
N HIS A 104 14.45 -12.16 -19.71
CA HIS A 104 13.01 -12.20 -19.95
C HIS A 104 12.31 -13.47 -19.46
N ARG A 105 11.09 -13.29 -18.99
CA ARG A 105 10.31 -14.40 -18.43
C ARG A 105 9.01 -14.75 -19.14
N LYS A 106 8.76 -14.19 -20.32
CA LYS A 106 7.49 -14.47 -21.00
C LYS A 106 7.26 -15.92 -21.48
N GLU A 107 8.31 -16.63 -21.89
CA GLU A 107 8.14 -18.02 -22.33
C GLU A 107 7.71 -18.85 -21.12
N ALA A 108 8.43 -18.64 -20.02
CA ALA A 108 8.16 -19.34 -18.77
C ALA A 108 6.77 -18.97 -18.30
N LEU A 109 6.53 -17.67 -18.22
CA LEU A 109 5.25 -17.15 -17.78
C LEU A 109 4.15 -17.67 -18.69
N THR A 110 4.41 -17.71 -19.99
CA THR A 110 3.41 -18.22 -20.92
C THR A 110 3.23 -19.72 -20.71
N LYS A 111 4.33 -20.43 -20.55
CA LYS A 111 4.22 -21.86 -20.33
C LYS A 111 3.48 -22.13 -19.02
N ASP A 112 3.79 -21.34 -17.99
CA ASP A 112 3.16 -21.49 -16.69
C ASP A 112 1.65 -21.26 -16.76
N MET A 113 1.23 -20.26 -17.54
CA MET A 113 -0.19 -19.98 -17.71
C MET A 113 -0.87 -21.20 -18.31
N GLU A 114 -0.39 -21.62 -19.48
CA GLU A 114 -0.93 -22.79 -20.17
C GLU A 114 -0.99 -24.02 -19.29
N TYR A 115 0.03 -24.19 -18.44
CA TYR A 115 0.07 -25.33 -17.53
C TYR A 115 -1.07 -25.30 -16.51
N PHE A 116 -1.46 -24.11 -16.06
CA PHE A 116 -2.55 -23.99 -15.08
C PHE A 116 -3.94 -23.79 -15.67
N PHE A 117 -4.08 -22.80 -16.55
CA PHE A 117 -5.37 -22.50 -17.16
C PHE A 117 -5.78 -23.46 -18.26
N GLY A 118 -4.82 -23.93 -19.06
CA GLY A 118 -5.12 -24.82 -20.17
C GLY A 118 -4.81 -24.15 -21.51
N GLU A 119 -5.56 -24.47 -22.56
CA GLU A 119 -5.30 -23.88 -23.88
C GLU A 119 -5.93 -22.50 -24.16
N ASN A 120 -7.25 -22.41 -24.16
CA ASN A 120 -7.87 -21.11 -24.40
C ASN A 120 -7.72 -20.20 -23.17
N TRP A 121 -6.58 -20.34 -22.51
CA TRP A 121 -6.26 -19.58 -21.31
C TRP A 121 -6.15 -18.09 -21.57
N GLU A 122 -5.73 -17.75 -22.78
CA GLU A 122 -5.56 -16.36 -23.16
C GLU A 122 -6.84 -15.54 -22.94
N GLU A 123 -8.00 -16.14 -23.20
CA GLU A 123 -9.27 -15.44 -23.02
C GLU A 123 -9.93 -15.76 -21.68
N GLN A 124 -9.38 -16.72 -20.95
CA GLN A 124 -9.91 -17.08 -19.64
C GLN A 124 -9.45 -16.06 -18.64
N VAL A 125 -8.50 -15.23 -19.06
CA VAL A 125 -7.88 -14.23 -18.22
C VAL A 125 -8.02 -12.78 -18.67
N GLN A 126 -8.03 -11.88 -17.69
CA GLN A 126 -8.10 -10.44 -17.94
C GLN A 126 -7.15 -9.80 -16.93
N ALA A 127 -6.75 -8.54 -17.16
CA ALA A 127 -5.83 -7.88 -16.25
C ALA A 127 -6.49 -7.29 -15.02
N PRO A 128 -6.21 -7.85 -13.82
CA PRO A 128 -6.77 -7.36 -12.55
C PRO A 128 -6.45 -5.88 -12.37
N LYS A 129 -7.47 -5.10 -11.95
CA LYS A 129 -7.32 -3.67 -11.76
C LYS A 129 -5.92 -3.25 -11.25
N ALA A 130 -5.45 -3.90 -10.19
CA ALA A 130 -4.15 -3.61 -9.57
C ALA A 130 -2.97 -3.74 -10.53
N ALA A 131 -3.02 -4.77 -11.37
CA ALA A 131 -1.96 -5.02 -12.34
C ALA A 131 -2.09 -4.11 -13.56
N GLN A 132 -3.32 -3.72 -13.88
CA GLN A 132 -3.55 -2.84 -15.02
C GLN A 132 -2.76 -1.55 -14.81
N LYS A 133 -2.95 -0.94 -13.65
CA LYS A 133 -2.26 0.32 -13.32
C LYS A 133 -0.78 0.16 -13.56
N TYR A 134 -0.22 -0.89 -12.96
CA TYR A 134 1.19 -1.20 -13.07
C TYR A 134 1.57 -1.23 -14.56
N VAL A 135 0.73 -1.87 -15.37
CA VAL A 135 0.97 -1.95 -16.80
C VAL A 135 0.90 -0.57 -17.48
N GLU A 136 0.03 0.29 -17.00
CA GLU A 136 -0.13 1.63 -17.57
C GLU A 136 1.09 2.47 -17.24
N ARG A 137 1.56 2.38 -16.00
CA ARG A 137 2.74 3.15 -15.60
C ARG A 137 3.96 2.62 -16.37
N ILE A 138 4.00 1.32 -16.61
CA ILE A 138 5.11 0.75 -17.35
C ILE A 138 5.06 1.28 -18.78
N HIS A 139 3.92 1.09 -19.45
CA HIS A 139 3.76 1.58 -20.81
C HIS A 139 4.00 3.09 -20.86
N TYR A 140 3.54 3.80 -19.84
CA TYR A 140 3.72 5.24 -19.79
C TYR A 140 5.19 5.55 -19.68
N ILE A 141 5.82 5.00 -18.64
CA ILE A 141 7.24 5.22 -18.40
C ILE A 141 8.10 4.94 -19.63
N GLY A 142 7.77 3.89 -20.37
CA GLY A 142 8.53 3.54 -21.54
C GLY A 142 8.11 4.35 -22.77
N GLN A 143 6.90 4.90 -22.72
CA GLN A 143 6.41 5.67 -23.83
C GLN A 143 6.61 7.17 -23.65
N ASN A 144 7.18 7.59 -22.53
CA ASN A 144 7.38 9.02 -22.33
C ASN A 144 8.58 9.40 -21.50
N GLU A 145 9.22 8.40 -20.89
CA GLU A 145 10.42 8.60 -20.06
C GLU A 145 11.20 7.29 -19.99
N PRO A 146 11.55 6.74 -21.16
CA PRO A 146 12.30 5.48 -21.26
C PRO A 146 13.62 5.41 -20.48
N GLU A 147 14.18 6.56 -20.13
CA GLU A 147 15.45 6.62 -19.41
C GLU A 147 15.38 6.14 -17.97
N LEU A 148 14.17 6.08 -17.41
CA LEU A 148 13.96 5.65 -16.03
C LEU A 148 13.41 4.22 -16.02
N LEU A 149 13.36 3.59 -17.18
CA LEU A 149 12.84 2.23 -17.30
C LEU A 149 13.64 1.28 -16.42
N VAL A 150 14.90 1.63 -16.16
CA VAL A 150 15.78 0.83 -15.33
C VAL A 150 15.20 0.65 -13.91
N ALA A 151 14.46 1.65 -13.43
CA ALA A 151 13.86 1.58 -12.11
C ALA A 151 12.86 0.43 -12.05
N HIS A 152 12.26 0.10 -13.19
CA HIS A 152 11.30 -0.97 -13.23
C HIS A 152 11.93 -2.33 -13.53
N ALA A 153 13.07 -2.29 -14.21
CA ALA A 153 13.83 -3.50 -14.54
C ALA A 153 14.49 -3.94 -13.24
N TYR A 154 15.11 -2.99 -12.55
CA TYR A 154 15.79 -3.20 -11.28
C TYR A 154 14.86 -3.87 -10.27
N THR A 155 13.84 -3.12 -9.84
CA THR A 155 12.89 -3.59 -8.85
C THR A 155 12.36 -5.00 -9.15
N ARG A 156 12.22 -5.34 -10.42
CA ARG A 156 11.72 -6.65 -10.78
C ARG A 156 12.75 -7.79 -10.89
N TYR A 157 13.65 -7.70 -11.88
CA TYR A 157 14.61 -8.78 -12.07
C TYR A 157 15.50 -9.09 -10.87
N MET A 158 16.14 -8.07 -10.30
CA MET A 158 17.01 -8.27 -9.14
C MET A 158 16.28 -9.07 -8.05
N GLY A 159 15.09 -8.63 -7.68
CA GLY A 159 14.33 -9.36 -6.69
C GLY A 159 14.18 -10.81 -7.16
N ASP A 160 13.80 -10.97 -8.42
CA ASP A 160 13.61 -12.29 -9.01
C ASP A 160 14.89 -13.14 -8.90
N LEU A 161 16.03 -12.47 -8.99
CA LEU A 161 17.31 -13.17 -8.90
C LEU A 161 17.78 -13.41 -7.45
N SER A 162 17.33 -12.58 -6.52
CA SER A 162 17.72 -12.67 -5.11
C SER A 162 17.13 -13.86 -4.33
N GLY A 163 15.89 -14.22 -4.64
CA GLY A 163 15.27 -15.32 -3.92
C GLY A 163 14.21 -16.09 -4.69
N GLY A 164 14.32 -16.10 -6.01
CA GLY A 164 13.36 -16.82 -6.82
C GLY A 164 13.45 -18.31 -6.58
N GLN A 165 14.66 -18.79 -6.29
CA GLN A 165 14.89 -20.22 -6.08
C GLN A 165 14.00 -20.73 -4.95
N VAL A 166 14.00 -20.00 -3.83
CA VAL A 166 13.20 -20.38 -2.68
C VAL A 166 11.71 -20.42 -3.07
N LEU A 167 11.18 -19.33 -3.61
CA LEU A 167 9.78 -19.26 -4.00
C LEU A 167 9.33 -20.45 -4.83
N LYS A 168 10.21 -20.91 -5.71
CA LYS A 168 9.92 -22.04 -6.58
C LYS A 168 9.55 -23.26 -5.72
N LYS A 169 10.34 -23.52 -4.69
CA LYS A 169 10.12 -24.65 -3.81
C LYS A 169 8.99 -24.43 -2.81
N VAL A 170 8.62 -23.17 -2.57
CA VAL A 170 7.53 -22.89 -1.65
C VAL A 170 6.21 -22.98 -2.37
N ALA A 171 6.28 -23.06 -3.69
CA ALA A 171 5.08 -23.17 -4.52
C ALA A 171 4.80 -24.66 -4.83
N GLN A 172 5.87 -25.43 -5.02
CA GLN A 172 5.77 -26.85 -5.34
C GLN A 172 5.04 -27.74 -4.33
N ARG A 173 5.51 -27.72 -3.09
CA ARG A 173 4.94 -28.52 -2.01
C ARG A 173 3.47 -28.19 -1.79
N ALA A 174 3.17 -26.91 -1.63
CA ALA A 174 1.80 -26.45 -1.37
C ALA A 174 0.81 -26.84 -2.46
N LEU A 175 1.28 -26.87 -3.70
CA LEU A 175 0.40 -27.21 -4.82
C LEU A 175 0.67 -28.60 -5.34
N LYS A 176 1.68 -29.26 -4.77
CA LYS A 176 2.05 -30.59 -5.19
C LYS A 176 2.41 -30.54 -6.67
N LEU A 177 3.24 -29.55 -7.05
CA LEU A 177 3.64 -29.40 -8.45
C LEU A 177 4.80 -30.32 -8.82
N PRO A 178 4.92 -30.68 -10.10
CA PRO A 178 6.00 -31.56 -10.56
C PRO A 178 7.37 -31.06 -10.11
N SER A 179 8.36 -31.94 -10.19
CA SER A 179 9.73 -31.62 -9.80
C SER A 179 10.55 -31.13 -10.98
N THR A 180 10.22 -31.63 -12.17
CA THR A 180 10.91 -31.24 -13.39
C THR A 180 10.88 -29.73 -13.54
N GLY A 181 9.79 -29.11 -13.07
CA GLY A 181 9.67 -27.66 -13.12
C GLY A 181 8.45 -27.00 -13.74
N GLU A 182 7.44 -27.78 -14.13
CA GLU A 182 6.23 -27.21 -14.73
C GLU A 182 5.46 -26.38 -13.71
N GLY A 183 4.83 -25.30 -14.17
CA GLY A 183 4.05 -24.45 -13.29
C GLY A 183 4.84 -23.34 -12.62
N THR A 184 6.15 -23.54 -12.44
CA THR A 184 6.95 -22.52 -11.79
C THR A 184 8.23 -22.19 -12.52
N GLN A 185 8.18 -22.20 -13.86
CA GLN A 185 9.36 -21.90 -14.64
C GLN A 185 9.73 -20.42 -14.55
N PHE A 186 8.79 -19.60 -14.11
CA PHE A 186 9.03 -18.17 -13.96
C PHE A 186 10.17 -17.90 -12.96
N TYR A 187 10.31 -18.83 -12.00
CA TYR A 187 11.33 -18.70 -10.95
C TYR A 187 12.67 -19.35 -11.28
N LEU A 188 12.87 -19.71 -12.53
CA LEU A 188 14.11 -20.33 -12.99
C LEU A 188 14.71 -19.60 -14.16
N PHE A 189 15.91 -19.04 -13.97
CA PHE A 189 16.62 -18.33 -15.03
C PHE A 189 17.59 -19.33 -15.69
N GLU A 190 17.02 -20.12 -16.59
CA GLU A 190 17.73 -21.17 -17.33
C GLU A 190 18.93 -20.72 -18.16
N ASN A 191 19.28 -19.44 -18.10
CA ASN A 191 20.40 -18.96 -18.89
C ASN A 191 21.34 -18.03 -18.15
N VAL A 192 21.17 -17.94 -16.83
CA VAL A 192 22.03 -17.12 -15.98
C VAL A 192 22.96 -18.10 -15.30
N ASP A 193 24.22 -18.14 -15.73
CA ASP A 193 25.17 -19.08 -15.14
C ASP A 193 25.32 -18.89 -13.62
N ASN A 194 25.19 -17.65 -13.14
CA ASN A 194 25.30 -17.40 -11.71
C ASN A 194 24.58 -16.13 -11.24
N ALA A 195 23.44 -16.29 -10.58
CA ALA A 195 22.64 -15.16 -10.09
C ALA A 195 23.42 -14.17 -9.25
N GLN A 196 23.98 -14.63 -8.13
CA GLN A 196 24.76 -13.76 -7.26
C GLN A 196 25.70 -12.88 -8.11
N GLN A 197 26.71 -13.52 -8.71
CA GLN A 197 27.69 -12.84 -9.57
C GLN A 197 26.99 -12.07 -10.72
N PHE A 198 25.87 -12.61 -11.20
CA PHE A 198 25.12 -11.98 -12.27
C PHE A 198 24.68 -10.58 -11.82
N LYS A 199 23.87 -10.52 -10.76
CA LYS A 199 23.41 -9.24 -10.26
C LYS A 199 24.53 -8.21 -10.15
N GLN A 200 25.76 -8.67 -9.98
CA GLN A 200 26.88 -7.75 -9.87
C GLN A 200 27.17 -7.16 -11.25
N LEU A 201 27.16 -8.02 -12.26
CA LEU A 201 27.37 -7.58 -13.63
C LEU A 201 26.32 -6.47 -13.90
N TYR A 202 25.10 -6.70 -13.40
CA TYR A 202 24.00 -5.76 -13.53
C TYR A 202 24.29 -4.43 -12.78
N ARG A 203 24.79 -4.55 -11.56
CA ARG A 203 25.11 -3.36 -10.76
C ARG A 203 26.26 -2.60 -11.42
N ALA A 204 27.22 -3.36 -11.96
CA ALA A 204 28.36 -2.74 -12.60
C ALA A 204 27.89 -1.92 -13.80
N ARG A 205 26.89 -2.43 -14.50
CA ARG A 205 26.34 -1.75 -15.66
C ARG A 205 25.48 -0.54 -15.30
N MET A 206 24.66 -0.67 -14.26
CA MET A 206 23.82 0.45 -13.86
C MET A 206 24.72 1.59 -13.43
N ASN A 207 25.86 1.27 -12.84
CA ASN A 207 26.78 2.33 -12.42
C ASN A 207 27.58 2.88 -13.61
N ALA A 208 27.64 2.13 -14.69
CA ALA A 208 28.37 2.57 -15.87
C ALA A 208 27.59 3.61 -16.68
N LEU A 209 26.27 3.59 -16.59
CA LEU A 209 25.46 4.55 -17.33
C LEU A 209 25.86 5.97 -16.93
N ASP A 210 26.08 6.82 -17.93
CA ASP A 210 26.44 8.22 -17.71
C ASP A 210 25.21 8.94 -17.16
N LEU A 211 25.18 9.16 -15.84
CA LEU A 211 24.04 9.82 -15.20
C LEU A 211 24.42 10.85 -14.13
N ASN A 212 23.63 11.91 -14.05
CA ASN A 212 23.85 12.96 -13.05
C ASN A 212 22.90 12.70 -11.90
N MET A 213 23.04 13.45 -10.81
CA MET A 213 22.19 13.23 -9.64
C MET A 213 20.71 13.55 -9.84
N LYS A 214 20.41 14.52 -10.70
CA LYS A 214 19.02 14.90 -10.94
C LYS A 214 18.26 13.74 -11.59
N THR A 215 18.98 12.90 -12.34
CA THR A 215 18.41 11.75 -13.02
C THR A 215 18.39 10.51 -12.13
N LYS A 216 19.38 10.43 -11.24
CA LYS A 216 19.47 9.31 -10.32
C LYS A 216 18.31 9.37 -9.32
N GLU A 217 18.13 10.52 -8.68
CA GLU A 217 17.06 10.66 -7.72
C GLU A 217 15.72 10.43 -8.42
N ARG A 218 15.69 10.54 -9.75
CA ARG A 218 14.45 10.31 -10.50
C ARG A 218 14.25 8.80 -10.67
N ILE A 219 15.38 8.07 -10.69
CA ILE A 219 15.36 6.62 -10.81
C ILE A 219 15.04 6.01 -9.43
N VAL A 220 15.83 6.35 -8.42
CA VAL A 220 15.59 5.82 -7.08
C VAL A 220 14.15 6.07 -6.65
N GLU A 221 13.68 7.30 -6.82
CA GLU A 221 12.31 7.66 -6.48
C GLU A 221 11.32 6.85 -7.31
N GLU A 222 11.74 6.44 -8.50
CA GLU A 222 10.86 5.66 -9.36
C GLU A 222 10.88 4.17 -8.93
N ALA A 223 12.01 3.70 -8.41
CA ALA A 223 12.11 2.31 -7.95
C ALA A 223 11.13 2.14 -6.80
N ASN A 224 11.10 3.14 -5.91
CA ASN A 224 10.19 3.15 -4.77
C ASN A 224 8.75 3.19 -5.28
N LYS A 225 8.53 3.86 -6.41
CA LYS A 225 7.19 3.92 -6.98
C LYS A 225 6.78 2.51 -7.38
N ALA A 226 7.65 1.84 -8.12
CA ALA A 226 7.42 0.47 -8.58
C ALA A 226 7.14 -0.50 -7.42
N PHE A 227 7.91 -0.40 -6.33
CA PHE A 227 7.67 -1.28 -5.19
C PHE A 227 6.20 -1.12 -4.77
N GLU A 228 5.74 0.11 -4.70
CA GLU A 228 4.36 0.35 -4.29
C GLU A 228 3.36 -0.21 -5.30
N TYR A 229 3.78 -0.29 -6.56
CA TYR A 229 2.89 -0.85 -7.55
C TYR A 229 2.72 -2.33 -7.20
N ASN A 230 3.81 -2.94 -6.72
CA ASN A 230 3.79 -4.33 -6.30
C ASN A 230 3.08 -4.43 -4.96
N MET A 231 3.26 -3.40 -4.13
CA MET A 231 2.59 -3.40 -2.84
C MET A 231 1.09 -3.43 -3.12
N GLN A 232 0.64 -2.70 -4.13
CA GLN A 232 -0.79 -2.69 -4.39
C GLN A 232 -1.31 -4.00 -4.95
N ILE A 233 -0.48 -4.71 -5.70
CA ILE A 233 -0.93 -5.99 -6.23
C ILE A 233 -1.03 -6.97 -5.07
N PHE A 234 -0.01 -7.00 -4.22
CA PHE A 234 0.01 -7.87 -3.05
C PHE A 234 -1.17 -7.55 -2.15
N ASN A 235 -1.53 -6.28 -2.12
CA ASN A 235 -2.65 -5.79 -1.32
C ASN A 235 -3.97 -6.27 -1.91
N GLU A 236 -4.03 -6.41 -3.24
CA GLU A 236 -5.27 -6.84 -3.88
C GLU A 236 -5.38 -8.36 -4.11
N LEU A 237 -4.27 -9.08 -3.91
CA LEU A 237 -4.26 -10.53 -4.08
C LEU A 237 -4.66 -11.31 -2.81
N ASP A 238 -3.92 -11.08 -1.72
CA ASP A 238 -4.20 -11.77 -0.47
C ASP A 238 -5.22 -10.94 0.28
N GLN A 239 -6.18 -10.44 -0.49
CA GLN A 239 -7.30 -9.64 -0.01
C GLN A 239 -8.39 -10.00 -1.00
N ALA A 240 -8.25 -11.20 -1.56
CA ALA A 240 -9.21 -11.74 -2.52
C ALA A 240 -10.06 -12.75 -1.79
N GLY A 241 -9.52 -13.96 -1.61
CA GLY A 241 -10.22 -15.03 -0.93
C GLY A 241 -11.16 -14.55 0.17
N SER A 242 -10.76 -13.46 0.82
CA SER A 242 -11.54 -12.81 1.88
C SER A 242 -12.32 -13.78 2.77
N MET B 30 -10.38 25.23 -12.25
CA MET B 30 -11.81 24.90 -11.96
C MET B 30 -12.22 25.11 -10.50
N ALA B 31 -12.41 24.03 -9.77
CA ALA B 31 -12.83 24.08 -8.37
C ALA B 31 -11.68 23.95 -7.36
N ASP B 32 -11.96 24.30 -6.12
CA ASP B 32 -10.95 24.20 -5.06
C ASP B 32 -10.78 22.73 -4.68
N LEU B 33 -9.64 22.42 -4.07
CA LEU B 33 -9.34 21.05 -3.67
C LEU B 33 -10.45 20.47 -2.78
N SER B 34 -10.98 21.27 -1.87
CA SER B 34 -12.05 20.78 -1.00
C SER B 34 -13.21 20.29 -1.87
N GLU B 35 -13.61 21.11 -2.83
CA GLU B 35 -14.71 20.79 -3.72
C GLU B 35 -14.47 19.55 -4.55
N LEU B 36 -13.26 19.39 -5.07
CA LEU B 36 -12.93 18.21 -5.85
C LEU B 36 -12.96 16.99 -4.92
N LEU B 37 -12.53 17.18 -3.68
CA LEU B 37 -12.50 16.10 -2.70
C LEU B 37 -13.90 15.68 -2.27
N LYS B 38 -14.67 16.63 -1.73
CA LYS B 38 -16.03 16.37 -1.27
C LYS B 38 -16.88 15.75 -2.39
N GLU B 39 -16.79 16.32 -3.58
CA GLU B 39 -17.55 15.81 -4.72
C GLU B 39 -16.91 14.48 -5.14
N GLY B 40 -15.59 14.41 -5.04
CA GLY B 40 -14.88 13.20 -5.43
C GLY B 40 -14.94 12.05 -4.44
N THR B 41 -15.46 12.31 -3.25
CA THR B 41 -15.55 11.28 -2.23
C THR B 41 -16.98 11.14 -1.74
N LYS B 42 -17.83 12.05 -2.21
CA LYS B 42 -19.24 12.08 -1.83
C LYS B 42 -19.84 10.69 -1.88
N GLU B 43 -19.71 10.03 -3.02
CA GLU B 43 -20.26 8.70 -3.23
C GLU B 43 -19.64 7.65 -2.31
N ALA B 44 -18.33 7.71 -2.13
CA ALA B 44 -17.65 6.73 -1.29
C ALA B 44 -17.99 6.93 0.19
N HIS B 45 -18.01 8.18 0.64
CA HIS B 45 -18.33 8.48 2.04
C HIS B 45 -19.65 7.84 2.45
N ASP B 46 -20.71 8.22 1.77
CA ASP B 46 -22.03 7.70 2.04
C ASP B 46 -22.01 6.18 1.86
N ARG B 47 -21.05 5.70 1.08
CA ARG B 47 -20.92 4.28 0.82
C ARG B 47 -20.13 3.53 1.89
N ALA B 48 -19.58 4.27 2.85
CA ALA B 48 -18.81 3.65 3.93
C ALA B 48 -19.69 3.26 5.10
N GLU B 49 -20.73 4.06 5.35
CA GLU B 49 -21.63 3.80 6.46
C GLU B 49 -22.34 2.45 6.33
N ASN B 50 -22.58 2.01 5.10
CA ASN B 50 -23.28 0.73 4.90
C ASN B 50 -22.58 -0.44 5.57
N THR B 51 -21.47 -0.19 6.25
CA THR B 51 -20.75 -1.27 6.92
C THR B 51 -21.43 -1.64 8.24
N GLN B 52 -21.89 -2.89 8.32
CA GLN B 52 -22.58 -3.42 9.49
C GLN B 52 -21.99 -2.91 10.79
N PHE B 53 -20.68 -2.71 10.79
CA PHE B 53 -20.00 -2.21 11.98
C PHE B 53 -20.46 -0.79 12.30
N VAL B 54 -20.62 0.02 11.27
CA VAL B 54 -21.03 1.42 11.39
C VAL B 54 -22.55 1.61 11.51
N LYS B 55 -23.30 1.17 10.51
CA LYS B 55 -24.76 1.30 10.53
C LYS B 55 -25.31 0.83 11.87
N ASP B 56 -24.60 -0.10 12.50
CA ASP B 56 -25.01 -0.64 13.79
C ASP B 56 -24.05 -0.12 14.87
N PHE B 57 -23.63 1.13 14.74
CA PHE B 57 -22.75 1.75 15.72
C PHE B 57 -23.36 3.06 16.17
N LEU B 58 -23.81 3.87 15.21
CA LEU B 58 -24.43 5.15 15.52
C LEU B 58 -25.65 4.86 16.38
N LYS B 59 -26.11 3.62 16.32
CA LYS B 59 -27.27 3.18 17.08
C LYS B 59 -26.94 2.17 18.17
N GLY B 60 -25.69 2.19 18.62
CA GLY B 60 -25.25 1.29 19.68
C GLY B 60 -25.33 -0.20 19.48
N ASN B 61 -25.67 -0.63 18.27
CA ASN B 61 -25.75 -2.07 18.02
C ASN B 61 -24.35 -2.62 17.75
N ILE B 62 -23.47 -2.48 18.74
CA ILE B 62 -22.10 -2.96 18.61
C ILE B 62 -21.49 -3.20 20.00
N LYS B 63 -21.00 -4.42 20.23
CA LYS B 63 -20.42 -4.77 21.52
C LYS B 63 -18.96 -4.38 21.70
N LYS B 64 -18.51 -4.47 22.96
CA LYS B 64 -17.15 -4.14 23.34
C LYS B 64 -16.16 -5.08 22.65
N GLU B 65 -16.60 -6.26 22.27
CA GLU B 65 -15.71 -7.19 21.61
C GLU B 65 -15.04 -6.52 20.43
N LEU B 66 -15.85 -5.95 19.54
CA LEU B 66 -15.32 -5.27 18.36
C LEU B 66 -14.72 -3.91 18.70
N PHE B 67 -15.32 -3.22 19.66
CA PHE B 67 -14.82 -1.91 20.06
C PHE B 67 -13.37 -2.05 20.51
N LYS B 68 -13.03 -3.24 20.99
CA LYS B 68 -11.67 -3.52 21.45
C LYS B 68 -10.72 -3.69 20.27
N LEU B 69 -11.27 -4.10 19.13
CA LEU B 69 -10.47 -4.27 17.93
C LEU B 69 -10.35 -2.91 17.26
N ALA B 70 -11.50 -2.26 17.07
CA ALA B 70 -11.57 -0.96 16.43
C ALA B 70 -10.55 0.01 17.03
N THR B 71 -10.61 0.22 18.34
CA THR B 71 -9.70 1.13 19.02
C THR B 71 -8.25 0.80 18.64
N THR B 72 -7.97 -0.49 18.48
CA THR B 72 -6.64 -0.93 18.11
C THR B 72 -6.40 -0.52 16.66
N ALA B 73 -7.40 -0.77 15.81
CA ALA B 73 -7.32 -0.41 14.41
C ALA B 73 -7.02 1.08 14.35
N LEU B 74 -7.77 1.86 15.12
CA LEU B 74 -7.59 3.31 15.16
C LEU B 74 -6.19 3.72 15.60
N TYR B 75 -5.74 3.18 16.74
CA TYR B 75 -4.43 3.49 17.29
C TYR B 75 -3.36 3.45 16.23
N PHE B 76 -3.12 2.27 15.69
CA PHE B 76 -2.11 2.06 14.66
C PHE B 76 -2.26 2.96 13.45
N THR B 77 -3.51 3.19 13.02
CA THR B 77 -3.77 4.07 11.89
C THR B 77 -3.11 5.44 12.12
N TYR B 78 -3.57 6.14 13.15
CA TYR B 78 -3.05 7.48 13.45
C TYR B 78 -1.59 7.57 13.82
N SER B 79 -1.05 6.53 14.42
CA SER B 79 0.35 6.58 14.81
C SER B 79 1.17 6.70 13.54
N ALA B 80 0.71 6.05 12.48
CA ALA B 80 1.42 6.08 11.21
C ALA B 80 1.17 7.43 10.52
N LEU B 81 -0.10 7.79 10.41
CA LEU B 81 -0.49 9.03 9.76
C LEU B 81 0.19 10.21 10.42
N GLU B 82 0.12 10.27 11.74
CA GLU B 82 0.72 11.36 12.50
C GLU B 82 2.23 11.25 12.54
N GLU B 83 2.78 10.12 12.14
CA GLU B 83 4.23 9.96 12.08
C GLU B 83 4.69 10.55 10.75
N GLU B 84 3.94 10.25 9.69
CA GLU B 84 4.28 10.76 8.37
C GLU B 84 4.14 12.27 8.22
N MET B 85 3.13 12.86 8.87
CA MET B 85 2.93 14.30 8.80
C MET B 85 4.09 14.96 9.54
N GLU B 86 4.73 14.19 10.42
CA GLU B 86 5.88 14.68 11.16
C GLU B 86 7.03 14.88 10.18
N ARG B 87 7.29 13.85 9.38
CA ARG B 87 8.37 13.90 8.40
C ARG B 87 8.13 15.07 7.46
N ASN B 88 6.87 15.45 7.29
CA ASN B 88 6.51 16.53 6.39
C ASN B 88 5.92 17.80 7.03
N LYS B 89 6.00 17.93 8.35
CA LYS B 89 5.43 19.13 9.00
C LYS B 89 5.95 20.44 8.40
N ASP B 90 7.10 20.37 7.73
CA ASP B 90 7.69 21.56 7.12
C ASP B 90 7.95 21.41 5.62
N HIS B 91 7.07 20.70 4.94
CA HIS B 91 7.21 20.48 3.50
C HIS B 91 6.17 21.39 2.84
N PRO B 92 6.61 22.21 1.87
CA PRO B 92 5.68 23.12 1.17
C PRO B 92 4.39 22.45 0.70
N ALA B 93 4.46 21.16 0.45
CA ALA B 93 3.29 20.45 -0.01
C ALA B 93 2.51 19.81 1.13
N PHE B 94 2.77 20.27 2.36
CA PHE B 94 2.05 19.75 3.50
C PHE B 94 2.02 20.64 4.74
N ALA B 95 3.07 21.44 4.93
CA ALA B 95 3.21 22.33 6.08
C ALA B 95 1.93 23.03 6.57
N PRO B 96 1.10 23.55 5.65
CA PRO B 96 -0.13 24.24 6.05
C PRO B 96 -1.15 23.38 6.82
N LEU B 97 -1.05 22.07 6.66
CA LEU B 97 -2.01 21.17 7.31
C LEU B 97 -1.48 20.46 8.54
N TYR B 98 -0.35 20.93 9.06
CA TYR B 98 0.26 20.34 10.24
C TYR B 98 -0.30 20.96 11.52
N PHE B 99 -1.09 20.20 12.26
CA PHE B 99 -1.70 20.63 13.51
C PHE B 99 -1.45 19.60 14.60
N PRO B 100 -0.20 19.44 15.02
CA PRO B 100 0.09 18.44 16.07
C PRO B 100 -0.79 18.55 17.32
N MET B 101 -0.62 19.63 18.09
CA MET B 101 -1.39 19.84 19.32
C MET B 101 -2.88 20.11 19.12
N GLU B 102 -3.34 20.29 17.87
CA GLU B 102 -4.76 20.54 17.65
C GLU B 102 -5.55 19.30 17.28
N LEU B 103 -5.05 18.53 16.33
CA LEU B 103 -5.75 17.35 15.86
C LEU B 103 -5.24 15.95 16.19
N HIS B 104 -3.95 15.83 16.51
CA HIS B 104 -3.38 14.52 16.77
C HIS B 104 -4.14 13.60 17.72
N ARG B 105 -3.99 12.29 17.53
CA ARG B 105 -4.70 11.33 18.37
C ARG B 105 -3.80 10.30 19.05
N LYS B 106 -2.55 10.18 18.62
CA LYS B 106 -1.67 9.17 19.22
C LYS B 106 -1.63 9.26 20.74
N GLU B 107 -1.27 10.43 21.27
CA GLU B 107 -1.20 10.65 22.72
C GLU B 107 -2.47 10.13 23.38
N ALA B 108 -3.62 10.51 22.81
CA ALA B 108 -4.89 10.07 23.35
C ALA B 108 -5.07 8.55 23.20
N LEU B 109 -4.89 8.05 21.98
CA LEU B 109 -5.06 6.63 21.73
C LEU B 109 -4.13 5.71 22.54
N THR B 110 -2.94 6.21 22.89
CA THR B 110 -2.03 5.41 23.68
C THR B 110 -2.72 5.14 25.03
N LYS B 111 -3.65 6.01 25.41
CA LYS B 111 -4.39 5.85 26.66
C LYS B 111 -5.56 4.87 26.54
N ASP B 112 -6.47 5.11 25.60
CA ASP B 112 -7.62 4.21 25.44
C ASP B 112 -7.16 2.77 25.17
N MET B 113 -5.85 2.58 25.11
CA MET B 113 -5.26 1.27 24.88
C MET B 113 -4.68 0.69 26.18
N GLU B 114 -3.86 1.47 26.87
CA GLU B 114 -3.29 1.00 28.14
C GLU B 114 -4.40 0.91 29.19
N TYR B 115 -5.60 1.37 28.81
CA TYR B 115 -6.76 1.34 29.69
C TYR B 115 -7.81 0.31 29.23
N PHE B 116 -7.80 -0.02 27.95
CA PHE B 116 -8.75 -0.99 27.43
C PHE B 116 -8.30 -2.39 27.80
N PHE B 117 -6.98 -2.55 27.94
CA PHE B 117 -6.40 -3.85 28.22
C PHE B 117 -5.52 -3.86 29.47
N GLY B 118 -4.45 -3.07 29.47
CA GLY B 118 -3.57 -3.03 30.62
C GLY B 118 -2.24 -2.34 30.37
N GLU B 119 -1.49 -2.13 31.45
CA GLU B 119 -0.20 -1.46 31.40
C GLU B 119 0.88 -2.17 30.60
N ASN B 120 0.51 -3.19 29.82
CA ASN B 120 1.50 -3.89 29.01
C ASN B 120 0.98 -4.38 27.65
N TRP B 121 -0.02 -3.67 27.12
CA TRP B 121 -0.63 -4.03 25.83
C TRP B 121 0.32 -3.93 24.63
N GLU B 122 1.26 -2.99 24.71
CA GLU B 122 2.22 -2.76 23.63
C GLU B 122 2.90 -4.03 23.16
N GLU B 123 3.19 -4.92 24.10
CA GLU B 123 3.86 -6.18 23.82
C GLU B 123 2.88 -7.26 23.36
N GLN B 124 1.59 -6.98 23.36
CA GLN B 124 0.63 -8.01 22.95
C GLN B 124 -0.12 -7.72 21.65
N VAL B 125 -0.87 -6.63 21.64
CA VAL B 125 -1.66 -6.25 20.46
C VAL B 125 -0.85 -5.99 19.20
N GLN B 126 -1.31 -6.55 18.09
CA GLN B 126 -0.63 -6.32 16.82
C GLN B 126 -1.61 -5.63 15.89
N ALA B 127 -1.09 -4.79 15.00
CA ALA B 127 -1.93 -4.08 14.06
C ALA B 127 -2.75 -5.14 13.31
N PRO B 128 -4.09 -5.07 13.42
CA PRO B 128 -4.93 -6.04 12.74
C PRO B 128 -4.74 -6.05 11.22
N LYS B 129 -5.14 -7.16 10.60
CA LYS B 129 -5.03 -7.37 9.16
C LYS B 129 -5.07 -6.09 8.32
N ALA B 130 -6.24 -5.48 8.25
CA ALA B 130 -6.41 -4.27 7.45
C ALA B 130 -5.53 -3.11 7.93
N ALA B 131 -5.63 -2.77 9.21
CA ALA B 131 -4.83 -1.66 9.74
C ALA B 131 -3.36 -1.76 9.32
N GLN B 132 -2.91 -2.97 8.98
CA GLN B 132 -1.54 -3.17 8.56
C GLN B 132 -1.32 -2.65 7.15
N LYS B 133 -2.27 -2.95 6.28
CA LYS B 133 -2.19 -2.52 4.90
C LYS B 133 -2.44 -1.01 4.82
N TYR B 134 -3.32 -0.51 5.68
CA TYR B 134 -3.63 0.92 5.70
C TYR B 134 -2.34 1.66 6.04
N VAL B 135 -1.71 1.24 7.14
CA VAL B 135 -0.45 1.82 7.55
C VAL B 135 0.55 1.67 6.41
N GLU B 136 0.36 0.65 5.58
CA GLU B 136 1.21 0.40 4.44
C GLU B 136 1.07 1.53 3.41
N ARG B 137 -0.17 1.88 3.11
CA ARG B 137 -0.41 2.92 2.12
C ARG B 137 -0.02 4.29 2.65
N ILE B 138 -0.05 4.43 3.98
CA ILE B 138 0.28 5.69 4.62
C ILE B 138 1.78 5.97 4.55
N HIS B 139 2.59 5.01 5.00
CA HIS B 139 4.05 5.16 4.95
C HIS B 139 4.55 5.38 3.53
N TYR B 140 4.00 4.65 2.56
CA TYR B 140 4.43 4.85 1.18
C TYR B 140 4.24 6.33 0.78
N ILE B 141 3.04 6.85 1.00
CA ILE B 141 2.73 8.24 0.67
C ILE B 141 3.58 9.25 1.43
N GLY B 142 3.68 9.06 2.74
CA GLY B 142 4.46 9.96 3.57
C GLY B 142 5.93 9.93 3.20
N GLN B 143 6.35 8.90 2.49
CA GLN B 143 7.75 8.78 2.11
C GLN B 143 8.06 9.04 0.63
N ASN B 144 7.12 8.73 -0.25
CA ASN B 144 7.37 8.89 -1.68
C ASN B 144 6.47 9.87 -2.46
N GLU B 145 5.22 10.02 -2.05
CA GLU B 145 4.31 10.94 -2.72
C GLU B 145 3.65 11.85 -1.69
N PRO B 146 4.46 12.70 -1.02
CA PRO B 146 3.99 13.63 0.00
C PRO B 146 2.82 14.53 -0.39
N GLU B 147 2.79 14.97 -1.65
CA GLU B 147 1.71 15.85 -2.08
C GLU B 147 0.35 15.18 -1.93
N LEU B 148 0.36 13.90 -1.58
CA LEU B 148 -0.90 13.17 -1.42
C LEU B 148 -1.23 12.94 0.05
N LEU B 149 -0.29 13.28 0.93
CA LEU B 149 -0.50 13.08 2.35
C LEU B 149 -1.74 13.81 2.82
N VAL B 150 -2.10 14.87 2.11
CA VAL B 150 -3.28 15.65 2.44
C VAL B 150 -4.54 14.81 2.31
N ALA B 151 -4.57 13.93 1.31
CA ALA B 151 -5.75 13.07 1.12
C ALA B 151 -6.04 12.22 2.35
N HIS B 152 -5.01 11.66 2.97
CA HIS B 152 -5.21 10.82 4.15
C HIS B 152 -5.60 11.64 5.38
N ALA B 153 -5.07 12.86 5.49
CA ALA B 153 -5.37 13.74 6.60
C ALA B 153 -6.85 14.17 6.54
N TYR B 154 -7.29 14.53 5.34
CA TYR B 154 -8.65 14.96 5.09
C TYR B 154 -9.64 13.84 5.41
N THR B 155 -9.42 12.68 4.80
CA THR B 155 -10.29 11.53 5.00
C THR B 155 -10.46 11.15 6.47
N ARG B 156 -9.41 11.32 7.25
CA ARG B 156 -9.47 10.96 8.66
C ARG B 156 -9.84 12.10 9.61
N TYR B 157 -9.31 13.30 9.38
CA TYR B 157 -9.59 14.41 10.30
C TYR B 157 -10.82 15.27 10.03
N MET B 158 -11.19 15.45 8.76
CA MET B 158 -12.38 16.25 8.46
C MET B 158 -13.61 15.63 9.12
N GLY B 159 -13.65 14.30 9.13
CA GLY B 159 -14.77 13.60 9.74
C GLY B 159 -14.63 13.43 11.25
N ASP B 160 -13.40 13.25 11.71
CA ASP B 160 -13.13 13.09 13.13
C ASP B 160 -13.55 14.34 13.88
N LEU B 161 -13.75 15.43 13.15
CA LEU B 161 -14.17 16.69 13.72
C LEU B 161 -15.64 16.93 13.39
N SER B 162 -16.19 16.09 12.52
CA SER B 162 -17.58 16.22 12.13
C SER B 162 -18.47 15.22 12.88
N GLY B 163 -17.85 14.37 13.68
CA GLY B 163 -18.63 13.39 14.43
C GLY B 163 -18.25 13.27 15.89
N GLY B 164 -17.23 14.03 16.30
CA GLY B 164 -16.78 13.99 17.68
C GLY B 164 -17.93 14.00 18.68
N GLN B 165 -18.54 15.17 18.86
CA GLN B 165 -19.64 15.33 19.80
C GLN B 165 -20.61 14.13 19.87
N VAL B 166 -20.92 13.52 18.73
CA VAL B 166 -21.85 12.39 18.71
C VAL B 166 -21.18 11.04 18.98
N LEU B 167 -19.96 10.87 18.48
CA LEU B 167 -19.23 9.63 18.66
C LEU B 167 -18.78 9.42 20.11
N LYS B 168 -18.66 10.51 20.87
CA LYS B 168 -18.23 10.40 22.27
C LYS B 168 -19.40 9.99 23.17
N LYS B 169 -20.59 10.50 22.85
CA LYS B 169 -21.80 10.19 23.61
C LYS B 169 -22.32 8.78 23.33
N VAL B 170 -22.62 8.48 22.07
CA VAL B 170 -23.13 7.18 21.70
C VAL B 170 -22.18 6.06 22.16
N ALA B 171 -20.96 6.43 22.51
CA ALA B 171 -19.98 5.47 22.97
C ALA B 171 -20.13 5.22 24.46
N GLN B 172 -19.66 6.16 25.27
CA GLN B 172 -19.75 6.04 26.72
C GLN B 172 -21.13 5.60 27.17
N ARG B 173 -22.10 5.65 26.25
CA ARG B 173 -23.47 5.24 26.57
C ARG B 173 -23.73 3.80 26.16
N ALA B 174 -23.77 3.56 24.85
CA ALA B 174 -24.01 2.23 24.31
C ALA B 174 -23.11 1.13 24.86
N LEU B 175 -22.03 1.53 25.54
CA LEU B 175 -21.09 0.58 26.11
C LEU B 175 -20.84 0.85 27.60
N LYS B 176 -21.40 1.95 28.08
CA LYS B 176 -21.24 2.37 29.48
C LYS B 176 -19.77 2.41 29.87
N LEU B 177 -19.07 3.43 29.37
CA LEU B 177 -17.66 3.61 29.66
C LEU B 177 -17.46 4.67 30.74
N PRO B 178 -16.36 4.59 31.50
CA PRO B 178 -16.10 5.57 32.56
C PRO B 178 -16.56 6.97 32.16
N SER B 179 -17.38 7.57 33.01
CA SER B 179 -17.89 8.91 32.73
C SER B 179 -16.80 9.96 32.67
N THR B 180 -15.59 9.60 33.09
CA THR B 180 -14.49 10.55 33.06
C THR B 180 -13.73 10.62 31.74
N GLY B 181 -14.30 9.99 30.71
CA GLY B 181 -13.67 10.03 29.40
C GLY B 181 -13.09 8.71 28.93
N GLU B 182 -12.49 7.97 29.87
CA GLU B 182 -11.89 6.68 29.54
C GLU B 182 -12.72 5.92 28.52
N GLY B 183 -12.04 5.48 27.46
CA GLY B 183 -12.71 4.74 26.40
C GLY B 183 -13.13 5.59 25.22
N THR B 184 -13.28 6.90 25.42
CA THR B 184 -13.70 7.77 24.34
C THR B 184 -12.79 8.99 24.14
N GLN B 185 -11.66 9.01 24.83
CA GLN B 185 -10.72 10.13 24.73
C GLN B 185 -10.40 10.44 23.27
N PHE B 186 -10.47 9.41 22.44
CA PHE B 186 -10.20 9.57 21.02
C PHE B 186 -11.22 10.48 20.35
N TYR B 187 -12.43 10.58 20.90
CA TYR B 187 -13.47 11.40 20.29
C TYR B 187 -13.57 12.85 20.77
N LEU B 188 -12.59 13.33 21.53
CA LEU B 188 -12.63 14.69 22.01
C LEU B 188 -11.34 15.46 21.78
N PHE B 189 -11.47 16.61 21.12
CA PHE B 189 -10.31 17.45 20.83
C PHE B 189 -10.28 18.66 21.78
N GLU B 190 -9.55 18.51 22.89
CA GLU B 190 -9.44 19.58 23.88
C GLU B 190 -8.62 20.76 23.42
N ASN B 191 -8.49 20.94 22.10
CA ASN B 191 -7.72 22.03 21.55
C ASN B 191 -8.44 22.69 20.40
N VAL B 192 -9.66 22.24 20.16
CA VAL B 192 -10.53 22.79 19.13
C VAL B 192 -11.85 23.01 19.85
N ASP B 193 -12.09 24.25 20.26
CA ASP B 193 -13.30 24.59 21.00
C ASP B 193 -14.48 24.80 20.05
N ASN B 194 -14.18 25.05 18.79
CA ASN B 194 -15.21 25.25 17.78
C ASN B 194 -14.88 24.41 16.55
N ALA B 195 -15.40 23.18 16.55
CA ALA B 195 -15.16 22.24 15.47
C ALA B 195 -15.33 22.79 14.04
N GLN B 196 -16.45 23.45 13.78
CA GLN B 196 -16.65 23.98 12.44
C GLN B 196 -15.72 25.13 12.12
N GLN B 197 -15.28 25.84 13.14
CA GLN B 197 -14.37 26.95 12.90
C GLN B 197 -13.07 26.34 12.38
N PHE B 198 -12.71 25.18 12.93
CA PHE B 198 -11.49 24.53 12.49
C PHE B 198 -11.63 23.94 11.09
N LYS B 199 -12.78 23.32 10.81
CA LYS B 199 -12.99 22.77 9.48
C LYS B 199 -12.78 23.89 8.48
N GLN B 200 -13.41 25.05 8.74
CA GLN B 200 -13.25 26.20 7.85
C GLN B 200 -11.78 26.59 7.75
N LEU B 201 -11.11 26.57 8.91
CA LEU B 201 -9.69 26.91 8.94
C LEU B 201 -8.91 25.86 8.14
N TYR B 202 -9.37 24.61 8.20
CA TYR B 202 -8.72 23.49 7.50
C TYR B 202 -8.97 23.53 6.00
N ARG B 203 -10.23 23.65 5.58
CA ARG B 203 -10.55 23.69 4.15
C ARG B 203 -9.76 24.80 3.43
N ALA B 204 -9.78 26.02 4.00
CA ALA B 204 -9.06 27.14 3.40
C ALA B 204 -7.56 26.82 3.31
N ARG B 205 -7.08 25.98 4.22
CA ARG B 205 -5.68 25.59 4.21
C ARG B 205 -5.38 24.67 3.01
N MET B 206 -6.25 23.69 2.77
CA MET B 206 -6.05 22.79 1.64
C MET B 206 -6.13 23.54 0.31
N ASN B 207 -7.04 24.51 0.24
CA ASN B 207 -7.22 25.29 -0.98
C ASN B 207 -6.03 26.19 -1.23
N ALA B 208 -5.33 26.54 -0.17
CA ALA B 208 -4.15 27.38 -0.30
C ALA B 208 -3.04 26.59 -1.03
N LEU B 209 -2.86 25.32 -0.64
CA LEU B 209 -1.84 24.49 -1.26
C LEU B 209 -1.89 24.63 -2.77
N ASP B 210 -0.72 24.69 -3.40
CA ASP B 210 -0.64 24.82 -4.85
C ASP B 210 -0.54 23.44 -5.51
N LEU B 211 -1.39 23.20 -6.50
CA LEU B 211 -1.42 21.92 -7.18
C LEU B 211 -1.78 22.00 -8.67
N ASN B 212 -1.24 21.06 -9.46
CA ASN B 212 -1.52 20.97 -10.89
C ASN B 212 -2.86 20.28 -10.99
N MET B 213 -3.21 19.88 -12.21
CA MET B 213 -4.46 19.17 -12.46
C MET B 213 -4.15 17.71 -12.22
N LYS B 214 -2.88 17.37 -12.40
CA LYS B 214 -2.40 16.00 -12.21
C LYS B 214 -2.44 15.70 -10.70
N THR B 215 -1.73 16.53 -9.93
CA THR B 215 -1.66 16.37 -8.49
C THR B 215 -3.03 16.43 -7.83
N LYS B 216 -3.81 17.45 -8.15
CA LYS B 216 -5.15 17.56 -7.57
C LYS B 216 -5.97 16.32 -7.91
N GLU B 217 -5.87 15.86 -9.16
CA GLU B 217 -6.61 14.70 -9.62
C GLU B 217 -6.15 13.44 -8.88
N ARG B 218 -4.86 13.37 -8.62
CA ARG B 218 -4.28 12.25 -7.91
C ARG B 218 -4.70 12.28 -6.45
N ILE B 219 -4.65 13.46 -5.83
CA ILE B 219 -5.06 13.59 -4.45
C ILE B 219 -6.46 13.01 -4.27
N VAL B 220 -7.36 13.32 -5.19
CA VAL B 220 -8.71 12.78 -5.14
C VAL B 220 -8.67 11.25 -5.26
N GLU B 221 -7.65 10.73 -5.95
CA GLU B 221 -7.50 9.29 -6.12
C GLU B 221 -7.04 8.65 -4.81
N GLU B 222 -6.30 9.41 -4.01
CA GLU B 222 -5.81 8.88 -2.75
C GLU B 222 -6.87 8.93 -1.64
N ALA B 223 -7.75 9.93 -1.69
CA ALA B 223 -8.79 10.04 -0.67
C ALA B 223 -9.79 8.89 -0.82
N ASN B 224 -10.34 8.72 -2.02
CA ASN B 224 -11.28 7.65 -2.27
C ASN B 224 -10.60 6.33 -1.92
N LYS B 225 -9.36 6.18 -2.34
CA LYS B 225 -8.60 4.98 -2.04
C LYS B 225 -8.60 4.80 -0.52
N ALA B 226 -8.26 5.86 0.20
CA ALA B 226 -8.25 5.81 1.66
C ALA B 226 -9.57 5.22 2.18
N PHE B 227 -10.68 5.55 1.53
CA PHE B 227 -11.98 5.04 1.96
C PHE B 227 -12.08 3.56 1.62
N GLU B 228 -11.34 3.12 0.61
CA GLU B 228 -11.37 1.72 0.22
C GLU B 228 -10.53 0.97 1.26
N TYR B 229 -9.63 1.68 1.92
CA TYR B 229 -8.82 1.04 2.94
C TYR B 229 -9.65 0.95 4.22
N ASN B 230 -10.53 1.94 4.40
CA ASN B 230 -11.40 1.97 5.57
C ASN B 230 -12.38 0.83 5.51
N MET B 231 -12.50 0.24 4.32
CA MET B 231 -13.36 -0.90 4.08
C MET B 231 -12.61 -2.12 4.63
N GLN B 232 -11.41 -2.35 4.11
CA GLN B 232 -10.59 -3.46 4.57
C GLN B 232 -10.61 -3.56 6.10
N ILE B 233 -10.81 -2.42 6.76
CA ILE B 233 -10.86 -2.38 8.23
C ILE B 233 -12.28 -2.63 8.74
N PHE B 234 -13.27 -1.94 8.19
CA PHE B 234 -14.63 -2.17 8.65
C PHE B 234 -15.04 -3.60 8.43
N ASN B 235 -15.17 -4.02 7.16
CA ASN B 235 -15.56 -5.38 6.89
C ASN B 235 -14.77 -6.39 7.70
N GLU B 236 -13.59 -5.99 8.19
CA GLU B 236 -12.80 -6.90 9.02
C GLU B 236 -13.49 -7.01 10.37
N LEU B 237 -13.99 -5.88 10.87
CA LEU B 237 -14.69 -5.84 12.16
C LEU B 237 -16.02 -6.55 12.04
N ASP B 238 -16.74 -6.30 10.96
CA ASP B 238 -18.03 -6.92 10.69
C ASP B 238 -17.84 -8.43 10.56
N GLN B 239 -16.85 -8.82 9.78
CA GLN B 239 -16.57 -10.23 9.59
C GLN B 239 -16.22 -10.87 10.93
N ALA B 240 -15.52 -10.12 11.78
CA ALA B 240 -15.16 -10.63 13.09
C ALA B 240 -16.45 -10.77 13.89
N GLY B 241 -17.40 -9.87 13.60
CA GLY B 241 -18.66 -9.89 14.28
C GLY B 241 -19.38 -11.22 14.09
N SER B 242 -18.89 -12.02 13.14
CA SER B 242 -19.47 -13.32 12.86
C SER B 242 -19.06 -14.29 13.95
N THR B 243 -17.77 -14.30 14.27
CA THR B 243 -17.27 -15.19 15.32
C THR B 243 -17.92 -14.77 16.63
N LEU B 244 -18.22 -13.47 16.75
CA LEU B 244 -18.83 -12.95 17.97
C LEU B 244 -20.17 -13.65 18.18
N ALA B 245 -21.06 -13.52 17.19
CA ALA B 245 -22.37 -14.15 17.29
C ALA B 245 -22.22 -15.67 17.30
N ARG B 246 -21.46 -16.19 16.35
CA ARG B 246 -21.23 -17.63 16.23
C ARG B 246 -20.79 -18.22 17.58
N GLU B 247 -20.20 -17.39 18.42
CA GLU B 247 -19.73 -17.81 19.74
C GLU B 247 -20.53 -17.15 20.86
N THR B 248 -20.15 -15.92 21.20
CA THR B 248 -20.83 -15.18 22.25
C THR B 248 -21.07 -13.71 21.87
CHA HEM C . 17.20 -8.01 -2.89
CHB HEM C . 15.06 -10.67 0.46
CHC HEM C . 10.78 -9.57 -1.39
CHD HEM C . 12.92 -6.67 -4.58
C1A HEM C . 16.98 -8.84 -1.81
C2A HEM C . 18.04 -9.34 -0.96
C3A HEM C . 17.44 -10.12 -0.04
C4A HEM C . 16.02 -10.05 -0.30
CMA HEM C . 18.13 -10.85 1.10
CAA HEM C . 19.47 -8.82 -0.93
CBA HEM C . 20.38 -9.48 -1.95
CGA HEM C . 21.61 -8.64 -2.28
O1A HEM C . 22.58 -9.22 -2.81
O2A HEM C . 21.59 -7.41 -2.01
C1B HEM C . 13.71 -10.60 0.24
C2B HEM C . 12.73 -11.28 1.07
C3B HEM C . 11.52 -11.01 0.54
C4B HEM C . 11.76 -10.13 -0.60
CMB HEM C . 13.03 -12.11 2.31
CAB HEM C . 10.27 -11.42 1.00
CBB HEM C . 10.11 -12.45 2.01
C1C HEM C . 10.99 -8.68 -2.43
C2C HEM C . 9.94 -8.02 -3.16
C3C HEM C . 10.53 -7.16 -4.02
C4C HEM C . 11.97 -7.32 -3.84
CMC HEM C . 8.44 -8.22 -2.95
CAC HEM C . 9.90 -6.20 -4.79
CBC HEM C . 9.80 -6.31 -6.23
C1D HEM C . 14.28 -6.84 -4.43
C2D HEM C . 15.29 -6.10 -5.18
C3D HEM C . 16.48 -6.50 -4.71
C4D HEM C . 16.21 -7.46 -3.68
CMD HEM C . 15.05 -5.01 -6.22
CAD HEM C . 17.84 -6.00 -5.13
CBD HEM C . 18.39 -4.90 -4.23
CGD HEM C . 19.79 -4.49 -4.64
O1D HEM C . 20.69 -5.34 -4.52
O2D HEM C . 19.97 -3.34 -5.10
NA HEM C . 15.74 -9.26 -1.39
NB HEM C . 13.11 -9.88 -0.76
NC HEM C . 12.24 -8.25 -2.84
ND HEM C . 14.86 -7.68 -3.50
FE HEM C . 13.98 -8.72 -2.10
CHA HEM D . -18.45 14.79 7.10
CHB HEM D . -21.78 11.82 8.88
CHC HEM D . -18.69 8.16 8.61
CHD HEM D . -15.32 11.10 6.81
C1A HEM D . -19.64 14.28 7.58
C2A HEM D . -20.85 15.08 7.82
C3A HEM D . -21.76 14.24 8.32
C4A HEM D . -21.14 12.94 8.40
CMA HEM D . -23.19 14.58 8.73
CAA HEM D . -21.02 16.58 7.65
CBA HEM D . -21.47 17.01 6.25
CGA HEM D . -21.68 18.53 6.13
O1A HEM D . -22.60 19.06 6.78
O2A HEM D . -20.92 19.18 5.38
C1B HEM D . -21.23 10.58 8.97
C2B HEM D . -21.88 9.45 9.60
C3B HEM D . -21.00 8.42 9.56
C4B HEM D . -19.81 8.92 8.88
CMB HEM D . -23.28 9.44 10.21
CAB HEM D . -21.18 7.17 10.14
CBB HEM D . -20.54 6.81 11.38
C1C HEM D . -17.52 8.64 8.05
C2C HEM D . -16.41 7.79 7.67
C3C HEM D . -15.45 8.61 7.18
C4C HEM D . -15.98 9.96 7.27
CMC HEM D . -16.33 6.27 7.77
CAC HEM D . -14.27 8.20 6.59
CBC HEM D . -13.01 8.24 7.29
C1D HEM D . -15.87 12.37 6.75
C2D HEM D . -15.19 13.54 6.19
C3D HEM D . -16.06 14.59 6.30
C4D HEM D . -17.29 14.05 6.91
CMD HEM D . -13.85 13.55 5.45
CAD HEM D . -15.81 16.02 5.82
CBD HEM D . -16.56 16.35 4.52
CGD HEM D . -16.41 17.80 4.11
O1D HEM D . -15.50 18.11 3.30
O2D HEM D . -17.20 18.64 4.60
NA HEM D . -19.83 12.97 7.94
NB HEM D . -19.94 10.25 8.54
NC HEM D . -17.28 9.96 7.77
ND HEM D . -17.16 12.70 7.18
FE HEM D . -18.57 11.45 7.77
N ARG A 29 31.51 5.92 -3.89
CA ARG A 29 30.51 5.02 -4.52
C ARG A 29 29.11 5.48 -4.12
N MET A 30 29.05 6.67 -3.52
CA MET A 30 27.80 7.27 -3.07
C MET A 30 27.02 7.77 -4.27
N ALA A 31 27.75 8.07 -5.33
CA ALA A 31 27.16 8.55 -6.58
C ALA A 31 26.66 7.38 -7.41
N ASP A 32 27.14 6.18 -7.12
CA ASP A 32 26.74 4.97 -7.85
C ASP A 32 25.25 4.65 -7.70
N LEU A 33 24.57 4.60 -8.85
CA LEU A 33 23.14 4.32 -8.91
C LEU A 33 22.71 3.10 -8.09
N SER A 34 23.43 1.99 -8.24
CA SER A 34 23.10 0.76 -7.52
C SER A 34 23.06 0.96 -6.02
N GLU A 35 23.80 1.95 -5.53
CA GLU A 35 23.83 2.23 -4.09
C GLU A 35 22.63 3.07 -3.68
N LEU A 36 22.34 4.11 -4.45
CA LEU A 36 21.20 4.98 -4.16
C LEU A 36 19.89 4.20 -4.25
N LEU A 37 19.89 3.12 -5.03
CA LEU A 37 18.71 2.30 -5.21
C LEU A 37 18.38 1.44 -3.98
N LYS A 38 19.34 0.64 -3.53
CA LYS A 38 19.10 -0.21 -2.38
C LYS A 38 19.02 0.63 -1.11
N GLU A 39 19.84 1.67 -1.04
CA GLU A 39 19.81 2.57 0.10
C GLU A 39 18.44 3.26 0.10
N GLY A 40 18.06 3.80 -1.04
CA GLY A 40 16.79 4.49 -1.17
C GLY A 40 15.51 3.69 -1.19
N THR A 41 15.59 2.37 -1.31
CA THR A 41 14.37 1.55 -1.34
C THR A 41 14.28 0.55 -0.19
N LYS A 42 15.15 0.72 0.80
CA LYS A 42 15.18 -0.16 1.97
C LYS A 42 13.83 -0.24 2.66
N GLU A 43 13.29 0.93 3.02
CA GLU A 43 11.99 0.99 3.70
C GLU A 43 10.92 0.29 2.88
N ALA A 44 10.95 0.48 1.56
CA ALA A 44 9.94 -0.19 0.73
C ALA A 44 10.17 -1.72 0.66
N HIS A 45 11.40 -2.14 0.44
CA HIS A 45 11.71 -3.57 0.36
C HIS A 45 11.33 -4.26 1.67
N ASP A 46 11.75 -3.65 2.77
CA ASP A 46 11.45 -4.24 4.06
C ASP A 46 9.96 -4.14 4.39
N ARG A 47 9.26 -3.23 3.71
CA ARG A 47 7.83 -3.07 3.93
C ARG A 47 7.10 -4.20 3.18
N ALA A 48 7.62 -4.55 2.02
CA ALA A 48 7.06 -5.61 1.17
C ALA A 48 7.51 -6.99 1.67
N GLU A 49 8.66 -7.03 2.32
CA GLU A 49 9.20 -8.27 2.85
C GLU A 49 8.30 -8.86 3.93
N ASN A 50 7.46 -8.03 4.55
CA ASN A 50 6.57 -8.54 5.59
C ASN A 50 5.11 -8.13 5.45
N THR A 51 4.55 -8.27 4.25
CA THR A 51 3.16 -7.93 4.04
C THR A 51 2.33 -9.22 3.93
N GLN A 52 1.10 -9.21 4.44
CA GLN A 52 0.22 -10.39 4.45
C GLN A 52 0.38 -11.43 3.35
N PHE A 53 0.17 -11.01 2.11
CA PHE A 53 0.27 -11.96 1.00
C PHE A 53 1.66 -12.61 0.93
N VAL A 54 2.70 -11.80 1.13
CA VAL A 54 4.07 -12.32 1.08
C VAL A 54 4.23 -13.43 2.10
N LYS A 55 3.74 -13.18 3.30
CA LYS A 55 3.83 -14.14 4.39
C LYS A 55 3.02 -15.41 4.13
N ASP A 56 1.83 -15.28 3.55
CA ASP A 56 1.05 -16.47 3.28
C ASP A 56 1.74 -17.27 2.21
N PHE A 57 2.37 -16.57 1.27
CA PHE A 57 3.08 -17.24 0.20
C PHE A 57 4.16 -18.13 0.81
N LEU A 58 5.08 -17.51 1.53
CA LEU A 58 6.17 -18.21 2.17
C LEU A 58 5.70 -19.36 3.08
N LYS A 59 4.64 -19.14 3.85
CA LYS A 59 4.15 -20.22 4.72
C LYS A 59 3.62 -21.39 3.89
N GLY A 60 3.64 -21.24 2.58
CA GLY A 60 3.15 -22.28 1.68
C GLY A 60 1.64 -22.40 1.74
N ASN A 61 0.97 -21.36 2.25
CA ASN A 61 -0.48 -21.39 2.35
C ASN A 61 -1.25 -20.80 1.18
N ILE A 62 -1.08 -21.40 0.01
CA ILE A 62 -1.78 -20.94 -1.17
C ILE A 62 -2.55 -22.10 -1.79
N LYS A 63 -3.51 -21.78 -2.65
CA LYS A 63 -4.36 -22.77 -3.31
C LYS A 63 -4.43 -22.51 -4.81
N LYS A 64 -3.86 -23.43 -5.58
CA LYS A 64 -3.81 -23.33 -7.05
C LYS A 64 -4.54 -22.14 -7.66
N GLU A 65 -5.86 -22.24 -7.75
CA GLU A 65 -6.67 -21.19 -8.35
C GLU A 65 -6.15 -19.80 -7.99
N LEU A 66 -6.07 -19.49 -6.70
CA LEU A 66 -5.60 -18.19 -6.26
C LEU A 66 -4.22 -17.88 -6.80
N PHE A 67 -3.34 -18.88 -6.79
CA PHE A 67 -1.98 -18.69 -7.30
C PHE A 67 -2.05 -18.22 -8.76
N LYS A 68 -2.97 -18.80 -9.52
CA LYS A 68 -3.13 -18.43 -10.93
C LYS A 68 -3.10 -16.92 -11.08
N LEU A 69 -3.95 -16.22 -10.34
CA LEU A 69 -4.00 -14.76 -10.41
C LEU A 69 -2.62 -14.14 -10.16
N ALA A 70 -1.86 -14.73 -9.26
CA ALA A 70 -0.52 -14.25 -8.99
C ALA A 70 0.27 -14.33 -10.30
N THR A 71 0.26 -15.50 -10.92
CA THR A 71 0.95 -15.71 -12.19
C THR A 71 0.29 -14.81 -13.26
N THR A 72 -1.05 -14.81 -13.30
CA THR A 72 -1.76 -13.98 -14.27
C THR A 72 -1.30 -12.54 -14.14
N ALA A 73 -1.15 -12.06 -12.91
CA ALA A 73 -0.70 -10.68 -12.71
C ALA A 73 0.72 -10.60 -13.27
N LEU A 74 1.45 -11.71 -13.19
CA LEU A 74 2.82 -11.76 -13.69
C LEU A 74 2.90 -11.75 -15.23
N TYR A 75 2.15 -12.67 -15.86
CA TYR A 75 2.16 -12.78 -17.32
C TYR A 75 1.99 -11.42 -17.99
N PHE A 76 1.02 -10.65 -17.52
CA PHE A 76 0.77 -9.32 -18.10
C PHE A 76 1.83 -8.30 -17.72
N THR A 77 2.19 -8.28 -16.44
CA THR A 77 3.19 -7.34 -15.96
C THR A 77 4.53 -7.44 -16.67
N TYR A 78 5.11 -8.65 -16.72
CA TYR A 78 6.39 -8.79 -17.39
C TYR A 78 6.24 -8.67 -18.90
N SER A 79 5.03 -8.87 -19.39
CA SER A 79 4.77 -8.75 -20.83
C SER A 79 4.92 -7.29 -21.23
N ALA A 80 4.37 -6.40 -20.40
CA ALA A 80 4.44 -4.99 -20.66
C ALA A 80 5.84 -4.46 -20.50
N LEU A 81 6.50 -4.89 -19.42
CA LEU A 81 7.85 -4.42 -19.13
C LEU A 81 8.85 -4.85 -20.20
N GLU A 82 8.73 -6.08 -20.68
CA GLU A 82 9.64 -6.57 -21.70
C GLU A 82 9.31 -5.97 -23.06
N GLU A 83 8.14 -5.32 -23.14
CA GLU A 83 7.70 -4.67 -24.36
C GLU A 83 8.48 -3.36 -24.44
N GLU A 84 8.51 -2.63 -23.34
CA GLU A 84 9.25 -1.37 -23.28
C GLU A 84 10.75 -1.59 -23.23
N MET A 85 11.17 -2.84 -23.08
CA MET A 85 12.60 -3.14 -23.05
C MET A 85 13.07 -3.49 -24.45
N GLU A 86 12.17 -4.03 -25.27
CA GLU A 86 12.48 -4.37 -26.65
C GLU A 86 12.18 -3.11 -27.42
N ARG A 87 11.48 -2.18 -26.77
CA ARG A 87 11.12 -0.91 -27.38
C ARG A 87 12.07 0.18 -26.91
N ASN A 88 13.22 -0.23 -26.37
CA ASN A 88 14.24 0.71 -25.89
C ASN A 88 15.62 0.08 -25.83
N LYS A 89 15.76 -1.17 -26.27
CA LYS A 89 17.05 -1.86 -26.25
C LYS A 89 18.13 -1.00 -26.89
N ASP A 90 17.70 -0.17 -27.84
CA ASP A 90 18.63 0.72 -28.54
C ASP A 90 18.91 1.99 -27.77
N HIS A 91 17.92 2.43 -27.00
CA HIS A 91 18.05 3.65 -26.20
C HIS A 91 19.29 3.67 -25.29
N PRO A 92 20.16 4.68 -25.48
CA PRO A 92 21.38 4.80 -24.67
C PRO A 92 21.15 4.79 -23.16
N ALA A 93 19.94 5.13 -22.74
CA ALA A 93 19.62 5.17 -21.32
C ALA A 93 19.29 3.81 -20.72
N PHE A 94 18.84 2.87 -21.55
CA PHE A 94 18.50 1.54 -21.07
C PHE A 94 19.30 0.43 -21.74
N ALA A 95 19.71 0.67 -22.98
CA ALA A 95 20.44 -0.31 -23.78
C ALA A 95 21.42 -1.24 -23.04
N PRO A 96 22.24 -0.71 -22.13
CA PRO A 96 23.19 -1.55 -21.41
C PRO A 96 22.53 -2.65 -20.57
N LEU A 97 21.24 -2.49 -20.27
CA LEU A 97 20.54 -3.47 -19.44
C LEU A 97 19.63 -4.41 -20.20
N TYR A 98 19.74 -4.43 -21.52
CA TYR A 98 18.89 -5.30 -22.31
C TYR A 98 19.37 -6.75 -22.29
N PHE A 99 18.58 -7.61 -21.65
CA PHE A 99 18.94 -9.02 -21.53
C PHE A 99 17.77 -9.94 -21.86
N PRO A 100 17.36 -10.00 -23.12
CA PRO A 100 16.22 -10.88 -23.46
C PRO A 100 16.45 -12.37 -23.25
N MET A 101 17.67 -12.84 -23.48
CA MET A 101 18.00 -14.27 -23.34
C MET A 101 18.27 -14.68 -21.89
N GLU A 102 18.74 -13.74 -21.07
CA GLU A 102 19.05 -14.04 -19.68
C GLU A 102 17.89 -13.87 -18.69
N LEU A 103 17.18 -12.75 -18.78
CA LEU A 103 16.11 -12.45 -17.84
C LEU A 103 14.63 -12.65 -18.22
N HIS A 104 14.25 -12.16 -19.40
CA HIS A 104 12.86 -12.24 -19.83
C HIS A 104 12.04 -13.46 -19.38
N ARG A 105 10.85 -13.18 -18.85
CA ARG A 105 9.96 -14.19 -18.31
C ARG A 105 8.73 -14.53 -19.16
N LYS A 106 8.49 -13.75 -20.21
CA LYS A 106 7.31 -13.95 -21.06
C LYS A 106 6.99 -15.40 -21.48
N GLU A 107 8.00 -16.17 -21.91
CA GLU A 107 7.78 -17.56 -22.33
C GLU A 107 7.40 -18.45 -21.14
N ALA A 108 8.25 -18.40 -20.11
CA ALA A 108 8.04 -19.19 -18.89
C ALA A 108 6.64 -18.88 -18.37
N LEU A 109 6.34 -17.59 -18.31
CA LEU A 109 5.06 -17.13 -17.84
C LEU A 109 3.96 -17.69 -18.75
N THR A 110 4.24 -17.74 -20.04
CA THR A 110 3.26 -18.28 -20.98
C THR A 110 3.05 -19.76 -20.72
N LYS A 111 4.13 -20.48 -20.50
CA LYS A 111 4.03 -21.90 -20.22
C LYS A 111 3.20 -22.15 -18.95
N ASP A 112 3.56 -21.45 -17.88
CA ASP A 112 2.86 -21.60 -16.60
C ASP A 112 1.37 -21.36 -16.81
N MET A 113 1.05 -20.35 -17.60
CA MET A 113 -0.33 -20.03 -17.91
C MET A 113 -0.95 -21.20 -18.65
N GLU A 114 -0.14 -21.89 -19.46
CA GLU A 114 -0.60 -23.04 -20.22
C GLU A 114 -0.79 -24.23 -19.30
N TYR A 115 0.14 -24.39 -18.36
CA TYR A 115 0.10 -25.48 -17.41
C TYR A 115 -1.13 -25.42 -16.49
N PHE A 116 -1.46 -24.23 -16.00
CA PHE A 116 -2.61 -24.08 -15.09
C PHE A 116 -3.96 -23.90 -15.79
N PHE A 117 -3.97 -23.21 -16.92
CA PHE A 117 -5.21 -22.97 -17.64
C PHE A 117 -5.47 -23.90 -18.83
N GLY A 118 -4.42 -24.55 -19.36
CA GLY A 118 -4.61 -25.43 -20.50
C GLY A 118 -4.38 -24.77 -21.86
N GLU A 119 -4.42 -25.59 -22.93
CA GLU A 119 -4.23 -25.15 -24.32
C GLU A 119 -4.92 -23.84 -24.69
N ASN A 120 -6.21 -23.74 -24.39
CA ASN A 120 -6.98 -22.54 -24.67
C ASN A 120 -7.04 -21.75 -23.37
N TRP A 121 -5.97 -21.00 -23.07
CA TRP A 121 -5.92 -20.26 -21.81
C TRP A 121 -6.00 -18.74 -21.91
N GLU A 122 -5.36 -18.18 -22.92
CA GLU A 122 -5.37 -16.72 -23.09
C GLU A 122 -6.83 -16.27 -23.04
N GLU A 123 -7.71 -17.24 -23.17
CA GLU A 123 -9.15 -17.06 -23.15
C GLU A 123 -9.67 -16.84 -21.74
N GLN A 124 -9.61 -17.90 -20.94
CA GLN A 124 -10.05 -17.91 -19.56
C GLN A 124 -9.57 -16.72 -18.74
N VAL A 125 -8.50 -16.09 -19.21
CA VAL A 125 -7.87 -14.98 -18.50
C VAL A 125 -8.19 -13.55 -18.91
N GLN A 126 -8.37 -12.69 -17.90
CA GLN A 126 -8.62 -11.27 -18.12
C GLN A 126 -7.36 -10.53 -17.62
N ALA A 127 -7.15 -10.59 -16.30
CA ALA A 127 -6.03 -9.96 -15.59
C ALA A 127 -6.56 -9.23 -14.36
N PRO A 128 -5.93 -9.41 -13.18
CA PRO A 128 -6.32 -8.77 -11.92
C PRO A 128 -6.56 -7.28 -12.07
N LYS A 129 -6.91 -6.61 -10.98
CA LYS A 129 -7.16 -5.18 -11.07
C LYS A 129 -5.94 -4.26 -10.84
N ALA A 130 -5.13 -4.53 -9.82
CA ALA A 130 -3.96 -3.69 -9.54
C ALA A 130 -2.85 -3.90 -10.56
N ALA A 131 -2.97 -5.00 -11.31
CA ALA A 131 -2.01 -5.35 -12.35
C ALA A 131 -2.31 -4.49 -13.57
N GLN A 132 -3.60 -4.30 -13.83
CA GLN A 132 -4.03 -3.49 -14.95
C GLN A 132 -3.38 -2.12 -14.84
N LYS A 133 -3.28 -1.60 -13.62
CA LYS A 133 -2.67 -0.28 -13.42
C LYS A 133 -1.17 -0.34 -13.59
N TYR A 134 -0.58 -1.48 -13.22
CA TYR A 134 0.85 -1.70 -13.34
C TYR A 134 1.19 -1.92 -14.82
N VAL A 135 0.22 -2.40 -15.58
CA VAL A 135 0.47 -2.62 -16.99
C VAL A 135 0.30 -1.32 -17.78
N GLU A 136 -0.65 -0.52 -17.33
CA GLU A 136 -0.94 0.77 -17.96
C GLU A 136 -0.11 1.86 -17.29
N ARG A 137 1.15 1.55 -16.98
CA ARG A 137 2.06 2.52 -16.39
C ARG A 137 3.48 2.39 -16.94
N ILE A 138 4.02 1.17 -16.95
CA ILE A 138 5.38 0.97 -17.45
C ILE A 138 5.53 1.40 -18.91
N HIS A 139 4.50 1.20 -19.72
CA HIS A 139 4.54 1.60 -21.12
C HIS A 139 4.98 3.05 -21.21
N TYR A 140 4.42 3.87 -20.31
CA TYR A 140 4.74 5.28 -20.26
C TYR A 140 6.25 5.47 -20.20
N ILE A 141 6.82 5.18 -19.04
CA ILE A 141 8.25 5.32 -18.80
C ILE A 141 9.10 4.87 -19.99
N GLY A 142 8.86 3.65 -20.46
CA GLY A 142 9.62 3.14 -21.60
C GLY A 142 9.61 4.10 -22.79
N GLN A 143 8.41 4.46 -23.25
CA GLN A 143 8.21 5.35 -24.38
C GLN A 143 8.25 6.82 -23.99
N ASN A 144 8.49 7.09 -22.71
CA ASN A 144 8.51 8.46 -22.25
C ASN A 144 9.72 8.79 -21.40
N GLU A 145 9.80 8.23 -20.19
CA GLU A 145 10.95 8.49 -19.33
C GLU A 145 11.89 7.29 -19.36
N PRO A 146 12.70 7.20 -20.42
CA PRO A 146 13.66 6.11 -20.61
C PRO A 146 14.67 6.01 -19.47
N GLU A 147 15.19 7.14 -19.01
CA GLU A 147 16.18 7.13 -17.95
C GLU A 147 15.61 6.63 -16.61
N LEU A 148 14.34 6.24 -16.60
CA LEU A 148 13.69 5.73 -15.37
C LEU A 148 13.22 4.30 -15.57
N LEU A 149 13.36 3.78 -16.79
CA LEU A 149 12.93 2.41 -17.09
C LEU A 149 13.68 1.40 -16.22
N VAL A 150 14.96 1.67 -16.01
CA VAL A 150 15.81 0.81 -15.20
C VAL A 150 15.23 0.65 -13.78
N ALA A 151 14.41 1.62 -13.37
CA ALA A 151 13.79 1.56 -12.05
C ALA A 151 12.71 0.48 -12.01
N HIS A 152 12.30 0.01 -13.18
CA HIS A 152 11.28 -1.02 -13.23
C HIS A 152 11.88 -2.40 -13.49
N ALA A 153 13.05 -2.40 -14.13
CA ALA A 153 13.77 -3.63 -14.42
C ALA A 153 14.46 -4.03 -13.11
N TYR A 154 15.13 -3.06 -12.50
CA TYR A 154 15.83 -3.22 -11.23
C TYR A 154 14.93 -3.73 -10.12
N THR A 155 13.70 -3.23 -10.10
CA THR A 155 12.75 -3.62 -9.06
C THR A 155 12.28 -5.07 -9.16
N ARG A 156 11.84 -5.47 -10.35
CA ARG A 156 11.36 -6.82 -10.52
C ARG A 156 12.45 -7.89 -10.69
N TYR A 157 13.25 -7.75 -11.75
CA TYR A 157 14.30 -8.73 -12.06
C TYR A 157 15.29 -8.99 -10.94
N MET A 158 15.88 -7.93 -10.37
CA MET A 158 16.84 -8.08 -9.28
C MET A 158 16.23 -8.84 -8.11
N GLY A 159 14.95 -8.59 -7.81
CA GLY A 159 14.31 -9.33 -6.75
C GLY A 159 14.19 -10.79 -7.19
N ASP A 160 13.90 -10.99 -8.47
CA ASP A 160 13.75 -12.33 -9.03
C ASP A 160 15.02 -13.15 -8.93
N LEU A 161 16.18 -12.50 -9.06
CA LEU A 161 17.46 -13.19 -8.98
C LEU A 161 17.90 -13.47 -7.53
N SER A 162 17.19 -12.89 -6.55
CA SER A 162 17.54 -13.03 -5.15
C SER A 162 16.88 -14.20 -4.40
N GLY A 163 15.60 -14.45 -4.65
CA GLY A 163 14.92 -15.53 -3.94
C GLY A 163 14.02 -16.44 -4.76
N GLY A 164 14.19 -16.42 -6.08
CA GLY A 164 13.37 -17.26 -6.93
C GLY A 164 13.50 -18.74 -6.59
N GLN A 165 14.72 -19.19 -6.28
CA GLN A 165 14.96 -20.59 -5.94
C GLN A 165 14.04 -21.03 -4.81
N VAL A 166 13.97 -20.19 -3.78
CA VAL A 166 13.13 -20.45 -2.63
C VAL A 166 11.65 -20.47 -3.04
N LEU A 167 11.17 -19.37 -3.62
CA LEU A 167 9.76 -19.28 -4.03
C LEU A 167 9.30 -20.49 -4.84
N LYS A 168 10.19 -21.03 -5.66
CA LYS A 168 9.89 -22.19 -6.48
C LYS A 168 9.58 -23.38 -5.57
N LYS A 169 10.47 -23.63 -4.61
CA LYS A 169 10.32 -24.74 -3.68
C LYS A 169 9.06 -24.62 -2.83
N VAL A 170 8.68 -23.39 -2.48
CA VAL A 170 7.47 -23.21 -1.69
C VAL A 170 6.26 -23.53 -2.56
N ALA A 171 6.23 -22.94 -3.75
CA ALA A 171 5.14 -23.16 -4.69
C ALA A 171 4.91 -24.65 -5.00
N GLN A 172 6.00 -25.38 -5.26
CA GLN A 172 5.90 -26.80 -5.59
C GLN A 172 5.27 -27.66 -4.50
N ARG A 173 5.70 -27.42 -3.25
CA ARG A 173 5.21 -28.17 -2.11
C ARG A 173 3.75 -27.86 -1.76
N ALA A 174 3.36 -26.59 -1.79
CA ALA A 174 2.00 -26.20 -1.45
C ALA A 174 0.97 -26.61 -2.48
N LEU A 175 1.39 -26.68 -3.73
CA LEU A 175 0.47 -27.03 -4.81
C LEU A 175 0.76 -28.41 -5.38
N LYS A 176 1.77 -29.08 -4.83
CA LYS A 176 2.14 -30.39 -5.30
C LYS A 176 2.36 -30.30 -6.81
N LEU A 177 3.39 -29.56 -7.21
CA LEU A 177 3.70 -29.41 -8.63
C LEU A 177 4.88 -30.30 -9.05
N PRO A 178 4.98 -30.62 -10.35
CA PRO A 178 6.07 -31.47 -10.83
C PRO A 178 7.42 -30.96 -10.37
N SER A 179 8.37 -31.88 -10.24
CA SER A 179 9.72 -31.56 -9.81
C SER A 179 10.56 -31.09 -11.00
N THR A 180 10.24 -31.59 -12.18
CA THR A 180 10.94 -31.22 -13.39
C THR A 180 10.86 -29.70 -13.60
N GLY A 181 9.78 -29.09 -13.09
CA GLY A 181 9.65 -27.65 -13.19
C GLY A 181 8.38 -27.03 -13.78
N GLU A 182 7.39 -27.83 -14.15
CA GLU A 182 6.15 -27.29 -14.72
C GLU A 182 5.42 -26.41 -13.71
N GLY A 183 4.76 -25.37 -14.20
CA GLY A 183 4.01 -24.47 -13.35
C GLY A 183 4.82 -23.37 -12.67
N THR A 184 6.12 -23.58 -12.50
CA THR A 184 6.93 -22.57 -11.85
C THR A 184 8.22 -22.24 -12.57
N GLN A 185 8.16 -22.18 -13.89
CA GLN A 185 9.36 -21.87 -14.68
C GLN A 185 9.72 -20.39 -14.56
N PHE A 186 8.75 -19.57 -14.18
CA PHE A 186 9.00 -18.14 -14.01
C PHE A 186 10.11 -17.90 -13.00
N TYR A 187 10.17 -18.79 -12.01
CA TYR A 187 11.12 -18.70 -10.91
C TYR A 187 12.50 -19.25 -11.27
N LEU A 188 12.66 -19.69 -12.51
CA LEU A 188 13.93 -20.25 -12.98
C LEU A 188 14.46 -19.53 -14.22
N PHE A 189 15.70 -19.05 -14.14
CA PHE A 189 16.37 -18.36 -15.23
C PHE A 189 17.34 -19.33 -15.94
N GLU A 190 16.79 -20.10 -16.88
CA GLU A 190 17.55 -21.11 -17.64
C GLU A 190 18.94 -20.66 -18.10
N ASN A 191 19.08 -19.38 -18.39
CA ASN A 191 20.34 -18.84 -18.87
C ASN A 191 21.13 -18.03 -17.84
N VAL A 192 21.13 -18.51 -16.60
CA VAL A 192 21.88 -17.87 -15.54
C VAL A 192 22.42 -19.04 -14.72
N ASP A 193 23.74 -19.18 -14.73
CA ASP A 193 24.41 -20.26 -14.00
C ASP A 193 24.58 -19.91 -12.53
N ASN A 194 24.60 -18.62 -12.22
CA ASN A 194 24.77 -18.16 -10.85
C ASN A 194 24.11 -16.79 -10.64
N ALA A 195 22.82 -16.80 -10.33
CA ALA A 195 22.06 -15.56 -10.11
C ALA A 195 22.91 -14.50 -9.41
N GLN A 196 23.66 -14.91 -8.40
CA GLN A 196 24.47 -13.97 -7.66
C GLN A 196 25.63 -13.37 -8.45
N GLN A 197 26.07 -14.05 -9.51
CA GLN A 197 27.17 -13.54 -10.33
C GLN A 197 26.60 -12.53 -11.34
N PHE A 198 25.48 -12.89 -11.97
CA PHE A 198 24.86 -11.98 -12.92
C PHE A 198 24.31 -10.76 -12.20
N LYS A 199 24.04 -10.90 -10.92
CA LYS A 199 23.51 -9.78 -10.16
C LYS A 199 24.51 -8.61 -10.15
N GLN A 200 25.78 -8.90 -9.86
CA GLN A 200 26.79 -7.84 -9.85
C GLN A 200 26.93 -7.23 -11.24
N LEU A 201 26.96 -8.09 -12.26
CA LEU A 201 27.07 -7.64 -13.63
C LEU A 201 26.04 -6.52 -13.87
N TYR A 202 24.87 -6.66 -13.25
CA TYR A 202 23.81 -5.65 -13.36
C TYR A 202 24.20 -4.34 -12.65
N ARG A 203 24.83 -4.48 -11.48
CA ARG A 203 25.25 -3.30 -10.72
C ARG A 203 26.45 -2.64 -11.38
N ALA A 204 27.37 -3.46 -11.89
CA ALA A 204 28.56 -2.93 -12.53
C ALA A 204 28.13 -2.12 -13.75
N ARG A 205 27.17 -2.67 -14.50
CA ARG A 205 26.67 -1.99 -15.68
C ARG A 205 25.70 -0.88 -15.34
N MET A 206 24.98 -1.04 -14.24
CA MET A 206 24.02 -0.02 -13.84
C MET A 206 24.72 1.23 -13.35
N ASN A 207 25.96 1.08 -12.89
CA ASN A 207 26.72 2.22 -12.40
C ASN A 207 27.43 2.95 -13.54
N ALA A 208 27.62 2.27 -14.67
CA ALA A 208 28.30 2.87 -15.80
C ALA A 208 27.35 3.85 -16.51
N LEU A 209 26.05 3.61 -16.41
CA LEU A 209 25.09 4.50 -17.04
C LEU A 209 25.30 5.94 -16.53
N ASP A 210 25.66 6.82 -17.45
CA ASP A 210 25.90 8.24 -17.16
C ASP A 210 24.62 8.94 -16.72
N LEU A 211 24.66 9.53 -15.54
CA LEU A 211 23.51 10.23 -14.97
C LEU A 211 23.94 11.28 -13.93
N ASN A 212 23.26 12.42 -13.91
CA ASN A 212 23.61 13.45 -12.93
C ASN A 212 23.03 13.01 -11.59
N MET A 213 23.62 13.49 -10.50
CA MET A 213 23.17 13.10 -9.17
C MET A 213 21.68 13.36 -8.93
N LYS A 214 21.03 14.05 -9.87
CA LYS A 214 19.60 14.34 -9.74
C LYS A 214 18.76 13.24 -10.35
N THR A 215 18.99 12.96 -11.62
CA THR A 215 18.27 11.92 -12.36
C THR A 215 18.36 10.56 -11.67
N LYS A 216 19.50 10.28 -11.04
CA LYS A 216 19.66 9.04 -10.33
C LYS A 216 18.73 9.06 -9.11
N GLU A 217 18.86 10.11 -8.29
CA GLU A 217 18.03 10.26 -7.11
C GLU A 217 16.58 10.12 -7.55
N ARG A 218 16.29 10.59 -8.77
CA ARG A 218 14.94 10.47 -9.30
C ARG A 218 14.64 8.99 -9.56
N ILE A 219 15.59 8.31 -10.21
CA ILE A 219 15.42 6.90 -10.50
C ILE A 219 15.02 6.14 -9.22
N VAL A 220 15.50 6.60 -8.08
CA VAL A 220 15.15 5.95 -6.82
C VAL A 220 13.65 6.12 -6.54
N GLU A 221 13.10 7.26 -6.95
CA GLU A 221 11.68 7.57 -6.76
C GLU A 221 10.77 6.67 -7.58
N GLU A 222 11.09 6.44 -8.85
CA GLU A 222 10.27 5.57 -9.67
C GLU A 222 10.38 4.14 -9.12
N ALA A 223 11.56 3.82 -8.57
CA ALA A 223 11.81 2.50 -7.98
C ALA A 223 10.81 2.23 -6.87
N ASN A 224 10.59 3.23 -6.02
CA ASN A 224 9.63 3.13 -4.93
C ASN A 224 8.21 3.03 -5.48
N LYS A 225 7.92 3.77 -6.55
CA LYS A 225 6.61 3.69 -7.17
C LYS A 225 6.45 2.27 -7.75
N ALA A 226 7.57 1.67 -8.13
CA ALA A 226 7.57 0.32 -8.67
C ALA A 226 7.21 -0.68 -7.56
N PHE A 227 7.69 -0.44 -6.33
CA PHE A 227 7.40 -1.32 -5.21
C PHE A 227 5.93 -1.24 -4.71
N GLU A 228 5.36 -0.05 -4.64
CA GLU A 228 3.98 0.09 -4.13
C GLU A 228 2.84 -0.58 -4.93
N TYR A 229 2.79 -0.34 -6.24
CA TYR A 229 1.74 -0.97 -7.01
C TYR A 229 1.86 -2.47 -6.70
N ASN A 230 3.09 -2.93 -6.49
CA ASN A 230 3.31 -4.33 -6.15
C ASN A 230 2.49 -4.67 -4.93
N MET A 231 2.60 -3.82 -3.91
CA MET A 231 1.83 -4.02 -2.69
C MET A 231 0.37 -4.01 -3.10
N GLN A 232 0.00 -3.07 -3.97
CA GLN A 232 -1.40 -2.99 -4.39
C GLN A 232 -1.86 -4.29 -5.01
N ILE A 233 -0.96 -4.93 -5.74
CA ILE A 233 -1.31 -6.20 -6.38
C ILE A 233 -1.37 -7.22 -5.26
N PHE A 234 -0.46 -7.11 -4.29
CA PHE A 234 -0.44 -8.02 -3.15
C PHE A 234 -1.73 -7.82 -2.35
N ASN A 235 -2.05 -6.55 -2.09
CA ASN A 235 -3.25 -6.19 -1.35
C ASN A 235 -4.46 -6.83 -2.04
N GLU A 236 -4.57 -6.62 -3.34
CA GLU A 236 -5.69 -7.19 -4.11
C GLU A 236 -5.74 -8.71 -3.89
N LEU A 237 -4.66 -9.39 -4.24
CA LEU A 237 -4.57 -10.83 -4.09
C LEU A 237 -5.07 -11.28 -2.70
N ASP A 238 -4.80 -10.47 -1.67
CA ASP A 238 -5.27 -10.77 -0.31
C ASP A 238 -6.79 -10.56 -0.23
N GLN A 239 -7.28 -9.42 -0.72
CA GLN A 239 -8.72 -9.16 -0.71
C GLN A 239 -9.44 -10.40 -1.28
N ALA A 240 -8.81 -11.04 -2.27
CA ALA A 240 -9.37 -12.24 -2.89
C ALA A 240 -9.05 -13.44 -2.01
N GLY A 241 -7.97 -13.33 -1.23
CA GLY A 241 -7.58 -14.40 -0.34
C GLY A 241 -8.69 -14.76 0.64
N SER A 242 -9.28 -13.75 1.27
CA SER A 242 -10.36 -13.95 2.22
C SER A 242 -10.10 -15.17 3.13
N MET B 30 -10.77 25.23 -11.95
CA MET B 30 -12.15 25.69 -11.63
C MET B 30 -12.50 25.64 -10.14
N ALA B 31 -12.59 24.43 -9.59
CA ALA B 31 -12.95 24.23 -8.19
C ALA B 31 -11.77 24.12 -7.23
N ASP B 32 -11.99 24.54 -5.99
CA ASP B 32 -10.97 24.48 -4.95
C ASP B 32 -10.79 23.02 -4.52
N LEU B 33 -9.61 22.66 -4.03
CA LEU B 33 -9.35 21.30 -3.61
C LEU B 33 -10.43 20.79 -2.65
N SER B 34 -10.91 21.65 -1.78
CA SER B 34 -11.94 21.23 -0.85
C SER B 34 -13.19 20.73 -1.59
N GLU B 35 -13.37 21.21 -2.83
CA GLU B 35 -14.52 20.82 -3.63
C GLU B 35 -14.28 19.51 -4.34
N LEU B 36 -13.17 19.42 -5.06
CA LEU B 36 -12.84 18.19 -5.76
C LEU B 36 -12.88 17.03 -4.76
N LEU B 37 -12.65 17.33 -3.49
CA LEU B 37 -12.67 16.30 -2.47
C LEU B 37 -14.10 16.02 -2.00
N LYS B 38 -14.94 17.05 -2.02
CA LYS B 38 -16.34 16.92 -1.60
C LYS B 38 -17.14 16.15 -2.65
N GLU B 39 -17.05 16.59 -3.90
CA GLU B 39 -17.77 15.93 -4.99
C GLU B 39 -16.99 14.69 -5.42
N GLY B 40 -15.68 14.72 -5.19
CA GLY B 40 -14.83 13.62 -5.59
C GLY B 40 -15.07 12.25 -5.00
N THR B 41 -15.15 12.16 -3.67
CA THR B 41 -15.33 10.88 -3.01
C THR B 41 -16.80 10.51 -2.81
N LYS B 42 -17.69 11.36 -3.31
CA LYS B 42 -19.14 11.19 -3.24
C LYS B 42 -19.57 9.73 -3.06
N GLU B 43 -19.51 8.97 -4.15
CA GLU B 43 -19.87 7.55 -4.12
C GLU B 43 -18.89 6.83 -3.20
N ALA B 44 -17.63 7.23 -3.27
CA ALA B 44 -16.59 6.62 -2.46
C ALA B 44 -16.88 6.87 -0.99
N HIS B 45 -17.86 7.73 -0.75
CA HIS B 45 -18.25 8.10 0.61
C HIS B 45 -19.65 7.58 0.92
N ASP B 46 -20.58 7.78 -0.01
CA ASP B 46 -21.94 7.29 0.20
C ASP B 46 -21.86 5.80 0.52
N ARG B 47 -20.91 5.12 -0.12
CA ARG B 47 -20.75 3.70 0.11
C ARG B 47 -20.19 3.44 1.50
N ALA B 48 -19.82 4.52 2.18
CA ALA B 48 -19.30 4.44 3.53
C ALA B 48 -20.41 4.92 4.48
N GLU B 49 -21.56 5.24 3.90
CA GLU B 49 -22.70 5.71 4.68
C GLU B 49 -23.74 4.60 4.87
N ASN B 50 -23.47 3.43 4.31
CA ASN B 50 -24.39 2.31 4.43
C ASN B 50 -23.68 0.97 4.24
N THR B 51 -23.00 0.52 5.29
CA THR B 51 -22.27 -0.74 5.29
C THR B 51 -22.53 -1.49 6.59
N GLN B 52 -22.10 -2.75 6.65
CA GLN B 52 -22.31 -3.57 7.85
C GLN B 52 -21.91 -2.91 9.16
N PHE B 53 -20.62 -2.95 9.48
CA PHE B 53 -20.13 -2.36 10.72
C PHE B 53 -20.66 -0.95 10.94
N VAL B 54 -21.09 -0.30 9.87
CA VAL B 54 -21.62 1.05 9.98
C VAL B 54 -23.11 0.98 10.26
N LYS B 55 -23.72 -0.14 9.92
CA LYS B 55 -25.14 -0.36 10.15
C LYS B 55 -25.33 -1.36 11.28
N ASP B 56 -24.26 -1.56 12.06
CA ASP B 56 -24.31 -2.46 13.20
C ASP B 56 -23.77 -1.79 14.45
N PHE B 57 -23.13 -0.64 14.27
CA PHE B 57 -22.58 0.12 15.38
C PHE B 57 -23.62 1.11 15.87
N LEU B 58 -24.10 1.93 14.95
CA LEU B 58 -25.08 2.96 15.27
C LEU B 58 -26.37 2.42 15.86
N LYS B 59 -26.66 1.15 15.63
CA LYS B 59 -27.89 0.57 16.18
C LYS B 59 -27.67 0.02 17.59
N GLY B 60 -26.78 0.68 18.34
CA GLY B 60 -26.52 0.28 19.70
C GLY B 60 -25.63 -0.94 19.91
N ASN B 61 -25.32 -1.65 18.83
CA ASN B 61 -24.47 -2.82 18.97
C ASN B 61 -23.01 -2.43 19.16
N ILE B 62 -22.32 -3.19 20.02
CA ILE B 62 -20.91 -2.97 20.35
C ILE B 62 -20.61 -3.58 21.71
N LYS B 63 -19.63 -4.48 21.76
CA LYS B 63 -19.25 -5.13 23.01
C LYS B 63 -17.75 -5.06 23.28
N LYS B 64 -17.40 -4.88 24.55
CA LYS B 64 -16.03 -4.78 25.01
C LYS B 64 -14.94 -5.05 23.95
N GLU B 65 -14.57 -6.31 23.82
CA GLU B 65 -13.51 -6.70 22.89
C GLU B 65 -13.72 -6.29 21.43
N LEU B 66 -14.93 -5.89 21.07
CA LEU B 66 -15.19 -5.46 19.70
C LEU B 66 -14.64 -4.04 19.53
N PHE B 67 -15.17 -3.13 20.34
CA PHE B 67 -14.75 -1.74 20.35
C PHE B 67 -13.24 -1.68 20.55
N LYS B 68 -12.71 -2.71 21.19
CA LYS B 68 -11.27 -2.81 21.47
C LYS B 68 -10.49 -3.18 20.20
N LEU B 69 -11.21 -3.66 19.20
CA LEU B 69 -10.58 -4.02 17.93
C LEU B 69 -10.47 -2.75 17.11
N ALA B 70 -11.52 -1.94 17.17
CA ALA B 70 -11.57 -0.69 16.45
C ALA B 70 -10.58 0.29 17.06
N THR B 71 -10.51 0.33 18.38
CA THR B 71 -9.60 1.23 19.07
C THR B 71 -8.16 0.86 18.68
N THR B 72 -7.91 -0.42 18.50
CA THR B 72 -6.59 -0.89 18.10
C THR B 72 -6.37 -0.51 16.65
N ALA B 73 -7.40 -0.74 15.84
CA ALA B 73 -7.36 -0.41 14.43
C ALA B 73 -7.05 1.08 14.34
N LEU B 74 -7.75 1.88 15.15
CA LEU B 74 -7.55 3.32 15.17
C LEU B 74 -6.14 3.72 15.61
N TYR B 75 -5.69 3.15 16.73
CA TYR B 75 -4.37 3.45 17.29
C TYR B 75 -3.28 3.37 16.24
N PHE B 76 -3.21 2.22 15.57
CA PHE B 76 -2.20 2.00 14.54
C PHE B 76 -2.33 2.91 13.33
N THR B 77 -3.57 3.22 12.95
CA THR B 77 -3.82 4.12 11.82
C THR B 77 -3.16 5.48 12.10
N TYR B 78 -3.78 6.24 12.99
CA TYR B 78 -3.32 7.57 13.33
C TYR B 78 -1.88 7.67 13.83
N SER B 79 -1.36 6.56 14.32
CA SER B 79 0.01 6.61 14.82
C SER B 79 0.93 6.72 13.62
N ALA B 80 0.55 6.06 12.54
CA ALA B 80 1.35 6.08 11.33
C ALA B 80 1.18 7.43 10.62
N LEU B 81 -0.07 7.88 10.55
CA LEU B 81 -0.38 9.14 9.91
C LEU B 81 0.44 10.25 10.53
N GLU B 82 0.57 10.22 11.85
CA GLU B 82 1.33 11.23 12.56
C GLU B 82 2.83 11.09 12.37
N GLU B 83 3.33 9.88 12.19
CA GLU B 83 4.74 9.71 11.95
C GLU B 83 4.96 10.44 10.62
N GLU B 84 4.03 10.20 9.70
CA GLU B 84 4.09 10.85 8.39
C GLU B 84 3.68 12.32 8.49
N MET B 85 2.84 12.67 9.47
CA MET B 85 2.42 14.06 9.64
C MET B 85 3.63 14.95 9.96
N GLU B 86 4.18 14.76 11.16
CA GLU B 86 5.33 15.53 11.61
C GLU B 86 6.51 15.44 10.62
N ARG B 87 6.66 14.26 10.03
CA ARG B 87 7.73 14.02 9.09
C ARG B 87 7.81 15.10 8.00
N ASN B 88 6.68 15.33 7.33
CA ASN B 88 6.61 16.32 6.25
C ASN B 88 6.15 17.71 6.68
N LYS B 89 6.24 18.01 7.97
CA LYS B 89 5.80 19.30 8.49
C LYS B 89 6.34 20.51 7.71
N ASP B 90 7.61 20.44 7.28
CA ASP B 90 8.21 21.56 6.54
C ASP B 90 8.07 21.44 5.03
N HIS B 91 7.33 20.44 4.57
CA HIS B 91 7.14 20.22 3.14
C HIS B 91 6.05 21.20 2.64
N PRO B 92 6.40 22.03 1.65
CA PRO B 92 5.47 23.03 1.09
C PRO B 92 4.09 22.49 0.72
N ALA B 93 4.00 21.18 0.54
CA ALA B 93 2.71 20.60 0.18
C ALA B 93 1.92 20.11 1.39
N PHE B 94 2.54 20.08 2.56
CA PHE B 94 1.81 19.62 3.74
C PHE B 94 1.88 20.57 4.94
N ALA B 95 2.93 21.37 5.01
CA ALA B 95 3.13 22.32 6.11
C ALA B 95 1.87 23.04 6.59
N PRO B 96 1.04 23.54 5.65
CA PRO B 96 -0.18 24.24 6.03
C PRO B 96 -1.18 23.39 6.82
N LEU B 97 -1.17 22.08 6.58
CA LEU B 97 -2.11 21.19 7.24
C LEU B 97 -1.57 20.52 8.49
N TYR B 98 -0.41 20.97 8.95
CA TYR B 98 0.23 20.41 10.13
C TYR B 98 -0.26 21.10 11.42
N PHE B 99 -1.05 20.37 12.20
CA PHE B 99 -1.62 20.87 13.45
C PHE B 99 -1.56 19.77 14.52
N PRO B 100 -0.36 19.51 15.07
CA PRO B 100 -0.21 18.46 16.09
C PRO B 100 -1.05 18.62 17.35
N MET B 101 -0.96 19.77 18.01
CA MET B 101 -1.70 20.03 19.25
C MET B 101 -3.22 20.08 19.10
N GLU B 102 -3.74 20.29 17.90
CA GLU B 102 -5.19 20.36 17.75
C GLU B 102 -5.80 19.10 17.16
N LEU B 103 -5.06 18.41 16.31
CA LEU B 103 -5.60 17.22 15.68
C LEU B 103 -5.07 15.86 16.08
N HIS B 104 -3.78 15.78 16.39
CA HIS B 104 -3.19 14.48 16.72
C HIS B 104 -3.93 13.63 17.73
N ARG B 105 -4.03 12.34 17.46
CA ARG B 105 -4.73 11.42 18.35
C ARG B 105 -3.87 10.36 19.01
N LYS B 106 -2.59 10.27 18.64
CA LYS B 106 -1.74 9.24 19.24
C LYS B 106 -1.82 9.23 20.76
N GLU B 107 -1.43 10.33 21.40
CA GLU B 107 -1.46 10.43 22.86
C GLU B 107 -2.80 9.96 23.41
N ALA B 108 -3.89 10.49 22.86
CA ALA B 108 -5.23 10.10 23.30
C ALA B 108 -5.44 8.59 23.22
N LEU B 109 -5.42 8.04 21.99
CA LEU B 109 -5.61 6.62 21.79
C LEU B 109 -4.73 5.78 22.71
N THR B 110 -3.48 6.21 22.88
CA THR B 110 -2.54 5.51 23.75
C THR B 110 -3.19 5.35 25.13
N LYS B 111 -3.98 6.34 25.53
CA LYS B 111 -4.68 6.29 26.82
C LYS B 111 -5.77 5.23 26.77
N ASP B 112 -6.57 5.24 25.71
CA ASP B 112 -7.64 4.26 25.60
C ASP B 112 -7.08 2.84 25.41
N MET B 113 -5.76 2.74 25.29
CA MET B 113 -5.08 1.46 25.12
C MET B 113 -4.48 1.02 26.46
N GLU B 114 -4.03 1.98 27.26
CA GLU B 114 -3.48 1.68 28.59
C GLU B 114 -4.68 1.16 29.40
N TYR B 115 -5.87 1.63 29.01
CA TYR B 115 -7.11 1.21 29.66
C TYR B 115 -7.56 -0.16 29.15
N PHE B 116 -8.48 -0.17 28.19
CA PHE B 116 -9.00 -1.41 27.64
C PHE B 116 -8.10 -2.64 27.80
N PHE B 117 -6.96 -2.63 27.12
CA PHE B 117 -6.01 -3.74 27.17
C PHE B 117 -5.09 -3.71 28.37
N GLY B 118 -5.23 -2.68 29.21
CA GLY B 118 -4.41 -2.57 30.39
C GLY B 118 -3.02 -2.03 30.11
N GLU B 119 -2.34 -1.56 31.17
CA GLU B 119 -1.00 -1.00 31.06
C GLU B 119 -0.08 -1.74 30.10
N ASN B 120 0.21 -3.01 30.37
CA ASN B 120 1.08 -3.76 29.49
C ASN B 120 0.35 -4.26 28.24
N TRP B 121 0.00 -3.33 27.35
CA TRP B 121 -0.71 -3.68 26.11
C TRP B 121 0.14 -3.67 24.84
N GLU B 122 1.08 -2.72 24.78
CA GLU B 122 1.95 -2.55 23.62
C GLU B 122 2.78 -3.76 23.27
N GLU B 123 3.28 -4.46 24.29
CA GLU B 123 4.10 -5.65 24.08
C GLU B 123 3.23 -6.83 23.63
N GLN B 124 1.91 -6.69 23.69
CA GLN B 124 1.03 -7.79 23.30
C GLN B 124 0.15 -7.58 22.08
N VAL B 125 -0.53 -6.44 22.01
CA VAL B 125 -1.43 -6.15 20.89
C VAL B 125 -0.78 -6.04 19.51
N GLN B 126 -1.39 -6.66 18.52
CA GLN B 126 -0.88 -6.62 17.15
C GLN B 126 -1.81 -5.82 16.25
N ALA B 127 -1.23 -5.13 15.27
CA ALA B 127 -2.00 -4.34 14.34
C ALA B 127 -2.77 -5.31 13.46
N PRO B 128 -4.12 -5.20 13.45
CA PRO B 128 -4.94 -6.10 12.63
C PRO B 128 -4.62 -6.02 11.13
N LYS B 129 -4.81 -7.14 10.44
CA LYS B 129 -4.54 -7.26 9.02
C LYS B 129 -4.87 -6.03 8.16
N ALA B 130 -6.12 -5.60 8.17
CA ALA B 130 -6.52 -4.45 7.37
C ALA B 130 -5.74 -3.20 7.79
N ALA B 131 -5.75 -2.90 9.09
CA ALA B 131 -5.03 -1.75 9.57
C ALA B 131 -3.56 -1.81 9.13
N GLN B 132 -3.08 -3.00 8.84
CA GLN B 132 -1.71 -3.17 8.40
C GLN B 132 -1.57 -2.73 6.95
N LYS B 133 -2.65 -2.89 6.20
CA LYS B 133 -2.68 -2.49 4.80
C LYS B 133 -2.71 -0.98 4.73
N TYR B 134 -3.69 -0.39 5.42
CA TYR B 134 -3.87 1.06 5.46
C TYR B 134 -2.56 1.71 5.90
N VAL B 135 -2.02 1.24 7.01
CA VAL B 135 -0.75 1.76 7.50
C VAL B 135 0.33 1.67 6.43
N GLU B 136 0.31 0.59 5.66
CA GLU B 136 1.27 0.40 4.59
C GLU B 136 1.23 1.55 3.58
N ARG B 137 0.04 1.91 3.14
CA ARG B 137 -0.09 2.99 2.17
C ARG B 137 0.37 4.32 2.75
N ILE B 138 0.04 4.54 4.03
CA ILE B 138 0.41 5.76 4.71
C ILE B 138 1.91 5.98 4.71
N HIS B 139 2.68 4.96 5.08
CA HIS B 139 4.14 5.08 5.09
C HIS B 139 4.69 5.28 3.66
N TYR B 140 4.04 4.67 2.67
CA TYR B 140 4.49 4.87 1.30
C TYR B 140 4.32 6.35 0.90
N ILE B 141 3.08 6.84 1.01
CA ILE B 141 2.77 8.22 0.67
C ILE B 141 3.64 9.26 1.40
N GLY B 142 3.71 9.12 2.72
CA GLY B 142 4.49 10.04 3.51
C GLY B 142 5.96 10.02 3.14
N GLN B 143 6.39 8.95 2.49
CA GLN B 143 7.79 8.82 2.11
C GLN B 143 8.09 9.07 0.63
N ASN B 144 7.14 8.76 -0.25
CA ASN B 144 7.37 8.92 -1.69
C ASN B 144 6.46 9.88 -2.46
N GLU B 145 5.21 10.04 -2.03
CA GLU B 145 4.30 10.94 -2.72
C GLU B 145 3.63 11.85 -1.68
N PRO B 146 4.42 12.71 -1.02
CA PRO B 146 3.94 13.63 0.01
C PRO B 146 2.75 14.52 -0.39
N GLU B 147 2.71 14.96 -1.65
CA GLU B 147 1.62 15.83 -2.08
C GLU B 147 0.28 15.13 -1.93
N LEU B 148 0.30 13.86 -1.56
CA LEU B 148 -0.94 13.11 -1.40
C LEU B 148 -1.28 12.90 0.07
N LEU B 149 -0.35 13.21 0.96
CA LEU B 149 -0.59 13.04 2.37
C LEU B 149 -1.86 13.76 2.80
N VAL B 150 -2.13 14.89 2.15
CA VAL B 150 -3.32 15.67 2.44
C VAL B 150 -4.57 14.81 2.30
N ALA B 151 -4.61 13.95 1.30
CA ALA B 151 -5.78 13.08 1.12
C ALA B 151 -6.05 12.21 2.35
N HIS B 152 -5.01 11.65 2.95
CA HIS B 152 -5.19 10.81 4.12
C HIS B 152 -5.51 11.63 5.37
N ALA B 153 -4.80 12.75 5.55
CA ALA B 153 -5.02 13.61 6.70
C ALA B 153 -6.42 14.24 6.62
N TYR B 154 -6.81 14.61 5.40
CA TYR B 154 -8.09 15.21 5.13
C TYR B 154 -9.22 14.37 5.72
N THR B 155 -9.72 13.43 4.93
CA THR B 155 -10.79 12.53 5.32
C THR B 155 -10.76 12.10 6.78
N ARG B 156 -9.59 11.62 7.21
CA ARG B 156 -9.42 11.16 8.57
C ARG B 156 -9.85 12.15 9.64
N TYR B 157 -9.16 13.29 9.70
CA TYR B 157 -9.48 14.29 10.73
C TYR B 157 -10.75 15.08 10.47
N MET B 158 -11.02 15.41 9.21
CA MET B 158 -12.23 16.14 8.88
C MET B 158 -13.43 15.31 9.35
N GLY B 159 -13.28 14.00 9.31
CA GLY B 159 -14.34 13.11 9.74
C GLY B 159 -14.37 13.01 11.26
N ASP B 160 -13.20 12.83 11.88
CA ASP B 160 -13.13 12.74 13.33
C ASP B 160 -13.92 13.87 13.96
N LEU B 161 -13.48 15.09 13.69
CA LEU B 161 -14.14 16.30 14.21
C LEU B 161 -15.65 16.19 14.24
N SER B 162 -16.24 16.05 13.06
CA SER B 162 -17.68 15.95 12.89
C SER B 162 -18.41 15.05 13.91
N GLY B 163 -18.15 13.74 13.86
CA GLY B 163 -18.81 12.82 14.74
C GLY B 163 -18.17 12.60 16.11
N GLY B 164 -17.03 13.25 16.34
CA GLY B 164 -16.33 13.10 17.60
C GLY B 164 -17.24 13.20 18.81
N GLN B 165 -17.76 14.40 19.05
CA GLN B 165 -18.64 14.66 20.19
C GLN B 165 -19.52 13.47 20.53
N VAL B 166 -20.61 13.32 19.77
CA VAL B 166 -21.57 12.24 19.97
C VAL B 166 -20.95 10.86 20.21
N LEU B 167 -20.04 10.45 19.33
CA LEU B 167 -19.38 9.15 19.43
C LEU B 167 -18.80 8.86 20.83
N LYS B 168 -18.29 9.89 21.49
CA LYS B 168 -17.72 9.74 22.84
C LYS B 168 -18.81 9.21 23.76
N LYS B 169 -19.84 10.04 23.95
CA LYS B 169 -20.99 9.71 24.78
C LYS B 169 -21.62 8.38 24.37
N VAL B 170 -21.99 8.27 23.10
CA VAL B 170 -22.62 7.06 22.59
C VAL B 170 -21.85 5.79 22.95
N ALA B 171 -20.52 5.86 22.92
CA ALA B 171 -19.69 4.71 23.24
C ALA B 171 -19.63 4.44 24.74
N GLN B 172 -19.62 5.50 25.53
CA GLN B 172 -19.57 5.34 26.98
C GLN B 172 -20.89 4.79 27.50
N ARG B 173 -21.93 4.82 26.67
CA ARG B 173 -23.24 4.32 27.06
C ARG B 173 -23.43 2.85 26.70
N ALA B 174 -23.25 2.52 25.42
CA ALA B 174 -23.41 1.15 24.96
C ALA B 174 -22.47 0.17 25.66
N LEU B 175 -21.31 0.67 26.07
CA LEU B 175 -20.32 -0.16 26.75
C LEU B 175 -20.11 0.28 28.20
N LYS B 176 -20.90 1.25 28.63
CA LYS B 176 -20.80 1.81 29.98
C LYS B 176 -19.32 2.00 30.33
N LEU B 177 -18.75 3.09 29.81
CA LEU B 177 -17.35 3.41 30.04
C LEU B 177 -17.15 4.52 31.06
N PRO B 178 -16.02 4.51 31.79
CA PRO B 178 -15.73 5.53 32.79
C PRO B 178 -16.14 6.93 32.34
N SER B 179 -17.23 7.42 32.90
CA SER B 179 -17.76 8.74 32.54
C SER B 179 -16.70 9.83 32.47
N THR B 180 -15.53 9.60 33.03
CA THR B 180 -14.47 10.61 32.99
C THR B 180 -13.72 10.61 31.65
N GLY B 181 -14.22 9.85 30.69
CA GLY B 181 -13.61 9.81 29.37
C GLY B 181 -12.56 8.75 29.13
N GLU B 182 -12.09 8.11 30.19
CA GLU B 182 -11.07 7.08 30.07
C GLU B 182 -11.55 6.03 29.07
N GLY B 183 -10.72 5.71 28.08
CA GLY B 183 -11.07 4.71 27.09
C GLY B 183 -11.85 5.26 25.89
N THR B 184 -11.94 6.58 25.80
CA THR B 184 -12.64 7.22 24.70
C THR B 184 -12.10 8.62 24.41
N GLN B 185 -10.96 8.96 25.01
CA GLN B 185 -10.36 10.27 24.79
C GLN B 185 -10.13 10.54 23.33
N PHE B 186 -10.17 9.48 22.52
CA PHE B 186 -9.98 9.61 21.09
C PHE B 186 -11.00 10.54 20.44
N TYR B 187 -12.26 10.45 20.86
CA TYR B 187 -13.32 11.28 20.29
C TYR B 187 -13.41 12.69 20.84
N LEU B 188 -12.46 13.08 21.68
CA LEU B 188 -12.47 14.40 22.25
C LEU B 188 -11.19 15.19 22.01
N PHE B 189 -11.30 16.26 21.25
CA PHE B 189 -10.16 17.12 20.95
C PHE B 189 -10.15 18.25 21.97
N GLU B 190 -9.59 18.00 23.16
CA GLU B 190 -9.56 19.02 24.19
C GLU B 190 -8.90 20.33 23.77
N ASN B 191 -8.50 20.41 22.50
CA ASN B 191 -7.87 21.62 21.98
C ASN B 191 -8.55 22.23 20.78
N VAL B 192 -9.83 21.91 20.60
CA VAL B 192 -10.63 22.46 19.52
C VAL B 192 -11.90 23.01 20.17
N ASP B 193 -12.52 23.99 19.52
CA ASP B 193 -13.72 24.63 20.05
C ASP B 193 -15.00 24.16 19.38
N ASN B 194 -14.85 23.63 18.18
CA ASN B 194 -15.97 23.15 17.39
C ASN B 194 -15.35 22.49 16.16
N ALA B 195 -16.10 21.60 15.52
CA ALA B 195 -15.63 20.90 14.33
C ALA B 195 -15.68 21.76 13.06
N GLN B 196 -16.86 22.26 12.72
CA GLN B 196 -17.03 23.09 11.54
C GLN B 196 -16.12 24.32 11.68
N GLN B 197 -15.72 24.58 12.92
CA GLN B 197 -14.84 25.71 13.20
C GLN B 197 -13.40 25.47 12.80
N PHE B 198 -12.91 24.24 12.94
CA PHE B 198 -11.56 24.00 12.51
C PHE B 198 -11.61 23.55 11.05
N LYS B 199 -12.80 23.15 10.60
CA LYS B 199 -12.95 22.74 9.21
C LYS B 199 -12.72 23.94 8.30
N GLN B 200 -13.36 25.07 8.60
CA GLN B 200 -13.19 26.28 7.78
C GLN B 200 -11.72 26.62 7.60
N LEU B 201 -11.00 26.66 8.73
CA LEU B 201 -9.58 26.96 8.68
C LEU B 201 -8.89 25.91 7.79
N TYR B 202 -9.18 24.64 8.05
CA TYR B 202 -8.60 23.51 7.31
C TYR B 202 -8.81 23.64 5.79
N ARG B 203 -10.07 23.67 5.36
CA ARG B 203 -10.38 23.80 3.94
C ARG B 203 -9.62 24.94 3.26
N ALA B 204 -9.64 26.12 3.86
CA ALA B 204 -8.96 27.27 3.30
C ALA B 204 -7.46 26.99 3.15
N ARG B 205 -6.92 26.16 4.05
CA ARG B 205 -5.51 25.82 3.99
C ARG B 205 -5.22 24.91 2.80
N MET B 206 -6.01 23.86 2.63
CA MET B 206 -5.82 22.94 1.51
C MET B 206 -5.85 23.68 0.17
N ASN B 207 -6.76 24.66 0.07
CA ASN B 207 -6.91 25.43 -1.15
C ASN B 207 -5.73 26.34 -1.36
N ALA B 208 -5.02 26.62 -0.28
CA ALA B 208 -3.84 27.45 -0.35
C ALA B 208 -2.61 26.60 -0.74
N LEU B 209 -2.83 25.41 -1.28
CA LEU B 209 -1.72 24.54 -1.70
C LEU B 209 -1.58 24.64 -3.21
N ASP B 210 -0.38 24.89 -3.72
CA ASP B 210 -0.19 24.98 -5.16
C ASP B 210 -0.49 23.60 -5.75
N LEU B 211 -1.74 23.40 -6.16
CA LEU B 211 -2.17 22.14 -6.74
C LEU B 211 -2.83 22.33 -8.08
N ASN B 212 -2.40 21.52 -9.05
CA ASN B 212 -2.96 21.55 -10.40
C ASN B 212 -4.04 20.47 -10.35
N MET B 213 -5.02 20.55 -11.24
CA MET B 213 -6.08 19.54 -11.28
C MET B 213 -5.39 18.19 -11.39
N LYS B 214 -4.18 18.20 -11.92
CA LYS B 214 -3.39 16.98 -12.06
C LYS B 214 -3.20 16.37 -10.68
N THR B 215 -2.27 16.95 -9.93
CA THR B 215 -1.98 16.50 -8.59
C THR B 215 -3.26 16.49 -7.76
N LYS B 216 -4.15 17.43 -8.04
CA LYS B 216 -5.40 17.49 -7.30
C LYS B 216 -6.23 16.23 -7.52
N GLU B 217 -6.22 15.71 -8.75
CA GLU B 217 -7.00 14.50 -9.06
C GLU B 217 -6.43 13.26 -8.41
N ARG B 218 -5.11 13.19 -8.36
CA ARG B 218 -4.44 12.06 -7.74
C ARG B 218 -4.82 12.12 -6.27
N ILE B 219 -4.87 13.33 -5.72
CA ILE B 219 -5.25 13.52 -4.32
C ILE B 219 -6.65 12.96 -4.09
N VAL B 220 -7.63 13.44 -4.85
CA VAL B 220 -9.00 12.93 -4.70
C VAL B 220 -8.96 11.42 -4.94
N GLU B 221 -8.18 10.99 -5.93
CA GLU B 221 -8.07 9.57 -6.23
C GLU B 221 -7.39 8.82 -5.08
N GLU B 222 -6.44 9.48 -4.44
CA GLU B 222 -5.72 8.87 -3.32
C GLU B 222 -6.58 8.76 -2.07
N ALA B 223 -7.62 9.59 -1.98
CA ALA B 223 -8.53 9.57 -0.84
C ALA B 223 -9.54 8.45 -0.99
N ASN B 224 -9.76 8.02 -2.24
CA ASN B 224 -10.68 6.91 -2.51
C ASN B 224 -10.09 5.70 -1.83
N LYS B 225 -8.81 5.47 -2.09
CA LYS B 225 -8.11 4.36 -1.49
C LYS B 225 -8.31 4.46 0.02
N ALA B 226 -8.13 5.67 0.56
CA ALA B 226 -8.30 5.91 1.97
C ALA B 226 -9.66 5.40 2.47
N PHE B 227 -10.74 5.84 1.82
CA PHE B 227 -12.07 5.39 2.21
C PHE B 227 -12.12 3.86 2.24
N GLU B 228 -11.94 3.24 1.07
CA GLU B 228 -11.98 1.79 0.97
C GLU B 228 -11.13 1.13 2.06
N TYR B 229 -9.95 1.68 2.29
CA TYR B 229 -9.08 1.12 3.32
C TYR B 229 -9.84 1.01 4.64
N ASN B 230 -10.68 1.99 4.92
CA ASN B 230 -11.46 1.99 6.15
C ASN B 230 -12.55 0.93 6.06
N MET B 231 -13.19 0.86 4.90
CA MET B 231 -14.23 -0.11 4.63
C MET B 231 -13.72 -1.49 5.02
N GLN B 232 -12.63 -1.93 4.39
CA GLN B 232 -12.05 -3.22 4.70
C GLN B 232 -11.88 -3.35 6.20
N ILE B 233 -11.39 -2.30 6.84
CA ILE B 233 -11.20 -2.31 8.29
C ILE B 233 -12.53 -2.45 9.02
N PHE B 234 -13.60 -1.88 8.47
CA PHE B 234 -14.90 -1.96 9.12
C PHE B 234 -15.46 -3.36 9.16
N ASN B 235 -15.65 -3.95 8.00
CA ASN B 235 -16.18 -5.30 7.94
C ASN B 235 -15.20 -6.30 8.54
N GLU B 236 -13.93 -5.92 8.62
CA GLU B 236 -12.94 -6.81 9.22
C GLU B 236 -13.32 -6.88 10.70
N LEU B 237 -14.02 -5.85 11.16
CA LEU B 237 -14.49 -5.77 12.54
C LEU B 237 -15.79 -6.55 12.67
N ASP B 238 -16.62 -6.48 11.63
CA ASP B 238 -17.89 -7.20 11.61
C ASP B 238 -17.61 -8.71 11.70
N GLN B 239 -16.79 -9.18 10.75
CA GLN B 239 -16.42 -10.58 10.71
C GLN B 239 -15.78 -11.00 12.03
N ALA B 240 -15.04 -10.08 12.65
CA ALA B 240 -14.40 -10.39 13.92
C ALA B 240 -15.44 -10.44 15.02
N GLY B 241 -16.41 -9.53 14.94
CA GLY B 241 -17.48 -9.47 15.93
C GLY B 241 -18.41 -10.66 15.83
N SER B 242 -18.58 -11.19 14.62
CA SER B 242 -19.44 -12.36 14.41
C SER B 242 -18.73 -13.54 15.06
N THR B 243 -17.45 -13.67 14.76
CA THR B 243 -16.63 -14.74 15.31
C THR B 243 -16.64 -14.64 16.83
N LEU B 244 -16.95 -13.44 17.32
CA LEU B 244 -17.02 -13.17 18.76
C LEU B 244 -18.41 -13.56 19.26
N ALA B 245 -19.41 -13.41 18.40
CA ALA B 245 -20.79 -13.75 18.74
C ALA B 245 -20.93 -15.27 18.76
N ARG B 246 -19.94 -15.96 18.23
CA ARG B 246 -19.94 -17.42 18.20
C ARG B 246 -19.45 -17.95 19.54
N GLU B 247 -18.21 -17.61 19.88
CA GLU B 247 -17.60 -18.07 21.14
C GLU B 247 -18.49 -17.73 22.33
N THR B 248 -19.38 -16.75 22.17
CA THR B 248 -20.28 -16.36 23.25
C THR B 248 -21.74 -16.59 22.86
CHA HEM C . 17.21 -8.21 -3.10
CHB HEM C . 15.09 -10.98 0.17
CHC HEM C . 10.79 -9.62 -1.47
CHD HEM C . 12.93 -6.68 -4.62
C1A HEM C . 17.01 -9.07 -2.05
C2A HEM C . 18.08 -9.73 -1.30
C3A HEM C . 17.47 -10.51 -0.40
C4A HEM C . 16.04 -10.32 -0.57
CMA HEM C . 18.15 -11.38 0.64
CAA HEM C . 19.59 -9.46 -1.39
CBA HEM C . 20.25 -9.99 -2.68
CGA HEM C . 21.79 -9.94 -2.65
O1A HEM C . 22.40 -10.12 -3.72
O2A HEM C . 22.39 -9.75 -1.56
C1B HEM C . 13.74 -10.86 0.00
C2B HEM C . 12.76 -11.54 0.82
C3B HEM C . 11.53 -11.17 0.36
C4B HEM C . 11.79 -10.25 -0.73
CMB HEM C . 13.06 -12.47 2.00
CAB HEM C . 10.28 -11.55 0.86
CBB HEM C . 10.11 -12.24 2.11
C1C HEM C . 11.00 -8.70 -2.49
C2C HEM C . 9.95 -8.01 -3.18
C3C HEM C . 10.55 -7.16 -4.06
C4C HEM C . 11.98 -7.34 -3.89
CMC HEM C . 8.45 -8.17 -2.92
CAC HEM C . 9.93 -6.24 -4.91
CBC HEM C . 8.63 -6.48 -5.51
C1D HEM C . 14.30 -6.86 -4.49
C2D HEM C . 15.30 -6.12 -5.24
C3D HEM C . 16.49 -6.59 -4.82
C4D HEM C . 16.23 -7.58 -3.83
CMD HEM C . 15.07 -4.98 -6.23
CAD HEM C . 17.86 -6.10 -5.25
CBD HEM C . 18.47 -5.09 -4.29
CGD HEM C . 19.86 -4.71 -4.70
O1D HEM C . 20.74 -5.62 -4.67
O2D HEM C . 20.09 -3.54 -5.06
NA HEM C . 15.76 -9.43 -1.58
NB HEM C . 13.14 -10.05 -0.94
NC HEM C . 12.26 -8.28 -2.91
ND HEM C . 14.88 -7.75 -3.60
FE HEM C . 14.01 -8.82 -2.21
CHA HEM D . -18.52 14.53 5.70
CHB HEM D . -21.98 11.56 7.09
CHC HEM D . -18.97 7.87 6.79
CHD HEM D . -15.38 10.88 5.69
C1A HEM D . -19.74 14.04 6.10
C2A HEM D . -20.89 14.87 6.42
C3A HEM D . -21.85 14.02 6.84
C4A HEM D . -21.30 12.69 6.74
CMA HEM D . -23.18 14.40 7.46
CAA HEM D . -20.98 16.38 6.39
CBA HEM D . -21.01 16.97 4.98
CGA HEM D . -20.86 18.49 4.98
O1A HEM D . -21.66 19.17 5.64
O2A HEM D . -19.94 19.00 4.30
C1B HEM D . -21.48 10.29 7.08
C2B HEM D . -22.23 9.14 7.46
C3B HEM D . -21.41 8.09 7.36
C4B HEM D . -20.13 8.61 6.92
CMB HEM D . -23.68 9.13 7.92
CAB HEM D . -21.71 6.77 7.72
CBB HEM D . -21.99 6.41 9.10
C1C HEM D . -17.73 8.36 6.48
C2C HEM D . -16.52 7.55 6.46
C3C HEM D . -15.50 8.39 6.22
C4C HEM D . -16.09 9.72 6.04
CMC HEM D . -16.43 6.06 6.71
CAC HEM D . -14.17 8.03 6.11
CBC HEM D . -13.21 8.34 7.16
C1D HEM D . -15.94 12.14 5.51
C2D HEM D . -15.20 13.34 5.14
C3D HEM D . -16.10 14.37 5.16
C4D HEM D . -17.39 13.79 5.49
CMD HEM D . -13.75 13.43 4.68
CAD HEM D . -15.79 15.86 4.99
CBD HEM D . -16.09 16.40 3.60
CGD HEM D . -15.94 17.91 3.51
O1D HEM D . -15.38 18.40 2.51
O2D HEM D . -16.40 18.61 4.44
NA HEM D . -19.99 12.70 6.31
NB HEM D . -20.18 9.97 6.74
NC HEM D . -17.46 9.68 6.22
ND HEM D . -17.29 12.42 5.70
FE HEM D . -18.71 11.19 6.26
N ARG A 29 31.76 11.09 -4.44
CA ARG A 29 31.02 10.07 -3.64
C ARG A 29 29.52 10.38 -3.59
N MET A 30 28.90 10.49 -4.76
CA MET A 30 27.47 10.76 -4.86
C MET A 30 26.99 10.53 -6.29
N ALA A 31 26.77 9.27 -6.64
CA ALA A 31 26.33 8.94 -8.00
C ALA A 31 26.25 7.43 -8.24
N ASP A 32 26.66 6.62 -7.28
CA ASP A 32 26.59 5.17 -7.46
C ASP A 32 25.14 4.71 -7.42
N LEU A 33 24.51 4.73 -8.60
CA LEU A 33 23.11 4.35 -8.77
C LEU A 33 22.68 3.11 -7.98
N SER A 34 23.37 1.99 -8.19
CA SER A 34 23.04 0.74 -7.52
C SER A 34 22.99 0.86 -6.00
N GLU A 35 23.71 1.83 -5.46
CA GLU A 35 23.72 2.04 -4.00
C GLU A 35 22.55 2.96 -3.62
N LEU A 36 22.34 4.01 -4.41
CA LEU A 36 21.25 4.94 -4.14
C LEU A 36 19.90 4.20 -4.18
N LEU A 37 19.87 3.10 -4.92
CA LEU A 37 18.66 2.30 -5.05
C LEU A 37 18.47 1.36 -3.86
N LYS A 38 19.56 0.74 -3.39
CA LYS A 38 19.48 -0.19 -2.28
C LYS A 38 19.04 0.51 -1.00
N GLU A 39 19.72 1.59 -0.65
CA GLU A 39 19.34 2.33 0.55
C GLU A 39 18.05 3.10 0.27
N GLY A 40 17.98 3.70 -0.91
CA GLY A 40 16.81 4.46 -1.31
C GLY A 40 15.49 3.72 -1.29
N THR A 41 15.52 2.39 -1.38
CA THR A 41 14.29 1.61 -1.38
C THR A 41 14.23 0.62 -0.22
N LYS A 42 15.11 0.80 0.76
CA LYS A 42 15.17 -0.06 1.93
C LYS A 42 13.83 -0.17 2.65
N GLU A 43 13.27 1.00 3.01
CA GLU A 43 11.98 1.02 3.71
C GLU A 43 10.93 0.30 2.89
N ALA A 44 10.98 0.46 1.56
CA ALA A 44 10.00 -0.23 0.74
C ALA A 44 10.21 -1.76 0.66
N HIS A 45 11.46 -2.22 0.60
CA HIS A 45 11.70 -3.67 0.54
C HIS A 45 11.27 -4.30 1.86
N ASP A 46 11.62 -3.65 2.97
CA ASP A 46 11.23 -4.18 4.26
C ASP A 46 9.72 -4.20 4.37
N ARG A 47 9.07 -3.18 3.80
CA ARG A 47 7.62 -3.09 3.84
C ARG A 47 6.98 -4.24 3.05
N ALA A 48 7.57 -4.55 1.89
CA ALA A 48 7.09 -5.62 1.01
C ALA A 48 7.46 -6.99 1.55
N GLU A 49 8.64 -7.07 2.18
CA GLU A 49 9.12 -8.31 2.74
C GLU A 49 8.25 -8.74 3.92
N ASN A 50 7.25 -7.92 4.27
CA ASN A 50 6.39 -8.26 5.40
C ASN A 50 4.89 -8.11 5.19
N THR A 51 4.44 -7.98 3.95
CA THR A 51 3.01 -7.84 3.72
C THR A 51 2.31 -9.19 3.89
N GLN A 52 1.04 -9.16 4.29
CA GLN A 52 0.27 -10.38 4.52
C GLN A 52 0.26 -11.43 3.41
N PHE A 53 -0.02 -11.00 2.17
CA PHE A 53 -0.04 -11.95 1.07
C PHE A 53 1.29 -12.66 0.95
N VAL A 54 2.38 -11.92 1.12
CA VAL A 54 3.72 -12.48 1.01
C VAL A 54 4.01 -13.48 2.13
N LYS A 55 3.98 -13.02 3.38
CA LYS A 55 4.26 -13.90 4.51
C LYS A 55 3.37 -15.16 4.39
N ASP A 56 2.09 -14.97 4.07
CA ASP A 56 1.17 -16.09 3.96
C ASP A 56 1.53 -16.96 2.78
N PHE A 57 2.27 -16.38 1.83
CA PHE A 57 2.69 -17.17 0.68
C PHE A 57 3.84 -18.07 1.13
N LEU A 58 4.92 -17.45 1.57
CA LEU A 58 6.09 -18.16 2.02
C LEU A 58 5.74 -19.30 3.00
N LYS A 59 4.70 -19.12 3.80
CA LYS A 59 4.31 -20.17 4.74
C LYS A 59 3.53 -21.29 4.05
N GLY A 60 2.95 -20.98 2.90
CA GLY A 60 2.21 -21.97 2.14
C GLY A 60 0.70 -21.86 2.32
N ASN A 61 0.21 -20.65 2.59
CA ASN A 61 -1.23 -20.47 2.78
C ASN A 61 -1.99 -20.22 1.47
N ILE A 62 -1.30 -19.70 0.46
CA ILE A 62 -1.97 -19.42 -0.80
C ILE A 62 -2.19 -20.67 -1.63
N LYS A 63 -3.46 -20.88 -2.00
CA LYS A 63 -3.88 -22.04 -2.77
C LYS A 63 -3.85 -21.87 -4.28
N LYS A 64 -4.26 -22.93 -4.98
CA LYS A 64 -4.24 -22.97 -6.45
C LYS A 64 -4.83 -21.78 -7.20
N GLU A 65 -6.08 -21.42 -6.90
CA GLU A 65 -6.67 -20.29 -7.62
C GLU A 65 -5.99 -18.95 -7.37
N LEU A 66 -5.54 -18.70 -6.15
CA LEU A 66 -4.87 -17.45 -5.87
C LEU A 66 -3.49 -17.45 -6.49
N PHE A 67 -2.97 -18.63 -6.81
CA PHE A 67 -1.66 -18.72 -7.45
C PHE A 67 -1.84 -18.47 -8.94
N LYS A 68 -2.88 -19.09 -9.52
CA LYS A 68 -3.17 -18.92 -10.93
C LYS A 68 -3.51 -17.46 -11.20
N LEU A 69 -3.96 -16.76 -10.17
CA LEU A 69 -4.30 -15.33 -10.28
C LEU A 69 -3.00 -14.52 -10.20
N ALA A 70 -2.14 -14.90 -9.26
CA ALA A 70 -0.85 -14.23 -9.07
C ALA A 70 0.03 -14.40 -10.32
N THR A 71 0.00 -15.57 -10.93
CA THR A 71 0.79 -15.83 -12.12
C THR A 71 0.26 -14.99 -13.31
N THR A 72 -0.95 -14.45 -13.15
CA THR A 72 -1.55 -13.61 -14.18
C THR A 72 -0.97 -12.20 -14.11
N ALA A 73 -1.04 -11.61 -12.93
CA ALA A 73 -0.52 -10.27 -12.72
C ALA A 73 0.92 -10.20 -13.22
N LEU A 74 1.73 -11.18 -12.83
CA LEU A 74 3.13 -11.25 -13.24
C LEU A 74 3.22 -11.08 -14.77
N TYR A 75 2.50 -11.93 -15.50
CA TYR A 75 2.47 -11.90 -16.96
C TYR A 75 2.32 -10.48 -17.51
N PHE A 76 1.12 -9.91 -17.32
CA PHE A 76 0.83 -8.55 -17.79
C PHE A 76 1.92 -7.54 -17.41
N THR A 77 2.33 -7.54 -16.15
CA THR A 77 3.36 -6.62 -15.73
C THR A 77 4.67 -6.87 -16.49
N TYR A 78 5.07 -8.14 -16.62
CA TYR A 78 6.30 -8.45 -17.34
C TYR A 78 6.12 -8.27 -18.84
N SER A 79 4.86 -8.29 -19.29
CA SER A 79 4.58 -8.11 -20.71
C SER A 79 4.81 -6.64 -21.05
N ALA A 80 4.32 -5.75 -20.20
CA ALA A 80 4.49 -4.32 -20.44
C ALA A 80 5.95 -3.93 -20.30
N LEU A 81 6.61 -4.55 -19.32
CA LEU A 81 8.01 -4.25 -19.04
C LEU A 81 8.97 -4.76 -20.10
N GLU A 82 8.93 -6.05 -20.38
CA GLU A 82 9.84 -6.64 -21.36
C GLU A 82 9.69 -6.07 -22.78
N GLU A 83 8.53 -5.47 -23.04
CA GLU A 83 8.23 -4.86 -24.32
C GLU A 83 8.90 -3.49 -24.43
N GLU A 84 8.84 -2.74 -23.33
CA GLU A 84 9.42 -1.41 -23.27
C GLU A 84 10.94 -1.42 -23.15
N MET A 85 11.52 -2.53 -22.71
CA MET A 85 12.97 -2.60 -22.58
C MET A 85 13.59 -2.75 -23.97
N GLU A 86 12.87 -3.42 -24.87
CA GLU A 86 13.34 -3.61 -26.24
C GLU A 86 13.17 -2.29 -26.99
N ARG A 87 11.98 -1.70 -26.87
CA ARG A 87 11.71 -0.43 -27.52
C ARG A 87 12.85 0.54 -27.25
N ASN A 88 13.42 0.47 -26.05
CA ASN A 88 14.51 1.34 -25.66
C ASN A 88 15.86 0.62 -25.63
N LYS A 89 15.95 -0.51 -26.32
CA LYS A 89 17.18 -1.31 -26.35
C LYS A 89 18.43 -0.49 -26.67
N ASP A 90 18.26 0.58 -27.42
CA ASP A 90 19.39 1.42 -27.78
C ASP A 90 19.43 2.76 -27.03
N HIS A 91 18.40 3.01 -26.21
CA HIS A 91 18.35 4.26 -25.45
C HIS A 91 19.59 4.41 -24.56
N PRO A 92 20.17 5.62 -24.53
CA PRO A 92 21.36 5.88 -23.72
C PRO A 92 21.31 5.44 -22.26
N ALA A 93 20.35 5.98 -21.52
CA ALA A 93 20.21 5.67 -20.11
C ALA A 93 19.53 4.33 -19.88
N PHE A 94 19.90 3.34 -20.69
CA PHE A 94 19.31 2.01 -20.57
C PHE A 94 20.00 0.93 -21.41
N ALA A 95 20.55 1.32 -22.55
CA ALA A 95 21.20 0.39 -23.49
C ALA A 95 21.73 -0.95 -22.94
N PRO A 96 22.69 -0.91 -22.00
CA PRO A 96 23.21 -2.18 -21.48
C PRO A 96 22.18 -2.96 -20.67
N LEU A 97 21.43 -2.27 -19.82
CA LEU A 97 20.43 -2.94 -18.97
C LEU A 97 19.62 -3.91 -19.79
N TYR A 98 19.53 -3.65 -21.09
CA TYR A 98 18.80 -4.51 -22.01
C TYR A 98 19.45 -5.87 -21.86
N PHE A 99 18.64 -6.90 -21.64
CA PHE A 99 19.16 -8.26 -21.45
C PHE A 99 18.12 -9.30 -21.82
N PRO A 100 17.57 -9.25 -23.03
CA PRO A 100 16.54 -10.19 -23.48
C PRO A 100 16.77 -11.68 -23.16
N MET A 101 17.26 -12.41 -24.16
CA MET A 101 17.52 -13.86 -24.09
C MET A 101 17.82 -14.44 -22.71
N GLU A 102 18.36 -13.62 -21.82
CA GLU A 102 18.72 -14.08 -20.49
C GLU A 102 17.72 -13.75 -19.36
N LEU A 103 17.09 -12.57 -19.42
CA LEU A 103 16.16 -12.19 -18.35
C LEU A 103 14.67 -12.11 -18.67
N HIS A 104 14.27 -12.25 -19.93
CA HIS A 104 12.84 -12.14 -20.19
C HIS A 104 11.95 -13.24 -19.63
N ARG A 105 10.82 -12.81 -19.07
CA ARG A 105 9.86 -13.70 -18.43
C ARG A 105 8.59 -13.96 -19.25
N LYS A 106 8.23 -13.04 -20.15
CA LYS A 106 7.00 -13.18 -20.93
C LYS A 106 6.71 -14.58 -21.48
N GLU A 107 7.75 -15.36 -21.76
CA GLU A 107 7.56 -16.72 -22.28
C GLU A 107 7.35 -17.73 -21.16
N ALA A 108 8.24 -17.70 -20.16
CA ALA A 108 8.13 -18.61 -19.01
C ALA A 108 6.74 -18.50 -18.41
N LEU A 109 6.30 -17.26 -18.19
CA LEU A 109 4.99 -17.02 -17.64
C LEU A 109 3.97 -17.68 -18.58
N THR A 110 4.24 -17.62 -19.88
CA THR A 110 3.34 -18.22 -20.84
C THR A 110 3.29 -19.73 -20.65
N LYS A 111 4.46 -20.37 -20.54
CA LYS A 111 4.46 -21.81 -20.33
C LYS A 111 3.77 -22.13 -19.00
N ASP A 112 3.96 -21.26 -18.01
CA ASP A 112 3.35 -21.46 -16.69
C ASP A 112 1.83 -21.28 -16.80
N MET A 113 1.40 -20.39 -17.69
CA MET A 113 -0.03 -20.17 -17.90
C MET A 113 -0.65 -21.35 -18.65
N GLU A 114 0.21 -22.20 -19.23
CA GLU A 114 -0.24 -23.39 -19.95
C GLU A 114 -0.58 -24.49 -18.97
N TYR A 115 0.31 -24.68 -18.00
CA TYR A 115 0.12 -25.72 -17.00
C TYR A 115 -1.19 -25.60 -16.20
N PHE A 116 -1.40 -24.44 -15.57
CA PHE A 116 -2.60 -24.22 -14.76
C PHE A 116 -3.90 -24.03 -15.53
N PHE A 117 -3.87 -23.17 -16.55
CA PHE A 117 -5.08 -22.90 -17.32
C PHE A 117 -5.19 -23.70 -18.62
N GLY A 118 -4.06 -23.99 -19.26
CA GLY A 118 -4.10 -24.71 -20.52
C GLY A 118 -3.94 -23.76 -21.71
N GLU A 119 -3.74 -24.31 -22.91
CA GLU A 119 -3.56 -23.51 -24.11
C GLU A 119 -4.68 -22.48 -24.30
N ASN A 120 -5.79 -22.72 -23.60
CA ASN A 120 -6.95 -21.84 -23.65
C ASN A 120 -6.77 -20.64 -22.73
N TRP A 121 -5.84 -20.75 -21.80
CA TRP A 121 -5.57 -19.69 -20.82
C TRP A 121 -5.85 -18.28 -21.33
N GLU A 122 -5.41 -17.99 -22.53
CA GLU A 122 -5.57 -16.66 -23.12
C GLU A 122 -7.01 -16.13 -23.04
N GLU A 123 -7.96 -16.87 -23.59
CA GLU A 123 -9.35 -16.41 -23.57
C GLU A 123 -9.99 -16.51 -22.20
N GLN A 124 -9.21 -16.28 -21.15
CA GLN A 124 -9.73 -16.36 -19.79
C GLN A 124 -9.15 -15.32 -18.85
N VAL A 125 -8.08 -14.67 -19.28
CA VAL A 125 -7.41 -13.71 -18.42
C VAL A 125 -7.45 -12.25 -18.85
N GLN A 126 -7.26 -11.36 -17.88
CA GLN A 126 -7.23 -9.92 -18.11
C GLN A 126 -6.42 -9.25 -16.99
N ALA A 127 -5.83 -8.09 -17.26
CA ALA A 127 -5.02 -7.42 -16.25
C ALA A 127 -5.87 -6.81 -15.15
N PRO A 128 -5.81 -7.38 -13.93
CA PRO A 128 -6.61 -6.84 -12.82
C PRO A 128 -6.27 -5.36 -12.63
N LYS A 129 -7.21 -4.60 -12.06
CA LYS A 129 -7.04 -3.18 -11.83
C LYS A 129 -5.63 -2.80 -11.34
N ALA A 130 -5.22 -3.38 -10.21
CA ALA A 130 -3.90 -3.11 -9.61
C ALA A 130 -2.75 -3.38 -10.56
N ALA A 131 -2.86 -4.46 -11.33
CA ALA A 131 -1.82 -4.80 -12.28
C ALA A 131 -1.83 -3.81 -13.46
N GLN A 132 -3.00 -3.25 -13.75
CA GLN A 132 -3.12 -2.30 -14.85
C GLN A 132 -2.33 -1.03 -14.56
N LYS A 133 -2.52 -0.44 -13.38
CA LYS A 133 -1.81 0.77 -13.05
C LYS A 133 -0.31 0.54 -13.16
N TYR A 134 0.10 -0.67 -12.81
CA TYR A 134 1.50 -1.06 -12.87
C TYR A 134 1.91 -1.02 -14.35
N VAL A 135 1.16 -1.73 -15.19
CA VAL A 135 1.44 -1.78 -16.61
C VAL A 135 1.36 -0.40 -17.30
N GLU A 136 0.23 0.27 -17.14
CA GLU A 136 0.03 1.59 -17.74
C GLU A 136 1.20 2.50 -17.38
N ARG A 137 1.68 2.37 -16.15
CA ARG A 137 2.81 3.17 -15.70
C ARG A 137 4.08 2.68 -16.40
N ILE A 138 4.14 1.39 -16.71
CA ILE A 138 5.30 0.83 -17.37
C ILE A 138 5.37 1.33 -18.82
N HIS A 139 4.21 1.69 -19.37
CA HIS A 139 4.14 2.20 -20.73
C HIS A 139 4.51 3.68 -20.77
N TYR A 140 4.01 4.44 -19.80
CA TYR A 140 4.30 5.86 -19.74
C TYR A 140 5.80 6.07 -19.71
N ILE A 141 6.47 5.39 -18.78
CA ILE A 141 7.91 5.50 -18.62
C ILE A 141 8.65 4.99 -19.86
N GLY A 142 8.24 3.82 -20.35
CA GLY A 142 8.87 3.24 -21.53
C GLY A 142 8.66 4.07 -22.79
N GLN A 143 8.07 5.25 -22.64
CA GLN A 143 7.83 6.12 -23.78
C GLN A 143 8.05 7.60 -23.51
N ASN A 144 7.94 8.04 -22.26
CA ASN A 144 8.10 9.45 -21.98
C ASN A 144 9.25 9.84 -21.06
N GLU A 145 9.63 8.93 -20.16
CA GLU A 145 10.74 9.15 -19.24
C GLU A 145 11.66 7.93 -19.28
N PRO A 146 12.13 7.56 -20.48
CA PRO A 146 13.01 6.41 -20.67
C PRO A 146 14.19 6.30 -19.71
N GLU A 147 14.61 7.41 -19.12
CA GLU A 147 15.73 7.37 -18.20
C GLU A 147 15.34 6.81 -16.83
N LEU A 148 14.07 6.41 -16.69
CA LEU A 148 13.56 5.84 -15.43
C LEU A 148 13.10 4.39 -15.62
N LEU A 149 13.25 3.85 -16.83
CA LEU A 149 12.84 2.48 -17.10
C LEU A 149 13.62 1.47 -16.26
N VAL A 150 14.90 1.76 -16.06
CA VAL A 150 15.77 0.90 -15.27
C VAL A 150 15.20 0.70 -13.85
N ALA A 151 14.42 1.66 -13.38
CA ALA A 151 13.83 1.58 -12.06
C ALA A 151 12.82 0.44 -12.02
N HIS A 152 12.27 0.08 -13.18
CA HIS A 152 11.29 -0.99 -13.24
C HIS A 152 11.92 -2.35 -13.53
N ALA A 153 13.06 -2.32 -14.22
CA ALA A 153 13.80 -3.52 -14.54
C ALA A 153 14.46 -3.98 -13.23
N TYR A 154 15.07 -3.01 -12.55
CA TYR A 154 15.73 -3.22 -11.26
C TYR A 154 14.81 -3.92 -10.28
N THR A 155 13.85 -3.16 -9.77
CA THR A 155 12.88 -3.65 -8.79
C THR A 155 12.34 -5.06 -9.09
N ARG A 156 11.99 -5.31 -10.34
CA ARG A 156 11.44 -6.60 -10.72
C ARG A 156 12.44 -7.74 -10.91
N TYR A 157 13.40 -7.56 -11.84
CA TYR A 157 14.35 -8.63 -12.11
C TYR A 157 15.32 -8.95 -10.99
N MET A 158 15.91 -7.92 -10.39
CA MET A 158 16.86 -8.12 -9.29
C MET A 158 16.23 -8.90 -8.14
N GLY A 159 14.97 -8.60 -7.81
CA GLY A 159 14.31 -9.35 -6.77
C GLY A 159 14.15 -10.80 -7.22
N ASP A 160 13.83 -10.99 -8.50
CA ASP A 160 13.63 -12.32 -9.06
C ASP A 160 14.87 -13.21 -8.97
N LEU A 161 16.04 -12.63 -9.26
CA LEU A 161 17.30 -13.35 -9.21
C LEU A 161 17.70 -13.54 -7.74
N SER A 162 16.71 -13.61 -6.85
CA SER A 162 17.00 -13.72 -5.43
C SER A 162 16.12 -14.69 -4.64
N GLY A 163 14.84 -14.75 -4.99
CA GLY A 163 13.92 -15.63 -4.28
C GLY A 163 13.42 -16.82 -5.07
N GLY A 164 13.61 -16.76 -6.38
CA GLY A 164 13.17 -17.83 -7.27
C GLY A 164 13.28 -19.25 -6.72
N GLN A 165 14.51 -19.70 -6.45
CA GLN A 165 14.76 -21.05 -5.94
C GLN A 165 13.86 -21.34 -4.75
N VAL A 166 13.84 -20.42 -3.79
CA VAL A 166 13.01 -20.55 -2.60
C VAL A 166 11.53 -20.50 -2.97
N LEU A 167 11.10 -19.46 -3.66
CA LEU A 167 9.68 -19.34 -4.04
C LEU A 167 9.20 -20.55 -4.84
N LYS A 168 10.10 -21.09 -5.66
CA LYS A 168 9.78 -22.25 -6.48
C LYS A 168 9.49 -23.44 -5.56
N LYS A 169 10.40 -23.68 -4.60
CA LYS A 169 10.27 -24.77 -3.65
C LYS A 169 9.02 -24.65 -2.78
N VAL A 170 8.61 -23.42 -2.50
CA VAL A 170 7.41 -23.23 -1.69
C VAL A 170 6.19 -23.59 -2.52
N ALA A 171 6.06 -22.92 -3.66
CA ALA A 171 4.93 -23.18 -4.56
C ALA A 171 4.72 -24.69 -4.81
N GLN A 172 5.82 -25.42 -4.98
CA GLN A 172 5.76 -26.86 -5.25
C GLN A 172 5.04 -27.72 -4.21
N ARG A 173 5.53 -27.67 -2.96
CA ARG A 173 4.96 -28.45 -1.87
C ARG A 173 3.47 -28.14 -1.65
N ALA A 174 3.15 -26.86 -1.47
CA ALA A 174 1.77 -26.44 -1.22
C ALA A 174 0.80 -26.77 -2.36
N LEU A 175 1.26 -26.59 -3.59
CA LEU A 175 0.42 -26.82 -4.76
C LEU A 175 0.64 -28.20 -5.36
N LYS A 176 1.51 -28.96 -4.73
CA LYS A 176 1.87 -30.29 -5.20
C LYS A 176 2.36 -30.14 -6.63
N LEU A 177 3.51 -29.51 -6.82
CA LEU A 177 4.05 -29.32 -8.17
C LEU A 177 5.32 -30.13 -8.41
N PRO A 178 5.49 -30.64 -9.64
CA PRO A 178 6.65 -31.44 -10.03
C PRO A 178 7.95 -30.66 -9.85
N SER A 179 9.02 -31.36 -9.45
CA SER A 179 10.33 -30.73 -9.27
C SER A 179 10.90 -30.43 -10.65
N THR A 180 10.39 -31.15 -11.64
CA THR A 180 10.81 -30.97 -13.02
C THR A 180 10.54 -29.54 -13.49
N GLY A 181 9.93 -28.75 -12.60
CA GLY A 181 9.65 -27.35 -12.89
C GLY A 181 8.38 -26.93 -13.60
N GLU A 182 7.41 -27.83 -13.73
CA GLU A 182 6.15 -27.50 -14.39
C GLU A 182 5.32 -26.54 -13.54
N GLY A 183 4.89 -25.43 -14.15
CA GLY A 183 4.08 -24.46 -13.44
C GLY A 183 4.86 -23.37 -12.72
N THR A 184 6.17 -23.56 -12.57
CA THR A 184 6.96 -22.56 -11.88
C THR A 184 8.25 -22.19 -12.59
N GLN A 185 8.21 -22.16 -13.92
CA GLN A 185 9.40 -21.82 -14.69
C GLN A 185 9.75 -20.34 -14.56
N PHE A 186 8.77 -19.52 -14.19
CA PHE A 186 9.01 -18.09 -14.01
C PHE A 186 10.15 -17.86 -13.02
N TYR A 187 10.32 -18.79 -12.11
CA TYR A 187 11.33 -18.72 -11.06
C TYR A 187 12.69 -19.24 -11.48
N LEU A 188 12.75 -19.83 -12.68
CA LEU A 188 13.98 -20.39 -13.23
C LEU A 188 14.44 -19.59 -14.44
N PHE A 189 15.70 -19.18 -14.42
CA PHE A 189 16.33 -18.42 -15.50
C PHE A 189 17.29 -19.35 -16.26
N GLU A 190 16.75 -20.09 -17.23
CA GLU A 190 17.52 -21.05 -18.04
C GLU A 190 19.01 -20.73 -18.24
N ASN A 191 19.33 -19.46 -18.38
CA ASN A 191 20.71 -19.08 -18.62
C ASN A 191 21.40 -18.17 -17.62
N VAL A 192 21.92 -18.78 -16.55
CA VAL A 192 22.67 -18.10 -15.50
C VAL A 192 23.26 -19.18 -14.60
N ASP A 193 24.59 -19.22 -14.48
CA ASP A 193 25.25 -20.22 -13.64
C ASP A 193 25.08 -19.83 -12.18
N ASN A 194 25.15 -18.53 -11.90
CA ASN A 194 25.01 -18.03 -10.53
C ASN A 194 24.37 -16.64 -10.45
N ALA A 195 23.14 -16.59 -9.95
CA ALA A 195 22.40 -15.33 -9.81
C ALA A 195 23.22 -14.19 -9.22
N GLN A 196 23.83 -14.42 -8.06
CA GLN A 196 24.63 -13.39 -7.41
C GLN A 196 25.65 -12.70 -8.35
N GLN A 197 26.59 -13.48 -8.88
CA GLN A 197 27.62 -12.95 -9.79
C GLN A 197 27.02 -12.10 -10.91
N PHE A 198 25.90 -12.53 -11.48
CA PHE A 198 25.26 -11.77 -12.54
C PHE A 198 24.79 -10.42 -12.00
N LYS A 199 23.93 -10.44 -11.00
CA LYS A 199 23.41 -9.21 -10.42
C LYS A 199 24.51 -8.18 -10.12
N GLN A 200 25.73 -8.64 -9.89
CA GLN A 200 26.82 -7.72 -9.61
C GLN A 200 27.14 -7.03 -10.94
N LEU A 201 27.28 -7.83 -11.99
CA LEU A 201 27.54 -7.32 -13.31
C LEU A 201 26.50 -6.20 -13.53
N TYR A 202 25.23 -6.55 -13.32
CA TYR A 202 24.10 -5.64 -13.43
C TYR A 202 24.34 -4.29 -12.71
N ARG A 203 24.83 -4.37 -11.47
CA ARG A 203 25.09 -3.15 -10.71
C ARG A 203 26.23 -2.39 -11.39
N ALA A 204 27.20 -3.14 -11.91
CA ALA A 204 28.34 -2.53 -12.57
C ALA A 204 27.84 -1.76 -13.80
N ARG A 205 26.88 -2.35 -14.52
CA ARG A 205 26.32 -1.72 -15.70
C ARG A 205 25.48 -0.48 -15.40
N MET A 206 24.63 -0.56 -14.38
CA MET A 206 23.81 0.59 -14.04
C MET A 206 24.72 1.74 -13.67
N ASN A 207 25.80 1.45 -12.95
CA ASN A 207 26.72 2.51 -12.57
C ASN A 207 27.48 3.08 -13.77
N ALA A 208 27.77 2.24 -14.74
CA ALA A 208 28.50 2.67 -15.93
C ALA A 208 27.69 3.66 -16.78
N LEU A 209 26.36 3.64 -16.62
CA LEU A 209 25.50 4.53 -17.38
C LEU A 209 25.95 5.99 -17.20
N ASP A 210 25.94 6.76 -18.28
CA ASP A 210 26.30 8.18 -18.25
C ASP A 210 25.00 8.92 -17.93
N LEU A 211 24.70 9.02 -16.62
CA LEU A 211 23.48 9.66 -16.17
C LEU A 211 23.78 10.81 -15.21
N ASN A 212 23.02 11.90 -15.34
CA ASN A 212 23.22 13.03 -14.44
C ASN A 212 22.60 12.69 -13.10
N MET A 213 23.16 13.24 -12.03
CA MET A 213 22.67 12.96 -10.69
C MET A 213 21.17 13.17 -10.51
N LYS A 214 20.62 14.20 -11.16
CA LYS A 214 19.19 14.48 -11.06
C LYS A 214 18.36 13.26 -11.50
N THR A 215 18.76 12.65 -12.61
CA THR A 215 18.07 11.46 -13.12
C THR A 215 18.20 10.30 -12.14
N LYS A 216 19.43 10.02 -11.71
CA LYS A 216 19.65 8.94 -10.76
C LYS A 216 18.70 9.02 -9.56
N GLU A 217 18.82 10.07 -8.74
CA GLU A 217 17.95 10.20 -7.59
C GLU A 217 16.49 10.03 -8.01
N ARG A 218 16.15 10.50 -9.21
CA ARG A 218 14.78 10.33 -9.69
C ARG A 218 14.49 8.85 -9.97
N ILE A 219 15.51 8.13 -10.42
CA ILE A 219 15.37 6.71 -10.68
C ILE A 219 15.03 6.00 -9.36
N VAL A 220 15.78 6.32 -8.30
CA VAL A 220 15.52 5.71 -7.01
C VAL A 220 14.04 5.82 -6.65
N GLU A 221 13.52 7.05 -6.69
CA GLU A 221 12.11 7.28 -6.40
C GLU A 221 11.21 6.38 -7.23
N GLU A 222 11.42 6.40 -8.55
CA GLU A 222 10.59 5.58 -9.43
C GLU A 222 10.58 4.10 -8.98
N ALA A 223 11.71 3.63 -8.45
CA ALA A 223 11.79 2.24 -7.95
C ALA A 223 10.79 2.06 -6.82
N ASN A 224 10.71 3.07 -5.95
CA ASN A 224 9.77 3.06 -4.83
C ASN A 224 8.33 2.98 -5.37
N LYS A 225 8.02 3.80 -6.36
CA LYS A 225 6.68 3.74 -6.95
C LYS A 225 6.49 2.31 -7.50
N ALA A 226 7.56 1.75 -8.07
CA ALA A 226 7.54 0.39 -8.61
C ALA A 226 7.23 -0.62 -7.49
N PHE A 227 7.79 -0.43 -6.30
CA PHE A 227 7.53 -1.33 -5.19
C PHE A 227 6.06 -1.20 -4.76
N GLU A 228 5.59 0.04 -4.59
CA GLU A 228 4.21 0.25 -4.16
C GLU A 228 3.20 -0.33 -5.16
N TYR A 229 3.54 -0.31 -6.44
CA TYR A 229 2.65 -0.87 -7.44
C TYR A 229 2.51 -2.35 -7.10
N ASN A 230 3.62 -2.95 -6.65
CA ASN A 230 3.63 -4.36 -6.25
C ASN A 230 2.83 -4.54 -4.97
N MET A 231 3.01 -3.61 -4.03
CA MET A 231 2.25 -3.69 -2.78
C MET A 231 0.77 -3.70 -3.14
N GLN A 232 0.37 -2.86 -4.08
CA GLN A 232 -1.04 -2.82 -4.42
C GLN A 232 -1.56 -4.12 -5.01
N ILE A 233 -0.70 -4.84 -5.73
CA ILE A 233 -1.12 -6.10 -6.32
C ILE A 233 -1.20 -7.15 -5.21
N PHE A 234 -0.22 -7.12 -4.31
CA PHE A 234 -0.17 -8.05 -3.19
C PHE A 234 -1.45 -7.92 -2.38
N ASN A 235 -1.78 -6.68 -2.04
CA ASN A 235 -2.99 -6.42 -1.28
C ASN A 235 -4.25 -6.90 -2.04
N GLU A 236 -4.23 -6.83 -3.36
CA GLU A 236 -5.38 -7.29 -4.15
C GLU A 236 -5.48 -8.81 -4.14
N LEU A 237 -4.33 -9.45 -3.89
CA LEU A 237 -4.26 -10.89 -3.83
C LEU A 237 -4.58 -11.37 -2.39
N ASP A 238 -4.21 -10.55 -1.41
CA ASP A 238 -4.46 -10.87 0.00
C ASP A 238 -5.97 -10.92 0.26
N GLN A 239 -6.65 -9.81 -0.02
CA GLN A 239 -8.09 -9.75 0.16
C GLN A 239 -8.80 -10.79 -0.72
N ALA A 240 -8.27 -11.00 -1.92
CA ALA A 240 -8.85 -11.98 -2.83
C ALA A 240 -8.88 -13.34 -2.15
N GLY A 241 -7.77 -13.70 -1.51
CA GLY A 241 -7.70 -14.97 -0.82
C GLY A 241 -8.71 -15.09 0.31
N SER A 242 -8.26 -14.79 1.52
CA SER A 242 -9.12 -14.84 2.70
C SER A 242 -9.73 -16.24 2.89
N MET B 30 -10.69 25.12 -11.68
CA MET B 30 -11.82 26.05 -11.34
C MET B 30 -12.35 25.86 -9.92
N ALA B 31 -12.41 24.60 -9.48
CA ALA B 31 -12.92 24.28 -8.15
C ALA B 31 -11.81 24.11 -7.10
N ASP B 32 -12.15 24.40 -5.84
CA ASP B 32 -11.20 24.26 -4.75
C ASP B 32 -11.00 22.78 -4.45
N LEU B 33 -9.81 22.43 -3.98
CA LEU B 33 -9.48 21.05 -3.66
C LEU B 33 -10.50 20.49 -2.66
N SER B 34 -10.80 21.24 -1.62
CA SER B 34 -11.76 20.81 -0.62
C SER B 34 -13.10 20.49 -1.27
N GLU B 35 -13.38 21.18 -2.38
CA GLU B 35 -14.62 20.98 -3.12
C GLU B 35 -14.57 19.73 -3.98
N LEU B 36 -13.44 19.52 -4.66
CA LEU B 36 -13.29 18.33 -5.50
C LEU B 36 -13.30 17.08 -4.60
N LEU B 37 -12.73 17.20 -3.40
CA LEU B 37 -12.68 16.07 -2.48
C LEU B 37 -14.08 15.56 -2.11
N LYS B 38 -14.95 16.45 -1.64
CA LYS B 38 -16.32 16.06 -1.27
C LYS B 38 -17.06 15.40 -2.43
N GLU B 39 -17.15 16.11 -3.55
CA GLU B 39 -17.83 15.61 -4.74
C GLU B 39 -17.21 14.25 -5.10
N GLY B 40 -15.92 14.11 -4.82
CA GLY B 40 -15.24 12.88 -5.15
C GLY B 40 -15.32 11.80 -4.09
N THR B 41 -15.76 12.17 -2.88
CA THR B 41 -15.86 11.19 -1.80
C THR B 41 -17.30 11.00 -1.31
N LYS B 42 -18.23 11.71 -1.95
CA LYS B 42 -19.64 11.64 -1.58
C LYS B 42 -20.11 10.19 -1.56
N GLU B 43 -19.94 9.51 -2.69
CA GLU B 43 -20.37 8.13 -2.84
C GLU B 43 -19.73 7.23 -1.79
N ALA B 44 -18.42 7.34 -1.64
CA ALA B 44 -17.71 6.51 -0.67
C ALA B 44 -18.15 6.80 0.76
N HIS B 45 -18.26 8.08 1.12
CA HIS B 45 -18.65 8.45 2.47
C HIS B 45 -19.98 7.80 2.87
N ASP B 46 -20.97 7.90 1.99
CA ASP B 46 -22.29 7.35 2.25
C ASP B 46 -22.26 5.90 2.77
N ARG B 47 -21.63 5.01 2.02
CA ARG B 47 -21.53 3.60 2.40
C ARG B 47 -21.08 3.45 3.84
N ALA B 48 -20.02 4.17 4.20
CA ALA B 48 -19.48 4.12 5.54
C ALA B 48 -20.58 4.18 6.58
N GLU B 49 -21.49 5.15 6.44
CA GLU B 49 -22.60 5.31 7.36
C GLU B 49 -23.50 4.06 7.33
N ASN B 50 -23.63 3.49 6.13
CA ASN B 50 -24.45 2.30 5.90
C ASN B 50 -23.70 0.98 6.05
N THR B 51 -22.52 1.00 6.66
CA THR B 51 -21.75 -0.23 6.84
C THR B 51 -22.08 -0.90 8.17
N GLN B 52 -22.40 -2.20 8.11
CA GLN B 52 -22.77 -3.01 9.27
C GLN B 52 -22.09 -2.59 10.58
N PHE B 53 -20.76 -2.55 10.58
CA PHE B 53 -20.05 -2.16 11.78
C PHE B 53 -20.53 -0.81 12.26
N VAL B 54 -20.67 0.13 11.32
CA VAL B 54 -21.14 1.47 11.61
C VAL B 54 -22.59 1.49 12.06
N LYS B 55 -23.44 0.73 11.37
CA LYS B 55 -24.86 0.66 11.72
C LYS B 55 -24.99 0.17 13.17
N ASP B 56 -24.19 -0.83 13.52
CA ASP B 56 -24.18 -1.40 14.85
C ASP B 56 -23.67 -0.37 15.86
N PHE B 57 -22.50 0.19 15.59
CA PHE B 57 -21.89 1.17 16.48
C PHE B 57 -22.66 2.49 16.51
N LEU B 58 -22.81 3.12 15.34
CA LEU B 58 -23.52 4.40 15.22
C LEU B 58 -24.74 4.48 16.11
N LYS B 59 -25.34 3.33 16.39
CA LYS B 59 -26.53 3.26 17.21
C LYS B 59 -26.22 2.85 18.65
N GLY B 60 -25.81 1.59 18.85
CA GLY B 60 -25.52 1.15 20.20
C GLY B 60 -25.16 -0.32 20.38
N ASN B 61 -25.39 -1.14 19.36
CA ASN B 61 -25.08 -2.56 19.49
C ASN B 61 -23.73 -2.94 18.86
N ILE B 62 -22.72 -3.11 19.71
CA ILE B 62 -21.38 -3.50 19.27
C ILE B 62 -20.73 -4.29 20.40
N LYS B 63 -19.89 -5.27 20.05
CA LYS B 63 -19.23 -6.08 21.06
C LYS B 63 -18.06 -5.40 21.76
N LYS B 64 -17.73 -5.91 22.94
CA LYS B 64 -16.65 -5.38 23.76
C LYS B 64 -15.29 -5.54 23.11
N GLU B 65 -14.70 -6.72 23.25
CA GLU B 65 -13.37 -6.98 22.71
C GLU B 65 -13.22 -6.60 21.23
N LEU B 66 -14.31 -6.16 20.63
CA LEU B 66 -14.30 -5.73 19.23
C LEU B 66 -13.89 -4.26 19.23
N PHE B 67 -14.55 -3.50 20.11
CA PHE B 67 -14.28 -2.08 20.29
C PHE B 67 -12.78 -1.92 20.53
N LYS B 68 -12.19 -2.91 21.20
CA LYS B 68 -10.77 -2.90 21.51
C LYS B 68 -9.97 -3.17 20.23
N LEU B 69 -10.54 -3.97 19.33
CA LEU B 69 -9.90 -4.26 18.07
C LEU B 69 -9.85 -2.97 17.28
N ALA B 70 -11.02 -2.35 17.16
CA ALA B 70 -11.16 -1.09 16.43
C ALA B 70 -10.22 -0.04 16.98
N THR B 71 -10.23 0.13 18.30
CA THR B 71 -9.37 1.10 18.96
C THR B 71 -7.90 0.81 18.64
N THR B 72 -7.57 -0.48 18.54
CA THR B 72 -6.20 -0.88 18.26
C THR B 72 -5.83 -0.47 16.82
N ALA B 73 -6.82 -0.60 15.93
CA ALA B 73 -6.59 -0.23 14.54
C ALA B 73 -6.23 1.25 14.48
N LEU B 74 -7.00 2.06 15.22
CA LEU B 74 -6.79 3.50 15.27
C LEU B 74 -5.39 3.88 15.74
N TYR B 75 -4.89 3.18 16.75
CA TYR B 75 -3.56 3.47 17.28
C TYR B 75 -2.45 3.31 16.27
N PHE B 76 -2.51 2.21 15.52
CA PHE B 76 -1.50 1.94 14.50
C PHE B 76 -1.71 2.80 13.28
N THR B 77 -2.97 2.99 12.89
CA THR B 77 -3.29 3.83 11.75
C THR B 77 -2.88 5.28 12.01
N TYR B 78 -3.18 5.80 13.21
CA TYR B 78 -2.82 7.18 13.51
C TYR B 78 -1.36 7.40 13.85
N SER B 79 -0.70 6.37 14.37
CA SER B 79 0.70 6.50 14.72
C SER B 79 1.49 6.71 13.43
N ALA B 80 1.09 5.99 12.40
CA ALA B 80 1.76 6.09 11.12
C ALA B 80 1.43 7.42 10.44
N LEU B 81 0.14 7.74 10.38
CA LEU B 81 -0.31 8.96 9.75
C LEU B 81 0.35 10.17 10.38
N GLU B 82 0.46 10.16 11.71
CA GLU B 82 1.07 11.26 12.41
C GLU B 82 2.58 11.35 12.26
N GLU B 83 3.27 10.21 12.21
CA GLU B 83 4.71 10.28 12.04
C GLU B 83 4.99 10.85 10.65
N GLU B 84 4.27 10.34 9.65
CA GLU B 84 4.45 10.80 8.28
C GLU B 84 4.16 12.31 8.17
N MET B 85 3.15 12.78 8.88
CA MET B 85 2.81 14.21 8.85
C MET B 85 3.90 14.97 9.59
N GLU B 86 4.33 14.43 10.72
CA GLU B 86 5.38 15.06 11.51
C GLU B 86 6.63 15.12 10.64
N ARG B 87 6.88 14.04 9.89
CA ARG B 87 8.03 13.96 9.02
C ARG B 87 7.95 15.08 7.98
N ASN B 88 6.73 15.45 7.61
CA ASN B 88 6.53 16.48 6.61
C ASN B 88 5.99 17.81 7.12
N LYS B 89 6.00 18.03 8.43
CA LYS B 89 5.48 19.29 8.99
C LYS B 89 6.06 20.53 8.32
N ASP B 90 7.26 20.42 7.75
CA ASP B 90 7.91 21.56 7.09
C ASP B 90 8.03 21.41 5.57
N HIS B 91 7.12 20.66 4.96
CA HIS B 91 7.15 20.47 3.52
C HIS B 91 6.10 21.39 2.90
N PRO B 92 6.52 22.23 1.93
CA PRO B 92 5.62 23.18 1.26
C PRO B 92 4.31 22.57 0.78
N ALA B 93 4.32 21.25 0.59
CA ALA B 93 3.11 20.60 0.10
C ALA B 93 2.22 20.06 1.23
N PHE B 94 2.69 20.18 2.48
CA PHE B 94 1.87 19.70 3.59
C PHE B 94 1.83 20.60 4.82
N ALA B 95 2.86 21.41 5.02
CA ALA B 95 2.96 22.32 6.17
C ALA B 95 1.67 23.01 6.63
N PRO B 96 0.89 23.56 5.69
CA PRO B 96 -0.37 24.25 6.05
C PRO B 96 -1.37 23.38 6.79
N LEU B 97 -1.28 22.07 6.61
CA LEU B 97 -2.23 21.16 7.25
C LEU B 97 -1.66 20.46 8.47
N TYR B 98 -0.57 21.00 8.99
CA TYR B 98 0.10 20.43 10.15
C TYR B 98 -0.44 21.01 11.47
N PHE B 99 -1.20 20.19 12.21
CA PHE B 99 -1.81 20.58 13.47
C PHE B 99 -1.50 19.55 14.57
N PRO B 100 -0.25 19.49 15.04
CA PRO B 100 0.06 18.51 16.09
C PRO B 100 -0.83 18.63 17.33
N MET B 101 -0.77 19.78 18.00
CA MET B 101 -1.57 19.99 19.22
C MET B 101 -3.07 20.10 18.96
N GLU B 102 -3.48 20.59 17.79
CA GLU B 102 -4.91 20.71 17.54
C GLU B 102 -5.60 19.40 17.19
N LEU B 103 -4.98 18.61 16.30
CA LEU B 103 -5.61 17.38 15.86
C LEU B 103 -5.01 16.03 16.19
N HIS B 104 -3.71 15.96 16.47
CA HIS B 104 -3.11 14.66 16.73
C HIS B 104 -3.79 13.81 17.78
N ARG B 105 -4.19 12.60 17.39
CA ARG B 105 -4.89 11.67 18.27
C ARG B 105 -4.01 10.60 18.91
N LYS B 106 -2.70 10.66 18.71
CA LYS B 106 -1.88 9.59 19.28
C LYS B 106 -2.01 9.43 20.80
N GLU B 107 -2.06 10.51 21.55
CA GLU B 107 -2.17 10.39 23.01
C GLU B 107 -3.51 9.79 23.43
N ALA B 108 -4.61 10.41 22.99
CA ALA B 108 -5.94 9.94 23.33
C ALA B 108 -6.03 8.41 23.22
N LEU B 109 -5.80 7.89 22.02
CA LEU B 109 -5.85 6.45 21.78
C LEU B 109 -4.91 5.69 22.71
N THR B 110 -3.67 6.16 22.82
CA THR B 110 -2.68 5.55 23.70
C THR B 110 -3.27 5.39 25.10
N LYS B 111 -4.01 6.40 25.55
CA LYS B 111 -4.65 6.34 26.86
C LYS B 111 -5.70 5.25 26.81
N ASP B 112 -6.45 5.21 25.70
CA ASP B 112 -7.50 4.22 25.54
C ASP B 112 -6.93 2.80 25.39
N MET B 113 -5.60 2.72 25.25
CA MET B 113 -4.91 1.43 25.11
C MET B 113 -4.32 1.00 26.46
N GLU B 114 -3.91 1.98 27.26
CA GLU B 114 -3.37 1.69 28.60
C GLU B 114 -4.55 1.22 29.46
N TYR B 115 -5.74 1.77 29.19
CA TYR B 115 -6.94 1.42 29.93
C TYR B 115 -7.61 0.10 29.52
N PHE B 116 -7.91 -0.05 28.24
CA PHE B 116 -8.57 -1.27 27.78
C PHE B 116 -7.70 -2.53 27.85
N PHE B 117 -6.49 -2.46 27.29
CA PHE B 117 -5.58 -3.59 27.25
C PHE B 117 -4.61 -3.69 28.43
N GLY B 118 -4.57 -2.67 29.26
CA GLY B 118 -3.70 -2.69 30.42
C GLY B 118 -2.33 -2.05 30.23
N GLU B 119 -1.62 -1.88 31.34
CA GLU B 119 -0.29 -1.26 31.36
C GLU B 119 0.81 -1.99 30.61
N ASN B 120 0.48 -3.06 29.88
CA ASN B 120 1.49 -3.78 29.13
C ASN B 120 1.03 -4.26 27.74
N TRP B 121 0.20 -3.44 27.09
CA TRP B 121 -0.35 -3.76 25.78
C TRP B 121 0.61 -3.71 24.59
N GLU B 122 1.40 -2.64 24.52
CA GLU B 122 2.33 -2.46 23.41
C GLU B 122 3.19 -3.68 23.10
N GLU B 123 3.75 -4.28 24.14
CA GLU B 123 4.59 -5.45 23.97
C GLU B 123 3.84 -6.66 23.42
N GLN B 124 2.50 -6.65 23.52
CA GLN B 124 1.69 -7.77 23.05
C GLN B 124 0.65 -7.52 21.96
N VAL B 125 0.10 -6.31 21.91
CA VAL B 125 -0.94 -5.99 20.91
C VAL B 125 -0.49 -5.96 19.45
N GLN B 126 -1.41 -6.26 18.55
CA GLN B 126 -1.11 -6.24 17.12
C GLN B 126 -2.20 -5.56 16.30
N ALA B 127 -1.89 -5.27 15.06
CA ALA B 127 -2.83 -4.60 14.16
C ALA B 127 -3.55 -5.60 13.27
N PRO B 128 -4.89 -5.46 13.14
CA PRO B 128 -5.66 -6.38 12.30
C PRO B 128 -5.24 -6.27 10.82
N LYS B 129 -5.29 -7.40 10.12
CA LYS B 129 -4.90 -7.46 8.72
C LYS B 129 -5.08 -6.16 7.93
N ALA B 130 -6.28 -5.60 7.97
CA ALA B 130 -6.57 -4.39 7.24
C ALA B 130 -5.76 -3.18 7.72
N ALA B 131 -5.80 -2.91 9.01
CA ALA B 131 -5.07 -1.78 9.56
C ALA B 131 -3.61 -1.73 9.08
N GLN B 132 -2.93 -2.87 9.14
CA GLN B 132 -1.53 -2.94 8.71
C GLN B 132 -1.38 -2.52 7.25
N LYS B 133 -2.39 -2.84 6.44
CA LYS B 133 -2.38 -2.49 5.04
C LYS B 133 -2.48 -0.98 4.90
N TYR B 134 -3.52 -0.41 5.49
CA TYR B 134 -3.76 1.04 5.47
C TYR B 134 -2.47 1.72 5.89
N VAL B 135 -1.86 1.18 6.93
CA VAL B 135 -0.59 1.71 7.41
C VAL B 135 0.48 1.62 6.32
N GLU B 136 0.44 0.58 5.50
CA GLU B 136 1.42 0.43 4.42
C GLU B 136 1.31 1.64 3.48
N ARG B 137 0.09 1.92 3.04
CA ARG B 137 -0.15 3.01 2.12
C ARG B 137 0.29 4.35 2.71
N ILE B 138 0.03 4.53 4.00
CA ILE B 138 0.39 5.76 4.69
C ILE B 138 1.89 6.00 4.68
N HIS B 139 2.68 4.99 5.07
CA HIS B 139 4.13 5.13 5.08
C HIS B 139 4.67 5.32 3.66
N TYR B 140 4.06 4.69 2.67
CA TYR B 140 4.50 4.87 1.29
C TYR B 140 4.32 6.36 0.91
N ILE B 141 3.09 6.84 1.04
CA ILE B 141 2.76 8.22 0.72
C ILE B 141 3.59 9.25 1.51
N GLY B 142 3.68 9.03 2.81
CA GLY B 142 4.43 9.94 3.65
C GLY B 142 5.90 9.96 3.30
N GLN B 143 6.39 8.89 2.69
CA GLN B 143 7.80 8.81 2.34
C GLN B 143 8.13 9.11 0.87
N ASN B 144 7.19 8.82 -0.02
CA ASN B 144 7.44 9.03 -1.45
C ASN B 144 6.54 10.01 -2.19
N GLU B 145 5.38 10.34 -1.61
CA GLU B 145 4.46 11.28 -2.24
C GLU B 145 3.68 12.06 -1.18
N PRO B 146 4.37 12.96 -0.46
CA PRO B 146 3.80 13.80 0.59
C PRO B 146 2.59 14.65 0.16
N GLU B 147 2.48 14.91 -1.14
CA GLU B 147 1.36 15.69 -1.65
C GLU B 147 0.06 14.95 -1.46
N LEU B 148 0.12 13.62 -1.53
CA LEU B 148 -1.08 12.82 -1.36
C LEU B 148 -1.49 12.68 0.10
N LEU B 149 -0.60 13.06 1.01
CA LEU B 149 -0.88 12.97 2.43
C LEU B 149 -2.18 13.69 2.78
N VAL B 150 -2.34 14.89 2.22
CA VAL B 150 -3.54 15.68 2.46
C VAL B 150 -4.79 14.83 2.28
N ALA B 151 -4.76 13.90 1.33
CA ALA B 151 -5.94 13.05 1.13
C ALA B 151 -6.18 12.19 2.38
N HIS B 152 -5.12 11.62 2.94
CA HIS B 152 -5.25 10.80 4.13
C HIS B 152 -5.55 11.66 5.37
N ALA B 153 -4.82 12.75 5.52
CA ALA B 153 -5.02 13.65 6.65
C ALA B 153 -6.42 14.29 6.61
N TYR B 154 -6.84 14.70 5.41
CA TYR B 154 -8.13 15.32 5.23
C TYR B 154 -9.20 14.36 5.75
N THR B 155 -9.62 13.43 4.88
CA THR B 155 -10.63 12.43 5.19
C THR B 155 -10.70 12.00 6.66
N ARG B 156 -9.57 11.55 7.19
CA ARG B 156 -9.51 11.08 8.56
C ARG B 156 -9.87 12.10 9.63
N TYR B 157 -9.07 13.15 9.76
CA TYR B 157 -9.30 14.16 10.79
C TYR B 157 -10.61 14.94 10.62
N MET B 158 -10.88 15.42 9.41
CA MET B 158 -12.12 16.16 9.16
C MET B 158 -13.29 15.32 9.67
N GLY B 159 -13.12 14.00 9.62
CA GLY B 159 -14.16 13.09 10.08
C GLY B 159 -14.18 12.98 11.59
N ASP B 160 -13.00 12.81 12.18
CA ASP B 160 -12.89 12.71 13.62
C ASP B 160 -13.66 13.85 14.26
N LEU B 161 -13.40 15.07 13.77
CA LEU B 161 -14.06 16.26 14.28
C LEU B 161 -15.58 16.18 14.28
N SER B 162 -16.14 16.03 13.08
CA SER B 162 -17.59 15.94 12.91
C SER B 162 -18.33 14.98 13.84
N GLY B 163 -18.08 13.69 13.70
CA GLY B 163 -18.75 12.71 14.53
C GLY B 163 -18.32 12.61 15.98
N GLY B 164 -17.49 13.55 16.43
CA GLY B 164 -17.02 13.53 17.79
C GLY B 164 -18.09 13.28 18.85
N GLN B 165 -18.84 14.33 19.19
CA GLN B 165 -19.88 14.26 20.20
C GLN B 165 -20.70 12.98 20.16
N VAL B 166 -21.37 12.76 19.03
CA VAL B 166 -22.21 11.57 18.84
C VAL B 166 -21.50 10.28 19.29
N LEU B 167 -20.70 9.69 18.40
CA LEU B 167 -19.98 8.46 18.69
C LEU B 167 -19.39 8.41 20.10
N LYS B 168 -18.83 9.52 20.57
CA LYS B 168 -18.24 9.56 21.91
C LYS B 168 -19.30 9.22 22.95
N LYS B 169 -20.48 9.80 22.76
CA LYS B 169 -21.61 9.60 23.66
C LYS B 169 -22.21 8.21 23.48
N VAL B 170 -22.36 7.77 22.23
CA VAL B 170 -22.92 6.45 21.95
C VAL B 170 -22.08 5.34 22.55
N ALA B 171 -20.76 5.49 22.49
CA ALA B 171 -19.84 4.48 23.02
C ALA B 171 -19.91 4.35 24.54
N GLN B 172 -19.86 5.47 25.24
CA GLN B 172 -19.91 5.44 26.70
C GLN B 172 -21.20 4.78 27.17
N ARG B 173 -22.25 4.88 26.36
CA ARG B 173 -23.54 4.28 26.71
C ARG B 173 -23.63 2.81 26.29
N ALA B 174 -23.40 2.56 25.00
CA ALA B 174 -23.48 1.21 24.45
C ALA B 174 -22.77 0.18 25.33
N LEU B 175 -21.47 0.38 25.52
CA LEU B 175 -20.67 -0.54 26.34
C LEU B 175 -20.49 0.01 27.76
N LYS B 176 -21.39 0.90 28.18
CA LYS B 176 -21.33 1.54 29.49
C LYS B 176 -19.87 1.81 29.86
N LEU B 177 -19.25 2.72 29.11
CA LEU B 177 -17.86 3.07 29.31
C LEU B 177 -17.71 4.09 30.44
N PRO B 178 -16.60 4.03 31.17
CA PRO B 178 -16.37 4.97 32.28
C PRO B 178 -16.99 6.33 32.00
N SER B 179 -17.59 6.93 33.02
CA SER B 179 -18.22 8.23 32.84
C SER B 179 -17.20 9.31 32.53
N THR B 180 -15.97 9.14 33.01
CA THR B 180 -14.90 10.11 32.79
C THR B 180 -14.15 9.88 31.47
N GLY B 181 -14.62 8.95 30.66
CA GLY B 181 -13.99 8.69 29.38
C GLY B 181 -12.59 8.08 29.44
N GLU B 182 -12.22 7.52 30.58
CA GLU B 182 -10.91 6.90 30.74
C GLU B 182 -10.83 5.65 29.87
N GLY B 183 -10.71 5.85 28.56
CA GLY B 183 -10.63 4.74 27.64
C GLY B 183 -11.12 5.11 26.25
N THR B 184 -11.58 6.35 26.12
CA THR B 184 -12.08 6.85 24.84
C THR B 184 -11.76 8.32 24.57
N GLN B 185 -10.68 8.81 25.15
CA GLN B 185 -10.30 10.21 24.94
C GLN B 185 -10.05 10.49 23.48
N PHE B 186 -10.17 9.45 22.65
CA PHE B 186 -9.97 9.58 21.23
C PHE B 186 -10.94 10.57 20.59
N TYR B 187 -12.23 10.39 20.86
CA TYR B 187 -13.27 11.24 20.30
C TYR B 187 -13.33 12.65 20.89
N LEU B 188 -12.41 12.96 21.79
CA LEU B 188 -12.41 14.28 22.43
C LEU B 188 -11.17 15.10 22.11
N PHE B 189 -11.36 16.16 21.34
CA PHE B 189 -10.26 17.05 20.97
C PHE B 189 -10.14 18.15 22.02
N GLU B 190 -9.63 17.78 23.20
CA GLU B 190 -9.48 18.75 24.28
C GLU B 190 -8.39 19.76 24.02
N ASN B 191 -8.38 20.31 22.79
CA ASN B 191 -7.38 21.31 22.40
C ASN B 191 -7.85 22.11 21.19
N VAL B 192 -9.09 21.87 20.77
CA VAL B 192 -9.66 22.59 19.65
C VAL B 192 -10.54 23.70 20.19
N ASP B 193 -10.04 24.93 20.15
CA ASP B 193 -10.81 26.07 20.65
C ASP B 193 -12.22 25.98 20.10
N ASN B 194 -12.35 25.43 18.90
CA ASN B 194 -13.65 25.26 18.28
C ASN B 194 -13.45 24.55 16.95
N ALA B 195 -14.05 23.36 16.85
CA ALA B 195 -13.94 22.53 15.67
C ALA B 195 -14.70 23.09 14.46
N GLN B 196 -15.89 23.61 14.72
CA GLN B 196 -16.75 24.16 13.69
C GLN B 196 -15.97 25.07 12.74
N GLN B 197 -15.65 26.27 13.21
CA GLN B 197 -14.89 27.23 12.42
C GLN B 197 -13.54 26.63 12.02
N PHE B 198 -13.07 25.68 12.85
CA PHE B 198 -11.80 24.99 12.61
C PHE B 198 -11.78 24.35 11.24
N LYS B 199 -12.73 23.44 11.02
CA LYS B 199 -12.85 22.76 9.76
C LYS B 199 -12.76 23.77 8.63
N GLN B 200 -13.48 24.89 8.77
CA GLN B 200 -13.43 25.95 7.77
C GLN B 200 -12.00 26.46 7.61
N LEU B 201 -11.29 26.56 8.73
CA LEU B 201 -9.91 27.00 8.70
C LEU B 201 -9.11 26.00 7.86
N TYR B 202 -9.21 24.72 8.22
CA TYR B 202 -8.52 23.62 7.56
C TYR B 202 -8.70 23.63 6.04
N ARG B 203 -9.94 23.83 5.59
CA ARG B 203 -10.22 23.86 4.16
C ARG B 203 -9.57 25.06 3.47
N ALA B 204 -9.22 26.07 4.24
CA ALA B 204 -8.61 27.26 3.67
C ALA B 204 -7.13 27.08 3.32
N ARG B 205 -6.31 26.74 4.30
CA ARG B 205 -4.89 26.55 4.03
C ARG B 205 -4.79 25.44 2.97
N MET B 206 -5.71 24.49 3.06
CA MET B 206 -5.80 23.38 2.12
C MET B 206 -5.99 23.90 0.69
N ASN B 207 -7.05 24.67 0.50
CA ASN B 207 -7.37 25.21 -0.82
C ASN B 207 -6.29 26.13 -1.35
N ALA B 208 -5.45 26.63 -0.45
CA ALA B 208 -4.37 27.53 -0.86
C ALA B 208 -3.14 26.78 -1.38
N LEU B 209 -3.08 25.45 -1.17
CA LEU B 209 -1.94 24.69 -1.64
C LEU B 209 -1.76 24.87 -3.15
N ASP B 210 -0.54 25.19 -3.58
CA ASP B 210 -0.26 25.37 -4.99
C ASP B 210 -0.05 24.00 -5.64
N LEU B 211 -0.99 23.58 -6.48
CA LEU B 211 -0.91 22.28 -7.14
C LEU B 211 -1.53 22.32 -8.55
N ASN B 212 -1.06 21.45 -9.43
CA ASN B 212 -1.59 21.36 -10.80
C ASN B 212 -2.94 20.66 -10.70
N MET B 213 -3.44 20.17 -11.84
CA MET B 213 -4.72 19.48 -11.85
C MET B 213 -4.38 17.99 -11.84
N LYS B 214 -3.13 17.69 -12.16
CA LYS B 214 -2.65 16.32 -12.18
C LYS B 214 -2.57 15.85 -10.71
N THR B 215 -1.77 16.56 -9.93
CA THR B 215 -1.60 16.23 -8.54
C THR B 215 -2.91 16.36 -7.78
N LYS B 216 -3.69 17.40 -8.07
CA LYS B 216 -4.95 17.57 -7.39
C LYS B 216 -5.88 16.38 -7.61
N GLU B 217 -5.85 15.81 -8.81
CA GLU B 217 -6.71 14.67 -9.12
C GLU B 217 -6.21 13.37 -8.50
N ARG B 218 -4.90 13.20 -8.47
CA ARG B 218 -4.32 12.01 -7.88
C ARG B 218 -4.72 12.05 -6.41
N ILE B 219 -4.72 13.25 -5.82
CA ILE B 219 -5.12 13.42 -4.44
C ILE B 219 -6.53 12.87 -4.27
N VAL B 220 -7.39 13.15 -5.24
CA VAL B 220 -8.76 12.66 -5.21
C VAL B 220 -8.78 11.12 -5.20
N GLU B 221 -7.86 10.51 -5.93
CA GLU B 221 -7.79 9.05 -5.99
C GLU B 221 -7.29 8.46 -4.67
N GLU B 222 -6.44 9.20 -3.96
CA GLU B 222 -5.90 8.72 -2.70
C GLU B 222 -6.95 8.79 -1.57
N ALA B 223 -7.87 9.74 -1.66
CA ALA B 223 -8.91 9.87 -0.63
C ALA B 223 -9.95 8.76 -0.78
N ASN B 224 -10.45 8.55 -1.99
CA ASN B 224 -11.43 7.51 -2.22
C ASN B 224 -10.76 6.16 -1.94
N LYS B 225 -9.46 6.08 -2.26
CA LYS B 225 -8.70 4.88 -1.98
C LYS B 225 -8.68 4.74 -0.46
N ALA B 226 -8.33 5.84 0.21
CA ALA B 226 -8.27 5.86 1.66
C ALA B 226 -9.60 5.39 2.26
N PHE B 227 -10.72 5.85 1.70
CA PHE B 227 -12.02 5.43 2.21
C PHE B 227 -12.10 3.91 2.22
N GLU B 228 -11.81 3.30 1.06
CA GLU B 228 -11.85 1.85 0.95
C GLU B 228 -11.00 1.19 2.02
N TYR B 229 -9.84 1.75 2.30
CA TYR B 229 -8.99 1.19 3.33
C TYR B 229 -9.80 1.06 4.61
N ASN B 230 -10.68 2.02 4.84
CA ASN B 230 -11.53 2.03 6.02
C ASN B 230 -12.60 0.95 5.91
N MET B 231 -13.16 0.80 4.71
CA MET B 231 -14.17 -0.20 4.46
C MET B 231 -13.56 -1.56 4.82
N GLN B 232 -12.45 -1.90 4.16
CA GLN B 232 -11.76 -3.16 4.42
C GLN B 232 -11.62 -3.35 5.93
N ILE B 233 -11.32 -2.26 6.64
CA ILE B 233 -11.20 -2.33 8.09
C ILE B 233 -12.58 -2.57 8.70
N PHE B 234 -13.60 -1.86 8.20
CA PHE B 234 -14.93 -2.05 8.74
C PHE B 234 -15.42 -3.46 8.52
N ASN B 235 -15.49 -3.89 7.26
CA ASN B 235 -15.97 -5.23 6.99
C ASN B 235 -15.02 -6.31 7.48
N GLU B 236 -14.12 -5.94 8.38
CA GLU B 236 -13.20 -6.90 8.96
C GLU B 236 -13.45 -6.92 10.46
N LEU B 237 -14.13 -5.88 10.95
CA LEU B 237 -14.46 -5.76 12.37
C LEU B 237 -15.73 -6.56 12.67
N ASP B 238 -16.71 -6.46 11.78
CA ASP B 238 -17.97 -7.18 11.97
C ASP B 238 -17.67 -8.68 11.98
N GLN B 239 -16.88 -9.12 11.00
CA GLN B 239 -16.50 -10.51 10.90
C GLN B 239 -15.83 -10.96 12.19
N ALA B 240 -15.07 -10.06 12.81
CA ALA B 240 -14.40 -10.39 14.07
C ALA B 240 -15.42 -10.47 15.20
N GLY B 241 -16.40 -9.58 15.15
CA GLY B 241 -17.44 -9.54 16.17
C GLY B 241 -18.40 -10.70 16.06
N SER B 242 -18.60 -11.20 14.83
CA SER B 242 -19.49 -12.34 14.61
C SER B 242 -18.78 -13.57 15.15
N THR B 243 -17.50 -13.67 14.82
CA THR B 243 -16.68 -14.79 15.26
C THR B 243 -16.56 -14.73 16.78
N LEU B 244 -16.95 -13.59 17.34
CA LEU B 244 -16.94 -13.36 18.77
C LEU B 244 -18.30 -13.81 19.30
N ALA B 245 -19.33 -13.63 18.48
CA ALA B 245 -20.70 -14.02 18.85
C ALA B 245 -20.83 -15.53 18.70
N ARG B 246 -19.85 -16.14 18.04
CA ARG B 246 -19.85 -17.58 17.83
C ARG B 246 -19.31 -18.24 19.09
N GLU B 247 -18.26 -17.64 19.66
CA GLU B 247 -17.64 -18.16 20.88
C GLU B 247 -18.48 -17.84 22.10
N THR B 248 -19.43 -16.90 21.95
CA THR B 248 -20.29 -16.50 23.06
C THR B 248 -21.76 -16.76 22.75
CHA HEM C . 16.83 -8.86 -3.25
CHB HEM C . 14.19 -11.62 -0.37
CHC HEM C . 10.23 -9.37 -1.90
CHD HEM C . 12.93 -6.57 -4.71
C1A HEM C . 16.44 -9.81 -2.33
C2A HEM C . 17.36 -10.71 -1.68
C3A HEM C . 16.63 -11.51 -0.90
C4A HEM C . 15.25 -11.07 -1.05
CMA HEM C . 17.14 -12.64 -0.01
CAA HEM C . 18.86 -10.74 -1.86
CBA HEM C . 19.30 -11.77 -2.88
CGA HEM C . 20.36 -11.23 -3.84
O1A HEM C . 20.03 -10.33 -4.64
O2A HEM C . 21.50 -11.72 -3.79
C1B HEM C . 12.88 -11.20 -0.48
C2B HEM C . 11.77 -11.74 0.29
C3B HEM C . 10.66 -11.08 -0.14
C4B HEM C . 11.09 -10.16 -1.15
CMB HEM C . 11.86 -12.74 1.44
CAB HEM C . 9.35 -11.25 0.32
CBB HEM C . 9.06 -11.50 1.70
C1C HEM C . 10.63 -8.46 -2.86
C2C HEM C . 9.72 -7.68 -3.65
C3C HEM C . 10.49 -6.85 -4.41
C4C HEM C . 11.86 -7.17 -4.12
CMC HEM C . 8.19 -7.78 -3.67
CAC HEM C . 10.04 -5.90 -5.31
CBC HEM C . 9.12 -6.23 -6.39
C1D HEM C . 14.23 -6.90 -4.49
C2D HEM C . 15.35 -6.25 -5.15
C3D HEM C . 16.44 -6.90 -4.74
C4D HEM C . 15.99 -7.95 -3.85
CMD HEM C . 15.31 -5.00 -6.05
CAD HEM C . 17.89 -6.53 -5.04
CBD HEM C . 18.57 -5.84 -3.85
CGD HEM C . 19.96 -5.35 -4.18
O1D HEM C . 20.86 -6.19 -4.43
O2D HEM C . 20.14 -4.13 -4.19
NA HEM C . 15.16 -10.01 -1.92
NB HEM C . 12.45 -10.19 -1.33
NC HEM C . 11.94 -8.17 -3.17
ND HEM C . 14.64 -7.91 -3.67
FE HEM C . 13.57 -8.97 -2.40
CHA HEM D . -18.08 14.70 7.91
CHB HEM D . -21.39 11.57 9.42
CHC HEM D . -18.26 7.98 8.78
CHD HEM D . -15.04 11.08 7.01
C1A HEM D . -19.25 14.16 8.37
C2A HEM D . -20.44 14.93 8.73
C3A HEM D . -21.39 14.05 9.05
C4A HEM D . -20.77 12.73 9.01
CMA HEM D . -22.85 14.36 9.33
CAA HEM D . -20.50 16.44 9.02
CBA HEM D . -20.61 17.34 7.79
CGA HEM D . -19.36 18.20 7.55
O1A HEM D . -19.42 19.13 6.72
O2A HEM D . -18.32 17.93 8.18
C1B HEM D . -20.82 10.32 9.41
C2B HEM D . -21.45 9.13 9.94
C3B HEM D . -20.56 8.12 9.81
C4B HEM D . -19.39 8.69 9.14
CMB HEM D . -22.86 9.02 10.51
CAB HEM D . -20.68 6.85 10.33
CBB HEM D . -19.89 6.44 11.48
C1C HEM D . -17.12 8.49 8.23
C2C HEM D . -16.00 7.70 7.76
C3C HEM D . -15.09 8.57 7.25
C4C HEM D . -15.66 9.90 7.43
CMC HEM D . -15.82 6.18 7.88
CAC HEM D . -13.93 8.22 6.57
CBC HEM D . -12.62 8.48 7.12
C1D HEM D . -15.58 12.34 7.11
C2D HEM D . -14.93 13.56 6.64
C3D HEM D . -15.76 14.60 6.97
C4D HEM D . -16.94 13.99 7.58
CMD HEM D . -13.69 13.65 5.77
CAD HEM D . -15.51 16.08 6.68
CBD HEM D . -16.41 16.65 5.57
CGD HEM D . -16.19 18.14 5.31
O1D HEM D . -15.14 18.49 4.72
O2D HEM D . -17.06 18.96 5.66
NA HEM D . -19.46 12.80 8.55
NB HEM D . -19.54 10.05 8.92
NC HEM D . -16.91 9.84 8.01
ND HEM D . -16.83 12.61 7.67
FE HEM D . -18.21 11.31 8.19
N ARG A 29 31.92 5.12 -2.93
CA ARG A 29 31.04 4.48 -3.95
C ARG A 29 29.56 4.57 -3.59
N MET A 30 29.27 5.23 -2.46
CA MET A 30 27.90 5.43 -2.00
C MET A 30 27.19 6.36 -2.97
N ALA A 31 27.88 6.70 -4.05
CA ALA A 31 27.36 7.59 -5.07
C ALA A 31 26.90 6.80 -6.30
N ASP A 32 27.22 5.51 -6.32
CA ASP A 32 26.83 4.67 -7.45
C ASP A 32 25.34 4.36 -7.41
N LEU A 33 24.72 4.37 -8.59
CA LEU A 33 23.29 4.11 -8.73
C LEU A 33 22.86 2.83 -8.01
N SER A 34 23.83 1.97 -7.71
CA SER A 34 23.58 0.70 -7.02
C SER A 34 23.19 0.97 -5.57
N GLU A 35 23.94 1.88 -4.94
CA GLU A 35 23.70 2.26 -3.54
C GLU A 35 22.41 3.05 -3.39
N LEU A 36 22.29 4.13 -4.15
CA LEU A 36 21.10 4.98 -4.09
C LEU A 36 19.81 4.17 -4.22
N LEU A 37 19.86 3.08 -4.99
CA LEU A 37 18.70 2.23 -5.17
C LEU A 37 18.50 1.31 -3.97
N LYS A 38 19.59 0.79 -3.42
CA LYS A 38 19.52 -0.11 -2.28
C LYS A 38 19.18 0.64 -1.01
N GLU A 39 19.96 1.68 -0.71
CA GLU A 39 19.71 2.48 0.48
C GLU A 39 18.39 3.24 0.25
N GLY A 40 18.18 3.68 -0.98
CA GLY A 40 16.99 4.41 -1.33
C GLY A 40 15.65 3.69 -1.31
N THR A 41 15.66 2.36 -1.39
CA THR A 41 14.41 1.60 -1.38
C THR A 41 14.31 0.62 -0.21
N LYS A 42 15.21 0.78 0.77
CA LYS A 42 15.23 -0.08 1.95
C LYS A 42 13.86 -0.17 2.59
N GLU A 43 13.27 0.99 2.90
CA GLU A 43 11.95 1.06 3.52
C GLU A 43 10.91 0.30 2.73
N ALA A 44 10.84 0.56 1.43
CA ALA A 44 9.85 -0.14 0.62
C ALA A 44 10.11 -1.66 0.62
N HIS A 45 11.37 -2.05 0.70
CA HIS A 45 11.67 -3.47 0.70
C HIS A 45 11.17 -4.14 1.99
N ASP A 46 11.31 -3.43 3.11
CA ASP A 46 10.84 -3.98 4.37
C ASP A 46 9.33 -4.22 4.30
N ARG A 47 8.59 -3.23 3.82
CA ARG A 47 7.15 -3.36 3.71
C ARG A 47 6.78 -4.57 2.85
N ALA A 48 7.57 -4.80 1.80
CA ALA A 48 7.37 -5.90 0.87
C ALA A 48 7.56 -7.27 1.56
N GLU A 49 8.67 -7.41 2.27
CA GLU A 49 8.97 -8.66 2.97
C GLU A 49 7.89 -8.97 4.01
N ASN A 50 7.32 -7.93 4.60
CA ASN A 50 6.31 -8.10 5.63
C ASN A 50 4.85 -8.02 5.22
N THR A 51 4.58 -7.79 3.94
CA THR A 51 3.19 -7.70 3.53
C THR A 51 2.55 -9.09 3.73
N GLN A 52 1.36 -9.12 4.33
CA GLN A 52 0.68 -10.38 4.63
C GLN A 52 0.57 -11.39 3.48
N PHE A 53 0.50 -10.91 2.24
CA PHE A 53 0.40 -11.84 1.13
C PHE A 53 1.70 -12.59 0.90
N VAL A 54 2.81 -11.88 0.84
CA VAL A 54 4.11 -12.49 0.62
C VAL A 54 4.43 -13.51 1.70
N LYS A 55 4.03 -13.20 2.92
CA LYS A 55 4.26 -14.07 4.06
C LYS A 55 3.32 -15.28 4.04
N ASP A 56 2.07 -15.07 3.68
CA ASP A 56 1.13 -16.18 3.66
C ASP A 56 1.50 -17.11 2.53
N PHE A 57 2.15 -16.54 1.51
CA PHE A 57 2.59 -17.35 0.39
C PHE A 57 3.76 -18.23 0.88
N LEU A 58 4.73 -17.57 1.52
CA LEU A 58 5.90 -18.24 2.04
C LEU A 58 5.54 -19.36 3.03
N LYS A 59 4.43 -19.22 3.74
CA LYS A 59 4.03 -20.26 4.69
C LYS A 59 3.24 -21.38 4.01
N GLY A 60 2.43 -21.02 3.03
CA GLY A 60 1.65 -22.02 2.31
C GLY A 60 0.17 -21.70 2.34
N ASN A 61 -0.16 -20.46 2.68
CA ASN A 61 -1.55 -20.03 2.75
C ASN A 61 -2.21 -19.91 1.37
N ILE A 62 -1.50 -19.35 0.40
CA ILE A 62 -2.08 -19.21 -0.93
C ILE A 62 -2.12 -20.54 -1.67
N LYS A 63 -3.30 -20.84 -2.21
CA LYS A 63 -3.57 -22.08 -2.92
C LYS A 63 -3.79 -21.93 -4.43
N LYS A 64 -3.95 -23.07 -5.10
CA LYS A 64 -4.11 -23.13 -6.56
C LYS A 64 -4.73 -21.94 -7.30
N GLU A 65 -6.06 -21.90 -7.38
CA GLU A 65 -6.72 -20.82 -8.10
C GLU A 65 -6.11 -19.44 -7.80
N LEU A 66 -5.82 -19.17 -6.54
CA LEU A 66 -5.25 -17.88 -6.17
C LEU A 66 -3.82 -17.72 -6.69
N PHE A 67 -3.10 -18.83 -6.82
CA PHE A 67 -1.74 -18.77 -7.34
C PHE A 67 -1.81 -18.27 -8.79
N LYS A 68 -2.84 -18.71 -9.51
CA LYS A 68 -3.03 -18.30 -10.89
C LYS A 68 -2.98 -16.78 -10.93
N LEU A 69 -3.93 -16.16 -10.23
CA LEU A 69 -4.02 -14.71 -10.15
C LEU A 69 -2.65 -14.07 -9.92
N ALA A 70 -1.81 -14.76 -9.16
CA ALA A 70 -0.46 -14.26 -8.91
C ALA A 70 0.28 -14.26 -10.26
N THR A 71 0.33 -15.42 -10.90
CA THR A 71 0.99 -15.57 -12.19
C THR A 71 0.35 -14.59 -13.20
N THR A 72 -0.97 -14.64 -13.34
CA THR A 72 -1.66 -13.74 -14.26
C THR A 72 -1.11 -12.32 -14.15
N ALA A 73 -1.09 -11.80 -12.93
CA ALA A 73 -0.58 -10.45 -12.71
C ALA A 73 0.85 -10.36 -13.23
N LEU A 74 1.68 -11.32 -12.85
CA LEU A 74 3.08 -11.35 -13.30
C LEU A 74 3.18 -11.17 -14.82
N TYR A 75 2.47 -12.04 -15.56
CA TYR A 75 2.46 -12.00 -17.03
C TYR A 75 2.24 -10.60 -17.58
N PHE A 76 1.01 -10.10 -17.47
CA PHE A 76 0.67 -8.78 -17.96
C PHE A 76 1.70 -7.74 -17.52
N THR A 77 2.23 -7.93 -16.31
CA THR A 77 3.24 -7.02 -15.82
C THR A 77 4.56 -7.18 -16.57
N TYR A 78 5.03 -8.42 -16.73
CA TYR A 78 6.28 -8.63 -17.45
C TYR A 78 6.14 -8.46 -18.95
N SER A 79 4.91 -8.55 -19.44
CA SER A 79 4.66 -8.37 -20.87
C SER A 79 4.89 -6.89 -21.19
N ALA A 80 4.30 -6.03 -20.38
CA ALA A 80 4.43 -4.59 -20.59
C ALA A 80 5.87 -4.13 -20.38
N LEU A 81 6.48 -4.64 -19.31
CA LEU A 81 7.84 -4.28 -18.96
C LEU A 81 8.86 -4.72 -20.00
N GLU A 82 8.85 -6.01 -20.33
CA GLU A 82 9.79 -6.54 -21.30
C GLU A 82 9.66 -5.92 -22.69
N GLU A 83 8.44 -5.53 -23.03
CA GLU A 83 8.15 -4.89 -24.30
C GLU A 83 8.77 -3.50 -24.34
N GLU A 84 8.52 -2.71 -23.30
CA GLU A 84 9.07 -1.36 -23.22
C GLU A 84 10.58 -1.38 -23.20
N MET A 85 11.18 -2.38 -22.54
CA MET A 85 12.63 -2.45 -22.50
C MET A 85 13.10 -2.66 -23.94
N GLU A 86 12.26 -3.32 -24.73
CA GLU A 86 12.54 -3.59 -26.13
C GLU A 86 12.57 -2.25 -26.87
N ARG A 87 11.48 -1.51 -26.77
CA ARG A 87 11.37 -0.22 -27.43
C ARG A 87 12.65 0.59 -27.23
N ASN A 88 13.23 0.50 -26.03
CA ASN A 88 14.45 1.24 -25.74
C ASN A 88 15.69 0.33 -25.75
N LYS A 89 15.56 -0.85 -26.35
CA LYS A 89 16.68 -1.82 -26.41
C LYS A 89 18.00 -1.20 -26.84
N ASP A 90 17.94 -0.06 -27.50
CA ASP A 90 19.15 0.62 -27.93
C ASP A 90 19.32 2.04 -27.42
N HIS A 91 18.59 2.38 -26.36
CA HIS A 91 18.70 3.72 -25.79
C HIS A 91 19.94 3.86 -24.88
N PRO A 92 20.68 4.97 -25.04
CA PRO A 92 21.89 5.23 -24.25
C PRO A 92 21.69 5.06 -22.73
N ALA A 93 20.47 5.27 -22.28
CA ALA A 93 20.16 5.19 -20.85
C ALA A 93 19.64 3.83 -20.39
N PHE A 94 19.37 2.92 -21.32
CA PHE A 94 18.87 1.61 -20.93
C PHE A 94 19.53 0.44 -21.66
N ALA A 95 19.83 0.63 -22.94
CA ALA A 95 20.40 -0.43 -23.78
C ALA A 95 21.30 -1.47 -23.10
N PRO A 96 22.26 -1.05 -22.27
CA PRO A 96 23.14 -2.00 -21.59
C PRO A 96 22.43 -3.01 -20.68
N LEU A 97 21.22 -2.70 -20.27
CA LEU A 97 20.48 -3.59 -19.38
C LEU A 97 19.59 -4.58 -20.13
N TYR A 98 19.67 -4.55 -21.46
CA TYR A 98 18.86 -5.43 -22.28
C TYR A 98 19.34 -6.87 -22.30
N PHE A 99 18.57 -7.75 -21.67
CA PHE A 99 18.93 -9.16 -21.60
C PHE A 99 17.75 -10.08 -21.93
N PRO A 100 17.30 -10.08 -23.19
CA PRO A 100 16.17 -10.96 -23.52
C PRO A 100 16.45 -12.44 -23.30
N MET A 101 17.70 -12.84 -23.44
CA MET A 101 18.09 -14.24 -23.29
C MET A 101 18.30 -14.66 -21.83
N GLU A 102 18.82 -13.75 -21.01
CA GLU A 102 19.08 -14.07 -19.61
C GLU A 102 17.93 -13.79 -18.63
N LEU A 103 17.25 -12.65 -18.78
CA LEU A 103 16.18 -12.28 -17.86
C LEU A 103 14.71 -12.46 -18.25
N HIS A 104 14.32 -11.94 -19.41
CA HIS A 104 12.93 -12.01 -19.83
C HIS A 104 12.11 -13.21 -19.35
N ARG A 105 10.97 -12.90 -18.76
CA ARG A 105 10.08 -13.90 -18.18
C ARG A 105 8.83 -14.17 -19.02
N LYS A 106 8.44 -13.21 -19.84
CA LYS A 106 7.22 -13.30 -20.66
C LYS A 106 6.84 -14.67 -21.22
N GLU A 107 7.81 -15.38 -21.79
CA GLU A 107 7.52 -16.70 -22.37
C GLU A 107 7.28 -17.71 -21.24
N ALA A 108 8.15 -17.65 -20.23
CA ALA A 108 8.06 -18.55 -19.08
C ALA A 108 6.67 -18.52 -18.46
N LEU A 109 6.14 -17.33 -18.26
CA LEU A 109 4.80 -17.19 -17.68
C LEU A 109 3.80 -17.87 -18.62
N THR A 110 3.97 -17.64 -19.92
CA THR A 110 3.07 -18.23 -20.91
C THR A 110 2.90 -19.71 -20.67
N LYS A 111 4.01 -20.42 -20.49
CA LYS A 111 3.95 -21.84 -20.25
C LYS A 111 3.18 -22.13 -18.97
N ASP A 112 3.54 -21.42 -17.90
CA ASP A 112 2.90 -21.59 -16.60
C ASP A 112 1.40 -21.35 -16.72
N MET A 113 1.03 -20.32 -17.48
CA MET A 113 -0.37 -20.01 -17.70
C MET A 113 -1.00 -21.24 -18.33
N GLU A 114 -0.49 -21.61 -19.51
CA GLU A 114 -0.97 -22.78 -20.24
C GLU A 114 -1.03 -24.02 -19.36
N TYR A 115 -0.03 -24.19 -18.49
CA TYR A 115 0.01 -25.32 -17.59
C TYR A 115 -1.13 -25.27 -16.57
N PHE A 116 -1.60 -24.06 -16.24
CA PHE A 116 -2.68 -23.92 -15.27
C PHE A 116 -4.06 -23.67 -15.86
N PHE A 117 -4.15 -22.85 -16.91
CA PHE A 117 -5.42 -22.53 -17.54
C PHE A 117 -5.88 -23.49 -18.63
N GLY A 118 -5.05 -23.71 -19.63
CA GLY A 118 -5.39 -24.60 -20.75
C GLY A 118 -4.91 -24.08 -22.10
N GLU A 119 -5.51 -24.59 -23.17
CA GLU A 119 -5.16 -24.22 -24.56
C GLU A 119 -5.26 -22.71 -24.83
N ASN A 120 -6.39 -22.12 -24.44
CA ASN A 120 -6.63 -20.69 -24.65
C ASN A 120 -6.65 -19.94 -23.32
N TRP A 121 -5.55 -20.04 -22.58
CA TRP A 121 -5.47 -19.40 -21.28
C TRP A 121 -5.93 -17.95 -21.25
N GLU A 122 -5.47 -17.16 -22.21
CA GLU A 122 -5.82 -15.74 -22.27
C GLU A 122 -7.32 -15.50 -22.46
N GLU A 123 -8.00 -16.47 -23.06
CA GLU A 123 -9.42 -16.36 -23.27
C GLU A 123 -10.17 -16.57 -21.95
N GLN A 124 -9.42 -16.77 -20.88
CA GLN A 124 -10.00 -17.01 -19.57
C GLN A 124 -9.49 -16.04 -18.51
N VAL A 125 -8.53 -15.22 -18.91
CA VAL A 125 -7.86 -14.29 -17.99
C VAL A 125 -8.13 -12.80 -18.09
N GLN A 126 -8.02 -12.12 -16.95
CA GLN A 126 -8.18 -10.67 -16.87
C GLN A 126 -7.26 -10.07 -15.80
N ALA A 127 -6.49 -9.06 -16.19
CA ALA A 127 -5.56 -8.41 -15.29
C ALA A 127 -6.26 -7.80 -14.06
N PRO A 128 -5.65 -7.97 -12.87
CA PRO A 128 -6.23 -7.43 -11.64
C PRO A 128 -6.14 -5.90 -11.74
N LYS A 129 -7.16 -5.21 -11.27
CA LYS A 129 -7.17 -3.74 -11.34
C LYS A 129 -5.79 -3.13 -11.03
N ALA A 130 -5.14 -3.61 -9.98
CA ALA A 130 -3.83 -3.09 -9.57
C ALA A 130 -2.73 -3.38 -10.58
N ALA A 131 -2.89 -4.45 -11.34
CA ALA A 131 -1.91 -4.81 -12.35
C ALA A 131 -2.06 -3.87 -13.56
N GLN A 132 -3.18 -3.15 -13.62
CA GLN A 132 -3.42 -2.22 -14.70
C GLN A 132 -2.59 -0.96 -14.46
N LYS A 133 -2.71 -0.39 -13.27
CA LYS A 133 -1.97 0.81 -12.92
C LYS A 133 -0.48 0.58 -13.13
N TYR A 134 -0.02 -0.58 -12.65
CA TYR A 134 1.38 -0.97 -12.76
C TYR A 134 1.82 -0.90 -14.22
N VAL A 135 1.13 -1.64 -15.08
CA VAL A 135 1.43 -1.66 -16.50
C VAL A 135 1.36 -0.26 -17.16
N GLU A 136 0.25 0.43 -16.98
CA GLU A 136 0.06 1.76 -17.56
C GLU A 136 1.25 2.65 -17.18
N ARG A 137 1.76 2.43 -15.98
CA ARG A 137 2.89 3.21 -15.51
C ARG A 137 4.18 2.75 -16.21
N ILE A 138 4.27 1.47 -16.52
CA ILE A 138 5.45 0.96 -17.21
C ILE A 138 5.41 1.49 -18.64
N HIS A 139 4.30 2.11 -19.00
CA HIS A 139 4.12 2.68 -20.33
C HIS A 139 4.48 4.18 -20.31
N TYR A 140 4.02 4.88 -19.29
CA TYR A 140 4.31 6.30 -19.18
C TYR A 140 5.81 6.48 -19.25
N ILE A 141 6.54 5.61 -18.53
CA ILE A 141 7.99 5.68 -18.52
C ILE A 141 8.48 5.14 -19.86
N GLY A 142 7.63 4.33 -20.49
CA GLY A 142 7.94 3.73 -21.77
C GLY A 142 8.14 4.68 -22.95
N GLN A 143 8.06 5.98 -22.69
CA GLN A 143 8.25 6.94 -23.76
C GLN A 143 8.25 8.39 -23.31
N ASN A 144 8.27 8.63 -22.01
CA ASN A 144 8.26 10.02 -21.52
C ASN A 144 9.41 10.31 -20.56
N GLU A 145 9.78 9.31 -19.74
CA GLU A 145 10.90 9.44 -18.80
C GLU A 145 11.80 8.21 -18.95
N PRO A 146 12.12 7.82 -20.19
CA PRO A 146 12.97 6.66 -20.46
C PRO A 146 14.20 6.48 -19.57
N GLU A 147 14.66 7.56 -18.95
CA GLU A 147 15.83 7.46 -18.09
C GLU A 147 15.45 6.88 -16.72
N LEU A 148 14.18 6.51 -16.57
CA LEU A 148 13.67 5.93 -15.31
C LEU A 148 13.23 4.47 -15.51
N LEU A 149 13.46 3.94 -16.71
CA LEU A 149 13.05 2.56 -17.01
C LEU A 149 13.84 1.53 -16.19
N VAL A 150 15.12 1.82 -15.97
CA VAL A 150 16.00 0.95 -15.20
C VAL A 150 15.43 0.72 -13.80
N ALA A 151 14.56 1.65 -13.35
CA ALA A 151 13.94 1.54 -12.04
C ALA A 151 12.97 0.36 -12.01
N HIS A 152 12.27 0.13 -13.11
CA HIS A 152 11.32 -0.96 -13.18
C HIS A 152 11.97 -2.33 -13.41
N ALA A 153 13.03 -2.34 -14.22
CA ALA A 153 13.77 -3.55 -14.50
C ALA A 153 14.43 -3.99 -13.20
N TYR A 154 15.09 -3.03 -12.54
CA TYR A 154 15.77 -3.23 -11.27
C TYR A 154 14.86 -3.91 -10.26
N THR A 155 13.81 -3.19 -9.85
CA THR A 155 12.85 -3.68 -8.87
C THR A 155 12.27 -5.07 -9.20
N ARG A 156 11.95 -5.30 -10.47
CA ARG A 156 11.37 -6.56 -10.86
C ARG A 156 12.32 -7.73 -11.13
N TYR A 157 13.43 -7.48 -11.84
CA TYR A 157 14.34 -8.58 -12.13
C TYR A 157 15.32 -8.91 -11.01
N MET A 158 15.92 -7.89 -10.41
CA MET A 158 16.87 -8.10 -9.31
C MET A 158 16.22 -8.87 -8.16
N GLY A 159 14.97 -8.53 -7.83
CA GLY A 159 14.30 -9.25 -6.77
C GLY A 159 14.16 -10.70 -7.20
N ASP A 160 13.81 -10.91 -8.46
CA ASP A 160 13.64 -12.25 -9.01
C ASP A 160 14.91 -13.09 -8.90
N LEU A 161 16.07 -12.46 -9.02
CA LEU A 161 17.33 -13.17 -8.93
C LEU A 161 17.79 -13.43 -7.48
N SER A 162 17.18 -12.76 -6.51
CA SER A 162 17.55 -12.89 -5.10
C SER A 162 16.93 -14.08 -4.35
N GLY A 163 15.66 -14.39 -4.65
CA GLY A 163 15.02 -15.49 -3.96
C GLY A 163 14.07 -16.37 -4.75
N GLY A 164 14.20 -16.35 -6.08
CA GLY A 164 13.33 -17.16 -6.91
C GLY A 164 13.44 -18.64 -6.60
N GLN A 165 14.65 -19.10 -6.29
CA GLN A 165 14.89 -20.52 -5.99
C GLN A 165 14.00 -20.96 -4.84
N VAL A 166 13.95 -20.14 -3.79
CA VAL A 166 13.13 -20.43 -2.63
C VAL A 166 11.64 -20.44 -3.03
N LEU A 167 11.16 -19.36 -3.63
CA LEU A 167 9.75 -19.28 -4.02
C LEU A 167 9.30 -20.49 -4.85
N LYS A 168 10.22 -21.01 -5.66
CA LYS A 168 9.94 -22.17 -6.48
C LYS A 168 9.64 -23.36 -5.56
N LYS A 169 10.51 -23.59 -4.60
CA LYS A 169 10.36 -24.69 -3.65
C LYS A 169 9.10 -24.55 -2.81
N VAL A 170 8.76 -23.32 -2.44
CA VAL A 170 7.54 -23.12 -1.66
C VAL A 170 6.34 -23.39 -2.54
N ALA A 171 6.36 -22.82 -3.74
CA ALA A 171 5.27 -23.01 -4.70
C ALA A 171 5.02 -24.49 -4.99
N GLN A 172 6.08 -25.23 -5.35
CA GLN A 172 5.94 -26.64 -5.67
C GLN A 172 5.47 -27.45 -4.47
N ARG A 173 5.90 -27.01 -3.29
CA ARG A 173 5.58 -27.66 -2.04
C ARG A 173 4.12 -27.51 -1.58
N ALA A 174 3.52 -26.35 -1.84
CA ALA A 174 2.14 -26.12 -1.41
C ALA A 174 1.09 -26.58 -2.42
N LEU A 175 1.43 -26.48 -3.70
CA LEU A 175 0.50 -26.86 -4.75
C LEU A 175 0.75 -28.26 -5.27
N LYS A 176 1.63 -28.97 -4.57
CA LYS A 176 1.98 -30.32 -4.97
C LYS A 176 2.50 -30.26 -6.40
N LEU A 177 3.50 -29.43 -6.63
CA LEU A 177 4.06 -29.29 -7.98
C LEU A 177 5.36 -30.09 -8.10
N PRO A 178 5.60 -30.69 -9.27
CA PRO A 178 6.81 -31.48 -9.53
C PRO A 178 8.06 -30.61 -9.49
N SER A 179 9.19 -31.21 -9.14
CA SER A 179 10.46 -30.50 -9.08
C SER A 179 10.96 -30.32 -10.51
N THR A 180 10.40 -31.12 -11.42
CA THR A 180 10.76 -31.06 -12.83
C THR A 180 10.54 -29.64 -13.36
N GLY A 181 9.85 -28.81 -12.58
CA GLY A 181 9.63 -27.42 -12.93
C GLY A 181 8.38 -26.94 -13.64
N GLU A 182 7.37 -27.81 -13.79
CA GLU A 182 6.13 -27.43 -14.45
C GLU A 182 5.31 -26.51 -13.55
N GLY A 183 4.74 -25.45 -14.13
CA GLY A 183 3.95 -24.51 -13.36
C GLY A 183 4.80 -23.43 -12.72
N THR A 184 6.10 -23.67 -12.63
CA THR A 184 6.99 -22.70 -12.04
C THR A 184 8.17 -22.36 -12.92
N GLN A 185 8.04 -22.63 -14.23
CA GLN A 185 9.13 -22.33 -15.15
C GLN A 185 9.47 -20.85 -15.11
N PHE A 186 8.69 -20.09 -14.35
CA PHE A 186 8.91 -18.65 -14.22
C PHE A 186 9.99 -18.31 -13.17
N TYR A 187 9.96 -19.03 -12.06
CA TYR A 187 10.90 -18.82 -10.96
C TYR A 187 12.29 -19.33 -11.23
N LEU A 188 12.58 -19.66 -12.49
CA LEU A 188 13.89 -20.18 -12.87
C LEU A 188 14.49 -19.49 -14.09
N PHE A 189 15.70 -18.98 -13.94
CA PHE A 189 16.43 -18.32 -15.02
C PHE A 189 17.38 -19.36 -15.65
N GLU A 190 16.91 -19.99 -16.72
CA GLU A 190 17.63 -21.03 -17.44
C GLU A 190 18.73 -20.52 -18.37
N ASN A 191 19.40 -19.43 -17.98
CA ASN A 191 20.46 -18.85 -18.80
C ASN A 191 21.41 -17.94 -18.03
N VAL A 192 21.23 -17.87 -16.72
CA VAL A 192 22.09 -17.05 -15.88
C VAL A 192 23.08 -18.02 -15.25
N ASP A 193 24.30 -18.07 -15.77
CA ASP A 193 25.31 -18.99 -15.22
C ASP A 193 25.37 -18.90 -13.70
N ASN A 194 25.12 -17.71 -13.14
CA ASN A 194 25.14 -17.55 -11.68
C ASN A 194 24.42 -16.26 -11.22
N ALA A 195 23.33 -16.43 -10.47
CA ALA A 195 22.54 -15.30 -9.96
C ALA A 195 23.38 -14.22 -9.29
N GLN A 196 23.99 -14.54 -8.16
CA GLN A 196 24.80 -13.53 -7.48
C GLN A 196 25.83 -12.95 -8.45
N GLN A 197 26.22 -13.75 -9.45
CA GLN A 197 27.16 -13.31 -10.46
C GLN A 197 26.51 -12.25 -11.37
N PHE A 198 25.36 -12.62 -11.94
CA PHE A 198 24.65 -11.72 -12.82
C PHE A 198 24.24 -10.44 -12.10
N LYS A 199 24.05 -10.52 -10.80
CA LYS A 199 23.69 -9.32 -10.06
C LYS A 199 24.91 -8.42 -9.84
N GLN A 200 26.10 -9.04 -9.81
CA GLN A 200 27.34 -8.27 -9.64
C GLN A 200 27.63 -7.61 -11.00
N LEU A 201 27.23 -8.28 -12.08
CA LEU A 201 27.43 -7.76 -13.41
C LEU A 201 26.42 -6.65 -13.67
N TYR A 202 25.14 -6.97 -13.40
CA TYR A 202 24.04 -6.03 -13.56
C TYR A 202 24.29 -4.71 -12.80
N ARG A 203 24.78 -4.80 -11.56
CA ARG A 203 25.05 -3.61 -10.77
C ARG A 203 26.11 -2.76 -11.45
N ALA A 204 27.14 -3.42 -12.00
CA ALA A 204 28.20 -2.72 -12.68
C ALA A 204 27.62 -2.02 -13.91
N ARG A 205 26.92 -2.78 -14.74
CA ARG A 205 26.31 -2.19 -15.92
C ARG A 205 25.37 -1.10 -15.46
N MET A 206 24.97 -1.16 -14.19
CA MET A 206 24.07 -0.19 -13.62
C MET A 206 24.79 1.10 -13.23
N ASN A 207 26.07 0.97 -12.84
CA ASN A 207 26.85 2.14 -12.46
C ASN A 207 27.52 2.83 -13.65
N ALA A 208 27.67 2.10 -14.74
CA ALA A 208 28.30 2.65 -15.93
C ALA A 208 27.37 3.66 -16.62
N LEU A 209 26.07 3.47 -16.45
CA LEU A 209 25.12 4.39 -17.06
C LEU A 209 25.32 5.81 -16.52
N ASP A 210 25.66 6.71 -17.43
CA ASP A 210 25.89 8.13 -17.10
C ASP A 210 24.56 8.80 -16.74
N LEU A 211 24.55 9.49 -15.61
CA LEU A 211 23.34 10.15 -15.13
C LEU A 211 23.61 11.36 -14.23
N ASN A 212 22.78 12.39 -14.34
CA ASN A 212 22.94 13.58 -13.51
C ASN A 212 22.40 13.30 -12.12
N MET A 213 22.99 13.93 -11.11
CA MET A 213 22.56 13.73 -9.73
C MET A 213 21.03 13.69 -9.55
N LYS A 214 20.31 14.51 -10.33
CA LYS A 214 18.85 14.53 -10.21
C LYS A 214 18.24 13.22 -10.71
N THR A 215 18.48 12.89 -11.97
CA THR A 215 17.97 11.67 -12.59
C THR A 215 18.17 10.44 -11.71
N LYS A 216 19.40 10.21 -11.27
CA LYS A 216 19.66 9.09 -10.39
C LYS A 216 18.70 9.15 -9.18
N GLU A 217 18.79 10.22 -8.40
CA GLU A 217 17.91 10.35 -7.25
C GLU A 217 16.46 10.32 -7.71
N ARG A 218 16.24 10.50 -9.01
CA ARG A 218 14.88 10.44 -9.53
C ARG A 218 14.55 8.97 -9.82
N ILE A 219 15.52 8.24 -10.36
CA ILE A 219 15.33 6.83 -10.64
C ILE A 219 14.88 6.10 -9.37
N VAL A 220 15.19 6.69 -8.21
CA VAL A 220 14.79 6.07 -6.96
C VAL A 220 13.28 6.26 -6.72
N GLU A 221 12.69 7.25 -7.41
CA GLU A 221 11.27 7.54 -7.30
C GLU A 221 10.41 6.50 -7.99
N GLU A 222 10.69 6.27 -9.28
CA GLU A 222 9.93 5.29 -10.02
C GLU A 222 10.24 3.93 -9.35
N ALA A 223 11.40 3.83 -8.74
CA ALA A 223 11.85 2.63 -8.04
C ALA A 223 10.88 2.32 -6.89
N ASN A 224 10.66 3.32 -6.03
CA ASN A 224 9.74 3.19 -4.91
C ASN A 224 8.30 3.07 -5.43
N LYS A 225 7.98 3.79 -6.50
CA LYS A 225 6.64 3.69 -7.09
C LYS A 225 6.47 2.23 -7.53
N ALA A 226 7.50 1.69 -8.18
CA ALA A 226 7.50 0.30 -8.64
C ALA A 226 7.19 -0.67 -7.49
N PHE A 227 7.85 -0.50 -6.35
CA PHE A 227 7.59 -1.35 -5.20
C PHE A 227 6.12 -1.19 -4.79
N GLU A 228 5.66 0.06 -4.71
CA GLU A 228 4.28 0.32 -4.30
C GLU A 228 3.27 -0.28 -5.28
N TYR A 229 3.61 -0.33 -6.55
CA TYR A 229 2.71 -0.91 -7.52
C TYR A 229 2.58 -2.38 -7.14
N ASN A 230 3.68 -2.97 -6.69
CA ASN A 230 3.71 -4.37 -6.26
C ASN A 230 2.95 -4.49 -4.94
N MET A 231 3.12 -3.51 -4.06
CA MET A 231 2.41 -3.54 -2.80
C MET A 231 0.93 -3.56 -3.12
N GLN A 232 0.51 -2.77 -4.09
CA GLN A 232 -0.92 -2.74 -4.41
C GLN A 232 -1.43 -4.04 -4.98
N ILE A 233 -0.59 -4.75 -5.72
CA ILE A 233 -1.04 -6.02 -6.28
C ILE A 233 -1.16 -7.03 -5.14
N PHE A 234 -0.21 -6.98 -4.22
CA PHE A 234 -0.22 -7.88 -3.06
C PHE A 234 -1.48 -7.64 -2.24
N ASN A 235 -1.80 -6.36 -2.02
CA ASN A 235 -2.98 -5.98 -1.27
C ASN A 235 -4.24 -6.53 -1.96
N GLU A 236 -4.29 -6.43 -3.29
CA GLU A 236 -5.43 -6.92 -4.05
C GLU A 236 -5.58 -8.44 -3.90
N LEU A 237 -4.52 -9.17 -4.23
CA LEU A 237 -4.52 -10.62 -4.13
C LEU A 237 -5.03 -11.11 -2.78
N ASP A 238 -4.71 -10.37 -1.71
CA ASP A 238 -5.17 -10.72 -0.36
C ASP A 238 -6.69 -10.47 -0.26
N GLN A 239 -7.16 -9.34 -0.79
CA GLN A 239 -8.59 -9.04 -0.75
C GLN A 239 -9.35 -10.26 -1.32
N ALA A 240 -8.73 -10.93 -2.29
CA ALA A 240 -9.32 -12.12 -2.90
C ALA A 240 -9.00 -13.31 -1.99
N GLY A 241 -7.88 -13.23 -1.29
CA GLY A 241 -7.48 -14.30 -0.39
C GLY A 241 -8.46 -14.42 0.76
N SER A 242 -8.67 -13.33 1.48
CA SER A 242 -9.60 -13.30 2.61
C SER A 242 -9.21 -14.23 3.76
N MET B 30 -9.49 23.59 -10.58
CA MET B 30 -10.57 24.41 -11.21
C MET B 30 -11.39 25.06 -10.10
N ALA B 31 -11.17 24.61 -8.86
CA ALA B 31 -11.88 25.13 -7.71
C ALA B 31 -11.20 24.71 -6.42
N ASP B 32 -11.75 25.14 -5.29
CA ASP B 32 -11.22 24.79 -3.98
C ASP B 32 -11.07 23.26 -3.87
N LEU B 33 -9.85 22.80 -3.61
CA LEU B 33 -9.59 21.37 -3.49
C LEU B 33 -10.59 20.70 -2.54
N SER B 34 -11.08 21.46 -1.57
CA SER B 34 -12.05 20.94 -0.61
C SER B 34 -13.33 20.46 -1.29
N GLU B 35 -13.88 21.30 -2.17
CA GLU B 35 -15.11 20.95 -2.87
C GLU B 35 -14.94 19.65 -3.68
N LEU B 36 -13.78 19.47 -4.28
CA LEU B 36 -13.56 18.25 -5.04
C LEU B 36 -13.58 17.07 -4.06
N LEU B 37 -12.74 17.12 -3.04
CA LEU B 37 -12.68 16.05 -2.06
C LEU B 37 -14.06 15.72 -1.48
N LYS B 38 -14.68 16.71 -0.85
CA LYS B 38 -16.00 16.53 -0.23
C LYS B 38 -17.01 15.81 -1.12
N GLU B 39 -17.19 16.31 -2.35
CA GLU B 39 -18.14 15.73 -3.30
C GLU B 39 -17.58 14.51 -4.02
N GLY B 40 -16.27 14.51 -4.23
CA GLY B 40 -15.63 13.41 -4.92
C GLY B 40 -15.48 12.20 -4.01
N THR B 41 -15.91 12.33 -2.77
CA THR B 41 -15.81 11.22 -1.83
C THR B 41 -17.16 10.84 -1.24
N LYS B 42 -18.22 11.48 -1.71
CA LYS B 42 -19.58 11.22 -1.25
C LYS B 42 -19.89 9.74 -1.38
N GLU B 43 -19.97 9.29 -2.63
CA GLU B 43 -20.27 7.90 -2.92
C GLU B 43 -19.46 6.97 -2.02
N ALA B 44 -18.14 7.13 -2.05
CA ALA B 44 -17.27 6.29 -1.24
C ALA B 44 -17.55 6.47 0.25
N HIS B 45 -18.03 7.65 0.62
CA HIS B 45 -18.33 7.94 2.02
C HIS B 45 -19.65 7.28 2.44
N ASP B 46 -20.69 7.48 1.62
CA ASP B 46 -21.99 6.91 1.93
C ASP B 46 -21.89 5.43 2.33
N ARG B 47 -21.10 4.66 1.58
CA ARG B 47 -20.95 3.23 1.90
C ARG B 47 -20.46 3.04 3.33
N ALA B 48 -19.32 3.63 3.65
CA ALA B 48 -18.74 3.53 4.99
C ALA B 48 -19.80 3.79 6.06
N GLU B 49 -20.60 4.83 5.86
CA GLU B 49 -21.67 5.21 6.78
C GLU B 49 -22.79 4.17 6.74
N ASN B 50 -22.74 3.30 5.74
CA ASN B 50 -23.76 2.27 5.58
C ASN B 50 -23.25 0.84 5.78
N THR B 51 -22.37 0.65 6.75
CA THR B 51 -21.84 -0.68 7.03
C THR B 51 -22.49 -1.24 8.29
N GLN B 52 -22.34 -2.54 8.52
CA GLN B 52 -22.94 -3.17 9.69
C GLN B 52 -22.26 -2.70 10.96
N PHE B 53 -20.94 -2.54 10.89
CA PHE B 53 -20.18 -2.09 12.03
C PHE B 53 -20.62 -0.71 12.47
N VAL B 54 -20.80 0.19 11.50
CA VAL B 54 -21.23 1.57 11.76
C VAL B 54 -22.64 1.66 12.34
N LYS B 55 -23.61 1.06 11.66
CA LYS B 55 -25.00 1.06 12.10
C LYS B 55 -25.10 0.55 13.54
N ASP B 56 -24.53 -0.62 13.79
CA ASP B 56 -24.55 -1.22 15.12
C ASP B 56 -23.92 -0.26 16.12
N PHE B 57 -22.94 0.51 15.66
CA PHE B 57 -22.25 1.46 16.53
C PHE B 57 -23.14 2.65 16.91
N LEU B 58 -23.54 3.43 15.91
CA LEU B 58 -24.40 4.60 16.11
C LEU B 58 -25.64 4.31 16.94
N LYS B 59 -26.13 3.07 16.88
CA LYS B 59 -27.32 2.67 17.62
C LYS B 59 -27.00 2.19 19.04
N GLY B 60 -25.77 1.75 19.27
CA GLY B 60 -25.39 1.30 20.60
C GLY B 60 -25.17 -0.19 20.77
N ASN B 61 -25.75 -1.01 19.90
CA ASN B 61 -25.59 -2.44 20.01
C ASN B 61 -24.36 -2.96 19.29
N ILE B 62 -23.19 -2.56 19.78
CA ILE B 62 -21.91 -3.01 19.23
C ILE B 62 -21.16 -3.65 20.40
N LYS B 63 -20.59 -4.84 20.18
CA LYS B 63 -19.87 -5.52 21.24
C LYS B 63 -18.53 -4.91 21.58
N LYS B 64 -18.25 -4.84 22.88
CA LYS B 64 -17.01 -4.27 23.39
C LYS B 64 -15.77 -4.95 22.83
N GLU B 65 -15.82 -6.27 22.71
CA GLU B 65 -14.66 -6.99 22.18
C GLU B 65 -14.29 -6.47 20.80
N LEU B 66 -15.30 -6.03 20.06
CA LEU B 66 -15.08 -5.51 18.72
C LEU B 66 -14.67 -4.05 18.80
N PHE B 67 -15.02 -3.41 19.91
CA PHE B 67 -14.70 -2.02 20.16
C PHE B 67 -13.24 -1.87 20.55
N LYS B 68 -12.77 -2.82 21.37
CA LYS B 68 -11.40 -2.82 21.85
C LYS B 68 -10.39 -2.73 20.70
N LEU B 69 -10.11 -3.86 20.06
CA LEU B 69 -9.18 -3.85 18.95
C LEU B 69 -9.51 -2.75 17.95
N ALA B 70 -10.78 -2.31 17.95
CA ALA B 70 -11.19 -1.25 17.06
C ALA B 70 -10.42 0.00 17.44
N THR B 71 -9.95 0.03 18.68
CA THR B 71 -9.17 1.16 19.18
C THR B 71 -7.71 0.88 18.83
N THR B 72 -7.39 -0.40 18.64
CA THR B 72 -6.03 -0.80 18.30
C THR B 72 -5.74 -0.44 16.85
N ALA B 73 -6.76 -0.56 16.01
CA ALA B 73 -6.61 -0.24 14.61
C ALA B 73 -6.29 1.25 14.50
N LEU B 74 -7.08 2.07 15.22
CA LEU B 74 -6.91 3.51 15.21
C LEU B 74 -5.49 3.94 15.64
N TYR B 75 -5.00 3.34 16.71
CA TYR B 75 -3.68 3.67 17.25
C TYR B 75 -2.54 3.38 16.29
N PHE B 76 -2.65 2.27 15.56
CA PHE B 76 -1.62 1.91 14.60
C PHE B 76 -1.76 2.77 13.36
N THR B 77 -3.01 2.95 12.92
CA THR B 77 -3.28 3.78 11.75
C THR B 77 -2.87 5.23 12.02
N TYR B 78 -3.09 5.74 13.23
CA TYR B 78 -2.72 7.12 13.53
C TYR B 78 -1.26 7.33 13.85
N SER B 79 -0.59 6.32 14.38
CA SER B 79 0.81 6.44 14.70
C SER B 79 1.56 6.65 13.40
N ALA B 80 1.09 5.98 12.35
CA ALA B 80 1.71 6.08 11.05
C ALA B 80 1.38 7.43 10.41
N LEU B 81 0.09 7.76 10.38
CA LEU B 81 -0.37 8.99 9.78
C LEU B 81 0.31 10.19 10.41
N GLU B 82 0.42 10.18 11.74
CA GLU B 82 1.06 11.28 12.44
C GLU B 82 2.57 11.31 12.31
N GLU B 83 3.21 10.16 12.16
CA GLU B 83 4.66 10.20 12.00
C GLU B 83 4.94 10.79 10.62
N GLU B 84 4.14 10.38 9.64
CA GLU B 84 4.32 10.89 8.29
C GLU B 84 4.02 12.40 8.21
N MET B 85 3.03 12.86 8.98
CA MET B 85 2.70 14.30 8.99
C MET B 85 3.88 15.01 9.64
N GLU B 86 4.64 14.25 10.43
CA GLU B 86 5.82 14.78 11.11
C GLU B 86 6.98 14.95 10.11
N ARG B 87 7.23 13.91 9.34
CA ARG B 87 8.31 13.92 8.37
C ARG B 87 8.16 15.07 7.38
N ASN B 88 6.92 15.37 7.01
CA ASN B 88 6.63 16.42 6.04
C ASN B 88 6.14 17.75 6.61
N LYS B 89 6.29 17.96 7.92
CA LYS B 89 5.82 19.20 8.55
C LYS B 89 6.32 20.46 7.83
N ASP B 90 7.59 20.47 7.42
CA ASP B 90 8.16 21.62 6.72
C ASP B 90 8.12 21.48 5.21
N HIS B 91 7.38 20.50 4.71
CA HIS B 91 7.26 20.28 3.27
C HIS B 91 6.23 21.26 2.72
N PRO B 92 6.66 22.19 1.85
CA PRO B 92 5.77 23.19 1.26
C PRO B 92 4.44 22.64 0.76
N ALA B 93 4.36 21.32 0.57
CA ALA B 93 3.12 20.73 0.09
C ALA B 93 2.25 20.16 1.19
N PHE B 94 2.70 20.26 2.45
CA PHE B 94 1.92 19.75 3.56
C PHE B 94 1.90 20.63 4.80
N ALA B 95 2.93 21.46 4.96
CA ALA B 95 3.08 22.35 6.11
C ALA B 95 1.81 23.03 6.64
N PRO B 96 0.99 23.62 5.74
CA PRO B 96 -0.24 24.28 6.18
C PRO B 96 -1.26 23.36 6.82
N LEU B 97 -0.94 22.08 6.90
CA LEU B 97 -1.90 21.13 7.47
C LEU B 97 -1.49 20.56 8.80
N TYR B 98 -0.27 20.87 9.24
CA TYR B 98 0.26 20.40 10.52
C TYR B 98 -0.63 20.90 11.64
N PHE B 99 -0.95 20.04 12.59
CA PHE B 99 -1.82 20.42 13.70
C PHE B 99 -1.52 19.55 14.93
N PRO B 100 -0.32 19.68 15.50
CA PRO B 100 0.00 18.87 16.68
C PRO B 100 -0.73 19.30 17.96
N MET B 101 -0.85 20.61 18.15
CA MET B 101 -1.49 21.15 19.34
C MET B 101 -3.04 21.16 19.26
N GLU B 102 -3.62 20.30 18.42
CA GLU B 102 -5.07 20.29 18.26
C GLU B 102 -5.65 19.01 17.66
N LEU B 103 -5.05 18.52 16.58
CA LEU B 103 -5.55 17.35 15.89
C LEU B 103 -5.01 15.97 16.22
N HIS B 104 -3.72 15.85 16.49
CA HIS B 104 -3.14 14.54 16.75
C HIS B 104 -3.85 13.67 17.78
N ARG B 105 -4.03 12.40 17.46
CA ARG B 105 -4.73 11.47 18.33
C ARG B 105 -3.85 10.42 19.00
N LYS B 106 -2.58 10.33 18.64
CA LYS B 106 -1.73 9.29 19.22
C LYS B 106 -1.77 9.28 20.74
N GLU B 107 -1.42 10.39 21.38
CA GLU B 107 -1.42 10.50 22.84
C GLU B 107 -2.75 10.00 23.41
N ALA B 108 -3.85 10.51 22.87
CA ALA B 108 -5.17 10.11 23.33
C ALA B 108 -5.34 8.59 23.22
N LEU B 109 -5.25 8.06 22.00
CA LEU B 109 -5.40 6.63 21.78
C LEU B 109 -4.48 5.80 22.67
N THR B 110 -3.30 6.33 22.95
CA THR B 110 -2.35 5.64 23.82
C THR B 110 -3.00 5.47 25.19
N LYS B 111 -3.74 6.49 25.62
CA LYS B 111 -4.43 6.44 26.90
C LYS B 111 -5.48 5.34 26.88
N ASP B 112 -6.27 5.29 25.81
CA ASP B 112 -7.30 4.27 25.69
C ASP B 112 -6.71 2.86 25.64
N MET B 113 -5.48 2.74 25.15
CA MET B 113 -4.80 1.44 25.07
C MET B 113 -4.31 1.01 26.44
N GLU B 114 -4.06 1.99 27.32
CA GLU B 114 -3.61 1.71 28.68
C GLU B 114 -4.83 1.22 29.47
N TYR B 115 -6.02 1.73 29.11
CA TYR B 115 -7.26 1.35 29.78
C TYR B 115 -7.85 0.02 29.31
N PHE B 116 -7.46 -0.43 28.12
CA PHE B 116 -7.99 -1.70 27.63
C PHE B 116 -6.92 -2.79 27.44
N PHE B 117 -5.66 -2.50 27.76
CA PHE B 117 -4.63 -3.49 27.55
C PHE B 117 -3.50 -3.55 28.56
N GLY B 118 -3.10 -2.40 29.11
CA GLY B 118 -2.03 -2.40 30.08
C GLY B 118 -0.89 -1.47 29.71
N GLU B 119 -0.37 -0.77 30.72
CA GLU B 119 0.72 0.18 30.54
C GLU B 119 1.84 -0.34 29.63
N ASN B 120 1.99 -1.67 29.55
CA ASN B 120 3.02 -2.28 28.73
C ASN B 120 2.37 -3.18 27.68
N TRP B 121 1.40 -2.63 26.95
CA TRP B 121 0.69 -3.39 25.94
C TRP B 121 1.41 -3.54 24.58
N GLU B 122 2.12 -2.51 24.15
CA GLU B 122 2.80 -2.60 22.85
C GLU B 122 3.75 -3.77 22.74
N GLU B 123 4.47 -4.07 23.82
CA GLU B 123 5.42 -5.18 23.80
C GLU B 123 4.73 -6.47 23.40
N GLN B 124 3.53 -6.68 23.95
CA GLN B 124 2.76 -7.90 23.71
C GLN B 124 1.46 -7.74 22.94
N VAL B 125 1.51 -7.12 21.77
CA VAL B 125 0.31 -6.93 20.94
C VAL B 125 0.68 -6.88 19.46
N GLN B 126 -0.34 -6.76 18.60
CA GLN B 126 -0.14 -6.68 17.16
C GLN B 126 -1.21 -5.77 16.54
N ALA B 127 -1.09 -5.53 15.24
CA ALA B 127 -2.03 -4.68 14.53
C ALA B 127 -2.90 -5.51 13.58
N PRO B 128 -4.20 -5.23 13.53
CA PRO B 128 -5.09 -5.99 12.64
C PRO B 128 -4.66 -5.83 11.17
N LYS B 129 -4.91 -6.88 10.39
CA LYS B 129 -4.52 -6.90 8.98
C LYS B 129 -5.04 -5.82 8.03
N ALA B 130 -6.31 -5.45 8.14
CA ALA B 130 -6.85 -4.43 7.24
C ALA B 130 -6.30 -3.06 7.64
N ALA B 131 -5.67 -3.00 8.81
CA ALA B 131 -5.09 -1.77 9.30
C ALA B 131 -3.60 -1.69 8.92
N GLN B 132 -2.90 -2.82 8.99
CA GLN B 132 -1.49 -2.85 8.64
C GLN B 132 -1.30 -2.48 7.18
N LYS B 133 -2.32 -2.74 6.37
CA LYS B 133 -2.30 -2.40 4.97
C LYS B 133 -2.29 -0.88 4.80
N TYR B 134 -3.30 -0.23 5.37
CA TYR B 134 -3.45 1.22 5.32
C TYR B 134 -2.20 1.87 5.89
N VAL B 135 -1.65 1.24 6.92
CA VAL B 135 -0.44 1.73 7.55
C VAL B 135 0.75 1.69 6.57
N GLU B 136 1.11 0.50 6.10
CA GLU B 136 2.22 0.38 5.16
C GLU B 136 2.05 1.41 4.03
N ARG B 137 0.79 1.71 3.71
CA ARG B 137 0.47 2.67 2.65
C ARG B 137 0.73 4.11 3.07
N ILE B 138 0.11 4.51 4.18
CA ILE B 138 0.27 5.86 4.68
C ILE B 138 1.74 6.22 4.65
N HIS B 139 2.58 5.31 5.15
CA HIS B 139 4.02 5.55 5.15
C HIS B 139 4.49 5.81 3.71
N TYR B 140 4.28 4.85 2.81
CA TYR B 140 4.69 5.02 1.43
C TYR B 140 4.45 6.47 0.98
N ILE B 141 3.17 6.86 0.97
CA ILE B 141 2.77 8.20 0.58
C ILE B 141 3.53 9.31 1.32
N GLY B 142 3.53 9.21 2.64
CA GLY B 142 4.20 10.18 3.46
C GLY B 142 5.68 10.31 3.21
N GLN B 143 6.32 9.20 2.84
CA GLN B 143 7.77 9.18 2.61
C GLN B 143 8.23 9.34 1.16
N ASN B 144 7.32 9.08 0.22
CA ASN B 144 7.68 9.16 -1.20
C ASN B 144 6.82 10.11 -2.03
N GLU B 145 5.60 10.41 -1.56
CA GLU B 145 4.71 11.32 -2.28
C GLU B 145 3.89 12.16 -1.30
N PRO B 146 4.57 13.01 -0.51
CA PRO B 146 3.96 13.89 0.49
C PRO B 146 2.91 14.87 -0.06
N GLU B 147 3.00 15.20 -1.35
CA GLU B 147 2.02 16.11 -1.92
C GLU B 147 0.65 15.48 -1.90
N LEU B 148 0.59 14.17 -1.69
CA LEU B 148 -0.69 13.47 -1.64
C LEU B 148 -0.99 13.01 -0.23
N LEU B 149 -0.19 13.49 0.72
CA LEU B 149 -0.38 13.12 2.12
C LEU B 149 -1.56 13.87 2.71
N VAL B 150 -2.10 14.82 1.95
CA VAL B 150 -3.24 15.61 2.39
C VAL B 150 -4.52 14.79 2.29
N ALA B 151 -4.60 13.92 1.29
CA ALA B 151 -5.80 13.09 1.14
C ALA B 151 -6.07 12.23 2.36
N HIS B 152 -5.02 11.69 2.97
CA HIS B 152 -5.19 10.85 4.15
C HIS B 152 -5.57 11.65 5.40
N ALA B 153 -4.92 12.80 5.59
CA ALA B 153 -5.22 13.64 6.74
C ALA B 153 -6.66 14.17 6.65
N TYR B 154 -7.04 14.55 5.42
CA TYR B 154 -8.37 15.06 5.13
C TYR B 154 -9.40 13.98 5.42
N THR B 155 -9.22 12.82 4.81
CA THR B 155 -10.13 11.69 4.96
C THR B 155 -10.39 11.29 6.42
N ARG B 156 -9.35 11.32 7.24
CA ARG B 156 -9.50 10.93 8.63
C ARG B 156 -9.86 12.04 9.61
N TYR B 157 -9.24 13.21 9.47
CA TYR B 157 -9.52 14.30 10.41
C TYR B 157 -10.76 15.13 10.15
N MET B 158 -11.18 15.25 8.90
CA MET B 158 -12.40 16.01 8.60
C MET B 158 -13.62 15.34 9.21
N GLY B 159 -13.61 14.01 9.24
CA GLY B 159 -14.72 13.27 9.82
C GLY B 159 -14.67 13.22 11.34
N ASP B 160 -13.46 13.15 11.89
CA ASP B 160 -13.30 13.11 13.34
C ASP B 160 -13.71 14.41 14.00
N LEU B 161 -13.81 15.48 13.20
CA LEU B 161 -14.20 16.79 13.70
C LEU B 161 -15.66 17.01 13.35
N SER B 162 -16.26 16.02 12.68
CA SER B 162 -17.65 16.12 12.29
C SER B 162 -18.57 15.31 13.20
N GLY B 163 -18.04 14.80 14.31
CA GLY B 163 -18.88 14.03 15.21
C GLY B 163 -18.18 13.18 16.26
N GLY B 164 -16.95 13.55 16.62
CA GLY B 164 -16.21 12.78 17.62
C GLY B 164 -16.99 12.66 18.92
N GLN B 165 -17.72 13.73 19.24
CA GLN B 165 -18.52 13.79 20.46
C GLN B 165 -19.67 12.81 20.41
N VAL B 166 -20.25 12.67 19.22
CA VAL B 166 -21.37 11.76 19.00
C VAL B 166 -21.00 10.35 19.47
N LEU B 167 -19.79 9.91 19.11
CA LEU B 167 -19.32 8.58 19.49
C LEU B 167 -18.78 8.46 20.92
N LYS B 168 -18.12 9.51 21.39
CA LYS B 168 -17.56 9.52 22.75
C LYS B 168 -18.66 9.09 23.73
N LYS B 169 -19.61 10.00 23.92
CA LYS B 169 -20.76 9.81 24.78
C LYS B 169 -21.36 8.40 24.62
N VAL B 170 -21.11 7.79 23.47
CA VAL B 170 -21.62 6.44 23.22
C VAL B 170 -20.90 5.42 24.08
N ALA B 171 -19.69 5.06 23.67
CA ALA B 171 -18.88 4.06 24.38
C ALA B 171 -18.81 4.30 25.87
N GLN B 172 -18.81 5.57 26.28
CA GLN B 172 -18.74 5.90 27.70
C GLN B 172 -20.11 5.63 28.30
N ARG B 173 -20.79 4.63 27.73
CA ARG B 173 -22.11 4.23 28.17
C ARG B 173 -22.37 2.77 27.82
N ALA B 174 -22.39 2.47 26.53
CA ALA B 174 -22.65 1.11 26.06
C ALA B 174 -21.56 0.14 26.51
N LEU B 175 -20.57 0.64 27.25
CA LEU B 175 -19.47 -0.19 27.74
C LEU B 175 -19.20 0.05 29.22
N LYS B 176 -19.78 1.12 29.75
CA LYS B 176 -19.64 1.50 31.15
C LYS B 176 -18.18 1.75 31.52
N LEU B 177 -17.66 2.91 31.10
CA LEU B 177 -16.29 3.28 31.37
C LEU B 177 -16.19 4.65 32.06
N PRO B 178 -15.06 4.94 32.71
CA PRO B 178 -14.80 6.20 33.42
C PRO B 178 -15.39 7.43 32.75
N SER B 179 -16.59 7.82 33.19
CA SER B 179 -17.28 8.97 32.63
C SER B 179 -16.40 10.21 32.57
N THR B 180 -15.15 10.08 33.01
CA THR B 180 -14.22 11.19 32.99
C THR B 180 -13.37 11.21 31.72
N GLY B 181 -13.59 10.25 30.83
CA GLY B 181 -12.84 10.24 29.58
C GLY B 181 -12.17 8.94 29.15
N GLU B 182 -11.74 8.12 30.10
CA GLU B 182 -11.08 6.87 29.77
C GLU B 182 -11.87 6.03 28.78
N GLY B 183 -11.18 5.52 27.76
CA GLY B 183 -11.83 4.70 26.75
C GLY B 183 -12.43 5.49 25.60
N THR B 184 -12.36 6.81 25.67
CA THR B 184 -12.89 7.66 24.61
C THR B 184 -12.08 8.94 24.41
N GLN B 185 -10.82 8.93 24.85
CA GLN B 185 -9.95 10.09 24.68
C GLN B 185 -9.96 10.49 23.21
N PHE B 186 -9.61 9.52 22.38
CA PHE B 186 -9.56 9.71 20.93
C PHE B 186 -10.71 10.55 20.40
N TYR B 187 -11.92 10.23 20.86
CA TYR B 187 -13.13 10.91 20.43
C TYR B 187 -13.32 12.32 20.98
N LEU B 188 -12.42 12.73 21.88
CA LEU B 188 -12.52 14.05 22.49
C LEU B 188 -11.45 15.01 22.02
N PHE B 189 -11.87 16.02 21.26
CA PHE B 189 -10.94 17.03 20.75
C PHE B 189 -10.81 18.18 21.75
N GLU B 190 -10.24 17.86 22.91
CA GLU B 190 -10.07 18.83 23.98
C GLU B 190 -9.39 20.13 23.56
N ASN B 191 -8.71 20.12 22.43
CA ASN B 191 -8.01 21.33 21.98
C ASN B 191 -8.57 22.05 20.77
N VAL B 192 -9.77 21.67 20.34
CA VAL B 192 -10.39 22.38 19.23
C VAL B 192 -11.33 23.36 19.92
N ASP B 193 -10.83 24.56 20.21
CA ASP B 193 -11.63 25.57 20.86
C ASP B 193 -13.01 25.64 20.21
N ASN B 194 -13.10 25.15 18.97
CA ASN B 194 -14.36 25.14 18.25
C ASN B 194 -14.22 24.41 16.90
N ALA B 195 -14.78 23.21 16.84
CA ALA B 195 -14.71 22.37 15.65
C ALA B 195 -15.32 23.02 14.40
N GLN B 196 -16.42 23.74 14.58
CA GLN B 196 -17.09 24.37 13.46
C GLN B 196 -16.15 25.25 12.63
N GLN B 197 -15.88 26.45 13.12
CA GLN B 197 -14.99 27.38 12.41
C GLN B 197 -13.65 26.72 12.05
N PHE B 198 -13.24 25.75 12.87
CA PHE B 198 -11.99 25.01 12.68
C PHE B 198 -11.93 24.41 11.28
N LYS B 199 -12.83 23.47 11.00
CA LYS B 199 -12.90 22.83 9.71
C LYS B 199 -12.85 23.88 8.61
N GLN B 200 -13.39 25.06 8.88
CA GLN B 200 -13.35 26.15 7.89
C GLN B 200 -11.90 26.61 7.69
N LEU B 201 -11.17 26.70 8.79
CA LEU B 201 -9.77 27.10 8.71
C LEU B 201 -9.02 26.03 7.91
N TYR B 202 -9.27 24.77 8.25
CA TYR B 202 -8.62 23.63 7.60
C TYR B 202 -8.86 23.59 6.08
N ARG B 203 -10.09 23.84 5.65
CA ARG B 203 -10.40 23.85 4.21
C ARG B 203 -9.71 25.02 3.51
N ALA B 204 -9.33 26.04 4.28
CA ALA B 204 -8.69 27.22 3.71
C ALA B 204 -7.21 27.01 3.37
N ARG B 205 -6.40 26.68 4.36
CA ARG B 205 -4.97 26.47 4.09
C ARG B 205 -4.90 25.34 3.05
N MET B 206 -5.83 24.39 3.18
CA MET B 206 -5.93 23.27 2.26
C MET B 206 -6.11 23.79 0.84
N ASN B 207 -7.15 24.61 0.64
CA ASN B 207 -7.43 25.15 -0.67
C ASN B 207 -6.34 26.07 -1.17
N ALA B 208 -5.48 26.52 -0.27
CA ALA B 208 -4.38 27.40 -0.65
C ALA B 208 -3.21 26.62 -1.25
N LEU B 209 -3.05 25.35 -0.88
CA LEU B 209 -1.96 24.54 -1.42
C LEU B 209 -2.02 24.63 -2.93
N ASP B 210 -0.85 24.73 -3.56
CA ASP B 210 -0.81 24.82 -5.02
C ASP B 210 -0.80 23.45 -5.68
N LEU B 211 -1.75 23.22 -6.59
CA LEU B 211 -1.90 21.95 -7.25
C LEU B 211 -2.35 22.02 -8.72
N ASN B 212 -1.96 21.02 -9.50
CA ASN B 212 -2.37 20.92 -10.90
C ASN B 212 -3.80 20.43 -10.81
N MET B 213 -4.47 20.23 -11.94
CA MET B 213 -5.84 19.74 -11.92
C MET B 213 -5.78 18.25 -11.61
N LYS B 214 -4.96 17.53 -12.37
CA LYS B 214 -4.78 16.09 -12.20
C LYS B 214 -4.20 15.85 -10.81
N THR B 215 -3.51 16.86 -10.28
CA THR B 215 -2.93 16.75 -8.96
C THR B 215 -4.07 16.67 -7.95
N LYS B 216 -5.10 17.49 -8.13
CA LYS B 216 -6.24 17.42 -7.22
C LYS B 216 -6.95 16.10 -7.48
N GLU B 217 -7.08 15.76 -8.77
CA GLU B 217 -7.71 14.50 -9.20
C GLU B 217 -6.95 13.33 -8.58
N ARG B 218 -5.62 13.47 -8.60
CA ARG B 218 -4.74 12.43 -8.05
C ARG B 218 -4.89 12.38 -6.53
N ILE B 219 -5.00 13.54 -5.89
CA ILE B 219 -5.18 13.60 -4.45
C ILE B 219 -6.52 12.93 -4.13
N VAL B 220 -7.52 13.19 -4.96
CA VAL B 220 -8.82 12.57 -4.76
C VAL B 220 -8.70 11.06 -5.05
N GLU B 221 -7.52 10.62 -5.50
CA GLU B 221 -7.31 9.20 -5.79
C GLU B 221 -6.89 8.44 -4.53
N GLU B 222 -6.52 9.18 -3.48
CA GLU B 222 -6.13 8.54 -2.23
C GLU B 222 -7.23 8.73 -1.18
N ALA B 223 -8.11 9.72 -1.37
CA ALA B 223 -9.19 9.92 -0.42
C ALA B 223 -10.21 8.80 -0.59
N ASN B 224 -10.69 8.61 -1.82
CA ASN B 224 -11.66 7.56 -2.09
C ASN B 224 -10.96 6.22 -1.86
N LYS B 225 -9.66 6.18 -2.17
CA LYS B 225 -8.86 4.99 -1.96
C LYS B 225 -8.77 4.75 -0.46
N ALA B 226 -8.36 5.76 0.29
CA ALA B 226 -8.25 5.65 1.74
C ALA B 226 -9.54 5.04 2.29
N PHE B 227 -10.67 5.31 1.63
CA PHE B 227 -11.94 4.77 2.08
C PHE B 227 -11.96 3.26 1.81
N GLU B 228 -11.28 2.83 0.75
CA GLU B 228 -11.23 1.41 0.46
C GLU B 228 -10.55 0.76 1.67
N TYR B 229 -9.52 1.41 2.18
CA TYR B 229 -8.83 0.87 3.34
C TYR B 229 -9.74 0.86 4.56
N ASN B 230 -10.56 1.91 4.68
CA ASN B 230 -11.46 2.02 5.82
C ASN B 230 -12.52 0.92 5.82
N MET B 231 -13.12 0.68 4.66
CA MET B 231 -14.12 -0.37 4.52
C MET B 231 -13.44 -1.67 4.94
N GLN B 232 -12.34 -2.00 4.27
CA GLN B 232 -11.59 -3.21 4.57
C GLN B 232 -11.38 -3.37 6.08
N ILE B 233 -10.95 -2.31 6.74
CA ILE B 233 -10.72 -2.36 8.18
C ILE B 233 -12.02 -2.74 8.91
N PHE B 234 -13.15 -2.23 8.41
CA PHE B 234 -14.43 -2.55 9.02
C PHE B 234 -14.75 -4.03 8.83
N ASN B 235 -14.69 -4.50 7.58
CA ASN B 235 -14.99 -5.89 7.30
C ASN B 235 -14.30 -6.79 8.31
N GLU B 236 -13.01 -6.53 8.55
CA GLU B 236 -12.26 -7.32 9.51
C GLU B 236 -12.93 -7.26 10.89
N LEU B 237 -13.54 -6.12 11.20
CA LEU B 237 -14.23 -5.93 12.48
C LEU B 237 -15.63 -6.55 12.39
N ASP B 238 -16.30 -6.33 11.27
CA ASP B 238 -17.63 -6.86 11.05
C ASP B 238 -17.62 -8.38 11.12
N GLN B 239 -16.42 -8.95 11.17
CA GLN B 239 -16.26 -10.39 11.26
C GLN B 239 -15.73 -10.75 12.64
N ALA B 240 -14.71 -10.03 13.09
CA ALA B 240 -14.12 -10.28 14.39
C ALA B 240 -15.22 -10.32 15.44
N GLY B 241 -16.18 -9.40 15.31
CA GLY B 241 -17.29 -9.32 16.24
C GLY B 241 -18.24 -10.49 16.13
N SER B 242 -18.39 -11.04 14.92
CA SER B 242 -19.25 -12.19 14.71
C SER B 242 -18.49 -13.41 15.21
N THR B 243 -17.22 -13.49 14.84
CA THR B 243 -16.36 -14.59 15.26
C THR B 243 -16.27 -14.50 16.78
N LEU B 244 -16.55 -13.31 17.29
CA LEU B 244 -16.54 -13.03 18.72
C LEU B 244 -17.75 -13.74 19.36
N ALA B 245 -18.89 -13.67 18.67
CA ALA B 245 -20.12 -14.29 19.15
C ALA B 245 -20.14 -15.78 18.86
N ARG B 246 -19.46 -16.18 17.78
CA ARG B 246 -19.40 -17.59 17.40
C ARG B 246 -18.34 -18.28 18.26
N GLU B 247 -17.91 -17.58 19.31
CA GLU B 247 -16.90 -18.10 20.22
C GLU B 247 -17.26 -17.74 21.65
N THR B 248 -17.54 -16.46 21.88
CA THR B 248 -17.90 -15.99 23.22
C THR B 248 -19.02 -14.94 23.17
CHA HEM C . 17.19 -8.06 -2.89
CHB HEM C . 15.02 -10.74 0.42
CHC HEM C . 10.75 -9.56 -1.44
CHD HEM C . 12.94 -6.68 -4.61
C1A HEM C . 16.96 -8.90 -1.82
C2A HEM C . 18.01 -9.41 -0.97
C3A HEM C . 17.40 -10.20 -0.06
C4A HEM C . 15.98 -10.11 -0.33
CMA HEM C . 18.06 -10.94 1.09
CAA HEM C . 19.45 -8.93 -0.94
CBA HEM C . 20.34 -9.61 -1.95
CGA HEM C . 21.55 -8.78 -2.33
O1A HEM C . 22.51 -9.35 -2.91
O2A HEM C . 21.55 -7.55 -2.07
C1B HEM C . 13.65 -10.65 0.20
C2B HEM C . 12.67 -11.34 0.99
C3B HEM C . 11.46 -11.03 0.46
C4B HEM C . 11.72 -10.14 -0.65
CMB HEM C . 12.95 -12.22 2.21
CAB HEM C . 10.19 -11.44 0.91
CBB HEM C . 10.00 -12.27 2.07
C1C HEM C . 10.98 -8.66 -2.48
C2C HEM C . 9.93 -8.00 -3.21
C3C HEM C . 10.55 -7.15 -4.09
C4C HEM C . 11.97 -7.33 -3.88
CMC HEM C . 8.44 -8.16 -2.98
CAC HEM C . 9.94 -6.24 -4.95
CBC HEM C . 8.65 -6.48 -5.57
C1D HEM C . 14.30 -6.84 -4.44
C2D HEM C . 15.31 -6.10 -5.18
C3D HEM C . 16.49 -6.51 -4.69
C4D HEM C . 16.21 -7.50 -3.68
CMD HEM C . 15.10 -4.99 -6.19
CAD HEM C . 17.87 -6.02 -5.09
CBD HEM C . 18.37 -4.89 -4.20
CGD HEM C . 19.77 -4.47 -4.57
O1D HEM C . 20.70 -5.28 -4.40
O2D HEM C . 19.94 -3.32 -5.06
NA HEM C . 15.71 -9.31 -1.41
NB HEM C . 13.08 -9.90 -0.81
NC HEM C . 12.23 -8.24 -2.88
ND HEM C . 14.87 -7.69 -3.52
FE HEM C . 13.98 -8.74 -2.12
CHA HEM D . -18.12 14.59 7.04
CHB HEM D . -21.38 11.63 8.95
CHC HEM D . -18.25 7.99 8.62
CHD HEM D . -14.99 10.96 6.65
C1A HEM D . -19.29 14.09 7.55
C2A HEM D . -20.49 14.89 7.78
C3A HEM D . -21.40 14.05 8.31
C4A HEM D . -20.77 12.75 8.42
CMA HEM D . -22.83 14.40 8.71
CAA HEM D . -20.67 16.37 7.49
CBA HEM D . -20.51 16.74 6.01
CGA HEM D . -19.49 17.85 5.76
O1A HEM D . -19.32 18.26 4.58
O2A HEM D . -18.84 18.33 6.72
C1B HEM D . -20.80 10.39 9.05
C2B HEM D . -21.43 9.25 9.70
C3B HEM D . -20.53 8.24 9.66
C4B HEM D . -19.37 8.74 8.91
CMB HEM D . -22.83 9.20 10.31
CAB HEM D . -20.63 7.03 10.31
CBB HEM D . -19.80 6.71 11.47
C1C HEM D . -17.10 8.47 8.03
C2C HEM D . -15.96 7.65 7.66
C3C HEM D . -15.04 8.48 7.12
C4C HEM D . -15.60 9.82 7.17
CMC HEM D . -15.80 6.14 7.88
CAC HEM D . -13.86 8.08 6.50
CBC HEM D . -12.56 8.32 7.11
C1D HEM D . -15.56 12.21 6.59
C2D HEM D . -14.92 13.38 5.98
C3D HEM D . -15.78 14.42 6.15
C4D HEM D . -16.98 13.87 6.81
CMD HEM D . -13.63 13.41 5.18
CAD HEM D . -15.56 15.88 5.71
CBD HEM D . -16.44 16.31 4.52
CGD HEM D . -16.20 17.75 4.08
O1D HEM D . -15.32 17.98 3.21
O2D HEM D . -16.87 18.66 4.62
NA HEM D . -19.46 12.78 7.94
NB HEM D . -19.52 10.07 8.58
NC HEM D . -16.89 9.80 7.72
ND HEM D . -16.83 12.52 7.07
FE HEM D . -18.21 11.26 7.72
N ARG A 29 31.91 4.86 -2.89
CA ARG A 29 30.98 4.30 -3.91
C ARG A 29 29.52 4.62 -3.57
N MET A 30 29.33 5.38 -2.49
CA MET A 30 28.00 5.79 -2.04
C MET A 30 27.33 6.65 -3.12
N ALA A 31 28.06 6.90 -4.20
CA ALA A 31 27.59 7.71 -5.30
C ALA A 31 27.06 6.85 -6.45
N ASP A 32 27.31 5.55 -6.39
CA ASP A 32 26.86 4.64 -7.43
C ASP A 32 25.37 4.32 -7.37
N LEU A 33 24.77 4.22 -8.55
CA LEU A 33 23.33 3.93 -8.68
C LEU A 33 22.96 2.55 -8.11
N SER A 34 23.94 1.88 -7.52
CA SER A 34 23.73 0.55 -6.94
C SER A 34 23.19 0.69 -5.53
N GLU A 35 23.85 1.54 -4.75
CA GLU A 35 23.45 1.80 -3.37
C GLU A 35 22.33 2.82 -3.29
N LEU A 36 22.38 3.84 -4.14
CA LEU A 36 21.34 4.86 -4.16
C LEU A 36 19.97 4.18 -4.27
N LEU A 37 19.93 3.06 -4.99
CA LEU A 37 18.71 2.29 -5.15
C LEU A 37 18.50 1.37 -3.95
N LYS A 38 19.59 0.83 -3.40
CA LYS A 38 19.49 -0.07 -2.26
C LYS A 38 19.15 0.68 -0.99
N GLU A 39 19.92 1.71 -0.68
CA GLU A 39 19.64 2.51 0.50
C GLU A 39 18.33 3.27 0.25
N GLY A 40 18.14 3.70 -0.99
CA GLY A 40 16.94 4.42 -1.36
C GLY A 40 15.61 3.69 -1.32
N THR A 41 15.63 2.36 -1.42
CA THR A 41 14.39 1.59 -1.40
C THR A 41 14.30 0.62 -0.21
N LYS A 42 15.21 0.78 0.75
CA LYS A 42 15.24 -0.07 1.94
C LYS A 42 13.86 -0.17 2.59
N GLU A 43 13.27 0.99 2.90
CA GLU A 43 11.95 1.05 3.51
C GLU A 43 10.91 0.30 2.72
N ALA A 44 10.84 0.55 1.41
CA ALA A 44 9.86 -0.16 0.62
C ALA A 44 10.12 -1.67 0.61
N HIS A 45 11.38 -2.08 0.69
CA HIS A 45 11.67 -3.51 0.69
C HIS A 45 11.17 -4.15 1.99
N ASP A 46 11.33 -3.44 3.10
CA ASP A 46 10.86 -3.98 4.37
C ASP A 46 9.35 -4.20 4.30
N ARG A 47 8.62 -3.21 3.82
CA ARG A 47 7.17 -3.33 3.72
C ARG A 47 6.79 -4.54 2.88
N ALA A 48 7.58 -4.79 1.83
CA ALA A 48 7.38 -5.91 0.91
C ALA A 48 7.61 -7.27 1.59
N GLU A 49 8.74 -7.40 2.29
CA GLU A 49 9.08 -8.63 3.00
C GLU A 49 8.00 -9.00 4.02
N ASN A 50 7.41 -7.99 4.64
CA ASN A 50 6.40 -8.21 5.66
C ASN A 50 4.95 -8.06 5.24
N THR A 51 4.72 -8.06 3.94
CA THR A 51 3.37 -7.90 3.44
C THR A 51 2.56 -9.20 3.57
N GLN A 52 1.37 -9.11 4.16
CA GLN A 52 0.49 -10.27 4.38
C GLN A 52 0.51 -11.36 3.32
N PHE A 53 0.35 -10.96 2.06
CA PHE A 53 0.33 -11.93 0.99
C PHE A 53 1.67 -12.65 0.83
N VAL A 54 2.76 -11.90 0.86
CA VAL A 54 4.09 -12.48 0.71
C VAL A 54 4.37 -13.51 1.81
N LYS A 55 3.93 -13.18 3.03
CA LYS A 55 4.13 -14.04 4.17
C LYS A 55 3.25 -15.29 4.08
N ASP A 56 2.02 -15.14 3.59
CA ASP A 56 1.15 -16.30 3.49
C ASP A 56 1.67 -17.17 2.38
N PHE A 57 2.30 -16.55 1.40
CA PHE A 57 2.86 -17.32 0.30
C PHE A 57 4.02 -18.17 0.85
N LEU A 58 5.03 -17.49 1.37
CA LEU A 58 6.20 -18.13 1.91
C LEU A 58 5.88 -19.28 2.87
N LYS A 59 4.87 -19.11 3.71
CA LYS A 59 4.52 -20.17 4.66
C LYS A 59 3.67 -21.26 4.00
N GLY A 60 3.37 -21.08 2.72
CA GLY A 60 2.58 -22.05 1.98
C GLY A 60 1.11 -21.95 2.32
N ASN A 61 0.56 -20.74 2.33
CA ASN A 61 -0.86 -20.56 2.66
C ASN A 61 -1.74 -20.24 1.45
N ILE A 62 -1.14 -19.89 0.32
CA ILE A 62 -1.94 -19.57 -0.86
C ILE A 62 -2.23 -20.79 -1.72
N LYS A 63 -3.51 -20.97 -2.03
CA LYS A 63 -3.98 -22.11 -2.82
C LYS A 63 -3.88 -21.91 -4.33
N LYS A 64 -4.23 -22.98 -5.06
CA LYS A 64 -4.16 -22.97 -6.52
C LYS A 64 -4.77 -21.77 -7.25
N GLU A 65 -6.08 -21.60 -7.15
CA GLU A 65 -6.72 -20.49 -7.85
C GLU A 65 -6.06 -19.14 -7.56
N LEU A 66 -5.67 -18.89 -6.31
CA LEU A 66 -5.03 -17.62 -6.00
C LEU A 66 -3.62 -17.55 -6.58
N PHE A 67 -3.01 -18.71 -6.78
CA PHE A 67 -1.68 -18.74 -7.36
C PHE A 67 -1.80 -18.28 -8.82
N LYS A 68 -2.86 -18.75 -9.48
CA LYS A 68 -3.11 -18.37 -10.86
C LYS A 68 -3.14 -16.85 -10.94
N LEU A 69 -4.09 -16.24 -10.23
CA LEU A 69 -4.23 -14.79 -10.19
C LEU A 69 -2.88 -14.12 -9.98
N ALA A 70 -2.04 -14.76 -9.17
CA ALA A 70 -0.70 -14.24 -8.92
C ALA A 70 0.11 -14.31 -10.23
N THR A 71 0.08 -15.47 -10.88
CA THR A 71 0.81 -15.67 -12.14
C THR A 71 0.27 -14.70 -13.21
N THR A 72 -1.06 -14.61 -13.33
CA THR A 72 -1.65 -13.70 -14.31
C THR A 72 -1.07 -12.31 -14.18
N ALA A 73 -1.19 -11.74 -12.99
CA ALA A 73 -0.66 -10.41 -12.72
C ALA A 73 0.79 -10.41 -13.18
N LEU A 74 1.51 -11.46 -12.82
CA LEU A 74 2.92 -11.59 -13.18
C LEU A 74 3.08 -11.56 -14.71
N TYR A 75 2.17 -12.23 -15.43
CA TYR A 75 2.24 -12.27 -16.90
C TYR A 75 2.04 -10.90 -17.56
N PHE A 76 0.99 -10.19 -17.16
CA PHE A 76 0.72 -8.87 -17.72
C PHE A 76 1.82 -7.85 -17.41
N THR A 77 2.18 -7.74 -16.12
CA THR A 77 3.22 -6.80 -15.73
C THR A 77 4.51 -7.01 -16.53
N TYR A 78 4.93 -8.27 -16.68
CA TYR A 78 6.16 -8.50 -17.44
C TYR A 78 5.95 -8.28 -18.93
N SER A 79 4.78 -8.66 -19.44
CA SER A 79 4.50 -8.46 -20.86
C SER A 79 4.72 -6.99 -21.21
N ALA A 80 4.30 -6.10 -20.31
CA ALA A 80 4.46 -4.67 -20.55
C ALA A 80 5.89 -4.21 -20.36
N LEU A 81 6.52 -4.72 -19.31
CA LEU A 81 7.90 -4.35 -18.99
C LEU A 81 8.87 -4.81 -20.07
N GLU A 82 8.83 -6.10 -20.39
CA GLU A 82 9.72 -6.63 -21.41
C GLU A 82 9.43 -5.99 -22.77
N GLU A 83 8.22 -5.45 -22.89
CA GLU A 83 7.78 -4.77 -24.10
C GLU A 83 8.48 -3.41 -24.16
N GLU A 84 8.25 -2.57 -23.15
CA GLU A 84 8.90 -1.27 -23.12
C GLU A 84 10.40 -1.42 -23.17
N MET A 85 10.92 -2.57 -22.72
CA MET A 85 12.37 -2.77 -22.77
C MET A 85 12.68 -3.16 -24.21
N GLU A 86 11.68 -3.71 -24.89
CA GLU A 86 11.81 -4.11 -26.28
C GLU A 86 11.82 -2.85 -27.12
N ARG A 87 10.80 -2.02 -26.94
CA ARG A 87 10.70 -0.77 -27.69
C ARG A 87 11.60 0.28 -27.07
N ASN A 88 12.78 -0.16 -26.61
CA ASN A 88 13.77 0.71 -26.01
C ASN A 88 15.13 0.02 -26.02
N LYS A 89 15.19 -1.14 -26.65
CA LYS A 89 16.42 -1.92 -26.73
C LYS A 89 17.59 -1.14 -27.33
N ASP A 90 17.38 -0.56 -28.51
CA ASP A 90 18.43 0.20 -29.18
C ASP A 90 18.59 1.55 -28.48
N HIS A 91 17.55 1.98 -27.77
CA HIS A 91 17.57 3.24 -27.03
C HIS A 91 18.73 3.24 -26.05
N PRO A 92 19.67 4.20 -26.18
CA PRO A 92 20.84 4.28 -25.29
C PRO A 92 20.55 4.52 -23.83
N ALA A 93 19.33 4.92 -23.49
CA ALA A 93 18.99 5.16 -22.08
C ALA A 93 18.81 3.87 -21.29
N PHE A 94 18.38 2.81 -21.97
CA PHE A 94 18.16 1.52 -21.33
C PHE A 94 19.04 0.43 -21.91
N ALA A 95 19.43 0.60 -23.18
CA ALA A 95 20.23 -0.40 -23.89
C ALA A 95 21.39 -1.03 -23.09
N PRO A 96 22.06 -0.26 -22.23
CA PRO A 96 23.15 -0.87 -21.46
C PRO A 96 22.67 -2.04 -20.62
N LEU A 97 21.39 -1.99 -20.25
CA LEU A 97 20.79 -3.02 -19.41
C LEU A 97 19.89 -3.99 -20.13
N TYR A 98 19.94 -3.98 -21.46
CA TYR A 98 19.09 -4.87 -22.23
C TYR A 98 19.63 -6.29 -22.11
N PHE A 99 18.74 -7.24 -21.81
CA PHE A 99 19.14 -8.64 -21.65
C PHE A 99 18.00 -9.58 -22.04
N PRO A 100 17.25 -9.22 -23.09
CA PRO A 100 16.13 -10.07 -23.51
C PRO A 100 16.36 -11.57 -23.53
N MET A 101 17.62 -12.00 -23.68
CA MET A 101 17.95 -13.43 -23.74
C MET A 101 18.19 -14.05 -22.35
N GLU A 102 18.89 -13.33 -21.47
CA GLU A 102 19.19 -13.84 -20.14
C GLU A 102 18.16 -13.55 -19.03
N LEU A 103 17.38 -12.47 -19.16
CA LEU A 103 16.40 -12.13 -18.13
C LEU A 103 14.91 -12.21 -18.42
N HIS A 104 14.48 -11.99 -19.66
CA HIS A 104 13.05 -12.02 -19.92
C HIS A 104 12.32 -13.27 -19.42
N ARG A 105 11.14 -13.05 -18.84
CA ARG A 105 10.34 -14.12 -18.28
C ARG A 105 9.05 -14.43 -19.02
N LYS A 106 8.68 -13.58 -19.98
CA LYS A 106 7.43 -13.78 -20.72
C LYS A 106 7.26 -15.17 -21.35
N GLU A 107 8.34 -15.75 -21.85
CA GLU A 107 8.27 -17.08 -22.47
C GLU A 107 8.13 -18.15 -21.38
N ALA A 108 8.59 -17.81 -20.17
CA ALA A 108 8.50 -18.72 -19.03
C ALA A 108 7.07 -18.66 -18.47
N LEU A 109 6.57 -17.43 -18.35
CA LEU A 109 5.24 -17.20 -17.84
C LEU A 109 4.21 -17.88 -18.74
N THR A 110 4.32 -17.63 -20.04
CA THR A 110 3.37 -18.22 -20.97
C THR A 110 3.25 -19.73 -20.74
N LYS A 111 4.38 -20.40 -20.59
CA LYS A 111 4.31 -21.84 -20.34
C LYS A 111 3.59 -22.12 -19.02
N ASP A 112 3.86 -21.29 -18.01
CA ASP A 112 3.23 -21.46 -16.70
C ASP A 112 1.72 -21.24 -16.79
N MET A 113 1.29 -20.26 -17.57
CA MET A 113 -0.13 -19.98 -17.74
C MET A 113 -0.83 -21.20 -18.35
N GLU A 114 -0.30 -21.66 -19.49
CA GLU A 114 -0.85 -22.82 -20.19
C GLU A 114 -0.93 -24.05 -19.27
N TYR A 115 0.06 -24.21 -18.40
CA TYR A 115 0.10 -25.33 -17.48
C TYR A 115 -1.05 -25.27 -16.46
N PHE A 116 -1.49 -24.05 -16.11
CA PHE A 116 -2.57 -23.90 -15.14
C PHE A 116 -3.96 -23.65 -15.71
N PHE A 117 -4.09 -22.62 -16.53
CA PHE A 117 -5.38 -22.26 -17.11
C PHE A 117 -5.87 -23.22 -18.19
N GLY A 118 -5.03 -23.46 -19.19
CA GLY A 118 -5.39 -24.34 -20.28
C GLY A 118 -4.92 -23.80 -21.62
N GLU A 119 -5.55 -24.27 -22.70
CA GLU A 119 -5.18 -23.86 -24.06
C GLU A 119 -5.53 -22.40 -24.41
N ASN A 120 -6.81 -22.05 -24.32
CA ASN A 120 -7.24 -20.68 -24.61
C ASN A 120 -7.25 -19.85 -23.32
N TRP A 121 -6.15 -19.91 -22.59
CA TRP A 121 -6.01 -19.21 -21.33
C TRP A 121 -6.04 -17.69 -21.46
N GLU A 122 -5.63 -17.19 -22.62
CA GLU A 122 -5.59 -15.76 -22.88
C GLU A 122 -6.97 -15.08 -22.68
N GLU A 123 -8.02 -15.77 -23.09
CA GLU A 123 -9.38 -15.24 -22.95
C GLU A 123 -10.05 -15.71 -21.67
N GLN A 124 -9.36 -16.56 -20.90
CA GLN A 124 -9.91 -17.05 -19.65
C GLN A 124 -9.59 -16.11 -18.51
N VAL A 125 -8.66 -15.20 -18.77
CA VAL A 125 -8.18 -14.27 -17.76
C VAL A 125 -8.10 -12.81 -18.19
N GLN A 126 -7.91 -11.92 -17.22
CA GLN A 126 -7.78 -10.49 -17.47
C GLN A 126 -6.80 -9.84 -16.46
N ALA A 127 -6.46 -8.58 -16.68
CA ALA A 127 -5.52 -7.91 -15.79
C ALA A 127 -6.19 -7.29 -14.56
N PRO A 128 -5.84 -7.77 -13.35
CA PRO A 128 -6.42 -7.24 -12.11
C PRO A 128 -6.19 -5.73 -12.08
N LYS A 129 -7.14 -4.99 -11.51
CA LYS A 129 -7.05 -3.53 -11.44
C LYS A 129 -5.65 -2.98 -11.11
N ALA A 130 -5.01 -3.48 -10.06
CA ALA A 130 -3.67 -2.99 -9.67
C ALA A 130 -2.61 -3.35 -10.71
N ALA A 131 -2.81 -4.46 -11.41
CA ALA A 131 -1.89 -4.88 -12.44
C ALA A 131 -2.10 -3.95 -13.64
N GLN A 132 -3.21 -3.22 -13.62
CA GLN A 132 -3.54 -2.28 -14.67
C GLN A 132 -2.76 -1.00 -14.49
N LYS A 133 -2.66 -0.54 -13.25
CA LYS A 133 -1.93 0.70 -13.01
C LYS A 133 -0.45 0.44 -13.18
N TYR A 134 -0.04 -0.80 -12.87
CA TYR A 134 1.35 -1.20 -13.00
C TYR A 134 1.67 -1.24 -14.50
N VAL A 135 0.78 -1.87 -15.27
CA VAL A 135 0.98 -1.95 -16.72
C VAL A 135 0.84 -0.59 -17.42
N GLU A 136 0.01 0.28 -16.86
CA GLU A 136 -0.20 1.60 -17.47
C GLU A 136 0.93 2.55 -17.07
N ARG A 137 1.59 2.26 -15.96
CA ARG A 137 2.70 3.10 -15.55
C ARG A 137 3.97 2.65 -16.27
N ILE A 138 4.03 1.36 -16.61
CA ILE A 138 5.17 0.85 -17.32
C ILE A 138 5.13 1.39 -18.75
N HIS A 139 4.04 1.11 -19.47
CA HIS A 139 3.88 1.60 -20.83
C HIS A 139 4.15 3.09 -20.93
N TYR A 140 3.61 3.84 -19.96
CA TYR A 140 3.81 5.28 -19.93
C TYR A 140 5.29 5.57 -19.84
N ILE A 141 5.91 5.02 -18.79
CA ILE A 141 7.34 5.20 -18.55
C ILE A 141 8.23 4.91 -19.75
N GLY A 142 7.93 3.82 -20.46
CA GLY A 142 8.73 3.46 -21.62
C GLY A 142 8.42 4.25 -22.87
N GLN A 143 7.21 4.80 -22.94
CA GLN A 143 6.81 5.56 -24.10
C GLN A 143 6.96 7.06 -23.88
N ASN A 144 7.47 7.47 -22.73
CA ASN A 144 7.61 8.89 -22.46
C ASN A 144 8.78 9.31 -21.61
N GLU A 145 9.44 8.34 -20.99
CA GLU A 145 10.61 8.59 -20.13
C GLU A 145 11.44 7.31 -20.03
N PRO A 146 11.88 6.78 -21.17
CA PRO A 146 12.68 5.55 -21.23
C PRO A 146 13.91 5.54 -20.32
N GLU A 147 14.37 6.73 -19.92
CA GLU A 147 15.54 6.87 -19.06
C GLU A 147 15.38 6.22 -17.70
N LEU A 148 14.16 6.23 -17.17
CA LEU A 148 13.86 5.66 -15.85
C LEU A 148 13.39 4.21 -15.93
N LEU A 149 13.43 3.63 -17.13
CA LEU A 149 13.00 2.23 -17.31
C LEU A 149 13.78 1.28 -16.42
N VAL A 150 15.01 1.66 -16.08
CA VAL A 150 15.88 0.86 -15.23
C VAL A 150 15.26 0.69 -13.83
N ALA A 151 14.46 1.66 -13.40
CA ALA A 151 13.83 1.58 -12.09
C ALA A 151 12.79 0.46 -12.06
N HIS A 152 12.30 0.07 -13.22
CA HIS A 152 11.31 -0.99 -13.27
C HIS A 152 11.94 -2.36 -13.59
N ALA A 153 13.11 -2.30 -14.23
CA ALA A 153 13.86 -3.50 -14.58
C ALA A 153 14.50 -3.95 -13.27
N TYR A 154 15.12 -3.01 -12.57
CA TYR A 154 15.76 -3.22 -11.29
C TYR A 154 14.82 -3.89 -10.29
N THR A 155 13.85 -3.11 -9.81
CA THR A 155 12.88 -3.59 -8.83
C THR A 155 12.36 -5.00 -9.12
N ARG A 156 12.19 -5.34 -10.40
CA ARG A 156 11.69 -6.66 -10.74
C ARG A 156 12.74 -7.76 -10.87
N TYR A 157 13.54 -7.71 -11.92
CA TYR A 157 14.52 -8.75 -12.18
C TYR A 157 15.48 -9.02 -11.02
N MET A 158 16.02 -7.97 -10.40
CA MET A 158 16.94 -8.12 -9.28
C MET A 158 16.27 -8.88 -8.13
N GLY A 159 15.04 -8.52 -7.80
CA GLY A 159 14.35 -9.24 -6.75
C GLY A 159 14.19 -10.69 -7.17
N ASP A 160 13.87 -10.90 -8.44
CA ASP A 160 13.68 -12.23 -8.98
C ASP A 160 14.94 -13.09 -8.91
N LEU A 161 16.11 -12.46 -9.02
CA LEU A 161 17.37 -13.17 -8.95
C LEU A 161 17.82 -13.45 -7.50
N SER A 162 17.13 -12.85 -6.53
CA SER A 162 17.48 -13.00 -5.12
C SER A 162 16.81 -14.16 -4.37
N GLY A 163 15.53 -14.41 -4.64
CA GLY A 163 14.84 -15.47 -3.94
C GLY A 163 13.98 -16.42 -4.76
N GLY A 164 14.17 -16.41 -6.08
CA GLY A 164 13.39 -17.28 -6.94
C GLY A 164 13.51 -18.75 -6.58
N GLN A 165 14.73 -19.20 -6.27
CA GLN A 165 14.97 -20.61 -5.93
C GLN A 165 14.03 -21.04 -4.81
N VAL A 166 13.94 -20.19 -3.78
CA VAL A 166 13.09 -20.46 -2.64
C VAL A 166 11.61 -20.47 -3.06
N LEU A 167 11.12 -19.36 -3.59
CA LEU A 167 9.71 -19.27 -4.01
C LEU A 167 9.26 -20.48 -4.83
N LYS A 168 10.15 -20.95 -5.69
CA LYS A 168 9.87 -22.10 -6.54
C LYS A 168 9.55 -23.31 -5.65
N LYS A 169 10.41 -23.56 -4.66
CA LYS A 169 10.25 -24.68 -3.75
C LYS A 169 9.00 -24.59 -2.90
N VAL A 170 8.62 -23.38 -2.51
CA VAL A 170 7.41 -23.22 -1.70
C VAL A 170 6.19 -23.59 -2.51
N ALA A 171 5.97 -22.87 -3.61
CA ALA A 171 4.82 -23.13 -4.49
C ALA A 171 4.73 -24.61 -4.87
N GLN A 172 5.88 -25.23 -5.08
CA GLN A 172 5.95 -26.63 -5.48
C GLN A 172 5.29 -27.59 -4.48
N ARG A 173 5.64 -27.42 -3.20
CA ARG A 173 5.10 -28.25 -2.13
C ARG A 173 3.64 -27.94 -1.81
N ALA A 174 3.29 -26.65 -1.76
CA ALA A 174 1.93 -26.24 -1.42
C ALA A 174 0.90 -26.65 -2.47
N LEU A 175 1.32 -26.70 -3.72
CA LEU A 175 0.41 -27.04 -4.80
C LEU A 175 0.66 -28.44 -5.32
N LYS A 176 1.61 -29.13 -4.69
CA LYS A 176 1.96 -30.47 -5.09
C LYS A 176 2.37 -30.41 -6.56
N LEU A 177 3.23 -29.45 -6.90
CA LEU A 177 3.68 -29.29 -8.28
C LEU A 177 4.86 -30.21 -8.60
N PRO A 178 4.96 -30.65 -9.86
CA PRO A 178 6.05 -31.55 -10.27
C PRO A 178 7.42 -30.97 -9.91
N SER A 179 8.40 -31.86 -9.83
CA SER A 179 9.77 -31.49 -9.53
C SER A 179 10.44 -31.13 -10.86
N THR A 180 9.86 -31.66 -11.94
CA THR A 180 10.36 -31.42 -13.29
C THR A 180 10.53 -29.92 -13.51
N GLY A 181 9.57 -29.16 -12.97
CA GLY A 181 9.64 -27.70 -13.08
C GLY A 181 8.48 -26.98 -13.74
N GLU A 182 7.48 -27.72 -14.23
CA GLU A 182 6.33 -27.11 -14.88
C GLU A 182 5.46 -26.41 -13.85
N GLY A 183 4.97 -25.22 -14.21
CA GLY A 183 4.14 -24.45 -13.31
C GLY A 183 4.88 -23.32 -12.61
N THR A 184 6.20 -23.48 -12.45
CA THR A 184 6.97 -22.44 -11.78
C THR A 184 8.27 -22.10 -12.50
N GLN A 185 8.24 -22.09 -13.83
CA GLN A 185 9.44 -21.76 -14.60
C GLN A 185 9.80 -20.30 -14.49
N PHE A 186 8.85 -19.47 -14.07
CA PHE A 186 9.11 -18.04 -13.91
C PHE A 186 10.26 -17.80 -12.93
N TYR A 187 10.44 -18.75 -12.03
CA TYR A 187 11.46 -18.68 -10.98
C TYR A 187 12.82 -19.25 -11.37
N LEU A 188 12.91 -19.80 -12.57
CA LEU A 188 14.14 -20.40 -13.09
C LEU A 188 14.74 -19.55 -14.21
N PHE A 189 16.05 -19.34 -14.16
CA PHE A 189 16.75 -18.55 -15.17
C PHE A 189 17.76 -19.39 -15.96
N GLU A 190 17.24 -20.08 -16.98
CA GLU A 190 17.98 -20.97 -17.88
C GLU A 190 19.37 -20.44 -18.23
N ASN A 191 19.38 -19.27 -18.85
CA ASN A 191 20.57 -18.61 -19.32
C ASN A 191 21.45 -17.88 -18.31
N VAL A 192 21.01 -17.77 -17.07
CA VAL A 192 21.83 -17.13 -16.04
C VAL A 192 22.59 -18.26 -15.36
N ASP A 193 23.88 -18.35 -15.63
CA ASP A 193 24.67 -19.41 -15.03
C ASP A 193 25.36 -18.96 -13.74
N ASN A 194 24.86 -17.88 -13.14
CA ASN A 194 25.39 -17.36 -11.89
C ASN A 194 24.63 -16.13 -11.39
N ALA A 195 23.62 -16.34 -10.54
CA ALA A 195 22.80 -15.25 -10.00
C ALA A 195 23.59 -14.11 -9.37
N GLN A 196 24.31 -14.40 -8.28
CA GLN A 196 25.09 -13.34 -7.65
C GLN A 196 26.07 -12.75 -8.65
N GLN A 197 26.40 -13.51 -9.69
CA GLN A 197 27.31 -13.04 -10.74
C GLN A 197 26.56 -12.03 -11.64
N PHE A 198 25.37 -12.42 -12.10
CA PHE A 198 24.62 -11.53 -12.96
C PHE A 198 24.18 -10.28 -12.20
N LYS A 199 23.82 -10.45 -10.94
CA LYS A 199 23.42 -9.28 -10.16
C LYS A 199 24.63 -8.37 -9.98
N GLN A 200 25.81 -8.99 -9.96
CA GLN A 200 27.07 -8.27 -9.82
C GLN A 200 27.39 -7.60 -11.17
N LEU A 201 27.19 -8.32 -12.26
CA LEU A 201 27.44 -7.78 -13.58
C LEU A 201 26.38 -6.72 -13.88
N TYR A 202 25.12 -7.13 -13.77
CA TYR A 202 23.98 -6.24 -13.99
C TYR A 202 24.13 -4.94 -13.20
N ARG A 203 24.43 -5.07 -11.90
CA ARG A 203 24.62 -3.89 -11.07
C ARG A 203 25.54 -2.94 -11.82
N ALA A 204 26.78 -3.39 -12.03
CA ALA A 204 27.81 -2.62 -12.72
C ALA A 204 27.28 -1.89 -13.97
N ARG A 205 26.34 -2.52 -14.66
CA ARG A 205 25.78 -1.90 -15.83
C ARG A 205 25.00 -0.63 -15.49
N MET A 206 24.37 -0.61 -14.31
CA MET A 206 23.62 0.58 -13.88
C MET A 206 24.62 1.50 -13.22
N ASN A 207 25.79 0.93 -12.90
CA ASN A 207 26.82 1.70 -12.25
C ASN A 207 27.83 2.28 -13.23
N ALA A 208 27.38 2.56 -14.46
CA ALA A 208 28.25 3.15 -15.48
C ALA A 208 27.49 3.90 -16.57
N LEU A 209 26.16 3.90 -16.51
CA LEU A 209 25.33 4.60 -17.49
C LEU A 209 25.90 6.01 -17.70
N ASP A 210 25.51 6.67 -18.80
CA ASP A 210 25.99 8.02 -19.08
C ASP A 210 24.94 9.03 -18.61
N LEU A 211 23.92 8.54 -17.91
CA LEU A 211 22.86 9.38 -17.37
C LEU A 211 23.45 10.23 -16.25
N ASN A 212 22.95 11.44 -16.07
CA ASN A 212 23.45 12.35 -15.03
C ASN A 212 22.81 12.11 -13.67
N MET A 213 23.49 12.57 -12.62
CA MET A 213 23.03 12.42 -11.25
C MET A 213 21.55 12.70 -11.04
N LYS A 214 21.06 13.80 -11.60
CA LYS A 214 19.65 14.17 -11.47
C LYS A 214 18.73 13.00 -11.81
N THR A 215 19.03 12.30 -12.91
CA THR A 215 18.24 11.14 -13.30
C THR A 215 18.33 10.07 -12.22
N LYS A 216 19.51 9.90 -11.65
CA LYS A 216 19.69 8.91 -10.59
C LYS A 216 18.68 9.10 -9.45
N GLU A 217 18.81 10.19 -8.69
CA GLU A 217 17.88 10.44 -7.60
C GLU A 217 16.44 10.43 -8.12
N ARG A 218 16.26 10.44 -9.43
CA ARG A 218 14.92 10.38 -9.99
C ARG A 218 14.55 8.93 -10.30
N ILE A 219 15.58 8.10 -10.50
CA ILE A 219 15.38 6.68 -10.74
C ILE A 219 15.05 6.02 -9.40
N VAL A 220 15.79 6.39 -8.36
CA VAL A 220 15.54 5.81 -7.04
C VAL A 220 14.09 6.05 -6.62
N GLU A 221 13.61 7.27 -6.83
CA GLU A 221 12.24 7.62 -6.48
C GLU A 221 11.25 6.80 -7.30
N GLU A 222 11.62 6.50 -8.54
CA GLU A 222 10.74 5.72 -9.39
C GLU A 222 10.70 4.24 -8.93
N ALA A 223 11.81 3.76 -8.37
CA ALA A 223 11.88 2.37 -7.88
C ALA A 223 10.81 2.16 -6.81
N ASN A 224 10.57 3.19 -6.00
CA ASN A 224 9.57 3.14 -4.95
C ASN A 224 8.15 3.01 -5.53
N LYS A 225 7.88 3.70 -6.63
CA LYS A 225 6.55 3.59 -7.27
C LYS A 225 6.45 2.12 -7.73
N ALA A 226 7.56 1.61 -8.26
CA ALA A 226 7.65 0.24 -8.72
C ALA A 226 7.32 -0.72 -7.57
N PHE A 227 7.89 -0.49 -6.39
CA PHE A 227 7.60 -1.33 -5.23
C PHE A 227 6.13 -1.16 -4.83
N GLU A 228 5.68 0.09 -4.74
CA GLU A 228 4.29 0.34 -4.34
C GLU A 228 3.28 -0.25 -5.32
N TYR A 229 3.66 -0.31 -6.59
CA TYR A 229 2.77 -0.90 -7.57
C TYR A 229 2.63 -2.37 -7.20
N ASN A 230 3.74 -2.96 -6.73
CA ASN A 230 3.76 -4.35 -6.30
C ASN A 230 3.04 -4.45 -4.96
N MET A 231 3.20 -3.44 -4.12
CA MET A 231 2.52 -3.45 -2.83
C MET A 231 1.03 -3.47 -3.12
N GLN A 232 0.60 -2.70 -4.11
CA GLN A 232 -0.83 -2.66 -4.39
C GLN A 232 -1.37 -3.97 -4.95
N ILE A 233 -0.53 -4.71 -5.67
CA ILE A 233 -0.99 -5.98 -6.21
C ILE A 233 -1.08 -6.99 -5.07
N PHE A 234 -0.08 -6.95 -4.18
CA PHE A 234 -0.02 -7.85 -3.03
C PHE A 234 -1.24 -7.68 -2.12
N ASN A 235 -1.58 -6.43 -1.84
CA ASN A 235 -2.73 -6.13 -0.98
C ASN A 235 -4.04 -6.43 -1.73
N GLU A 236 -4.01 -6.31 -3.04
CA GLU A 236 -5.20 -6.58 -3.84
C GLU A 236 -5.46 -8.09 -3.97
N LEU A 237 -4.40 -8.87 -4.14
CA LEU A 237 -4.51 -10.33 -4.26
C LEU A 237 -5.04 -10.95 -2.96
N ASP A 238 -4.64 -10.37 -1.83
CA ASP A 238 -5.08 -10.86 -0.53
C ASP A 238 -6.60 -10.63 -0.40
N GLN A 239 -7.09 -9.49 -0.88
CA GLN A 239 -8.53 -9.21 -0.83
C GLN A 239 -9.26 -10.42 -1.45
N ALA A 240 -8.60 -11.03 -2.44
CA ALA A 240 -9.17 -12.21 -3.10
C ALA A 240 -8.97 -13.41 -2.16
N GLY A 241 -7.76 -13.56 -1.64
CA GLY A 241 -7.48 -14.65 -0.73
C GLY A 241 -8.44 -14.59 0.44
N SER A 242 -8.18 -13.67 1.36
CA SER A 242 -9.03 -13.45 2.53
C SER A 242 -9.78 -14.70 2.98
N MET B 30 -10.87 20.45 -11.26
CA MET B 30 -10.86 21.71 -12.05
C MET B 30 -11.03 22.95 -11.18
N ALA B 31 -11.40 22.73 -9.92
CA ALA B 31 -11.61 23.82 -8.98
C ALA B 31 -10.91 23.66 -7.62
N ASP B 32 -11.65 23.92 -6.55
CA ASP B 32 -11.14 23.79 -5.18
C ASP B 32 -10.96 22.33 -4.82
N LEU B 33 -9.85 22.04 -4.17
CA LEU B 33 -9.52 20.68 -3.76
C LEU B 33 -10.57 20.18 -2.76
N SER B 34 -10.87 20.99 -1.76
CA SER B 34 -11.87 20.61 -0.77
C SER B 34 -13.20 20.26 -1.43
N GLU B 35 -13.58 21.00 -2.46
CA GLU B 35 -14.84 20.75 -3.16
C GLU B 35 -14.77 19.39 -3.82
N LEU B 36 -13.69 19.16 -4.55
CA LEU B 36 -13.51 17.88 -5.22
C LEU B 36 -13.65 16.73 -4.22
N LEU B 37 -12.82 16.74 -3.18
CA LEU B 37 -12.87 15.69 -2.17
C LEU B 37 -14.28 15.36 -1.68
N LYS B 38 -15.23 16.26 -1.90
CA LYS B 38 -16.61 16.05 -1.47
C LYS B 38 -17.36 15.11 -2.43
N GLU B 39 -17.43 15.50 -3.71
CA GLU B 39 -18.11 14.70 -4.72
C GLU B 39 -17.41 13.34 -4.83
N GLY B 40 -16.15 13.29 -4.42
CA GLY B 40 -15.39 12.05 -4.50
C GLY B 40 -15.54 11.04 -3.36
N THR B 41 -15.98 11.49 -2.20
CA THR B 41 -16.13 10.61 -1.05
C THR B 41 -17.55 10.58 -0.50
N LYS B 42 -18.51 11.00 -1.32
CA LYS B 42 -19.91 11.04 -0.93
C LYS B 42 -20.49 9.62 -0.79
N GLU B 43 -20.29 8.79 -1.80
CA GLU B 43 -20.80 7.42 -1.75
C GLU B 43 -20.09 6.54 -0.73
N ALA B 44 -18.78 6.74 -0.59
CA ALA B 44 -18.00 5.95 0.34
C ALA B 44 -18.46 6.07 1.79
N HIS B 45 -19.35 7.02 2.06
CA HIS B 45 -19.88 7.23 3.41
C HIS B 45 -20.90 6.15 3.76
N ASP B 46 -21.98 6.08 3.01
CA ASP B 46 -23.02 5.08 3.24
C ASP B 46 -22.34 3.72 3.33
N ARG B 47 -21.60 3.37 2.27
CA ARG B 47 -20.88 2.12 2.19
C ARG B 47 -20.20 1.82 3.52
N ALA B 48 -19.57 2.84 4.07
CA ALA B 48 -18.88 2.73 5.35
C ALA B 48 -19.88 2.74 6.52
N GLU B 49 -21.11 3.16 6.24
CA GLU B 49 -22.17 3.21 7.25
C GLU B 49 -23.09 2.01 7.15
N ASN B 50 -23.17 1.42 5.96
CA ASN B 50 -24.03 0.26 5.74
C ASN B 50 -23.33 -0.99 6.21
N THR B 51 -22.36 -0.82 7.11
CA THR B 51 -21.62 -1.96 7.66
C THR B 51 -22.30 -2.40 8.95
N GLN B 52 -22.05 -3.63 9.35
CA GLN B 52 -22.64 -4.14 10.59
C GLN B 52 -22.04 -3.32 11.72
N PHE B 53 -20.72 -3.33 11.79
CA PHE B 53 -19.97 -2.61 12.79
C PHE B 53 -20.49 -1.20 13.05
N VAL B 54 -20.54 -0.38 12.00
CA VAL B 54 -21.01 1.00 12.10
C VAL B 54 -22.46 1.14 12.54
N LYS B 55 -23.38 0.58 11.76
CA LYS B 55 -24.80 0.66 12.10
C LYS B 55 -25.03 0.28 13.56
N ASP B 56 -24.44 -0.84 13.97
CA ASP B 56 -24.56 -1.31 15.34
C ASP B 56 -23.97 -0.26 16.29
N PHE B 57 -22.93 0.43 15.82
CA PHE B 57 -22.27 1.43 16.64
C PHE B 57 -23.17 2.61 17.01
N LEU B 58 -23.55 3.39 16.01
CA LEU B 58 -24.41 4.57 16.20
C LEU B 58 -25.69 4.27 16.98
N LYS B 59 -26.20 3.06 16.84
CA LYS B 59 -27.43 2.68 17.53
C LYS B 59 -27.20 2.25 18.98
N GLY B 60 -25.96 1.95 19.34
CA GLY B 60 -25.66 1.57 20.71
C GLY B 60 -25.18 0.16 20.95
N ASN B 61 -25.47 -0.75 20.02
CA ASN B 61 -25.03 -2.13 20.19
C ASN B 61 -23.59 -2.36 19.73
N ILE B 62 -22.66 -2.29 20.69
CA ILE B 62 -21.24 -2.52 20.43
C ILE B 62 -20.71 -3.30 21.62
N LYS B 63 -19.90 -4.32 21.38
CA LYS B 63 -19.34 -5.10 22.47
C LYS B 63 -17.92 -4.69 22.81
N LYS B 64 -17.65 -4.56 24.11
CA LYS B 64 -16.36 -4.14 24.62
C LYS B 64 -15.16 -4.66 23.82
N GLU B 65 -15.01 -5.98 23.75
CA GLU B 65 -13.89 -6.55 23.04
C GLU B 65 -13.90 -6.24 21.55
N LEU B 66 -15.06 -5.85 21.03
CA LEU B 66 -15.17 -5.49 19.61
C LEU B 66 -14.62 -4.06 19.46
N PHE B 67 -15.16 -3.17 20.28
CA PHE B 67 -14.75 -1.77 20.31
C PHE B 67 -13.25 -1.70 20.51
N LYS B 68 -12.70 -2.72 21.17
CA LYS B 68 -11.27 -2.80 21.44
C LYS B 68 -10.47 -3.15 20.18
N LEU B 69 -11.13 -3.81 19.24
CA LEU B 69 -10.46 -4.17 17.99
C LEU B 69 -10.31 -2.88 17.20
N ALA B 70 -11.41 -2.13 17.11
CA ALA B 70 -11.44 -0.87 16.40
C ALA B 70 -10.42 0.10 16.98
N THR B 71 -10.45 0.26 18.30
CA THR B 71 -9.52 1.16 18.98
C THR B 71 -8.09 0.82 18.60
N THR B 72 -7.81 -0.48 18.48
CA THR B 72 -6.47 -0.93 18.11
C THR B 72 -6.21 -0.52 16.66
N ALA B 73 -7.22 -0.73 15.82
CA ALA B 73 -7.12 -0.37 14.42
C ALA B 73 -6.79 1.12 14.35
N LEU B 74 -7.53 1.91 15.13
CA LEU B 74 -7.33 3.36 15.18
C LEU B 74 -5.92 3.76 15.63
N TYR B 75 -5.46 3.15 16.71
CA TYR B 75 -4.13 3.43 17.27
C TYR B 75 -3.02 3.33 16.25
N PHE B 76 -2.99 2.22 15.53
CA PHE B 76 -1.96 2.00 14.52
C PHE B 76 -2.11 2.88 13.30
N THR B 77 -3.36 3.19 12.95
CA THR B 77 -3.64 4.07 11.82
C THR B 77 -3.03 5.45 12.10
N TYR B 78 -3.65 6.16 13.04
CA TYR B 78 -3.22 7.51 13.39
C TYR B 78 -1.79 7.64 13.85
N SER B 79 -1.21 6.55 14.34
CA SER B 79 0.16 6.62 14.81
C SER B 79 1.06 6.76 13.60
N ALA B 80 0.70 6.08 12.53
CA ALA B 80 1.48 6.11 11.30
C ALA B 80 1.25 7.44 10.58
N LEU B 81 -0.02 7.83 10.48
CA LEU B 81 -0.39 9.05 9.81
C LEU B 81 0.33 10.23 10.42
N GLU B 82 0.42 10.24 11.74
CA GLU B 82 1.08 11.33 12.45
C GLU B 82 2.60 11.31 12.32
N GLU B 83 3.21 10.15 12.21
CA GLU B 83 4.66 10.12 12.05
C GLU B 83 4.94 10.74 10.69
N GLU B 84 4.20 10.30 9.68
CA GLU B 84 4.37 10.82 8.33
C GLU B 84 4.05 12.33 8.26
N MET B 85 3.01 12.76 8.97
CA MET B 85 2.64 14.18 8.98
C MET B 85 3.76 14.95 9.67
N GLU B 86 4.25 14.40 10.76
CA GLU B 86 5.33 15.04 11.51
C GLU B 86 6.58 15.09 10.63
N ARG B 87 6.82 14.01 9.90
CA ARG B 87 7.96 13.92 9.02
C ARG B 87 7.91 15.06 7.99
N ASN B 88 6.70 15.43 7.60
CA ASN B 88 6.53 16.48 6.61
C ASN B 88 5.98 17.81 7.12
N LYS B 89 6.02 18.03 8.44
CA LYS B 89 5.51 19.28 9.01
C LYS B 89 6.08 20.53 8.31
N ASP B 90 7.28 20.42 7.76
CA ASP B 90 7.92 21.56 7.08
C ASP B 90 8.02 21.40 5.57
N HIS B 91 7.12 20.65 4.97
CA HIS B 91 7.14 20.44 3.53
C HIS B 91 6.09 21.38 2.89
N PRO B 92 6.51 22.19 1.92
CA PRO B 92 5.61 23.15 1.24
C PRO B 92 4.30 22.54 0.77
N ALA B 93 4.29 21.22 0.57
CA ALA B 93 3.08 20.57 0.11
C ALA B 93 2.20 20.04 1.25
N PHE B 94 2.68 20.14 2.49
CA PHE B 94 1.88 19.68 3.61
C PHE B 94 1.85 20.59 4.84
N ALA B 95 2.90 21.39 5.02
CA ALA B 95 3.02 22.31 6.15
C ALA B 95 1.73 23.01 6.59
N PRO B 96 0.95 23.55 5.64
CA PRO B 96 -0.30 24.24 5.98
C PRO B 96 -1.29 23.41 6.79
N LEU B 97 -1.33 22.10 6.51
CA LEU B 97 -2.27 21.20 7.18
C LEU B 97 -1.71 20.52 8.40
N TYR B 98 -0.56 21.01 8.88
CA TYR B 98 0.11 20.45 10.05
C TYR B 98 -0.35 21.10 11.36
N PHE B 99 -1.06 20.33 12.17
CA PHE B 99 -1.61 20.78 13.45
C PHE B 99 -1.38 19.70 14.52
N PRO B 100 -0.14 19.51 14.99
CA PRO B 100 0.09 18.48 16.01
C PRO B 100 -0.86 18.49 17.21
N MET B 101 -0.62 19.40 18.16
CA MET B 101 -1.46 19.50 19.36
C MET B 101 -2.92 19.90 19.10
N GLU B 102 -3.27 20.24 17.86
CA GLU B 102 -4.66 20.61 17.58
C GLU B 102 -5.51 19.40 17.24
N LEU B 103 -5.02 18.57 16.32
CA LEU B 103 -5.78 17.41 15.87
C LEU B 103 -5.25 16.02 16.19
N HIS B 104 -3.96 15.89 16.51
CA HIS B 104 -3.40 14.58 16.76
C HIS B 104 -4.14 13.66 17.73
N ARG B 105 -4.05 12.36 17.48
CA ARG B 105 -4.75 11.39 18.32
C ARG B 105 -3.85 10.34 18.97
N LYS B 106 -2.60 10.24 18.53
CA LYS B 106 -1.73 9.21 19.10
C LYS B 106 -1.68 9.21 20.61
N GLU B 107 -2.05 10.32 21.24
CA GLU B 107 -2.06 10.41 22.71
C GLU B 107 -3.33 9.81 23.28
N ALA B 108 -4.46 10.43 22.95
CA ALA B 108 -5.74 9.95 23.43
C ALA B 108 -5.82 8.43 23.28
N LEU B 109 -5.43 7.94 22.10
CA LEU B 109 -5.44 6.52 21.82
C LEU B 109 -4.48 5.70 22.68
N THR B 110 -3.27 6.21 22.89
CA THR B 110 -2.30 5.53 23.73
C THR B 110 -2.90 5.42 25.14
N LYS B 111 -3.55 6.49 25.59
CA LYS B 111 -4.18 6.50 26.92
C LYS B 111 -5.35 5.54 26.95
N ASP B 112 -5.92 5.27 25.78
CA ASP B 112 -7.05 4.36 25.69
C ASP B 112 -6.56 2.90 25.68
N MET B 113 -5.39 2.68 25.08
CA MET B 113 -4.79 1.34 25.02
C MET B 113 -4.33 0.91 26.41
N GLU B 114 -4.05 1.88 27.28
CA GLU B 114 -3.64 1.59 28.65
C GLU B 114 -4.89 1.20 29.45
N TYR B 115 -6.02 1.80 29.10
CA TYR B 115 -7.30 1.54 29.78
C TYR B 115 -8.08 0.33 29.26
N PHE B 116 -7.72 -0.19 28.10
CA PHE B 116 -8.44 -1.35 27.58
C PHE B 116 -7.64 -2.64 27.66
N PHE B 117 -6.40 -2.61 27.19
CA PHE B 117 -5.54 -3.79 27.17
C PHE B 117 -4.55 -3.89 28.33
N GLY B 118 -4.53 -2.87 29.19
CA GLY B 118 -3.64 -2.91 30.33
C GLY B 118 -2.31 -2.18 30.17
N GLU B 119 -1.60 -2.04 31.29
CA GLU B 119 -0.32 -1.35 31.33
C GLU B 119 0.83 -2.03 30.58
N ASN B 120 0.53 -3.08 29.83
CA ASN B 120 1.58 -3.76 29.06
C ASN B 120 1.12 -4.23 27.67
N TRP B 121 0.25 -3.42 27.06
CA TRP B 121 -0.31 -3.73 25.75
C TRP B 121 0.67 -3.68 24.57
N GLU B 122 1.48 -2.63 24.50
CA GLU B 122 2.41 -2.45 23.40
C GLU B 122 3.25 -3.70 23.11
N GLU B 123 3.68 -4.37 24.17
CA GLU B 123 4.50 -5.57 24.02
C GLU B 123 3.67 -6.77 23.55
N GLN B 124 2.33 -6.67 23.61
CA GLN B 124 1.47 -7.77 23.21
C GLN B 124 0.50 -7.52 22.06
N VAL B 125 -0.06 -6.32 21.95
CA VAL B 125 -1.01 -6.03 20.88
C VAL B 125 -0.39 -5.81 19.51
N GLN B 126 -0.95 -6.46 18.49
CA GLN B 126 -0.46 -6.31 17.13
C GLN B 126 -1.48 -5.51 16.31
N ALA B 127 -1.03 -4.99 15.19
CA ALA B 127 -1.88 -4.21 14.31
C ALA B 127 -2.67 -5.18 13.45
N PRO B 128 -4.01 -5.08 13.47
CA PRO B 128 -4.79 -6.00 12.65
C PRO B 128 -4.42 -5.84 11.17
N LYS B 129 -4.34 -6.98 10.48
CA LYS B 129 -3.97 -7.01 9.08
C LYS B 129 -4.54 -5.92 8.16
N ALA B 130 -5.78 -5.54 8.39
CA ALA B 130 -6.39 -4.50 7.57
C ALA B 130 -5.69 -3.17 7.83
N ALA B 131 -5.51 -2.85 9.10
CA ALA B 131 -4.87 -1.61 9.49
C ALA B 131 -3.38 -1.59 9.12
N GLN B 132 -2.75 -2.76 9.06
CA GLN B 132 -1.34 -2.83 8.72
C GLN B 132 -1.12 -2.43 7.27
N LYS B 133 -2.07 -2.80 6.41
CA LYS B 133 -2.00 -2.46 5.01
C LYS B 133 -2.11 -0.93 4.89
N TYR B 134 -3.06 -0.38 5.63
CA TYR B 134 -3.32 1.06 5.63
C TYR B 134 -2.11 1.81 6.13
N VAL B 135 -1.41 1.19 7.08
CA VAL B 135 -0.19 1.76 7.63
C VAL B 135 0.97 1.66 6.63
N GLU B 136 1.28 0.45 6.16
CA GLU B 136 2.38 0.29 5.20
C GLU B 136 2.23 1.32 4.07
N ARG B 137 0.98 1.69 3.79
CA ARG B 137 0.66 2.63 2.73
C ARG B 137 0.95 4.08 3.13
N ILE B 138 0.51 4.44 4.33
CA ILE B 138 0.69 5.78 4.84
C ILE B 138 2.17 6.12 4.96
N HIS B 139 3.02 5.12 5.22
CA HIS B 139 4.45 5.37 5.32
C HIS B 139 5.04 5.52 3.91
N TYR B 140 4.40 4.88 2.93
CA TYR B 140 4.84 5.02 1.56
C TYR B 140 4.64 6.49 1.14
N ILE B 141 3.38 6.91 1.09
CA ILE B 141 3.01 8.27 0.72
C ILE B 141 3.89 9.36 1.34
N GLY B 142 3.93 9.38 2.67
CA GLY B 142 4.73 10.37 3.37
C GLY B 142 6.18 10.36 2.95
N GLN B 143 6.70 9.17 2.67
CA GLN B 143 8.09 9.01 2.28
C GLN B 143 8.36 9.23 0.79
N ASN B 144 7.39 8.90 -0.06
CA ASN B 144 7.60 9.02 -1.51
C ASN B 144 6.71 10.00 -2.29
N GLU B 145 5.44 10.12 -1.89
CA GLU B 145 4.52 11.04 -2.57
C GLU B 145 3.82 11.92 -1.54
N PRO B 146 4.59 12.77 -0.84
CA PRO B 146 4.08 13.68 0.20
C PRO B 146 2.96 14.62 -0.25
N GLU B 147 3.01 15.05 -1.51
CA GLU B 147 1.98 15.97 -2.00
C GLU B 147 0.60 15.33 -1.94
N LEU B 148 0.54 14.05 -1.61
CA LEU B 148 -0.74 13.36 -1.53
C LEU B 148 -1.08 12.98 -0.10
N LEU B 149 -0.26 13.41 0.86
CA LEU B 149 -0.50 13.09 2.25
C LEU B 149 -1.77 13.78 2.74
N VAL B 150 -2.12 14.87 2.06
CA VAL B 150 -3.31 15.63 2.40
C VAL B 150 -4.57 14.78 2.28
N ALA B 151 -4.61 13.92 1.27
CA ALA B 151 -5.79 13.06 1.11
C ALA B 151 -6.06 12.18 2.33
N HIS B 152 -5.01 11.67 2.96
CA HIS B 152 -5.18 10.84 4.14
C HIS B 152 -5.56 11.65 5.39
N ALA B 153 -4.95 12.81 5.56
CA ALA B 153 -5.24 13.66 6.70
C ALA B 153 -6.69 14.17 6.62
N TYR B 154 -7.12 14.51 5.41
CA TYR B 154 -8.47 15.00 5.16
C TYR B 154 -9.49 13.94 5.55
N THR B 155 -9.38 12.77 4.93
CA THR B 155 -10.29 11.65 5.18
C THR B 155 -10.36 11.26 6.66
N ARG B 156 -9.25 11.48 7.37
CA ARG B 156 -9.18 11.13 8.78
C ARG B 156 -9.72 12.19 9.74
N TYR B 157 -8.95 13.27 9.93
CA TYR B 157 -9.33 14.33 10.85
C TYR B 157 -10.60 15.09 10.52
N MET B 158 -10.77 15.50 9.27
CA MET B 158 -11.98 16.21 8.88
C MET B 158 -13.17 15.35 9.26
N GLY B 159 -12.92 14.05 9.44
CA GLY B 159 -13.97 13.12 9.82
C GLY B 159 -14.12 13.00 11.32
N ASP B 160 -13.00 12.81 12.00
CA ASP B 160 -13.02 12.69 13.46
C ASP B 160 -13.82 13.83 14.06
N LEU B 161 -13.41 15.06 13.74
CA LEU B 161 -14.07 16.26 14.24
C LEU B 161 -15.60 16.17 14.23
N SER B 162 -16.17 16.10 13.03
CA SER B 162 -17.61 16.03 12.86
C SER B 162 -18.36 15.15 13.87
N GLY B 163 -18.19 13.83 13.78
CA GLY B 163 -18.89 12.94 14.70
C GLY B 163 -18.11 12.54 15.93
N GLY B 164 -17.55 13.53 16.62
CA GLY B 164 -16.78 13.25 17.82
C GLY B 164 -17.62 13.00 19.07
N GLN B 165 -18.23 14.07 19.60
CA GLN B 165 -19.05 13.95 20.80
C GLN B 165 -20.06 12.83 20.66
N VAL B 166 -20.61 12.69 19.46
CA VAL B 166 -21.60 11.65 19.17
C VAL B 166 -21.08 10.30 19.67
N LEU B 167 -20.21 9.67 18.89
CA LEU B 167 -19.65 8.36 19.23
C LEU B 167 -19.18 8.24 20.69
N LYS B 168 -18.49 9.26 21.20
CA LYS B 168 -18.01 9.25 22.58
C LYS B 168 -19.14 8.85 23.52
N LYS B 169 -20.08 9.77 23.72
CA LYS B 169 -21.26 9.57 24.55
C LYS B 169 -22.03 8.31 24.15
N VAL B 170 -22.22 8.12 22.84
CA VAL B 170 -22.95 6.97 22.33
C VAL B 170 -22.21 5.65 22.63
N ALA B 171 -20.95 5.75 23.06
CA ALA B 171 -20.15 4.57 23.37
C ALA B 171 -19.99 4.37 24.86
N GLN B 172 -19.80 5.47 25.59
CA GLN B 172 -19.63 5.42 27.04
C GLN B 172 -20.76 4.65 27.71
N ARG B 173 -21.99 4.90 27.26
CA ARG B 173 -23.17 4.24 27.81
C ARG B 173 -23.34 2.83 27.25
N ALA B 174 -22.83 2.62 26.04
CA ALA B 174 -22.94 1.30 25.40
C ALA B 174 -22.02 0.28 26.04
N LEU B 175 -20.87 0.74 26.53
CA LEU B 175 -19.90 -0.15 27.18
C LEU B 175 -19.74 0.18 28.65
N LYS B 176 -20.57 1.13 29.12
CA LYS B 176 -20.54 1.58 30.50
C LYS B 176 -19.15 2.04 30.90
N LEU B 177 -18.77 3.24 30.46
CA LEU B 177 -17.47 3.81 30.76
C LEU B 177 -17.62 5.18 31.45
N PRO B 178 -16.70 5.51 32.35
CA PRO B 178 -16.71 6.78 33.09
C PRO B 178 -16.77 8.00 32.19
N SER B 179 -17.88 8.73 32.25
CA SER B 179 -18.07 9.92 31.43
C SER B 179 -16.95 10.93 31.66
N THR B 180 -16.05 10.61 32.58
CA THR B 180 -14.93 11.49 32.87
C THR B 180 -13.86 11.44 31.78
N GLY B 181 -13.83 10.36 31.01
CA GLY B 181 -12.85 10.27 29.95
C GLY B 181 -12.39 8.90 29.44
N GLU B 182 -11.58 8.22 30.25
CA GLU B 182 -11.03 6.92 29.90
C GLU B 182 -11.90 6.09 28.96
N GLY B 183 -11.28 5.58 27.89
CA GLY B 183 -12.00 4.78 26.91
C GLY B 183 -12.46 5.52 25.67
N THR B 184 -12.56 6.85 25.75
CA THR B 184 -12.98 7.65 24.60
C THR B 184 -12.22 8.97 24.51
N GLN B 185 -11.04 9.04 25.13
CA GLN B 185 -10.23 10.27 25.09
C GLN B 185 -9.88 10.65 23.67
N PHE B 186 -9.99 9.68 22.78
CA PHE B 186 -9.69 9.87 21.37
C PHE B 186 -10.84 10.53 20.60
N TYR B 187 -12.05 10.37 21.09
CA TYR B 187 -13.24 10.91 20.42
C TYR B 187 -13.58 12.38 20.69
N LEU B 188 -12.64 13.12 21.27
CA LEU B 188 -12.86 14.53 21.56
C LEU B 188 -11.54 15.28 21.55
N PHE B 189 -11.47 16.36 20.77
CA PHE B 189 -10.22 17.14 20.69
C PHE B 189 -10.26 18.27 21.73
N GLU B 190 -9.52 18.08 22.82
CA GLU B 190 -9.52 19.06 23.89
C GLU B 190 -8.82 20.38 23.57
N ASN B 191 -8.34 20.54 22.34
CA ASN B 191 -7.65 21.78 21.97
C ASN B 191 -8.17 22.50 20.73
N VAL B 192 -9.46 22.35 20.46
CA VAL B 192 -10.11 23.02 19.34
C VAL B 192 -11.32 23.75 19.89
N ASP B 193 -11.25 25.08 19.92
CA ASP B 193 -12.37 25.88 20.41
C ASP B 193 -13.68 25.42 19.79
N ASN B 194 -13.83 25.64 18.49
CA ASN B 194 -15.02 25.23 17.75
C ASN B 194 -14.63 24.31 16.60
N ALA B 195 -15.22 23.12 16.58
CA ALA B 195 -14.92 22.13 15.55
C ALA B 195 -15.26 22.60 14.12
N GLN B 196 -16.54 22.90 13.90
CA GLN B 196 -16.99 23.34 12.59
C GLN B 196 -16.21 24.56 12.14
N GLN B 197 -15.82 25.39 13.11
CA GLN B 197 -15.06 26.59 12.82
C GLN B 197 -13.63 26.19 12.44
N PHE B 198 -13.14 25.10 13.01
CA PHE B 198 -11.79 24.64 12.69
C PHE B 198 -11.76 24.07 11.28
N LYS B 199 -12.82 23.34 10.91
CA LYS B 199 -12.89 22.78 9.58
C LYS B 199 -12.77 23.90 8.55
N GLN B 200 -13.30 25.07 8.88
CA GLN B 200 -13.20 26.22 7.97
C GLN B 200 -11.74 26.60 7.72
N LEU B 201 -10.98 26.71 8.80
CA LEU B 201 -9.58 27.05 8.68
C LEU B 201 -8.86 26.00 7.83
N TYR B 202 -9.07 24.72 8.16
CA TYR B 202 -8.45 23.60 7.46
C TYR B 202 -8.63 23.68 5.94
N ARG B 203 -9.88 23.73 5.48
CA ARG B 203 -10.19 23.81 4.05
C ARG B 203 -9.53 25.01 3.37
N ALA B 204 -9.34 26.10 4.13
CA ALA B 204 -8.73 27.29 3.57
C ALA B 204 -7.25 27.08 3.23
N ARG B 205 -6.46 26.66 4.22
CA ARG B 205 -5.05 26.45 3.96
C ARG B 205 -4.95 25.32 2.92
N MET B 206 -5.85 24.35 3.05
CA MET B 206 -5.92 23.23 2.13
C MET B 206 -6.13 23.75 0.71
N ASN B 207 -7.18 24.56 0.54
CA ASN B 207 -7.50 25.11 -0.77
C ASN B 207 -6.44 26.04 -1.30
N ALA B 208 -5.57 26.54 -0.42
CA ALA B 208 -4.51 27.44 -0.84
C ALA B 208 -3.27 26.70 -1.36
N LEU B 209 -3.22 25.39 -1.14
CA LEU B 209 -2.07 24.61 -1.61
C LEU B 209 -1.93 24.76 -3.13
N ASP B 210 -0.71 25.01 -3.59
CA ASP B 210 -0.43 25.15 -5.02
C ASP B 210 0.06 23.79 -5.54
N LEU B 211 -0.66 23.22 -6.50
CA LEU B 211 -0.31 21.92 -7.06
C LEU B 211 -0.53 21.83 -8.57
N ASN B 212 -0.42 20.61 -9.10
CA ASN B 212 -0.62 20.33 -10.53
C ASN B 212 -2.08 20.01 -10.87
N MET B 213 -2.33 19.73 -12.15
CA MET B 213 -3.67 19.35 -12.59
C MET B 213 -3.71 17.88 -12.26
N LYS B 214 -2.59 17.21 -12.55
CA LYS B 214 -2.45 15.78 -12.29
C LYS B 214 -2.47 15.55 -10.77
N THR B 215 -1.74 16.41 -10.06
CA THR B 215 -1.66 16.32 -8.61
C THR B 215 -3.04 16.33 -7.97
N LYS B 216 -3.86 17.33 -8.29
CA LYS B 216 -5.19 17.39 -7.74
C LYS B 216 -5.95 16.10 -8.02
N GLU B 217 -5.84 15.61 -9.26
CA GLU B 217 -6.51 14.37 -9.67
C GLU B 217 -6.04 13.20 -8.81
N ARG B 218 -4.75 13.19 -8.52
CA ARG B 218 -4.17 12.14 -7.70
C ARG B 218 -4.71 12.27 -6.28
N ILE B 219 -4.57 13.46 -5.69
CA ILE B 219 -5.08 13.67 -4.33
C ILE B 219 -6.51 13.14 -4.26
N VAL B 220 -7.30 13.41 -5.30
CA VAL B 220 -8.68 12.92 -5.32
C VAL B 220 -8.70 11.38 -5.35
N GLU B 221 -8.01 10.78 -6.31
CA GLU B 221 -7.97 9.32 -6.41
C GLU B 221 -7.32 8.70 -5.17
N GLU B 222 -6.47 9.46 -4.49
CA GLU B 222 -5.81 8.93 -3.31
C GLU B 222 -6.69 8.91 -2.07
N ALA B 223 -7.69 9.79 -2.01
CA ALA B 223 -8.60 9.85 -0.88
C ALA B 223 -9.60 8.70 -1.01
N ASN B 224 -10.11 8.49 -2.22
CA ASN B 224 -11.06 7.40 -2.46
C ASN B 224 -10.38 6.08 -2.09
N LYS B 225 -9.08 6.02 -2.29
CA LYS B 225 -8.31 4.85 -1.95
C LYS B 225 -8.30 4.73 -0.42
N ALA B 226 -8.24 5.88 0.25
CA ALA B 226 -8.25 5.90 1.70
C ALA B 226 -9.57 5.35 2.24
N PHE B 227 -10.70 5.82 1.69
CA PHE B 227 -11.99 5.32 2.13
C PHE B 227 -12.08 3.82 1.85
N GLU B 228 -11.27 3.35 0.90
CA GLU B 228 -11.28 1.95 0.57
C GLU B 228 -10.63 1.19 1.73
N TYR B 229 -9.43 1.63 2.12
CA TYR B 229 -8.78 0.97 3.23
C TYR B 229 -9.72 1.01 4.42
N ASN B 230 -10.68 1.93 4.39
CA ASN B 230 -11.64 2.07 5.47
C ASN B 230 -12.46 0.78 5.56
N MET B 231 -12.67 0.16 4.40
CA MET B 231 -13.40 -1.09 4.30
C MET B 231 -12.50 -2.23 4.76
N GLN B 232 -11.32 -2.34 4.16
CA GLN B 232 -10.38 -3.38 4.55
C GLN B 232 -10.36 -3.51 6.08
N ILE B 233 -10.59 -2.41 6.78
CA ILE B 233 -10.62 -2.40 8.25
C ILE B 233 -12.02 -2.67 8.79
N PHE B 234 -13.03 -2.03 8.21
CA PHE B 234 -14.40 -2.25 8.68
C PHE B 234 -14.81 -3.70 8.48
N ASN B 235 -15.02 -4.11 7.23
CA ASN B 235 -15.45 -5.47 6.97
C ASN B 235 -14.62 -6.51 7.73
N GLU B 236 -13.48 -6.08 8.27
CA GLU B 236 -12.64 -7.00 9.05
C GLU B 236 -13.22 -7.10 10.46
N LEU B 237 -13.87 -6.02 10.91
CA LEU B 237 -14.48 -5.97 12.24
C LEU B 237 -15.82 -6.69 12.26
N ASP B 238 -16.52 -6.67 11.12
CA ASP B 238 -17.80 -7.34 11.00
C ASP B 238 -17.58 -8.84 11.07
N GLN B 239 -16.59 -9.30 10.31
CA GLN B 239 -16.26 -10.72 10.30
C GLN B 239 -15.93 -11.12 11.73
N ALA B 240 -15.11 -10.31 12.40
CA ALA B 240 -14.73 -10.59 13.77
C ALA B 240 -15.99 -10.59 14.63
N GLY B 241 -17.04 -9.93 14.12
CA GLY B 241 -18.30 -9.86 14.83
C GLY B 241 -19.10 -11.14 14.73
N SER B 242 -18.72 -11.99 13.78
CA SER B 242 -19.40 -13.26 13.56
C SER B 242 -19.05 -14.25 14.67
N THR B 243 -17.78 -14.23 15.08
CA THR B 243 -17.32 -15.12 16.13
C THR B 243 -17.73 -14.56 17.49
N LEU B 244 -17.90 -13.25 17.56
CA LEU B 244 -18.30 -12.58 18.80
C LEU B 244 -19.61 -13.15 19.32
N ALA B 245 -20.63 -13.10 18.48
CA ALA B 245 -21.94 -13.62 18.83
C ALA B 245 -21.88 -15.15 18.91
N ARG B 246 -20.76 -15.71 18.47
CA ARG B 246 -20.55 -17.16 18.48
C ARG B 246 -19.91 -17.64 19.77
N GLU B 247 -18.60 -17.51 19.87
CA GLU B 247 -17.83 -17.94 21.04
C GLU B 247 -18.54 -17.72 22.37
N THR B 248 -19.47 -16.76 22.41
CA THR B 248 -20.21 -16.47 23.62
C THR B 248 -21.48 -17.31 23.74
CHA HEM C . 17.09 -8.17 -2.96
CHB HEM C . 14.82 -10.88 0.26
CHC HEM C . 10.60 -9.51 -1.59
CHD HEM C . 12.91 -6.60 -4.63
C1A HEM C . 16.83 -9.02 -1.92
C2A HEM C . 17.86 -9.62 -1.10
C3A HEM C . 17.23 -10.39 -0.20
C4A HEM C . 15.81 -10.25 -0.46
CMA HEM C . 17.87 -11.22 0.89
CAA HEM C . 19.34 -9.24 -1.12
CBA HEM C . 20.11 -9.86 -2.28
CGA HEM C . 21.32 -9.04 -2.71
O1A HEM C . 22.23 -9.61 -3.36
O2A HEM C . 21.33 -7.81 -2.41
C1B HEM C . 13.46 -10.75 0.03
C2B HEM C . 12.44 -11.41 0.81
C3B HEM C . 11.24 -11.03 0.28
C4B HEM C . 11.55 -10.13 -0.81
CMB HEM C . 12.67 -12.32 2.01
CAB HEM C . 9.97 -11.40 0.72
CBB HEM C . 9.70 -11.94 2.03
C1C HEM C . 10.87 -8.60 -2.59
C2C HEM C . 9.86 -7.89 -3.33
C3C HEM C . 10.50 -7.04 -4.16
C4C HEM C . 11.92 -7.24 -3.94
CMC HEM C . 8.35 -8.07 -3.20
CAC HEM C . 9.92 -6.07 -4.96
CBC HEM C . 9.56 -6.34 -6.32
C1D HEM C . 14.26 -6.80 -4.46
C2D HEM C . 15.30 -6.08 -5.19
C3D HEM C . 16.46 -6.54 -4.71
C4D HEM C . 16.14 -7.54 -3.73
CMD HEM C . 15.11 -4.96 -6.20
CAD HEM C . 17.84 -6.07 -5.09
CBD HEM C . 18.36 -4.96 -4.19
CGD HEM C . 19.76 -4.53 -4.58
O1D HEM C . 20.69 -5.36 -4.43
O2D HEM C . 19.94 -3.38 -5.05
NA HEM C . 15.57 -9.39 -1.51
NB HEM C . 12.92 -9.95 -0.95
NC HEM C . 12.14 -8.19 -2.96
ND HEM C . 14.79 -7.70 -3.56
FE HEM C . 13.86 -8.76 -2.21
CHA HEM D . -18.40 14.46 7.90
CHB HEM D . -21.67 11.39 9.61
CHC HEM D . -18.56 7.76 8.99
CHD HEM D . -15.34 10.85 7.14
C1A HEM D . -19.55 13.93 8.44
C2A HEM D . -20.73 14.72 8.78
C3A HEM D . -21.66 13.85 9.20
C4A HEM D . -21.04 12.54 9.20
CMA HEM D . -23.12 14.18 9.50
CAA HEM D . -20.83 16.25 8.84
CBA HEM D . -21.66 16.84 7.73
CGA HEM D . -21.57 18.38 7.68
O1A HEM D . -22.33 19.00 6.90
O2A HEM D . -20.74 18.95 8.42
C1B HEM D . -21.11 10.12 9.59
C2B HEM D . -21.77 8.93 10.08
C3B HEM D . -20.89 7.92 9.93
C4B HEM D . -19.68 8.48 9.33
CMB HEM D . -23.20 8.82 10.59
CAB HEM D . -21.11 6.60 10.27
CBB HEM D . -20.49 6.01 11.45
C1C HEM D . -17.40 8.29 8.44
C2C HEM D . -16.29 7.49 7.97
C3C HEM D . -15.40 8.33 7.39
C4C HEM D . -15.96 9.68 7.58
CMC HEM D . -16.11 5.97 8.11
CAC HEM D . -14.32 7.97 6.61
CBC HEM D . -12.96 8.26 7.00
C1D HEM D . -15.89 12.11 7.21
C2D HEM D . -15.24 13.31 6.71
C3D HEM D . -16.11 14.33 6.94
C4D HEM D . -17.28 13.75 7.57
CMD HEM D . -13.92 13.38 5.96
CAD HEM D . -16.00 15.75 6.35
CBD HEM D . -16.19 15.75 4.83
CGD HEM D . -16.45 17.12 4.22
O1D HEM D . -16.63 17.18 2.99
O2D HEM D . -16.48 18.14 4.95
NA HEM D . -19.74 12.59 8.72
NB HEM D . -19.82 9.85 9.13
NC HEM D . -17.20 9.63 8.18
ND HEM D . -17.14 12.38 7.73
FE HEM D . -18.50 11.09 8.36
N ARG A 29 31.49 5.68 -3.75
CA ARG A 29 30.57 4.55 -4.05
C ARG A 29 29.23 4.75 -3.35
N MET A 30 29.19 5.66 -2.37
CA MET A 30 27.96 5.96 -1.63
C MET A 30 27.00 6.80 -2.47
N ALA A 31 27.34 7.00 -3.74
CA ALA A 31 26.52 7.80 -4.64
C ALA A 31 26.20 7.05 -5.93
N ASP A 32 26.80 5.87 -6.12
CA ASP A 32 26.57 5.07 -7.31
C ASP A 32 25.09 4.69 -7.39
N LEU A 33 24.55 4.69 -8.62
CA LEU A 33 23.14 4.37 -8.85
C LEU A 33 22.65 3.16 -8.04
N SER A 34 23.28 2.02 -8.25
CA SER A 34 22.89 0.79 -7.55
C SER A 34 23.04 0.94 -6.05
N GLU A 35 23.83 1.92 -5.63
CA GLU A 35 24.06 2.19 -4.21
C GLU A 35 22.93 3.08 -3.69
N LEU A 36 22.51 4.04 -4.51
CA LEU A 36 21.42 4.92 -4.10
C LEU A 36 20.12 4.12 -4.06
N LEU A 37 19.95 3.20 -5.01
CA LEU A 37 18.76 2.37 -5.09
C LEU A 37 18.57 1.47 -3.86
N LYS A 38 19.65 0.95 -3.31
CA LYS A 38 19.55 0.07 -2.15
C LYS A 38 19.09 0.86 -0.93
N GLU A 39 19.58 2.08 -0.78
CA GLU A 39 19.18 2.93 0.33
C GLU A 39 17.73 3.42 0.14
N GLY A 40 17.44 3.89 -1.07
CA GLY A 40 16.12 4.39 -1.39
C GLY A 40 14.96 3.42 -1.24
N THR A 41 15.12 2.20 -1.73
CA THR A 41 14.05 1.22 -1.66
C THR A 41 14.07 0.39 -0.39
N LYS A 42 15.03 0.71 0.48
CA LYS A 42 15.21 0.06 1.76
C LYS A 42 13.89 -0.09 2.50
N GLU A 43 13.25 1.05 2.80
CA GLU A 43 11.97 1.07 3.50
C GLU A 43 10.93 0.30 2.72
N ALA A 44 10.85 0.53 1.42
CA ALA A 44 9.86 -0.18 0.63
C ALA A 44 10.12 -1.70 0.62
N HIS A 45 11.39 -2.10 0.69
CA HIS A 45 11.67 -3.53 0.68
C HIS A 45 11.18 -4.18 1.98
N ASP A 46 11.34 -3.46 3.09
CA ASP A 46 10.87 -4.00 4.36
C ASP A 46 9.36 -4.20 4.30
N ARG A 47 8.65 -3.19 3.80
CA ARG A 47 7.19 -3.28 3.70
C ARG A 47 6.80 -4.50 2.86
N ALA A 48 7.55 -4.75 1.79
CA ALA A 48 7.32 -5.87 0.88
C ALA A 48 7.49 -7.22 1.57
N GLU A 49 8.60 -7.37 2.29
CA GLU A 49 8.90 -8.61 3.00
C GLU A 49 7.84 -8.99 4.02
N ASN A 50 7.23 -7.97 4.65
CA ASN A 50 6.24 -8.22 5.69
C ASN A 50 4.78 -8.09 5.29
N THR A 51 4.51 -7.82 4.02
CA THR A 51 3.13 -7.67 3.62
C THR A 51 2.46 -9.05 3.79
N GLN A 52 1.26 -9.07 4.34
CA GLN A 52 0.55 -10.33 4.61
C GLN A 52 0.47 -11.34 3.47
N PHE A 53 0.30 -10.87 2.24
CA PHE A 53 0.22 -11.82 1.13
C PHE A 53 1.54 -12.55 0.97
N VAL A 54 2.64 -11.83 1.12
CA VAL A 54 3.97 -12.42 0.97
C VAL A 54 4.25 -13.44 2.09
N LYS A 55 3.98 -13.05 3.32
CA LYS A 55 4.22 -13.94 4.46
C LYS A 55 3.34 -15.19 4.31
N ASP A 56 2.09 -15.01 3.87
CA ASP A 56 1.20 -16.15 3.72
C ASP A 56 1.62 -17.03 2.57
N PHE A 57 2.27 -16.43 1.59
CA PHE A 57 2.74 -17.22 0.46
C PHE A 57 3.86 -18.14 0.97
N LEU A 58 4.89 -17.51 1.54
CA LEU A 58 6.03 -18.22 2.07
C LEU A 58 5.64 -19.33 3.05
N LYS A 59 4.57 -19.13 3.82
CA LYS A 59 4.15 -20.17 4.75
C LYS A 59 3.43 -21.31 4.02
N GLY A 60 2.81 -20.98 2.89
CA GLY A 60 2.11 -21.97 2.10
C GLY A 60 0.61 -21.87 2.25
N ASN A 61 0.11 -20.67 2.55
CA ASN A 61 -1.33 -20.48 2.73
C ASN A 61 -2.07 -20.23 1.41
N ILE A 62 -1.37 -19.70 0.42
CA ILE A 62 -2.02 -19.41 -0.85
C ILE A 62 -2.27 -20.67 -1.67
N LYS A 63 -3.53 -20.88 -2.02
CA LYS A 63 -3.96 -22.06 -2.77
C LYS A 63 -3.88 -21.94 -4.29
N LYS A 64 -4.41 -22.94 -4.98
CA LYS A 64 -4.37 -23.00 -6.44
C LYS A 64 -4.93 -21.81 -7.21
N GLU A 65 -6.12 -21.33 -6.86
CA GLU A 65 -6.67 -20.20 -7.60
C GLU A 65 -5.97 -18.87 -7.33
N LEU A 66 -5.51 -18.66 -6.11
CA LEU A 66 -4.81 -17.42 -5.81
C LEU A 66 -3.43 -17.44 -6.44
N PHE A 67 -2.94 -18.63 -6.79
CA PHE A 67 -1.64 -18.73 -7.44
C PHE A 67 -1.84 -18.45 -8.92
N LYS A 68 -2.91 -19.01 -9.50
CA LYS A 68 -3.21 -18.80 -10.90
C LYS A 68 -3.51 -17.32 -11.14
N LEU A 69 -4.03 -16.66 -10.11
CA LEU A 69 -4.34 -15.23 -10.19
C LEU A 69 -3.03 -14.44 -10.11
N ALA A 70 -2.17 -14.85 -9.20
CA ALA A 70 -0.87 -14.20 -9.01
C ALA A 70 -0.01 -14.34 -10.29
N THR A 71 -0.05 -15.52 -10.89
CA THR A 71 0.72 -15.75 -12.12
C THR A 71 0.15 -14.87 -13.24
N THR A 72 -1.15 -14.61 -13.21
CA THR A 72 -1.79 -13.76 -14.21
C THR A 72 -1.21 -12.36 -14.13
N ALA A 73 -1.17 -11.82 -12.92
CA ALA A 73 -0.63 -10.48 -12.74
C ALA A 73 0.79 -10.47 -13.32
N LEU A 74 1.46 -11.61 -13.26
CA LEU A 74 2.82 -11.73 -13.78
C LEU A 74 2.90 -11.67 -15.30
N TYR A 75 2.19 -12.56 -15.98
CA TYR A 75 2.20 -12.61 -17.45
C TYR A 75 2.03 -11.21 -18.03
N PHE A 76 0.97 -10.51 -17.61
CA PHE A 76 0.72 -9.17 -18.12
C PHE A 76 1.84 -8.20 -17.73
N THR A 77 2.06 -8.07 -16.43
CA THR A 77 3.10 -7.18 -15.93
C THR A 77 4.42 -7.37 -16.70
N TYR A 78 4.86 -8.61 -16.85
CA TYR A 78 6.11 -8.82 -17.56
C TYR A 78 5.94 -8.69 -19.07
N SER A 79 4.75 -9.00 -19.59
CA SER A 79 4.49 -8.86 -21.02
C SER A 79 4.73 -7.39 -21.36
N ALA A 80 4.06 -6.51 -20.61
CA ALA A 80 4.19 -5.09 -20.82
C ALA A 80 5.61 -4.61 -20.60
N LEU A 81 6.17 -4.97 -19.46
CA LEU A 81 7.52 -4.55 -19.09
C LEU A 81 8.55 -4.93 -20.13
N GLU A 82 8.29 -6.02 -20.84
CA GLU A 82 9.21 -6.47 -21.86
C GLU A 82 8.99 -5.79 -23.21
N GLU A 83 7.76 -5.37 -23.48
CA GLU A 83 7.47 -4.68 -24.72
C GLU A 83 8.28 -3.37 -24.68
N GLU A 84 8.29 -2.74 -23.51
CA GLU A 84 9.02 -1.50 -23.33
C GLU A 84 10.52 -1.73 -23.25
N MET A 85 10.92 -3.00 -23.18
CA MET A 85 12.34 -3.31 -23.14
C MET A 85 12.81 -3.67 -24.55
N GLU A 86 11.97 -4.37 -25.29
CA GLU A 86 12.31 -4.74 -26.66
C GLU A 86 12.21 -3.45 -27.46
N ARG A 87 11.40 -2.52 -26.95
CA ARG A 87 11.20 -1.25 -27.62
C ARG A 87 12.45 -0.39 -27.53
N ASN A 88 12.79 0.03 -26.31
CA ASN A 88 13.97 0.88 -26.08
C ASN A 88 15.25 0.06 -26.09
N LYS A 89 15.20 -1.12 -26.68
CA LYS A 89 16.38 -2.00 -26.75
C LYS A 89 17.60 -1.28 -27.31
N ASP A 90 17.39 -0.50 -28.37
CA ASP A 90 18.49 0.24 -29.00
C ASP A 90 18.70 1.58 -28.30
N HIS A 91 17.76 1.97 -27.43
CA HIS A 91 17.86 3.24 -26.70
C HIS A 91 19.09 3.27 -25.80
N PRO A 92 19.90 4.34 -25.90
CA PRO A 92 21.11 4.46 -25.08
C PRO A 92 20.88 4.57 -23.58
N ALA A 93 19.66 4.91 -23.16
CA ALA A 93 19.37 5.05 -21.74
C ALA A 93 19.07 3.71 -21.05
N PHE A 94 18.62 2.72 -21.81
CA PHE A 94 18.32 1.42 -21.25
C PHE A 94 19.11 0.28 -21.89
N ALA A 95 19.51 0.46 -23.14
CA ALA A 95 20.24 -0.57 -23.86
C ALA A 95 21.36 -1.28 -23.08
N PRO A 96 22.09 -0.56 -22.22
CA PRO A 96 23.16 -1.23 -21.48
C PRO A 96 22.63 -2.39 -20.63
N LEU A 97 21.33 -2.34 -20.31
CA LEU A 97 20.72 -3.37 -19.48
C LEU A 97 19.79 -4.29 -20.24
N TYR A 98 19.87 -4.27 -21.56
CA TYR A 98 19.01 -5.12 -22.36
C TYR A 98 19.48 -6.57 -22.39
N PHE A 99 18.76 -7.42 -21.68
CA PHE A 99 19.12 -8.84 -21.61
C PHE A 99 17.94 -9.71 -22.02
N PRO A 100 17.23 -9.33 -23.08
CA PRO A 100 16.08 -10.13 -23.51
C PRO A 100 16.31 -11.63 -23.54
N MET A 101 17.55 -12.05 -23.71
CA MET A 101 17.90 -13.47 -23.80
C MET A 101 18.15 -14.11 -22.43
N GLU A 102 18.84 -13.40 -21.54
CA GLU A 102 19.14 -13.92 -20.20
C GLU A 102 18.09 -13.65 -19.11
N LEU A 103 17.28 -12.61 -19.27
CA LEU A 103 16.29 -12.29 -18.24
C LEU A 103 14.80 -12.44 -18.54
N HIS A 104 14.32 -11.85 -19.64
CA HIS A 104 12.90 -11.90 -19.95
C HIS A 104 12.16 -13.13 -19.43
N ARG A 105 10.97 -12.91 -18.88
CA ARG A 105 10.18 -13.98 -18.30
C ARG A 105 8.97 -14.47 -19.07
N LYS A 106 8.57 -13.78 -20.15
CA LYS A 106 7.38 -14.21 -20.87
C LYS A 106 7.39 -15.63 -21.44
N GLU A 107 8.57 -16.15 -21.77
CA GLU A 107 8.68 -17.51 -22.31
C GLU A 107 8.39 -18.49 -21.20
N ALA A 108 8.76 -18.10 -19.98
CA ALA A 108 8.53 -18.92 -18.78
C ALA A 108 7.09 -18.75 -18.34
N LEU A 109 6.69 -17.49 -18.18
CA LEU A 109 5.36 -17.16 -17.74
C LEU A 109 4.36 -17.81 -18.70
N THR A 110 4.60 -17.67 -19.99
CA THR A 110 3.70 -18.25 -20.97
C THR A 110 3.54 -19.75 -20.72
N LYS A 111 4.66 -20.46 -20.59
CA LYS A 111 4.56 -21.89 -20.34
C LYS A 111 3.88 -22.16 -18.99
N ASP A 112 4.01 -21.23 -18.05
CA ASP A 112 3.39 -21.38 -16.74
C ASP A 112 1.88 -21.15 -16.83
N MET A 113 1.47 -20.19 -17.65
CA MET A 113 0.05 -19.89 -17.84
C MET A 113 -0.67 -21.01 -18.56
N GLU A 114 0.05 -21.72 -19.43
CA GLU A 114 -0.52 -22.83 -20.19
C GLU A 114 -0.67 -24.09 -19.33
N TYR A 115 0.19 -24.20 -18.32
CA TYR A 115 0.18 -25.35 -17.43
C TYR A 115 -1.02 -25.33 -16.48
N PHE A 116 -1.44 -24.14 -16.04
CA PHE A 116 -2.57 -24.03 -15.12
C PHE A 116 -3.94 -23.84 -15.78
N PHE A 117 -3.99 -23.03 -16.83
CA PHE A 117 -5.26 -22.77 -17.50
C PHE A 117 -5.43 -23.54 -18.81
N GLY A 118 -4.38 -24.21 -19.29
CA GLY A 118 -4.47 -24.93 -20.55
C GLY A 118 -4.27 -24.02 -21.76
N GLU A 119 -4.21 -24.62 -22.95
CA GLU A 119 -4.00 -23.88 -24.20
C GLU A 119 -4.93 -22.68 -24.44
N ASN A 120 -6.22 -22.85 -24.15
CA ASN A 120 -7.18 -21.77 -24.33
C ASN A 120 -7.13 -20.81 -23.14
N TRP A 121 -5.99 -20.82 -22.44
CA TRP A 121 -5.82 -19.97 -21.27
C TRP A 121 -6.04 -18.51 -21.61
N GLU A 122 -5.66 -18.15 -22.83
CA GLU A 122 -5.77 -16.78 -23.29
C GLU A 122 -7.20 -16.23 -23.15
N GLU A 123 -8.18 -16.97 -23.65
CA GLU A 123 -9.57 -16.53 -23.58
C GLU A 123 -10.20 -16.77 -22.22
N GLN A 124 -9.40 -16.79 -21.17
CA GLN A 124 -9.89 -17.03 -19.81
C GLN A 124 -9.43 -15.97 -18.84
N VAL A 125 -8.42 -15.21 -19.24
CA VAL A 125 -7.80 -14.22 -18.39
C VAL A 125 -7.90 -12.77 -18.86
N GLN A 126 -7.92 -11.86 -17.88
CA GLN A 126 -7.97 -10.42 -18.11
C GLN A 126 -7.00 -9.78 -17.12
N ALA A 127 -6.68 -8.50 -17.30
CA ALA A 127 -5.74 -7.84 -16.39
C ALA A 127 -6.43 -7.19 -15.19
N PRO A 128 -6.22 -7.75 -13.98
CA PRO A 128 -6.81 -7.21 -12.74
C PRO A 128 -6.47 -5.74 -12.57
N LYS A 129 -7.44 -4.98 -12.04
CA LYS A 129 -7.27 -3.54 -11.82
C LYS A 129 -5.86 -3.17 -11.31
N ALA A 130 -5.44 -3.84 -10.23
CA ALA A 130 -4.13 -3.58 -9.60
C ALA A 130 -2.95 -3.67 -10.56
N ALA A 131 -3.01 -4.64 -11.46
CA ALA A 131 -1.95 -4.85 -12.45
C ALA A 131 -2.08 -3.89 -13.62
N GLN A 132 -3.23 -3.22 -13.72
CA GLN A 132 -3.44 -2.26 -14.81
C GLN A 132 -2.58 -1.04 -14.56
N LYS A 133 -2.75 -0.42 -13.39
CA LYS A 133 -1.98 0.76 -13.02
C LYS A 133 -0.50 0.52 -13.25
N TYR A 134 -0.04 -0.64 -12.77
CA TYR A 134 1.35 -1.04 -12.89
C TYR A 134 1.74 -1.03 -14.37
N VAL A 135 0.98 -1.75 -15.18
CA VAL A 135 1.23 -1.82 -16.61
C VAL A 135 1.17 -0.44 -17.31
N GLU A 136 0.09 0.29 -17.06
CA GLU A 136 -0.09 1.61 -17.66
C GLU A 136 1.13 2.48 -17.34
N ARG A 137 1.62 2.36 -16.12
CA ARG A 137 2.78 3.14 -15.71
C ARG A 137 4.02 2.60 -16.45
N ILE A 138 4.02 1.31 -16.75
CA ILE A 138 5.14 0.72 -17.45
C ILE A 138 5.13 1.17 -18.92
N HIS A 139 3.94 1.37 -19.46
CA HIS A 139 3.82 1.83 -20.85
C HIS A 139 4.10 3.32 -20.92
N TYR A 140 3.59 4.08 -19.95
CA TYR A 140 3.81 5.51 -19.91
C TYR A 140 5.30 5.74 -19.82
N ILE A 141 5.90 5.10 -18.81
CA ILE A 141 7.33 5.22 -18.57
C ILE A 141 8.21 4.89 -19.78
N GLY A 142 7.90 3.80 -20.47
CA GLY A 142 8.69 3.39 -21.61
C GLY A 142 8.42 4.19 -22.89
N GLN A 143 7.20 4.68 -23.03
CA GLN A 143 6.83 5.43 -24.22
C GLN A 143 7.05 6.93 -24.04
N ASN A 144 7.34 7.36 -22.81
CA ASN A 144 7.53 8.79 -22.58
C ASN A 144 8.71 9.16 -21.72
N GLU A 145 9.38 8.16 -21.16
CA GLU A 145 10.55 8.35 -20.30
C GLU A 145 11.36 7.06 -20.22
N PRO A 146 11.84 6.58 -21.37
CA PRO A 146 12.63 5.35 -21.44
C PRO A 146 13.85 5.29 -20.51
N GLU A 147 14.38 6.45 -20.13
CA GLU A 147 15.56 6.52 -19.27
C GLU A 147 15.35 6.01 -17.85
N LEU A 148 14.09 5.98 -17.39
CA LEU A 148 13.79 5.52 -16.03
C LEU A 148 13.29 4.09 -16.04
N LEU A 149 13.26 3.48 -17.22
CA LEU A 149 12.81 2.09 -17.36
C LEU A 149 13.74 1.19 -16.55
N VAL A 150 14.95 1.69 -16.30
CA VAL A 150 15.95 0.96 -15.53
C VAL A 150 15.48 0.72 -14.10
N ALA A 151 14.75 1.69 -13.55
CA ALA A 151 14.22 1.59 -12.20
C ALA A 151 13.34 0.36 -12.08
N HIS A 152 12.32 0.29 -12.93
CA HIS A 152 11.40 -0.83 -12.93
C HIS A 152 12.11 -2.17 -13.12
N ALA A 153 12.96 -2.22 -14.14
CA ALA A 153 13.72 -3.43 -14.45
C ALA A 153 14.42 -3.88 -13.18
N TYR A 154 15.05 -2.92 -12.49
CA TYR A 154 15.76 -3.15 -11.23
C TYR A 154 14.85 -3.83 -10.22
N THR A 155 13.81 -3.12 -9.80
CA THR A 155 12.87 -3.61 -8.81
C THR A 155 12.34 -5.02 -9.12
N ARG A 156 12.10 -5.31 -10.39
CA ARG A 156 11.58 -6.61 -10.76
C ARG A 156 12.60 -7.74 -10.94
N TYR A 157 13.47 -7.62 -11.93
CA TYR A 157 14.43 -8.67 -12.20
C TYR A 157 15.40 -8.96 -11.06
N MET A 158 15.94 -7.92 -10.44
CA MET A 158 16.89 -8.09 -9.33
C MET A 158 16.24 -8.85 -8.17
N GLY A 159 14.99 -8.50 -7.83
CA GLY A 159 14.32 -9.22 -6.76
C GLY A 159 14.18 -10.67 -7.17
N ASP A 160 13.84 -10.88 -8.45
CA ASP A 160 13.66 -12.24 -8.99
C ASP A 160 14.93 -13.09 -8.90
N LEU A 161 16.08 -12.44 -9.00
CA LEU A 161 17.35 -13.16 -8.93
C LEU A 161 17.82 -13.43 -7.48
N SER A 162 17.16 -12.80 -6.50
CA SER A 162 17.53 -12.95 -5.09
C SER A 162 16.91 -14.13 -4.34
N GLY A 163 15.62 -14.39 -4.59
CA GLY A 163 14.97 -15.49 -3.88
C GLY A 163 14.06 -16.38 -4.71
N GLY A 164 14.25 -16.36 -6.02
CA GLY A 164 13.43 -17.18 -6.89
C GLY A 164 13.56 -18.67 -6.59
N GLN A 165 14.77 -19.12 -6.27
CA GLN A 165 15.02 -20.53 -5.98
C GLN A 165 14.16 -21.00 -4.82
N VAL A 166 14.04 -20.13 -3.81
CA VAL A 166 13.23 -20.43 -2.64
C VAL A 166 11.75 -20.46 -3.03
N LEU A 167 11.24 -19.37 -3.60
CA LEU A 167 9.83 -19.27 -3.98
C LEU A 167 9.35 -20.48 -4.78
N LYS A 168 10.23 -21.03 -5.61
CA LYS A 168 9.90 -22.19 -6.42
C LYS A 168 9.58 -23.37 -5.51
N LYS A 169 10.43 -23.57 -4.50
CA LYS A 169 10.27 -24.66 -3.55
C LYS A 169 8.93 -24.56 -2.81
N VAL A 170 8.57 -23.36 -2.41
CA VAL A 170 7.30 -23.18 -1.71
C VAL A 170 6.15 -23.52 -2.63
N ALA A 171 6.14 -22.88 -3.79
CA ALA A 171 5.09 -23.12 -4.79
C ALA A 171 4.87 -24.61 -5.08
N GLN A 172 5.95 -25.32 -5.39
CA GLN A 172 5.85 -26.75 -5.71
C GLN A 172 5.38 -27.54 -4.49
N ARG A 173 5.86 -27.13 -3.33
CA ARG A 173 5.55 -27.76 -2.06
C ARG A 173 4.10 -27.58 -1.59
N ALA A 174 3.53 -26.40 -1.85
CA ALA A 174 2.15 -26.15 -1.41
C ALA A 174 1.11 -26.59 -2.43
N LEU A 175 1.48 -26.56 -3.71
CA LEU A 175 0.55 -26.91 -4.76
C LEU A 175 0.79 -28.31 -5.28
N LYS A 176 1.75 -29.02 -4.67
CA LYS A 176 2.07 -30.36 -5.09
C LYS A 176 2.40 -30.31 -6.58
N LEU A 177 3.42 -29.54 -6.95
CA LEU A 177 3.80 -29.41 -8.36
C LEU A 177 4.99 -30.30 -8.72
N PRO A 178 5.11 -30.68 -10.00
CA PRO A 178 6.22 -31.52 -10.44
C PRO A 178 7.57 -30.96 -10.02
N SER A 179 8.59 -31.83 -10.09
CA SER A 179 9.96 -31.47 -9.72
C SER A 179 10.72 -30.98 -10.95
N THR A 180 10.41 -31.56 -12.11
CA THR A 180 11.04 -31.18 -13.36
C THR A 180 10.94 -29.67 -13.57
N GLY A 181 9.87 -29.07 -13.06
CA GLY A 181 9.70 -27.63 -13.18
C GLY A 181 8.42 -27.03 -13.76
N GLU A 182 7.44 -27.85 -14.12
CA GLU A 182 6.19 -27.33 -14.69
C GLU A 182 5.45 -26.45 -13.70
N GLY A 183 4.82 -25.40 -14.20
CA GLY A 183 4.07 -24.49 -13.35
C GLY A 183 4.86 -23.39 -12.68
N THR A 184 6.16 -23.59 -12.50
CA THR A 184 6.96 -22.57 -11.85
C THR A 184 8.25 -22.22 -12.56
N GLN A 185 8.21 -22.17 -13.89
CA GLN A 185 9.40 -21.84 -14.67
C GLN A 185 9.76 -20.37 -14.56
N PHE A 186 8.81 -19.55 -14.15
CA PHE A 186 9.05 -18.11 -13.99
C PHE A 186 10.17 -17.87 -12.97
N TYR A 187 10.30 -18.80 -12.04
CA TYR A 187 11.28 -18.72 -10.97
C TYR A 187 12.64 -19.31 -11.32
N LEU A 188 12.75 -19.89 -12.51
CA LEU A 188 13.98 -20.51 -12.99
C LEU A 188 14.60 -19.75 -14.15
N PHE A 189 15.82 -19.25 -13.96
CA PHE A 189 16.55 -18.54 -15.00
C PHE A 189 17.58 -19.52 -15.59
N GLU A 190 17.15 -20.26 -16.61
CA GLU A 190 17.97 -21.27 -17.29
C GLU A 190 19.22 -20.73 -17.99
N ASN A 191 19.16 -19.49 -18.45
CA ASN A 191 20.28 -18.87 -19.15
C ASN A 191 21.23 -18.19 -18.19
N VAL A 192 20.83 -18.14 -16.92
CA VAL A 192 21.68 -17.55 -15.88
C VAL A 192 22.20 -18.74 -15.10
N ASP A 193 23.51 -18.81 -14.96
CA ASP A 193 24.16 -19.92 -14.25
C ASP A 193 24.58 -19.55 -12.83
N ASN A 194 24.61 -18.25 -12.52
CA ASN A 194 24.99 -17.78 -11.19
C ASN A 194 24.36 -16.43 -10.84
N ALA A 195 23.17 -16.47 -10.23
CA ALA A 195 22.44 -15.26 -9.85
C ALA A 195 23.29 -14.24 -9.08
N GLN A 196 23.88 -14.65 -7.97
CA GLN A 196 24.70 -13.75 -7.16
C GLN A 196 25.59 -12.88 -8.05
N GLN A 197 26.66 -13.46 -8.58
CA GLN A 197 27.60 -12.77 -9.47
C GLN A 197 26.91 -12.09 -10.65
N PHE A 198 25.80 -12.68 -11.11
CA PHE A 198 25.06 -12.12 -12.22
C PHE A 198 24.65 -10.70 -11.84
N LYS A 199 23.86 -10.57 -10.76
CA LYS A 199 23.43 -9.25 -10.32
C LYS A 199 24.62 -8.30 -10.17
N GLN A 200 25.80 -8.86 -9.92
CA GLN A 200 27.01 -8.06 -9.78
C GLN A 200 27.28 -7.36 -11.12
N LEU A 201 27.22 -8.13 -12.21
CA LEU A 201 27.43 -7.59 -13.54
C LEU A 201 26.38 -6.49 -13.78
N TYR A 202 25.13 -6.80 -13.43
CA TYR A 202 24.01 -5.86 -13.57
C TYR A 202 24.25 -4.53 -12.81
N ARG A 203 24.67 -4.62 -11.55
CA ARG A 203 24.93 -3.42 -10.78
C ARG A 203 25.98 -2.55 -11.46
N ALA A 204 27.05 -3.19 -11.91
CA ALA A 204 28.12 -2.47 -12.59
C ALA A 204 27.56 -1.72 -13.80
N ARG A 205 26.82 -2.42 -14.64
CA ARG A 205 26.23 -1.80 -15.81
C ARG A 205 25.37 -0.59 -15.44
N MET A 206 24.66 -0.68 -14.33
CA MET A 206 23.83 0.44 -13.92
C MET A 206 24.73 1.60 -13.50
N ASN A 207 25.85 1.29 -12.86
CA ASN A 207 26.76 2.34 -12.44
C ASN A 207 27.54 2.91 -13.62
N ALA A 208 27.62 2.15 -14.71
CA ALA A 208 28.35 2.61 -15.89
C ALA A 208 27.55 3.64 -16.68
N LEU A 209 26.24 3.61 -16.57
CA LEU A 209 25.40 4.56 -17.29
C LEU A 209 25.85 5.99 -16.94
N ASP A 210 25.90 6.86 -17.95
CA ASP A 210 26.28 8.26 -17.77
C ASP A 210 25.05 8.99 -17.23
N LEU A 211 25.04 9.26 -15.93
CA LEU A 211 23.91 9.94 -15.29
C LEU A 211 24.33 10.96 -14.23
N ASN A 212 23.58 12.05 -14.13
CA ASN A 212 23.87 13.07 -13.14
C ASN A 212 23.18 12.66 -11.85
N MET A 213 23.59 13.26 -10.73
CA MET A 213 23.02 12.88 -9.45
C MET A 213 21.50 13.11 -9.35
N LYS A 214 20.99 14.10 -10.06
CA LYS A 214 19.56 14.38 -10.01
C LYS A 214 18.73 13.28 -10.68
N THR A 215 19.14 12.88 -11.88
CA THR A 215 18.46 11.84 -12.65
C THR A 215 18.47 10.51 -11.91
N LYS A 216 19.40 10.37 -10.98
CA LYS A 216 19.50 9.17 -10.18
C LYS A 216 18.38 9.23 -9.14
N GLU A 217 18.17 10.42 -8.58
CA GLU A 217 17.13 10.60 -7.59
C GLU A 217 15.79 10.36 -8.27
N ARG A 218 15.73 10.56 -9.59
CA ARG A 218 14.49 10.33 -10.33
C ARG A 218 14.28 8.83 -10.54
N ILE A 219 15.39 8.10 -10.64
CA ILE A 219 15.34 6.66 -10.79
C ILE A 219 15.02 6.02 -9.42
N VAL A 220 15.82 6.35 -8.42
CA VAL A 220 15.58 5.81 -7.08
C VAL A 220 14.13 6.05 -6.64
N GLU A 221 13.67 7.28 -6.83
CA GLU A 221 12.29 7.63 -6.48
C GLU A 221 11.30 6.83 -7.30
N GLU A 222 11.72 6.43 -8.51
CA GLU A 222 10.83 5.65 -9.36
C GLU A 222 10.83 4.17 -8.94
N ALA A 223 11.97 3.67 -8.42
CA ALA A 223 12.05 2.29 -7.97
C ALA A 223 11.10 2.12 -6.79
N ASN A 224 11.11 3.12 -5.90
CA ASN A 224 10.22 3.13 -4.74
C ASN A 224 8.76 3.13 -5.16
N LYS A 225 8.43 3.90 -6.19
CA LYS A 225 7.07 3.92 -6.70
C LYS A 225 6.72 2.51 -7.16
N ALA A 226 7.64 1.90 -7.90
CA ALA A 226 7.48 0.54 -8.42
C ALA A 226 7.16 -0.47 -7.31
N PHE A 227 7.90 -0.42 -6.20
CA PHE A 227 7.62 -1.34 -5.10
C PHE A 227 6.15 -1.16 -4.70
N GLU A 228 5.70 0.09 -4.65
CA GLU A 228 4.32 0.35 -4.25
C GLU A 228 3.33 -0.23 -5.27
N TYR A 229 3.75 -0.31 -6.52
CA TYR A 229 2.87 -0.88 -7.53
C TYR A 229 2.71 -2.35 -7.17
N ASN A 230 3.79 -2.95 -6.68
CA ASN A 230 3.77 -4.35 -6.25
C ASN A 230 3.04 -4.45 -4.92
N MET A 231 3.20 -3.42 -4.09
CA MET A 231 2.50 -3.42 -2.81
C MET A 231 1.02 -3.47 -3.11
N GLN A 232 0.58 -2.72 -4.12
CA GLN A 232 -0.84 -2.70 -4.42
C GLN A 232 -1.35 -4.02 -4.97
N ILE A 233 -0.51 -4.73 -5.71
CA ILE A 233 -0.96 -6.00 -6.25
C ILE A 233 -1.07 -6.98 -5.09
N PHE A 234 -0.07 -6.98 -4.21
CA PHE A 234 -0.05 -7.86 -3.04
C PHE A 234 -1.25 -7.56 -2.16
N ASN A 235 -1.63 -6.28 -2.12
CA ASN A 235 -2.77 -5.81 -1.33
C ASN A 235 -4.07 -6.38 -1.91
N GLU A 236 -4.24 -6.30 -3.23
CA GLU A 236 -5.46 -6.80 -3.85
C GLU A 236 -5.51 -8.33 -3.75
N LEU A 237 -4.35 -8.98 -3.82
CA LEU A 237 -4.27 -10.43 -3.73
C LEU A 237 -4.57 -10.95 -2.31
N ASP A 238 -4.15 -10.20 -1.29
CA ASP A 238 -4.40 -10.58 0.09
C ASP A 238 -5.89 -10.53 0.38
N GLN A 239 -6.54 -9.46 -0.07
CA GLN A 239 -7.97 -9.28 0.14
C GLN A 239 -8.72 -10.34 -0.68
N ALA A 240 -8.08 -10.81 -1.75
CA ALA A 240 -8.68 -11.83 -2.61
C ALA A 240 -9.05 -13.08 -1.81
N GLY A 241 -8.36 -13.30 -0.69
CA GLY A 241 -8.64 -14.45 0.14
C GLY A 241 -10.07 -14.39 0.66
N SER A 242 -10.31 -13.42 1.53
CA SER A 242 -11.63 -13.22 2.12
C SER A 242 -12.19 -14.48 2.75
N MET B 30 -10.64 25.09 -11.72
CA MET B 30 -12.05 25.57 -11.56
C MET B 30 -12.56 25.52 -10.10
N ALA B 31 -12.81 24.32 -9.61
CA ALA B 31 -13.33 24.12 -8.26
C ALA B 31 -12.28 24.00 -7.16
N ASP B 32 -12.73 24.17 -5.91
CA ASP B 32 -11.86 24.07 -4.75
C ASP B 32 -11.54 22.59 -4.50
N LEU B 33 -10.36 22.32 -3.94
CA LEU B 33 -9.96 20.95 -3.65
C LEU B 33 -10.89 20.36 -2.60
N SER B 34 -11.42 21.22 -1.74
CA SER B 34 -12.35 20.80 -0.70
C SER B 34 -13.59 20.13 -1.28
N GLU B 35 -14.23 20.82 -2.22
CA GLU B 35 -15.45 20.32 -2.84
C GLU B 35 -15.22 19.15 -3.76
N LEU B 36 -13.98 18.97 -4.18
CA LEU B 36 -13.68 17.85 -5.06
C LEU B 36 -13.68 16.57 -4.22
N LEU B 37 -12.72 16.45 -3.31
CA LEU B 37 -12.62 15.27 -2.46
C LEU B 37 -14.01 14.93 -1.91
N LYS B 38 -14.73 15.95 -1.46
CA LYS B 38 -16.07 15.82 -0.87
C LYS B 38 -17.09 15.10 -1.77
N GLU B 39 -17.44 15.73 -2.88
CA GLU B 39 -18.40 15.16 -3.82
C GLU B 39 -17.80 13.86 -4.37
N GLY B 40 -16.64 13.49 -3.85
CA GLY B 40 -15.97 12.29 -4.29
C GLY B 40 -16.02 11.18 -3.24
N THR B 41 -16.27 11.57 -2.00
CA THR B 41 -16.35 10.62 -0.90
C THR B 41 -17.77 10.48 -0.33
N LYS B 42 -18.77 10.77 -1.16
CA LYS B 42 -20.16 10.67 -0.73
C LYS B 42 -20.59 9.21 -0.52
N GLU B 43 -20.47 8.41 -1.58
CA GLU B 43 -20.87 7.01 -1.54
C GLU B 43 -20.20 6.19 -0.43
N ALA B 44 -18.89 6.41 -0.25
CA ALA B 44 -18.16 5.69 0.78
C ALA B 44 -18.72 5.94 2.18
N HIS B 45 -19.54 6.97 2.31
CA HIS B 45 -20.15 7.31 3.59
C HIS B 45 -21.20 6.24 3.88
N ASP B 46 -22.32 6.26 3.15
CA ASP B 46 -23.38 5.27 3.33
C ASP B 46 -22.77 3.88 3.44
N ARG B 47 -21.94 3.53 2.44
CA ARG B 47 -21.28 2.23 2.41
C ARG B 47 -20.60 1.95 3.74
N ALA B 48 -20.20 3.03 4.42
CA ALA B 48 -19.54 2.95 5.70
C ALA B 48 -20.49 3.12 6.88
N GLU B 49 -21.39 4.09 6.78
CA GLU B 49 -22.38 4.40 7.83
C GLU B 49 -23.30 3.20 8.09
N ASN B 50 -23.49 2.39 7.07
CA ASN B 50 -24.35 1.21 7.14
C ASN B 50 -23.60 -0.08 7.48
N THR B 51 -22.28 -0.11 7.25
CA THR B 51 -21.49 -1.32 7.55
C THR B 51 -22.01 -2.11 8.73
N GLN B 52 -21.75 -3.41 8.74
CA GLN B 52 -22.22 -4.28 9.82
C GLN B 52 -21.49 -3.99 11.13
N PHE B 53 -20.74 -2.89 11.12
CA PHE B 53 -19.99 -2.48 12.30
C PHE B 53 -20.49 -1.14 12.82
N VAL B 54 -20.57 -0.16 11.91
CA VAL B 54 -21.04 1.18 12.25
C VAL B 54 -22.46 1.14 12.79
N LYS B 55 -23.41 0.73 11.95
CA LYS B 55 -24.80 0.64 12.37
C LYS B 55 -24.89 0.14 13.81
N ASP B 56 -24.33 -1.04 14.05
CA ASP B 56 -24.32 -1.62 15.38
C ASP B 56 -23.71 -0.65 16.39
N PHE B 57 -22.54 -0.11 16.05
CA PHE B 57 -21.83 0.83 16.92
C PHE B 57 -22.79 1.83 17.57
N LEU B 58 -23.45 2.63 16.73
CA LEU B 58 -24.40 3.64 17.19
C LEU B 58 -25.63 3.01 17.85
N LYS B 59 -26.17 1.97 17.23
CA LYS B 59 -27.33 1.30 17.79
C LYS B 59 -26.93 0.59 19.09
N GLY B 60 -25.71 0.82 19.52
CA GLY B 60 -25.19 0.24 20.76
C GLY B 60 -24.91 -1.25 20.75
N ASN B 61 -24.36 -1.76 19.66
CA ASN B 61 -24.06 -3.18 19.57
C ASN B 61 -22.57 -3.47 19.72
N ILE B 62 -21.84 -2.46 20.16
CA ILE B 62 -20.40 -2.58 20.38
C ILE B 62 -20.20 -3.02 21.82
N LYS B 63 -19.47 -4.13 22.01
CA LYS B 63 -19.23 -4.66 23.35
C LYS B 63 -17.72 -4.75 23.64
N LYS B 64 -17.40 -4.67 24.93
CA LYS B 64 -16.03 -4.76 25.44
C LYS B 64 -14.94 -4.97 24.40
N GLU B 65 -14.62 -6.24 24.15
CA GLU B 65 -13.56 -6.60 23.22
C GLU B 65 -13.79 -6.23 21.75
N LEU B 66 -15.01 -5.81 21.39
CA LEU B 66 -15.27 -5.42 20.00
C LEU B 66 -14.69 -4.03 19.75
N PHE B 67 -15.17 -3.07 20.54
CA PHE B 67 -14.72 -1.69 20.48
C PHE B 67 -13.20 -1.65 20.64
N LYS B 68 -12.66 -2.70 21.25
CA LYS B 68 -11.22 -2.82 21.47
C LYS B 68 -10.48 -3.18 20.18
N LEU B 69 -11.24 -3.66 19.20
CA LEU B 69 -10.66 -4.02 17.92
C LEU B 69 -10.58 -2.74 17.12
N ALA B 70 -11.57 -1.88 17.35
CA ALA B 70 -11.66 -0.60 16.67
C ALA B 70 -10.68 0.41 17.27
N THR B 71 -10.43 0.31 18.58
CA THR B 71 -9.48 1.22 19.21
C THR B 71 -8.09 0.85 18.73
N THR B 72 -7.86 -0.44 18.53
CA THR B 72 -6.58 -0.92 18.06
C THR B 72 -6.48 -0.54 16.57
N ALA B 73 -7.57 -0.80 15.86
CA ALA B 73 -7.65 -0.49 14.44
C ALA B 73 -7.38 1.00 14.30
N LEU B 74 -7.98 1.80 15.19
CA LEU B 74 -7.80 3.24 15.17
C LEU B 74 -6.40 3.66 15.60
N TYR B 75 -5.96 3.14 16.75
CA TYR B 75 -4.64 3.44 17.30
C TYR B 75 -3.58 3.39 16.22
N PHE B 76 -3.43 2.21 15.63
CA PHE B 76 -2.45 1.99 14.57
C PHE B 76 -2.58 2.91 13.37
N THR B 77 -3.80 3.14 12.91
CA THR B 77 -4.04 4.05 11.79
C THR B 77 -3.40 5.40 12.08
N TYR B 78 -4.00 6.13 13.01
CA TYR B 78 -3.53 7.47 13.35
C TYR B 78 -2.11 7.54 13.90
N SER B 79 -1.49 6.40 14.13
CA SER B 79 -0.12 6.41 14.61
C SER B 79 0.77 6.61 13.41
N ALA B 80 0.34 6.04 12.29
CA ALA B 80 1.12 6.14 11.08
C ALA B 80 1.04 7.55 10.48
N LEU B 81 -0.13 8.15 10.53
CA LEU B 81 -0.36 9.48 9.99
C LEU B 81 0.57 10.48 10.65
N GLU B 82 0.47 10.55 11.97
CA GLU B 82 1.28 11.45 12.75
C GLU B 82 2.74 11.06 12.69
N GLU B 83 3.01 9.88 12.16
CA GLU B 83 4.38 9.42 12.02
C GLU B 83 4.89 9.75 10.62
N GLU B 84 4.04 10.32 9.78
CA GLU B 84 4.45 10.67 8.44
C GLU B 84 4.44 12.18 8.16
N MET B 85 3.48 12.89 8.75
CA MET B 85 3.40 14.33 8.55
C MET B 85 4.57 15.00 9.26
N GLU B 86 4.89 14.53 10.46
CA GLU B 86 6.03 15.06 11.21
C GLU B 86 7.19 15.17 10.23
N ARG B 87 7.40 14.10 9.48
CA ARG B 87 8.48 14.04 8.50
C ARG B 87 8.35 15.14 7.46
N ASN B 88 7.12 15.42 7.04
CA ASN B 88 6.85 16.43 6.03
C ASN B 88 6.26 17.74 6.54
N LYS B 89 6.45 18.03 7.83
CA LYS B 89 5.90 19.26 8.41
C LYS B 89 6.41 20.52 7.70
N ASP B 90 7.66 20.51 7.27
CA ASP B 90 8.24 21.67 6.58
C ASP B 90 8.14 21.55 5.07
N HIS B 91 7.45 20.52 4.60
CA HIS B 91 7.29 20.29 3.17
C HIS B 91 6.22 21.26 2.62
N PRO B 92 6.63 22.21 1.77
CA PRO B 92 5.71 23.20 1.18
C PRO B 92 4.38 22.65 0.69
N ALA B 93 4.36 21.35 0.38
CA ALA B 93 3.14 20.75 -0.12
C ALA B 93 2.31 20.14 1.00
N PHE B 94 2.77 20.31 2.24
CA PHE B 94 2.06 19.78 3.38
C PHE B 94 2.01 20.68 4.63
N ALA B 95 3.08 21.45 4.83
CA ALA B 95 3.21 22.34 5.99
C ALA B 95 1.95 23.04 6.52
N PRO B 96 1.09 23.55 5.62
CA PRO B 96 -0.14 24.23 6.05
C PRO B 96 -1.15 23.37 6.81
N LEU B 97 -1.04 22.05 6.67
CA LEU B 97 -2.00 21.15 7.31
C LEU B 97 -1.47 20.45 8.55
N TYR B 98 -0.34 20.92 9.06
CA TYR B 98 0.28 20.34 10.25
C TYR B 98 -0.31 20.95 11.52
N PHE B 99 -1.11 20.18 12.23
CA PHE B 99 -1.75 20.61 13.47
C PHE B 99 -1.50 19.60 14.59
N PRO B 100 -0.24 19.46 15.04
CA PRO B 100 0.04 18.49 16.10
C PRO B 100 -0.83 18.63 17.36
N MET B 101 -0.83 19.82 17.95
CA MET B 101 -1.61 20.07 19.16
C MET B 101 -3.13 20.02 19.00
N GLU B 102 -3.65 20.49 17.87
CA GLU B 102 -5.10 20.49 17.67
C GLU B 102 -5.69 19.18 17.17
N LEU B 103 -4.95 18.48 16.32
CA LEU B 103 -5.50 17.26 15.74
C LEU B 103 -4.91 15.92 16.13
N HIS B 104 -3.61 15.86 16.39
CA HIS B 104 -2.99 14.58 16.69
C HIS B 104 -3.68 13.74 17.74
N ARG B 105 -4.02 12.50 17.37
CA ARG B 105 -4.71 11.59 18.26
C ARG B 105 -3.81 10.55 18.95
N LYS B 106 -2.53 10.50 18.59
CA LYS B 106 -1.67 9.50 19.19
C LYS B 106 -1.60 9.61 20.71
N GLU B 107 -1.60 10.83 21.23
CA GLU B 107 -1.54 11.06 22.68
C GLU B 107 -2.78 10.47 23.32
N ALA B 108 -3.92 10.71 22.72
CA ALA B 108 -5.15 10.15 23.27
C ALA B 108 -5.07 8.63 23.12
N LEU B 109 -4.65 8.19 21.95
CA LEU B 109 -4.54 6.76 21.69
C LEU B 109 -3.46 6.05 22.51
N THR B 110 -2.80 6.78 23.39
CA THR B 110 -1.79 6.21 24.27
C THR B 110 -2.41 6.02 25.65
N LYS B 111 -3.38 6.87 25.98
CA LYS B 111 -4.08 6.77 27.26
C LYS B 111 -5.08 5.63 27.14
N ASP B 112 -5.43 5.34 25.90
CA ASP B 112 -6.39 4.30 25.58
C ASP B 112 -5.86 2.86 25.75
N MET B 113 -4.71 2.56 25.15
CA MET B 113 -4.12 1.21 25.25
C MET B 113 -3.86 0.82 26.71
N GLU B 114 -3.82 1.82 27.59
CA GLU B 114 -3.63 1.58 29.01
C GLU B 114 -5.01 1.27 29.62
N TYR B 115 -5.99 2.11 29.30
CA TYR B 115 -7.37 1.95 29.78
C TYR B 115 -8.03 0.65 29.34
N PHE B 116 -7.43 -0.04 28.37
CA PHE B 116 -8.00 -1.30 27.91
C PHE B 116 -6.98 -2.45 27.92
N PHE B 117 -5.69 -2.12 27.97
CA PHE B 117 -4.66 -3.15 27.94
C PHE B 117 -3.64 -3.05 29.08
N GLY B 118 -3.77 -2.00 29.89
CA GLY B 118 -2.86 -1.83 31.00
C GLY B 118 -1.50 -1.27 30.65
N GLU B 119 -0.87 -0.63 31.62
CA GLU B 119 0.45 -0.03 31.46
C GLU B 119 1.50 -1.06 31.07
N ASN B 120 1.49 -1.48 29.81
CA ASN B 120 2.44 -2.46 29.29
C ASN B 120 2.10 -2.95 27.89
N TRP B 121 0.98 -2.48 27.34
CA TRP B 121 0.52 -2.89 26.02
C TRP B 121 1.60 -3.04 24.95
N GLU B 122 2.73 -2.36 25.13
CA GLU B 122 3.82 -2.45 24.17
C GLU B 122 4.28 -3.89 23.92
N GLU B 123 3.59 -4.86 24.49
CA GLU B 123 3.92 -6.26 24.31
C GLU B 123 2.76 -7.11 23.77
N GLN B 124 1.52 -6.70 24.03
CA GLN B 124 0.39 -7.50 23.58
C GLN B 124 -0.36 -7.00 22.34
N VAL B 125 -1.05 -5.86 22.48
CA VAL B 125 -1.86 -5.25 21.43
C VAL B 125 -1.30 -5.47 20.02
N GLN B 126 -2.16 -5.90 19.10
CA GLN B 126 -1.71 -6.14 17.73
C GLN B 126 -2.61 -5.48 16.67
N ALA B 127 -2.00 -5.17 15.52
CA ALA B 127 -2.70 -4.53 14.43
C ALA B 127 -3.43 -5.55 13.54
N PRO B 128 -4.73 -5.33 13.29
CA PRO B 128 -5.50 -6.26 12.44
C PRO B 128 -5.10 -6.17 10.96
N LYS B 129 -5.38 -7.24 10.22
CA LYS B 129 -5.05 -7.30 8.80
C LYS B 129 -5.30 -6.05 7.96
N ALA B 130 -6.57 -5.65 7.86
CA ALA B 130 -6.94 -4.49 7.07
C ALA B 130 -6.23 -3.23 7.54
N ALA B 131 -5.99 -3.14 8.84
CA ALA B 131 -5.31 -1.98 9.39
C ALA B 131 -3.89 -1.92 8.83
N GLN B 132 -3.18 -3.05 8.90
CA GLN B 132 -1.82 -3.12 8.39
C GLN B 132 -1.74 -2.75 6.92
N LYS B 133 -2.87 -2.87 6.22
CA LYS B 133 -2.96 -2.52 4.81
C LYS B 133 -2.97 -1.00 4.70
N TYR B 134 -4.10 -0.41 5.10
CA TYR B 134 -4.25 1.05 5.08
C TYR B 134 -3.03 1.67 5.74
N VAL B 135 -2.56 1.05 6.83
CA VAL B 135 -1.36 1.55 7.51
C VAL B 135 -0.21 1.63 6.51
N GLU B 136 0.11 0.50 5.89
CA GLU B 136 1.18 0.42 4.90
C GLU B 136 1.21 1.61 3.93
N ARG B 137 0.08 1.86 3.26
CA ARG B 137 0.00 2.94 2.30
C ARG B 137 0.47 4.28 2.87
N ILE B 138 0.17 4.51 4.15
CA ILE B 138 0.54 5.74 4.82
C ILE B 138 2.05 5.88 4.91
N HIS B 139 2.73 4.77 5.14
CA HIS B 139 4.20 4.77 5.23
C HIS B 139 4.79 5.06 3.83
N TYR B 140 4.10 4.62 2.78
CA TYR B 140 4.56 4.89 1.42
C TYR B 140 4.37 6.39 1.10
N ILE B 141 3.11 6.82 1.06
CA ILE B 141 2.77 8.21 0.75
C ILE B 141 3.55 9.26 1.55
N GLY B 142 3.65 9.03 2.86
CA GLY B 142 4.37 9.96 3.71
C GLY B 142 5.84 10.05 3.40
N GLN B 143 6.44 8.89 3.13
CA GLN B 143 7.88 8.82 2.84
C GLN B 143 8.30 9.15 1.42
N ASN B 144 7.43 8.88 0.45
CA ASN B 144 7.78 9.11 -0.94
C ASN B 144 7.01 10.21 -1.67
N GLU B 145 5.69 10.31 -1.44
CA GLU B 145 4.87 11.33 -2.11
C GLU B 145 4.06 12.17 -1.12
N PRO B 146 4.74 12.83 -0.17
CA PRO B 146 4.14 13.68 0.87
C PRO B 146 3.10 14.71 0.37
N GLU B 147 3.37 15.31 -0.78
CA GLU B 147 2.46 16.30 -1.36
C GLU B 147 1.08 15.69 -1.58
N LEU B 148 0.96 14.39 -1.31
CA LEU B 148 -0.30 13.69 -1.49
C LEU B 148 -0.86 13.12 -0.19
N LEU B 149 -0.30 13.52 0.95
CA LEU B 149 -0.78 13.03 2.23
C LEU B 149 -2.11 13.68 2.60
N VAL B 150 -2.29 14.93 2.17
CA VAL B 150 -3.50 15.68 2.44
C VAL B 150 -4.75 14.82 2.25
N ALA B 151 -4.70 13.89 1.30
CA ALA B 151 -5.84 13.01 1.08
C ALA B 151 -6.12 12.16 2.31
N HIS B 152 -5.06 11.66 2.95
CA HIS B 152 -5.22 10.85 4.14
C HIS B 152 -5.62 11.67 5.38
N ALA B 153 -5.13 12.91 5.45
CA ALA B 153 -5.45 13.77 6.59
C ALA B 153 -6.94 14.15 6.55
N TYR B 154 -7.43 14.46 5.35
CA TYR B 154 -8.83 14.81 5.15
C TYR B 154 -9.70 13.61 5.49
N THR B 155 -9.17 12.42 5.28
CA THR B 155 -9.90 11.20 5.56
C THR B 155 -9.98 10.95 7.07
N ARG B 156 -8.95 11.38 7.78
CA ARG B 156 -8.93 11.18 9.21
C ARG B 156 -9.63 12.28 10.00
N TYR B 157 -8.90 13.37 10.22
CA TYR B 157 -9.40 14.48 11.01
C TYR B 157 -10.69 15.13 10.52
N MET B 158 -10.80 15.38 9.22
CA MET B 158 -12.03 15.97 8.70
C MET B 158 -13.21 15.05 9.02
N GLY B 159 -12.88 13.81 9.42
CA GLY B 159 -13.90 12.86 9.80
C GLY B 159 -14.09 12.82 11.30
N ASP B 160 -12.97 12.69 12.02
CA ASP B 160 -13.02 12.65 13.46
C ASP B 160 -13.85 13.79 14.01
N LEU B 161 -13.40 15.02 13.74
CA LEU B 161 -14.09 16.22 14.19
C LEU B 161 -15.61 16.08 14.19
N SER B 162 -16.18 15.99 12.98
CA SER B 162 -17.62 15.86 12.81
C SER B 162 -18.27 14.85 13.77
N GLY B 163 -18.15 13.56 13.47
CA GLY B 163 -18.75 12.54 14.31
C GLY B 163 -18.02 12.26 15.61
N GLY B 164 -18.01 13.26 16.49
CA GLY B 164 -17.33 13.11 17.77
C GLY B 164 -18.25 12.91 18.96
N GLN B 165 -19.02 13.94 19.31
CA GLN B 165 -19.94 13.84 20.45
C GLN B 165 -20.77 12.57 20.36
N VAL B 166 -21.45 12.42 19.22
CA VAL B 166 -22.29 11.25 18.97
C VAL B 166 -21.57 9.97 19.37
N LEU B 167 -20.68 9.48 18.51
CA LEU B 167 -19.94 8.24 18.76
C LEU B 167 -19.37 8.17 20.19
N LYS B 168 -18.72 9.25 20.64
CA LYS B 168 -18.15 9.30 21.98
C LYS B 168 -19.20 8.96 23.02
N LYS B 169 -20.37 9.58 22.85
CA LYS B 169 -21.50 9.41 23.74
C LYS B 169 -22.13 8.03 23.58
N VAL B 170 -22.33 7.61 22.33
CA VAL B 170 -22.92 6.30 22.05
C VAL B 170 -22.09 5.17 22.65
N ALA B 171 -20.78 5.25 22.49
CA ALA B 171 -19.86 4.23 23.01
C ALA B 171 -19.89 4.10 24.53
N GLN B 172 -19.91 5.23 25.22
CA GLN B 172 -19.93 5.22 26.68
C GLN B 172 -21.15 4.49 27.23
N ARG B 173 -22.33 4.85 26.73
CA ARG B 173 -23.57 4.22 27.18
C ARG B 173 -23.64 2.76 26.74
N ALA B 174 -23.20 2.49 25.51
CA ALA B 174 -23.22 1.14 24.97
C ALA B 174 -22.29 0.19 25.74
N LEU B 175 -21.10 0.67 26.07
CA LEU B 175 -20.12 -0.14 26.79
C LEU B 175 -20.17 0.06 28.30
N LYS B 176 -21.20 0.74 28.77
CA LYS B 176 -21.35 1.03 30.20
C LYS B 176 -20.10 1.75 30.68
N LEU B 177 -19.63 2.70 29.87
CA LEU B 177 -18.44 3.48 30.19
C LEU B 177 -18.81 4.76 30.94
N PRO B 178 -17.86 5.35 31.68
CA PRO B 178 -18.14 6.57 32.42
C PRO B 178 -18.57 7.69 31.48
N SER B 179 -19.00 8.80 32.06
CA SER B 179 -19.43 9.95 31.27
C SER B 179 -18.27 10.91 31.11
N THR B 180 -17.38 10.91 32.09
CA THR B 180 -16.20 11.78 32.12
C THR B 180 -15.19 11.43 31.03
N GLY B 181 -15.70 11.15 29.84
CA GLY B 181 -14.84 10.80 28.72
C GLY B 181 -13.97 9.58 28.93
N GLU B 182 -14.07 8.98 30.11
CA GLU B 182 -13.27 7.79 30.44
C GLU B 182 -13.34 6.73 29.33
N GLY B 183 -12.17 6.40 28.78
CA GLY B 183 -12.09 5.41 27.73
C GLY B 183 -12.39 5.93 26.34
N THR B 184 -12.70 7.22 26.23
CA THR B 184 -12.99 7.81 24.93
C THR B 184 -12.10 9.01 24.64
N GLN B 185 -10.82 8.92 25.02
CA GLN B 185 -9.88 10.00 24.78
C GLN B 185 -9.89 10.38 23.32
N PHE B 186 -9.62 9.39 22.46
CA PHE B 186 -9.59 9.59 21.02
C PHE B 186 -10.65 10.57 20.56
N TYR B 187 -11.90 10.20 20.81
CA TYR B 187 -13.06 10.98 20.41
C TYR B 187 -13.17 12.36 21.06
N LEU B 188 -12.24 12.67 21.96
CA LEU B 188 -12.25 13.95 22.65
C LEU B 188 -11.08 14.85 22.28
N PHE B 189 -11.36 15.88 21.49
CA PHE B 189 -10.35 16.83 21.06
C PHE B 189 -10.18 17.95 22.08
N GLU B 190 -9.61 17.62 23.23
CA GLU B 190 -9.42 18.60 24.29
C GLU B 190 -8.35 19.64 23.95
N ASN B 191 -8.43 20.20 22.75
CA ASN B 191 -7.48 21.21 22.28
C ASN B 191 -8.07 22.06 21.15
N VAL B 192 -9.24 21.66 20.66
CA VAL B 192 -9.91 22.43 19.61
C VAL B 192 -11.11 23.12 20.25
N ASP B 193 -11.15 24.44 20.14
CA ASP B 193 -12.25 25.22 20.73
C ASP B 193 -13.57 25.04 19.98
N ASN B 194 -13.51 25.01 18.66
CA ASN B 194 -14.70 24.85 17.82
C ASN B 194 -14.35 24.08 16.54
N ALA B 195 -14.56 22.77 16.57
CA ALA B 195 -14.27 21.89 15.44
C ALA B 195 -14.83 22.39 14.10
N GLN B 196 -16.13 22.66 14.10
CA GLN B 196 -16.84 23.11 12.91
C GLN B 196 -16.13 24.31 12.28
N GLN B 197 -15.77 25.28 13.10
CA GLN B 197 -15.08 26.46 12.60
C GLN B 197 -13.64 26.08 12.23
N PHE B 198 -13.13 25.01 12.84
CA PHE B 198 -11.79 24.55 12.54
C PHE B 198 -11.77 23.95 11.13
N LYS B 199 -12.87 23.33 10.74
CA LYS B 199 -12.96 22.75 9.41
C LYS B 199 -12.88 23.86 8.37
N GLN B 200 -13.42 25.04 8.70
CA GLN B 200 -13.37 26.18 7.78
C GLN B 200 -11.91 26.57 7.57
N LEU B 201 -11.16 26.62 8.67
CA LEU B 201 -9.75 26.96 8.58
C LEU B 201 -9.05 25.91 7.71
N TYR B 202 -9.29 24.64 8.02
CA TYR B 202 -8.70 23.50 7.31
C TYR B 202 -8.91 23.58 5.79
N ARG B 203 -10.17 23.61 5.35
CA ARG B 203 -10.46 23.69 3.92
C ARG B 203 -9.71 24.85 3.26
N ALA B 204 -9.74 26.02 3.89
CA ALA B 204 -9.06 27.18 3.34
C ALA B 204 -7.56 26.91 3.18
N ARG B 205 -7.03 26.03 4.03
CA ARG B 205 -5.62 25.69 3.93
C ARG B 205 -5.32 24.77 2.74
N MET B 206 -6.15 23.75 2.53
CA MET B 206 -5.94 22.85 1.40
C MET B 206 -5.93 23.61 0.06
N ASN B 207 -6.83 24.59 -0.05
CA ASN B 207 -6.97 25.37 -1.28
C ASN B 207 -5.81 26.31 -1.54
N ALA B 208 -5.16 26.77 -0.49
CA ALA B 208 -4.02 27.66 -0.64
C ALA B 208 -2.83 26.92 -1.24
N LEU B 209 -2.82 25.58 -1.14
CA LEU B 209 -1.72 24.78 -1.66
C LEU B 209 -1.57 24.99 -3.18
N ASP B 210 -0.35 25.23 -3.65
CA ASP B 210 -0.12 25.42 -5.07
C ASP B 210 -0.04 24.02 -5.70
N LEU B 211 -1.10 23.62 -6.41
CA LEU B 211 -1.15 22.30 -7.04
C LEU B 211 -1.92 22.32 -8.36
N ASN B 212 -1.40 21.63 -9.37
CA ASN B 212 -2.06 21.55 -10.68
C ASN B 212 -3.30 20.68 -10.49
N MET B 213 -4.29 20.87 -11.35
CA MET B 213 -5.53 20.11 -11.28
C MET B 213 -5.20 18.62 -11.34
N LYS B 214 -4.10 18.30 -12.01
CA LYS B 214 -3.65 16.91 -12.14
C LYS B 214 -3.41 16.35 -10.74
N THR B 215 -2.43 16.93 -10.06
CA THR B 215 -2.08 16.51 -8.72
C THR B 215 -3.33 16.52 -7.84
N LYS B 216 -4.19 17.52 -8.04
CA LYS B 216 -5.39 17.62 -7.25
C LYS B 216 -6.26 16.37 -7.41
N GLU B 217 -6.34 15.86 -8.64
CA GLU B 217 -7.15 14.67 -8.93
C GLU B 217 -6.54 13.39 -8.39
N ARG B 218 -5.21 13.29 -8.43
CA ARG B 218 -4.55 12.12 -7.91
C ARG B 218 -4.85 12.10 -6.42
N ILE B 219 -4.95 13.30 -5.83
CA ILE B 219 -5.27 13.45 -4.42
C ILE B 219 -6.69 12.92 -4.15
N VAL B 220 -7.64 13.36 -4.98
CA VAL B 220 -9.02 12.91 -4.84
C VAL B 220 -9.15 11.38 -4.99
N GLU B 221 -8.68 10.85 -6.13
CA GLU B 221 -8.75 9.42 -6.40
C GLU B 221 -8.45 8.62 -5.14
N GLU B 222 -7.40 9.08 -4.43
CA GLU B 222 -6.91 8.48 -3.20
C GLU B 222 -7.79 8.64 -1.96
N ALA B 223 -8.40 9.80 -1.76
CA ALA B 223 -9.26 9.96 -0.59
C ALA B 223 -10.27 8.82 -0.64
N ASN B 224 -10.72 8.48 -1.85
CA ASN B 224 -11.67 7.40 -2.03
C ASN B 224 -10.96 6.08 -1.74
N LYS B 225 -9.70 5.99 -2.18
CA LYS B 225 -8.90 4.80 -1.92
C LYS B 225 -8.78 4.67 -0.40
N ALA B 226 -8.42 5.77 0.25
CA ALA B 226 -8.28 5.78 1.70
C ALA B 226 -9.57 5.29 2.38
N PHE B 227 -10.72 5.73 1.88
CA PHE B 227 -11.99 5.30 2.46
C PHE B 227 -12.09 3.79 2.37
N GLU B 228 -11.92 3.26 1.16
CA GLU B 228 -12.00 1.83 0.93
C GLU B 228 -11.12 1.09 1.94
N TYR B 229 -9.98 1.69 2.25
CA TYR B 229 -9.09 1.10 3.23
C TYR B 229 -9.81 0.97 4.56
N ASN B 230 -10.66 1.95 4.86
CA ASN B 230 -11.43 1.95 6.09
C ASN B 230 -12.53 0.90 6.02
N MET B 231 -13.18 0.84 4.86
CA MET B 231 -14.23 -0.13 4.60
C MET B 231 -13.72 -1.50 5.01
N GLN B 232 -12.64 -1.95 4.38
CA GLN B 232 -12.05 -3.23 4.70
C GLN B 232 -11.89 -3.35 6.20
N ILE B 233 -11.37 -2.30 6.84
CA ILE B 233 -11.19 -2.31 8.29
C ILE B 233 -12.52 -2.46 9.02
N PHE B 234 -13.59 -1.88 8.46
CA PHE B 234 -14.89 -1.96 9.11
C PHE B 234 -15.44 -3.37 9.12
N ASN B 235 -15.73 -3.91 7.95
CA ASN B 235 -16.28 -5.24 7.86
C ASN B 235 -15.30 -6.30 8.36
N GLU B 236 -14.03 -5.95 8.46
CA GLU B 236 -13.07 -6.92 8.97
C GLU B 236 -13.41 -7.07 10.44
N LEU B 237 -14.08 -6.05 10.98
CA LEU B 237 -14.51 -6.04 12.38
C LEU B 237 -15.86 -6.71 12.49
N ASP B 238 -16.58 -6.78 11.38
CA ASP B 238 -17.89 -7.43 11.34
C ASP B 238 -17.70 -8.92 11.56
N GLN B 239 -16.96 -9.55 10.65
CA GLN B 239 -16.71 -10.97 10.74
C GLN B 239 -15.97 -11.29 12.04
N ALA B 240 -15.21 -10.33 12.54
CA ALA B 240 -14.47 -10.52 13.78
C ALA B 240 -15.45 -10.50 14.95
N GLY B 241 -16.39 -9.55 14.91
CA GLY B 241 -17.38 -9.42 15.96
C GLY B 241 -18.42 -10.53 15.88
N SER B 242 -18.67 -11.02 14.67
CA SER B 242 -19.62 -12.10 14.47
C SER B 242 -19.10 -13.29 15.26
N THR B 243 -17.88 -13.69 14.95
CA THR B 243 -17.24 -14.80 15.62
C THR B 243 -17.38 -14.63 17.14
N LEU B 244 -17.30 -13.38 17.58
CA LEU B 244 -17.42 -13.04 18.99
C LEU B 244 -18.84 -13.31 19.48
N ALA B 245 -19.83 -12.98 18.66
CA ALA B 245 -21.24 -13.20 18.99
C ALA B 245 -21.53 -14.69 18.97
N ARG B 246 -20.83 -15.41 18.08
CA ARG B 246 -21.01 -16.86 17.95
C ARG B 246 -20.26 -17.52 19.10
N GLU B 247 -19.15 -16.89 19.51
CA GLU B 247 -18.32 -17.40 20.59
C GLU B 247 -19.05 -17.22 21.93
N THR B 248 -20.11 -16.43 21.92
CA THR B 248 -20.88 -16.17 23.14
C THR B 248 -22.37 -16.50 22.94
CHA HEM C . 17.06 -8.17 -2.89
CHB HEM C . 14.69 -10.95 0.20
CHC HEM C . 10.54 -9.47 -1.69
CHD HEM C . 12.94 -6.57 -4.67
C1A HEM C . 16.77 -9.03 -1.85
C2A HEM C . 17.78 -9.64 -1.03
C3A HEM C . 17.12 -10.45 -0.18
C4A HEM C . 15.71 -10.30 -0.48
CMA HEM C . 17.73 -11.33 0.90
CAA HEM C . 19.26 -9.26 -0.98
CBA HEM C . 20.06 -9.83 -2.14
CGA HEM C . 21.25 -8.95 -2.53
O1A HEM C . 22.20 -9.49 -3.14
O2A HEM C . 21.22 -7.73 -2.23
C1B HEM C . 13.35 -10.80 -0.05
C2B HEM C . 12.30 -11.46 0.70
C3B HEM C . 11.12 -11.04 0.17
C4B HEM C . 11.47 -10.13 -0.91
CMB HEM C . 12.49 -12.40 1.90
CAB HEM C . 9.82 -11.36 0.59
CBB HEM C . 9.54 -11.87 1.92
C1C HEM C . 10.84 -8.55 -2.68
C2C HEM C . 9.85 -7.83 -3.45
C3C HEM C . 10.52 -6.98 -4.25
C4C HEM C . 11.93 -7.22 -4.00
CMC HEM C . 8.33 -8.00 -3.36
CAC HEM C . 9.98 -6.02 -5.08
CBC HEM C . 9.25 -6.37 -6.27
C1D HEM C . 14.28 -6.79 -4.47
C2D HEM C . 15.34 -6.08 -5.16
C3D HEM C . 16.49 -6.55 -4.67
C4D HEM C . 16.14 -7.54 -3.68
CMD HEM C . 15.18 -4.94 -6.17
CAD HEM C . 17.89 -6.11 -5.04
CBD HEM C . 18.43 -4.99 -4.16
CGD HEM C . 19.83 -4.57 -4.56
O1D HEM C . 20.74 -5.41 -4.41
O2D HEM C . 20.00 -3.43 -5.03
NA HEM C . 15.51 -9.42 -1.50
NB HEM C . 12.83 -9.97 -1.03
NC HEM C . 12.12 -8.16 -3.02
ND HEM C . 14.79 -7.69 -3.55
FE HEM C . 13.81 -8.77 -2.23
CHA HEM D . -18.67 14.62 7.68
CHB HEM D . -22.59 12.38 9.26
CHC HEM D . -20.16 8.26 9.49
CHD HEM D . -16.25 10.48 7.83
C1A HEM D . -19.95 14.38 8.14
C2A HEM D . -20.96 15.41 8.33
C3A HEM D . -22.07 14.76 8.74
C4A HEM D . -21.71 13.36 8.85
CMA HEM D . -23.45 15.37 8.99
CAA HEM D . -20.76 16.93 8.25
CBA HEM D . -20.21 17.41 6.90
CGA HEM D . -19.57 18.80 6.94
O1A HEM D . -20.27 19.78 7.29
O2A HEM D . -18.37 18.91 6.61
C1B HEM D . -22.29 11.05 9.39
C2B HEM D . -23.20 10.07 9.95
C3B HEM D . -22.53 8.92 10.02
C4B HEM D . -21.18 9.19 9.54
CMB HEM D . -24.63 10.31 10.37
CAB HEM D . -23.05 7.70 10.39
CBB HEM D . -22.82 7.14 11.69
C1C HEM D . -18.88 8.50 9.05
C2C HEM D . -17.83 7.51 9.04
C3C HEM D . -16.73 8.11 8.54
C4C HEM D . -17.11 9.50 8.29
CMC HEM D . -17.94 6.07 9.54
CAC HEM D . -15.49 7.51 8.26
CBC HEM D . -14.72 6.73 9.23
C1D HEM D . -16.58 11.81 7.62
C2D HEM D . -15.68 12.80 7.03
C3D HEM D . -16.36 13.97 6.98
C4D HEM D . -17.68 13.69 7.53
CMD HEM D . -14.29 12.53 6.47
CAD HEM D . -15.89 15.29 6.30
CBD HEM D . -16.86 15.78 5.20
CGD HEM D . -16.37 16.97 4.39
O1D HEM D . -15.56 16.78 3.46
O2D HEM D . -16.82 18.11 4.67
NA HEM D . -20.41 13.12 8.49
NB HEM D . -21.05 10.51 9.14
NC HEM D . -18.43 9.73 8.59
ND HEM D . -17.81 12.36 7.88
FE HEM D . -19.44 11.41 8.42
N ARG A 29 31.74 5.76 -4.18
CA ARG A 29 30.72 4.69 -4.46
C ARG A 29 29.37 5.15 -3.93
N MET A 30 29.31 6.42 -3.53
CA MET A 30 28.09 7.03 -2.98
C MET A 30 27.24 7.56 -4.14
N ALA A 31 27.92 7.97 -5.20
CA ALA A 31 27.24 8.50 -6.38
C ALA A 31 26.70 7.37 -7.25
N ASP A 32 27.21 6.16 -7.03
CA ASP A 32 26.80 4.97 -7.78
C ASP A 32 25.32 4.63 -7.64
N LEU A 33 24.64 4.58 -8.78
CA LEU A 33 23.22 4.29 -8.85
C LEU A 33 22.78 3.06 -8.03
N SER A 34 23.55 1.97 -8.12
CA SER A 34 23.24 0.74 -7.40
C SER A 34 23.26 0.91 -5.90
N GLU A 35 24.21 1.68 -5.38
CA GLU A 35 24.29 1.92 -3.93
C GLU A 35 23.08 2.79 -3.58
N LEU A 36 22.86 3.83 -4.38
CA LEU A 36 21.75 4.74 -4.16
C LEU A 36 20.42 4.00 -4.02
N LEU A 37 20.08 3.15 -5.00
CA LEU A 37 18.84 2.39 -5.00
C LEU A 37 18.67 1.43 -3.80
N LYS A 38 19.75 0.75 -3.42
CA LYS A 38 19.74 -0.20 -2.31
C LYS A 38 19.20 0.47 -1.04
N GLU A 39 19.77 1.61 -0.68
CA GLU A 39 19.32 2.33 0.50
C GLU A 39 18.00 3.05 0.23
N GLY A 40 17.94 3.72 -0.91
CA GLY A 40 16.75 4.46 -1.31
C GLY A 40 15.43 3.71 -1.29
N THR A 41 15.47 2.38 -1.44
CA THR A 41 14.25 1.59 -1.44
C THR A 41 14.20 0.62 -0.26
N LYS A 42 15.07 0.86 0.71
CA LYS A 42 15.18 0.05 1.92
C LYS A 42 13.86 -0.06 2.67
N GLU A 43 13.29 1.09 3.05
CA GLU A 43 12.03 1.10 3.78
C GLU A 43 10.97 0.40 2.94
N ALA A 44 11.01 0.56 1.62
CA ALA A 44 10.03 -0.12 0.80
C ALA A 44 10.25 -1.65 0.72
N HIS A 45 11.49 -2.10 0.77
CA HIS A 45 11.72 -3.55 0.71
C HIS A 45 11.24 -4.20 2.02
N ASP A 46 11.50 -3.52 3.14
CA ASP A 46 11.06 -4.07 4.40
C ASP A 46 9.55 -4.19 4.37
N ARG A 47 8.91 -3.17 3.82
CA ARG A 47 7.45 -3.13 3.73
C ARG A 47 6.95 -4.34 2.92
N ALA A 48 7.65 -4.64 1.83
CA ALA A 48 7.32 -5.75 0.93
C ALA A 48 7.53 -7.11 1.59
N GLU A 49 8.63 -7.25 2.32
CA GLU A 49 8.95 -8.50 3.00
C GLU A 49 7.92 -8.91 4.05
N ASN A 50 7.14 -7.97 4.56
CA ASN A 50 6.18 -8.29 5.60
C ASN A 50 4.69 -8.13 5.31
N THR A 51 4.31 -7.95 4.05
CA THR A 51 2.89 -7.79 3.77
C THR A 51 2.17 -9.16 3.88
N GLN A 52 0.91 -9.14 4.30
CA GLN A 52 0.13 -10.37 4.47
C GLN A 52 0.23 -11.41 3.37
N PHE A 53 -0.01 -10.97 2.14
CA PHE A 53 0.05 -11.90 1.03
C PHE A 53 1.41 -12.58 0.98
N VAL A 54 2.46 -11.87 1.38
CA VAL A 54 3.78 -12.46 1.35
C VAL A 54 3.93 -13.52 2.44
N LYS A 55 3.49 -13.19 3.65
CA LYS A 55 3.59 -14.10 4.77
C LYS A 55 2.65 -15.33 4.59
N ASP A 56 1.75 -15.25 3.62
CA ASP A 56 0.88 -16.39 3.38
C ASP A 56 1.55 -17.27 2.37
N PHE A 57 2.12 -16.66 1.34
CA PHE A 57 2.79 -17.44 0.33
C PHE A 57 3.97 -18.19 0.99
N LEU A 58 4.42 -17.69 2.13
CA LEU A 58 5.53 -18.25 2.85
C LEU A 58 5.08 -19.07 4.06
N LYS A 59 3.92 -19.70 3.87
CA LYS A 59 3.31 -20.60 4.83
C LYS A 59 2.83 -21.79 3.99
N GLY A 60 2.22 -21.50 2.84
CA GLY A 60 1.75 -22.55 1.96
C GLY A 60 0.23 -22.55 1.82
N ASN A 61 -0.39 -21.52 2.39
CA ASN A 61 -1.84 -21.36 2.36
C ASN A 61 -2.37 -20.89 1.02
N ILE A 62 -1.47 -20.51 0.12
CA ILE A 62 -1.90 -20.05 -1.20
C ILE A 62 -2.41 -21.21 -2.03
N LYS A 63 -3.73 -21.28 -2.17
CA LYS A 63 -4.38 -22.35 -2.94
C LYS A 63 -4.22 -22.15 -4.44
N LYS A 64 -4.36 -23.24 -5.19
CA LYS A 64 -4.18 -23.19 -6.63
C LYS A 64 -4.82 -21.99 -7.36
N GLU A 65 -5.97 -21.53 -6.91
CA GLU A 65 -6.61 -20.40 -7.60
C GLU A 65 -5.93 -19.04 -7.33
N LEU A 66 -5.48 -18.81 -6.11
CA LEU A 66 -4.83 -17.54 -5.84
C LEU A 66 -3.43 -17.54 -6.45
N PHE A 67 -2.90 -18.72 -6.72
CA PHE A 67 -1.60 -18.82 -7.35
C PHE A 67 -1.78 -18.54 -8.84
N LYS A 68 -2.84 -19.11 -9.41
CA LYS A 68 -3.13 -18.90 -10.82
C LYS A 68 -3.60 -17.47 -11.05
N LEU A 69 -4.17 -16.85 -10.01
CA LEU A 69 -4.64 -15.46 -10.09
C LEU A 69 -3.40 -14.57 -10.09
N ALA A 70 -2.45 -14.92 -9.24
CA ALA A 70 -1.19 -14.19 -9.12
C ALA A 70 -0.28 -14.44 -10.34
N THR A 71 -0.27 -15.67 -10.84
CA THR A 71 0.56 -15.99 -12.00
C THR A 71 0.00 -15.26 -13.23
N THR A 72 -1.24 -14.80 -13.12
CA THR A 72 -1.86 -14.06 -14.21
C THR A 72 -1.46 -12.59 -14.06
N ALA A 73 -1.10 -12.20 -12.85
CA ALA A 73 -0.70 -10.81 -12.65
C ALA A 73 0.70 -10.64 -13.25
N LEU A 74 1.53 -11.67 -13.14
CA LEU A 74 2.89 -11.60 -13.68
C LEU A 74 2.92 -11.61 -15.21
N TYR A 75 2.15 -12.54 -15.82
CA TYR A 75 2.13 -12.64 -17.28
C TYR A 75 1.84 -11.28 -17.87
N PHE A 76 0.84 -10.60 -17.32
CA PHE A 76 0.49 -9.28 -17.80
C PHE A 76 1.39 -8.20 -17.22
N THR A 77 2.46 -8.62 -16.57
CA THR A 77 3.37 -7.66 -16.00
C THR A 77 4.74 -7.69 -16.67
N TYR A 78 5.31 -8.88 -16.79
CA TYR A 78 6.62 -8.97 -17.42
C TYR A 78 6.51 -8.88 -18.94
N SER A 79 5.32 -9.16 -19.47
CA SER A 79 5.11 -9.06 -20.91
C SER A 79 5.18 -7.58 -21.25
N ALA A 80 4.34 -6.81 -20.56
CA ALA A 80 4.31 -5.39 -20.76
C ALA A 80 5.71 -4.85 -20.57
N LEU A 81 6.29 -5.12 -19.42
CA LEU A 81 7.65 -4.65 -19.10
C LEU A 81 8.62 -4.97 -20.22
N GLU A 82 8.41 -6.10 -20.87
CA GLU A 82 9.29 -6.51 -21.94
C GLU A 82 9.02 -5.87 -23.30
N GLU A 83 7.79 -5.45 -23.56
CA GLU A 83 7.50 -4.81 -24.82
C GLU A 83 8.19 -3.43 -24.75
N GLU A 84 8.28 -2.91 -23.54
CA GLU A 84 8.92 -1.62 -23.30
C GLU A 84 10.43 -1.71 -23.19
N MET A 85 10.97 -2.92 -23.06
CA MET A 85 12.42 -3.07 -22.98
C MET A 85 12.94 -3.41 -24.36
N GLU A 86 12.13 -4.11 -25.16
CA GLU A 86 12.51 -4.47 -26.51
C GLU A 86 12.30 -3.22 -27.33
N ARG A 87 11.54 -2.29 -26.79
CA ARG A 87 11.27 -1.04 -27.48
C ARG A 87 12.43 -0.08 -27.36
N ASN A 88 12.77 0.27 -26.11
CA ASN A 88 13.87 1.20 -25.87
C ASN A 88 15.19 0.48 -25.80
N LYS A 89 15.23 -0.73 -26.39
CA LYS A 89 16.43 -1.56 -26.40
C LYS A 89 17.70 -0.87 -26.90
N ASP A 90 17.53 0.23 -27.65
CA ASP A 90 18.69 0.94 -28.18
C ASP A 90 19.01 2.26 -27.48
N HIS A 91 18.21 2.65 -26.49
CA HIS A 91 18.43 3.90 -25.78
C HIS A 91 19.72 3.98 -24.94
N PRO A 92 20.48 5.08 -25.10
CA PRO A 92 21.74 5.27 -24.36
C PRO A 92 21.61 5.05 -22.85
N ALA A 93 20.44 5.38 -22.31
CA ALA A 93 20.20 5.26 -20.88
C ALA A 93 19.82 3.86 -20.41
N PHE A 94 19.19 3.07 -21.29
CA PHE A 94 18.79 1.73 -20.92
C PHE A 94 19.60 0.65 -21.62
N ALA A 95 19.87 0.85 -22.90
CA ALA A 95 20.59 -0.10 -23.76
C ALA A 95 21.36 -1.26 -23.08
N PRO A 96 22.29 -0.94 -22.18
CA PRO A 96 23.04 -2.01 -21.52
C PRO A 96 22.19 -2.96 -20.70
N LEU A 97 21.22 -2.42 -19.97
CA LEU A 97 20.37 -3.26 -19.12
C LEU A 97 19.55 -4.25 -19.90
N TYR A 98 19.51 -4.07 -21.22
CA TYR A 98 18.76 -4.98 -22.08
C TYR A 98 19.39 -6.34 -21.94
N PHE A 99 18.56 -7.37 -21.74
CA PHE A 99 19.07 -8.73 -21.56
C PHE A 99 18.04 -9.79 -21.94
N PRO A 100 17.59 -9.81 -23.19
CA PRO A 100 16.60 -10.83 -23.55
C PRO A 100 16.97 -12.29 -23.29
N MET A 101 18.26 -12.62 -23.31
CA MET A 101 18.68 -14.02 -23.08
C MET A 101 18.68 -14.37 -21.61
N GLU A 102 19.55 -13.71 -20.87
CA GLU A 102 19.69 -13.92 -19.45
C GLU A 102 18.34 -13.76 -18.75
N LEU A 103 17.60 -12.71 -19.13
CA LEU A 103 16.32 -12.44 -18.50
C LEU A 103 15.04 -12.68 -19.32
N HIS A 104 14.13 -11.72 -19.20
CA HIS A 104 12.81 -11.76 -19.83
C HIS A 104 12.02 -12.99 -19.40
N ARG A 105 10.95 -12.73 -18.65
CA ARG A 105 10.12 -13.80 -18.13
C ARG A 105 8.88 -14.15 -18.94
N LYS A 106 8.51 -13.27 -19.88
CA LYS A 106 7.29 -13.51 -20.68
C LYS A 106 7.19 -14.90 -21.30
N GLU A 107 8.30 -15.41 -21.82
CA GLU A 107 8.31 -16.73 -22.45
C GLU A 107 8.06 -17.79 -21.40
N ALA A 108 8.60 -17.57 -20.20
CA ALA A 108 8.43 -18.50 -19.07
C ALA A 108 7.00 -18.45 -18.50
N LEU A 109 6.49 -17.25 -18.31
CA LEU A 109 5.14 -17.10 -17.77
C LEU A 109 4.16 -17.82 -18.70
N THR A 110 4.19 -17.48 -19.98
CA THR A 110 3.28 -18.11 -20.94
C THR A 110 3.27 -19.62 -20.69
N LYS A 111 4.46 -20.19 -20.56
CA LYS A 111 4.55 -21.61 -20.30
C LYS A 111 3.74 -21.93 -19.03
N ASP A 112 3.94 -21.12 -17.99
CA ASP A 112 3.21 -21.35 -16.74
C ASP A 112 1.71 -21.14 -16.91
N MET A 113 1.33 -20.15 -17.72
CA MET A 113 -0.08 -19.87 -17.98
C MET A 113 -0.72 -21.07 -18.68
N GLU A 114 -0.06 -21.57 -19.73
CA GLU A 114 -0.55 -22.74 -20.48
C GLU A 114 -0.80 -23.94 -19.57
N TYR A 115 0.15 -24.22 -18.68
CA TYR A 115 0.00 -25.36 -17.78
C TYR A 115 -1.18 -25.22 -16.83
N PHE A 116 -1.47 -24.01 -16.35
CA PHE A 116 -2.57 -23.83 -15.42
C PHE A 116 -3.96 -23.64 -16.04
N PHE A 117 -4.02 -23.38 -17.33
CA PHE A 117 -5.31 -23.17 -17.95
C PHE A 117 -5.43 -23.78 -19.37
N GLY A 118 -4.60 -24.78 -19.64
CA GLY A 118 -4.62 -25.42 -20.95
C GLY A 118 -4.32 -24.51 -22.15
N GLU A 119 -4.13 -25.13 -23.32
CA GLU A 119 -3.83 -24.44 -24.57
C GLU A 119 -4.72 -23.21 -24.79
N ASN A 120 -6.02 -23.38 -24.57
CA ASN A 120 -6.96 -22.28 -24.72
C ASN A 120 -7.10 -21.60 -23.38
N TRP A 121 -6.06 -20.85 -22.99
CA TRP A 121 -6.05 -20.15 -21.72
C TRP A 121 -6.13 -18.64 -21.85
N GLU A 122 -5.61 -18.12 -22.95
CA GLU A 122 -5.60 -16.68 -23.17
C GLU A 122 -6.95 -15.99 -22.92
N GLU A 123 -8.00 -16.47 -23.56
CA GLU A 123 -9.32 -15.88 -23.38
C GLU A 123 -10.07 -16.44 -22.17
N GLN A 124 -9.34 -17.08 -21.27
CA GLN A 124 -9.93 -17.68 -20.06
C GLN A 124 -9.55 -16.89 -18.82
N VAL A 125 -8.95 -15.71 -19.00
CA VAL A 125 -8.53 -14.96 -17.84
C VAL A 125 -8.36 -13.47 -18.06
N GLN A 126 -8.50 -12.71 -16.98
CA GLN A 126 -8.32 -11.26 -17.01
C GLN A 126 -7.67 -10.91 -15.66
N ALA A 127 -6.37 -10.67 -15.70
CA ALA A 127 -5.59 -10.34 -14.52
C ALA A 127 -6.25 -9.24 -13.69
N PRO A 128 -5.77 -9.05 -12.44
CA PRO A 128 -6.21 -8.07 -11.45
C PRO A 128 -6.26 -6.65 -11.97
N LYS A 129 -7.29 -5.90 -11.59
CA LYS A 129 -7.33 -4.52 -12.06
C LYS A 129 -6.05 -3.79 -11.60
N ALA A 130 -5.47 -4.22 -10.48
CA ALA A 130 -4.25 -3.62 -9.91
C ALA A 130 -3.00 -3.83 -10.76
N ALA A 131 -3.04 -4.86 -11.61
CA ALA A 131 -1.93 -5.19 -12.50
C ALA A 131 -1.98 -4.31 -13.76
N GLN A 132 -3.19 -4.10 -14.27
CA GLN A 132 -3.35 -3.27 -15.45
C GLN A 132 -2.69 -1.93 -15.14
N LYS A 133 -3.03 -1.37 -13.98
CA LYS A 133 -2.48 -0.08 -13.54
C LYS A 133 -0.98 -0.07 -13.66
N TYR A 134 -0.36 -1.08 -13.03
CA TYR A 134 1.10 -1.23 -13.02
C TYR A 134 1.60 -1.13 -14.46
N VAL A 135 0.95 -1.87 -15.36
CA VAL A 135 1.34 -1.85 -16.77
C VAL A 135 1.29 -0.45 -17.39
N GLU A 136 0.17 0.23 -17.21
CA GLU A 136 -0.02 1.57 -17.75
C GLU A 136 1.14 2.47 -17.33
N ARG A 137 1.51 2.40 -16.05
CA ARG A 137 2.61 3.22 -15.57
C ARG A 137 3.91 2.78 -16.25
N ILE A 138 4.07 1.48 -16.45
CA ILE A 138 5.27 1.00 -17.10
C ILE A 138 5.35 1.69 -18.46
N HIS A 139 4.41 1.37 -19.34
CA HIS A 139 4.36 1.99 -20.66
C HIS A 139 4.57 3.51 -20.55
N TYR A 140 3.81 4.14 -19.67
CA TYR A 140 3.92 5.57 -19.50
C TYR A 140 5.29 5.94 -18.95
N ILE A 141 6.18 4.95 -18.93
CA ILE A 141 7.55 5.18 -18.49
C ILE A 141 8.52 4.83 -19.61
N GLY A 142 8.29 3.71 -20.29
CA GLY A 142 9.16 3.31 -21.38
C GLY A 142 9.12 4.26 -22.57
N GLN A 143 8.03 4.18 -23.34
CA GLN A 143 7.81 5.01 -24.51
C GLN A 143 7.82 6.47 -24.11
N ASN A 144 7.84 6.73 -22.81
CA ASN A 144 7.78 8.09 -22.34
C ASN A 144 8.95 8.63 -21.57
N GLU A 145 9.47 7.84 -20.65
CA GLU A 145 10.60 8.27 -19.83
C GLU A 145 11.58 7.10 -19.78
N PRO A 146 12.09 6.71 -20.96
CA PRO A 146 13.04 5.60 -21.11
C PRO A 146 14.21 5.60 -20.13
N GLU A 147 14.70 6.77 -19.76
CA GLU A 147 15.82 6.86 -18.83
C GLU A 147 15.52 6.37 -17.42
N LEU A 148 14.24 6.18 -17.10
CA LEU A 148 13.84 5.70 -15.78
C LEU A 148 13.36 4.26 -15.85
N LEU A 149 13.43 3.66 -17.04
CA LEU A 149 12.99 2.28 -17.21
C LEU A 149 13.78 1.33 -16.30
N VAL A 150 15.03 1.67 -16.06
CA VAL A 150 15.91 0.87 -15.20
C VAL A 150 15.30 0.71 -13.79
N ALA A 151 14.40 1.63 -13.41
CA ALA A 151 13.76 1.56 -12.11
C ALA A 151 12.68 0.47 -12.11
N HIS A 152 12.33 -0.02 -13.28
CA HIS A 152 11.31 -1.06 -13.35
C HIS A 152 11.91 -2.45 -13.62
N ALA A 153 13.12 -2.44 -14.17
CA ALA A 153 13.85 -3.68 -14.45
C ALA A 153 14.55 -4.06 -13.14
N TYR A 154 15.41 -3.16 -12.67
CA TYR A 154 16.17 -3.30 -11.42
C TYR A 154 15.39 -3.93 -10.27
N THR A 155 14.22 -3.36 -10.03
CA THR A 155 13.34 -3.80 -8.94
C THR A 155 12.68 -5.14 -9.22
N ARG A 156 12.18 -5.31 -10.44
CA ARG A 156 11.51 -6.55 -10.80
C ARG A 156 12.42 -7.73 -11.10
N TYR A 157 13.64 -7.50 -11.62
CA TYR A 157 14.53 -8.60 -11.92
C TYR A 157 15.42 -9.08 -10.77
N MET A 158 16.17 -8.18 -10.13
CA MET A 158 17.01 -8.59 -9.02
C MET A 158 16.21 -9.44 -8.03
N GLY A 159 15.13 -8.89 -7.48
CA GLY A 159 14.31 -9.66 -6.57
C GLY A 159 14.00 -11.01 -7.19
N ASP A 160 13.47 -10.99 -8.40
CA ASP A 160 13.13 -12.20 -9.15
C ASP A 160 14.21 -13.26 -9.00
N LEU A 161 15.45 -12.84 -9.25
CA LEU A 161 16.63 -13.69 -9.15
C LEU A 161 16.79 -14.14 -7.69
N SER A 162 16.82 -13.17 -6.77
CA SER A 162 16.95 -13.42 -5.33
C SER A 162 15.58 -13.59 -4.69
N GLY A 163 14.70 -14.30 -5.40
CA GLY A 163 13.36 -14.53 -4.89
C GLY A 163 12.87 -15.89 -5.39
N GLY A 164 12.99 -16.09 -6.70
CA GLY A 164 12.54 -17.31 -7.34
C GLY A 164 12.82 -18.70 -6.76
N GLN A 165 14.09 -19.07 -6.66
CA GLN A 165 14.50 -20.38 -6.14
C GLN A 165 13.73 -20.81 -4.90
N VAL A 166 13.84 -20.02 -3.83
CA VAL A 166 13.14 -20.34 -2.60
C VAL A 166 11.63 -20.31 -2.82
N LEU A 167 11.16 -19.53 -3.79
CA LEU A 167 9.71 -19.44 -4.06
C LEU A 167 9.19 -20.63 -4.87
N LYS A 168 10.04 -21.15 -5.75
CA LYS A 168 9.67 -22.27 -6.58
C LYS A 168 9.38 -23.46 -5.66
N LYS A 169 10.29 -23.69 -4.72
CA LYS A 169 10.18 -24.78 -3.77
C LYS A 169 8.95 -24.64 -2.89
N VAL A 170 8.62 -23.41 -2.50
CA VAL A 170 7.43 -23.22 -1.68
C VAL A 170 6.22 -23.52 -2.55
N ALA A 171 6.17 -22.85 -3.71
CA ALA A 171 5.07 -23.04 -4.65
C ALA A 171 4.84 -24.52 -5.00
N GLN A 172 5.91 -25.22 -5.41
CA GLN A 172 5.79 -26.62 -5.79
C GLN A 172 5.36 -27.50 -4.62
N ARG A 173 5.83 -27.11 -3.45
CA ARG A 173 5.55 -27.82 -2.21
C ARG A 173 4.11 -27.63 -1.71
N ALA A 174 3.53 -26.44 -1.92
CA ALA A 174 2.17 -26.20 -1.45
C ALA A 174 1.10 -26.63 -2.44
N LEU A 175 1.46 -26.69 -3.71
CA LEU A 175 0.50 -27.06 -4.74
C LEU A 175 0.74 -28.45 -5.29
N LYS A 176 1.74 -29.14 -4.73
CA LYS A 176 2.06 -30.47 -5.21
C LYS A 176 2.27 -30.37 -6.71
N LEU A 177 3.20 -29.51 -7.13
CA LEU A 177 3.49 -29.33 -8.55
C LEU A 177 4.60 -30.26 -9.03
N PRO A 178 4.68 -30.48 -10.34
CA PRO A 178 5.74 -31.37 -10.84
C PRO A 178 7.11 -30.86 -10.40
N SER A 179 7.97 -31.79 -10.01
CA SER A 179 9.33 -31.46 -9.59
C SER A 179 10.13 -31.09 -10.83
N THR A 180 9.50 -31.24 -12.00
CA THR A 180 10.16 -30.95 -13.26
C THR A 180 9.94 -29.53 -13.77
N GLY A 181 9.45 -28.65 -12.89
CA GLY A 181 9.25 -27.26 -13.24
C GLY A 181 7.89 -26.79 -13.74
N GLU A 182 7.03 -27.73 -14.12
CA GLU A 182 5.69 -27.39 -14.62
C GLU A 182 5.02 -26.38 -13.67
N GLY A 183 4.45 -25.33 -14.23
CA GLY A 183 3.79 -24.32 -13.41
C GLY A 183 4.76 -23.35 -12.77
N THR A 184 6.04 -23.68 -12.79
CA THR A 184 7.04 -22.83 -12.19
C THR A 184 8.18 -22.46 -13.10
N GLN A 185 8.04 -22.71 -14.40
CA GLN A 185 9.10 -22.37 -15.34
C GLN A 185 9.39 -20.88 -15.31
N PHE A 186 8.81 -20.17 -14.35
CA PHE A 186 9.02 -18.73 -14.22
C PHE A 186 10.08 -18.34 -13.18
N TYR A 187 10.22 -19.18 -12.16
CA TYR A 187 11.16 -18.94 -11.07
C TYR A 187 12.58 -19.44 -11.34
N LEU A 188 12.77 -20.01 -12.52
CA LEU A 188 14.06 -20.59 -12.94
C LEU A 188 14.73 -19.73 -14.02
N PHE A 189 16.03 -19.46 -13.85
CA PHE A 189 16.78 -18.67 -14.83
C PHE A 189 17.87 -19.50 -15.52
N GLU A 190 17.45 -20.15 -16.61
CA GLU A 190 18.24 -21.03 -17.46
C GLU A 190 19.54 -20.45 -17.98
N ASN A 191 19.45 -19.28 -18.58
CA ASN A 191 20.58 -18.59 -19.18
C ASN A 191 21.43 -17.78 -18.23
N VAL A 192 21.14 -17.85 -16.94
CA VAL A 192 21.93 -17.14 -15.94
C VAL A 192 22.71 -18.23 -15.24
N ASP A 193 24.01 -18.30 -15.49
CA ASP A 193 24.83 -19.33 -14.87
C ASP A 193 25.09 -19.04 -13.40
N ASN A 194 25.04 -17.76 -12.99
CA ASN A 194 25.23 -17.43 -11.58
C ASN A 194 24.55 -16.12 -11.15
N ALA A 195 23.41 -16.25 -10.47
CA ALA A 195 22.63 -15.09 -10.02
C ALA A 195 23.44 -14.10 -9.19
N GLN A 196 24.03 -14.56 -8.09
CA GLN A 196 24.83 -13.68 -7.24
C GLN A 196 25.76 -12.84 -8.12
N GLN A 197 26.75 -13.49 -8.73
CA GLN A 197 27.72 -12.85 -9.63
C GLN A 197 27.02 -12.08 -10.77
N PHE A 198 25.91 -12.62 -11.26
CA PHE A 198 25.16 -11.96 -12.32
C PHE A 198 24.73 -10.58 -11.84
N LYS A 199 23.90 -10.53 -10.82
CA LYS A 199 23.43 -9.25 -10.28
C LYS A 199 24.52 -8.17 -10.24
N GLN A 200 25.75 -8.58 -9.90
CA GLN A 200 26.86 -7.63 -9.84
C GLN A 200 27.02 -6.94 -11.19
N LEU A 201 27.22 -7.76 -12.22
CA LEU A 201 27.36 -7.26 -13.59
C LEU A 201 26.33 -6.13 -13.77
N TYR A 202 25.05 -6.47 -13.57
CA TYR A 202 23.93 -5.53 -13.65
C TYR A 202 24.23 -4.22 -12.88
N ARG A 203 24.76 -4.37 -11.66
CA ARG A 203 25.10 -3.22 -10.84
C ARG A 203 26.31 -2.51 -11.41
N ALA A 204 27.25 -3.29 -11.94
CA ALA A 204 28.45 -2.71 -12.51
C ALA A 204 28.04 -1.84 -13.71
N ARG A 205 26.97 -2.25 -14.39
CA ARG A 205 26.45 -1.54 -15.54
C ARG A 205 25.62 -0.29 -15.21
N MET A 206 24.68 -0.42 -14.29
CA MET A 206 23.88 0.74 -13.91
C MET A 206 24.85 1.82 -13.44
N ASN A 207 25.89 1.40 -12.72
CA ASN A 207 26.86 2.38 -12.26
C ASN A 207 27.68 2.94 -13.43
N ALA A 208 27.58 2.31 -14.60
CA ALA A 208 28.34 2.76 -15.77
C ALA A 208 27.57 3.72 -16.69
N LEU A 209 26.25 3.76 -16.56
CA LEU A 209 25.45 4.64 -17.40
C LEU A 209 26.01 6.08 -17.35
N ASP A 210 25.99 6.77 -18.48
CA ASP A 210 26.45 8.16 -18.59
C ASP A 210 25.28 8.97 -18.05
N LEU A 211 25.13 8.98 -16.72
CA LEU A 211 24.04 9.68 -16.06
C LEU A 211 24.50 10.65 -14.99
N ASN A 212 23.67 11.66 -14.74
CA ASN A 212 23.94 12.69 -13.74
C ASN A 212 23.04 12.48 -12.53
N MET A 213 23.41 13.07 -11.40
CA MET A 213 22.62 12.89 -10.19
C MET A 213 21.13 13.18 -10.34
N LYS A 214 20.76 14.08 -11.25
CA LYS A 214 19.35 14.38 -11.44
C LYS A 214 18.60 13.11 -11.87
N THR A 215 19.18 12.36 -12.80
CA THR A 215 18.58 11.12 -13.27
C THR A 215 18.89 10.02 -12.25
N LYS A 216 20.15 9.95 -11.81
CA LYS A 216 20.55 8.95 -10.83
C LYS A 216 19.80 9.16 -9.52
N GLU A 217 18.87 10.12 -9.50
CA GLU A 217 18.07 10.41 -8.32
C GLU A 217 16.58 10.41 -8.62
N ARG A 218 16.21 10.37 -9.90
CA ARG A 218 14.79 10.32 -10.27
C ARG A 218 14.40 8.88 -10.60
N ILE A 219 15.41 8.02 -10.61
CA ILE A 219 15.20 6.60 -10.85
C ILE A 219 14.83 5.96 -9.49
N VAL A 220 15.40 6.48 -8.42
CA VAL A 220 15.10 5.94 -7.10
C VAL A 220 13.61 6.13 -6.78
N GLU A 221 13.04 7.24 -7.26
CA GLU A 221 11.63 7.55 -7.02
C GLU A 221 10.68 6.67 -7.83
N GLU A 222 11.09 6.29 -9.03
CA GLU A 222 10.22 5.42 -9.81
C GLU A 222 10.39 3.99 -9.24
N ALA A 223 11.59 3.68 -8.75
CA ALA A 223 11.87 2.37 -8.16
C ALA A 223 11.03 2.18 -6.90
N ASN A 224 11.04 3.20 -6.04
CA ASN A 224 10.27 3.21 -4.80
C ASN A 224 8.76 3.13 -5.05
N LYS A 225 8.26 3.89 -6.02
CA LYS A 225 6.83 3.83 -6.33
C LYS A 225 6.56 2.39 -6.75
N ALA A 226 7.19 1.96 -7.84
CA ALA A 226 7.05 0.60 -8.38
C ALA A 226 6.90 -0.46 -7.25
N PHE A 227 7.76 -0.40 -6.23
CA PHE A 227 7.66 -1.35 -5.13
C PHE A 227 6.18 -1.34 -4.68
N GLU A 228 5.63 -0.15 -4.50
CA GLU A 228 4.25 -0.04 -4.03
C GLU A 228 3.19 -0.60 -4.98
N TYR A 229 3.50 -0.63 -6.28
CA TYR A 229 2.57 -1.19 -7.23
C TYR A 229 2.41 -2.67 -6.84
N ASN A 230 3.52 -3.26 -6.40
CA ASN A 230 3.52 -4.66 -5.98
C ASN A 230 2.57 -4.87 -4.81
N MET A 231 2.65 -3.98 -3.83
CA MET A 231 1.78 -4.05 -2.68
C MET A 231 0.34 -4.00 -3.15
N GLN A 232 0.03 -3.06 -4.05
CA GLN A 232 -1.34 -2.95 -4.49
C GLN A 232 -1.82 -4.24 -5.11
N ILE A 233 -0.92 -4.95 -5.78
CA ILE A 233 -1.29 -6.21 -6.40
C ILE A 233 -1.36 -7.25 -5.30
N PHE A 234 -0.44 -7.15 -4.33
CA PHE A 234 -0.41 -8.08 -3.20
C PHE A 234 -1.72 -7.94 -2.43
N ASN A 235 -2.07 -6.69 -2.12
CA ASN A 235 -3.29 -6.40 -1.39
C ASN A 235 -4.52 -6.97 -2.10
N GLU A 236 -4.56 -6.84 -3.42
CA GLU A 236 -5.70 -7.35 -4.21
C GLU A 236 -5.76 -8.88 -4.12
N LEU A 237 -4.59 -9.52 -4.15
CA LEU A 237 -4.50 -10.96 -4.06
C LEU A 237 -5.01 -11.44 -2.67
N ASP A 238 -4.76 -10.63 -1.64
CA ASP A 238 -5.22 -10.92 -0.27
C ASP A 238 -6.75 -10.95 -0.26
N GLN A 239 -7.39 -9.83 -0.61
CA GLN A 239 -8.85 -9.77 -0.65
C GLN A 239 -9.42 -11.04 -1.27
N ALA A 240 -8.89 -11.41 -2.43
CA ALA A 240 -9.32 -12.62 -3.12
C ALA A 240 -8.97 -13.79 -2.23
N GLY A 241 -7.77 -13.78 -1.66
CA GLY A 241 -7.35 -14.85 -0.77
C GLY A 241 -8.19 -14.86 0.49
N SER A 242 -7.77 -14.07 1.48
CA SER A 242 -8.51 -14.00 2.75
C SER A 242 -8.47 -15.30 3.53
N MET B 30 -10.64 25.07 -11.65
CA MET B 30 -11.75 26.00 -11.33
C MET B 30 -12.33 25.81 -9.91
N ALA B 31 -12.41 24.56 -9.48
CA ALA B 31 -12.95 24.24 -8.17
C ALA B 31 -11.91 24.11 -7.07
N ASP B 32 -12.32 24.39 -5.84
CA ASP B 32 -11.44 24.30 -4.67
C ASP B 32 -11.19 22.82 -4.36
N LEU B 33 -9.99 22.52 -3.86
CA LEU B 33 -9.65 21.13 -3.54
C LEU B 33 -10.64 20.60 -2.50
N SER B 34 -11.01 21.44 -1.55
CA SER B 34 -11.95 21.05 -0.52
C SER B 34 -13.30 20.62 -1.12
N GLU B 35 -13.82 21.44 -2.03
CA GLU B 35 -15.08 21.13 -2.67
C GLU B 35 -15.00 19.82 -3.42
N LEU B 36 -13.89 19.56 -4.10
CA LEU B 36 -13.75 18.30 -4.80
C LEU B 36 -13.85 17.14 -3.81
N LEU B 37 -12.91 17.08 -2.88
CA LEU B 37 -12.91 16.02 -1.88
C LEU B 37 -14.31 15.78 -1.29
N LYS B 38 -15.10 16.85 -1.18
CA LYS B 38 -16.45 16.75 -0.62
C LYS B 38 -17.34 15.75 -1.36
N GLU B 39 -17.57 16.02 -2.65
CA GLU B 39 -18.40 15.15 -3.50
C GLU B 39 -17.57 14.07 -4.17
N GLY B 40 -16.26 14.31 -4.29
CA GLY B 40 -15.40 13.34 -4.92
C GLY B 40 -15.23 12.08 -4.10
N THR B 41 -15.79 12.07 -2.90
CA THR B 41 -15.68 10.90 -2.02
C THR B 41 -17.02 10.57 -1.37
N LYS B 42 -18.09 11.04 -1.98
CA LYS B 42 -19.45 10.83 -1.48
C LYS B 42 -19.87 9.38 -1.75
N GLU B 43 -19.64 8.91 -2.98
CA GLU B 43 -19.99 7.54 -3.32
C GLU B 43 -19.29 6.58 -2.38
N ALA B 44 -18.17 7.02 -1.82
CA ALA B 44 -17.40 6.20 -0.91
C ALA B 44 -17.78 6.47 0.54
N HIS B 45 -17.98 7.74 0.87
CA HIS B 45 -18.34 8.11 2.24
C HIS B 45 -19.64 7.42 2.68
N ASP B 46 -20.35 6.81 1.74
CA ASP B 46 -21.59 6.12 2.04
C ASP B 46 -21.40 4.66 2.40
N ARG B 47 -20.58 3.96 1.61
CA ARG B 47 -20.31 2.56 1.87
C ARG B 47 -19.78 2.39 3.28
N ALA B 48 -18.94 3.33 3.70
CA ALA B 48 -18.36 3.30 5.04
C ALA B 48 -19.46 3.54 6.09
N GLU B 49 -20.23 4.61 5.87
CA GLU B 49 -21.32 4.99 6.76
C GLU B 49 -22.44 3.95 6.71
N ASN B 50 -22.38 3.06 5.73
CA ASN B 50 -23.41 2.05 5.59
C ASN B 50 -22.91 0.61 5.80
N THR B 51 -22.00 0.43 6.76
CA THR B 51 -21.50 -0.90 7.07
C THR B 51 -22.17 -1.40 8.35
N GLN B 52 -22.30 -2.72 8.47
CA GLN B 52 -22.95 -3.31 9.65
C GLN B 52 -22.28 -2.79 10.90
N PHE B 53 -20.98 -2.57 10.81
CA PHE B 53 -20.23 -2.06 11.94
C PHE B 53 -20.64 -0.63 12.28
N VAL B 54 -21.04 0.13 11.26
CA VAL B 54 -21.45 1.53 11.43
C VAL B 54 -22.96 1.72 11.67
N LYS B 55 -23.78 1.11 10.82
CA LYS B 55 -25.23 1.21 10.93
C LYS B 55 -25.69 0.91 12.36
N ASP B 56 -25.03 -0.07 12.96
CA ASP B 56 -25.34 -0.49 14.32
C ASP B 56 -24.53 0.28 15.36
N PHE B 57 -23.34 0.75 14.99
CA PHE B 57 -22.53 1.50 15.94
C PHE B 57 -23.27 2.76 16.40
N LEU B 58 -23.71 3.57 15.43
CA LEU B 58 -24.43 4.80 15.72
C LEU B 58 -25.63 4.46 16.60
N LYS B 59 -26.01 3.19 16.58
CA LYS B 59 -27.13 2.70 17.37
C LYS B 59 -26.62 1.77 18.48
N GLY B 60 -25.71 2.31 19.29
CA GLY B 60 -25.13 1.58 20.40
C GLY B 60 -25.11 0.07 20.29
N ASN B 61 -24.73 -0.45 19.13
CA ASN B 61 -24.70 -1.88 18.97
C ASN B 61 -23.32 -2.45 18.64
N ILE B 62 -22.49 -2.56 19.66
CA ILE B 62 -21.14 -3.11 19.54
C ILE B 62 -20.67 -3.58 20.90
N LYS B 63 -19.90 -4.67 20.93
CA LYS B 63 -19.40 -5.22 22.18
C LYS B 63 -18.00 -4.71 22.55
N LYS B 64 -17.74 -4.67 23.85
CA LYS B 64 -16.47 -4.21 24.39
C LYS B 64 -15.24 -4.74 23.65
N GLU B 65 -15.10 -6.06 23.60
CA GLU B 65 -13.95 -6.65 22.94
C GLU B 65 -13.87 -6.32 21.47
N LEU B 66 -14.99 -5.91 20.88
CA LEU B 66 -15.00 -5.53 19.46
C LEU B 66 -14.51 -4.08 19.35
N PHE B 67 -15.10 -3.23 20.18
CA PHE B 67 -14.73 -1.83 20.24
C PHE B 67 -13.23 -1.74 20.49
N LYS B 68 -12.70 -2.77 21.15
CA LYS B 68 -11.27 -2.86 21.46
C LYS B 68 -10.46 -3.21 20.23
N LEU B 69 -11.08 -3.87 19.27
CA LEU B 69 -10.40 -4.23 18.04
C LEU B 69 -10.23 -2.94 17.27
N ALA B 70 -11.36 -2.23 17.11
CA ALA B 70 -11.39 -0.96 16.40
C ALA B 70 -10.36 0.01 16.98
N THR B 71 -10.40 0.20 18.30
CA THR B 71 -9.47 1.10 18.96
C THR B 71 -8.03 0.76 18.58
N THR B 72 -7.75 -0.53 18.47
CA THR B 72 -6.40 -0.97 18.11
C THR B 72 -6.12 -0.53 16.66
N ALA B 73 -7.12 -0.70 15.81
CA ALA B 73 -6.99 -0.32 14.43
C ALA B 73 -6.65 1.18 14.40
N LEU B 74 -7.42 1.96 15.14
CA LEU B 74 -7.21 3.41 15.21
C LEU B 74 -5.79 3.79 15.65
N TYR B 75 -5.33 3.15 16.72
CA TYR B 75 -4.00 3.42 17.27
C TYR B 75 -2.89 3.25 16.25
N PHE B 76 -2.97 2.17 15.48
CA PHE B 76 -1.96 1.90 14.47
C PHE B 76 -2.09 2.77 13.24
N THR B 77 -3.32 2.97 12.76
CA THR B 77 -3.53 3.83 11.61
C THR B 77 -3.08 5.26 11.94
N TYR B 78 -3.40 5.75 13.13
CA TYR B 78 -3.01 7.12 13.49
C TYR B 78 -1.57 7.33 13.88
N SER B 79 -0.89 6.26 14.25
CA SER B 79 0.51 6.39 14.65
C SER B 79 1.31 6.67 13.39
N ALA B 80 0.97 5.96 12.33
CA ALA B 80 1.67 6.12 11.06
C ALA B 80 1.48 7.54 10.52
N LEU B 81 0.24 8.03 10.61
CA LEU B 81 -0.09 9.36 10.12
C LEU B 81 0.80 10.42 10.75
N GLU B 82 0.88 10.40 12.07
CA GLU B 82 1.69 11.35 12.78
C GLU B 82 3.17 11.20 12.49
N GLU B 83 3.60 9.97 12.21
CA GLU B 83 5.01 9.79 11.89
C GLU B 83 5.23 10.52 10.57
N GLU B 84 4.44 10.15 9.56
CA GLU B 84 4.57 10.77 8.25
C GLU B 84 4.26 12.27 8.22
N MET B 85 3.27 12.73 8.98
CA MET B 85 2.95 14.15 9.01
C MET B 85 4.03 14.90 9.76
N GLU B 86 4.69 14.22 10.70
CA GLU B 86 5.76 14.86 11.43
C GLU B 86 6.96 14.99 10.47
N ARG B 87 7.14 13.97 9.63
CA ARG B 87 8.24 13.96 8.68
C ARG B 87 8.08 15.07 7.64
N ASN B 88 6.83 15.30 7.22
CA ASN B 88 6.53 16.30 6.20
C ASN B 88 6.16 17.70 6.69
N LYS B 89 6.23 17.94 8.00
CA LYS B 89 5.86 19.25 8.54
C LYS B 89 6.40 20.47 7.77
N ASP B 90 7.61 20.38 7.23
CA ASP B 90 8.17 21.51 6.48
C ASP B 90 8.07 21.40 4.97
N HIS B 91 7.36 20.38 4.50
CA HIS B 91 7.16 20.18 3.06
C HIS B 91 6.11 21.17 2.56
N PRO B 92 6.49 22.08 1.66
CA PRO B 92 5.57 23.09 1.10
C PRO B 92 4.20 22.55 0.72
N ALA B 93 4.10 21.25 0.52
CA ALA B 93 2.82 20.69 0.14
C ALA B 93 2.01 20.16 1.33
N PHE B 94 2.59 20.19 2.54
CA PHE B 94 1.83 19.71 3.68
C PHE B 94 1.80 20.61 4.91
N ALA B 95 2.83 21.44 5.07
CA ALA B 95 2.97 22.35 6.21
C ALA B 95 1.68 23.05 6.70
N PRO B 96 0.91 23.66 5.78
CA PRO B 96 -0.32 24.35 6.18
C PRO B 96 -1.35 23.41 6.80
N LEU B 97 -1.06 22.12 6.84
CA LEU B 97 -2.02 21.17 7.38
C LEU B 97 -1.52 20.45 8.60
N TYR B 98 -0.35 20.85 9.08
CA TYR B 98 0.27 20.25 10.26
C TYR B 98 -0.26 20.93 11.51
N PHE B 99 -1.13 20.25 12.23
CA PHE B 99 -1.74 20.76 13.46
C PHE B 99 -1.48 19.84 14.65
N PRO B 100 -0.23 19.76 15.12
CA PRO B 100 0.01 18.86 16.27
C PRO B 100 -0.71 19.21 17.58
N MET B 101 -0.87 20.49 17.89
CA MET B 101 -1.52 20.90 19.15
C MET B 101 -3.06 20.86 19.14
N GLU B 102 -3.67 20.20 18.17
CA GLU B 102 -5.13 20.16 18.09
C GLU B 102 -5.70 18.91 17.43
N LEU B 103 -4.97 18.40 16.44
CA LEU B 103 -5.47 17.25 15.71
C LEU B 103 -4.94 15.88 16.09
N HIS B 104 -3.65 15.79 16.45
CA HIS B 104 -3.06 14.50 16.76
C HIS B 104 -3.79 13.65 17.80
N ARG B 105 -3.92 12.36 17.51
CA ARG B 105 -4.63 11.46 18.43
C ARG B 105 -3.79 10.37 19.08
N LYS B 106 -2.50 10.25 18.72
CA LYS B 106 -1.70 9.19 19.32
C LYS B 106 -1.81 9.19 20.84
N GLU B 107 -1.19 10.17 21.51
CA GLU B 107 -1.22 10.29 22.97
C GLU B 107 -2.56 9.80 23.53
N ALA B 108 -3.64 10.36 23.00
CA ALA B 108 -4.98 9.98 23.45
C ALA B 108 -5.22 8.48 23.28
N LEU B 109 -5.12 8.00 22.04
CA LEU B 109 -5.34 6.58 21.77
C LEU B 109 -4.44 5.68 22.62
N THR B 110 -3.22 6.13 22.86
CA THR B 110 -2.29 5.38 23.69
C THR B 110 -2.94 5.24 25.08
N LYS B 111 -3.78 6.21 25.43
CA LYS B 111 -4.48 6.19 26.72
C LYS B 111 -5.79 5.41 26.68
N ASP B 112 -6.31 5.15 25.48
CA ASP B 112 -7.55 4.36 25.38
C ASP B 112 -7.15 2.88 25.31
N MET B 113 -5.85 2.63 25.40
CA MET B 113 -5.30 1.28 25.35
C MET B 113 -5.27 0.73 26.78
N GLU B 114 -4.35 1.22 27.59
CA GLU B 114 -4.22 0.77 28.97
C GLU B 114 -5.59 0.64 29.63
N TYR B 115 -6.53 1.52 29.25
CA TYR B 115 -7.89 1.52 29.79
C TYR B 115 -8.65 0.23 29.46
N PHE B 116 -8.54 -0.22 28.21
CA PHE B 116 -9.25 -1.42 27.81
C PHE B 116 -8.39 -2.68 27.91
N PHE B 117 -7.10 -2.55 27.65
CA PHE B 117 -6.18 -3.68 27.68
C PHE B 117 -5.46 -3.87 29.01
N GLY B 118 -4.28 -3.24 29.12
CA GLY B 118 -3.52 -3.36 30.35
C GLY B 118 -2.21 -2.60 30.36
N GLU B 119 -1.19 -3.19 30.98
CA GLU B 119 0.11 -2.54 31.08
C GLU B 119 0.97 -2.70 29.84
N ASN B 120 1.81 -3.72 29.80
CA ASN B 120 2.69 -3.93 28.64
C ASN B 120 1.97 -4.42 27.38
N TRP B 121 1.14 -3.56 26.82
CA TRP B 121 0.35 -3.91 25.64
C TRP B 121 1.09 -3.76 24.31
N GLU B 122 1.91 -2.72 24.18
CA GLU B 122 2.63 -2.46 22.94
C GLU B 122 3.41 -3.67 22.44
N GLU B 123 4.17 -4.30 23.32
CA GLU B 123 4.98 -5.45 22.95
C GLU B 123 4.17 -6.70 22.63
N GLN B 124 2.87 -6.69 22.95
CA GLN B 124 2.01 -7.84 22.72
C GLN B 124 0.85 -7.67 21.73
N VAL B 125 0.41 -6.44 21.50
CA VAL B 125 -0.71 -6.20 20.58
C VAL B 125 -0.27 -6.12 19.11
N GLN B 126 -1.09 -6.65 18.21
CA GLN B 126 -0.79 -6.59 16.79
C GLN B 126 -1.86 -5.79 16.04
N ALA B 127 -1.48 -5.24 14.90
CA ALA B 127 -2.39 -4.46 14.10
C ALA B 127 -3.18 -5.43 13.22
N PRO B 128 -4.52 -5.34 13.26
CA PRO B 128 -5.33 -6.25 12.45
C PRO B 128 -4.99 -6.16 10.95
N LYS B 129 -5.06 -7.30 10.27
CA LYS B 129 -4.75 -7.40 8.85
C LYS B 129 -4.98 -6.10 8.04
N ALA B 130 -6.17 -5.54 8.15
CA ALA B 130 -6.49 -4.34 7.41
C ALA B 130 -5.64 -3.15 7.88
N ALA B 131 -5.68 -2.84 9.16
CA ALA B 131 -4.89 -1.73 9.67
C ALA B 131 -3.41 -1.87 9.25
N GLN B 132 -3.04 -3.05 8.79
CA GLN B 132 -1.67 -3.29 8.35
C GLN B 132 -1.51 -2.79 6.92
N LYS B 133 -2.55 -2.99 6.13
CA LYS B 133 -2.55 -2.54 4.74
C LYS B 133 -2.67 -1.02 4.72
N TYR B 134 -3.47 -0.48 5.65
CA TYR B 134 -3.68 0.96 5.72
C TYR B 134 -2.38 1.64 6.01
N VAL B 135 -1.74 1.26 7.11
CA VAL B 135 -0.44 1.80 7.48
C VAL B 135 0.53 1.60 6.31
N GLU B 136 0.28 0.56 5.52
CA GLU B 136 1.09 0.25 4.35
C GLU B 136 1.05 1.46 3.39
N ARG B 137 -0.15 1.90 3.07
CA ARG B 137 -0.31 3.01 2.15
C ARG B 137 -0.02 4.35 2.81
N ILE B 138 0.37 4.32 4.08
CA ILE B 138 0.65 5.53 4.82
C ILE B 138 2.13 5.88 4.75
N HIS B 139 3.00 4.91 5.02
CA HIS B 139 4.44 5.13 4.95
C HIS B 139 4.95 5.22 3.51
N TYR B 140 4.18 4.67 2.56
CA TYR B 140 4.56 4.79 1.16
C TYR B 140 4.31 6.24 0.70
N ILE B 141 3.11 6.76 1.02
CA ILE B 141 2.75 8.11 0.66
C ILE B 141 3.58 9.18 1.39
N GLY B 142 3.73 8.99 2.70
CA GLY B 142 4.49 9.92 3.50
C GLY B 142 5.94 9.96 3.09
N GLN B 143 6.48 8.81 2.69
CA GLN B 143 7.88 8.74 2.30
C GLN B 143 8.21 9.08 0.85
N ASN B 144 7.35 8.66 -0.07
CA ASN B 144 7.60 8.90 -1.50
C ASN B 144 6.84 10.09 -2.09
N GLU B 145 5.53 9.94 -2.28
CA GLU B 145 4.70 11.01 -2.85
C GLU B 145 3.97 11.72 -1.70
N PRO B 146 4.58 12.75 -1.11
CA PRO B 146 3.98 13.50 0.00
C PRO B 146 2.75 14.36 -0.33
N GLU B 147 2.72 14.92 -1.54
CA GLU B 147 1.60 15.78 -1.91
C GLU B 147 0.27 15.10 -1.71
N LEU B 148 0.29 13.78 -1.57
CA LEU B 148 -0.95 13.04 -1.38
C LEU B 148 -1.35 12.91 0.08
N LEU B 149 -0.40 13.11 0.98
CA LEU B 149 -0.67 13.01 2.41
C LEU B 149 -1.95 13.73 2.78
N VAL B 150 -2.14 14.93 2.24
CA VAL B 150 -3.32 15.71 2.50
C VAL B 150 -4.56 14.84 2.31
N ALA B 151 -4.54 13.97 1.31
CA ALA B 151 -5.70 13.09 1.08
C ALA B 151 -5.98 12.20 2.31
N HIS B 152 -4.94 11.69 2.95
CA HIS B 152 -5.13 10.86 4.12
C HIS B 152 -5.42 11.69 5.37
N ALA B 153 -4.72 12.81 5.51
CA ALA B 153 -4.92 13.68 6.66
C ALA B 153 -6.31 14.33 6.58
N TYR B 154 -6.71 14.72 5.36
CA TYR B 154 -7.99 15.34 5.15
C TYR B 154 -9.07 14.41 5.66
N THR B 155 -9.49 13.48 4.80
CA THR B 155 -10.52 12.49 5.10
C THR B 155 -10.66 12.18 6.58
N ARG B 156 -9.64 11.49 7.10
CA ARG B 156 -9.61 11.08 8.49
C ARG B 156 -9.94 12.13 9.54
N TYR B 157 -9.24 13.26 9.53
CA TYR B 157 -9.49 14.28 10.54
C TYR B 157 -10.77 15.07 10.36
N MET B 158 -11.28 15.13 9.13
CA MET B 158 -12.53 15.86 8.90
C MET B 158 -13.70 15.09 9.50
N GLY B 159 -13.64 13.76 9.46
CA GLY B 159 -14.70 12.97 10.05
C GLY B 159 -14.59 13.03 11.57
N ASP B 160 -13.36 13.05 12.06
CA ASP B 160 -13.11 13.12 13.49
C ASP B 160 -13.64 14.42 14.08
N LEU B 161 -13.75 15.45 13.26
CA LEU B 161 -14.25 16.74 13.70
C LEU B 161 -15.70 16.92 13.26
N SER B 162 -16.25 15.89 12.64
CA SER B 162 -17.62 15.97 12.16
C SER B 162 -18.53 14.87 12.73
N GLY B 163 -17.98 13.99 13.56
CA GLY B 163 -18.79 12.92 14.12
C GLY B 163 -18.56 12.50 15.56
N GLY B 164 -17.30 12.32 15.94
CA GLY B 164 -16.96 11.91 17.29
C GLY B 164 -17.89 12.35 18.40
N GLN B 165 -18.48 13.53 18.25
CA GLN B 165 -19.39 14.07 19.26
C GLN B 165 -20.56 13.13 19.48
N VAL B 166 -20.95 12.41 18.43
CA VAL B 166 -22.07 11.46 18.52
C VAL B 166 -21.54 10.12 19.03
N LEU B 167 -20.59 9.54 18.29
CA LEU B 167 -20.01 8.25 18.65
C LEU B 167 -19.52 8.20 20.10
N LYS B 168 -19.00 9.33 20.59
CA LYS B 168 -18.50 9.38 21.97
C LYS B 168 -19.64 9.12 22.95
N LYS B 169 -20.83 9.64 22.60
CA LYS B 169 -22.02 9.49 23.43
C LYS B 169 -22.62 8.09 23.27
N VAL B 170 -22.46 7.51 22.08
CA VAL B 170 -22.99 6.18 21.83
C VAL B 170 -22.09 5.09 22.43
N ALA B 171 -20.81 5.14 22.11
CA ALA B 171 -19.84 4.15 22.60
C ALA B 171 -19.90 3.94 24.11
N GLN B 172 -19.82 5.02 24.88
CA GLN B 172 -19.87 4.93 26.33
C GLN B 172 -21.14 4.23 26.79
N ARG B 173 -22.26 4.59 26.16
CA ARG B 173 -23.54 4.00 26.52
C ARG B 173 -23.54 2.49 26.30
N ALA B 174 -23.33 2.09 25.06
CA ALA B 174 -23.33 0.68 24.68
C ALA B 174 -22.42 -0.15 25.58
N LEU B 175 -21.17 0.29 25.74
CA LEU B 175 -20.21 -0.44 26.57
C LEU B 175 -20.25 -0.03 28.02
N LYS B 176 -21.27 0.72 28.40
CA LYS B 176 -21.43 1.21 29.76
C LYS B 176 -20.12 1.79 30.27
N LEU B 177 -19.70 2.90 29.67
CA LEU B 177 -18.48 3.58 30.04
C LEU B 177 -18.83 4.82 30.85
N PRO B 178 -17.86 5.39 31.58
CA PRO B 178 -18.15 6.59 32.36
C PRO B 178 -18.74 7.68 31.48
N SER B 179 -19.11 8.80 32.08
CA SER B 179 -19.67 9.91 31.32
C SER B 179 -18.62 10.99 31.16
N THR B 180 -17.72 11.06 32.14
CA THR B 180 -16.64 12.05 32.14
C THR B 180 -15.71 11.91 30.95
N GLY B 181 -16.11 11.07 29.99
CA GLY B 181 -15.30 10.85 28.81
C GLY B 181 -14.22 9.80 28.98
N GLU B 182 -14.15 9.22 30.17
CA GLU B 182 -13.14 8.20 30.45
C GLU B 182 -13.23 7.06 29.42
N GLY B 183 -12.07 6.66 28.90
CA GLY B 183 -12.01 5.59 27.92
C GLY B 183 -12.28 6.01 26.49
N THR B 184 -12.75 7.24 26.31
CA THR B 184 -13.02 7.75 24.96
C THR B 184 -12.14 8.96 24.63
N GLN B 185 -10.88 8.90 25.03
CA GLN B 185 -9.94 10.00 24.78
C GLN B 185 -9.91 10.36 23.31
N PHE B 186 -9.65 9.35 22.46
CA PHE B 186 -9.60 9.54 21.03
C PHE B 186 -10.70 10.49 20.59
N TYR B 187 -11.93 10.03 20.76
CA TYR B 187 -13.15 10.74 20.39
C TYR B 187 -13.28 12.12 21.03
N LEU B 188 -12.44 12.40 22.02
CA LEU B 188 -12.48 13.69 22.69
C LEU B 188 -11.36 14.62 22.27
N PHE B 189 -11.71 15.60 21.45
CA PHE B 189 -10.75 16.59 20.97
C PHE B 189 -10.62 17.67 22.04
N GLU B 190 -10.17 17.27 23.21
CA GLU B 190 -10.03 18.19 24.33
C GLU B 190 -9.03 19.32 24.08
N ASN B 191 -8.92 19.76 22.83
CA ASN B 191 -8.02 20.87 22.49
C ASN B 191 -8.50 21.69 21.28
N VAL B 192 -9.69 21.38 20.79
CA VAL B 192 -10.25 22.15 19.69
C VAL B 192 -11.32 23.05 20.30
N ASP B 193 -11.16 24.35 20.12
CA ASP B 193 -12.11 25.32 20.66
C ASP B 193 -13.49 25.25 19.99
N ASN B 194 -13.50 25.09 18.67
CA ASN B 194 -14.73 25.00 17.90
C ASN B 194 -14.50 24.20 16.61
N ALA B 195 -15.25 23.10 16.47
CA ALA B 195 -15.13 22.22 15.31
C ALA B 195 -15.51 22.83 13.94
N GLN B 196 -16.59 23.58 13.89
CA GLN B 196 -17.03 24.18 12.64
C GLN B 196 -16.00 25.16 12.09
N GLN B 197 -15.64 26.14 12.91
CA GLN B 197 -14.67 27.14 12.52
C GLN B 197 -13.37 26.48 12.07
N PHE B 198 -12.99 25.40 12.76
CA PHE B 198 -11.76 24.69 12.41
C PHE B 198 -11.82 24.13 10.98
N LYS B 199 -12.90 23.41 10.65
CA LYS B 199 -13.03 22.88 9.32
C LYS B 199 -12.83 24.00 8.32
N GLN B 200 -13.36 25.18 8.63
CA GLN B 200 -13.21 26.35 7.75
C GLN B 200 -11.72 26.65 7.60
N LEU B 201 -11.02 26.68 8.73
CA LEU B 201 -9.60 26.95 8.74
C LEU B 201 -8.94 25.92 7.80
N TYR B 202 -9.12 24.63 8.12
CA TYR B 202 -8.57 23.50 7.38
C TYR B 202 -8.75 23.63 5.86
N ARG B 203 -10.00 23.65 5.40
CA ARG B 203 -10.30 23.78 3.98
C ARG B 203 -9.52 24.91 3.30
N ALA B 204 -9.51 26.06 3.95
CA ALA B 204 -8.79 27.21 3.42
C ALA B 204 -7.29 26.89 3.40
N ARG B 205 -6.85 26.11 4.39
CA ARG B 205 -5.45 25.72 4.46
C ARG B 205 -5.09 24.86 3.24
N MET B 206 -5.99 23.94 2.87
CA MET B 206 -5.73 23.08 1.72
C MET B 206 -5.84 23.80 0.38
N ASN B 207 -6.77 24.74 0.28
CA ASN B 207 -6.98 25.47 -0.97
C ASN B 207 -5.82 26.38 -1.31
N ALA B 208 -5.09 26.79 -0.28
CA ALA B 208 -3.94 27.65 -0.48
C ALA B 208 -2.82 26.87 -1.20
N LEU B 209 -2.73 25.56 -0.96
CA LEU B 209 -1.70 24.74 -1.58
C LEU B 209 -1.64 24.96 -3.10
N ASP B 210 -0.44 25.16 -3.65
CA ASP B 210 -0.28 25.35 -5.08
C ASP B 210 -0.22 23.93 -5.70
N LEU B 211 -1.24 23.57 -6.47
CA LEU B 211 -1.29 22.25 -7.10
C LEU B 211 -1.96 22.28 -8.48
N ASN B 212 -1.48 21.42 -9.39
CA ASN B 212 -2.06 21.31 -10.73
C ASN B 212 -3.44 20.70 -10.52
N MET B 213 -4.30 20.84 -11.52
CA MET B 213 -5.65 20.28 -11.44
C MET B 213 -5.52 18.76 -11.51
N LYS B 214 -4.54 18.30 -12.29
CA LYS B 214 -4.27 16.88 -12.46
C LYS B 214 -3.98 16.34 -11.06
N THR B 215 -3.10 17.06 -10.36
CA THR B 215 -2.69 16.70 -9.02
C THR B 215 -3.89 16.60 -8.07
N LYS B 216 -4.87 17.50 -8.21
CA LYS B 216 -6.04 17.44 -7.35
C LYS B 216 -6.80 16.12 -7.60
N GLU B 217 -6.95 15.76 -8.88
CA GLU B 217 -7.64 14.52 -9.26
C GLU B 217 -6.94 13.33 -8.62
N ARG B 218 -5.61 13.37 -8.62
CA ARG B 218 -4.80 12.32 -8.04
C ARG B 218 -5.03 12.28 -6.53
N ILE B 219 -5.08 13.44 -5.88
CA ILE B 219 -5.33 13.52 -4.46
C ILE B 219 -6.71 12.91 -4.13
N VAL B 220 -7.75 13.37 -4.80
CA VAL B 220 -9.08 12.82 -4.58
C VAL B 220 -9.09 11.32 -4.87
N GLU B 221 -8.28 10.89 -5.84
CA GLU B 221 -8.20 9.47 -6.18
C GLU B 221 -7.80 8.66 -4.96
N GLU B 222 -6.78 9.15 -4.24
CA GLU B 222 -6.27 8.50 -3.04
C GLU B 222 -7.21 8.63 -1.84
N ALA B 223 -8.00 9.71 -1.77
CA ALA B 223 -8.93 9.85 -0.65
C ALA B 223 -9.93 8.71 -0.76
N ASN B 224 -10.30 8.38 -2.00
CA ASN B 224 -11.23 7.28 -2.22
C ASN B 224 -10.50 5.99 -1.85
N LYS B 225 -9.24 5.89 -2.25
CA LYS B 225 -8.43 4.73 -1.93
C LYS B 225 -8.35 4.68 -0.40
N ALA B 226 -8.21 5.84 0.22
CA ALA B 226 -8.12 5.93 1.67
C ALA B 226 -9.41 5.39 2.29
N PHE B 227 -10.56 5.77 1.72
CA PHE B 227 -11.82 5.27 2.26
C PHE B 227 -11.78 3.74 2.24
N GLU B 228 -11.46 3.16 1.08
CA GLU B 228 -11.40 1.72 0.97
C GLU B 228 -10.64 1.08 2.11
N TYR B 229 -9.49 1.63 2.46
CA TYR B 229 -8.75 1.06 3.57
C TYR B 229 -9.66 0.96 4.78
N ASN B 230 -10.50 1.95 4.95
CA ASN B 230 -11.43 1.98 6.09
C ASN B 230 -12.51 0.93 5.92
N MET B 231 -13.04 0.81 4.71
CA MET B 231 -14.07 -0.18 4.40
C MET B 231 -13.57 -1.54 4.86
N GLN B 232 -12.47 -2.02 4.26
CA GLN B 232 -11.91 -3.30 4.64
C GLN B 232 -11.78 -3.40 6.15
N ILE B 233 -11.28 -2.32 6.78
CA ILE B 233 -11.14 -2.33 8.23
C ILE B 233 -12.49 -2.48 8.94
N PHE B 234 -13.54 -1.87 8.41
CA PHE B 234 -14.84 -1.96 9.05
C PHE B 234 -15.39 -3.38 9.07
N ASN B 235 -15.71 -3.91 7.90
CA ASN B 235 -16.24 -5.26 7.84
C ASN B 235 -15.23 -6.27 8.37
N GLU B 236 -13.96 -5.88 8.48
CA GLU B 236 -12.96 -6.79 9.02
C GLU B 236 -13.39 -6.98 10.47
N LEU B 237 -14.06 -5.96 11.00
CA LEU B 237 -14.56 -5.98 12.37
C LEU B 237 -15.94 -6.62 12.44
N ASP B 238 -16.66 -6.57 11.33
CA ASP B 238 -17.99 -7.16 11.25
C ASP B 238 -17.87 -8.67 11.40
N GLN B 239 -17.09 -9.28 10.51
CA GLN B 239 -16.90 -10.71 10.55
C GLN B 239 -16.15 -11.11 11.82
N ALA B 240 -15.37 -10.19 12.37
CA ALA B 240 -14.63 -10.48 13.60
C ALA B 240 -15.58 -10.48 14.78
N GLY B 241 -16.52 -9.53 14.77
CA GLY B 241 -17.50 -9.42 15.84
C GLY B 241 -18.50 -10.56 15.78
N SER B 242 -18.72 -11.07 14.56
CA SER B 242 -19.64 -12.19 14.36
C SER B 242 -19.02 -13.40 15.03
N THR B 243 -17.75 -13.63 14.75
CA THR B 243 -17.01 -14.75 15.31
C THR B 243 -17.11 -14.70 16.83
N LEU B 244 -17.20 -13.48 17.37
CA LEU B 244 -17.31 -13.27 18.81
C LEU B 244 -18.72 -13.63 19.27
N ALA B 245 -19.65 -13.68 18.32
CA ALA B 245 -21.05 -14.02 18.59
C ALA B 245 -21.31 -15.47 18.23
N ARG B 246 -20.74 -15.92 17.12
CA ARG B 246 -20.89 -17.29 16.65
C ARG B 246 -20.18 -18.21 17.64
N GLU B 247 -20.55 -18.10 18.91
CA GLU B 247 -19.95 -18.91 19.97
C GLU B 247 -20.65 -18.69 21.30
N THR B 248 -21.33 -17.56 21.44
CA THR B 248 -22.04 -17.25 22.68
C THR B 248 -23.42 -17.88 22.74
CHA HEM C . 17.06 -8.67 -2.82
CHB HEM C . 14.21 -11.56 -0.28
CHC HEM C . 10.35 -9.28 -1.98
CHD HEM C . 13.20 -6.59 -4.74
C1A HEM C . 16.62 -9.62 -1.90
C2A HEM C . 17.49 -10.52 -1.17
C3A HEM C . 16.69 -11.40 -0.55
C4A HEM C . 15.32 -11.00 -0.86
CMA HEM C . 17.12 -12.63 0.23
CAA HEM C . 19.01 -10.44 -1.04
CBA HEM C . 19.71 -11.61 -1.72
CGA HEM C . 21.15 -11.87 -1.24
O1A HEM C . 21.97 -10.92 -1.21
O2A HEM C . 21.45 -13.04 -0.90
C1B HEM C . 12.90 -11.12 -0.44
C2B HEM C . 11.75 -11.65 0.29
C3B HEM C . 10.67 -10.98 -0.19
C4B HEM C . 11.16 -10.06 -1.19
CMB HEM C . 11.79 -12.59 1.49
CAB HEM C . 9.33 -11.15 0.18
CBB HEM C . 8.92 -11.48 1.52
C1C HEM C . 10.80 -8.42 -2.95
C2C HEM C . 9.93 -7.62 -3.80
C3C HEM C . 10.74 -6.85 -4.56
C4C HEM C . 12.10 -7.19 -4.19
CMC HEM C . 8.39 -7.67 -3.84
CAC HEM C . 10.35 -5.89 -5.48
CBC HEM C . 9.33 -6.15 -6.47
C1D HEM C . 14.49 -6.89 -4.43
C2D HEM C . 15.63 -6.23 -5.02
C3D HEM C . 16.72 -6.84 -4.51
C4D HEM C . 16.24 -7.86 -3.59
CMD HEM C . 15.60 -4.99 -5.91
CAD HEM C . 18.17 -6.48 -4.80
CBD HEM C . 18.83 -5.73 -3.66
CGD HEM C . 20.28 -5.36 -3.97
O1D HEM C . 21.13 -6.27 -4.10
O2D HEM C . 20.54 -4.14 -4.09
NA HEM C . 15.28 -9.90 -1.68
NB HEM C . 12.54 -10.12 -1.30
NC HEM C . 12.14 -8.16 -3.22
ND HEM C . 14.86 -7.88 -3.54
FE HEM C . 13.72 -8.90 -2.31
CHA HEM D . -18.43 14.75 7.12
CHB HEM D . -21.60 11.69 9.02
CHC HEM D . -18.33 8.17 8.79
CHD HEM D . -15.14 11.22 6.88
C1A HEM D . -19.59 14.20 7.61
C2A HEM D . -20.83 14.96 7.83
C3A HEM D . -21.71 14.09 8.37
C4A HEM D . -21.02 12.82 8.49
CMA HEM D . -23.15 14.38 8.74
CAA HEM D . -21.09 16.43 7.52
CBA HEM D . -21.31 16.70 6.03
CGA HEM D . -21.31 18.20 5.69
O1A HEM D . -21.41 18.52 4.49
O2A HEM D . -21.21 19.05 6.60
C1B HEM D . -20.99 10.46 9.12
C2B HEM D . -21.56 9.32 9.81
C3B HEM D . -20.61 8.35 9.81
C4B HEM D . -19.49 8.86 9.05
CMB HEM D . -22.98 9.22 10.39
CAB HEM D . -20.64 7.20 10.57
CBB HEM D . -19.73 7.00 11.68
C1C HEM D . -17.19 8.68 8.22
C2C HEM D . -16.02 7.89 7.86
C3C HEM D . -15.11 8.74 7.33
C4C HEM D . -15.73 10.08 7.38
CMC HEM D . -15.82 6.39 8.09
CAC HEM D . -13.93 8.38 6.70
CBC HEM D . -12.64 8.79 7.20
C1D HEM D . -15.74 12.47 6.81
C2D HEM D . -15.14 13.65 6.21
C3D HEM D . -16.05 14.65 6.32
C4D HEM D . -17.23 14.07 6.96
CMD HEM D . -13.83 13.69 5.42
CAD HEM D . -15.92 16.07 5.74
CBD HEM D . -16.26 16.10 4.26
CGD HEM D . -16.33 17.51 3.68
O1D HEM D . -16.36 17.64 2.43
O2D HEM D . -16.35 18.49 4.45
NA HEM D . -19.72 12.89 8.01
NB HEM D . -19.70 10.18 8.67
NC HEM D . -17.02 10.02 7.90
ND HEM D . -17.04 12.73 7.26
FE HEM D . -18.40 11.42 7.84
N ARG A 29 30.79 4.72 -3.16
CA ARG A 29 29.76 3.64 -3.05
C ARG A 29 28.37 4.20 -3.35
N MET A 30 27.85 4.95 -2.39
CA MET A 30 26.54 5.59 -2.51
C MET A 30 26.48 6.51 -3.72
N ALA A 31 27.63 6.69 -4.37
CA ALA A 31 27.73 7.52 -5.56
C ALA A 31 27.15 6.75 -6.73
N ASP A 32 27.39 5.44 -6.74
CA ASP A 32 26.90 4.59 -7.80
C ASP A 32 25.42 4.27 -7.65
N LEU A 33 24.71 4.33 -8.78
CA LEU A 33 23.26 4.07 -8.82
C LEU A 33 22.85 2.78 -8.10
N SER A 34 23.79 1.88 -7.88
CA SER A 34 23.53 0.61 -7.21
C SER A 34 23.16 0.79 -5.75
N GLU A 35 23.94 1.63 -5.05
CA GLU A 35 23.68 1.90 -3.64
C GLU A 35 22.48 2.83 -3.48
N LEU A 36 22.40 3.84 -4.34
CA LEU A 36 21.30 4.79 -4.30
C LEU A 36 19.95 4.07 -4.32
N LEU A 37 19.83 3.01 -5.10
CA LEU A 37 18.59 2.23 -5.15
C LEU A 37 18.47 1.31 -3.93
N LYS A 38 19.60 0.74 -3.50
CA LYS A 38 19.64 -0.16 -2.34
C LYS A 38 19.28 0.60 -1.06
N GLU A 39 20.04 1.63 -0.74
CA GLU A 39 19.77 2.42 0.45
C GLU A 39 18.44 3.17 0.23
N GLY A 40 18.26 3.67 -0.98
CA GLY A 40 17.06 4.42 -1.33
C GLY A 40 15.70 3.72 -1.32
N THR A 41 15.68 2.39 -1.41
CA THR A 41 14.41 1.65 -1.41
C THR A 41 14.31 0.69 -0.23
N LYS A 42 15.17 0.90 0.77
CA LYS A 42 15.21 0.09 1.98
C LYS A 42 13.87 -0.01 2.69
N GLU A 43 13.29 1.14 3.04
CA GLU A 43 12.01 1.15 3.75
C GLU A 43 10.95 0.43 2.93
N ALA A 44 10.99 0.59 1.61
CA ALA A 44 10.00 -0.09 0.78
C ALA A 44 10.23 -1.62 0.72
N HIS A 45 11.48 -2.04 0.75
CA HIS A 45 11.75 -3.48 0.68
C HIS A 45 11.23 -4.17 1.94
N ASP A 46 11.44 -3.52 3.09
CA ASP A 46 10.96 -4.10 4.32
C ASP A 46 9.44 -4.19 4.27
N ARG A 47 8.81 -3.12 3.79
CA ARG A 47 7.36 -3.06 3.72
C ARG A 47 6.72 -4.29 3.04
N ALA A 48 7.12 -4.57 1.80
CA ALA A 48 6.61 -5.69 1.00
C ALA A 48 7.14 -7.05 1.46
N GLU A 49 8.41 -7.08 1.85
CA GLU A 49 9.01 -8.32 2.32
C GLU A 49 8.38 -8.64 3.67
N ASN A 50 7.30 -7.95 4.01
CA ASN A 50 6.65 -8.19 5.28
C ASN A 50 5.14 -8.01 5.26
N THR A 51 4.53 -8.06 4.08
CA THR A 51 3.09 -7.90 3.96
C THR A 51 2.35 -9.24 4.07
N GLN A 52 1.05 -9.21 4.35
CA GLN A 52 0.26 -10.43 4.53
C GLN A 52 0.27 -11.46 3.40
N PHE A 53 0.00 -11.03 2.17
CA PHE A 53 0.00 -11.97 1.06
C PHE A 53 1.36 -12.65 0.95
N VAL A 54 2.42 -11.87 1.18
CA VAL A 54 3.78 -12.39 1.10
C VAL A 54 4.02 -13.46 2.15
N LYS A 55 3.85 -13.07 3.41
CA LYS A 55 4.04 -13.99 4.52
C LYS A 55 3.17 -15.24 4.36
N ASP A 56 1.93 -15.06 3.90
CA ASP A 56 1.06 -16.21 3.74
C ASP A 56 1.52 -17.04 2.58
N PHE A 57 2.25 -16.42 1.66
CA PHE A 57 2.78 -17.19 0.55
C PHE A 57 3.91 -18.06 1.08
N LEU A 58 5.02 -17.42 1.45
CA LEU A 58 6.17 -18.11 1.97
C LEU A 58 5.83 -19.27 2.93
N LYS A 59 4.74 -19.16 3.68
CA LYS A 59 4.35 -20.26 4.58
C LYS A 59 3.73 -21.44 3.83
N GLY A 60 3.77 -21.38 2.50
CA GLY A 60 3.20 -22.44 1.68
C GLY A 60 1.68 -22.46 1.68
N ASN A 61 1.04 -21.44 2.25
CA ASN A 61 -0.41 -21.40 2.29
C ASN A 61 -1.04 -20.67 1.10
N ILE A 62 -1.03 -21.31 -0.06
CA ILE A 62 -1.59 -20.70 -1.24
C ILE A 62 -2.29 -21.72 -2.17
N LYS A 63 -3.60 -21.57 -2.31
CA LYS A 63 -4.42 -22.47 -3.13
C LYS A 63 -4.30 -22.20 -4.61
N LYS A 64 -4.12 -23.25 -5.40
CA LYS A 64 -3.94 -23.12 -6.85
C LYS A 64 -4.63 -21.92 -7.49
N GLU A 65 -5.94 -21.80 -7.33
CA GLU A 65 -6.64 -20.68 -7.94
C GLU A 65 -6.01 -19.32 -7.64
N LEU A 66 -5.70 -19.04 -6.38
CA LEU A 66 -5.08 -17.77 -6.05
C LEU A 66 -3.67 -17.68 -6.62
N PHE A 67 -3.04 -18.84 -6.80
CA PHE A 67 -1.71 -18.86 -7.39
C PHE A 67 -1.88 -18.57 -8.88
N LYS A 68 -2.96 -19.10 -9.45
CA LYS A 68 -3.24 -18.88 -10.85
C LYS A 68 -3.66 -17.43 -11.06
N LEU A 69 -4.33 -16.85 -10.06
CA LEU A 69 -4.77 -15.45 -10.12
C LEU A 69 -3.58 -14.53 -9.96
N ALA A 70 -2.55 -15.02 -9.26
CA ALA A 70 -1.32 -14.27 -9.04
C ALA A 70 -0.41 -14.42 -10.25
N THR A 71 -0.39 -15.63 -10.83
CA THR A 71 0.43 -15.88 -12.00
C THR A 71 -0.08 -15.09 -13.20
N THR A 72 -1.33 -14.66 -13.14
CA THR A 72 -1.92 -13.86 -14.21
C THR A 72 -1.43 -12.42 -14.09
N ALA A 73 -1.15 -12.00 -12.86
CA ALA A 73 -0.67 -10.65 -12.66
C ALA A 73 0.71 -10.52 -13.26
N LEU A 74 1.48 -11.61 -13.24
CA LEU A 74 2.84 -11.59 -13.78
C LEU A 74 2.91 -11.62 -15.31
N TYR A 75 2.21 -12.57 -15.94
CA TYR A 75 2.25 -12.71 -17.40
C TYR A 75 2.04 -11.35 -18.04
N PHE A 76 0.97 -10.66 -17.63
CA PHE A 76 0.67 -9.34 -18.18
C PHE A 76 1.73 -8.33 -17.78
N THR A 77 2.03 -8.28 -16.48
CA THR A 77 3.01 -7.37 -15.97
C THR A 77 4.35 -7.47 -16.71
N TYR A 78 4.91 -8.69 -16.79
CA TYR A 78 6.19 -8.80 -17.47
C TYR A 78 6.06 -8.60 -18.97
N SER A 79 4.83 -8.71 -19.49
CA SER A 79 4.61 -8.49 -20.92
C SER A 79 4.88 -7.01 -21.20
N ALA A 80 4.25 -6.15 -20.42
CA ALA A 80 4.41 -4.71 -20.61
C ALA A 80 5.85 -4.26 -20.45
N LEU A 81 6.51 -4.81 -19.45
CA LEU A 81 7.89 -4.43 -19.16
C LEU A 81 8.88 -4.86 -20.23
N GLU A 82 8.73 -6.08 -20.72
CA GLU A 82 9.65 -6.58 -21.74
C GLU A 82 9.36 -5.94 -23.10
N GLU A 83 8.12 -5.49 -23.29
CA GLU A 83 7.73 -4.83 -24.52
C GLU A 83 8.42 -3.47 -24.48
N GLU A 84 8.25 -2.78 -23.36
CA GLU A 84 8.84 -1.47 -23.17
C GLU A 84 10.35 -1.50 -22.99
N MET A 85 10.95 -2.70 -23.03
CA MET A 85 12.40 -2.79 -22.90
C MET A 85 13.03 -3.00 -24.26
N GLU A 86 12.33 -3.71 -25.14
CA GLU A 86 12.81 -3.95 -26.49
C GLU A 86 12.65 -2.64 -27.23
N ARG A 87 11.70 -1.83 -26.78
CA ARG A 87 11.45 -0.55 -27.42
C ARG A 87 12.55 0.46 -27.13
N ASN A 88 12.89 0.64 -25.86
CA ASN A 88 13.90 1.61 -25.47
C ASN A 88 15.30 1.04 -25.48
N LYS A 89 15.47 -0.12 -26.10
CA LYS A 89 16.76 -0.79 -26.16
C LYS A 89 17.94 0.11 -26.54
N ASP A 90 17.66 1.09 -27.39
CA ASP A 90 18.69 2.01 -27.84
C ASP A 90 18.95 3.23 -26.92
N HIS A 91 18.11 3.44 -25.90
CA HIS A 91 18.30 4.58 -25.00
C HIS A 91 19.64 4.56 -24.25
N PRO A 92 20.20 5.75 -23.96
CA PRO A 92 21.48 5.87 -23.26
C PRO A 92 21.55 5.31 -21.84
N ALA A 93 20.68 5.79 -20.95
CA ALA A 93 20.69 5.34 -19.57
C ALA A 93 19.90 4.04 -19.41
N PHE A 94 20.10 3.13 -20.36
CA PHE A 94 19.40 1.86 -20.32
C PHE A 94 19.95 0.78 -21.25
N ALA A 95 20.66 1.19 -22.30
CA ALA A 95 21.20 0.27 -23.31
C ALA A 95 21.74 -1.12 -22.90
N PRO A 96 22.82 -1.18 -22.11
CA PRO A 96 23.29 -2.53 -21.77
C PRO A 96 22.43 -3.32 -20.77
N LEU A 97 21.27 -2.80 -20.41
CA LEU A 97 20.38 -3.50 -19.49
C LEU A 97 19.31 -4.25 -20.26
N TYR A 98 19.61 -4.56 -21.52
CA TYR A 98 18.67 -5.27 -22.38
C TYR A 98 19.08 -6.74 -22.52
N PHE A 99 18.66 -7.54 -21.55
CA PHE A 99 19.02 -8.96 -21.53
C PHE A 99 17.84 -9.88 -21.87
N PRO A 100 17.27 -9.74 -23.07
CA PRO A 100 16.13 -10.62 -23.40
C PRO A 100 16.39 -12.11 -23.25
N MET A 101 17.65 -12.52 -23.41
CA MET A 101 18.01 -13.94 -23.33
C MET A 101 18.21 -14.47 -21.90
N GLU A 102 18.80 -13.66 -21.05
CA GLU A 102 19.09 -14.04 -19.67
C GLU A 102 17.96 -13.74 -18.68
N LEU A 103 17.42 -12.52 -18.76
CA LEU A 103 16.38 -12.10 -17.82
C LEU A 103 14.90 -12.18 -18.19
N HIS A 104 14.55 -12.06 -19.47
CA HIS A 104 13.13 -12.09 -19.80
C HIS A 104 12.35 -13.31 -19.33
N ARG A 105 11.18 -13.04 -18.76
CA ARG A 105 10.32 -14.10 -18.23
C ARG A 105 9.06 -14.41 -19.01
N LYS A 106 8.67 -13.53 -19.93
CA LYS A 106 7.44 -13.74 -20.71
C LYS A 106 7.26 -15.12 -21.33
N GLU A 107 8.34 -15.71 -21.83
CA GLU A 107 8.29 -17.04 -22.45
C GLU A 107 8.14 -18.10 -21.36
N ALA A 108 8.65 -17.79 -20.18
CA ALA A 108 8.56 -18.71 -19.03
C ALA A 108 7.13 -18.64 -18.47
N LEU A 109 6.66 -17.41 -18.31
CA LEU A 109 5.34 -17.18 -17.79
C LEU A 109 4.35 -17.87 -18.71
N THR A 110 4.51 -17.67 -20.01
CA THR A 110 3.61 -18.28 -20.97
C THR A 110 3.47 -19.78 -20.69
N LYS A 111 4.59 -20.49 -20.61
CA LYS A 111 4.48 -21.92 -20.34
C LYS A 111 3.74 -22.15 -19.01
N ASP A 112 4.00 -21.30 -18.03
CA ASP A 112 3.35 -21.43 -16.72
C ASP A 112 1.85 -21.16 -16.84
N MET A 113 1.48 -20.15 -17.64
CA MET A 113 0.08 -19.81 -17.85
C MET A 113 -0.63 -20.90 -18.65
N GLU A 114 0.10 -21.52 -19.58
CA GLU A 114 -0.46 -22.59 -20.41
C GLU A 114 -0.67 -23.87 -19.63
N TYR A 115 0.12 -24.09 -18.59
CA TYR A 115 -0.02 -25.30 -17.78
C TYR A 115 -1.21 -25.23 -16.80
N PHE A 116 -1.44 -24.05 -16.21
CA PHE A 116 -2.54 -23.90 -15.26
C PHE A 116 -3.94 -23.75 -15.86
N PHE A 117 -4.02 -23.04 -16.98
CA PHE A 117 -5.32 -22.82 -17.62
C PHE A 117 -5.49 -23.55 -18.95
N GLY A 118 -4.54 -24.41 -19.31
CA GLY A 118 -4.65 -25.11 -20.59
C GLY A 118 -4.44 -24.19 -21.80
N GLU A 119 -4.49 -24.77 -22.99
CA GLU A 119 -4.29 -24.04 -24.26
C GLU A 119 -5.15 -22.78 -24.42
N ASN A 120 -6.46 -22.94 -24.31
CA ASN A 120 -7.38 -21.81 -24.44
C ASN A 120 -7.31 -20.91 -23.21
N TRP A 121 -6.12 -20.84 -22.60
CA TRP A 121 -5.94 -20.04 -21.41
C TRP A 121 -6.03 -18.57 -21.73
N GLU A 122 -5.59 -18.22 -22.92
CA GLU A 122 -5.60 -16.84 -23.35
C GLU A 122 -7.00 -16.21 -23.13
N GLU A 123 -8.05 -16.99 -23.38
CA GLU A 123 -9.39 -16.47 -23.21
C GLU A 123 -9.95 -16.60 -21.80
N GLN A 124 -9.55 -17.65 -21.08
CA GLN A 124 -10.00 -17.88 -19.71
C GLN A 124 -9.48 -16.82 -18.77
N VAL A 125 -8.62 -15.96 -19.27
CA VAL A 125 -7.98 -14.94 -18.45
C VAL A 125 -8.24 -13.47 -18.71
N GLN A 126 -8.40 -12.71 -17.63
CA GLN A 126 -8.59 -11.26 -17.68
C GLN A 126 -7.66 -10.70 -16.61
N ALA A 127 -6.86 -9.71 -16.97
CA ALA A 127 -5.91 -9.10 -16.04
C ALA A 127 -6.59 -8.44 -14.84
N PRO A 128 -6.08 -8.70 -13.61
CA PRO A 128 -6.59 -8.13 -12.36
C PRO A 128 -6.52 -6.60 -12.45
N LYS A 129 -7.58 -5.90 -12.07
CA LYS A 129 -7.53 -4.43 -12.16
C LYS A 129 -6.27 -3.82 -11.49
N ALA A 130 -5.78 -4.47 -10.43
CA ALA A 130 -4.61 -4.01 -9.67
C ALA A 130 -3.30 -4.06 -10.44
N ALA A 131 -3.15 -5.08 -11.26
CA ALA A 131 -1.97 -5.26 -12.08
C ALA A 131 -2.01 -4.18 -13.15
N GLN A 132 -3.04 -4.28 -13.99
CA GLN A 132 -3.28 -3.35 -15.09
C GLN A 132 -2.72 -1.95 -14.79
N LYS A 133 -3.03 -1.42 -13.61
CA LYS A 133 -2.55 -0.10 -13.23
C LYS A 133 -1.06 -0.06 -13.45
N TYR A 134 -0.39 -1.09 -12.91
CA TYR A 134 1.06 -1.23 -13.02
C TYR A 134 1.42 -1.21 -14.51
N VAL A 135 0.58 -1.84 -15.33
CA VAL A 135 0.80 -1.85 -16.77
C VAL A 135 0.62 -0.45 -17.38
N GLU A 136 -0.43 0.26 -16.98
CA GLU A 136 -0.67 1.61 -17.49
C GLU A 136 0.39 2.55 -16.94
N ARG A 137 1.49 2.00 -16.46
CA ARG A 137 2.58 2.84 -15.97
C ARG A 137 3.93 2.40 -16.53
N ILE A 138 4.01 1.15 -16.99
CA ILE A 138 5.25 0.66 -17.58
C ILE A 138 5.21 1.02 -19.08
N HIS A 139 4.01 1.16 -19.63
CA HIS A 139 3.85 1.53 -21.02
C HIS A 139 4.17 3.00 -21.17
N TYR A 140 3.75 3.77 -20.18
CA TYR A 140 4.00 5.20 -20.18
C TYR A 140 5.49 5.43 -20.06
N ILE A 141 6.05 4.95 -18.95
CA ILE A 141 7.47 5.10 -18.67
C ILE A 141 8.40 4.76 -19.84
N GLY A 142 8.23 3.59 -20.43
CA GLY A 142 9.06 3.18 -21.55
C GLY A 142 8.92 4.09 -22.77
N GLN A 143 7.69 4.46 -23.08
CA GLN A 143 7.43 5.31 -24.23
C GLN A 143 7.50 6.79 -23.89
N ASN A 144 7.82 7.13 -22.65
CA ASN A 144 7.84 8.54 -22.30
C ASN A 144 8.95 9.03 -21.40
N GLU A 145 9.42 8.20 -20.47
CA GLU A 145 10.50 8.57 -19.56
C GLU A 145 11.49 7.40 -19.52
N PRO A 146 12.18 7.17 -20.63
CA PRO A 146 13.17 6.10 -20.76
C PRO A 146 14.30 6.13 -19.73
N GLU A 147 14.62 7.31 -19.21
CA GLU A 147 15.70 7.39 -18.23
C GLU A 147 15.28 6.82 -16.86
N LEU A 148 14.01 6.49 -16.69
CA LEU A 148 13.49 5.93 -15.43
C LEU A 148 13.10 4.46 -15.61
N LEU A 149 13.39 3.89 -16.78
CA LEU A 149 13.04 2.49 -17.05
C LEU A 149 13.88 1.50 -16.24
N VAL A 150 15.15 1.83 -16.05
CA VAL A 150 16.08 1.00 -15.29
C VAL A 150 15.53 0.77 -13.87
N ALA A 151 14.70 1.70 -13.41
CA ALA A 151 14.09 1.59 -12.09
C ALA A 151 13.17 0.37 -12.03
N HIS A 152 12.30 0.24 -13.02
CA HIS A 152 11.36 -0.87 -13.07
C HIS A 152 12.00 -2.26 -13.22
N ALA A 153 12.89 -2.42 -14.20
CA ALA A 153 13.57 -3.68 -14.42
C ALA A 153 14.26 -4.07 -13.11
N TYR A 154 15.01 -3.12 -12.56
CA TYR A 154 15.71 -3.27 -11.29
C TYR A 154 14.82 -3.94 -10.26
N THR A 155 13.80 -3.20 -9.80
CA THR A 155 12.86 -3.69 -8.80
C THR A 155 12.33 -5.10 -9.11
N ARG A 156 11.89 -5.31 -10.35
CA ARG A 156 11.33 -6.59 -10.73
C ARG A 156 12.33 -7.73 -10.98
N TYR A 157 13.32 -7.52 -11.86
CA TYR A 157 14.25 -8.59 -12.16
C TYR A 157 15.25 -8.92 -11.06
N MET A 158 15.83 -7.91 -10.43
CA MET A 158 16.80 -8.11 -9.36
C MET A 158 16.15 -8.90 -8.20
N GLY A 159 14.95 -8.53 -7.79
CA GLY A 159 14.30 -9.29 -6.74
C GLY A 159 14.17 -10.74 -7.22
N ASP A 160 13.88 -10.91 -8.50
CA ASP A 160 13.72 -12.23 -9.11
C ASP A 160 14.99 -13.09 -9.03
N LEU A 161 16.15 -12.50 -9.29
CA LEU A 161 17.40 -13.21 -9.23
C LEU A 161 17.75 -13.47 -7.74
N SER A 162 16.72 -13.63 -6.91
CA SER A 162 16.95 -13.83 -5.49
C SER A 162 15.86 -14.64 -4.79
N GLY A 163 14.61 -14.39 -5.17
CA GLY A 163 13.51 -15.11 -4.55
C GLY A 163 13.24 -16.45 -5.21
N GLY A 164 13.50 -16.51 -6.51
CA GLY A 164 13.28 -17.71 -7.30
C GLY A 164 13.45 -19.03 -6.58
N GLN A 165 14.68 -19.35 -6.17
CA GLN A 165 14.98 -20.62 -5.50
C GLN A 165 13.90 -21.00 -4.48
N VAL A 166 13.79 -20.18 -3.44
CA VAL A 166 12.83 -20.39 -2.40
C VAL A 166 11.40 -20.43 -2.97
N LEU A 167 10.86 -19.29 -3.38
CA LEU A 167 9.50 -19.22 -3.93
C LEU A 167 9.19 -20.43 -4.80
N LYS A 168 10.17 -20.80 -5.62
CA LYS A 168 10.07 -21.93 -6.53
C LYS A 168 9.71 -23.17 -5.69
N LYS A 169 10.53 -23.45 -4.69
CA LYS A 169 10.33 -24.60 -3.82
C LYS A 169 9.10 -24.47 -2.94
N VAL A 170 8.80 -23.26 -2.46
CA VAL A 170 7.62 -23.09 -1.64
C VAL A 170 6.38 -23.32 -2.49
N ALA A 171 6.42 -22.86 -3.73
CA ALA A 171 5.31 -23.03 -4.65
C ALA A 171 5.03 -24.51 -4.99
N GLN A 172 6.08 -25.26 -5.29
CA GLN A 172 5.92 -26.68 -5.66
C GLN A 172 5.35 -27.55 -4.55
N ARG A 173 5.76 -27.26 -3.32
CA ARG A 173 5.31 -28.02 -2.16
C ARG A 173 3.86 -27.72 -1.76
N ALA A 174 3.42 -26.48 -1.95
CA ALA A 174 2.06 -26.09 -1.57
C ALA A 174 0.99 -26.64 -2.51
N LEU A 175 1.35 -26.84 -3.76
CA LEU A 175 0.41 -27.31 -4.76
C LEU A 175 0.78 -28.70 -5.24
N LYS A 176 1.94 -29.16 -4.81
CA LYS A 176 2.43 -30.46 -5.24
C LYS A 176 2.49 -30.38 -6.76
N LEU A 177 2.87 -29.23 -7.29
CA LEU A 177 2.99 -29.02 -8.73
C LEU A 177 3.84 -30.12 -9.36
N PRO A 178 4.09 -30.03 -10.67
CA PRO A 178 4.92 -31.08 -11.26
C PRO A 178 6.35 -30.98 -10.74
N SER A 179 6.87 -32.09 -10.22
CA SER A 179 8.24 -32.09 -9.73
C SER A 179 9.13 -32.08 -10.97
N THR A 180 8.56 -31.59 -12.06
CA THR A 180 9.26 -31.50 -13.33
C THR A 180 9.30 -30.04 -13.76
N GLY A 181 8.76 -29.17 -12.90
CA GLY A 181 8.76 -27.74 -13.16
C GLY A 181 7.61 -27.15 -13.93
N GLU A 182 6.73 -27.99 -14.48
CA GLU A 182 5.58 -27.49 -15.24
C GLU A 182 4.70 -26.65 -14.32
N GLY A 183 5.07 -25.38 -14.15
CA GLY A 183 4.30 -24.48 -13.30
C GLY A 183 5.19 -23.60 -12.45
N THR A 184 6.45 -23.44 -12.88
CA THR A 184 7.39 -22.62 -12.14
C THR A 184 8.57 -22.04 -12.89
N GLN A 185 8.61 -22.20 -14.21
CA GLN A 185 9.72 -21.66 -14.98
C GLN A 185 10.02 -20.21 -14.65
N PHE A 186 8.99 -19.40 -14.43
CA PHE A 186 9.20 -17.99 -14.08
C PHE A 186 10.26 -17.80 -13.00
N TYR A 187 10.31 -18.75 -12.09
CA TYR A 187 11.23 -18.71 -10.95
C TYR A 187 12.62 -19.22 -11.28
N LEU A 188 12.79 -19.69 -12.52
CA LEU A 188 14.06 -20.24 -12.99
C LEU A 188 14.60 -19.46 -14.18
N PHE A 189 15.88 -19.12 -14.14
CA PHE A 189 16.55 -18.39 -15.22
C PHE A 189 17.49 -19.33 -15.98
N GLU A 190 16.90 -20.16 -16.85
CA GLU A 190 17.61 -21.15 -17.66
C GLU A 190 18.99 -20.73 -18.15
N ASN A 191 19.03 -19.56 -18.78
CA ASN A 191 20.26 -19.00 -19.33
C ASN A 191 21.06 -18.22 -18.32
N VAL A 192 20.80 -18.47 -17.04
CA VAL A 192 21.55 -17.83 -15.98
C VAL A 192 21.83 -18.91 -14.96
N ASP A 193 23.11 -19.21 -14.82
CA ASP A 193 23.60 -20.24 -13.93
C ASP A 193 24.44 -19.63 -12.81
N ASN A 194 24.57 -18.30 -12.83
CA ASN A 194 25.32 -17.59 -11.80
C ASN A 194 24.58 -16.32 -11.37
N ALA A 195 23.37 -16.51 -10.83
CA ALA A 195 22.53 -15.38 -10.39
C ALA A 195 23.25 -14.40 -9.48
N GLN A 196 23.88 -14.90 -8.43
CA GLN A 196 24.60 -14.04 -7.49
C GLN A 196 25.46 -13.01 -8.25
N GLN A 197 26.41 -13.49 -9.06
CA GLN A 197 27.29 -12.61 -9.85
C GLN A 197 26.58 -11.93 -11.03
N PHE A 198 25.49 -12.52 -11.51
CA PHE A 198 24.78 -11.90 -12.61
C PHE A 198 24.28 -10.53 -12.16
N LYS A 199 24.19 -10.33 -10.86
CA LYS A 199 23.74 -9.05 -10.33
C LYS A 199 24.95 -8.21 -9.93
N GLN A 200 26.11 -8.86 -9.79
CA GLN A 200 27.33 -8.13 -9.43
C GLN A 200 27.72 -7.38 -10.71
N LEU A 201 27.30 -7.92 -11.84
CA LEU A 201 27.57 -7.31 -13.13
C LEU A 201 26.51 -6.23 -13.39
N TYR A 202 25.24 -6.62 -13.29
CA TYR A 202 24.10 -5.70 -13.46
C TYR A 202 24.34 -4.36 -12.74
N ARG A 203 24.88 -4.43 -11.54
CA ARG A 203 25.14 -3.21 -10.79
C ARG A 203 26.38 -2.53 -11.37
N ALA A 204 27.32 -3.35 -11.86
CA ALA A 204 28.52 -2.81 -12.44
C ALA A 204 28.13 -1.93 -13.63
N ARG A 205 27.06 -2.33 -14.32
CA ARG A 205 26.55 -1.61 -15.46
C ARG A 205 25.66 -0.41 -15.10
N MET A 206 24.71 -0.61 -14.19
CA MET A 206 23.85 0.49 -13.78
C MET A 206 24.73 1.67 -13.41
N ASN A 207 25.89 1.38 -12.81
CA ASN A 207 26.80 2.45 -12.42
C ASN A 207 27.47 3.09 -13.65
N ALA A 208 27.71 2.30 -14.68
CA ALA A 208 28.36 2.81 -15.88
C ALA A 208 27.51 3.87 -16.61
N LEU A 209 26.20 3.72 -16.53
CA LEU A 209 25.32 4.68 -17.18
C LEU A 209 25.75 6.11 -16.81
N ASP A 210 25.95 6.95 -17.82
CA ASP A 210 26.35 8.35 -17.62
C ASP A 210 25.13 9.09 -17.06
N LEU A 211 25.13 9.31 -15.75
CA LEU A 211 24.00 9.97 -15.09
C LEU A 211 24.42 10.95 -13.99
N ASN A 212 23.69 12.07 -13.87
CA ASN A 212 23.97 13.04 -12.83
C ASN A 212 23.13 12.67 -11.62
N MET A 213 23.42 13.28 -10.48
CA MET A 213 22.70 12.94 -9.26
C MET A 213 21.17 13.10 -9.26
N LYS A 214 20.66 14.17 -9.87
CA LYS A 214 19.21 14.38 -9.88
C LYS A 214 18.49 13.25 -10.59
N THR A 215 18.96 12.92 -11.78
CA THR A 215 18.39 11.86 -12.62
C THR A 215 18.43 10.50 -11.92
N LYS A 216 19.34 10.38 -10.96
CA LYS A 216 19.46 9.16 -10.19
C LYS A 216 18.37 9.18 -9.12
N GLU A 217 18.14 10.35 -8.52
CA GLU A 217 17.10 10.45 -7.52
C GLU A 217 15.76 10.16 -8.18
N ARG A 218 15.59 10.61 -9.43
CA ARG A 218 14.32 10.37 -10.14
C ARG A 218 14.15 8.87 -10.41
N ILE A 219 15.28 8.18 -10.58
CA ILE A 219 15.28 6.75 -10.79
C ILE A 219 14.92 6.08 -9.45
N VAL A 220 15.63 6.45 -8.40
CA VAL A 220 15.36 5.87 -7.09
C VAL A 220 13.90 6.09 -6.68
N GLU A 221 13.33 7.23 -7.08
CA GLU A 221 11.94 7.56 -6.78
C GLU A 221 10.95 6.70 -7.56
N GLU A 222 11.25 6.44 -8.83
CA GLU A 222 10.33 5.62 -9.62
C GLU A 222 10.39 4.17 -9.09
N ALA A 223 11.55 3.78 -8.54
CA ALA A 223 11.74 2.46 -7.97
C ALA A 223 10.69 2.19 -6.90
N ASN A 224 10.42 3.21 -6.08
CA ASN A 224 9.43 3.12 -5.03
C ASN A 224 8.02 2.98 -5.61
N LYS A 225 7.75 3.65 -6.72
CA LYS A 225 6.45 3.53 -7.40
C LYS A 225 6.36 2.07 -7.87
N ALA A 226 7.47 1.57 -8.39
CA ALA A 226 7.57 0.20 -8.86
C ALA A 226 7.35 -0.74 -7.68
N PHE A 227 7.92 -0.41 -6.51
CA PHE A 227 7.75 -1.22 -5.31
C PHE A 227 6.30 -1.18 -4.84
N GLU A 228 5.82 0.00 -4.48
CA GLU A 228 4.46 0.10 -3.98
C GLU A 228 3.44 -0.25 -5.05
N TYR A 229 3.85 -0.19 -6.31
CA TYR A 229 2.91 -0.52 -7.37
C TYR A 229 2.59 -2.00 -7.22
N ASN A 230 3.53 -2.75 -6.64
CA ASN A 230 3.39 -4.19 -6.41
C ASN A 230 2.36 -4.49 -5.31
N MET A 231 2.61 -3.93 -4.13
CA MET A 231 1.74 -4.11 -2.97
C MET A 231 0.27 -4.11 -3.36
N GLN A 232 -0.14 -3.25 -4.28
CA GLN A 232 -1.55 -3.24 -4.62
C GLN A 232 -1.95 -4.59 -5.15
N ILE A 233 -1.15 -5.12 -6.05
CA ILE A 233 -1.43 -6.42 -6.64
C ILE A 233 -1.44 -7.42 -5.48
N PHE A 234 -0.54 -7.21 -4.51
CA PHE A 234 -0.46 -8.08 -3.34
C PHE A 234 -1.78 -7.97 -2.56
N ASN A 235 -2.25 -6.74 -2.39
CA ASN A 235 -3.48 -6.48 -1.67
C ASN A 235 -4.70 -7.07 -2.36
N GLU A 236 -4.77 -6.92 -3.67
CA GLU A 236 -5.90 -7.47 -4.42
C GLU A 236 -5.89 -8.99 -4.25
N LEU A 237 -4.71 -9.59 -4.43
CA LEU A 237 -4.53 -11.02 -4.30
C LEU A 237 -5.04 -11.49 -2.92
N ASP A 238 -4.70 -10.74 -1.87
CA ASP A 238 -5.14 -11.07 -0.52
C ASP A 238 -6.65 -10.79 -0.38
N GLN A 239 -7.09 -9.57 -0.72
CA GLN A 239 -8.51 -9.24 -0.65
C GLN A 239 -9.32 -10.35 -1.36
N ALA A 240 -8.74 -10.90 -2.42
CA ALA A 240 -9.38 -11.96 -3.18
C ALA A 240 -9.31 -13.32 -2.50
N GLY A 241 -10.46 -13.99 -2.44
CA GLY A 241 -10.56 -15.31 -1.84
C GLY A 241 -10.22 -15.42 -0.37
N SER A 242 -9.05 -14.89 0.00
CA SER A 242 -8.53 -14.91 1.36
C SER A 242 -9.09 -16.03 2.23
N MET B 30 -10.32 24.35 -12.80
CA MET B 30 -11.53 23.46 -12.77
C MET B 30 -12.35 23.76 -11.50
N ALA B 31 -11.79 23.46 -10.33
CA ALA B 31 -12.46 23.71 -9.05
C ALA B 31 -11.48 23.68 -7.86
N ASP B 32 -11.95 24.11 -6.69
CA ASP B 32 -11.11 24.11 -5.50
C ASP B 32 -10.93 22.69 -4.96
N LEU B 33 -9.76 22.44 -4.36
CA LEU B 33 -9.44 21.12 -3.83
C LEU B 33 -10.48 20.63 -2.81
N SER B 34 -10.96 21.53 -1.97
CA SER B 34 -11.95 21.11 -0.98
C SER B 34 -13.21 20.55 -1.66
N GLU B 35 -13.50 21.02 -2.88
CA GLU B 35 -14.67 20.56 -3.60
C GLU B 35 -14.43 19.34 -4.46
N LEU B 36 -13.31 19.32 -5.18
CA LEU B 36 -12.97 18.16 -6.01
C LEU B 36 -12.96 16.91 -5.12
N LEU B 37 -12.43 17.07 -3.91
CA LEU B 37 -12.33 15.96 -2.96
C LEU B 37 -13.68 15.44 -2.46
N LYS B 38 -14.41 16.28 -1.74
CA LYS B 38 -15.72 15.90 -1.21
C LYS B 38 -16.60 15.40 -2.35
N GLU B 39 -16.52 16.11 -3.47
CA GLU B 39 -17.31 15.78 -4.65
C GLU B 39 -16.75 14.51 -5.28
N GLY B 40 -15.44 14.35 -5.19
CA GLY B 40 -14.81 13.18 -5.78
C GLY B 40 -14.86 11.93 -4.94
N THR B 41 -15.25 12.06 -3.68
CA THR B 41 -15.34 10.91 -2.79
C THR B 41 -16.73 10.92 -2.17
N LYS B 42 -17.55 11.87 -2.61
CA LYS B 42 -18.91 12.04 -2.13
C LYS B 42 -19.58 10.70 -1.88
N GLU B 43 -19.52 9.81 -2.87
CA GLU B 43 -20.12 8.50 -2.76
C GLU B 43 -19.31 7.61 -1.83
N ALA B 44 -18.08 7.30 -2.22
CA ALA B 44 -17.21 6.45 -1.41
C ALA B 44 -17.40 6.73 0.07
N HIS B 45 -17.70 7.98 0.38
CA HIS B 45 -17.92 8.39 1.77
C HIS B 45 -19.12 7.64 2.33
N ASP B 46 -20.30 8.04 1.87
CA ASP B 46 -21.53 7.41 2.33
C ASP B 46 -21.69 6.01 1.73
N ARG B 47 -20.65 5.52 1.06
CA ARG B 47 -20.68 4.20 0.46
C ARG B 47 -20.21 3.13 1.44
N ALA B 48 -18.94 3.15 1.81
CA ALA B 48 -18.42 2.19 2.77
C ALA B 48 -19.23 2.38 4.04
N GLU B 49 -19.35 3.62 4.46
CA GLU B 49 -20.10 3.99 5.67
C GLU B 49 -21.11 2.93 6.05
N ASN B 50 -22.10 2.76 5.18
CA ASN B 50 -23.17 1.79 5.39
C ASN B 50 -22.74 0.36 5.67
N THR B 51 -22.18 0.11 6.86
CA THR B 51 -21.78 -1.24 7.25
C THR B 51 -22.59 -1.61 8.49
N GLN B 52 -22.56 -2.89 8.86
CA GLN B 52 -23.31 -3.31 10.03
C GLN B 52 -22.56 -2.72 11.21
N PHE B 53 -21.26 -2.59 11.03
CA PHE B 53 -20.41 -2.03 12.06
C PHE B 53 -20.76 -0.57 12.31
N VAL B 54 -21.27 0.12 11.30
CA VAL B 54 -21.63 1.54 11.43
C VAL B 54 -23.11 1.79 11.73
N LYS B 55 -24.00 1.15 10.97
CA LYS B 55 -25.43 1.30 11.16
C LYS B 55 -25.85 0.87 12.56
N ASP B 56 -25.15 -0.15 13.06
CA ASP B 56 -25.38 -0.71 14.38
C ASP B 56 -24.60 0.11 15.42
N PHE B 57 -23.47 0.66 15.02
CA PHE B 57 -22.65 1.46 15.94
C PHE B 57 -23.40 2.68 16.45
N LEU B 58 -23.89 3.50 15.52
CA LEU B 58 -24.61 4.72 15.86
C LEU B 58 -25.82 4.44 16.75
N LYS B 59 -26.28 3.19 16.76
CA LYS B 59 -27.42 2.80 17.58
C LYS B 59 -27.00 2.21 18.93
N GLY B 60 -25.76 1.76 19.02
CA GLY B 60 -25.27 1.19 20.27
C GLY B 60 -25.07 -0.31 20.26
N ASN B 61 -24.95 -0.90 19.07
CA ASN B 61 -24.75 -2.33 18.96
C ASN B 61 -23.28 -2.72 18.73
N ILE B 62 -22.50 -2.62 19.81
CA ILE B 62 -21.08 -2.96 19.80
C ILE B 62 -20.69 -3.35 21.23
N LYS B 63 -19.88 -4.40 21.37
CA LYS B 63 -19.46 -4.85 22.69
C LYS B 63 -17.99 -4.55 22.97
N LYS B 64 -17.67 -4.35 24.25
CA LYS B 64 -16.33 -4.02 24.71
C LYS B 64 -15.17 -4.57 23.88
N GLU B 65 -15.05 -5.90 23.82
CA GLU B 65 -13.95 -6.49 23.08
C GLU B 65 -13.97 -6.19 21.58
N LEU B 66 -15.12 -5.76 21.06
CA LEU B 66 -15.21 -5.42 19.65
C LEU B 66 -14.70 -3.98 19.47
N PHE B 67 -15.23 -3.09 20.29
CA PHE B 67 -14.83 -1.69 20.29
C PHE B 67 -13.32 -1.60 20.47
N LYS B 68 -12.76 -2.63 21.13
CA LYS B 68 -11.34 -2.70 21.38
C LYS B 68 -10.55 -3.06 20.12
N LEU B 69 -11.24 -3.65 19.14
CA LEU B 69 -10.60 -4.00 17.89
C LEU B 69 -10.46 -2.72 17.08
N ALA B 70 -11.47 -1.87 17.21
CA ALA B 70 -11.49 -0.60 16.52
C ALA B 70 -10.47 0.36 17.11
N THR B 71 -10.42 0.43 18.43
CA THR B 71 -9.46 1.32 19.10
C THR B 71 -8.04 0.92 18.69
N THR B 72 -7.82 -0.38 18.50
CA THR B 72 -6.51 -0.88 18.10
C THR B 72 -6.27 -0.48 16.64
N ALA B 73 -7.28 -0.70 15.82
CA ALA B 73 -7.20 -0.35 14.42
C ALA B 73 -6.85 1.14 14.36
N LEU B 74 -7.56 1.94 15.16
CA LEU B 74 -7.32 3.38 15.20
C LEU B 74 -5.91 3.76 15.63
N TYR B 75 -5.43 3.14 16.72
CA TYR B 75 -4.10 3.44 17.27
C TYR B 75 -2.99 3.28 16.26
N PHE B 76 -3.04 2.20 15.50
CA PHE B 76 -2.02 1.93 14.50
C PHE B 76 -2.13 2.78 13.25
N THR B 77 -3.35 2.99 12.77
CA THR B 77 -3.56 3.83 11.61
C THR B 77 -3.11 5.27 11.93
N TYR B 78 -3.42 5.75 13.13
CA TYR B 78 -3.04 7.13 13.47
C TYR B 78 -1.59 7.34 13.85
N SER B 79 -0.92 6.31 14.34
CA SER B 79 0.46 6.46 14.73
C SER B 79 1.27 6.67 13.45
N ALA B 80 0.88 5.96 12.41
CA ALA B 80 1.58 6.05 11.14
C ALA B 80 1.36 7.44 10.53
N LEU B 81 0.11 7.89 10.58
CA LEU B 81 -0.26 9.18 10.05
C LEU B 81 0.56 10.28 10.69
N GLU B 82 0.71 10.22 12.00
CA GLU B 82 1.48 11.24 12.69
C GLU B 82 2.96 11.13 12.40
N GLU B 83 3.45 9.93 12.13
CA GLU B 83 4.85 9.79 11.78
C GLU B 83 4.94 10.36 10.37
N GLU B 84 3.89 10.12 9.59
CA GLU B 84 3.87 10.63 8.23
C GLU B 84 3.51 12.11 8.17
N MET B 85 2.47 12.55 8.88
CA MET B 85 2.09 13.97 8.87
C MET B 85 3.37 14.74 9.19
N GLU B 86 3.76 14.66 10.45
CA GLU B 86 4.94 15.32 11.00
C GLU B 86 6.17 15.29 10.09
N ARG B 87 6.57 14.09 9.69
CA ARG B 87 7.72 13.91 8.82
C ARG B 87 7.83 15.02 7.79
N ASN B 88 6.70 15.41 7.23
CA ASN B 88 6.66 16.44 6.20
C ASN B 88 6.17 17.81 6.69
N LYS B 89 6.30 18.08 7.99
CA LYS B 89 5.83 19.36 8.54
C LYS B 89 6.43 20.59 7.84
N ASP B 90 7.55 20.43 7.15
CA ASP B 90 8.17 21.56 6.44
C ASP B 90 8.07 21.46 4.93
N HIS B 91 7.41 20.41 4.44
CA HIS B 91 7.24 20.21 3.00
C HIS B 91 6.15 21.18 2.50
N PRO B 92 6.54 22.14 1.64
CA PRO B 92 5.59 23.14 1.10
C PRO B 92 4.23 22.59 0.71
N ALA B 93 4.13 21.27 0.52
CA ALA B 93 2.86 20.70 0.14
C ALA B 93 2.04 20.16 1.33
N PHE B 94 2.62 20.18 2.53
CA PHE B 94 1.87 19.70 3.68
C PHE B 94 1.90 20.60 4.91
N ALA B 95 2.93 21.42 5.03
CA ALA B 95 3.12 22.33 6.16
C ALA B 95 1.86 23.05 6.67
N PRO B 96 1.04 23.60 5.76
CA PRO B 96 -0.17 24.31 6.19
C PRO B 96 -1.22 23.40 6.82
N LEU B 97 -0.96 22.10 6.85
CA LEU B 97 -1.96 21.18 7.38
C LEU B 97 -1.51 20.48 8.64
N TYR B 98 -0.37 20.90 9.17
CA TYR B 98 0.21 20.33 10.38
C TYR B 98 -0.50 20.92 11.62
N PHE B 99 -1.12 20.05 12.40
CA PHE B 99 -1.85 20.46 13.60
C PHE B 99 -1.62 19.42 14.71
N PRO B 100 -0.39 19.32 15.23
CA PRO B 100 -0.13 18.35 16.29
C PRO B 100 -0.97 18.51 17.56
N MET B 101 -0.95 19.70 18.15
CA MET B 101 -1.69 19.96 19.39
C MET B 101 -3.20 20.13 19.24
N GLU B 102 -3.74 20.05 18.03
CA GLU B 102 -5.17 20.23 17.85
C GLU B 102 -5.85 19.01 17.26
N LEU B 103 -5.18 18.36 16.32
CA LEU B 103 -5.78 17.21 15.68
C LEU B 103 -5.25 15.85 16.07
N HIS B 104 -3.97 15.77 16.39
CA HIS B 104 -3.35 14.49 16.72
C HIS B 104 -4.07 13.62 17.72
N ARG B 105 -4.10 12.31 17.44
CA ARG B 105 -4.79 11.38 18.32
C ARG B 105 -3.85 10.40 19.03
N LYS B 106 -2.55 10.44 18.74
CA LYS B 106 -1.64 9.49 19.39
C LYS B 106 -1.38 9.75 20.86
N GLU B 107 -1.18 11.01 21.26
CA GLU B 107 -0.94 11.38 22.66
C GLU B 107 -2.24 11.15 23.40
N ALA B 108 -3.17 10.52 22.72
CA ALA B 108 -4.46 10.18 23.29
C ALA B 108 -4.70 8.67 23.20
N LEU B 109 -4.63 8.12 21.98
CA LEU B 109 -4.85 6.70 21.79
C LEU B 109 -3.94 5.74 22.58
N THR B 110 -2.77 6.23 22.99
CA THR B 110 -1.89 5.38 23.78
C THR B 110 -2.59 5.16 25.13
N LYS B 111 -3.30 6.18 25.61
CA LYS B 111 -4.03 6.09 26.86
C LYS B 111 -5.21 5.12 26.79
N ASP B 112 -5.96 5.19 25.70
CA ASP B 112 -7.10 4.30 25.53
C ASP B 112 -6.66 2.82 25.40
N MET B 113 -5.45 2.60 24.90
CA MET B 113 -4.89 1.25 24.74
C MET B 113 -4.49 0.64 26.09
N GLU B 114 -3.75 1.40 26.90
CA GLU B 114 -3.33 0.92 28.21
C GLU B 114 -4.56 0.78 29.12
N TYR B 115 -5.70 1.23 28.62
CA TYR B 115 -6.95 1.17 29.37
C TYR B 115 -7.93 0.22 28.67
N PHE B 116 -7.42 -0.93 28.23
CA PHE B 116 -8.26 -1.93 27.57
C PHE B 116 -7.56 -3.29 27.33
N PHE B 117 -6.24 -3.27 27.12
CA PHE B 117 -5.49 -4.50 26.82
C PHE B 117 -4.40 -4.92 27.81
N GLY B 118 -4.09 -4.07 28.78
CA GLY B 118 -3.07 -4.41 29.75
C GLY B 118 -2.07 -3.30 29.92
N GLU B 119 -0.86 -3.64 30.34
CA GLU B 119 0.18 -2.64 30.54
C GLU B 119 1.10 -2.63 29.33
N ASN B 120 1.91 -3.66 29.19
CA ASN B 120 2.81 -3.78 28.06
C ASN B 120 2.04 -4.39 26.90
N TRP B 121 0.90 -3.77 26.59
CA TRP B 121 0.03 -4.22 25.52
C TRP B 121 0.72 -4.20 24.16
N GLU B 122 1.53 -3.17 23.96
CA GLU B 122 2.22 -3.00 22.68
C GLU B 122 3.31 -4.02 22.43
N GLU B 123 4.06 -4.35 23.49
CA GLU B 123 5.14 -5.31 23.35
C GLU B 123 4.60 -6.62 22.79
N GLN B 124 3.30 -6.85 23.00
CA GLN B 124 2.67 -8.07 22.51
C GLN B 124 1.31 -7.87 21.84
N VAL B 125 1.32 -7.26 20.67
CA VAL B 125 0.12 -7.01 19.87
C VAL B 125 0.47 -6.85 18.39
N GLN B 126 0.45 -7.95 17.64
CA GLN B 126 0.75 -7.90 16.21
C GLN B 126 -0.28 -7.00 15.55
N ALA B 127 0.07 -5.73 15.37
CA ALA B 127 -0.82 -4.75 14.77
C ALA B 127 -1.82 -5.44 13.85
N PRO B 128 -3.13 -5.19 14.07
CA PRO B 128 -4.16 -5.81 13.23
C PRO B 128 -3.81 -5.82 11.75
N LYS B 129 -3.45 -7.00 11.27
CA LYS B 129 -3.08 -7.22 9.89
C LYS B 129 -4.10 -6.56 8.96
N ALA B 130 -5.34 -7.02 9.08
CA ALA B 130 -6.41 -6.50 8.25
C ALA B 130 -6.33 -4.99 8.11
N ALA B 131 -5.71 -4.32 9.08
CA ALA B 131 -5.56 -2.87 9.07
C ALA B 131 -4.16 -2.40 8.69
N GLN B 132 -3.14 -2.97 9.33
CA GLN B 132 -1.75 -2.63 9.07
C GLN B 132 -1.43 -2.32 7.61
N LYS B 133 -2.24 -2.85 6.69
CA LYS B 133 -2.05 -2.57 5.29
C LYS B 133 -2.16 -1.05 5.09
N TYR B 134 -3.27 -0.51 5.59
CA TYR B 134 -3.56 0.92 5.51
C TYR B 134 -2.40 1.70 6.07
N VAL B 135 -1.80 1.17 7.13
CA VAL B 135 -0.63 1.80 7.72
C VAL B 135 0.45 1.97 6.66
N GLU B 136 0.96 0.88 6.10
CA GLU B 136 2.02 0.97 5.08
C GLU B 136 1.70 2.00 4.01
N ARG B 137 0.47 1.94 3.51
CA ARG B 137 0.04 2.85 2.46
C ARG B 137 0.29 4.29 2.89
N ILE B 138 -0.34 4.70 3.99
CA ILE B 138 -0.16 6.07 4.49
C ILE B 138 1.34 6.35 4.45
N HIS B 139 2.13 5.45 5.04
CA HIS B 139 3.58 5.60 5.04
C HIS B 139 4.07 5.91 3.63
N TYR B 140 4.16 4.86 2.79
CA TYR B 140 4.61 5.03 1.41
C TYR B 140 4.38 6.47 0.93
N ILE B 141 3.10 6.88 0.93
CA ILE B 141 2.71 8.21 0.50
C ILE B 141 3.51 9.33 1.18
N GLY B 142 3.35 9.42 2.49
CA GLY B 142 4.06 10.43 3.24
C GLY B 142 5.56 10.22 3.21
N GLN B 143 5.96 8.98 2.96
CA GLN B 143 7.37 8.60 2.92
C GLN B 143 8.12 9.07 1.69
N ASN B 144 7.55 8.85 0.51
CA ASN B 144 8.23 9.23 -0.73
C ASN B 144 7.32 10.05 -1.68
N GLU B 145 6.07 10.29 -1.29
CA GLU B 145 5.11 11.08 -2.09
C GLU B 145 4.20 12.00 -1.26
N PRO B 146 4.69 12.48 -0.10
CA PRO B 146 3.92 13.37 0.80
C PRO B 146 3.14 14.48 0.10
N GLU B 147 3.55 14.79 -1.12
CA GLU B 147 2.89 15.81 -1.90
C GLU B 147 1.37 15.50 -1.92
N LEU B 148 1.02 14.23 -1.79
CA LEU B 148 -0.39 13.83 -1.74
C LEU B 148 -0.69 13.27 -0.36
N LEU B 149 0.11 13.69 0.61
CA LEU B 149 -0.07 13.24 1.98
C LEU B 149 -1.16 14.06 2.64
N VAL B 150 -1.95 14.75 1.82
CA VAL B 150 -3.04 15.57 2.33
C VAL B 150 -4.31 14.74 2.34
N ALA B 151 -4.54 13.98 1.28
CA ALA B 151 -5.76 13.17 1.20
C ALA B 151 -6.02 12.31 2.46
N HIS B 152 -4.99 11.69 3.02
CA HIS B 152 -5.17 10.86 4.20
C HIS B 152 -5.57 11.64 5.46
N ALA B 153 -4.79 12.66 5.80
CA ALA B 153 -5.07 13.47 6.98
C ALA B 153 -6.46 14.11 6.88
N TYR B 154 -6.76 14.57 5.66
CA TYR B 154 -8.01 15.22 5.36
C TYR B 154 -9.14 14.20 5.36
N THR B 155 -8.83 12.96 5.00
CA THR B 155 -9.86 11.91 4.98
C THR B 155 -10.20 11.39 6.38
N ARG B 156 -9.22 11.41 7.28
CA ARG B 156 -9.45 10.91 8.63
C ARG B 156 -9.83 11.97 9.65
N TYR B 157 -9.07 13.05 9.73
CA TYR B 157 -9.34 14.09 10.72
C TYR B 157 -10.62 14.88 10.49
N MET B 158 -10.83 15.37 9.28
CA MET B 158 -12.04 16.14 8.99
C MET B 158 -13.26 15.33 9.39
N GLY B 159 -13.16 14.00 9.26
CA GLY B 159 -14.26 13.13 9.64
C GLY B 159 -14.40 13.11 11.16
N ASP B 160 -13.27 13.08 11.87
CA ASP B 160 -13.29 13.07 13.31
C ASP B 160 -13.94 14.32 13.88
N LEU B 161 -13.63 15.48 13.29
CA LEU B 161 -14.19 16.74 13.73
C LEU B 161 -15.65 16.90 13.30
N SER B 162 -16.21 15.82 12.77
CA SER B 162 -17.59 15.88 12.31
C SER B 162 -18.52 14.91 13.04
N GLY B 163 -17.99 14.06 13.91
CA GLY B 163 -18.85 13.12 14.62
C GLY B 163 -18.38 12.56 15.95
N GLY B 164 -17.09 12.62 16.22
CA GLY B 164 -16.55 12.10 17.47
C GLY B 164 -17.40 12.47 18.68
N GLN B 165 -18.07 13.61 18.60
CA GLN B 165 -18.90 14.10 19.69
C GLN B 165 -19.92 13.07 20.15
N VAL B 166 -20.91 12.81 19.30
CA VAL B 166 -21.95 11.84 19.62
C VAL B 166 -21.35 10.44 19.78
N LEU B 167 -20.25 10.18 19.06
CA LEU B 167 -19.59 8.88 19.11
C LEU B 167 -18.99 8.55 20.48
N LYS B 168 -18.33 9.52 21.12
CA LYS B 168 -17.72 9.29 22.43
C LYS B 168 -18.79 8.80 23.39
N LYS B 169 -20.00 9.31 23.17
CA LYS B 169 -21.16 8.98 23.97
C LYS B 169 -21.78 7.64 23.57
N VAL B 170 -22.22 7.52 22.32
CA VAL B 170 -22.85 6.29 21.86
C VAL B 170 -22.07 5.03 22.29
N ALA B 171 -20.91 4.80 21.68
CA ALA B 171 -20.07 3.65 21.99
C ALA B 171 -19.95 3.46 23.50
N GLN B 172 -19.85 4.58 24.21
CA GLN B 172 -19.72 4.58 25.66
C GLN B 172 -21.05 4.34 26.35
N ARG B 173 -22.12 4.90 25.78
CA ARG B 173 -23.46 4.75 26.35
C ARG B 173 -23.66 3.33 26.85
N ALA B 174 -23.12 2.36 26.10
CA ALA B 174 -23.25 0.96 26.46
C ALA B 174 -22.19 0.55 27.51
N LEU B 175 -20.95 0.46 27.07
CA LEU B 175 -19.82 0.08 27.92
C LEU B 175 -19.83 0.80 29.28
N LYS B 176 -20.59 1.89 29.35
CA LYS B 176 -20.71 2.69 30.57
C LYS B 176 -19.33 2.94 31.19
N LEU B 177 -18.52 3.72 30.49
CA LEU B 177 -17.16 4.07 30.94
C LEU B 177 -17.16 5.32 31.83
N PRO B 178 -16.01 5.62 32.46
CA PRO B 178 -15.85 6.78 33.34
C PRO B 178 -16.16 8.10 32.62
N SER B 179 -17.22 8.77 33.05
CA SER B 179 -17.62 10.04 32.44
C SER B 179 -16.44 10.99 32.30
N THR B 180 -15.33 10.65 32.93
CA THR B 180 -14.14 11.48 32.86
C THR B 180 -13.40 11.32 31.54
N GLY B 181 -13.92 10.44 30.67
CA GLY B 181 -13.32 10.24 29.37
C GLY B 181 -12.51 8.98 29.16
N GLU B 182 -12.22 8.29 30.26
CA GLU B 182 -11.43 7.07 30.24
C GLU B 182 -11.87 6.11 29.12
N GLY B 183 -10.91 5.70 28.30
CA GLY B 183 -11.18 4.79 27.19
C GLY B 183 -11.90 5.40 26.01
N THR B 184 -11.89 6.73 25.94
CA THR B 184 -12.54 7.45 24.86
C THR B 184 -11.93 8.84 24.65
N GLN B 185 -10.75 9.06 25.22
CA GLN B 185 -10.09 10.36 25.08
C GLN B 185 -9.86 10.70 23.62
N PHE B 186 -10.20 9.73 22.76
CA PHE B 186 -10.04 9.87 21.32
C PHE B 186 -11.15 10.59 20.55
N TYR B 187 -12.38 10.60 21.08
CA TYR B 187 -13.48 11.26 20.36
C TYR B 187 -13.67 12.75 20.63
N LEU B 188 -12.80 13.32 21.46
CA LEU B 188 -12.88 14.73 21.79
C LEU B 188 -11.48 15.30 21.81
N PHE B 189 -11.28 16.43 21.15
CA PHE B 189 -9.96 17.07 21.09
C PHE B 189 -9.92 18.24 22.09
N GLU B 190 -9.23 18.07 23.21
CA GLU B 190 -9.16 19.13 24.22
C GLU B 190 -8.44 20.41 23.82
N ASN B 191 -8.06 20.53 22.55
CA ASN B 191 -7.37 21.74 22.09
C ASN B 191 -7.98 22.45 20.89
N VAL B 192 -9.23 22.12 20.59
CA VAL B 192 -9.94 22.76 19.49
C VAL B 192 -11.23 23.33 20.07
N ASP B 193 -11.44 24.64 19.92
CA ASP B 193 -12.65 25.26 20.45
C ASP B 193 -13.90 24.89 19.65
N ASN B 194 -13.98 25.29 18.39
CA ASN B 194 -15.12 24.96 17.56
C ASN B 194 -14.71 24.07 16.39
N ALA B 195 -15.46 23.00 16.18
CA ALA B 195 -15.18 22.04 15.11
C ALA B 195 -15.51 22.51 13.69
N GLN B 196 -16.73 22.98 13.48
CA GLN B 196 -17.14 23.44 12.16
C GLN B 196 -16.28 24.62 11.73
N GLN B 197 -15.83 25.39 12.71
CA GLN B 197 -15.00 26.54 12.44
C GLN B 197 -13.56 26.11 12.14
N PHE B 198 -13.08 25.08 12.84
CA PHE B 198 -11.73 24.59 12.58
C PHE B 198 -11.67 23.92 11.20
N LYS B 199 -12.71 23.16 10.86
CA LYS B 199 -12.73 22.52 9.56
C LYS B 199 -12.65 23.62 8.51
N GLN B 200 -13.53 24.61 8.61
CA GLN B 200 -13.56 25.72 7.65
C GLN B 200 -12.15 26.29 7.53
N LEU B 201 -11.46 26.34 8.67
CA LEU B 201 -10.10 26.83 8.67
C LEU B 201 -9.31 25.89 7.74
N TYR B 202 -9.33 24.59 8.05
CA TYR B 202 -8.62 23.56 7.29
C TYR B 202 -8.93 23.61 5.78
N ARG B 203 -10.21 23.71 5.42
CA ARG B 203 -10.56 23.78 4.00
C ARG B 203 -9.82 24.92 3.30
N ALA B 204 -9.75 26.09 3.94
CA ALA B 204 -9.08 27.23 3.35
C ALA B 204 -7.58 26.98 3.15
N ARG B 205 -6.98 26.17 4.02
CA ARG B 205 -5.56 25.88 3.87
C ARG B 205 -5.28 24.93 2.69
N MET B 206 -6.06 23.87 2.56
CA MET B 206 -5.86 22.93 1.45
C MET B 206 -5.88 23.67 0.10
N ASN B 207 -6.81 24.61 -0.02
CA ASN B 207 -6.98 25.38 -1.26
C ASN B 207 -5.81 26.31 -1.52
N ALA B 208 -5.11 26.69 -0.46
CA ALA B 208 -3.97 27.56 -0.62
C ALA B 208 -2.69 26.74 -0.91
N LEU B 209 -2.84 25.48 -1.31
CA LEU B 209 -1.67 24.67 -1.63
C LEU B 209 -1.26 24.97 -3.08
N ASP B 210 0.03 24.87 -3.39
CA ASP B 210 0.46 25.12 -4.76
C ASP B 210 0.46 23.76 -5.45
N LEU B 211 -0.59 23.45 -6.21
CA LEU B 211 -0.70 22.17 -6.89
C LEU B 211 -1.36 22.26 -8.27
N ASN B 212 -0.82 21.53 -9.25
CA ASN B 212 -1.39 21.50 -10.61
C ASN B 212 -2.68 20.70 -10.59
N MET B 213 -3.04 20.10 -11.73
CA MET B 213 -4.27 19.33 -11.76
C MET B 213 -3.99 17.86 -11.83
N LYS B 214 -2.73 17.50 -12.02
CA LYS B 214 -2.36 16.09 -12.05
C LYS B 214 -2.36 15.65 -10.60
N THR B 215 -1.58 16.37 -9.80
CA THR B 215 -1.46 16.09 -8.39
C THR B 215 -2.82 16.21 -7.68
N LYS B 216 -3.52 17.32 -7.91
CA LYS B 216 -4.82 17.49 -7.29
C LYS B 216 -5.73 16.36 -7.73
N GLU B 217 -5.54 15.92 -8.98
CA GLU B 217 -6.32 14.84 -9.56
C GLU B 217 -6.03 13.52 -8.84
N ARG B 218 -4.75 13.26 -8.61
CA ARG B 218 -4.34 12.05 -7.93
C ARG B 218 -4.77 12.12 -6.47
N ILE B 219 -4.69 13.30 -5.86
CA ILE B 219 -5.11 13.47 -4.47
C ILE B 219 -6.52 12.90 -4.32
N VAL B 220 -7.38 13.18 -5.29
CA VAL B 220 -8.74 12.66 -5.27
C VAL B 220 -8.76 11.13 -5.25
N GLU B 221 -7.79 10.51 -5.93
CA GLU B 221 -7.70 9.05 -5.96
C GLU B 221 -7.18 8.47 -4.64
N GLU B 222 -6.34 9.21 -3.94
CA GLU B 222 -5.81 8.73 -2.68
C GLU B 222 -6.88 8.76 -1.58
N ALA B 223 -7.78 9.73 -1.63
CA ALA B 223 -8.85 9.82 -0.63
C ALA B 223 -9.83 8.68 -0.83
N ASN B 224 -10.17 8.40 -2.09
CA ASN B 224 -11.08 7.30 -2.40
C ASN B 224 -10.37 6.01 -1.97
N LYS B 225 -9.08 5.95 -2.27
CA LYS B 225 -8.28 4.81 -1.90
C LYS B 225 -8.39 4.67 -0.38
N ALA B 226 -8.20 5.77 0.33
CA ALA B 226 -8.28 5.77 1.77
C ALA B 226 -9.67 5.28 2.24
N PHE B 227 -10.72 5.69 1.53
CA PHE B 227 -12.08 5.26 1.89
C PHE B 227 -12.22 3.74 1.74
N GLU B 228 -11.50 3.15 0.79
CA GLU B 228 -11.59 1.71 0.63
C GLU B 228 -10.76 1.00 1.67
N TYR B 229 -9.63 1.60 2.05
CA TYR B 229 -8.82 0.98 3.07
C TYR B 229 -9.67 0.90 4.32
N ASN B 230 -10.72 1.72 4.37
CA ASN B 230 -11.62 1.74 5.50
C ASN B 230 -12.20 0.36 5.77
N MET B 231 -12.73 -0.25 4.70
CA MET B 231 -13.34 -1.57 4.76
C MET B 231 -12.28 -2.60 5.09
N GLN B 232 -11.09 -2.46 4.51
CA GLN B 232 -10.02 -3.39 4.80
C GLN B 232 -9.88 -3.52 6.32
N ILE B 233 -10.45 -2.56 7.05
CA ILE B 233 -10.40 -2.52 8.51
C ILE B 233 -11.77 -2.79 9.17
N PHE B 234 -12.82 -2.17 8.63
CA PHE B 234 -14.16 -2.32 9.17
C PHE B 234 -14.61 -3.77 9.20
N ASN B 235 -14.23 -4.54 8.20
CA ASN B 235 -14.63 -5.93 8.16
C ASN B 235 -13.87 -6.73 9.20
N GLU B 236 -12.71 -6.24 9.59
CA GLU B 236 -11.93 -6.90 10.63
C GLU B 236 -12.62 -6.56 11.96
N LEU B 237 -13.71 -5.79 11.86
CA LEU B 237 -14.50 -5.40 13.02
C LEU B 237 -15.85 -6.09 12.89
N ASP B 238 -16.35 -6.14 11.65
CA ASP B 238 -17.63 -6.77 11.36
C ASP B 238 -17.51 -8.29 11.33
N GLN B 239 -16.51 -8.79 10.62
CA GLN B 239 -16.31 -10.23 10.57
C GLN B 239 -15.92 -10.68 11.96
N ALA B 240 -14.78 -10.18 12.44
CA ALA B 240 -14.30 -10.54 13.76
C ALA B 240 -15.43 -10.44 14.78
N GLY B 241 -16.34 -9.51 14.54
CA GLY B 241 -17.47 -9.31 15.43
C GLY B 241 -18.31 -10.58 15.54
N SER B 242 -18.36 -11.33 14.46
CA SER B 242 -19.12 -12.59 14.44
C SER B 242 -18.46 -13.56 15.40
N THR B 243 -17.18 -13.32 15.69
CA THR B 243 -16.44 -14.18 16.60
C THR B 243 -16.11 -13.44 17.91
N LEU B 244 -16.82 -12.33 18.13
CA LEU B 244 -16.67 -11.50 19.32
C LEU B 244 -17.41 -12.14 20.49
N ALA B 245 -18.32 -13.06 20.18
CA ALA B 245 -19.13 -13.73 21.19
C ALA B 245 -19.46 -15.17 20.82
N ARG B 246 -19.28 -15.50 19.54
CA ARG B 246 -19.56 -16.84 19.03
C ARG B 246 -19.21 -17.90 20.07
N GLU B 247 -17.94 -17.91 20.47
CA GLU B 247 -17.41 -18.85 21.46
C GLU B 247 -18.42 -19.22 22.55
N THR B 248 -18.75 -18.27 23.42
CA THR B 248 -19.69 -18.52 24.50
C THR B 248 -21.09 -18.81 23.99
CHA HEM C . 17.35 -8.39 -2.83
CHB HEM C . 14.68 -11.07 0.15
CHC HEM C . 10.68 -9.35 -1.88
CHD HEM C . 13.31 -6.56 -4.71
C1A HEM C . 16.97 -9.25 -1.81
C2A HEM C . 17.91 -9.99 -0.96
C3A HEM C . 17.16 -10.78 -0.18
C4A HEM C . 15.76 -10.48 -0.49
CMA HEM C . 17.66 -11.82 0.78
CAA HEM C . 19.43 -9.76 -0.82
CBA HEM C . 20.29 -10.79 -1.59
CGA HEM C . 21.77 -10.91 -1.13
O1A HEM C . 22.51 -9.90 -1.11
O2A HEM C . 22.19 -12.04 -0.80
C1B HEM C . 13.35 -10.81 -0.12
C2B HEM C . 12.22 -11.44 0.57
C3B HEM C . 11.09 -10.95 -0.02
C4B HEM C . 11.54 -10.03 -1.04
CMB HEM C . 12.29 -12.37 1.78
CAB HEM C . 9.75 -11.22 0.29
CBB HEM C . 9.33 -11.71 1.58
C1C HEM C . 11.06 -8.48 -2.85
C2C HEM C . 10.14 -7.74 -3.68
C3C HEM C . 10.88 -6.92 -4.46
C4C HEM C . 12.26 -7.18 -4.12
CMC HEM C . 8.61 -7.85 -3.62
CAC HEM C . 10.42 -5.97 -5.36
CBC HEM C . 9.25 -6.19 -6.18
C1D HEM C . 14.65 -6.81 -4.44
C2D HEM C . 15.73 -6.12 -5.09
C3D HEM C . 16.86 -6.68 -4.61
C4D HEM C . 16.46 -7.68 -3.64
CMD HEM C . 15.63 -4.90 -5.99
CAD HEM C . 18.29 -6.31 -4.97
CBD HEM C . 18.97 -5.44 -3.92
CGD HEM C . 20.43 -5.19 -4.23
O1D HEM C . 21.23 -6.17 -4.21
O2D HEM C . 20.79 -4.02 -4.49
NA HEM C . 15.65 -9.54 -1.48
NB HEM C . 12.92 -9.93 -1.09
NC HEM C . 12.38 -8.13 -3.12
ND HEM C . 15.08 -7.75 -3.53
FE HEM C . 14.02 -8.75 -2.22
CHA HEM D . -16.98 15.19 6.00
CHB HEM D . -19.86 13.14 9.17
CHC HEM D . -17.28 9.13 8.89
CHD HEM D . -14.35 11.24 5.81
C1A HEM D . -18.11 14.91 6.73
C2A HEM D . -19.06 15.92 7.11
C3A HEM D . -19.94 15.32 7.94
C4A HEM D . -19.47 13.95 8.12
CMA HEM D . -21.21 15.94 8.53
CAA HEM D . -18.93 17.41 6.83
CBA HEM D . -19.07 17.78 5.37
CGA HEM D . -18.41 19.11 5.08
O1A HEM D . -18.69 19.71 4.01
O2A HEM D . -17.61 19.54 5.93
C1B HEM D . -19.30 11.93 9.47
C2B HEM D . -19.71 11.10 10.60
C3B HEM D . -19.05 9.93 10.48
C4B HEM D . -18.20 10.05 9.28
CMB HEM D . -20.71 11.46 11.69
CAB HEM D . -19.25 8.80 11.30
CBB HEM D . -18.20 7.83 11.63
C1C HEM D . -16.31 9.32 7.96
C2C HEM D . -15.22 8.38 7.72
C3C HEM D . -14.39 8.98 6.87
C4C HEM D . -14.95 10.30 6.60
CMC HEM D . -14.98 7.05 8.43
CAC HEM D . -13.29 8.41 6.26
CBC HEM D . -12.08 8.11 7.01
C1D HEM D . -14.81 12.49 5.60
C2D HEM D . -14.10 13.49 4.82
C3D HEM D . -14.81 14.63 4.93
C4D HEM D . -15.98 14.30 5.72
CMD HEM D . -12.87 13.27 3.96
CAD HEM D . -14.37 16.03 4.43
CBD HEM D . -15.23 16.60 3.29
CGD HEM D . -14.77 17.99 2.84
O1D HEM D . -15.36 18.55 1.91
O2D HEM D . -13.82 18.53 3.44
NA HEM D . -18.38 13.69 7.33
NB HEM D . -18.34 11.29 8.69
NC HEM D . -16.16 10.49 7.25
ND HEM D . -15.99 12.98 6.12
FE HEM D . -17.46 11.97 7.05
N ARG A 29 33.73 8.45 -5.77
CA ARG A 29 32.64 7.76 -5.01
C ARG A 29 31.62 8.75 -4.46
N MET A 30 30.95 9.46 -5.35
CA MET A 30 29.95 10.42 -4.96
C MET A 30 28.67 9.76 -4.50
N ALA A 31 28.14 8.87 -5.33
CA ALA A 31 26.92 8.15 -5.02
C ALA A 31 26.65 7.10 -6.08
N ASP A 32 26.95 5.84 -5.73
CA ASP A 32 26.75 4.70 -6.63
C ASP A 32 25.26 4.49 -6.87
N LEU A 33 24.87 4.47 -8.14
CA LEU A 33 23.46 4.26 -8.49
C LEU A 33 22.85 3.00 -7.85
N SER A 34 23.50 1.86 -8.06
CA SER A 34 23.02 0.59 -7.52
C SER A 34 22.98 0.61 -6.00
N GLU A 35 23.80 1.48 -5.41
CA GLU A 35 23.83 1.64 -3.95
C GLU A 35 22.69 2.58 -3.58
N LEU A 36 22.62 3.70 -4.30
CA LEU A 36 21.58 4.70 -4.09
C LEU A 36 20.20 4.03 -4.08
N LEU A 37 19.99 3.06 -4.99
CA LEU A 37 18.74 2.34 -5.08
C LEU A 37 18.51 1.43 -3.86
N LYS A 38 19.54 0.72 -3.43
CA LYS A 38 19.41 -0.16 -2.28
C LYS A 38 19.20 0.68 -1.01
N GLU A 39 19.91 1.80 -0.89
CA GLU A 39 19.69 2.65 0.28
C GLU A 39 18.31 3.29 0.16
N GLY A 40 18.01 3.80 -1.04
CA GLY A 40 16.74 4.43 -1.29
C GLY A 40 15.46 3.60 -1.24
N THR A 41 15.57 2.27 -1.34
CA THR A 41 14.37 1.44 -1.32
C THR A 41 14.23 0.50 -0.11
N LYS A 42 15.05 0.70 0.92
CA LYS A 42 15.01 -0.11 2.13
C LYS A 42 13.62 -0.12 2.76
N GLU A 43 13.07 1.08 2.98
CA GLU A 43 11.73 1.21 3.57
C GLU A 43 10.76 0.37 2.77
N ALA A 44 10.77 0.54 1.45
CA ALA A 44 9.85 -0.22 0.63
C ALA A 44 10.15 -1.74 0.61
N HIS A 45 11.42 -2.12 0.72
CA HIS A 45 11.71 -3.55 0.71
C HIS A 45 11.22 -4.19 2.00
N ASP A 46 11.42 -3.50 3.13
CA ASP A 46 10.95 -4.05 4.37
C ASP A 46 9.44 -4.19 4.30
N ARG A 47 8.76 -3.16 3.79
CA ARG A 47 7.31 -3.20 3.68
C ARG A 47 6.85 -4.43 2.87
N ALA A 48 7.55 -4.69 1.76
CA ALA A 48 7.25 -5.81 0.86
C ALA A 48 7.46 -7.17 1.51
N GLU A 49 8.63 -7.36 2.11
CA GLU A 49 8.96 -8.61 2.77
C GLU A 49 8.03 -8.94 3.93
N ASN A 50 7.22 -7.98 4.37
CA ASN A 50 6.36 -8.21 5.50
C ASN A 50 4.85 -8.06 5.34
N THR A 51 4.35 -8.03 4.12
CA THR A 51 2.91 -7.89 3.92
C THR A 51 2.19 -9.25 3.95
N GLN A 52 0.91 -9.27 4.32
CA GLN A 52 0.13 -10.51 4.43
C GLN A 52 0.29 -11.54 3.31
N PHE A 53 0.12 -11.09 2.06
CA PHE A 53 0.23 -12.01 0.96
C PHE A 53 1.62 -12.63 0.90
N VAL A 54 2.65 -11.83 1.14
CA VAL A 54 4.02 -12.31 1.12
C VAL A 54 4.19 -13.43 2.14
N LYS A 55 3.69 -13.17 3.35
CA LYS A 55 3.77 -14.12 4.44
C LYS A 55 2.86 -15.34 4.21
N ASP A 56 1.85 -15.21 3.36
CA ASP A 56 0.99 -16.35 3.10
C ASP A 56 1.66 -17.25 2.10
N PHE A 57 2.17 -16.66 1.03
CA PHE A 57 2.84 -17.46 0.01
C PHE A 57 3.93 -18.30 0.70
N LEU A 58 4.52 -17.72 1.73
CA LEU A 58 5.57 -18.38 2.47
C LEU A 58 5.05 -19.37 3.50
N LYS A 59 3.85 -19.17 4.02
CA LYS A 59 3.31 -20.15 4.97
C LYS A 59 2.94 -21.39 4.15
N GLY A 60 2.14 -21.19 3.10
CA GLY A 60 1.75 -22.28 2.23
C GLY A 60 0.24 -22.27 2.06
N ASN A 61 -0.35 -21.17 2.49
CA ASN A 61 -1.80 -20.95 2.44
C ASN A 61 -2.27 -20.61 1.02
N ILE A 62 -1.35 -20.69 0.08
CA ILE A 62 -1.66 -20.41 -1.31
C ILE A 62 -2.40 -21.59 -1.93
N LYS A 63 -3.51 -21.29 -2.60
CA LYS A 63 -4.35 -22.30 -3.23
C LYS A 63 -4.48 -22.10 -4.74
N LYS A 64 -4.57 -23.19 -5.48
CA LYS A 64 -4.67 -23.14 -6.93
C LYS A 64 -5.19 -21.82 -7.53
N GLU A 65 -6.51 -21.58 -7.50
CA GLU A 65 -7.04 -20.33 -8.06
C GLU A 65 -6.22 -19.09 -7.64
N LEU A 66 -5.95 -18.96 -6.35
CA LEU A 66 -5.19 -17.83 -5.86
C LEU A 66 -3.82 -17.71 -6.52
N PHE A 67 -3.12 -18.83 -6.64
CA PHE A 67 -1.81 -18.80 -7.29
C PHE A 67 -2.00 -18.40 -8.76
N LYS A 68 -3.06 -18.92 -9.37
CA LYS A 68 -3.35 -18.61 -10.76
C LYS A 68 -3.61 -17.11 -10.95
N LEU A 69 -4.28 -16.50 -9.97
CA LEU A 69 -4.57 -15.06 -10.02
C LEU A 69 -3.26 -14.31 -9.92
N ALA A 70 -2.33 -14.87 -9.14
CA ALA A 70 -1.01 -14.29 -8.95
C ALA A 70 -0.15 -14.51 -10.20
N THR A 71 -0.31 -15.66 -10.84
CA THR A 71 0.47 -15.95 -12.05
C THR A 71 -0.14 -15.19 -13.23
N THR A 72 -1.31 -14.60 -13.03
CA THR A 72 -1.97 -13.81 -14.06
C THR A 72 -1.47 -12.38 -13.98
N ALA A 73 -1.28 -11.90 -12.76
CA ALA A 73 -0.79 -10.54 -12.58
C ALA A 73 0.67 -10.59 -13.02
N LEU A 74 1.35 -11.66 -12.62
CA LEU A 74 2.75 -11.84 -12.94
C LEU A 74 2.99 -12.03 -14.45
N TYR A 75 1.93 -12.25 -15.24
CA TYR A 75 2.10 -12.39 -16.70
C TYR A 75 1.96 -11.05 -17.40
N PHE A 76 1.04 -10.21 -16.91
CA PHE A 76 0.82 -8.88 -17.49
C PHE A 76 2.00 -7.93 -17.31
N THR A 77 2.20 -7.41 -16.10
CA THR A 77 3.29 -6.48 -15.85
C THR A 77 4.58 -6.89 -16.56
N TYR A 78 4.83 -8.20 -16.70
CA TYR A 78 6.04 -8.61 -17.41
C TYR A 78 5.83 -8.52 -18.91
N SER A 79 4.70 -9.08 -19.40
CA SER A 79 4.38 -9.03 -20.82
C SER A 79 4.59 -7.60 -21.26
N ALA A 80 4.12 -6.68 -20.43
CA ALA A 80 4.27 -5.28 -20.73
C ALA A 80 5.74 -4.92 -20.62
N LEU A 81 6.36 -5.30 -19.52
CA LEU A 81 7.75 -4.97 -19.28
C LEU A 81 8.61 -5.26 -20.48
N GLU A 82 8.26 -6.30 -21.23
CA GLU A 82 9.02 -6.64 -22.42
C GLU A 82 8.61 -5.79 -23.62
N GLU A 83 7.30 -5.60 -23.79
CA GLU A 83 6.80 -4.79 -24.88
C GLU A 83 7.63 -3.50 -24.89
N GLU A 84 8.23 -3.19 -23.74
CA GLU A 84 9.04 -1.99 -23.58
C GLU A 84 10.52 -2.33 -23.48
N MET A 85 10.84 -3.61 -23.58
CA MET A 85 12.21 -4.04 -23.53
C MET A 85 12.76 -4.13 -24.94
N GLU A 86 11.97 -4.73 -25.85
CA GLU A 86 12.39 -4.83 -27.24
C GLU A 86 12.19 -3.43 -27.79
N ARG A 87 11.10 -2.78 -27.38
CA ARG A 87 10.81 -1.44 -27.89
C ARG A 87 11.97 -0.49 -27.73
N ASN A 88 12.23 -0.07 -26.48
CA ASN A 88 13.32 0.88 -26.20
C ASN A 88 14.66 0.21 -26.08
N LYS A 89 14.83 -0.92 -26.76
CA LYS A 89 16.09 -1.66 -26.74
C LYS A 89 17.30 -0.89 -27.27
N ASP A 90 17.26 -0.51 -28.53
CA ASP A 90 18.37 0.21 -29.14
C ASP A 90 18.52 1.62 -28.54
N HIS A 91 18.24 1.77 -27.24
CA HIS A 91 18.35 3.07 -26.57
C HIS A 91 19.59 3.21 -25.67
N PRO A 92 20.27 4.38 -25.72
CA PRO A 92 21.46 4.62 -24.91
C PRO A 92 21.29 4.56 -23.39
N ALA A 93 20.11 4.91 -22.90
CA ALA A 93 19.87 4.90 -21.45
C ALA A 93 19.42 3.56 -20.88
N PHE A 94 18.94 2.65 -21.72
CA PHE A 94 18.51 1.36 -21.22
C PHE A 94 19.22 0.17 -21.86
N ALA A 95 19.65 0.33 -23.11
CA ALA A 95 20.30 -0.77 -23.83
C ALA A 95 21.34 -1.57 -23.04
N PRO A 96 22.12 -0.92 -22.18
CA PRO A 96 23.11 -1.70 -21.42
C PRO A 96 22.47 -2.79 -20.58
N LEU A 97 21.18 -2.65 -20.29
CA LEU A 97 20.46 -3.62 -19.48
C LEU A 97 19.54 -4.52 -20.28
N TYR A 98 19.48 -4.28 -21.59
CA TYR A 98 18.62 -5.07 -22.46
C TYR A 98 19.07 -6.51 -22.52
N PHE A 99 18.72 -7.26 -21.48
CA PHE A 99 19.12 -8.67 -21.38
C PHE A 99 17.96 -9.59 -21.69
N PRO A 100 17.60 -9.74 -22.97
CA PRO A 100 16.48 -10.64 -23.24
C PRO A 100 16.52 -12.02 -22.60
N MET A 101 16.96 -13.01 -23.37
CA MET A 101 17.04 -14.42 -22.96
C MET A 101 17.66 -14.72 -21.60
N GLU A 102 18.32 -13.76 -20.97
CA GLU A 102 18.89 -14.03 -19.65
C GLU A 102 17.79 -13.84 -18.60
N LEU A 103 17.12 -12.69 -18.68
CA LEU A 103 16.09 -12.33 -17.70
C LEU A 103 14.61 -12.47 -18.08
N HIS A 104 14.28 -12.19 -19.34
CA HIS A 104 12.87 -12.23 -19.76
C HIS A 104 12.05 -13.44 -19.30
N ARG A 105 10.86 -13.16 -18.77
CA ARG A 105 9.99 -14.21 -18.25
C ARG A 105 8.73 -14.53 -19.04
N LYS A 106 8.45 -13.78 -20.12
CA LYS A 106 7.22 -14.02 -20.87
C LYS A 106 6.95 -15.43 -21.39
N GLU A 107 7.96 -16.08 -21.97
CA GLU A 107 7.80 -17.45 -22.48
C GLU A 107 7.66 -18.41 -21.30
N ALA A 108 8.43 -18.16 -20.25
CA ALA A 108 8.36 -18.99 -19.03
C ALA A 108 6.95 -18.88 -18.47
N LEU A 109 6.46 -17.65 -18.42
CA LEU A 109 5.13 -17.38 -17.91
C LEU A 109 4.07 -18.03 -18.79
N THR A 110 4.07 -17.69 -20.07
CA THR A 110 3.08 -18.26 -20.97
C THR A 110 2.92 -19.76 -20.74
N LYS A 111 4.05 -20.44 -20.52
CA LYS A 111 4.01 -21.86 -20.26
C LYS A 111 3.17 -22.15 -19.00
N ASP A 112 3.43 -21.40 -17.94
CA ASP A 112 2.71 -21.59 -16.67
C ASP A 112 1.23 -21.37 -16.88
N MET A 113 0.89 -20.28 -17.58
CA MET A 113 -0.49 -19.96 -17.88
C MET A 113 -1.08 -21.22 -18.50
N GLU A 114 -0.66 -21.54 -19.72
CA GLU A 114 -1.11 -22.72 -20.45
C GLU A 114 -1.23 -23.93 -19.53
N TYR A 115 -0.17 -24.21 -18.77
CA TYR A 115 -0.18 -25.35 -17.86
C TYR A 115 -1.31 -25.23 -16.83
N PHE A 116 -1.57 -24.03 -16.34
CA PHE A 116 -2.62 -23.85 -15.34
C PHE A 116 -4.03 -23.64 -15.90
N PHE A 117 -4.13 -22.85 -16.96
CA PHE A 117 -5.44 -22.57 -17.56
C PHE A 117 -5.89 -23.56 -18.64
N GLY A 118 -4.94 -24.04 -19.46
CA GLY A 118 -5.28 -24.96 -20.52
C GLY A 118 -4.80 -24.51 -21.91
N GLU A 119 -5.28 -25.20 -22.95
CA GLU A 119 -4.90 -24.93 -24.35
C GLU A 119 -4.96 -23.46 -24.78
N ASN A 120 -5.99 -22.76 -24.32
CA ASN A 120 -6.19 -21.35 -24.65
C ASN A 120 -6.41 -20.48 -23.39
N TRP A 121 -5.32 -20.13 -22.72
CA TRP A 121 -5.40 -19.36 -21.49
C TRP A 121 -5.92 -17.92 -21.55
N GLU A 122 -5.44 -17.13 -22.51
CA GLU A 122 -5.88 -15.73 -22.65
C GLU A 122 -7.41 -15.65 -22.66
N GLU A 123 -8.03 -16.70 -23.16
CA GLU A 123 -9.47 -16.77 -23.27
C GLU A 123 -10.19 -16.90 -21.94
N GLN A 124 -9.44 -17.17 -20.86
CA GLN A 124 -10.03 -17.34 -19.53
C GLN A 124 -9.57 -16.28 -18.55
N VAL A 125 -8.47 -15.63 -18.92
CA VAL A 125 -7.79 -14.64 -18.10
C VAL A 125 -8.26 -13.18 -18.08
N GLN A 126 -8.06 -12.52 -16.93
CA GLN A 126 -8.40 -11.10 -16.76
C GLN A 126 -7.41 -10.48 -15.77
N ALA A 127 -6.63 -9.51 -16.25
CA ALA A 127 -5.64 -8.82 -15.43
C ALA A 127 -6.24 -8.32 -14.12
N PRO A 128 -5.45 -8.31 -13.03
CA PRO A 128 -5.94 -7.83 -11.74
C PRO A 128 -5.99 -6.31 -11.84
N LYS A 129 -6.94 -5.70 -11.15
CA LYS A 129 -7.07 -4.25 -11.20
C LYS A 129 -5.76 -3.49 -10.95
N ALA A 130 -5.01 -3.88 -9.93
CA ALA A 130 -3.76 -3.19 -9.60
C ALA A 130 -2.65 -3.44 -10.61
N ALA A 131 -2.78 -4.51 -11.38
CA ALA A 131 -1.81 -4.84 -12.40
C ALA A 131 -1.98 -3.88 -13.59
N GLN A 132 -3.12 -3.18 -13.58
CA GLN A 132 -3.42 -2.22 -14.64
C GLN A 132 -2.61 -0.95 -14.41
N LYS A 133 -2.66 -0.42 -13.19
CA LYS A 133 -1.94 0.80 -12.89
C LYS A 133 -0.45 0.57 -13.08
N TYR A 134 -0.01 -0.64 -12.76
CA TYR A 134 1.38 -1.03 -12.88
C TYR A 134 1.81 -1.02 -14.34
N VAL A 135 1.11 -1.80 -15.16
CA VAL A 135 1.41 -1.87 -16.60
C VAL A 135 1.31 -0.53 -17.32
N GLU A 136 0.16 0.14 -17.22
CA GLU A 136 -0.04 1.42 -17.87
C GLU A 136 1.16 2.32 -17.58
N ARG A 137 1.62 2.27 -16.33
CA ARG A 137 2.77 3.07 -15.94
C ARG A 137 4.02 2.55 -16.65
N ILE A 138 4.09 1.24 -16.88
CA ILE A 138 5.23 0.66 -17.57
C ILE A 138 5.17 1.06 -19.05
N HIS A 139 4.02 1.58 -19.47
CA HIS A 139 3.85 2.04 -20.83
C HIS A 139 4.15 3.54 -20.90
N TYR A 140 3.67 4.28 -19.90
CA TYR A 140 3.93 5.70 -19.87
C TYR A 140 5.44 5.81 -19.84
N ILE A 141 6.02 5.27 -18.78
CA ILE A 141 7.46 5.29 -18.57
C ILE A 141 8.30 4.92 -19.79
N GLY A 142 7.93 3.83 -20.46
CA GLY A 142 8.69 3.39 -21.62
C GLY A 142 8.52 4.22 -22.88
N GLN A 143 7.29 4.28 -23.40
CA GLN A 143 7.03 5.02 -24.61
C GLN A 143 7.15 6.52 -24.41
N ASN A 144 7.28 6.96 -23.14
CA ASN A 144 7.39 8.39 -22.88
C ASN A 144 8.65 8.86 -22.19
N GLU A 145 9.48 7.92 -21.75
CA GLU A 145 10.74 8.24 -21.05
C GLU A 145 11.44 6.99 -20.52
N PRO A 146 11.81 6.05 -21.41
CA PRO A 146 12.48 4.84 -20.95
C PRO A 146 13.81 5.16 -20.25
N GLU A 147 14.06 6.45 -20.05
CA GLU A 147 15.27 6.92 -19.39
C GLU A 147 15.38 6.29 -18.01
N LEU A 148 14.22 6.11 -17.39
CA LEU A 148 14.11 5.55 -16.05
C LEU A 148 13.50 4.14 -16.07
N LEU A 149 13.27 3.60 -17.26
CA LEU A 149 12.67 2.26 -17.39
C LEU A 149 13.40 1.29 -16.46
N VAL A 150 14.71 1.44 -16.39
CA VAL A 150 15.53 0.60 -15.53
C VAL A 150 14.95 0.49 -14.11
N ALA A 151 14.33 1.55 -13.61
CA ALA A 151 13.77 1.53 -12.27
C ALA A 151 12.68 0.47 -12.17
N HIS A 152 12.25 -0.05 -13.31
CA HIS A 152 11.23 -1.08 -13.30
C HIS A 152 11.80 -2.48 -13.47
N ALA A 153 12.92 -2.58 -14.18
CA ALA A 153 13.59 -3.86 -14.37
C ALA A 153 14.30 -4.17 -13.06
N TYR A 154 15.11 -3.21 -12.60
CA TYR A 154 15.84 -3.29 -11.34
C TYR A 154 14.93 -3.75 -10.22
N THR A 155 13.67 -3.34 -10.29
CA THR A 155 12.71 -3.69 -9.26
C THR A 155 12.25 -5.14 -9.37
N ARG A 156 12.01 -5.61 -10.59
CA ARG A 156 11.59 -6.97 -10.75
C ARG A 156 12.73 -8.01 -10.72
N TYR A 157 13.66 -7.90 -11.66
CA TYR A 157 14.75 -8.86 -11.78
C TYR A 157 15.67 -9.14 -10.59
N MET A 158 16.35 -8.15 -10.02
CA MET A 158 17.22 -8.42 -8.89
C MET A 158 16.49 -9.19 -7.78
N GLY A 159 15.15 -9.13 -7.78
CA GLY A 159 14.38 -9.86 -6.79
C GLY A 159 14.00 -11.27 -7.27
N ASP A 160 13.34 -11.35 -8.42
CA ASP A 160 12.90 -12.62 -9.01
C ASP A 160 14.03 -13.63 -8.97
N LEU A 161 15.21 -13.13 -9.33
CA LEU A 161 16.44 -13.92 -9.39
C LEU A 161 16.80 -14.45 -8.01
N SER A 162 16.85 -13.54 -7.04
CA SER A 162 17.18 -13.85 -5.65
C SER A 162 15.95 -14.27 -4.87
N GLY A 163 15.01 -14.93 -5.55
CA GLY A 163 13.80 -15.36 -4.89
C GLY A 163 13.26 -16.67 -5.44
N GLY A 164 13.23 -16.76 -6.77
CA GLY A 164 12.71 -17.96 -7.42
C GLY A 164 13.01 -19.28 -6.75
N GLN A 165 14.25 -19.47 -6.32
CA GLN A 165 14.69 -20.71 -5.66
C GLN A 165 13.73 -21.06 -4.52
N VAL A 166 13.71 -20.20 -3.51
CA VAL A 166 12.85 -20.38 -2.35
C VAL A 166 11.37 -20.32 -2.72
N LEU A 167 10.99 -19.48 -3.68
CA LEU A 167 9.58 -19.36 -4.08
C LEU A 167 9.13 -20.58 -4.87
N LYS A 168 10.03 -21.12 -5.68
CA LYS A 168 9.75 -22.29 -6.49
C LYS A 168 9.47 -23.47 -5.56
N LYS A 169 10.40 -23.70 -4.62
CA LYS A 169 10.29 -24.78 -3.65
C LYS A 169 9.06 -24.63 -2.78
N VAL A 170 8.73 -23.39 -2.41
CA VAL A 170 7.53 -23.19 -1.61
C VAL A 170 6.34 -23.47 -2.48
N ALA A 171 6.34 -22.90 -3.69
CA ALA A 171 5.26 -23.09 -4.64
C ALA A 171 5.02 -24.59 -4.96
N GLN A 172 6.10 -25.33 -5.24
CA GLN A 172 5.97 -26.74 -5.58
C GLN A 172 5.37 -27.61 -4.48
N ARG A 173 5.76 -27.33 -3.24
CA ARG A 173 5.27 -28.08 -2.09
C ARG A 173 3.82 -27.80 -1.74
N ALA A 174 3.40 -26.54 -1.80
CA ALA A 174 2.02 -26.18 -1.45
C ALA A 174 1.00 -26.62 -2.50
N LEU A 175 1.40 -26.54 -3.75
CA LEU A 175 0.51 -26.90 -4.84
C LEU A 175 0.83 -28.28 -5.37
N LYS A 176 1.90 -28.86 -4.81
CA LYS A 176 2.34 -30.17 -5.23
C LYS A 176 2.43 -30.19 -6.74
N LEU A 177 2.91 -29.10 -7.32
CA LEU A 177 3.07 -29.01 -8.77
C LEU A 177 3.97 -30.11 -9.30
N PRO A 178 4.23 -30.12 -10.61
CA PRO A 178 5.10 -31.18 -11.10
C PRO A 178 6.54 -30.94 -10.65
N SER A 179 7.21 -32.00 -10.22
CA SER A 179 8.60 -31.87 -9.79
C SER A 179 9.41 -31.74 -11.07
N THR A 180 8.70 -31.48 -12.16
CA THR A 180 9.33 -31.34 -13.46
C THR A 180 9.36 -29.87 -13.87
N GLY A 181 8.72 -29.03 -13.05
CA GLY A 181 8.72 -27.59 -13.31
C GLY A 181 7.49 -26.96 -13.93
N GLU A 182 6.55 -27.76 -14.42
CA GLU A 182 5.34 -27.20 -15.03
C GLU A 182 4.55 -26.35 -14.03
N GLY A 183 4.77 -25.05 -14.08
CA GLY A 183 4.09 -24.13 -13.17
C GLY A 183 5.06 -23.30 -12.36
N THR A 184 6.32 -23.30 -12.78
CA THR A 184 7.35 -22.55 -12.08
C THR A 184 8.50 -22.04 -12.93
N GLN A 185 8.45 -22.31 -14.24
CA GLN A 185 9.50 -21.87 -15.14
C GLN A 185 9.92 -20.46 -14.73
N PHE A 186 8.93 -19.59 -14.60
CA PHE A 186 9.12 -18.20 -14.20
C PHE A 186 10.15 -17.96 -13.09
N TYR A 187 10.20 -18.88 -12.13
CA TYR A 187 11.09 -18.77 -10.98
C TYR A 187 12.50 -19.31 -11.22
N LEU A 188 12.73 -19.81 -12.44
CA LEU A 188 14.02 -20.37 -12.81
C LEU A 188 14.70 -19.64 -13.95
N PHE A 189 15.99 -19.35 -13.77
CA PHE A 189 16.78 -18.68 -14.80
C PHE A 189 17.86 -19.67 -15.27
N GLU A 190 17.49 -20.43 -16.31
CA GLU A 190 18.31 -21.47 -16.92
C GLU A 190 19.40 -20.94 -17.85
N ASN A 191 19.42 -19.64 -18.05
CA ASN A 191 20.42 -19.00 -18.91
C ASN A 191 21.33 -18.12 -18.11
N VAL A 192 21.18 -18.20 -16.80
CA VAL A 192 22.03 -17.45 -15.88
C VAL A 192 22.68 -18.55 -15.06
N ASP A 193 24.00 -18.68 -15.21
CA ASP A 193 24.74 -19.72 -14.49
C ASP A 193 24.79 -19.47 -12.99
N ASN A 194 24.76 -18.20 -12.59
CA ASN A 194 24.84 -17.88 -11.16
C ASN A 194 24.26 -16.50 -10.79
N ALA A 195 23.00 -16.50 -10.34
CA ALA A 195 22.32 -15.26 -9.94
C ALA A 195 23.29 -14.32 -9.23
N GLN A 196 24.07 -14.86 -8.31
CA GLN A 196 25.05 -14.07 -7.57
C GLN A 196 25.86 -13.15 -8.49
N GLN A 197 26.78 -13.75 -9.24
CA GLN A 197 27.66 -13.03 -10.17
C GLN A 197 26.91 -12.16 -11.19
N PHE A 198 25.78 -12.67 -11.71
CA PHE A 198 25.02 -11.91 -12.67
C PHE A 198 24.53 -10.58 -12.07
N LYS A 199 24.10 -10.62 -10.82
CA LYS A 199 23.61 -9.40 -10.20
C LYS A 199 24.66 -8.28 -10.07
N GLN A 200 25.95 -8.64 -10.01
CA GLN A 200 26.97 -7.60 -9.90
C GLN A 200 27.11 -6.94 -11.26
N LEU A 201 27.34 -7.78 -12.28
CA LEU A 201 27.46 -7.33 -13.65
C LEU A 201 26.38 -6.27 -13.89
N TYR A 202 25.12 -6.67 -13.64
CA TYR A 202 23.96 -5.79 -13.77
C TYR A 202 24.17 -4.48 -12.96
N ARG A 203 24.53 -4.63 -11.68
CA ARG A 203 24.77 -3.47 -10.84
C ARG A 203 25.80 -2.55 -11.51
N ALA A 204 26.94 -3.12 -11.86
CA ALA A 204 28.01 -2.38 -12.50
C ALA A 204 27.49 -1.60 -13.70
N ARG A 205 26.83 -2.30 -14.62
CA ARG A 205 26.28 -1.68 -15.81
C ARG A 205 25.44 -0.44 -15.51
N MET A 206 24.59 -0.51 -14.50
CA MET A 206 23.78 0.65 -14.16
C MET A 206 24.74 1.73 -13.71
N ASN A 207 25.67 1.36 -12.83
CA ASN A 207 26.65 2.32 -12.34
C ASN A 207 27.50 2.88 -13.48
N ALA A 208 27.55 2.18 -14.61
CA ALA A 208 28.34 2.63 -15.74
C ALA A 208 27.58 3.65 -16.59
N LEU A 209 26.25 3.55 -16.62
CA LEU A 209 25.46 4.49 -17.40
C LEU A 209 25.86 5.93 -17.08
N ASP A 210 26.02 6.75 -18.12
CA ASP A 210 26.36 8.16 -17.94
C ASP A 210 25.08 8.85 -17.48
N LEU A 211 24.97 9.05 -16.17
CA LEU A 211 23.78 9.66 -15.59
C LEU A 211 24.05 10.83 -14.64
N ASN A 212 23.26 11.89 -14.78
CA ASN A 212 23.40 13.04 -13.91
C ASN A 212 22.56 12.79 -12.67
N MET A 213 22.88 13.46 -11.57
CA MET A 213 22.14 13.26 -10.33
C MET A 213 20.64 13.51 -10.44
N LYS A 214 20.25 14.48 -11.28
CA LYS A 214 18.83 14.79 -11.46
C LYS A 214 18.04 13.60 -12.03
N THR A 215 18.71 12.74 -12.78
CA THR A 215 18.09 11.55 -13.36
C THR A 215 18.34 10.35 -12.45
N LYS A 216 19.01 10.62 -11.33
CA LYS A 216 19.31 9.56 -10.39
C LYS A 216 18.23 9.54 -9.31
N GLU A 217 17.64 10.69 -9.03
CA GLU A 217 16.60 10.74 -8.03
C GLU A 217 15.30 10.28 -8.65
N ARG A 218 15.09 10.62 -9.92
CA ARG A 218 13.88 10.22 -10.63
C ARG A 218 13.85 8.69 -10.75
N ILE A 219 15.03 8.09 -10.82
CA ILE A 219 15.18 6.65 -10.88
C ILE A 219 14.78 6.05 -9.51
N VAL A 220 15.37 6.57 -8.44
CA VAL A 220 15.03 6.06 -7.13
C VAL A 220 13.58 6.44 -6.75
N GLU A 221 13.08 7.50 -7.39
CA GLU A 221 11.73 8.00 -7.15
C GLU A 221 10.71 7.10 -7.87
N GLU A 222 11.14 6.47 -8.97
CA GLU A 222 10.24 5.57 -9.68
C GLU A 222 10.45 4.16 -9.10
N ALA A 223 11.65 3.95 -8.56
CA ALA A 223 12.03 2.68 -7.95
C ALA A 223 11.23 2.41 -6.68
N ASN A 224 10.85 3.46 -5.98
CA ASN A 224 10.05 3.35 -4.76
C ASN A 224 8.58 3.14 -5.07
N LYS A 225 8.04 3.89 -6.04
CA LYS A 225 6.64 3.70 -6.44
C LYS A 225 6.63 2.35 -7.18
N ALA A 226 7.83 1.86 -7.50
CA ALA A 226 7.98 0.57 -8.18
C ALA A 226 7.52 -0.54 -7.23
N PHE A 227 7.92 -0.46 -5.97
CA PHE A 227 7.54 -1.45 -4.99
C PHE A 227 6.04 -1.26 -4.66
N GLU A 228 5.59 -0.01 -4.65
CA GLU A 228 4.19 0.28 -4.32
C GLU A 228 3.20 -0.41 -5.26
N TYR A 229 3.49 -0.41 -6.56
CA TYR A 229 2.61 -1.07 -7.50
C TYR A 229 2.51 -2.52 -7.01
N ASN A 230 3.64 -3.06 -6.52
CA ASN A 230 3.66 -4.42 -5.99
C ASN A 230 2.88 -4.48 -4.69
N MET A 231 2.84 -3.36 -3.98
CA MET A 231 2.06 -3.33 -2.77
C MET A 231 0.61 -3.50 -3.16
N GLN A 232 0.16 -2.79 -4.18
CA GLN A 232 -1.24 -2.90 -4.54
C GLN A 232 -1.61 -4.25 -5.11
N ILE A 233 -0.70 -4.85 -5.84
CA ILE A 233 -1.00 -6.16 -6.40
C ILE A 233 -1.22 -7.09 -5.23
N PHE A 234 -0.32 -7.04 -4.26
CA PHE A 234 -0.44 -7.87 -3.07
C PHE A 234 -1.73 -7.44 -2.36
N ASN A 235 -1.94 -6.12 -2.31
CA ASN A 235 -3.10 -5.47 -1.69
C ASN A 235 -4.34 -6.32 -2.06
N GLU A 236 -4.70 -6.34 -3.34
CA GLU A 236 -5.85 -7.11 -3.78
C GLU A 236 -5.72 -8.62 -3.50
N LEU A 237 -4.74 -9.26 -4.14
CA LEU A 237 -4.48 -10.69 -3.97
C LEU A 237 -4.88 -11.24 -2.60
N ASP A 238 -4.39 -10.59 -1.54
CA ASP A 238 -4.70 -10.99 -0.18
C ASP A 238 -6.21 -10.86 0.03
N GLN A 239 -6.69 -9.62 0.01
CA GLN A 239 -8.11 -9.39 0.19
C GLN A 239 -8.82 -9.97 -1.03
N ALA A 240 -9.00 -11.28 -0.99
CA ALA A 240 -9.66 -12.01 -2.06
C ALA A 240 -10.47 -13.11 -1.39
N GLY A 241 -11.29 -12.72 -0.43
CA GLY A 241 -12.12 -13.69 0.26
C GLY A 241 -13.22 -13.07 1.11
N SER A 242 -13.79 -13.89 1.99
CA SER A 242 -14.86 -13.47 2.89
C SER A 242 -16.16 -13.17 2.14
N MET B 30 -12.15 20.78 -12.38
CA MET B 30 -12.47 22.17 -12.78
C MET B 30 -12.71 23.09 -11.59
N ALA B 31 -12.26 22.70 -10.39
CA ALA B 31 -12.47 23.53 -9.20
C ALA B 31 -11.34 23.50 -8.16
N ASP B 32 -11.66 23.90 -6.93
CA ASP B 32 -10.70 23.92 -5.82
C ASP B 32 -10.65 22.54 -5.17
N LEU B 33 -9.52 22.25 -4.52
CA LEU B 33 -9.31 20.98 -3.86
C LEU B 33 -10.33 20.79 -2.73
N SER B 34 -10.59 21.85 -1.97
CA SER B 34 -11.56 21.75 -0.89
C SER B 34 -12.95 21.69 -1.51
N GLU B 35 -13.03 21.07 -2.70
CA GLU B 35 -14.30 20.91 -3.41
C GLU B 35 -14.20 19.69 -4.31
N LEU B 36 -13.10 19.54 -5.01
CA LEU B 36 -12.89 18.36 -5.85
C LEU B 36 -12.95 17.15 -4.92
N LEU B 37 -12.59 17.36 -3.66
CA LEU B 37 -12.62 16.29 -2.69
C LEU B 37 -14.08 16.08 -2.26
N LYS B 38 -14.92 17.04 -2.61
CA LYS B 38 -16.35 16.99 -2.29
C LYS B 38 -17.13 16.45 -3.49
N GLU B 39 -16.87 17.00 -4.67
CA GLU B 39 -17.56 16.52 -5.85
C GLU B 39 -16.80 15.28 -6.34
N GLY B 40 -15.81 14.86 -5.56
CA GLY B 40 -15.03 13.71 -5.95
C GLY B 40 -15.30 12.43 -5.20
N THR B 41 -15.23 12.49 -3.87
CA THR B 41 -15.46 11.30 -3.05
C THR B 41 -16.93 11.21 -2.66
N LYS B 42 -17.76 11.97 -3.38
CA LYS B 42 -19.20 12.01 -3.15
C LYS B 42 -19.72 10.62 -2.79
N GLU B 43 -19.87 9.75 -3.79
CA GLU B 43 -20.34 8.38 -3.57
C GLU B 43 -19.46 7.71 -2.54
N ALA B 44 -18.17 8.02 -2.61
CA ALA B 44 -17.23 7.44 -1.69
C ALA B 44 -17.69 7.58 -0.24
N HIS B 45 -18.25 8.73 0.13
CA HIS B 45 -18.72 8.94 1.50
C HIS B 45 -20.06 8.26 1.74
N ASP B 46 -20.92 8.29 0.74
CA ASP B 46 -22.23 7.65 0.87
C ASP B 46 -22.04 6.14 0.93
N ARG B 47 -21.16 5.61 0.09
CA ARG B 47 -20.92 4.17 0.08
C ARG B 47 -20.29 3.74 1.41
N ALA B 48 -19.78 4.72 2.14
CA ALA B 48 -19.16 4.46 3.43
C ALA B 48 -20.26 4.19 4.45
N GLU B 49 -21.20 5.11 4.58
CA GLU B 49 -22.29 4.95 5.53
C GLU B 49 -23.08 3.65 5.33
N ASN B 50 -23.40 3.30 4.10
CA ASN B 50 -24.17 2.09 3.85
C ASN B 50 -23.55 0.82 4.42
N THR B 51 -22.45 0.97 5.14
CA THR B 51 -21.80 -0.18 5.74
C THR B 51 -22.52 -0.65 6.99
N GLN B 52 -22.38 -1.94 7.27
CA GLN B 52 -23.02 -2.58 8.42
C GLN B 52 -22.42 -2.07 9.72
N PHE B 53 -21.09 -2.05 9.79
CA PHE B 53 -20.41 -1.62 11.00
C PHE B 53 -20.75 -0.21 11.45
N VAL B 54 -21.38 0.58 10.59
CA VAL B 54 -21.73 1.95 10.95
C VAL B 54 -23.16 2.03 11.48
N LYS B 55 -23.95 1.01 11.17
CA LYS B 55 -25.33 0.92 11.63
C LYS B 55 -25.33 0.23 12.99
N ASP B 56 -24.61 -0.89 13.05
CA ASP B 56 -24.46 -1.69 14.26
C ASP B 56 -23.95 -0.80 15.39
N PHE B 57 -22.72 -0.29 15.24
CA PHE B 57 -22.11 0.57 16.26
C PHE B 57 -23.12 1.53 16.86
N LEU B 58 -23.82 2.25 15.98
CA LEU B 58 -24.83 3.24 16.38
C LEU B 58 -25.93 2.60 17.23
N LYS B 59 -26.40 1.42 16.81
CA LYS B 59 -27.44 0.72 17.55
C LYS B 59 -26.86 0.21 18.86
N GLY B 60 -25.57 0.49 19.04
CA GLY B 60 -24.87 0.10 20.25
C GLY B 60 -24.93 -1.38 20.61
N ASN B 61 -24.45 -2.24 19.71
CA ASN B 61 -24.47 -3.68 19.95
C ASN B 61 -23.07 -4.33 19.90
N ILE B 62 -22.19 -3.78 19.07
CA ILE B 62 -20.83 -4.28 18.94
C ILE B 62 -20.30 -4.55 20.35
N LYS B 63 -19.53 -5.61 20.51
CA LYS B 63 -19.01 -5.98 21.83
C LYS B 63 -17.66 -5.42 22.25
N LYS B 64 -17.67 -4.73 23.39
CA LYS B 64 -16.47 -4.12 23.97
C LYS B 64 -15.15 -4.72 23.51
N GLU B 65 -15.07 -6.06 23.51
CA GLU B 65 -13.83 -6.71 23.11
C GLU B 65 -13.50 -6.42 21.65
N LEU B 66 -14.49 -5.90 20.93
CA LEU B 66 -14.34 -5.55 19.52
C LEU B 66 -13.94 -4.08 19.39
N PHE B 67 -14.10 -3.35 20.49
CA PHE B 67 -13.76 -1.93 20.56
C PHE B 67 -12.25 -1.82 20.84
N LYS B 68 -11.73 -2.80 21.57
CA LYS B 68 -10.32 -2.84 21.93
C LYS B 68 -9.45 -3.08 20.69
N LEU B 69 -9.74 -4.16 19.99
CA LEU B 69 -9.01 -4.51 18.78
C LEU B 69 -9.18 -3.38 17.78
N ALA B 70 -10.42 -2.91 17.67
CA ALA B 70 -10.74 -1.82 16.75
C ALA B 70 -9.95 -0.59 17.15
N THR B 71 -9.89 -0.31 18.44
CA THR B 71 -9.16 0.86 18.92
C THR B 71 -7.68 0.66 18.65
N THR B 72 -7.26 -0.60 18.56
CA THR B 72 -5.87 -0.93 18.30
C THR B 72 -5.51 -0.53 16.86
N ALA B 73 -6.51 -0.56 16.00
CA ALA B 73 -6.29 -0.21 14.61
C ALA B 73 -5.94 1.28 14.54
N LEU B 74 -6.67 2.08 15.33
CA LEU B 74 -6.48 3.52 15.38
C LEU B 74 -5.09 3.92 15.85
N TYR B 75 -4.55 3.19 16.82
CA TYR B 75 -3.24 3.50 17.36
C TYR B 75 -2.15 3.31 16.32
N PHE B 76 -2.20 2.18 15.63
CA PHE B 76 -1.24 1.86 14.60
C PHE B 76 -1.47 2.76 13.40
N THR B 77 -2.73 2.83 12.97
CA THR B 77 -3.09 3.67 11.84
C THR B 77 -2.70 5.13 12.09
N TYR B 78 -2.87 5.62 13.33
CA TYR B 78 -2.50 7.00 13.60
C TYR B 78 -1.01 7.22 13.82
N SER B 79 -0.34 6.24 14.43
CA SER B 79 1.08 6.37 14.68
C SER B 79 1.75 6.61 13.33
N ALA B 80 1.16 6.03 12.30
CA ALA B 80 1.70 6.16 10.96
C ALA B 80 1.42 7.56 10.40
N LEU B 81 0.16 7.98 10.47
CA LEU B 81 -0.25 9.28 9.96
C LEU B 81 0.59 10.39 10.57
N GLU B 82 0.57 10.47 11.89
CA GLU B 82 1.32 11.49 12.60
C GLU B 82 2.80 11.35 12.33
N GLU B 83 3.28 10.12 12.22
CA GLU B 83 4.69 9.91 11.91
C GLU B 83 4.94 10.60 10.57
N GLU B 84 4.09 10.30 9.59
CA GLU B 84 4.22 10.90 8.27
C GLU B 84 4.00 12.41 8.27
N MET B 85 3.01 12.90 9.03
CA MET B 85 2.76 14.34 9.09
C MET B 85 4.00 14.97 9.73
N GLU B 86 4.69 14.19 10.55
CA GLU B 86 5.91 14.67 11.19
C GLU B 86 7.04 14.81 10.15
N ARG B 87 7.25 13.76 9.37
CA ARG B 87 8.30 13.77 8.38
C ARG B 87 8.14 15.06 7.57
N ASN B 88 6.89 15.50 7.44
CA ASN B 88 6.60 16.70 6.67
C ASN B 88 6.08 17.91 7.46
N LYS B 89 6.88 18.43 8.40
CA LYS B 89 6.40 19.60 9.11
C LYS B 89 6.88 20.84 8.35
N ASP B 90 7.80 20.64 7.41
CA ASP B 90 8.34 21.75 6.62
C ASP B 90 8.19 21.56 5.12
N HIS B 91 7.41 20.57 4.70
CA HIS B 91 7.19 20.30 3.28
C HIS B 91 6.11 21.26 2.75
N PRO B 92 6.45 22.08 1.74
CA PRO B 92 5.51 23.04 1.14
C PRO B 92 4.16 22.46 0.74
N ALA B 93 4.13 21.16 0.47
CA ALA B 93 2.87 20.56 0.08
C ALA B 93 2.07 20.04 1.27
N PHE B 94 2.65 20.09 2.47
CA PHE B 94 1.92 19.64 3.65
C PHE B 94 1.94 20.58 4.84
N ALA B 95 3.01 21.36 4.97
CA ALA B 95 3.20 22.29 6.08
C ALA B 95 1.95 23.05 6.54
N PRO B 96 1.15 23.58 5.60
CA PRO B 96 -0.06 24.32 5.98
C PRO B 96 -1.09 23.48 6.72
N LEU B 97 -0.94 22.16 6.66
CA LEU B 97 -1.92 21.27 7.28
C LEU B 97 -1.41 20.55 8.51
N TYR B 98 -0.18 20.86 8.90
CA TYR B 98 0.44 20.24 10.07
C TYR B 98 0.05 20.97 11.35
N PHE B 99 -0.97 20.45 12.03
CA PHE B 99 -1.50 21.03 13.26
C PHE B 99 -1.43 20.02 14.41
N PRO B 100 -0.22 19.69 14.88
CA PRO B 100 -0.12 18.71 15.98
C PRO B 100 -0.92 18.92 17.26
N MET B 101 -1.03 20.17 17.74
CA MET B 101 -1.78 20.45 18.99
C MET B 101 -3.24 20.02 18.99
N GLU B 102 -4.08 20.69 18.21
CA GLU B 102 -5.51 20.41 18.15
C GLU B 102 -5.93 19.15 17.41
N LEU B 103 -5.06 18.61 16.56
CA LEU B 103 -5.42 17.45 15.76
C LEU B 103 -4.97 16.06 16.18
N HIS B 104 -3.69 15.88 16.45
CA HIS B 104 -3.16 14.55 16.77
C HIS B 104 -3.90 13.70 17.78
N ARG B 105 -3.96 12.40 17.51
CA ARG B 105 -4.67 11.47 18.39
C ARG B 105 -3.79 10.40 19.05
N LYS B 106 -2.52 10.32 18.68
CA LYS B 106 -1.69 9.27 19.27
C LYS B 106 -1.76 9.27 20.80
N GLU B 107 -1.38 10.37 21.43
CA GLU B 107 -1.40 10.49 22.89
C GLU B 107 -2.74 10.00 23.45
N ALA B 108 -3.82 10.52 22.88
CA ALA B 108 -5.17 10.13 23.33
C ALA B 108 -5.37 8.61 23.22
N LEU B 109 -5.30 8.08 21.99
CA LEU B 109 -5.49 6.65 21.78
C LEU B 109 -4.61 5.80 22.71
N THR B 110 -3.40 6.28 22.97
CA THR B 110 -2.49 5.58 23.86
C THR B 110 -3.15 5.53 25.26
N LYS B 111 -3.94 6.55 25.58
CA LYS B 111 -4.64 6.62 26.86
C LYS B 111 -5.91 5.78 26.86
N ASP B 112 -6.48 5.52 25.68
CA ASP B 112 -7.69 4.70 25.62
C ASP B 112 -7.24 3.24 25.64
N MET B 113 -6.16 2.94 24.93
CA MET B 113 -5.62 1.59 24.93
C MET B 113 -5.26 1.29 26.39
N GLU B 114 -5.09 2.36 27.17
CA GLU B 114 -4.77 2.21 28.60
C GLU B 114 -5.87 1.42 29.25
N TYR B 115 -7.06 2.02 29.24
CA TYR B 115 -8.26 1.44 29.83
C TYR B 115 -8.57 0.02 29.35
N PHE B 116 -7.96 -0.41 28.26
CA PHE B 116 -8.23 -1.73 27.75
C PHE B 116 -7.02 -2.65 27.67
N PHE B 117 -5.84 -2.19 28.08
CA PHE B 117 -4.66 -3.04 27.95
C PHE B 117 -3.57 -2.90 29.02
N GLY B 118 -3.67 -1.87 29.86
CA GLY B 118 -2.67 -1.69 30.88
C GLY B 118 -1.69 -0.57 30.61
N GLU B 119 -0.39 -0.88 30.65
CA GLU B 119 0.62 0.14 30.43
C GLU B 119 1.74 -0.29 29.48
N ASN B 120 1.88 -1.61 29.27
CA ASN B 120 2.91 -2.15 28.38
C ASN B 120 2.27 -3.10 27.37
N TRP B 121 1.17 -2.65 26.78
CA TRP B 121 0.45 -3.45 25.78
C TRP B 121 1.08 -3.50 24.39
N GLU B 122 1.83 -2.47 24.04
CA GLU B 122 2.48 -2.37 22.73
C GLU B 122 3.24 -3.66 22.41
N GLU B 123 3.60 -4.38 23.47
CA GLU B 123 4.34 -5.62 23.34
C GLU B 123 3.55 -6.81 22.80
N GLN B 124 2.27 -6.89 23.16
CA GLN B 124 1.42 -8.00 22.73
C GLN B 124 0.52 -7.75 21.53
N VAL B 125 -0.19 -6.63 21.53
CA VAL B 125 -1.12 -6.32 20.43
C VAL B 125 -0.49 -6.22 19.04
N GLN B 126 -1.19 -6.74 18.04
CA GLN B 126 -0.74 -6.66 16.66
C GLN B 126 -1.79 -5.91 15.85
N ALA B 127 -1.32 -5.07 14.95
CA ALA B 127 -2.21 -4.29 14.11
C ALA B 127 -2.99 -5.29 13.27
N PRO B 128 -4.34 -5.23 13.32
CA PRO B 128 -5.13 -6.16 12.54
C PRO B 128 -4.84 -6.09 11.03
N LYS B 129 -4.97 -7.24 10.36
CA LYS B 129 -4.71 -7.35 8.94
C LYS B 129 -5.01 -6.10 8.11
N ALA B 130 -6.26 -5.62 8.17
CA ALA B 130 -6.63 -4.46 7.39
C ALA B 130 -5.86 -3.22 7.87
N ALA B 131 -5.80 -3.02 9.17
CA ALA B 131 -5.08 -1.89 9.71
C ALA B 131 -3.73 -1.72 8.99
N GLN B 132 -2.73 -2.51 9.39
CA GLN B 132 -1.41 -2.46 8.77
C GLN B 132 -1.45 -2.43 7.24
N LYS B 133 -2.61 -2.73 6.66
CA LYS B 133 -2.77 -2.71 5.22
C LYS B 133 -3.04 -1.25 4.82
N TYR B 134 -4.08 -0.65 5.40
CA TYR B 134 -4.35 0.77 5.13
C TYR B 134 -3.19 1.51 5.76
N VAL B 135 -2.68 0.97 6.87
CA VAL B 135 -1.53 1.55 7.55
C VAL B 135 -0.41 1.66 6.52
N GLU B 136 -0.06 0.53 5.92
CA GLU B 136 0.97 0.45 4.90
C GLU B 136 0.96 1.63 3.93
N ARG B 137 -0.18 1.85 3.28
CA ARG B 137 -0.27 2.93 2.30
C ARG B 137 0.15 4.30 2.83
N ILE B 138 0.08 4.48 4.14
CA ILE B 138 0.47 5.74 4.76
C ILE B 138 1.97 5.83 4.91
N HIS B 139 2.60 4.70 5.20
CA HIS B 139 4.05 4.65 5.34
C HIS B 139 4.64 4.95 3.95
N TYR B 140 3.92 4.56 2.90
CA TYR B 140 4.36 4.84 1.55
C TYR B 140 4.20 6.33 1.25
N ILE B 141 2.95 6.77 1.09
CA ILE B 141 2.63 8.15 0.78
C ILE B 141 3.44 9.19 1.56
N GLY B 142 3.68 8.91 2.83
CA GLY B 142 4.45 9.85 3.62
C GLY B 142 5.83 9.94 3.05
N GLN B 143 6.31 8.84 2.48
CA GLN B 143 7.65 8.76 1.92
C GLN B 143 7.83 9.04 0.42
N ASN B 144 6.80 8.79 -0.39
CA ASN B 144 6.97 9.00 -1.82
C ASN B 144 5.99 9.93 -2.56
N GLU B 145 4.98 10.41 -1.86
CA GLU B 145 4.04 11.35 -2.46
C GLU B 145 3.47 12.20 -1.33
N PRO B 146 4.26 13.17 -0.85
CA PRO B 146 3.90 14.09 0.23
C PRO B 146 2.59 14.91 0.04
N GLU B 147 2.11 15.03 -1.20
CA GLU B 147 0.89 15.79 -1.43
C GLU B 147 -0.31 14.91 -1.20
N LEU B 148 -0.17 13.63 -1.53
CA LEU B 148 -1.26 12.70 -1.36
C LEU B 148 -1.61 12.56 0.12
N LEU B 149 -0.71 13.02 0.99
CA LEU B 149 -0.95 12.94 2.42
C LEU B 149 -2.23 13.67 2.78
N VAL B 150 -2.40 14.88 2.24
CA VAL B 150 -3.58 15.67 2.50
C VAL B 150 -4.84 14.84 2.31
N ALA B 151 -4.81 13.90 1.36
CA ALA B 151 -5.99 13.06 1.15
C ALA B 151 -6.24 12.20 2.39
N HIS B 152 -5.19 11.61 2.95
CA HIS B 152 -5.32 10.79 4.13
C HIS B 152 -5.71 11.61 5.37
N ALA B 153 -5.02 12.73 5.59
CA ALA B 153 -5.30 13.60 6.71
C ALA B 153 -6.74 14.12 6.63
N TYR B 154 -7.15 14.48 5.42
CA TYR B 154 -8.48 14.98 5.13
C TYR B 154 -9.55 14.02 5.64
N THR B 155 -9.69 12.89 4.94
CA THR B 155 -10.68 11.86 5.27
C THR B 155 -10.65 11.43 6.73
N ARG B 156 -9.50 11.54 7.36
CA ARG B 156 -9.38 11.14 8.75
C ARG B 156 -9.79 12.23 9.72
N TYR B 157 -9.03 13.32 9.77
CA TYR B 157 -9.33 14.41 10.70
C TYR B 157 -10.52 15.24 10.27
N MET B 158 -10.54 15.68 9.01
CA MET B 158 -11.69 16.45 8.54
C MET B 158 -12.77 15.41 8.30
N GLY B 159 -12.62 14.28 8.99
CA GLY B 159 -13.56 13.19 8.93
C GLY B 159 -14.06 12.91 10.34
N ASP B 160 -13.14 12.84 11.30
CA ASP B 160 -13.49 12.58 12.70
C ASP B 160 -13.75 13.86 13.52
N LEU B 161 -13.92 15.00 12.83
CA LEU B 161 -14.19 16.28 13.49
C LEU B 161 -15.65 16.67 13.25
N SER B 162 -16.27 16.01 12.29
CA SER B 162 -17.66 16.28 11.97
C SER B 162 -18.58 15.43 12.85
N GLY B 163 -17.98 14.62 13.71
CA GLY B 163 -18.76 13.78 14.60
C GLY B 163 -18.78 14.32 16.02
N GLY B 164 -17.57 14.52 16.56
CA GLY B 164 -17.39 15.04 17.91
C GLY B 164 -18.65 15.36 18.70
N GLN B 165 -19.42 16.33 18.21
CA GLN B 165 -20.65 16.78 18.84
C GLN B 165 -21.69 15.67 18.96
N VAL B 166 -21.25 14.43 18.77
CA VAL B 166 -22.10 13.24 18.84
C VAL B 166 -21.26 12.02 19.25
N LEU B 167 -20.04 11.93 18.73
CA LEU B 167 -19.16 10.82 19.06
C LEU B 167 -18.78 10.79 20.55
N LYS B 168 -18.80 11.95 21.19
CA LYS B 168 -18.47 12.05 22.61
C LYS B 168 -19.73 12.19 23.47
N LYS B 169 -20.88 12.25 22.81
CA LYS B 169 -22.16 12.39 23.51
C LYS B 169 -23.00 11.14 23.36
N VAL B 170 -22.87 10.49 22.20
CA VAL B 170 -23.62 9.28 21.89
C VAL B 170 -22.87 8.02 22.27
N ALA B 171 -21.61 7.91 21.85
CA ALA B 171 -20.79 6.74 22.14
C ALA B 171 -20.88 6.27 23.59
N GLN B 172 -20.34 7.05 24.52
CA GLN B 172 -20.40 6.70 25.94
C GLN B 172 -21.74 6.04 26.27
N ARG B 173 -22.80 6.55 25.66
CA ARG B 173 -24.15 6.06 25.88
C ARG B 173 -24.46 4.76 25.12
N ALA B 174 -23.63 4.45 24.13
CA ALA B 174 -23.82 3.26 23.31
C ALA B 174 -23.33 1.96 23.97
N LEU B 175 -22.02 1.88 24.24
CA LEU B 175 -21.44 0.70 24.86
C LEU B 175 -21.48 0.83 26.38
N LYS B 176 -22.17 1.87 26.86
CA LYS B 176 -22.29 2.14 28.30
C LYS B 176 -20.91 2.27 28.91
N LEU B 177 -20.27 3.42 28.65
CA LEU B 177 -18.93 3.67 29.16
C LEU B 177 -18.95 4.82 30.16
N PRO B 178 -17.80 5.10 30.81
CA PRO B 178 -17.75 6.20 31.77
C PRO B 178 -17.82 7.57 31.08
N SER B 179 -18.65 8.45 31.63
CA SER B 179 -18.80 9.79 31.08
C SER B 179 -17.52 10.57 31.31
N THR B 180 -16.71 10.12 32.27
CA THR B 180 -15.44 10.77 32.59
C THR B 180 -14.48 10.69 31.42
N GLY B 181 -14.81 9.86 30.44
CA GLY B 181 -13.97 9.72 29.27
C GLY B 181 -13.25 8.39 29.28
N GLU B 182 -12.15 8.35 30.02
CA GLU B 182 -11.30 7.18 30.19
C GLU B 182 -11.67 6.05 29.22
N GLY B 183 -10.87 5.89 28.18
CA GLY B 183 -11.13 4.84 27.19
C GLY B 183 -11.83 5.33 25.94
N THR B 184 -12.01 6.65 25.83
CA THR B 184 -12.67 7.26 24.66
C THR B 184 -12.07 8.61 24.30
N GLN B 185 -10.88 8.90 24.84
CA GLN B 185 -10.19 10.16 24.58
C GLN B 185 -10.16 10.48 23.09
N PHE B 186 -9.73 9.50 22.30
CA PHE B 186 -9.66 9.68 20.86
C PHE B 186 -10.86 10.43 20.31
N TYR B 187 -12.04 10.11 20.83
CA TYR B 187 -13.29 10.70 20.37
C TYR B 187 -13.55 12.13 20.84
N LEU B 188 -12.74 12.61 21.78
CA LEU B 188 -12.92 13.96 22.29
C LEU B 188 -11.84 14.90 21.81
N PHE B 189 -12.22 15.87 21.01
CA PHE B 189 -11.27 16.86 20.52
C PHE B 189 -11.20 17.99 21.52
N GLU B 190 -10.72 17.63 22.71
CA GLU B 190 -10.63 18.56 23.81
C GLU B 190 -9.86 19.84 23.49
N ASN B 191 -9.00 19.80 22.49
CA ASN B 191 -8.22 20.99 22.15
C ASN B 191 -8.73 21.79 20.96
N VAL B 192 -9.94 21.48 20.52
CA VAL B 192 -10.57 22.23 19.45
C VAL B 192 -11.71 22.97 20.13
N ASP B 193 -11.81 24.26 19.89
CA ASP B 193 -12.87 25.06 20.50
C ASP B 193 -14.18 24.91 19.72
N ASN B 194 -14.09 24.92 18.41
CA ASN B 194 -15.24 24.76 17.54
C ASN B 194 -14.85 23.93 16.33
N ALA B 195 -15.48 22.77 16.19
CA ALA B 195 -15.18 21.86 15.08
C ALA B 195 -15.53 22.42 13.70
N GLN B 196 -16.71 23.02 13.57
CA GLN B 196 -17.12 23.54 12.28
C GLN B 196 -16.21 24.69 11.87
N GLN B 197 -15.75 25.44 12.86
CA GLN B 197 -14.86 26.56 12.60
C GLN B 197 -13.45 26.10 12.25
N PHE B 198 -12.96 25.08 12.96
CA PHE B 198 -11.63 24.57 12.65
C PHE B 198 -11.65 23.91 11.28
N LYS B 199 -12.75 23.19 10.99
CA LYS B 199 -12.88 22.56 9.70
C LYS B 199 -12.85 23.68 8.66
N GLN B 200 -13.64 24.74 8.88
CA GLN B 200 -13.65 25.87 7.95
C GLN B 200 -12.23 26.36 7.73
N LEU B 201 -11.46 26.38 8.80
CA LEU B 201 -10.09 26.81 8.73
C LEU B 201 -9.30 25.92 7.76
N TYR B 202 -9.17 24.63 8.10
CA TYR B 202 -8.43 23.64 7.31
C TYR B 202 -8.73 23.69 5.80
N ARG B 203 -10.01 23.72 5.44
CA ARG B 203 -10.38 23.78 4.04
C ARG B 203 -9.68 24.94 3.32
N ALA B 204 -9.64 26.11 3.96
CA ALA B 204 -8.99 27.26 3.36
C ALA B 204 -7.49 26.98 3.19
N ARG B 205 -6.94 26.16 4.07
CA ARG B 205 -5.53 25.82 3.98
C ARG B 205 -5.25 24.88 2.79
N MET B 206 -6.03 23.81 2.68
CA MET B 206 -5.84 22.89 1.55
C MET B 206 -5.86 23.67 0.22
N ASN B 207 -6.63 24.75 0.19
CA ASN B 207 -6.75 25.56 -1.02
C ASN B 207 -5.54 26.45 -1.20
N ALA B 208 -4.79 26.62 -0.10
CA ALA B 208 -3.58 27.41 -0.16
C ALA B 208 -2.41 26.51 -0.59
N LEU B 209 -2.66 25.55 -1.48
CA LEU B 209 -1.60 24.66 -1.95
C LEU B 209 -1.37 24.73 -3.47
N ASP B 210 -0.18 25.16 -3.90
CA ASP B 210 0.08 25.22 -5.34
C ASP B 210 -0.13 23.79 -5.89
N LEU B 211 -1.25 23.57 -6.57
CA LEU B 211 -1.56 22.26 -7.13
C LEU B 211 -2.09 22.31 -8.57
N ASN B 212 -1.62 21.38 -9.40
CA ASN B 212 -2.08 21.28 -10.78
C ASN B 212 -3.49 20.73 -10.65
N MET B 213 -4.19 20.60 -11.77
CA MET B 213 -5.55 20.06 -11.76
C MET B 213 -5.42 18.55 -11.65
N LYS B 214 -4.44 18.01 -12.37
CA LYS B 214 -4.19 16.57 -12.38
C LYS B 214 -3.78 16.16 -10.96
N THR B 215 -2.89 16.95 -10.37
CA THR B 215 -2.42 16.69 -9.03
C THR B 215 -3.61 16.61 -8.07
N LYS B 216 -4.45 17.62 -8.07
CA LYS B 216 -5.61 17.60 -7.19
C LYS B 216 -6.41 16.33 -7.51
N GLU B 217 -6.44 15.96 -8.79
CA GLU B 217 -7.14 14.79 -9.27
C GLU B 217 -6.54 13.51 -8.70
N ARG B 218 -5.22 13.50 -8.59
CA ARG B 218 -4.52 12.34 -8.05
C ARG B 218 -4.84 12.27 -6.56
N ILE B 219 -4.87 13.42 -5.90
CA ILE B 219 -5.19 13.52 -4.49
C ILE B 219 -6.60 12.96 -4.25
N VAL B 220 -7.56 13.38 -5.06
CA VAL B 220 -8.94 12.90 -4.92
C VAL B 220 -9.02 11.36 -4.97
N GLU B 221 -8.40 10.75 -5.97
CA GLU B 221 -8.44 9.29 -6.08
C GLU B 221 -7.68 8.65 -4.92
N GLU B 222 -6.59 9.29 -4.51
CA GLU B 222 -5.78 8.79 -3.42
C GLU B 222 -6.56 8.75 -2.13
N ALA B 223 -7.54 9.64 -2.01
CA ALA B 223 -8.40 9.71 -0.82
C ALA B 223 -9.42 8.60 -0.91
N ASN B 224 -9.84 8.25 -2.12
CA ASN B 224 -10.80 7.17 -2.30
C ASN B 224 -10.14 5.88 -1.82
N LYS B 225 -8.84 5.74 -2.13
CA LYS B 225 -8.11 4.57 -1.65
C LYS B 225 -8.25 4.55 -0.13
N ALA B 226 -8.17 5.74 0.47
CA ALA B 226 -8.29 5.87 1.91
C ALA B 226 -9.66 5.37 2.42
N PHE B 227 -10.75 5.89 1.85
CA PHE B 227 -12.09 5.45 2.27
C PHE B 227 -12.16 3.93 2.26
N GLU B 228 -11.95 3.34 1.07
CA GLU B 228 -12.00 1.89 0.92
C GLU B 228 -11.14 1.20 1.97
N TYR B 229 -9.94 1.70 2.16
CA TYR B 229 -9.06 1.14 3.14
C TYR B 229 -9.78 1.00 4.48
N ASN B 230 -10.63 1.98 4.78
CA ASN B 230 -11.38 1.97 6.03
C ASN B 230 -12.47 0.91 5.96
N MET B 231 -13.10 0.80 4.80
CA MET B 231 -14.13 -0.18 4.56
C MET B 231 -13.53 -1.56 4.85
N GLN B 232 -12.43 -1.90 4.18
CA GLN B 232 -11.77 -3.19 4.42
C GLN B 232 -11.67 -3.38 5.93
N ILE B 233 -11.40 -2.30 6.65
CA ILE B 233 -11.30 -2.37 8.10
C ILE B 233 -12.70 -2.57 8.71
N PHE B 234 -13.69 -1.82 8.25
CA PHE B 234 -15.03 -1.96 8.80
C PHE B 234 -15.58 -3.35 8.65
N ASN B 235 -15.64 -3.85 7.41
CA ASN B 235 -16.17 -5.19 7.23
C ASN B 235 -15.22 -6.25 7.76
N GLU B 236 -14.04 -5.84 8.17
CA GLU B 236 -13.10 -6.80 8.73
C GLU B 236 -13.51 -6.92 10.19
N LEU B 237 -14.38 -6.00 10.62
CA LEU B 237 -14.91 -6.00 11.99
C LEU B 237 -16.38 -6.37 11.91
N ASP B 238 -16.88 -6.46 10.68
CA ASP B 238 -18.27 -6.83 10.44
C ASP B 238 -18.31 -8.34 10.60
N GLN B 239 -17.25 -9.00 10.12
CA GLN B 239 -17.13 -10.44 10.22
C GLN B 239 -16.20 -10.75 11.40
N ALA B 240 -14.89 -10.69 11.17
CA ALA B 240 -13.91 -10.97 12.22
C ALA B 240 -14.35 -10.31 13.51
N GLY B 241 -15.19 -9.28 13.40
CA GLY B 241 -15.68 -8.58 14.57
C GLY B 241 -16.95 -9.21 15.12
N SER B 242 -17.79 -9.70 14.21
CA SER B 242 -19.04 -10.34 14.63
C SER B 242 -18.80 -11.72 15.20
N THR B 243 -17.79 -12.41 14.70
CA THR B 243 -17.46 -13.75 15.19
C THR B 243 -17.47 -13.74 16.70
N LEU B 244 -17.00 -12.64 17.28
CA LEU B 244 -16.97 -12.45 18.74
C LEU B 244 -18.39 -12.67 19.28
N ALA B 245 -19.32 -11.86 18.80
CA ALA B 245 -20.71 -11.96 19.21
C ALA B 245 -21.46 -12.96 18.33
N ARG B 246 -20.69 -13.83 17.68
CA ARG B 246 -21.24 -14.88 16.82
C ARG B 246 -21.31 -16.15 17.65
N GLU B 247 -20.39 -16.28 18.61
CA GLU B 247 -20.36 -17.42 19.51
C GLU B 247 -20.83 -16.95 20.87
N THR B 248 -20.86 -15.62 21.03
CA THR B 248 -21.31 -15.01 22.28
C THR B 248 -21.56 -13.51 22.07
CHA HEM C . 17.32 -7.96 -3.15
CHB HEM C . 15.61 -10.86 0.22
CHC HEM C . 11.14 -10.00 -1.30
CHD HEM C . 12.85 -6.90 -4.58
C1A HEM C . 17.23 -8.80 -2.08
C2A HEM C . 18.38 -9.22 -1.31
C3A HEM C . 17.90 -10.05 -0.35
C4A HEM C . 16.45 -10.08 -0.52
CMA HEM C . 18.70 -10.68 0.78
CAA HEM C . 19.76 -8.61 -1.37
CBA HEM C . 20.79 -9.47 -2.10
CGA HEM C . 22.07 -8.72 -2.44
O1A HEM C . 23.02 -9.37 -2.92
O2A HEM C . 22.10 -7.48 -2.22
C1B HEM C . 14.26 -10.94 0.02
C2B HEM C . 13.41 -11.76 0.85
C3B HEM C . 12.14 -11.56 0.42
C4B HEM C . 12.24 -10.58 -0.66
CMB HEM C . 13.85 -12.66 2.01
CAB HEM C . 10.99 -12.13 0.92
CBB HEM C . 10.81 -12.40 2.33
C1C HEM C . 11.21 -9.01 -2.29
C2C HEM C . 10.06 -8.41 -2.92
C3C HEM C . 10.53 -7.53 -3.86
C4C HEM C . 11.98 -7.61 -3.77
CMC HEM C . 8.61 -8.64 -2.51
CAC HEM C . 9.79 -6.64 -4.66
CBC HEM C . 8.34 -6.75 -4.85
C1D HEM C . 14.23 -6.96 -4.51
C2D HEM C . 15.15 -6.14 -5.29
C3D HEM C . 16.38 -6.44 -4.84
C4D HEM C . 16.25 -7.45 -3.85
CMD HEM C . 14.80 -5.09 -6.32
CAD HEM C . 17.67 -5.78 -5.26
CBD HEM C . 18.16 -4.71 -4.29
CGD HEM C . 19.55 -4.25 -4.63
O1D HEM C . 20.47 -5.08 -4.45
O2D HEM C . 19.72 -3.09 -5.10
NA HEM C . 16.05 -9.29 -1.57
NB HEM C . 13.55 -10.22 -0.91
NC HEM C . 12.40 -8.50 -2.80
ND HEM C . 14.93 -7.75 -3.61
FE HEM C . 14.21 -8.83 -2.13
CHA HEM D . -18.42 14.99 6.52
CHB HEM D . -21.82 12.36 8.62
CHC HEM D . -19.00 8.50 8.45
CHD HEM D . -15.51 11.14 6.39
C1A HEM D . -19.60 14.60 7.12
C2A HEM D . -20.72 15.50 7.38
C3A HEM D . -21.64 14.76 8.02
C4A HEM D . -21.12 13.42 8.11
CMA HEM D . -22.96 15.25 8.60
CAA HEM D . -20.85 16.97 7.00
CBA HEM D . -21.13 17.19 5.51
CGA HEM D . -20.89 18.64 5.05
O1A HEM D . -21.08 18.89 3.85
O2A HEM D . -20.52 19.49 5.89
C1B HEM D . -21.38 11.08 8.71
C2B HEM D . -22.10 10.03 9.38
C3B HEM D . -21.28 8.95 9.41
C4B HEM D . -20.06 9.33 8.68
CMB HEM D . -23.50 10.12 9.97
CAB HEM D . -21.49 7.80 10.13
CBB HEM D . -21.05 7.68 11.50
C1C HEM D . -17.81 8.87 7.86
C2C HEM D . -16.75 7.95 7.53
C3C HEM D . -15.75 8.67 6.98
C4C HEM D . -16.22 10.06 6.95
CMC HEM D . -16.78 6.43 7.70
CAC HEM D . -14.56 8.17 6.47
CBC HEM D . -13.30 8.34 7.16
C1D HEM D . -15.98 12.44 6.26
C2D HEM D . -15.28 13.53 5.59
C3D HEM D . -16.11 14.61 5.60
C4D HEM D . -17.33 14.19 6.30
CMD HEM D . -13.89 13.45 4.94
CAD HEM D . -15.84 15.98 4.94
CBD HEM D . -16.67 16.22 3.66
CGD HEM D . -16.21 17.41 2.83
O1D HEM D . -16.86 17.69 1.80
O2D HEM D . -15.20 18.06 3.18
NA HEM D . -19.85 13.33 7.56
NB HEM D . -20.13 10.65 8.27
NC HEM D . -17.50 10.17 7.48
ND HEM D . -17.25 12.85 6.68
FE HEM D . -18.70 11.72 7.41
N ARG A 29 32.44 6.67 -7.38
CA ARG A 29 31.55 5.55 -6.97
C ARG A 29 31.07 5.66 -5.52
N MET A 30 31.51 6.70 -4.81
CA MET A 30 31.10 6.87 -3.42
C MET A 30 29.60 7.17 -3.37
N ALA A 31 28.94 6.95 -4.51
CA ALA A 31 27.51 7.14 -4.67
C ALA A 31 27.07 6.47 -5.98
N ASP A 32 27.22 5.15 -6.03
CA ASP A 32 26.84 4.41 -7.23
C ASP A 32 25.33 4.26 -7.31
N LEU A 33 24.80 4.34 -8.52
CA LEU A 33 23.36 4.22 -8.74
C LEU A 33 22.77 3.00 -8.03
N SER A 34 23.40 1.84 -8.22
CA SER A 34 22.93 0.60 -7.61
C SER A 34 23.02 0.66 -6.09
N GLU A 35 23.87 1.54 -5.59
CA GLU A 35 24.02 1.72 -4.14
C GLU A 35 22.87 2.64 -3.69
N LEU A 36 22.75 3.78 -4.35
CA LEU A 36 21.68 4.72 -4.03
C LEU A 36 20.35 4.00 -3.97
N LEU A 37 20.05 3.21 -5.00
CA LEU A 37 18.82 2.44 -5.10
C LEU A 37 18.59 1.52 -3.89
N LYS A 38 19.64 0.83 -3.45
CA LYS A 38 19.53 -0.09 -2.33
C LYS A 38 19.23 0.71 -1.06
N GLU A 39 19.98 1.78 -0.85
CA GLU A 39 19.76 2.61 0.32
C GLU A 39 18.35 3.19 0.23
N GLY A 40 18.08 3.85 -0.90
CA GLY A 40 16.79 4.45 -1.16
C GLY A 40 15.52 3.61 -1.15
N THR A 41 15.63 2.29 -1.25
CA THR A 41 14.43 1.46 -1.26
C THR A 41 14.29 0.48 -0.10
N LYS A 42 15.14 0.61 0.92
CA LYS A 42 15.10 -0.26 2.09
C LYS A 42 13.74 -0.19 2.76
N GLU A 43 13.27 1.03 3.03
CA GLU A 43 11.97 1.25 3.65
C GLU A 43 10.91 0.49 2.85
N ALA A 44 10.91 0.66 1.53
CA ALA A 44 9.92 -0.05 0.74
C ALA A 44 10.19 -1.57 0.72
N HIS A 45 11.45 -1.97 0.87
CA HIS A 45 11.73 -3.39 0.85
C HIS A 45 11.20 -4.07 2.11
N ASP A 46 11.36 -3.41 3.25
CA ASP A 46 10.85 -4.00 4.47
C ASP A 46 9.35 -4.19 4.36
N ARG A 47 8.65 -3.17 3.85
CA ARG A 47 7.20 -3.27 3.71
C ARG A 47 6.84 -4.49 2.86
N ALA A 48 7.62 -4.73 1.81
CA ALA A 48 7.42 -5.86 0.90
C ALA A 48 7.61 -7.22 1.60
N GLU A 49 8.61 -7.29 2.47
CA GLU A 49 8.89 -8.52 3.21
C GLU A 49 7.77 -8.88 4.19
N ASN A 50 7.24 -7.87 4.88
CA ASN A 50 6.18 -8.07 5.88
C ASN A 50 4.75 -8.14 5.36
N THR A 51 4.60 -7.99 4.05
CA THR A 51 3.27 -8.03 3.47
C THR A 51 2.53 -9.35 3.73
N GLN A 52 1.28 -9.24 4.18
CA GLN A 52 0.46 -10.42 4.50
C GLN A 52 0.42 -11.48 3.40
N PHE A 53 0.24 -11.03 2.15
CA PHE A 53 0.20 -11.99 1.06
C PHE A 53 1.56 -12.66 0.88
N VAL A 54 2.63 -11.91 1.12
CA VAL A 54 3.98 -12.45 0.97
C VAL A 54 4.32 -13.43 2.09
N LYS A 55 4.15 -13.01 3.34
CA LYS A 55 4.45 -13.87 4.47
C LYS A 55 3.60 -15.15 4.35
N ASP A 56 2.31 -14.98 4.08
CA ASP A 56 1.41 -16.13 3.96
C ASP A 56 1.80 -16.97 2.78
N PHE A 57 2.39 -16.34 1.77
CA PHE A 57 2.84 -17.11 0.63
C PHE A 57 3.96 -18.04 1.12
N LEU A 58 5.10 -17.43 1.42
CA LEU A 58 6.26 -18.15 1.90
C LEU A 58 5.96 -19.29 2.88
N LYS A 59 5.00 -19.09 3.78
CA LYS A 59 4.67 -20.14 4.75
C LYS A 59 3.83 -21.26 4.13
N GLY A 60 3.62 -21.19 2.81
CA GLY A 60 2.83 -22.20 2.11
C GLY A 60 1.34 -22.02 2.31
N ASN A 61 0.92 -20.84 2.73
CA ASN A 61 -0.50 -20.55 2.97
C ASN A 61 -1.24 -19.96 1.78
N ILE A 62 -0.95 -20.47 0.58
CA ILE A 62 -1.62 -19.98 -0.64
C ILE A 62 -2.07 -21.15 -1.51
N LYS A 63 -3.33 -21.10 -1.95
CA LYS A 63 -3.93 -22.17 -2.75
C LYS A 63 -3.86 -21.99 -4.27
N LYS A 64 -4.22 -23.05 -4.99
CA LYS A 64 -4.16 -23.05 -6.46
C LYS A 64 -4.79 -21.88 -7.19
N GLU A 65 -6.11 -21.70 -7.08
CA GLU A 65 -6.74 -20.60 -7.79
C GLU A 65 -6.10 -19.23 -7.49
N LEU A 66 -5.72 -18.99 -6.24
CA LEU A 66 -5.10 -17.72 -5.93
C LEU A 66 -3.71 -17.63 -6.57
N PHE A 67 -3.04 -18.76 -6.69
CA PHE A 67 -1.73 -18.76 -7.33
C PHE A 67 -1.97 -18.45 -8.80
N LYS A 68 -2.90 -19.18 -9.41
CA LYS A 68 -3.23 -18.96 -10.80
C LYS A 68 -3.75 -17.54 -10.98
N LEU A 69 -4.53 -17.07 -10.00
CA LEU A 69 -5.09 -15.71 -10.04
C LEU A 69 -4.03 -14.65 -9.94
N ALA A 70 -2.93 -14.99 -9.25
CA ALA A 70 -1.78 -14.11 -9.04
C ALA A 70 -0.82 -14.23 -10.22
N THR A 71 -0.68 -15.45 -10.75
CA THR A 71 0.21 -15.70 -11.88
C THR A 71 -0.25 -14.89 -13.09
N THR A 72 -1.51 -14.45 -13.07
CA THR A 72 -2.05 -13.66 -14.15
C THR A 72 -1.66 -12.20 -13.97
N ALA A 73 -1.10 -11.86 -12.83
CA ALA A 73 -0.70 -10.47 -12.63
C ALA A 73 0.69 -10.25 -13.23
N LEU A 74 1.51 -11.29 -13.21
CA LEU A 74 2.87 -11.19 -13.72
C LEU A 74 2.92 -11.22 -15.25
N TYR A 75 2.13 -12.10 -15.88
CA TYR A 75 2.10 -12.20 -17.34
C TYR A 75 1.76 -10.84 -17.88
N PHE A 76 0.81 -10.17 -17.24
CA PHE A 76 0.42 -8.83 -17.66
C PHE A 76 1.32 -7.80 -17.01
N THR A 77 2.50 -8.24 -16.63
CA THR A 77 3.48 -7.36 -16.02
C THR A 77 4.85 -7.47 -16.69
N TYR A 78 5.39 -8.70 -16.77
CA TYR A 78 6.69 -8.86 -17.40
C TYR A 78 6.58 -8.79 -18.92
N SER A 79 5.40 -9.08 -19.46
CA SER A 79 5.21 -8.98 -20.91
C SER A 79 5.25 -7.50 -21.24
N ALA A 80 4.37 -6.76 -20.59
CA ALA A 80 4.30 -5.33 -20.78
C ALA A 80 5.69 -4.76 -20.58
N LEU A 81 6.30 -5.11 -19.45
CA LEU A 81 7.64 -4.60 -19.11
C LEU A 81 8.66 -4.90 -20.19
N GLU A 82 8.56 -6.08 -20.78
CA GLU A 82 9.49 -6.47 -21.81
C GLU A 82 9.22 -5.79 -23.16
N GLU A 83 8.10 -5.09 -23.24
CA GLU A 83 7.76 -4.36 -24.46
C GLU A 83 8.51 -3.02 -24.42
N GLU A 84 8.38 -2.31 -23.31
CA GLU A 84 9.05 -1.02 -23.17
C GLU A 84 10.56 -1.19 -23.26
N MET A 85 11.12 -2.14 -22.52
CA MET A 85 12.56 -2.34 -22.58
C MET A 85 12.91 -2.60 -24.04
N GLU A 86 11.96 -3.19 -24.77
CA GLU A 86 12.12 -3.46 -26.20
C GLU A 86 12.28 -2.13 -26.90
N ARG A 87 11.23 -1.33 -26.84
CA ARG A 87 11.20 -0.03 -27.47
C ARG A 87 12.46 0.78 -27.19
N ASN A 88 12.87 0.81 -25.93
CA ASN A 88 14.05 1.57 -25.54
C ASN A 88 15.34 0.77 -25.68
N LYS A 89 15.26 -0.32 -26.44
CA LYS A 89 16.42 -1.20 -26.70
C LYS A 89 17.75 -0.47 -26.90
N ASP A 90 17.74 0.62 -27.65
CA ASP A 90 18.98 1.35 -27.88
C ASP A 90 19.09 2.68 -27.15
N HIS A 91 18.06 3.05 -26.39
CA HIS A 91 18.09 4.32 -25.66
C HIS A 91 19.35 4.35 -24.76
N PRO A 92 20.27 5.28 -25.04
CA PRO A 92 21.51 5.42 -24.26
C PRO A 92 21.40 5.20 -22.76
N ALA A 93 20.24 5.55 -22.20
CA ALA A 93 20.01 5.41 -20.76
C ALA A 93 19.47 4.07 -20.30
N PHE A 94 19.43 3.08 -21.20
CA PHE A 94 18.93 1.77 -20.84
C PHE A 94 19.61 0.63 -21.56
N ALA A 95 19.92 0.84 -22.84
CA ALA A 95 20.53 -0.20 -23.68
C ALA A 95 21.44 -1.24 -23.03
N PRO A 96 22.35 -0.81 -22.13
CA PRO A 96 23.25 -1.75 -21.48
C PRO A 96 22.55 -2.79 -20.60
N LEU A 97 21.29 -2.54 -20.28
CA LEU A 97 20.54 -3.45 -19.42
C LEU A 97 19.61 -4.39 -20.18
N TYR A 98 19.75 -4.43 -21.50
CA TYR A 98 18.90 -5.28 -22.30
C TYR A 98 19.38 -6.72 -22.26
N PHE A 99 18.57 -7.59 -21.70
CA PHE A 99 18.94 -9.01 -21.57
C PHE A 99 17.84 -10.01 -21.92
N PRO A 100 17.57 -10.19 -23.22
CA PRO A 100 16.51 -11.15 -23.59
C PRO A 100 16.75 -12.64 -23.28
N MET A 101 17.97 -13.14 -23.47
CA MET A 101 18.25 -14.57 -23.20
C MET A 101 18.36 -14.79 -21.70
N GLU A 102 19.00 -13.84 -21.01
CA GLU A 102 19.21 -13.97 -19.57
C GLU A 102 17.99 -13.73 -18.65
N LEU A 103 17.37 -12.55 -18.76
CA LEU A 103 16.26 -12.20 -17.88
C LEU A 103 14.79 -12.37 -18.26
N HIS A 104 14.40 -11.94 -19.46
CA HIS A 104 12.99 -12.02 -19.84
C HIS A 104 12.21 -13.25 -19.35
N ARG A 105 11.05 -12.99 -18.76
CA ARG A 105 10.20 -14.03 -18.21
C ARG A 105 8.97 -14.39 -19.02
N LYS A 106 8.57 -13.52 -19.96
CA LYS A 106 7.36 -13.78 -20.74
C LYS A 106 7.23 -15.16 -21.37
N GLU A 107 8.34 -15.70 -21.87
CA GLU A 107 8.33 -17.02 -22.49
C GLU A 107 8.15 -18.09 -21.40
N ALA A 108 8.61 -17.75 -20.19
CA ALA A 108 8.48 -18.66 -19.04
C ALA A 108 7.07 -18.60 -18.48
N LEU A 109 6.54 -17.39 -18.33
CA LEU A 109 5.21 -17.20 -17.82
C LEU A 109 4.21 -17.90 -18.72
N THR A 110 4.23 -17.56 -20.02
CA THR A 110 3.31 -18.18 -20.95
C THR A 110 3.22 -19.67 -20.70
N LYS A 111 4.37 -20.30 -20.53
CA LYS A 111 4.38 -21.72 -20.27
C LYS A 111 3.58 -22.00 -18.98
N ASP A 112 3.84 -21.20 -17.94
CA ASP A 112 3.15 -21.37 -16.67
C ASP A 112 1.65 -21.16 -16.80
N MET A 113 1.26 -20.12 -17.54
CA MET A 113 -0.14 -19.80 -17.76
C MET A 113 -0.80 -20.92 -18.57
N GLU A 114 0.01 -21.85 -19.06
CA GLU A 114 -0.46 -22.98 -19.86
C GLU A 114 -0.75 -24.16 -18.96
N TYR A 115 0.21 -24.48 -18.09
CA TYR A 115 0.07 -25.57 -17.17
C TYR A 115 -1.16 -25.38 -16.28
N PHE A 116 -1.62 -24.14 -16.11
CA PHE A 116 -2.78 -23.88 -15.25
C PHE A 116 -4.11 -23.62 -15.96
N PHE A 117 -4.07 -23.15 -17.21
CA PHE A 117 -5.30 -22.87 -17.92
C PHE A 117 -5.55 -23.76 -19.15
N GLY A 118 -4.66 -24.71 -19.39
CA GLY A 118 -4.82 -25.59 -20.55
C GLY A 118 -4.52 -24.99 -21.91
N GLU A 119 -4.82 -25.76 -22.96
CA GLU A 119 -4.61 -25.41 -24.37
C GLU A 119 -4.53 -23.93 -24.69
N ASN A 120 -5.60 -23.21 -24.31
CA ASN A 120 -5.72 -21.77 -24.53
C ASN A 120 -5.74 -21.03 -23.18
N TRP A 121 -6.00 -19.71 -23.17
CA TRP A 121 -6.05 -18.98 -21.90
C TRP A 121 -6.13 -17.44 -21.85
N GLU A 122 -6.24 -16.78 -23.00
CA GLU A 122 -6.30 -15.31 -23.06
C GLU A 122 -7.65 -14.70 -22.64
N GLU A 123 -8.72 -15.23 -23.20
CA GLU A 123 -10.06 -14.77 -22.91
C GLU A 123 -10.39 -15.04 -21.44
N GLN A 124 -9.70 -16.03 -20.89
CA GLN A 124 -9.92 -16.43 -19.51
C GLN A 124 -9.45 -15.52 -18.40
N VAL A 125 -8.59 -14.57 -18.73
CA VAL A 125 -7.98 -13.71 -17.71
C VAL A 125 -7.80 -12.23 -18.06
N GLN A 126 -6.96 -11.55 -17.28
CA GLN A 126 -6.66 -10.13 -17.53
C GLN A 126 -5.89 -9.39 -16.39
N ALA A 127 -5.38 -8.20 -16.69
CA ALA A 127 -4.61 -7.42 -15.72
C ALA A 127 -5.46 -6.90 -14.57
N PRO A 128 -5.33 -7.48 -13.37
CA PRO A 128 -6.15 -6.98 -12.25
C PRO A 128 -5.96 -5.46 -12.16
N LYS A 129 -6.98 -4.77 -11.66
CA LYS A 129 -6.92 -3.31 -11.54
C LYS A 129 -5.54 -2.77 -11.14
N ALA A 130 -5.04 -3.24 -9.99
CA ALA A 130 -3.74 -2.80 -9.47
C ALA A 130 -2.62 -3.18 -10.41
N ALA A 131 -2.69 -4.37 -10.97
CA ALA A 131 -1.68 -4.80 -11.91
C ALA A 131 -1.71 -3.80 -13.06
N GLN A 132 -2.93 -3.48 -13.49
CA GLN A 132 -3.16 -2.56 -14.59
C GLN A 132 -2.64 -1.14 -14.31
N LYS A 133 -2.73 -0.69 -13.06
CA LYS A 133 -2.23 0.65 -12.76
C LYS A 133 -0.73 0.58 -12.90
N TYR A 134 -0.19 -0.59 -12.53
CA TYR A 134 1.24 -0.86 -12.59
C TYR A 134 1.64 -0.73 -14.06
N VAL A 135 0.85 -1.39 -14.91
CA VAL A 135 1.02 -1.38 -16.35
C VAL A 135 1.12 0.00 -17.01
N GLU A 136 0.09 0.82 -16.83
CA GLU A 136 0.09 2.14 -17.43
C GLU A 136 1.32 2.93 -17.03
N ARG A 137 1.80 2.67 -15.83
CA ARG A 137 2.97 3.37 -15.37
C ARG A 137 4.19 2.90 -16.15
N ILE A 138 4.28 1.60 -16.42
CA ILE A 138 5.41 1.07 -17.17
C ILE A 138 5.36 1.74 -18.55
N HIS A 139 4.35 1.41 -19.35
CA HIS A 139 4.20 1.99 -20.69
C HIS A 139 4.53 3.48 -20.71
N TYR A 140 3.86 4.26 -19.86
CA TYR A 140 4.10 5.68 -19.78
C TYR A 140 5.59 5.90 -19.72
N ILE A 141 6.23 5.17 -18.80
CA ILE A 141 7.67 5.26 -18.59
C ILE A 141 8.50 4.80 -19.79
N GLY A 142 8.33 3.55 -20.20
CA GLY A 142 9.06 3.03 -21.33
C GLY A 142 8.80 3.80 -22.62
N GLN A 143 7.89 4.78 -22.55
CA GLN A 143 7.56 5.58 -23.72
C GLN A 143 7.76 7.09 -23.52
N ASN A 144 7.68 7.58 -22.30
CA ASN A 144 7.82 9.02 -22.10
C ASN A 144 8.94 9.49 -21.18
N GLU A 145 9.52 8.55 -20.42
CA GLU A 145 10.61 8.85 -19.50
C GLU A 145 11.57 7.64 -19.48
N PRO A 146 12.26 7.42 -20.61
CA PRO A 146 13.20 6.32 -20.75
C PRO A 146 14.31 6.24 -19.71
N GLU A 147 14.69 7.38 -19.14
CA GLU A 147 15.76 7.37 -18.15
C GLU A 147 15.32 6.80 -16.79
N LEU A 148 14.04 6.45 -16.67
CA LEU A 148 13.49 5.87 -15.42
C LEU A 148 13.13 4.40 -15.60
N LEU A 149 13.38 3.86 -16.81
CA LEU A 149 13.05 2.46 -17.08
C LEU A 149 13.96 1.49 -16.32
N VAL A 150 15.18 1.92 -16.05
CA VAL A 150 16.16 1.12 -15.31
C VAL A 150 15.63 0.86 -13.90
N ALA A 151 14.83 1.80 -13.39
CA ALA A 151 14.23 1.67 -12.07
C ALA A 151 13.37 0.42 -11.99
N HIS A 152 12.36 0.35 -12.86
CA HIS A 152 11.44 -0.78 -12.88
C HIS A 152 12.14 -2.15 -12.96
N ALA A 153 12.80 -2.42 -14.08
CA ALA A 153 13.52 -3.68 -14.27
C ALA A 153 14.26 -4.03 -12.97
N TYR A 154 15.05 -3.08 -12.49
CA TYR A 154 15.82 -3.21 -11.25
C TYR A 154 14.97 -3.79 -10.12
N THR A 155 13.77 -3.25 -9.97
CA THR A 155 12.87 -3.68 -8.91
C THR A 155 12.31 -5.09 -9.16
N ARG A 156 11.98 -5.40 -10.41
CA ARG A 156 11.43 -6.69 -10.73
C ARG A 156 12.44 -7.82 -10.93
N TYR A 157 13.41 -7.64 -11.84
CA TYR A 157 14.38 -8.71 -12.09
C TYR A 157 15.30 -9.05 -10.94
N MET A 158 16.00 -8.07 -10.37
CA MET A 158 16.91 -8.34 -9.25
C MET A 158 16.16 -9.10 -8.16
N GLY A 159 15.02 -8.58 -7.70
CA GLY A 159 14.27 -9.31 -6.70
C GLY A 159 14.07 -10.74 -7.18
N ASP A 160 13.59 -10.88 -8.42
CA ASP A 160 13.35 -12.18 -9.04
C ASP A 160 14.58 -13.08 -8.89
N LEU A 161 15.76 -12.49 -9.06
CA LEU A 161 17.02 -13.22 -8.93
C LEU A 161 17.42 -13.41 -7.45
N SER A 162 17.25 -12.36 -6.65
CA SER A 162 17.60 -12.36 -5.23
C SER A 162 16.69 -13.18 -4.32
N GLY A 163 15.75 -13.92 -4.92
CA GLY A 163 14.85 -14.71 -4.11
C GLY A 163 14.15 -15.86 -4.82
N GLY A 164 14.50 -16.08 -6.08
CA GLY A 164 13.89 -17.14 -6.85
C GLY A 164 13.82 -18.53 -6.23
N GLN A 165 14.96 -19.07 -5.77
CA GLN A 165 14.97 -20.42 -5.19
C GLN A 165 13.80 -20.67 -4.26
N VAL A 166 13.81 -19.97 -3.14
CA VAL A 166 12.77 -20.13 -2.15
C VAL A 166 11.36 -19.95 -2.74
N LEU A 167 11.21 -19.08 -3.74
CA LEU A 167 9.89 -18.87 -4.33
C LEU A 167 9.36 -20.15 -5.00
N LYS A 168 10.19 -20.77 -5.84
CA LYS A 168 9.80 -21.99 -6.53
C LYS A 168 9.56 -23.14 -5.56
N LYS A 169 10.48 -23.33 -4.61
CA LYS A 169 10.35 -24.41 -3.63
C LYS A 169 9.11 -24.24 -2.78
N VAL A 170 8.82 -23.02 -2.35
CA VAL A 170 7.62 -22.81 -1.56
C VAL A 170 6.42 -22.89 -2.48
N ALA A 171 6.62 -22.54 -3.74
CA ALA A 171 5.55 -22.63 -4.72
C ALA A 171 5.22 -24.11 -4.89
N GLN A 172 6.25 -24.94 -5.10
CA GLN A 172 6.05 -26.37 -5.27
C GLN A 172 5.72 -27.06 -3.96
N ARG A 173 5.88 -26.35 -2.85
CA ARG A 173 5.60 -26.95 -1.55
C ARG A 173 4.18 -26.73 -1.03
N ALA A 174 3.36 -25.96 -1.75
CA ALA A 174 1.99 -25.76 -1.30
C ALA A 174 1.02 -26.32 -2.32
N LEU A 175 1.39 -26.18 -3.58
CA LEU A 175 0.54 -26.63 -4.68
C LEU A 175 0.86 -28.05 -5.11
N LYS A 176 1.87 -28.63 -4.46
CA LYS A 176 2.30 -29.98 -4.77
C LYS A 176 2.62 -29.99 -6.25
N LEU A 177 3.74 -29.40 -6.64
CA LEU A 177 4.12 -29.35 -8.05
C LEU A 177 5.36 -30.18 -8.39
N PRO A 178 5.47 -30.64 -9.64
CA PRO A 178 6.60 -31.44 -10.11
C PRO A 178 7.95 -30.73 -9.95
N SER A 179 8.94 -31.49 -9.46
CA SER A 179 10.29 -30.97 -9.28
C SER A 179 10.83 -30.62 -10.67
N THR A 180 10.23 -31.22 -11.68
CA THR A 180 10.61 -31.01 -13.07
C THR A 180 10.30 -29.60 -13.59
N GLY A 181 9.75 -28.76 -12.71
CA GLY A 181 9.45 -27.38 -13.07
C GLY A 181 8.12 -26.98 -13.68
N GLU A 182 7.24 -27.94 -13.93
CA GLU A 182 5.93 -27.65 -14.50
C GLU A 182 5.22 -26.59 -13.68
N GLY A 183 4.81 -25.50 -14.32
CA GLY A 183 4.13 -24.42 -13.63
C GLY A 183 5.04 -23.54 -12.81
N THR A 184 6.35 -23.58 -13.10
CA THR A 184 7.30 -22.77 -12.35
C THR A 184 8.39 -22.10 -13.17
N GLN A 185 8.34 -22.23 -14.49
CA GLN A 185 9.36 -21.64 -15.36
C GLN A 185 9.77 -20.27 -14.82
N PHE A 186 8.78 -19.44 -14.54
CA PHE A 186 9.04 -18.09 -14.02
C PHE A 186 10.11 -18.02 -12.93
N TYR A 187 10.04 -18.95 -11.98
CA TYR A 187 10.99 -19.01 -10.86
C TYR A 187 12.18 -19.89 -11.18
N LEU A 188 12.85 -19.57 -12.28
CA LEU A 188 14.02 -20.33 -12.73
C LEU A 188 14.70 -19.68 -13.92
N PHE A 189 15.85 -19.05 -13.69
CA PHE A 189 16.62 -18.43 -14.77
C PHE A 189 17.62 -19.47 -15.29
N GLU A 190 17.26 -20.10 -16.41
CA GLU A 190 18.05 -21.14 -17.05
C GLU A 190 19.22 -20.66 -17.89
N ASN A 191 19.48 -19.36 -17.85
CA ASN A 191 20.58 -18.79 -18.61
C ASN A 191 21.37 -17.80 -17.77
N VAL A 192 21.58 -18.18 -16.52
CA VAL A 192 22.36 -17.39 -15.59
C VAL A 192 23.08 -18.48 -14.80
N ASP A 193 24.40 -18.53 -14.92
CA ASP A 193 25.15 -19.54 -14.20
C ASP A 193 24.85 -19.46 -12.71
N ASN A 194 24.69 -18.24 -12.21
CA ASN A 194 24.39 -18.02 -10.80
C ASN A 194 23.90 -16.61 -10.53
N ALA A 195 22.64 -16.50 -10.15
CA ALA A 195 22.03 -15.21 -9.85
C ALA A 195 23.02 -14.24 -9.21
N GLN A 196 23.76 -14.72 -8.21
CA GLN A 196 24.73 -13.86 -7.53
C GLN A 196 25.79 -13.26 -8.47
N GLN A 197 25.99 -13.87 -9.63
CA GLN A 197 26.96 -13.37 -10.61
C GLN A 197 26.34 -12.33 -11.54
N PHE A 198 25.21 -12.69 -12.15
CA PHE A 198 24.56 -11.77 -13.04
C PHE A 198 24.08 -10.54 -12.27
N LYS A 199 23.77 -10.73 -10.99
CA LYS A 199 23.29 -9.61 -10.21
C LYS A 199 24.41 -8.56 -10.10
N GLN A 200 25.65 -9.03 -9.98
CA GLN A 200 26.77 -8.10 -9.88
C GLN A 200 27.07 -7.49 -11.24
N LEU A 201 26.94 -8.30 -12.29
CA LEU A 201 27.14 -7.84 -13.64
C LEU A 201 26.15 -6.70 -13.90
N TYR A 202 24.91 -6.90 -13.44
CA TYR A 202 23.84 -5.91 -13.57
C TYR A 202 24.20 -4.62 -12.80
N ARG A 203 24.69 -4.79 -11.57
CA ARG A 203 25.08 -3.65 -10.76
C ARG A 203 26.23 -2.88 -11.41
N ALA A 204 27.20 -3.62 -11.91
CA ALA A 204 28.36 -3.00 -12.55
C ALA A 204 27.86 -2.17 -13.73
N ARG A 205 26.91 -2.70 -14.47
CA ARG A 205 26.37 -1.98 -15.61
C ARG A 205 25.35 -0.95 -15.16
N MET A 206 24.66 -1.22 -14.05
CA MET A 206 23.68 -0.25 -13.57
C MET A 206 24.40 1.04 -13.28
N ASN A 207 25.59 0.94 -12.68
CA ASN A 207 26.38 2.11 -12.35
C ASN A 207 27.10 2.67 -13.58
N ALA A 208 27.48 1.80 -14.50
CA ALA A 208 28.15 2.25 -15.72
C ALA A 208 27.29 3.37 -16.30
N LEU A 209 26.01 3.36 -15.97
CA LEU A 209 25.13 4.41 -16.45
C LEU A 209 25.41 5.70 -15.67
N ASP A 210 26.17 6.58 -16.33
CA ASP A 210 26.54 7.89 -15.80
C ASP A 210 25.35 8.78 -16.09
N LEU A 211 24.75 9.34 -15.04
CA LEU A 211 23.57 10.15 -15.22
C LEU A 211 23.55 11.44 -14.40
N ASN A 212 22.70 12.38 -14.81
CA ASN A 212 22.61 13.63 -14.08
C ASN A 212 22.07 13.30 -12.70
N MET A 213 22.21 14.24 -11.76
CA MET A 213 21.75 14.00 -10.40
C MET A 213 20.25 13.80 -10.23
N LYS A 214 19.45 14.62 -10.90
CA LYS A 214 18.00 14.49 -10.80
C LYS A 214 17.59 13.08 -11.25
N THR A 215 18.22 12.62 -12.34
CA THR A 215 17.94 11.27 -12.87
C THR A 215 18.19 10.23 -11.78
N LYS A 216 19.44 10.12 -11.33
CA LYS A 216 19.79 9.18 -10.28
C LYS A 216 18.91 9.40 -9.04
N GLU A 217 18.13 10.47 -9.06
CA GLU A 217 17.24 10.76 -7.96
C GLU A 217 15.89 10.15 -8.30
N ARG A 218 15.29 10.65 -9.37
CA ARG A 218 13.98 10.15 -9.80
C ARG A 218 14.05 8.62 -9.96
N ILE A 219 15.12 8.14 -10.58
CA ILE A 219 15.33 6.70 -10.73
C ILE A 219 15.06 6.02 -9.37
N VAL A 220 15.85 6.39 -8.37
CA VAL A 220 15.65 5.79 -7.06
C VAL A 220 14.20 6.02 -6.59
N GLU A 221 13.72 7.24 -6.78
CA GLU A 221 12.34 7.60 -6.41
C GLU A 221 11.34 6.79 -7.24
N GLU A 222 11.76 6.39 -8.44
CA GLU A 222 10.87 5.62 -9.30
C GLU A 222 10.87 4.13 -8.92
N ALA A 223 12.01 3.63 -8.41
CA ALA A 223 12.10 2.24 -8.00
C ALA A 223 11.15 2.08 -6.81
N ASN A 224 11.16 3.08 -5.93
CA ASN A 224 10.29 3.13 -4.76
C ASN A 224 8.83 3.18 -5.17
N LYS A 225 8.50 3.96 -6.20
CA LYS A 225 7.12 4.01 -6.67
C LYS A 225 6.72 2.58 -7.06
N ALA A 226 7.48 1.98 -7.98
CA ALA A 226 7.22 0.61 -8.44
C ALA A 226 7.01 -0.37 -7.26
N PHE A 227 7.91 -0.37 -6.28
CA PHE A 227 7.75 -1.25 -5.14
C PHE A 227 6.28 -1.14 -4.69
N GLU A 228 5.77 0.08 -4.66
CA GLU A 228 4.40 0.27 -4.21
C GLU A 228 3.37 -0.25 -5.22
N TYR A 229 3.76 -0.36 -6.48
CA TYR A 229 2.84 -0.90 -7.46
C TYR A 229 2.65 -2.37 -7.08
N ASN A 230 3.71 -2.97 -6.52
CA ASN A 230 3.66 -4.36 -6.06
C ASN A 230 2.86 -4.45 -4.78
N MET A 231 2.80 -3.35 -4.04
CA MET A 231 2.02 -3.36 -2.82
C MET A 231 0.56 -3.56 -3.18
N GLN A 232 0.08 -2.83 -4.18
CA GLN A 232 -1.34 -2.95 -4.51
C GLN A 232 -1.71 -4.32 -5.04
N ILE A 233 -0.83 -4.92 -5.83
CA ILE A 233 -1.15 -6.23 -6.37
C ILE A 233 -1.17 -7.21 -5.21
N PHE A 234 -0.14 -7.14 -4.35
CA PHE A 234 -0.03 -8.00 -3.17
C PHE A 234 -1.26 -7.80 -2.31
N ASN A 235 -1.46 -6.54 -1.90
CA ASN A 235 -2.60 -6.19 -1.07
C ASN A 235 -3.92 -6.65 -1.77
N GLU A 236 -4.00 -6.57 -3.11
CA GLU A 236 -5.24 -7.03 -3.80
C GLU A 236 -5.33 -8.56 -3.88
N LEU A 237 -4.19 -9.23 -3.73
CA LEU A 237 -4.15 -10.69 -3.74
C LEU A 237 -4.49 -11.20 -2.33
N ASP A 238 -4.12 -10.41 -1.32
CA ASP A 238 -4.38 -10.74 0.07
C ASP A 238 -5.86 -10.46 0.30
N GLN A 239 -6.32 -9.28 -0.11
CA GLN A 239 -7.72 -8.92 0.04
C GLN A 239 -8.55 -9.79 -0.92
N ALA A 240 -7.88 -10.70 -1.61
CA ALA A 240 -8.55 -11.61 -2.54
C ALA A 240 -8.85 -12.92 -1.81
N GLY A 241 -8.07 -13.20 -0.76
CA GLY A 241 -8.27 -14.41 0.01
C GLY A 241 -9.61 -14.44 0.70
N SER A 242 -9.77 -13.58 1.70
CA SER A 242 -11.01 -13.49 2.48
C SER A 242 -11.45 -14.85 3.00
N MET B 30 -16.24 21.00 -10.49
CA MET B 30 -15.05 21.90 -10.54
C MET B 30 -15.06 22.90 -9.39
N ALA B 31 -13.86 23.26 -8.93
CA ALA B 31 -13.62 24.23 -7.85
C ALA B 31 -12.31 23.97 -7.10
N ASP B 32 -12.26 24.41 -5.85
CA ASP B 32 -11.08 24.21 -5.02
C ASP B 32 -10.92 22.72 -4.70
N LEU B 33 -9.81 22.37 -4.06
CA LEU B 33 -9.53 20.99 -3.70
C LEU B 33 -10.55 20.47 -2.69
N SER B 34 -10.86 21.28 -1.68
CA SER B 34 -11.82 20.86 -0.67
C SER B 34 -13.15 20.48 -1.32
N GLU B 35 -13.52 21.18 -2.37
CA GLU B 35 -14.76 20.90 -3.08
C GLU B 35 -14.67 19.56 -3.76
N LEU B 36 -13.64 19.37 -4.56
CA LEU B 36 -13.45 18.09 -5.23
C LEU B 36 -13.55 16.95 -4.20
N LEU B 37 -12.84 17.07 -3.10
CA LEU B 37 -12.88 16.05 -2.06
C LEU B 37 -14.28 15.82 -1.49
N LYS B 38 -15.02 16.90 -1.29
CA LYS B 38 -16.38 16.81 -0.73
C LYS B 38 -17.28 15.86 -1.52
N GLU B 39 -17.52 16.20 -2.78
CA GLU B 39 -18.36 15.39 -3.68
C GLU B 39 -17.64 14.12 -4.10
N GLY B 40 -16.33 14.24 -4.33
CA GLY B 40 -15.55 13.10 -4.75
C GLY B 40 -15.49 11.97 -3.73
N THR B 41 -15.93 12.24 -2.51
CA THR B 41 -15.90 11.20 -1.48
C THR B 41 -17.26 10.90 -0.88
N LYS B 42 -18.27 11.68 -1.26
CA LYS B 42 -19.62 11.49 -0.74
C LYS B 42 -20.10 10.09 -1.08
N GLU B 43 -19.90 9.68 -2.33
CA GLU B 43 -20.31 8.35 -2.75
C GLU B 43 -19.73 7.30 -1.83
N ALA B 44 -18.42 7.37 -1.58
CA ALA B 44 -17.78 6.39 -0.72
C ALA B 44 -18.16 6.63 0.74
N HIS B 45 -18.14 7.89 1.16
CA HIS B 45 -18.48 8.25 2.54
C HIS B 45 -19.80 7.61 2.98
N ASP B 46 -20.75 7.55 2.07
CA ASP B 46 -22.06 6.98 2.39
C ASP B 46 -21.94 5.51 2.74
N ARG B 47 -21.32 4.71 1.87
CA ARG B 47 -21.16 3.27 2.14
C ARG B 47 -20.62 3.07 3.55
N ALA B 48 -19.52 3.75 3.83
CA ALA B 48 -18.88 3.67 5.15
C ALA B 48 -19.87 4.00 6.28
N GLU B 49 -20.74 4.98 6.04
CA GLU B 49 -21.73 5.38 7.04
C GLU B 49 -22.73 4.28 7.35
N ASN B 50 -23.14 3.57 6.30
CA ASN B 50 -24.10 2.47 6.42
C ASN B 50 -23.46 1.24 7.07
N THR B 51 -22.35 0.78 6.49
CA THR B 51 -21.62 -0.40 6.96
C THR B 51 -22.01 -0.91 8.35
N GLN B 52 -22.58 -2.12 8.37
CA GLN B 52 -23.04 -2.79 9.59
C GLN B 52 -22.33 -2.40 10.87
N PHE B 53 -20.99 -2.39 10.82
CA PHE B 53 -20.21 -2.03 11.98
C PHE B 53 -20.67 -0.69 12.54
N VAL B 54 -20.90 0.25 11.63
CA VAL B 54 -21.34 1.61 11.97
C VAL B 54 -22.76 1.62 12.53
N LYS B 55 -23.73 1.14 11.74
CA LYS B 55 -25.13 1.09 12.18
C LYS B 55 -25.21 0.52 13.59
N ASP B 56 -24.73 -0.71 13.76
CA ASP B 56 -24.74 -1.37 15.06
C ASP B 56 -24.08 -0.47 16.10
N PHE B 57 -22.98 0.19 15.69
CA PHE B 57 -22.26 1.08 16.58
C PHE B 57 -23.15 2.17 17.16
N LEU B 58 -23.67 3.01 16.27
CA LEU B 58 -24.54 4.13 16.62
C LEU B 58 -25.80 3.76 17.40
N LYS B 59 -26.37 2.58 17.13
CA LYS B 59 -27.56 2.15 17.84
C LYS B 59 -27.22 1.66 19.25
N GLY B 60 -25.93 1.40 19.46
CA GLY B 60 -25.47 0.95 20.77
C GLY B 60 -25.07 -0.52 20.89
N ASN B 61 -25.18 -1.27 19.80
CA ASN B 61 -24.81 -2.69 19.84
C ASN B 61 -23.43 -2.98 19.24
N ILE B 62 -22.48 -3.32 20.12
CA ILE B 62 -21.10 -3.67 19.74
C ILE B 62 -20.54 -4.45 20.92
N LYS B 63 -19.76 -5.49 20.65
CA LYS B 63 -19.20 -6.32 21.72
C LYS B 63 -17.78 -5.97 22.18
N LYS B 64 -17.72 -4.99 23.07
CA LYS B 64 -16.48 -4.48 23.67
C LYS B 64 -15.17 -5.02 23.16
N GLU B 65 -14.98 -6.33 23.22
CA GLU B 65 -13.73 -6.93 22.77
C GLU B 65 -13.44 -6.57 21.31
N LEU B 66 -14.47 -6.07 20.63
CA LEU B 66 -14.34 -5.67 19.23
C LEU B 66 -13.97 -4.19 19.19
N PHE B 67 -14.31 -3.50 20.28
CA PHE B 67 -14.04 -2.08 20.45
C PHE B 67 -12.54 -1.88 20.74
N LYS B 68 -11.98 -2.82 21.50
CA LYS B 68 -10.57 -2.78 21.87
C LYS B 68 -9.67 -3.09 20.66
N LEU B 69 -10.00 -4.15 19.94
CA LEU B 69 -9.24 -4.52 18.76
C LEU B 69 -9.34 -3.35 17.79
N ALA B 70 -10.56 -2.84 17.66
CA ALA B 70 -10.83 -1.72 16.77
C ALA B 70 -9.98 -0.53 17.22
N THR B 71 -9.84 -0.37 18.53
CA THR B 71 -9.05 0.73 19.06
C THR B 71 -7.59 0.52 18.65
N THR B 72 -7.18 -0.74 18.58
CA THR B 72 -5.82 -1.07 18.19
C THR B 72 -5.57 -0.61 16.75
N ALA B 73 -6.63 -0.64 15.95
CA ALA B 73 -6.54 -0.23 14.56
C ALA B 73 -6.21 1.26 14.52
N LEU B 74 -7.02 2.05 15.23
CA LEU B 74 -6.83 3.49 15.29
C LEU B 74 -5.43 3.86 15.76
N TYR B 75 -4.94 3.13 16.76
CA TYR B 75 -3.62 3.39 17.31
C TYR B 75 -2.52 3.26 16.29
N PHE B 76 -2.52 2.12 15.60
CA PHE B 76 -1.51 1.85 14.58
C PHE B 76 -1.68 2.78 13.40
N THR B 77 -2.92 2.90 12.92
CA THR B 77 -3.20 3.78 11.80
C THR B 77 -2.78 5.23 12.10
N TYR B 78 -3.16 5.76 13.26
CA TYR B 78 -2.80 7.14 13.57
C TYR B 78 -1.34 7.38 13.89
N SER B 79 -0.68 6.36 14.42
CA SER B 79 0.73 6.49 14.76
C SER B 79 1.50 6.74 13.47
N ALA B 80 1.10 6.03 12.43
CA ALA B 80 1.76 6.14 11.14
C ALA B 80 1.42 7.48 10.48
N LEU B 81 0.13 7.78 10.41
CA LEU B 81 -0.33 9.01 9.79
C LEU B 81 0.36 10.22 10.39
N GLU B 82 0.38 10.29 11.72
CA GLU B 82 1.01 11.39 12.39
C GLU B 82 2.53 11.39 12.26
N GLU B 83 3.15 10.22 12.26
CA GLU B 83 4.61 10.22 12.10
C GLU B 83 4.90 10.78 10.70
N GLU B 84 4.20 10.24 9.70
CA GLU B 84 4.40 10.69 8.34
C GLU B 84 4.19 12.20 8.18
N MET B 85 3.18 12.75 8.87
CA MET B 85 2.92 14.19 8.79
C MET B 85 4.01 14.96 9.53
N GLU B 86 4.31 14.53 10.75
CA GLU B 86 5.34 15.17 11.54
C GLU B 86 6.61 15.20 10.68
N ARG B 87 6.81 14.11 9.94
CA ARG B 87 7.96 13.97 9.07
C ARG B 87 7.95 15.07 8.02
N ASN B 88 6.77 15.38 7.50
CA ASN B 88 6.64 16.39 6.45
C ASN B 88 6.18 17.77 6.91
N LYS B 89 6.30 18.07 8.19
CA LYS B 89 5.86 19.37 8.69
C LYS B 89 6.45 20.59 7.95
N ASP B 90 7.55 20.40 7.23
CA ASP B 90 8.15 21.51 6.49
C ASP B 90 8.05 21.40 4.98
N HIS B 91 7.32 20.40 4.49
CA HIS B 91 7.15 20.22 3.05
C HIS B 91 6.07 21.19 2.54
N PRO B 92 6.44 22.08 1.61
CA PRO B 92 5.50 23.07 1.05
C PRO B 92 4.13 22.52 0.69
N ALA B 93 4.04 21.21 0.48
CA ALA B 93 2.76 20.63 0.13
C ALA B 93 1.97 20.14 1.34
N PHE B 94 2.60 20.11 2.52
CA PHE B 94 1.87 19.66 3.68
C PHE B 94 1.93 20.58 4.89
N ALA B 95 2.99 21.39 4.99
CA ALA B 95 3.17 22.32 6.10
C ALA B 95 1.89 23.02 6.57
N PRO B 96 1.06 23.52 5.63
CA PRO B 96 -0.17 24.18 6.04
C PRO B 96 -1.04 23.31 6.92
N LEU B 97 -1.40 22.14 6.39
CA LEU B 97 -2.27 21.19 7.07
C LEU B 97 -1.69 20.60 8.33
N TYR B 98 -0.44 20.98 8.64
CA TYR B 98 0.27 20.50 9.81
C TYR B 98 -0.17 21.34 11.01
N PHE B 99 -0.98 20.72 11.86
CA PHE B 99 -1.54 21.35 13.05
C PHE B 99 -1.45 20.37 14.22
N PRO B 100 -0.23 20.01 14.65
CA PRO B 100 -0.15 19.07 15.77
C PRO B 100 -0.68 19.60 17.11
N MET B 101 -1.93 20.06 17.13
CA MET B 101 -2.50 20.55 18.38
C MET B 101 -3.98 20.17 18.60
N GLU B 102 -4.84 20.32 17.60
CA GLU B 102 -6.23 19.96 17.79
C GLU B 102 -6.52 18.69 16.99
N LEU B 103 -5.44 18.10 16.48
CA LEU B 103 -5.59 16.94 15.64
C LEU B 103 -4.94 15.64 16.07
N HIS B 104 -3.64 15.67 16.35
CA HIS B 104 -2.94 14.43 16.69
C HIS B 104 -3.53 13.56 17.77
N ARG B 105 -4.35 12.61 17.36
CA ARG B 105 -5.01 11.68 18.27
C ARG B 105 -3.99 10.72 18.90
N LYS B 106 -2.71 10.87 18.59
CA LYS B 106 -1.74 9.94 19.14
C LYS B 106 -1.76 9.83 20.66
N GLU B 107 -1.61 10.95 21.35
CA GLU B 107 -1.62 10.98 22.82
C GLU B 107 -2.87 10.31 23.35
N ALA B 108 -4.02 10.74 22.84
CA ALA B 108 -5.27 10.15 23.28
C ALA B 108 -5.12 8.63 23.11
N LEU B 109 -4.57 8.22 21.98
CA LEU B 109 -4.39 6.81 21.71
C LEU B 109 -3.29 6.15 22.56
N THR B 110 -2.74 6.92 23.51
CA THR B 110 -1.72 6.39 24.41
C THR B 110 -2.31 6.32 25.82
N LYS B 111 -3.44 6.99 26.01
CA LYS B 111 -4.14 6.98 27.29
C LYS B 111 -5.16 5.86 27.23
N ASP B 112 -5.50 5.47 26.01
CA ASP B 112 -6.49 4.43 25.78
C ASP B 112 -5.93 3.00 25.88
N MET B 113 -4.65 2.82 25.55
CA MET B 113 -4.01 1.51 25.58
C MET B 113 -3.94 0.96 27.00
N GLU B 114 -4.08 1.86 27.97
CA GLU B 114 -4.09 1.50 29.38
C GLU B 114 -5.52 1.08 29.67
N TYR B 115 -6.43 2.06 29.68
CA TYR B 115 -7.86 1.87 29.96
C TYR B 115 -8.45 0.54 29.47
N PHE B 116 -7.91 0.00 28.38
CA PHE B 116 -8.42 -1.26 27.87
C PHE B 116 -7.42 -2.41 27.94
N PHE B 117 -6.13 -2.10 27.84
CA PHE B 117 -5.10 -3.15 27.86
C PHE B 117 -4.09 -3.06 28.99
N GLY B 118 -4.21 -2.01 29.81
CA GLY B 118 -3.31 -1.83 30.94
C GLY B 118 -1.85 -1.69 30.54
N GLU B 119 -1.10 -0.98 31.38
CA GLU B 119 0.32 -0.76 31.15
C GLU B 119 1.00 -2.08 30.81
N ASN B 120 1.45 -2.20 29.56
CA ASN B 120 2.14 -3.40 29.06
C ASN B 120 1.76 -3.70 27.61
N TRP B 121 0.67 -3.09 27.14
CA TRP B 121 0.18 -3.33 25.79
C TRP B 121 1.24 -3.34 24.68
N GLU B 122 2.12 -2.35 24.66
CA GLU B 122 3.13 -2.28 23.62
C GLU B 122 4.01 -3.52 23.60
N GLU B 123 4.07 -4.23 24.73
CA GLU B 123 4.87 -5.43 24.80
C GLU B 123 4.03 -6.70 24.74
N GLN B 124 3.04 -6.75 23.85
CA GLN B 124 2.19 -7.94 23.71
C GLN B 124 1.05 -7.82 22.73
N VAL B 125 1.13 -6.88 21.79
CA VAL B 125 0.03 -6.70 20.83
C VAL B 125 0.44 -6.61 19.35
N GLN B 126 -0.55 -6.73 18.47
CA GLN B 126 -0.35 -6.63 17.02
C GLN B 126 -1.42 -5.72 16.40
N ALA B 127 -1.29 -5.50 15.10
CA ALA B 127 -2.22 -4.66 14.37
C ALA B 127 -3.07 -5.55 13.48
N PRO B 128 -4.39 -5.31 13.45
CA PRO B 128 -5.25 -6.14 12.60
C PRO B 128 -4.85 -6.06 11.13
N LYS B 129 -4.96 -7.20 10.44
CA LYS B 129 -4.61 -7.31 9.03
C LYS B 129 -4.85 -6.06 8.19
N ALA B 130 -6.06 -5.54 8.21
CA ALA B 130 -6.39 -4.37 7.42
C ALA B 130 -5.55 -3.16 7.86
N ALA B 131 -5.62 -2.80 9.14
CA ALA B 131 -4.86 -1.67 9.63
C ALA B 131 -3.37 -1.77 9.27
N GLN B 132 -2.92 -2.97 8.95
CA GLN B 132 -1.53 -3.19 8.58
C GLN B 132 -1.25 -2.63 7.20
N LYS B 133 -2.12 -2.97 6.27
CA LYS B 133 -2.02 -2.52 4.91
C LYS B 133 -2.22 -1.01 4.83
N TYR B 134 -3.25 -0.54 5.54
CA TYR B 134 -3.57 0.89 5.57
C TYR B 134 -2.33 1.65 5.94
N VAL B 135 -1.70 1.22 7.03
CA VAL B 135 -0.45 1.81 7.47
C VAL B 135 0.62 1.69 6.39
N GLU B 136 0.51 0.66 5.56
CA GLU B 136 1.47 0.45 4.47
C GLU B 136 1.31 1.56 3.41
N ARG B 137 0.09 1.98 3.16
CA ARG B 137 -0.12 3.03 2.17
C ARG B 137 0.29 4.36 2.75
N ILE B 138 -0.20 4.65 3.96
CA ILE B 138 0.09 5.89 4.64
C ILE B 138 1.58 6.16 4.62
N HIS B 139 2.37 5.32 5.30
CA HIS B 139 3.81 5.51 5.34
C HIS B 139 4.32 5.86 3.95
N TYR B 140 4.16 4.91 3.01
CA TYR B 140 4.60 5.17 1.66
C TYR B 140 4.26 6.62 1.28
N ILE B 141 2.96 6.87 1.13
CA ILE B 141 2.40 8.17 0.77
C ILE B 141 2.83 9.35 1.69
N GLY B 142 3.77 9.06 2.58
CA GLY B 142 4.26 10.07 3.50
C GLY B 142 5.70 10.48 3.26
N GLN B 143 6.59 9.49 3.26
CA GLN B 143 8.03 9.69 3.07
C GLN B 143 8.49 9.62 1.62
N ASN B 144 7.56 9.36 0.73
CA ASN B 144 7.90 9.26 -0.69
C ASN B 144 7.04 10.21 -1.54
N GLU B 145 5.87 10.60 -1.02
CA GLU B 145 4.95 11.50 -1.74
C GLU B 145 4.04 12.33 -0.84
N PRO B 146 4.61 13.12 0.07
CA PRO B 146 3.86 13.96 1.00
C PRO B 146 2.83 14.90 0.34
N GLU B 147 3.02 15.19 -0.94
CA GLU B 147 2.10 16.07 -1.64
C GLU B 147 0.69 15.48 -1.71
N LEU B 148 0.58 14.17 -1.53
CA LEU B 148 -0.74 13.53 -1.58
C LEU B 148 -1.27 13.14 -0.21
N LEU B 149 -0.43 13.30 0.82
CA LEU B 149 -0.80 12.96 2.18
C LEU B 149 -2.11 13.64 2.59
N VAL B 150 -2.29 14.87 2.11
CA VAL B 150 -3.49 15.64 2.40
C VAL B 150 -4.76 14.81 2.25
N ALA B 151 -4.78 13.90 1.29
CA ALA B 151 -5.97 13.06 1.11
C ALA B 151 -6.21 12.22 2.37
N HIS B 152 -5.14 11.67 2.94
CA HIS B 152 -5.27 10.86 4.14
C HIS B 152 -5.67 11.68 5.37
N ALA B 153 -4.97 12.78 5.62
CA ALA B 153 -5.28 13.64 6.75
C ALA B 153 -6.73 14.14 6.66
N TYR B 154 -7.14 14.52 5.45
CA TYR B 154 -8.48 15.01 5.19
C TYR B 154 -9.51 13.92 5.43
N THR B 155 -9.25 12.73 4.90
CA THR B 155 -10.17 11.60 5.04
C THR B 155 -10.40 11.16 6.49
N ARG B 156 -9.40 11.31 7.33
CA ARG B 156 -9.53 10.90 8.72
C ARG B 156 -9.91 12.00 9.70
N TYR B 157 -9.11 13.06 9.76
CA TYR B 157 -9.36 14.15 10.71
C TYR B 157 -10.65 14.92 10.50
N MET B 158 -10.93 15.34 9.26
CA MET B 158 -12.15 16.07 8.99
C MET B 158 -13.34 15.30 9.54
N GLY B 159 -13.22 13.97 9.58
CA GLY B 159 -14.29 13.14 10.09
C GLY B 159 -14.28 13.07 11.60
N ASP B 160 -13.09 12.93 12.17
CA ASP B 160 -12.94 12.86 13.61
C ASP B 160 -13.62 14.07 14.23
N LEU B 161 -13.47 15.23 13.59
CA LEU B 161 -14.04 16.48 14.08
C LEU B 161 -15.57 16.52 14.04
N SER B 162 -16.11 16.31 12.85
CA SER B 162 -17.55 16.33 12.65
C SER B 162 -18.32 15.44 13.63
N GLY B 163 -17.94 14.17 13.72
CA GLY B 163 -18.63 13.28 14.64
C GLY B 163 -18.50 13.69 16.09
N GLY B 164 -17.54 14.59 16.35
CA GLY B 164 -17.28 15.09 17.69
C GLY B 164 -18.37 14.93 18.73
N GLN B 165 -19.57 15.43 18.44
CA GLN B 165 -20.65 15.32 19.42
C GLN B 165 -21.24 13.91 19.52
N VAL B 166 -21.79 13.41 18.42
CA VAL B 166 -22.39 12.08 18.41
C VAL B 166 -21.36 11.01 18.83
N LEU B 167 -20.11 11.43 18.96
CA LEU B 167 -19.04 10.52 19.40
C LEU B 167 -18.86 10.58 20.91
N LYS B 168 -19.32 11.68 21.53
CA LYS B 168 -19.20 11.82 22.98
C LYS B 168 -20.48 11.41 23.70
N LYS B 169 -21.48 10.96 22.94
CA LYS B 169 -22.73 10.51 23.54
C LYS B 169 -23.03 9.06 23.17
N VAL B 170 -23.27 8.81 21.89
CA VAL B 170 -23.59 7.48 21.42
C VAL B 170 -22.46 6.50 21.78
N ALA B 171 -21.28 7.05 22.01
CA ALA B 171 -20.13 6.23 22.37
C ALA B 171 -20.25 5.86 23.83
N GLN B 172 -20.36 6.86 24.71
CA GLN B 172 -20.50 6.62 26.13
C GLN B 172 -21.81 5.89 26.44
N ARG B 173 -22.32 5.15 25.45
CA ARG B 173 -23.57 4.41 25.64
C ARG B 173 -23.35 2.91 25.62
N ALA B 174 -23.14 2.36 24.42
CA ALA B 174 -22.93 0.92 24.23
C ALA B 174 -22.15 0.26 25.35
N LEU B 175 -20.84 0.46 25.37
CA LEU B 175 -20.00 -0.14 26.41
C LEU B 175 -20.34 0.31 27.82
N LYS B 176 -21.34 1.17 27.94
CA LYS B 176 -21.76 1.70 29.23
C LYS B 176 -20.58 2.40 29.89
N LEU B 177 -19.70 2.93 29.06
CA LEU B 177 -18.52 3.63 29.54
C LEU B 177 -18.95 4.77 30.46
N PRO B 178 -18.02 5.31 31.26
CA PRO B 178 -18.39 6.40 32.15
C PRO B 178 -18.89 7.61 31.36
N SER B 179 -19.05 8.74 32.04
CA SER B 179 -19.51 9.95 31.37
C SER B 179 -18.33 10.89 31.18
N THR B 180 -17.42 10.88 32.16
CA THR B 180 -16.23 11.72 32.14
C THR B 180 -15.28 11.35 31.02
N GLY B 181 -15.83 11.07 29.85
CA GLY B 181 -15.02 10.71 28.70
C GLY B 181 -14.13 9.50 28.91
N GLU B 182 -14.24 8.89 30.09
CA GLU B 182 -13.43 7.73 30.42
C GLU B 182 -13.46 6.69 29.30
N GLY B 183 -12.28 6.40 28.74
CA GLY B 183 -12.16 5.43 27.66
C GLY B 183 -12.49 5.98 26.29
N THR B 184 -12.76 7.28 26.19
CA THR B 184 -13.05 7.88 24.90
C THR B 184 -12.15 9.08 24.62
N GLN B 185 -10.88 8.97 24.99
CA GLN B 185 -9.91 10.05 24.77
C GLN B 185 -9.92 10.42 23.30
N PHE B 186 -9.58 9.45 22.46
CA PHE B 186 -9.52 9.63 21.02
C PHE B 186 -10.61 10.56 20.52
N TYR B 187 -11.85 10.23 20.88
CA TYR B 187 -13.04 10.96 20.48
C TYR B 187 -13.20 12.37 21.06
N LEU B 188 -12.29 12.77 21.94
CA LEU B 188 -12.38 14.08 22.57
C LEU B 188 -11.36 15.09 22.05
N PHE B 189 -11.84 16.11 21.36
CA PHE B 189 -10.97 17.14 20.81
C PHE B 189 -10.87 18.38 21.70
N GLU B 190 -10.15 18.22 22.82
CA GLU B 190 -9.98 19.30 23.78
C GLU B 190 -9.19 20.48 23.24
N ASN B 191 -9.23 20.71 21.93
CA ASN B 191 -8.50 21.81 21.35
C ASN B 191 -9.15 22.45 20.14
N VAL B 192 -10.25 21.90 19.69
CA VAL B 192 -10.98 22.46 18.54
C VAL B 192 -12.14 23.26 19.11
N ASP B 193 -11.84 24.03 20.16
CA ASP B 193 -12.81 24.86 20.85
C ASP B 193 -14.03 25.23 20.03
N ASN B 194 -13.88 25.27 18.71
CA ASN B 194 -14.97 25.56 17.78
C ASN B 194 -14.80 24.63 16.56
N ALA B 195 -15.48 23.48 16.60
CA ALA B 195 -15.40 22.51 15.52
C ALA B 195 -15.81 23.07 14.15
N GLN B 196 -16.69 24.05 14.14
CA GLN B 196 -17.11 24.63 12.89
C GLN B 196 -16.01 25.54 12.33
N GLN B 197 -15.44 26.37 13.20
CA GLN B 197 -14.37 27.29 12.80
C GLN B 197 -13.17 26.52 12.23
N PHE B 198 -12.76 25.47 12.93
CA PHE B 198 -11.62 24.65 12.54
C PHE B 198 -11.73 24.08 11.13
N LYS B 199 -12.78 23.29 10.88
CA LYS B 199 -12.96 22.72 9.57
C LYS B 199 -12.90 23.83 8.52
N GLN B 200 -13.33 25.04 8.87
CA GLN B 200 -13.25 26.15 7.93
C GLN B 200 -11.79 26.58 7.76
N LEU B 201 -11.07 26.62 8.87
CA LEU B 201 -9.66 27.01 8.81
C LEU B 201 -8.91 25.97 7.96
N TYR B 202 -9.03 24.69 8.33
CA TYR B 202 -8.37 23.60 7.63
C TYR B 202 -8.82 23.53 6.18
N ARG B 203 -10.12 23.68 5.94
CA ARG B 203 -10.66 23.63 4.59
C ARG B 203 -10.33 24.91 3.80
N ALA B 204 -9.50 25.77 4.37
CA ALA B 204 -9.09 27.00 3.72
C ALA B 204 -7.61 26.89 3.32
N ARG B 205 -6.81 26.29 4.19
CA ARG B 205 -5.40 26.11 3.86
C ARG B 205 -5.32 25.07 2.73
N MET B 206 -6.03 23.95 2.89
CA MET B 206 -6.05 22.90 1.89
C MET B 206 -6.29 23.50 0.51
N ASN B 207 -7.25 24.42 0.45
CA ASN B 207 -7.60 25.06 -0.80
C ASN B 207 -6.53 26.00 -1.32
N ALA B 208 -5.62 26.43 -0.45
CA ALA B 208 -4.55 27.33 -0.86
C ALA B 208 -3.26 26.63 -1.33
N LEU B 209 -3.12 25.34 -1.08
CA LEU B 209 -1.91 24.63 -1.51
C LEU B 209 -1.75 24.84 -3.01
N ASP B 210 -0.52 25.12 -3.46
CA ASP B 210 -0.27 25.32 -4.88
C ASP B 210 -0.35 23.94 -5.56
N LEU B 211 -1.55 23.59 -6.04
CA LEU B 211 -1.79 22.31 -6.69
C LEU B 211 -2.54 22.45 -8.00
N ASN B 212 -2.13 21.68 -9.02
CA ASN B 212 -2.80 21.69 -10.31
C ASN B 212 -4.03 20.79 -10.16
N MET B 213 -5.04 21.04 -10.98
CA MET B 213 -6.25 20.21 -10.94
C MET B 213 -5.80 18.76 -11.09
N LYS B 214 -4.81 18.55 -11.96
CA LYS B 214 -4.25 17.23 -12.21
C LYS B 214 -3.95 16.58 -10.87
N THR B 215 -3.01 17.19 -10.17
CA THR B 215 -2.58 16.71 -8.87
C THR B 215 -3.78 16.56 -7.93
N LYS B 216 -4.88 17.27 -8.20
CA LYS B 216 -6.06 17.13 -7.36
C LYS B 216 -6.82 15.83 -7.65
N GLU B 217 -6.78 15.38 -8.90
CA GLU B 217 -7.46 14.13 -9.30
C GLU B 217 -6.86 12.96 -8.52
N ARG B 218 -5.54 12.93 -8.47
CA ARG B 218 -4.82 11.90 -7.77
C ARG B 218 -5.15 12.02 -6.28
N ILE B 219 -5.06 13.24 -5.73
CA ILE B 219 -5.38 13.45 -4.33
C ILE B 219 -6.78 12.90 -4.04
N VAL B 220 -7.75 13.25 -4.87
CA VAL B 220 -9.12 12.75 -4.69
C VAL B 220 -9.20 11.22 -4.86
N GLU B 221 -8.58 10.69 -5.91
CA GLU B 221 -8.62 9.24 -6.14
C GLU B 221 -8.03 8.55 -4.92
N GLU B 222 -6.92 9.10 -4.44
CA GLU B 222 -6.20 8.60 -3.27
C GLU B 222 -7.03 8.68 -1.98
N ALA B 223 -7.91 9.67 -1.88
CA ALA B 223 -8.75 9.79 -0.69
C ALA B 223 -9.74 8.65 -0.75
N ASN B 224 -10.09 8.24 -1.97
CA ASN B 224 -11.00 7.12 -2.15
C ASN B 224 -10.23 5.85 -1.80
N LYS B 225 -8.98 5.77 -2.25
CA LYS B 225 -8.16 4.62 -1.95
C LYS B 225 -7.99 4.57 -0.44
N ALA B 226 -8.19 5.72 0.21
CA ALA B 226 -8.08 5.84 1.65
C ALA B 226 -9.36 5.30 2.29
N PHE B 227 -10.51 5.62 1.70
CA PHE B 227 -11.77 5.14 2.24
C PHE B 227 -11.79 3.61 2.20
N GLU B 228 -11.53 3.05 1.03
CA GLU B 228 -11.53 1.59 0.90
C GLU B 228 -10.81 0.94 2.06
N TYR B 229 -9.68 1.51 2.44
CA TYR B 229 -8.93 0.97 3.54
C TYR B 229 -9.79 0.95 4.80
N ASN B 230 -10.68 1.91 4.91
CA ASN B 230 -11.55 2.01 6.09
C ASN B 230 -12.69 0.98 6.06
N MET B 231 -13.49 1.01 5.00
CA MET B 231 -14.58 0.06 4.83
C MET B 231 -14.09 -1.31 5.26
N GLN B 232 -12.99 -1.75 4.66
CA GLN B 232 -12.39 -3.03 4.98
C GLN B 232 -12.14 -3.15 6.47
N ILE B 233 -11.41 -2.20 7.05
CA ILE B 233 -11.14 -2.24 8.47
C ILE B 233 -12.43 -2.36 9.28
N PHE B 234 -13.55 -1.94 8.69
CA PHE B 234 -14.84 -2.00 9.38
C PHE B 234 -15.38 -3.41 9.47
N ASN B 235 -15.68 -3.99 8.32
CA ASN B 235 -16.21 -5.33 8.28
C ASN B 235 -15.17 -6.34 8.75
N GLU B 236 -13.90 -5.95 8.72
CA GLU B 236 -12.86 -6.84 9.21
C GLU B 236 -13.20 -7.02 10.68
N LEU B 237 -13.84 -5.99 11.24
CA LEU B 237 -14.28 -5.98 12.63
C LEU B 237 -15.65 -6.60 12.74
N ASP B 238 -16.50 -6.31 11.76
CA ASP B 238 -17.86 -6.83 11.74
C ASP B 238 -17.83 -8.35 11.79
N GLN B 239 -17.10 -8.96 10.88
CA GLN B 239 -16.97 -10.40 10.84
C GLN B 239 -16.26 -10.89 12.09
N ALA B 240 -15.29 -10.11 12.57
CA ALA B 240 -14.54 -10.49 13.77
C ALA B 240 -15.49 -10.53 14.97
N GLY B 241 -16.45 -9.61 14.98
CA GLY B 241 -17.42 -9.54 16.07
C GLY B 241 -18.42 -10.67 16.00
N SER B 242 -18.62 -11.20 14.79
CA SER B 242 -19.55 -12.31 14.60
C SER B 242 -18.88 -13.57 15.12
N THR B 243 -17.59 -13.70 14.81
CA THR B 243 -16.81 -14.84 15.25
C THR B 243 -16.78 -14.83 16.77
N LEU B 244 -17.18 -13.69 17.33
CA LEU B 244 -17.25 -13.49 18.78
C LEU B 244 -18.70 -13.63 19.22
N ALA B 245 -19.62 -13.45 18.28
CA ALA B 245 -21.05 -13.56 18.57
C ALA B 245 -21.39 -15.01 18.87
N ARG B 246 -20.69 -15.92 18.22
CA ARG B 246 -20.91 -17.34 18.45
C ARG B 246 -20.25 -17.73 19.77
N GLU B 247 -18.98 -17.36 19.91
CA GLU B 247 -18.21 -17.66 21.11
C GLU B 247 -19.02 -17.33 22.36
N THR B 248 -20.01 -16.46 22.22
CA THR B 248 -20.84 -16.08 23.35
C THR B 248 -22.32 -16.40 23.08
CHA HEM C . 17.45 -8.09 -2.78
CHB HEM C . 15.02 -10.38 0.68
CHC HEM C . 10.90 -9.32 -1.53
CHD HEM C . 13.29 -6.60 -4.66
C1A HEM C . 17.15 -8.91 -1.69
C2A HEM C . 18.15 -9.44 -0.79
C3A HEM C . 17.46 -10.11 0.17
C4A HEM C . 16.04 -9.93 -0.12
CMA HEM C . 18.05 -10.79 1.39
CAA HEM C . 19.62 -9.02 -0.71
CBA HEM C . 20.62 -10.16 -0.80
CGA HEM C . 22.07 -9.69 -0.81
O1A HEM C . 22.99 -10.53 -0.94
O2A HEM C . 22.32 -8.48 -0.67
C1B HEM C . 13.67 -10.21 0.44
C2B HEM C . 12.62 -10.87 1.19
C3B HEM C . 11.46 -10.62 0.52
C4B HEM C . 11.81 -9.80 -0.62
CMB HEM C . 12.79 -11.66 2.49
CAB HEM C . 10.17 -11.04 0.86
CBB HEM C . 9.91 -12.12 1.79
C1C HEM C . 11.20 -8.51 -2.60
C2C HEM C . 10.21 -7.87 -3.42
C3C HEM C . 10.87 -7.05 -4.28
C4C HEM C . 12.28 -7.22 -3.97
CMC HEM C . 8.70 -8.04 -3.27
CAC HEM C . 10.33 -6.12 -5.17
CBC HEM C . 9.12 -6.38 -5.89
C1D HEM C . 14.62 -6.78 -4.43
C2D HEM C . 15.68 -6.05 -5.12
C3D HEM C . 16.84 -6.49 -4.60
C4D HEM C . 16.51 -7.48 -3.60
CMD HEM C . 15.49 -4.88 -6.07
CAD HEM C . 18.22 -5.95 -4.89
CBD HEM C . 18.54 -4.67 -4.12
CGD HEM C . 19.94 -4.16 -4.41
O1D HEM C . 20.89 -4.82 -3.94
O2D HEM C . 20.08 -3.12 -5.10
NA HEM C . 15.86 -9.21 -1.28
NB HEM C . 13.17 -9.53 -0.66
NC HEM C . 12.49 -8.10 -2.93
ND HEM C . 15.14 -7.64 -3.48
FE HEM C . 14.16 -8.55 -2.05
CHA HEM D . -17.97 14.46 7.94
CHB HEM D . -20.76 11.14 10.00
CHC HEM D . -17.57 7.73 8.83
CHD HEM D . -14.72 11.08 6.90
C1A HEM D . -19.07 13.84 8.50
C2A HEM D . -20.26 14.54 9.01
C3A HEM D . -21.01 13.59 9.61
C4A HEM D . -20.30 12.34 9.49
CMA HEM D . -22.35 13.81 10.30
CAA HEM D . -20.53 16.06 9.07
CBA HEM D . -20.32 16.82 7.78
CGA HEM D . -19.18 17.85 7.85
O1A HEM D . -18.88 18.50 6.83
O2A HEM D . -18.60 18.01 8.95
C1B HEM D . -20.13 9.91 9.85
C2B HEM D . -20.59 8.69 10.46
C3B HEM D . -19.63 7.76 10.24
C4B HEM D . -18.67 8.38 9.34
CMB HEM D . -21.98 8.43 11.04
CAB HEM D . -19.41 6.59 10.96
CBB HEM D . -18.26 6.43 11.84
C1C HEM D . -16.53 8.34 8.18
C2C HEM D . -15.37 7.63 7.66
C3C HEM D . -14.56 8.57 7.11
C4C HEM D . -15.22 9.86 7.33
CMC HEM D . -15.07 6.13 7.79
CAC HEM D . -13.41 8.33 6.39
CBC HEM D . -12.24 7.72 7.00
C1D HEM D . -15.34 12.29 7.05
C2D HEM D . -14.80 13.55 6.54
C3D HEM D . -15.68 14.52 6.90
C4D HEM D . -16.79 13.85 7.57
CMD HEM D . -13.61 13.71 5.62
CAD HEM D . -15.55 16.03 6.59
CBD HEM D . -16.43 16.51 5.43
CGD HEM D . -16.16 17.97 5.01
O1D HEM D . -15.18 18.22 4.29
O2D HEM D . -16.93 18.88 5.41
NA HEM D . -19.12 12.48 8.79
NB HEM D . -18.95 9.71 9.15
NC HEM D . -16.44 9.70 7.97
ND HEM D . -16.57 12.47 7.68
FE HEM D . -17.83 11.07 8.28
#